data_9UOL
#
_entry.id   9UOL
#
_cell.length_a   1.00
_cell.length_b   1.00
_cell.length_c   1.00
_cell.angle_alpha   90.00
_cell.angle_beta   90.00
_cell.angle_gamma   90.00
#
_symmetry.space_group_name_H-M   'P 1'
#
loop_
_entity.id
_entity.type
_entity.pdbx_description
1 polymer 'TIP60 double mutant (G12C/S50C)'
2 non-polymer N-(1-pyrenyl)maleimide
#
_entity_poly.entity_id   1
_entity_poly.type   'polypeptide(L)'
_entity_poly.pdbx_seq_one_letter_code
;MGSSHHHHHHSQDPKNIKIMRLVTCEDIIGNISESQGLITIKKAFVIIPMQATPGKPVQLVLCPWQPYTDDKEIVIDDSK
VITITSPKDDIIKSYESHTRVLENKQVEEILRLEKEIEDLQRMKEQQELSLTEASLQKLQERRDQELRRLEEE
;
_entity_poly.pdbx_strand_id   A,B,C,D,E,F,G,H,I,J,K,L,M,N,O,P,Q,R,S,T,V,W,X,Y,Z,AA,BA,CA,DA,EA,FA,GA,HA,IA,JA,KA,LA,MA,NA,OA,PA,QA,RA,SA,TA,UA,VA,WA,XA,YA,ZA,AB,BB,CB,DB,EB,FB,GB,HB,IB
#
# COMPACT_ATOMS: atom_id res chain seq x y z
N ASN A 16 71.33 -42.24 -54.34
CA ASN A 16 72.03 -41.00 -54.03
C ASN A 16 71.08 -39.93 -53.52
N ILE A 17 70.39 -40.24 -52.42
CA ILE A 17 69.46 -39.30 -51.82
C ILE A 17 70.25 -38.14 -51.24
N LYS A 18 69.94 -36.92 -51.67
CA LYS A 18 70.65 -35.74 -51.23
C LYS A 18 69.70 -34.56 -51.11
N ILE A 19 70.14 -33.56 -50.35
CA ILE A 19 69.42 -32.32 -50.14
C ILE A 19 70.04 -31.24 -51.02
N MET A 20 69.16 -30.48 -51.68
CA MET A 20 69.48 -29.44 -52.64
C MET A 20 68.99 -28.11 -52.10
N ARG A 21 69.86 -27.09 -52.13
CA ARG A 21 69.46 -25.72 -51.81
C ARG A 21 69.41 -24.93 -53.11
N LEU A 22 68.22 -24.46 -53.47
CA LEU A 22 68.03 -23.68 -54.67
C LEU A 22 68.24 -22.19 -54.38
N VAL A 23 68.40 -21.41 -55.45
CA VAL A 23 68.61 -19.98 -55.31
C VAL A 23 67.39 -19.31 -54.72
N THR A 24 66.20 -19.87 -54.93
CA THR A 24 64.97 -19.28 -54.41
C THR A 24 64.65 -19.78 -53.01
N CYS A 25 65.64 -19.71 -52.12
CA CYS A 25 65.53 -20.09 -50.71
C CYS A 25 64.65 -21.33 -50.51
N GLU A 26 65.00 -22.40 -51.22
CA GLU A 26 64.23 -23.63 -51.21
C GLU A 26 65.12 -24.81 -50.90
N ASP A 27 64.63 -25.72 -50.06
CA ASP A 27 65.32 -26.96 -49.71
C ASP A 27 64.50 -28.13 -50.23
N ILE A 28 65.11 -28.94 -51.09
CA ILE A 28 64.41 -30.07 -51.72
C ILE A 28 65.29 -31.30 -51.65
N ILE A 29 64.72 -32.41 -51.18
CA ILE A 29 65.43 -33.68 -51.08
C ILE A 29 65.02 -34.57 -52.24
N GLY A 30 65.98 -35.30 -52.80
CA GLY A 30 65.66 -36.19 -53.90
C GLY A 30 66.87 -37.00 -54.30
N ASN A 31 66.64 -37.94 -55.22
CA ASN A 31 67.70 -38.77 -55.75
C ASN A 31 68.34 -38.04 -56.93
N ILE A 32 69.59 -37.66 -56.79
CA ILE A 32 70.23 -36.78 -57.77
C ILE A 32 71.33 -37.55 -58.50
N SER A 33 71.55 -37.13 -59.75
CA SER A 33 72.64 -37.61 -60.59
C SER A 33 73.38 -36.40 -61.13
N GLU A 34 74.70 -36.39 -60.99
CA GLU A 34 75.52 -35.23 -61.26
C GLU A 34 76.26 -35.41 -62.58
N SER A 35 76.17 -34.42 -63.45
CA SER A 35 76.89 -34.37 -64.71
C SER A 35 77.79 -33.14 -64.70
N GLN A 36 78.55 -32.95 -65.79
CA GLN A 36 79.58 -31.91 -65.81
C GLN A 36 78.98 -30.52 -65.67
N GLY A 37 77.82 -30.27 -66.27
CA GLY A 37 77.25 -28.94 -66.24
C GLY A 37 75.87 -28.86 -65.62
N LEU A 38 75.12 -29.97 -65.68
CA LEU A 38 73.74 -30.00 -65.20
C LEU A 38 73.55 -31.24 -64.34
N ILE A 39 72.50 -31.22 -63.53
CA ILE A 39 72.18 -32.35 -62.66
C ILE A 39 70.72 -32.71 -62.83
N THR A 40 70.43 -34.00 -62.68
CA THR A 40 69.08 -34.53 -62.76
C THR A 40 68.61 -34.94 -61.37
N ILE A 41 67.32 -34.77 -61.11
CA ILE A 41 66.75 -35.08 -59.80
C ILE A 41 65.47 -35.87 -60.01
N LYS A 42 65.25 -36.85 -59.13
CA LYS A 42 64.04 -37.67 -59.14
C LYS A 42 63.41 -37.66 -57.75
N LYS A 43 62.08 -37.65 -57.73
CA LYS A 43 61.29 -37.67 -56.50
C LYS A 43 61.69 -36.53 -55.57
N ALA A 44 61.75 -35.32 -56.13
CA ALA A 44 62.05 -34.14 -55.34
C ALA A 44 60.91 -33.82 -54.39
N PHE A 45 61.26 -33.30 -53.22
CA PHE A 45 60.26 -32.93 -52.22
C PHE A 45 60.74 -31.71 -51.45
N VAL A 46 59.93 -30.65 -51.47
CA VAL A 46 60.21 -29.47 -50.67
C VAL A 46 59.95 -29.77 -49.20
N ILE A 47 60.77 -29.19 -48.33
CA ILE A 47 60.71 -29.41 -46.90
C ILE A 47 60.17 -28.14 -46.25
N ILE A 48 59.06 -28.27 -45.54
CA ILE A 48 58.42 -27.18 -44.82
C ILE A 48 58.62 -27.41 -43.33
N PRO A 49 59.32 -26.53 -42.62
CA PRO A 49 59.56 -26.67 -41.17
C PRO A 49 58.27 -26.52 -40.36
N LEU A 60 58.58 -31.83 -39.46
CA LEU A 60 58.84 -31.49 -40.85
C LEU A 60 57.70 -31.96 -41.74
N VAL A 61 57.51 -31.28 -42.87
CA VAL A 61 56.48 -31.62 -43.84
C VAL A 61 57.12 -31.76 -45.20
N LEU A 62 56.80 -32.83 -45.91
CA LEU A 62 57.29 -33.07 -47.25
C LEU A 62 56.19 -32.79 -48.27
N CYS A 63 56.49 -31.96 -49.27
CA CYS A 63 55.52 -31.62 -50.28
C CYS A 63 56.09 -31.88 -51.66
N PRO A 64 55.29 -32.34 -52.61
CA PRO A 64 55.81 -32.53 -53.98
C PRO A 64 56.35 -31.24 -54.54
N TRP A 65 57.51 -31.32 -55.19
CA TRP A 65 58.17 -30.12 -55.70
C TRP A 65 57.44 -29.56 -56.91
N GLN A 66 57.06 -30.42 -57.86
CA GLN A 66 56.44 -30.01 -59.10
C GLN A 66 55.16 -30.81 -59.30
N PRO A 67 54.07 -30.43 -58.62
CA PRO A 67 52.82 -31.16 -58.77
C PRO A 67 52.04 -30.72 -60.00
N TYR A 68 52.74 -30.55 -61.11
CA TYR A 68 52.13 -30.17 -62.38
C TYR A 68 52.63 -30.99 -63.56
N THR A 69 53.68 -31.79 -63.39
CA THR A 69 54.25 -32.58 -64.47
C THR A 69 54.25 -34.06 -64.11
N ASP A 70 54.26 -34.89 -65.15
CA ASP A 70 54.33 -36.34 -65.00
C ASP A 70 55.71 -36.89 -65.31
N ASP A 71 56.70 -36.02 -65.53
CA ASP A 71 58.04 -36.46 -65.85
C ASP A 71 58.68 -37.17 -64.67
N LYS A 72 59.44 -38.22 -64.97
CA LYS A 72 60.09 -38.99 -63.91
C LYS A 72 61.26 -38.22 -63.30
N GLU A 73 62.01 -37.49 -64.12
CA GLU A 73 63.18 -36.76 -63.66
C GLU A 73 63.16 -35.33 -64.18
N ILE A 74 63.80 -34.44 -63.44
CA ILE A 74 63.87 -33.03 -63.78
C ILE A 74 65.33 -32.63 -63.88
N VAL A 75 65.70 -31.98 -64.98
CA VAL A 75 67.06 -31.52 -65.21
C VAL A 75 67.16 -30.06 -64.79
N ILE A 76 68.32 -29.68 -64.24
CA ILE A 76 68.52 -28.32 -63.77
C ILE A 76 70.01 -27.99 -63.85
N ASP A 77 70.30 -26.75 -64.28
CA ASP A 77 71.67 -26.29 -64.40
C ASP A 77 72.31 -26.14 -63.03
N ASP A 78 73.62 -26.38 -62.97
CA ASP A 78 74.37 -26.30 -61.72
C ASP A 78 74.63 -24.86 -61.29
N SER A 79 74.42 -23.87 -62.16
CA SER A 79 74.64 -22.49 -61.79
C SER A 79 73.59 -21.99 -60.80
N LYS A 80 72.45 -22.67 -60.70
CA LYS A 80 71.41 -22.32 -59.74
C LYS A 80 71.51 -23.14 -58.45
N VAL A 81 72.70 -23.64 -58.15
CA VAL A 81 72.94 -24.48 -56.98
C VAL A 81 73.59 -23.64 -55.90
N ILE A 82 73.08 -23.77 -54.67
CA ILE A 82 73.69 -23.10 -53.53
C ILE A 82 74.52 -24.12 -52.78
N THR A 83 73.86 -25.17 -52.26
CA THR A 83 74.55 -26.24 -51.55
C THR A 83 73.94 -27.59 -51.91
N ILE A 84 74.81 -28.60 -52.03
CA ILE A 84 74.43 -30.00 -52.12
C ILE A 84 74.92 -30.68 -50.85
N THR A 85 74.09 -31.52 -50.26
CA THR A 85 74.51 -32.14 -49.00
C THR A 85 73.85 -33.49 -48.83
N SER A 86 74.42 -34.30 -47.92
CA SER A 86 73.88 -35.61 -47.59
C SER A 86 73.00 -35.50 -46.35
N PRO A 87 71.75 -35.92 -46.40
CA PRO A 87 70.85 -35.76 -45.26
C PRO A 87 71.13 -36.79 -44.16
N LYS A 88 70.36 -36.68 -43.09
CA LYS A 88 70.47 -37.61 -41.97
C LYS A 88 69.69 -38.89 -42.27
N ASP A 89 69.91 -39.89 -41.42
CA ASP A 89 69.25 -41.18 -41.62
C ASP A 89 67.74 -41.08 -41.41
N ASP A 90 67.32 -40.29 -40.42
CA ASP A 90 65.90 -40.14 -40.15
C ASP A 90 65.18 -39.51 -41.33
N ILE A 91 65.80 -38.50 -41.95
CA ILE A 91 65.20 -37.84 -43.10
C ILE A 91 65.07 -38.82 -44.26
N ILE A 92 66.11 -39.64 -44.49
CA ILE A 92 66.06 -40.63 -45.56
C ILE A 92 64.95 -41.65 -45.30
N LYS A 93 64.83 -42.09 -44.05
CA LYS A 93 63.77 -43.04 -43.71
C LYS A 93 62.39 -42.45 -43.95
N SER A 94 62.19 -41.18 -43.54
CA SER A 94 60.91 -40.52 -43.76
C SER A 94 60.62 -40.37 -45.25
N TYR A 95 61.64 -40.03 -46.03
CA TYR A 95 61.48 -39.89 -47.47
C TYR A 95 61.08 -41.21 -48.11
N GLU A 96 61.75 -42.30 -47.70
CA GLU A 96 61.39 -43.63 -48.22
C GLU A 96 59.97 -44.01 -47.85
N SER A 97 59.58 -43.77 -46.59
CA SER A 97 58.22 -44.09 -46.17
C SER A 97 57.19 -43.30 -46.96
N HIS A 98 57.46 -42.00 -47.16
CA HIS A 98 56.54 -41.16 -47.92
C HIS A 98 56.37 -41.67 -49.34
N THR A 99 57.49 -41.98 -50.01
CA THR A 99 57.40 -42.46 -51.39
C THR A 99 56.65 -43.80 -51.45
N ARG A 100 56.94 -44.70 -50.52
CA ARG A 100 56.25 -45.99 -50.52
C ARG A 100 54.75 -45.83 -50.31
N VAL A 101 54.36 -44.95 -49.38
CA VAL A 101 52.94 -44.71 -49.13
C VAL A 101 52.27 -44.13 -50.37
N LEU A 102 52.93 -43.18 -51.04
CA LEU A 102 52.35 -42.59 -52.24
C LEU A 102 52.16 -43.64 -53.33
N GLU A 103 53.16 -44.51 -53.52
CA GLU A 103 53.03 -45.54 -54.55
C GLU A 103 51.93 -46.54 -54.22
N ASN A 104 51.80 -46.90 -52.94
CA ASN A 104 50.73 -47.79 -52.53
C ASN A 104 49.36 -47.16 -52.78
N LYS A 105 49.23 -45.87 -52.47
CA LYS A 105 47.97 -45.17 -52.75
C LYS A 105 47.67 -45.17 -54.24
N GLN A 106 48.69 -44.94 -55.07
CA GLN A 106 48.49 -44.92 -56.51
C GLN A 106 48.00 -46.28 -57.02
N VAL A 107 48.65 -47.36 -56.56
CA VAL A 107 48.25 -48.68 -57.06
C VAL A 107 46.86 -49.06 -56.56
N GLU A 108 46.53 -48.67 -55.32
CA GLU A 108 45.18 -48.92 -54.81
C GLU A 108 44.14 -48.17 -55.64
N GLU A 109 44.42 -46.92 -55.99
CA GLU A 109 43.50 -46.16 -56.82
C GLU A 109 43.34 -46.80 -58.20
N ILE A 110 44.44 -47.30 -58.75
CA ILE A 110 44.37 -47.97 -60.05
C ILE A 110 43.47 -49.19 -59.98
N LEU A 111 43.62 -49.99 -58.92
CA LEU A 111 42.77 -51.17 -58.76
C LEU A 111 41.30 -50.78 -58.60
N ARG A 112 41.03 -49.73 -57.81
CA ARG A 112 39.67 -49.28 -57.63
C ARG A 112 39.06 -48.85 -58.96
N LEU A 113 39.84 -48.13 -59.77
CA LEU A 113 39.33 -47.70 -61.08
C LEU A 113 39.10 -48.90 -61.99
N GLU A 114 39.98 -49.90 -61.94
CA GLU A 114 39.75 -51.13 -62.68
C GLU A 114 38.39 -51.72 -62.36
N LYS A 115 38.13 -51.90 -61.06
CA LYS A 115 36.86 -52.51 -60.65
C LYS A 115 35.67 -51.65 -61.09
N GLU A 116 35.78 -50.34 -60.91
CA GLU A 116 34.67 -49.46 -61.25
C GLU A 116 34.37 -49.50 -62.75
N ILE A 117 35.40 -49.43 -63.59
CA ILE A 117 35.18 -49.42 -65.03
C ILE A 117 34.63 -50.77 -65.49
N GLU A 118 35.10 -51.86 -64.88
CA GLU A 118 34.56 -53.17 -65.24
C GLU A 118 33.08 -53.26 -64.92
N ASP A 119 32.70 -52.83 -63.72
CA ASP A 119 31.30 -52.88 -63.32
C ASP A 119 30.45 -52.00 -64.23
N LEU A 120 30.92 -50.79 -64.52
CA LEU A 120 30.16 -49.89 -65.37
C LEU A 120 29.99 -50.46 -66.77
N GLN A 121 31.04 -51.03 -67.34
CA GLN A 121 30.95 -51.61 -68.67
C GLN A 121 29.97 -52.78 -68.70
N ARG A 122 30.02 -53.64 -67.68
CA ARG A 122 29.10 -54.78 -67.64
C ARG A 122 27.66 -54.31 -67.56
N MET A 123 27.38 -53.36 -66.67
CA MET A 123 26.00 -52.90 -66.51
C MET A 123 25.52 -52.18 -67.76
N LYS A 124 26.41 -51.41 -68.41
CA LYS A 124 26.05 -50.74 -69.65
C LYS A 124 25.74 -51.74 -70.75
N GLU A 125 26.53 -52.81 -70.85
CA GLU A 125 26.23 -53.84 -71.84
C GLU A 125 24.90 -54.52 -71.56
N GLN A 126 24.61 -54.78 -70.28
CA GLN A 126 23.31 -55.35 -69.92
C GLN A 126 22.18 -54.42 -70.33
N GLN A 127 22.33 -53.12 -70.10
CA GLN A 127 21.31 -52.16 -70.52
C GLN A 127 21.15 -52.16 -72.04
N GLU A 128 22.27 -52.22 -72.77
CA GLU A 128 22.21 -52.23 -74.22
C GLU A 128 21.52 -53.48 -74.77
N LEU A 129 21.66 -54.61 -74.07
CA LEU A 129 21.08 -55.85 -74.56
C LEU A 129 19.56 -55.76 -74.68
N SER A 130 18.90 -55.18 -73.67
CA SER A 130 17.44 -55.11 -73.64
C SER A 130 16.95 -53.84 -74.33
N LEU A 131 17.15 -53.80 -75.63
CA LEU A 131 16.77 -52.65 -76.45
C LEU A 131 15.85 -53.09 -77.59
N THR A 132 15.36 -52.12 -78.34
CA THR A 132 14.49 -52.32 -79.49
C THR A 132 15.26 -51.94 -80.75
N GLU A 133 15.00 -52.68 -81.84
CA GLU A 133 15.73 -52.47 -83.09
C GLU A 133 15.68 -51.02 -83.55
N ALA A 134 14.48 -50.44 -83.57
CA ALA A 134 14.35 -49.04 -83.97
C ALA A 134 15.10 -48.13 -83.01
N SER A 135 15.02 -48.42 -81.70
CA SER A 135 15.78 -47.65 -80.73
C SER A 135 17.27 -47.79 -80.95
N LEU A 136 17.72 -49.00 -81.33
CA LEU A 136 19.14 -49.20 -81.60
C LEU A 136 19.59 -48.39 -82.81
N GLN A 137 18.77 -48.35 -83.86
CA GLN A 137 19.10 -47.54 -85.02
C GLN A 137 19.16 -46.06 -84.65
N LYS A 138 18.18 -45.60 -83.85
CA LYS A 138 18.18 -44.21 -83.42
C LYS A 138 19.41 -43.90 -82.58
N LEU A 139 19.81 -44.83 -81.71
CA LEU A 139 21.02 -44.67 -80.92
C LEU A 139 22.25 -44.56 -81.82
N GLN A 140 22.34 -45.41 -82.85
CA GLN A 140 23.48 -45.35 -83.76
C GLN A 140 23.54 -44.00 -84.47
N GLU A 141 22.40 -43.53 -84.98
CA GLU A 141 22.38 -42.24 -85.66
C GLU A 141 22.74 -41.11 -84.69
N ARG A 142 22.22 -41.17 -83.46
CA ARG A 142 22.51 -40.13 -82.48
C ARG A 142 23.99 -40.11 -82.12
N ARG A 143 24.60 -41.28 -81.95
CA ARG A 143 26.03 -41.34 -81.67
C ARG A 143 26.85 -40.80 -82.84
N ASP A 144 26.42 -41.11 -84.07
CA ASP A 144 27.10 -40.56 -85.23
C ASP A 144 27.01 -39.03 -85.25
N GLN A 145 25.84 -38.48 -84.90
CA GLN A 145 25.71 -37.03 -84.82
C GLN A 145 26.56 -36.47 -83.70
N GLU A 146 26.65 -37.18 -82.57
CA GLU A 146 27.52 -36.76 -81.47
C GLU A 146 28.96 -36.63 -81.92
N LEU A 147 29.49 -37.66 -82.60
CA LEU A 147 30.87 -37.60 -83.06
C LEU A 147 31.07 -36.62 -84.20
N ARG A 148 30.00 -36.12 -84.81
CA ARG A 148 30.10 -35.16 -85.90
C ARG A 148 30.49 -33.79 -85.37
N ASN B 16 -27.86 -1.43 -95.12
CA ASN B 16 -26.61 -0.72 -95.30
C ASN B 16 -26.08 -0.17 -93.98
N ILE B 17 -25.85 -1.07 -93.02
CA ILE B 17 -25.33 -0.67 -91.71
C ILE B 17 -23.89 -0.21 -91.89
N LYS B 18 -23.61 1.03 -91.46
CA LYS B 18 -22.30 1.62 -91.62
C LYS B 18 -21.98 2.51 -90.42
N ILE B 19 -20.68 2.76 -90.25
CA ILE B 19 -20.16 3.63 -89.20
C ILE B 19 -19.82 4.99 -89.81
N MET B 20 -20.23 6.03 -89.09
CA MET B 20 -20.13 7.43 -89.48
C MET B 20 -19.21 8.13 -88.48
N ARG B 21 -18.24 8.89 -89.00
CA ARG B 21 -17.41 9.75 -88.17
C ARG B 21 -17.83 11.20 -88.41
N LEU B 22 -18.35 11.84 -87.38
CA LEU B 22 -18.79 13.22 -87.46
C LEU B 22 -17.64 14.18 -87.14
N VAL B 23 -17.82 15.44 -87.50
CA VAL B 23 -16.80 16.44 -87.26
C VAL B 23 -16.57 16.65 -85.77
N THR B 24 -17.59 16.41 -84.94
CA THR B 24 -17.48 16.60 -83.51
C THR B 24 -16.98 15.32 -82.81
N CYS B 25 -15.89 14.77 -83.34
CA CYS B 25 -15.22 13.58 -82.78
C CYS B 25 -16.22 12.55 -82.25
N GLU B 26 -17.14 12.15 -83.12
CA GLU B 26 -18.21 11.24 -82.75
C GLU B 26 -18.28 10.09 -83.74
N ASP B 27 -18.48 8.89 -83.21
CA ASP B 27 -18.65 7.68 -84.02
C ASP B 27 -20.05 7.14 -83.80
N ILE B 28 -20.83 7.04 -84.88
CA ILE B 28 -22.22 6.60 -84.80
C ILE B 28 -22.49 5.56 -85.87
N ILE B 29 -23.07 4.44 -85.48
CA ILE B 29 -23.42 3.37 -86.40
C ILE B 29 -24.90 3.44 -86.71
N GLY B 30 -25.26 3.19 -87.97
CA GLY B 30 -26.67 3.22 -88.35
C GLY B 30 -26.84 2.79 -89.79
N ASN B 31 -28.11 2.67 -90.18
CA ASN B 31 -28.46 2.31 -91.55
C ASN B 31 -28.53 3.59 -92.36
N ILE B 32 -27.63 3.74 -93.33
CA ILE B 32 -27.47 4.99 -94.04
C ILE B 32 -27.90 4.83 -95.49
N SER B 33 -28.39 5.94 -96.06
CA SER B 33 -28.73 6.04 -97.47
C SER B 33 -28.04 7.29 -98.02
N GLU B 34 -27.33 7.13 -99.13
CA GLU B 34 -26.46 8.16 -99.66
C GLU B 34 -27.09 8.82 -100.87
N SER B 35 -27.14 10.15 -100.86
CA SER B 35 -27.62 10.95 -101.97
C SER B 35 -26.48 11.85 -102.44
N GLN B 36 -26.75 12.65 -103.49
CA GLN B 36 -25.68 13.41 -104.14
C GLN B 36 -25.05 14.41 -103.18
N GLY B 37 -25.85 15.06 -102.34
CA GLY B 37 -25.31 16.08 -101.46
C GLY B 37 -25.49 15.81 -99.98
N LEU B 38 -26.52 15.05 -99.62
CA LEU B 38 -26.86 14.78 -98.24
C LEU B 38 -27.09 13.29 -98.05
N ILE B 39 -27.03 12.84 -96.81
CA ILE B 39 -27.25 11.43 -96.48
C ILE B 39 -28.26 11.33 -95.36
N THR B 40 -29.04 10.26 -95.38
CA THR B 40 -30.02 9.98 -94.34
C THR B 40 -29.56 8.80 -93.51
N ILE B 41 -29.89 8.83 -92.22
CA ILE B 41 -29.46 7.79 -91.29
C ILE B 41 -30.65 7.37 -90.44
N LYS B 42 -30.74 6.07 -90.16
CA LYS B 42 -31.77 5.51 -89.32
C LYS B 42 -31.13 4.66 -88.23
N LYS B 43 -31.74 4.71 -87.04
CA LYS B 43 -31.29 3.95 -85.87
C LYS B 43 -29.82 4.23 -85.57
N ALA B 44 -29.46 5.50 -85.52
CA ALA B 44 -28.10 5.89 -85.18
C ALA B 44 -27.82 5.59 -83.71
N PHE B 45 -26.57 5.23 -83.43
CA PHE B 45 -26.14 4.93 -82.06
C PHE B 45 -24.70 5.35 -81.87
N VAL B 46 -24.46 6.22 -80.89
CA VAL B 46 -23.11 6.60 -80.52
C VAL B 46 -22.43 5.45 -79.80
N ILE B 47 -21.14 5.30 -80.05
CA ILE B 47 -20.33 4.22 -79.49
C ILE B 47 -19.42 4.82 -78.43
N ILE B 48 -19.52 4.32 -77.21
CA ILE B 48 -18.70 4.73 -76.07
C ILE B 48 -17.75 3.59 -75.75
N PRO B 49 -16.44 3.78 -75.86
CA PRO B 49 -15.44 2.74 -75.55
C PRO B 49 -15.40 2.41 -74.06
N LEU B 60 -17.75 -2.27 -75.37
CA LEU B 60 -18.37 -1.13 -76.04
C LEU B 60 -19.77 -0.87 -75.51
N VAL B 61 -20.21 0.38 -75.59
CA VAL B 61 -21.54 0.79 -75.14
C VAL B 61 -22.23 1.51 -76.29
N LEU B 62 -23.49 1.16 -76.55
CA LEU B 62 -24.29 1.81 -77.57
C LEU B 62 -25.31 2.72 -76.90
N CYS B 63 -25.36 3.97 -77.35
CA CYS B 63 -26.28 4.94 -76.79
C CYS B 63 -27.09 5.58 -77.89
N PRO B 64 -28.37 5.88 -77.67
CA PRO B 64 -29.15 6.57 -78.70
C PRO B 64 -28.52 7.91 -79.06
N TRP B 65 -28.47 8.20 -80.36
CA TRP B 65 -27.80 9.41 -80.82
C TRP B 65 -28.62 10.65 -80.50
N GLN B 66 -29.92 10.61 -80.75
CA GLN B 66 -30.81 11.75 -80.57
C GLN B 66 -32.00 11.31 -79.72
N PRO B 67 -31.82 11.24 -78.41
CA PRO B 67 -32.94 10.83 -77.54
C PRO B 67 -33.86 11.99 -77.21
N TYR B 68 -34.18 12.79 -78.23
CA TYR B 68 -35.09 13.92 -78.07
C TYR B 68 -36.12 14.01 -79.17
N THR B 69 -36.00 13.24 -80.25
CA THR B 69 -36.91 13.30 -81.38
C THR B 69 -37.53 11.93 -81.63
N ASP B 70 -38.71 11.94 -82.25
CA ASP B 70 -39.41 10.74 -82.63
C ASP B 70 -39.30 10.44 -84.12
N ASP B 71 -38.48 11.20 -84.84
CA ASP B 71 -38.35 11.00 -86.28
C ASP B 71 -37.66 9.67 -86.58
N LYS B 72 -38.12 9.01 -87.65
CA LYS B 72 -37.56 7.71 -88.00
C LYS B 72 -36.16 7.87 -88.60
N GLU B 73 -35.93 8.91 -89.39
CA GLU B 73 -34.67 9.11 -90.06
C GLU B 73 -34.20 10.55 -89.86
N ILE B 74 -32.88 10.74 -89.91
CA ILE B 74 -32.24 12.03 -89.74
C ILE B 74 -31.40 12.33 -90.97
N VAL B 75 -31.59 13.51 -91.55
CA VAL B 75 -30.85 13.95 -92.73
C VAL B 75 -29.66 14.80 -92.27
N ILE B 76 -28.55 14.69 -92.98
CA ILE B 76 -27.34 15.42 -92.62
C ILE B 76 -26.51 15.66 -93.88
N ASP B 77 -25.95 16.86 -93.97
CA ASP B 77 -25.13 17.23 -95.12
C ASP B 77 -23.82 16.44 -95.13
N ASP B 78 -23.32 16.15 -96.33
CA ASP B 78 -22.09 15.39 -96.48
C ASP B 78 -20.84 16.21 -96.16
N SER B 79 -20.95 17.52 -96.06
CA SER B 79 -19.79 18.34 -95.74
C SER B 79 -19.33 18.15 -94.30
N LYS B 80 -20.18 17.61 -93.44
CA LYS B 80 -19.83 17.32 -92.06
C LYS B 80 -19.39 15.88 -91.86
N VAL B 81 -18.92 15.23 -92.92
CA VAL B 81 -18.53 13.82 -92.90
C VAL B 81 -17.01 13.75 -92.85
N ILE B 82 -16.50 12.90 -91.96
CA ILE B 82 -15.07 12.66 -91.87
C ILE B 82 -14.78 11.34 -92.59
N THR B 83 -15.34 10.25 -92.09
CA THR B 83 -15.18 8.94 -92.70
C THR B 83 -16.49 8.16 -92.66
N ILE B 84 -16.75 7.41 -93.73
CA ILE B 84 -17.81 6.42 -93.80
C ILE B 84 -17.13 5.06 -93.92
N THR B 85 -17.61 4.07 -93.17
CA THR B 85 -16.94 2.78 -93.23
C THR B 85 -17.91 1.65 -92.92
N SER B 86 -17.51 0.44 -93.29
CA SER B 86 -18.31 -0.75 -93.03
C SER B 86 -17.83 -1.42 -91.76
N PRO B 87 -18.69 -1.65 -90.78
CA PRO B 87 -18.25 -2.21 -89.49
C PRO B 87 -17.97 -3.70 -89.59
N LYS B 88 -17.55 -4.27 -88.46
CA LYS B 88 -17.29 -5.70 -88.37
C LYS B 88 -18.60 -6.46 -88.14
N ASP B 89 -18.52 -7.78 -88.27
CA ASP B 89 -19.72 -8.61 -88.10
C ASP B 89 -20.21 -8.60 -86.65
N ASP B 90 -19.27 -8.60 -85.70
CA ASP B 90 -19.67 -8.59 -84.29
C ASP B 90 -20.42 -7.31 -83.95
N ILE B 91 -19.96 -6.17 -84.47
CA ILE B 91 -20.64 -4.90 -84.21
C ILE B 91 -22.04 -4.92 -84.81
N ILE B 92 -22.18 -5.45 -86.02
CA ILE B 92 -23.49 -5.53 -86.65
C ILE B 92 -24.43 -6.42 -85.84
N LYS B 93 -23.91 -7.55 -85.36
CA LYS B 93 -24.73 -8.45 -84.54
C LYS B 93 -25.17 -7.77 -83.25
N SER B 94 -24.26 -7.04 -82.59
CA SER B 94 -24.62 -6.34 -81.37
C SER B 94 -25.66 -5.26 -81.64
N TYR B 95 -25.50 -4.54 -82.76
CA TYR B 95 -26.47 -3.50 -83.14
C TYR B 95 -27.85 -4.11 -83.37
N GLU B 96 -27.90 -5.24 -84.09
CA GLU B 96 -29.18 -5.91 -84.33
C GLU B 96 -29.82 -6.36 -83.03
N SER B 97 -29.02 -6.96 -82.13
CA SER B 97 -29.55 -7.42 -80.85
C SER B 97 -30.09 -6.24 -80.04
N HIS B 98 -29.35 -5.13 -80.01
CA HIS B 98 -29.79 -3.96 -79.27
C HIS B 98 -31.12 -3.43 -79.80
N THR B 99 -31.23 -3.29 -81.13
CA THR B 99 -32.47 -2.80 -81.71
C THR B 99 -33.64 -3.74 -81.42
N ARG B 100 -33.41 -5.04 -81.56
CA ARG B 100 -34.48 -6.01 -81.29
C ARG B 100 -34.93 -5.94 -79.83
N VAL B 101 -33.98 -5.83 -78.90
CA VAL B 101 -34.33 -5.74 -77.48
C VAL B 101 -35.14 -4.47 -77.22
N LEU B 102 -34.72 -3.35 -77.81
CA LEU B 102 -35.45 -2.11 -77.61
C LEU B 102 -36.88 -2.21 -78.14
N GLU B 103 -37.05 -2.80 -79.32
CA GLU B 103 -38.39 -2.94 -79.87
C GLU B 103 -39.26 -3.85 -79.02
N ASN B 104 -38.68 -4.94 -78.52
CA ASN B 104 -39.43 -5.84 -77.64
C ASN B 104 -39.85 -5.12 -76.36
N LYS B 105 -38.95 -4.32 -75.79
CA LYS B 105 -39.32 -3.55 -74.60
C LYS B 105 -40.46 -2.58 -74.91
N GLN B 106 -40.40 -1.93 -76.07
CA GLN B 106 -41.46 -0.99 -76.45
C GLN B 106 -42.80 -1.68 -76.56
N VAL B 107 -42.84 -2.83 -77.24
CA VAL B 107 -44.11 -3.52 -77.43
C VAL B 107 -44.64 -4.06 -76.11
N GLU B 108 -43.75 -4.54 -75.23
CA GLU B 108 -44.18 -4.98 -73.91
C GLU B 108 -44.77 -3.83 -73.11
N GLU B 109 -44.15 -2.65 -73.17
CA GLU B 109 -44.69 -1.49 -72.47
C GLU B 109 -46.05 -1.10 -73.03
N ILE B 110 -46.21 -1.19 -74.35
CA ILE B 110 -47.50 -0.87 -74.96
C ILE B 110 -48.58 -1.81 -74.46
N LEU B 111 -48.26 -3.11 -74.39
CA LEU B 111 -49.23 -4.08 -73.89
C LEU B 111 -49.58 -3.81 -72.42
N ARG B 112 -48.57 -3.49 -71.61
CA ARG B 112 -48.82 -3.18 -70.20
C ARG B 112 -49.74 -1.98 -70.08
N LEU B 113 -49.50 -0.95 -70.88
CA LEU B 113 -50.36 0.23 -70.83
C LEU B 113 -51.78 -0.08 -71.29
N GLU B 114 -51.92 -0.93 -72.31
CA GLU B 114 -53.23 -1.40 -72.73
C GLU B 114 -53.99 -2.00 -71.55
N LYS B 115 -53.35 -2.95 -70.85
CA LYS B 115 -54.01 -3.61 -69.73
C LYS B 115 -54.36 -2.62 -68.63
N GLU B 116 -53.43 -1.72 -68.31
CA GLU B 116 -53.66 -0.76 -67.23
C GLU B 116 -54.82 0.17 -67.55
N ILE B 117 -54.86 0.70 -68.78
CA ILE B 117 -55.93 1.64 -69.12
C ILE B 117 -57.27 0.92 -69.17
N GLU B 118 -57.29 -0.33 -69.65
CA GLU B 118 -58.54 -1.08 -69.65
C GLU B 118 -59.06 -1.28 -68.24
N ASP B 119 -58.18 -1.70 -67.32
CA ASP B 119 -58.59 -1.92 -65.94
C ASP B 119 -59.09 -0.62 -65.32
N LEU B 120 -58.36 0.47 -65.52
CA LEU B 120 -58.75 1.75 -64.95
C LEU B 120 -60.11 2.21 -65.47
N GLN B 121 -60.32 2.07 -66.79
CA GLN B 121 -61.60 2.49 -67.36
C GLN B 121 -62.74 1.65 -66.81
N ARG B 122 -62.54 0.33 -66.70
CA ARG B 122 -63.61 -0.52 -66.16
C ARG B 122 -63.95 -0.15 -64.72
N MET B 123 -62.93 0.04 -63.89
CA MET B 123 -63.20 0.36 -62.49
C MET B 123 -63.83 1.74 -62.36
N LYS B 124 -63.40 2.70 -63.19
CA LYS B 124 -64.01 4.02 -63.18
C LYS B 124 -65.48 3.96 -63.58
N GLU B 125 -65.80 3.17 -64.61
CA GLU B 125 -67.20 3.02 -64.99
C GLU B 125 -68.01 2.39 -63.88
N GLN B 126 -67.45 1.39 -63.20
CA GLN B 126 -68.14 0.78 -62.06
C GLN B 126 -68.40 1.81 -60.98
N GLN B 127 -67.42 2.66 -60.68
CA GLN B 127 -67.62 3.72 -59.70
C GLN B 127 -68.70 4.68 -60.13
N GLU B 128 -68.71 5.04 -61.43
CA GLU B 128 -69.71 5.98 -61.93
C GLU B 128 -71.12 5.40 -61.85
N LEU B 129 -71.24 4.07 -62.00
CA LEU B 129 -72.57 3.46 -62.01
C LEU B 129 -73.30 3.68 -60.68
N SER B 130 -72.59 3.52 -59.56
CA SER B 130 -73.21 3.62 -58.24
C SER B 130 -73.15 5.06 -57.74
N LEU B 131 -73.91 5.92 -58.41
CA LEU B 131 -73.96 7.33 -58.08
C LEU B 131 -75.41 7.77 -57.83
N THR B 132 -75.56 9.02 -57.43
CA THR B 132 -76.85 9.63 -57.16
C THR B 132 -77.13 10.69 -58.22
N GLU B 133 -78.40 10.84 -58.60
CA GLU B 133 -78.77 11.75 -59.68
C GLU B 133 -78.26 13.17 -59.43
N ALA B 134 -78.49 13.69 -58.23
CA ALA B 134 -78.00 15.02 -57.89
C ALA B 134 -76.48 15.08 -57.95
N SER B 135 -75.82 14.03 -57.45
CA SER B 135 -74.36 13.96 -57.54
C SER B 135 -73.90 13.91 -58.99
N LEU B 136 -74.65 13.21 -59.84
CA LEU B 136 -74.30 13.15 -61.27
C LEU B 136 -74.42 14.53 -61.91
N GLN B 137 -75.48 15.26 -61.58
CA GLN B 137 -75.63 16.62 -62.11
C GLN B 137 -74.50 17.52 -61.62
N LYS B 138 -74.15 17.41 -60.33
CA LYS B 138 -73.04 18.20 -59.81
C LYS B 138 -71.73 17.83 -60.49
N LEU B 139 -71.52 16.55 -60.75
CA LEU B 139 -70.33 16.11 -61.49
C LEU B 139 -70.29 16.71 -62.88
N GLN B 140 -71.43 16.70 -63.58
CA GLN B 140 -71.48 17.28 -64.93
C GLN B 140 -71.15 18.76 -64.90
N GLU B 141 -71.74 19.50 -63.97
CA GLU B 141 -71.44 20.93 -63.87
C GLU B 141 -69.98 21.17 -63.51
N ARG B 142 -69.42 20.36 -62.60
CA ARG B 142 -68.04 20.53 -62.20
C ARG B 142 -67.09 20.23 -63.37
N ARG B 143 -67.39 19.20 -64.16
CA ARG B 143 -66.56 18.91 -65.33
C ARG B 143 -66.65 20.03 -66.36
N ASP B 144 -67.86 20.60 -66.54
CA ASP B 144 -67.99 21.73 -67.44
C ASP B 144 -67.17 22.92 -66.97
N GLN B 145 -67.15 23.16 -65.66
CA GLN B 145 -66.31 24.24 -65.13
C GLN B 145 -64.84 23.92 -65.31
N GLU B 146 -64.46 22.65 -65.14
CA GLU B 146 -63.08 22.23 -65.37
C GLU B 146 -62.64 22.55 -66.80
N LEU B 147 -63.45 22.15 -67.78
CA LEU B 147 -63.08 22.43 -69.17
C LEU B 147 -63.17 23.90 -69.52
N ARG B 148 -63.79 24.72 -68.68
CA ARG B 148 -63.91 26.14 -68.94
C ARG B 148 -62.58 26.86 -68.73
N ASN C 16 -77.26 60.85 -12.37
CA ASN C 16 -76.39 61.45 -13.37
C ASN C 16 -74.95 61.00 -13.18
N ILE C 17 -74.72 59.70 -13.25
CA ILE C 17 -73.39 59.14 -13.11
C ILE C 17 -72.56 59.54 -14.33
N LYS C 18 -71.42 60.20 -14.07
CA LYS C 18 -70.58 60.70 -15.15
C LYS C 18 -69.12 60.60 -14.74
N ILE C 19 -68.25 60.63 -15.76
CA ILE C 19 -66.80 60.60 -15.59
C ILE C 19 -66.26 62.01 -15.76
N MET C 20 -65.36 62.38 -14.85
CA MET C 20 -64.76 63.70 -14.73
C MET C 20 -63.26 63.56 -14.97
N ARG C 21 -62.71 64.42 -15.83
CA ARG C 21 -61.27 64.51 -16.01
C ARG C 21 -60.79 65.79 -15.36
N LEU C 22 -59.96 65.66 -14.33
CA LEU C 22 -59.41 66.80 -13.62
C LEU C 22 -58.11 67.27 -14.26
N VAL C 23 -57.70 68.48 -13.90
CA VAL C 23 -56.48 69.05 -14.46
C VAL C 23 -55.26 68.25 -14.03
N THR C 24 -55.33 67.59 -12.87
CA THR C 24 -54.20 66.81 -12.37
C THR C 24 -54.24 65.37 -12.86
N CYS C 25 -54.41 65.21 -14.19
CA CYS C 25 -54.43 63.92 -14.88
C CYS C 25 -55.13 62.84 -14.06
N GLU C 26 -56.37 63.13 -13.68
CA GLU C 26 -57.15 62.25 -12.83
C GLU C 26 -58.52 61.99 -13.44
N ASP C 27 -58.97 60.74 -13.38
CA ASP C 27 -60.27 60.33 -13.86
C ASP C 27 -61.09 59.85 -12.67
N ILE C 28 -62.24 60.49 -12.44
CA ILE C 28 -63.07 60.18 -11.29
C ILE C 28 -64.53 60.08 -11.74
N ILE C 29 -65.19 58.99 -11.36
CA ILE C 29 -66.59 58.77 -11.69
C ILE C 29 -67.45 59.10 -10.47
N GLY C 30 -68.60 59.72 -10.71
CA GLY C 30 -69.48 60.06 -9.61
C GLY C 30 -70.77 60.66 -10.12
N ASN C 31 -71.69 60.87 -9.17
CA ASN C 31 -72.98 61.49 -9.49
C ASN C 31 -72.81 62.99 -9.41
N ILE C 32 -72.95 63.68 -10.54
CA ILE C 32 -72.62 65.10 -10.62
C ILE C 32 -73.89 65.91 -10.83
N SER C 33 -73.86 67.14 -10.34
CA SER C 33 -74.89 68.14 -10.56
C SER C 33 -74.21 69.41 -11.05
N GLU C 34 -74.72 69.96 -12.15
CA GLU C 34 -74.06 71.05 -12.86
C GLU C 34 -74.79 72.36 -12.58
N SER C 35 -74.02 73.38 -12.19
CA SER C 35 -74.52 74.73 -11.98
C SER C 35 -73.78 75.67 -12.94
N GLN C 36 -74.14 76.95 -12.90
CA GLN C 36 -73.63 77.90 -13.89
C GLN C 36 -72.12 78.04 -13.82
N GLY C 37 -71.55 78.03 -12.61
CA GLY C 37 -70.12 78.24 -12.48
C GLY C 37 -69.37 77.09 -11.83
N LEU C 38 -70.05 76.33 -10.99
CA LEU C 38 -69.45 75.26 -10.22
C LEU C 38 -70.30 74.01 -10.32
N ILE C 39 -69.69 72.86 -10.02
CA ILE C 39 -70.41 71.59 -10.07
C ILE C 39 -70.18 70.84 -8.77
N THR C 40 -71.18 70.07 -8.37
CA THR C 40 -71.11 69.24 -7.17
C THR C 40 -71.02 67.78 -7.57
N ILE C 41 -70.30 67.00 -6.78
CA ILE C 41 -70.09 65.58 -7.07
C ILE C 41 -70.31 64.78 -5.80
N LYS C 42 -70.92 63.61 -5.96
CA LYS C 42 -71.17 62.68 -4.86
C LYS C 42 -70.63 61.31 -5.22
N LYS C 43 -70.08 60.63 -4.22
CA LYS C 43 -69.55 59.27 -4.37
C LYS C 43 -68.50 59.22 -5.49
N ALA C 44 -67.56 60.15 -5.44
CA ALA C 44 -66.48 60.16 -6.42
C ALA C 44 -65.54 58.99 -6.18
N PHE C 45 -64.97 58.46 -7.28
CA PHE C 45 -64.05 57.34 -7.20
C PHE C 45 -63.00 57.48 -8.29
N VAL C 46 -61.74 57.51 -7.89
CA VAL C 46 -60.64 57.50 -8.85
C VAL C 46 -60.52 56.12 -9.47
N ILE C 47 -60.16 56.10 -10.75
CA ILE C 47 -60.04 54.88 -11.53
C ILE C 47 -58.57 54.61 -11.78
N ILE C 48 -58.10 53.46 -11.34
CA ILE C 48 -56.72 53.02 -11.53
C ILE C 48 -56.72 51.88 -12.53
N PRO C 49 -56.07 52.03 -13.71
CA PRO C 49 -56.01 50.98 -14.73
C PRO C 49 -55.19 49.78 -14.28
N LEU C 60 -59.89 47.13 -13.93
CA LEU C 60 -59.96 48.47 -13.35
C LEU C 60 -60.10 48.39 -11.84
N VAL C 61 -59.63 49.43 -11.15
CA VAL C 61 -59.71 49.51 -9.70
C VAL C 61 -60.37 50.84 -9.33
N LEU C 62 -61.32 50.79 -8.42
CA LEU C 62 -62.00 51.99 -7.93
C LEU C 62 -61.50 52.31 -6.53
N CYS C 63 -61.09 53.57 -6.33
CA CYS C 63 -60.58 54.00 -5.03
C CYS C 63 -61.32 55.24 -4.59
N PRO C 64 -61.59 55.39 -3.29
CA PRO C 64 -62.24 56.62 -2.81
C PRO C 64 -61.40 57.85 -3.15
N TRP C 65 -62.08 58.89 -3.63
CA TRP C 65 -61.38 60.08 -4.08
C TRP C 65 -60.82 60.87 -2.91
N GLN C 66 -61.62 61.07 -1.86
CA GLN C 66 -61.24 61.87 -0.71
C GLN C 66 -61.48 61.05 0.56
N PRO C 67 -60.56 60.14 0.89
CA PRO C 67 -60.74 59.34 2.10
C PRO C 67 -60.27 60.06 3.35
N TYR C 68 -60.63 61.35 3.45
CA TYR C 68 -60.29 62.17 4.61
C TYR C 68 -61.45 62.99 5.12
N THR C 69 -62.57 63.07 4.40
CA THR C 69 -63.71 63.88 4.79
C THR C 69 -64.95 63.02 4.87
N ASP C 70 -65.90 63.49 5.68
CA ASP C 70 -67.19 62.84 5.84
C ASP C 70 -68.30 63.55 5.08
N ASP C 71 -67.97 64.56 4.29
CA ASP C 71 -68.98 65.31 3.56
C ASP C 71 -69.64 64.44 2.50
N LYS C 72 -70.95 64.64 2.32
CA LYS C 72 -71.68 63.84 1.33
C LYS C 72 -71.35 64.26 -0.08
N GLU C 73 -71.16 65.56 -0.32
CA GLU C 73 -70.90 66.09 -1.65
C GLU C 73 -69.72 67.04 -1.61
N ILE C 74 -69.03 67.14 -2.74
CA ILE C 74 -67.86 68.01 -2.89
C ILE C 74 -68.12 68.97 -4.04
N VAL C 75 -67.90 70.26 -3.79
CA VAL C 75 -68.09 71.31 -4.78
C VAL C 75 -66.75 71.61 -5.43
N ILE C 76 -66.77 71.93 -6.72
CA ILE C 76 -65.54 72.20 -7.46
C ILE C 76 -65.86 73.14 -8.61
N ASP C 77 -64.96 74.11 -8.83
CA ASP C 77 -65.13 75.07 -9.91
C ASP C 77 -64.99 74.40 -11.27
N ASP C 78 -65.73 74.92 -12.25
CA ASP C 78 -65.70 74.37 -13.60
C ASP C 78 -64.44 74.73 -14.36
N SER C 79 -63.65 75.69 -13.88
CA SER C 79 -62.43 76.06 -14.58
C SER C 79 -61.36 74.98 -14.49
N LYS C 80 -61.49 74.05 -13.54
CA LYS C 80 -60.58 72.93 -13.39
C LYS C 80 -61.09 71.67 -14.08
N VAL C 81 -61.95 71.83 -15.07
CA VAL C 81 -62.58 70.72 -15.78
C VAL C 81 -61.88 70.55 -17.12
N ILE C 82 -61.55 69.30 -17.46
CA ILE C 82 -60.97 69.00 -18.75
C ILE C 82 -62.08 68.42 -19.63
N THR C 83 -62.64 67.29 -19.23
CA THR C 83 -63.74 66.66 -19.95
C THR C 83 -64.77 66.10 -18.99
N ILE C 84 -66.05 66.22 -19.36
CA ILE C 84 -67.15 65.55 -18.70
C ILE C 84 -67.72 64.56 -19.71
N THR C 85 -68.01 63.34 -19.26
CA THR C 85 -68.49 62.34 -20.22
C THR C 85 -69.40 61.34 -19.53
N SER C 86 -70.16 60.61 -20.34
CA SER C 86 -71.05 59.57 -19.85
C SER C 86 -70.37 58.22 -19.96
N PRO C 87 -70.24 57.47 -18.88
CA PRO C 87 -69.50 56.19 -18.92
C PRO C 87 -70.32 55.10 -19.59
N LYS C 88 -69.70 53.92 -19.69
CA LYS C 88 -70.36 52.74 -20.24
C LYS C 88 -71.25 52.07 -19.19
N ASP C 89 -72.07 51.14 -19.66
CA ASP C 89 -72.99 50.45 -18.77
C ASP C 89 -72.24 49.56 -17.78
N ASP C 90 -71.17 48.91 -18.22
CA ASP C 90 -70.41 48.04 -17.33
C ASP C 90 -69.78 48.85 -16.19
N ILE C 91 -69.26 50.03 -16.50
CA ILE C 91 -68.66 50.88 -15.48
C ILE C 91 -69.71 51.31 -14.47
N ILE C 92 -70.90 51.68 -14.95
CA ILE C 92 -71.98 52.09 -14.05
C ILE C 92 -72.38 50.94 -13.15
N LYS C 93 -72.48 49.72 -13.71
CA LYS C 93 -72.83 48.56 -12.91
C LYS C 93 -71.79 48.29 -11.84
N SER C 94 -70.51 48.37 -12.21
CA SER C 94 -69.44 48.16 -11.23
C SER C 94 -69.48 49.22 -10.14
N TYR C 95 -69.73 50.47 -10.51
CA TYR C 95 -69.83 51.55 -9.54
C TYR C 95 -70.98 51.31 -8.57
N GLU C 96 -72.14 50.90 -9.09
CA GLU C 96 -73.28 50.60 -8.23
C GLU C 96 -72.97 49.45 -7.28
N SER C 97 -72.35 48.38 -7.79
CA SER C 97 -72.01 47.25 -6.95
C SER C 97 -71.04 47.66 -5.85
N HIS C 98 -70.02 48.46 -6.21
CA HIS C 98 -69.05 48.91 -5.23
C HIS C 98 -69.72 49.72 -4.12
N THR C 99 -70.57 50.68 -4.50
CA THR C 99 -71.24 51.49 -3.49
C THR C 99 -72.13 50.64 -2.59
N ARG C 100 -72.88 49.71 -3.18
CA ARG C 100 -73.76 48.85 -2.39
C ARG C 100 -72.95 47.99 -1.41
N VAL C 101 -71.83 47.44 -1.86
CA VAL C 101 -70.99 46.63 -0.99
C VAL C 101 -70.45 47.47 0.16
N LEU C 102 -70.00 48.69 -0.14
CA LEU C 102 -69.48 49.56 0.91
C LEU C 102 -70.56 49.89 1.94
N GLU C 103 -71.77 50.19 1.48
CA GLU C 103 -72.85 50.51 2.42
C GLU C 103 -73.21 49.31 3.27
N ASN C 104 -73.23 48.12 2.67
CA ASN C 104 -73.52 46.90 3.44
C ASN C 104 -72.44 46.65 4.49
N LYS C 105 -71.18 46.87 4.14
CA LYS C 105 -70.11 46.72 5.11
C LYS C 105 -70.27 47.72 6.26
N GLN C 106 -70.65 48.97 5.92
CA GLN C 106 -70.83 49.98 6.97
C GLN C 106 -71.95 49.58 7.93
N VAL C 107 -73.08 49.13 7.39
CA VAL C 107 -74.20 48.79 8.28
C VAL C 107 -73.87 47.56 9.11
N GLU C 108 -73.16 46.59 8.53
CA GLU C 108 -72.73 45.42 9.31
C GLU C 108 -71.80 45.83 10.45
N GLU C 109 -70.86 46.74 10.17
CA GLU C 109 -69.97 47.21 11.23
C GLU C 109 -70.74 47.95 12.31
N ILE C 110 -71.76 48.73 11.92
CA ILE C 110 -72.57 49.43 12.92
C ILE C 110 -73.29 48.43 13.82
N LEU C 111 -73.86 47.38 13.22
CA LEU C 111 -74.53 46.35 14.03
C LEU C 111 -73.56 45.65 14.97
N ARG C 112 -72.37 45.32 14.47
CA ARG C 112 -71.36 44.68 15.31
C ARG C 112 -71.00 45.56 16.49
N LEU C 113 -70.82 46.86 16.24
CA LEU C 113 -70.50 47.78 17.32
C LEU C 113 -71.65 47.90 18.32
N GLU C 114 -72.89 47.91 17.83
CA GLU C 114 -74.05 47.88 18.72
C GLU C 114 -73.96 46.69 19.68
N LYS C 115 -73.75 45.50 19.14
CA LYS C 115 -73.69 44.31 19.98
C LYS C 115 -72.55 44.38 20.97
N GLU C 116 -71.37 44.82 20.50
CA GLU C 116 -70.20 44.88 21.38
C GLU C 116 -70.41 45.86 22.52
N ILE C 117 -70.94 47.05 22.23
CA ILE C 117 -71.12 48.05 23.28
C ILE C 117 -72.19 47.59 24.26
N GLU C 118 -73.25 46.93 23.77
CA GLU C 118 -74.27 46.42 24.67
C GLU C 118 -73.68 45.39 25.63
N ASP C 119 -72.91 44.45 25.09
CA ASP C 119 -72.31 43.41 25.93
C ASP C 119 -71.35 44.04 26.95
N LEU C 120 -70.52 44.98 26.51
CA LEU C 120 -69.57 45.61 27.42
C LEU C 120 -70.29 46.37 28.53
N GLN C 121 -71.34 47.12 28.18
CA GLN C 121 -72.08 47.86 29.19
C GLN C 121 -72.73 46.92 30.20
N ARG C 122 -73.32 45.82 29.73
CA ARG C 122 -73.96 44.88 30.65
C ARG C 122 -72.94 44.27 31.61
N MET C 123 -71.80 43.83 31.07
CA MET C 123 -70.80 43.20 31.93
C MET C 123 -70.21 44.21 32.90
N LYS C 124 -70.00 45.46 32.46
CA LYS C 124 -69.51 46.50 33.35
C LYS C 124 -70.49 46.79 34.47
N GLU C 125 -71.79 46.83 34.16
CA GLU C 125 -72.78 47.04 35.20
C GLU C 125 -72.78 45.89 36.20
N GLN C 126 -72.65 44.65 35.69
CA GLN C 126 -72.57 43.50 36.58
C GLN C 126 -71.36 43.62 37.51
N GLN C 127 -70.21 44.03 36.96
CA GLN C 127 -69.02 44.22 37.80
C GLN C 127 -69.26 45.31 38.84
N GLU C 128 -69.91 46.41 38.44
CA GLU C 128 -70.18 47.49 39.38
C GLU C 128 -71.11 47.06 40.50
N LEU C 129 -72.04 46.15 40.21
CA LEU C 129 -73.02 45.75 41.23
C LEU C 129 -72.35 45.11 42.43
N SER C 130 -71.36 44.24 42.20
CA SER C 130 -70.70 43.50 43.29
C SER C 130 -69.49 44.29 43.80
N LEU C 131 -69.80 45.41 44.44
CA LEU C 131 -68.78 46.29 44.98
C LEU C 131 -69.02 46.53 46.47
N THR C 132 -68.10 47.26 47.09
CA THR C 132 -68.16 47.63 48.50
C THR C 132 -68.39 49.13 48.61
N GLU C 133 -69.15 49.54 49.63
CA GLU C 133 -69.50 50.95 49.78
C GLU C 133 -68.28 51.86 49.79
N ALA C 134 -67.27 51.50 50.60
CA ALA C 134 -66.05 52.29 50.64
C ALA C 134 -65.36 52.29 49.29
N SER C 135 -65.32 51.14 48.62
CA SER C 135 -64.75 51.06 47.28
C SER C 135 -65.53 51.93 46.30
N LEU C 136 -66.86 51.97 46.44
CA LEU C 136 -67.68 52.82 45.58
C LEU C 136 -67.37 54.29 45.80
N GLN C 137 -67.21 54.70 47.06
CA GLN C 137 -66.84 56.09 47.33
C GLN C 137 -65.47 56.41 46.75
N LYS C 138 -64.51 55.50 46.91
CA LYS C 138 -63.18 55.71 46.35
C LYS C 138 -63.24 55.80 44.83
N LEU C 139 -64.06 54.97 44.20
CA LEU C 139 -64.26 55.04 42.76
C LEU C 139 -64.83 56.39 42.34
N GLN C 140 -65.82 56.89 43.08
CA GLN C 140 -66.41 58.18 42.76
C GLN C 140 -65.37 59.29 42.85
N GLU C 141 -64.59 59.30 43.94
CA GLU C 141 -63.56 60.32 44.09
C GLU C 141 -62.50 60.20 42.99
N ARG C 142 -62.11 58.98 42.64
CA ARG C 142 -61.11 58.78 41.60
C ARG C 142 -61.61 59.25 40.25
N ARG C 143 -62.88 58.97 39.93
CA ARG C 143 -63.46 59.45 38.68
C ARG C 143 -63.53 60.97 38.65
N ASP C 144 -63.88 61.59 39.79
CA ASP C 144 -63.88 63.05 39.86
C ASP C 144 -62.49 63.61 39.62
N GLN C 145 -61.47 62.96 40.18
CA GLN C 145 -60.10 63.42 39.93
C GLN C 145 -59.72 63.21 38.47
N GLU C 146 -60.17 62.10 37.87
CA GLU C 146 -59.94 61.85 36.45
C GLU C 146 -60.49 62.99 35.60
N LEU C 147 -61.75 63.35 35.82
CA LEU C 147 -62.36 64.43 35.04
C LEU C 147 -61.78 65.79 35.36
N ARG C 148 -61.02 65.92 36.45
CA ARG C 148 -60.42 67.19 36.83
C ARG C 148 -59.25 67.52 35.92
N ASN D 16 -8.61 58.52 79.53
CA ASN D 16 -8.52 59.58 78.53
C ASN D 16 -7.98 59.04 77.21
N ILE D 17 -8.69 58.08 76.65
CA ILE D 17 -8.30 57.49 75.37
C ILE D 17 -8.49 58.53 74.28
N LYS D 18 -7.42 58.83 73.54
CA LYS D 18 -7.46 59.84 72.51
C LYS D 18 -6.56 59.44 71.34
N ILE D 19 -6.82 60.06 70.20
CA ILE D 19 -6.06 59.86 68.97
C ILE D 19 -5.10 61.03 68.80
N MET D 20 -3.85 60.69 68.44
CA MET D 20 -2.73 61.60 68.30
C MET D 20 -2.28 61.57 66.85
N ARG D 21 -2.10 62.75 66.26
CA ARG D 21 -1.50 62.87 64.93
C ARG D 21 -0.08 63.42 65.10
N LEU D 22 0.90 62.62 64.72
CA LEU D 22 2.30 63.01 64.82
C LEU D 22 2.74 63.72 63.54
N VAL D 23 3.88 64.40 63.64
CA VAL D 23 4.40 65.14 62.49
C VAL D 23 4.80 64.18 61.37
N THR D 24 5.14 62.95 61.69
CA THR D 24 5.55 61.97 60.69
C THR D 24 4.35 61.18 60.15
N CYS D 25 3.31 61.91 59.76
CA CYS D 25 2.08 61.36 59.17
C CYS D 25 1.68 60.04 59.82
N GLU D 26 1.53 60.09 61.14
CA GLU D 26 1.22 58.90 61.93
C GLU D 26 0.02 59.17 62.83
N ASP D 27 -0.87 58.18 62.92
CA ASP D 27 -2.03 58.24 63.80
C ASP D 27 -1.90 57.15 64.85
N ILE D 28 -1.90 57.56 66.12
CA ILE D 28 -1.70 56.62 67.23
C ILE D 28 -2.73 56.89 68.31
N ILE D 29 -3.42 55.85 68.76
CA ILE D 29 -4.42 55.97 69.82
C ILE D 29 -3.81 55.49 71.12
N GLY D 30 -4.14 56.17 72.21
CA GLY D 30 -3.61 55.77 73.51
C GLY D 30 -4.20 56.62 74.61
N ASN D 31 -3.88 56.24 75.84
CA ASN D 31 -4.33 56.97 77.02
C ASN D 31 -3.32 58.07 77.30
N ILE D 32 -3.74 59.33 77.17
CA ILE D 32 -2.82 60.45 77.21
C ILE D 32 -3.07 61.28 78.47
N SER D 33 -2.01 61.91 78.95
CA SER D 33 -2.05 62.86 80.04
C SER D 33 -1.32 64.12 79.59
N GLU D 34 -1.97 65.27 79.75
CA GLU D 34 -1.50 66.53 79.18
C GLU D 34 -0.89 67.40 80.28
N SER D 35 0.31 67.89 80.02
CA SER D 35 1.02 68.83 80.89
C SER D 35 1.26 70.11 80.12
N GLN D 36 1.87 71.10 80.79
CA GLN D 36 1.99 72.44 80.20
C GLN D 36 2.82 72.42 78.93
N GLY D 37 3.88 71.62 78.88
CA GLY D 37 4.75 71.63 77.73
C GLY D 37 4.87 70.29 77.01
N LEU D 38 4.68 69.20 77.75
CA LEU D 38 4.85 67.86 77.22
C LEU D 38 3.65 67.00 77.61
N ILE D 39 3.46 65.90 76.89
CA ILE D 39 2.36 64.99 77.16
C ILE D 39 2.90 63.57 77.27
N THR D 40 2.25 62.77 78.11
CA THR D 40 2.61 61.37 78.29
C THR D 40 1.52 60.50 77.68
N ILE D 41 1.94 59.35 77.14
CA ILE D 41 1.02 58.44 76.47
C ILE D 41 1.29 57.02 76.94
N LYS D 42 0.22 56.25 77.12
CA LYS D 42 0.30 54.86 77.52
C LYS D 42 -0.50 54.01 76.55
N LYS D 43 0.03 52.82 76.26
CA LYS D 43 -0.60 51.84 75.37
C LYS D 43 -0.91 52.44 74.00
N ALA D 44 0.11 53.10 73.43
CA ALA D 44 -0.03 53.67 72.11
C ALA D 44 -0.13 52.57 71.06
N PHE D 45 -0.90 52.85 70.00
CA PHE D 45 -1.08 51.88 68.92
C PHE D 45 -1.23 52.63 67.61
N VAL D 46 -0.36 52.33 66.64
CA VAL D 46 -0.50 52.89 65.30
C VAL D 46 -1.66 52.21 64.59
N ILE D 47 -2.37 53.00 63.78
CA ILE D 47 -3.55 52.54 63.06
C ILE D 47 -3.18 52.43 61.59
N ILE D 48 -3.35 51.24 61.03
CA ILE D 48 -3.09 50.94 59.63
C ILE D 48 -4.43 50.71 58.95
N PRO D 49 -4.82 51.53 57.96
CA PRO D 49 -6.09 51.39 57.24
C PRO D 49 -6.11 50.13 56.37
N LEU D 60 -9.59 48.10 59.96
CA LEU D 60 -8.46 48.76 60.61
C LEU D 60 -7.55 47.74 61.29
N VAL D 61 -6.28 48.09 61.42
CA VAL D 61 -5.29 47.23 62.06
C VAL D 61 -4.57 48.05 63.13
N LEU D 62 -4.44 47.48 64.33
CA LEU D 62 -3.73 48.13 65.43
C LEU D 62 -2.37 47.46 65.61
N CYS D 63 -1.32 48.27 65.64
CA CYS D 63 0.03 47.76 65.80
C CYS D 63 0.71 48.46 66.96
N PRO D 64 1.54 47.77 67.74
CA PRO D 64 2.27 48.44 68.81
C PRO D 64 3.14 49.56 68.27
N TRP D 65 3.12 50.70 68.95
CA TRP D 65 3.85 51.87 68.47
C TRP D 65 5.34 51.71 68.64
N GLN D 66 5.79 51.22 69.80
CA GLN D 66 7.21 51.09 70.12
C GLN D 66 7.46 49.68 70.60
N PRO D 67 7.58 48.71 69.68
CA PRO D 67 7.83 47.33 70.09
C PRO D 67 9.31 47.08 70.34
N TYR D 68 9.95 48.00 71.05
CA TYR D 68 11.37 47.88 71.40
C TYR D 68 11.65 48.25 72.84
N THR D 69 10.70 48.83 73.57
CA THR D 69 10.90 49.27 74.94
C THR D 69 9.88 48.61 75.86
N ASP D 70 10.25 48.50 77.13
CA ASP D 70 9.38 47.95 78.16
C ASP D 70 8.78 49.04 79.05
N ASP D 71 8.98 50.32 78.69
CA ASP D 71 8.47 51.40 79.51
C ASP D 71 6.95 51.45 79.46
N LYS D 72 6.33 51.77 80.60
CA LYS D 72 4.88 51.82 80.66
C LYS D 72 4.33 53.03 79.93
N GLU D 73 5.02 54.17 80.01
CA GLU D 73 4.55 55.41 79.41
C GLU D 73 5.68 56.07 78.62
N ILE D 74 5.30 56.84 77.60
CA ILE D 74 6.25 57.53 76.74
C ILE D 74 5.93 59.02 76.79
N VAL D 75 6.95 59.84 77.03
CA VAL D 75 6.80 61.29 77.09
C VAL D 75 7.17 61.87 75.73
N ILE D 76 6.48 62.93 75.33
CA ILE D 76 6.72 63.56 74.03
C ILE D 76 6.35 65.03 74.11
N ASP D 77 7.18 65.87 73.48
CA ASP D 77 6.94 67.30 73.47
C ASP D 77 5.71 67.65 72.65
N ASP D 78 5.02 68.71 73.06
CA ASP D 78 3.81 69.14 72.37
C ASP D 78 4.09 69.85 71.06
N SER D 79 5.33 70.24 70.80
CA SER D 79 5.65 70.90 69.54
C SER D 79 5.58 69.95 68.35
N LYS D 80 5.61 68.65 68.59
CA LYS D 80 5.49 67.65 67.54
C LYS D 80 4.05 67.14 67.39
N VAL D 81 3.08 67.93 67.83
CA VAL D 81 1.66 67.57 67.81
C VAL D 81 1.00 68.25 66.63
N ILE D 82 0.21 67.50 65.88
CA ILE D 82 -0.57 68.06 64.79
C ILE D 82 -2.01 68.23 65.28
N THR D 83 -2.66 67.12 65.64
CA THR D 83 -4.02 67.15 66.17
C THR D 83 -4.18 66.16 67.31
N ILE D 84 -4.94 66.56 68.32
CA ILE D 84 -5.42 65.67 69.38
C ILE D 84 -6.93 65.58 69.23
N THR D 85 -7.48 64.37 69.35
CA THR D 85 -8.91 64.24 69.15
C THR D 85 -9.46 63.07 69.94
N SER D 86 -10.78 63.07 70.13
CA SER D 86 -11.48 62.00 70.82
C SER D 86 -12.01 60.99 69.82
N PRO D 87 -11.68 59.72 69.93
CA PRO D 87 -12.10 58.73 68.92
C PRO D 87 -13.57 58.35 69.11
N LYS D 88 -14.03 57.47 68.21
CA LYS D 88 -15.38 56.96 68.26
C LYS D 88 -15.49 55.83 69.28
N ASP D 89 -16.73 55.44 69.59
CA ASP D 89 -16.95 54.38 70.57
C ASP D 89 -16.46 53.03 70.05
N ASP D 90 -16.65 52.76 68.76
CA ASP D 90 -16.20 51.49 68.21
C ASP D 90 -14.69 51.35 68.30
N ILE D 91 -13.96 52.44 68.02
CA ILE D 91 -12.50 52.41 68.12
C ILE D 91 -12.06 52.15 69.55
N ILE D 92 -12.73 52.80 70.51
CA ILE D 92 -12.38 52.60 71.91
C ILE D 92 -12.64 51.15 72.32
N LYS D 93 -13.77 50.59 71.88
CA LYS D 93 -14.08 49.19 72.19
C LYS D 93 -13.03 48.25 71.61
N SER D 94 -12.64 48.49 70.35
CA SER D 94 -11.61 47.65 69.73
C SER D 94 -10.29 47.77 70.46
N TYR D 95 -9.92 48.98 70.86
CA TYR D 95 -8.68 49.20 71.61
C TYR D 95 -8.71 48.46 72.95
N GLU D 96 -9.83 48.53 73.66
CA GLU D 96 -9.97 47.81 74.93
C GLU D 96 -9.86 46.30 74.71
N SER D 97 -10.54 45.78 73.68
CA SER D 97 -10.48 44.35 73.41
C SER D 97 -9.05 43.91 73.07
N HIS D 98 -8.36 44.71 72.26
CA HIS D 98 -6.99 44.38 71.89
C HIS D 98 -6.08 44.34 73.13
N THR D 99 -6.18 45.35 73.99
CA THR D 99 -5.34 45.37 75.19
C THR D 99 -5.65 44.19 76.09
N ARG D 100 -6.93 43.89 76.28
CA ARG D 100 -7.31 42.76 77.14
C ARG D 100 -6.78 41.44 76.58
N VAL D 101 -6.89 41.25 75.26
CA VAL D 101 -6.38 40.02 74.66
C VAL D 101 -4.88 39.92 74.83
N LEU D 102 -4.16 41.03 74.64
CA LEU D 102 -2.71 41.00 74.81
C LEU D 102 -2.33 40.64 76.24
N GLU D 103 -3.02 41.22 77.22
CA GLU D 103 -2.70 40.93 78.62
C GLU D 103 -3.00 39.48 78.96
N ASN D 104 -4.11 38.94 78.43
CA ASN D 104 -4.44 37.54 78.67
C ASN D 104 -3.38 36.63 78.05
N LYS D 105 -2.91 36.96 76.85
CA LYS D 105 -1.84 36.17 76.24
C LYS D 105 -0.58 36.22 77.09
N GLN D 106 -0.25 37.40 77.62
CA GLN D 106 0.95 37.53 78.45
C GLN D 106 0.85 36.67 79.70
N VAL D 107 -0.30 36.72 80.38
CA VAL D 107 -0.42 35.95 81.63
C VAL D 107 -0.44 34.45 81.33
N GLU D 108 -1.05 34.04 80.22
CA GLU D 108 -1.01 32.63 79.84
C GLU D 108 0.41 32.17 79.56
N GLU D 109 1.20 33.00 78.86
CA GLU D 109 2.58 32.65 78.60
C GLU D 109 3.38 32.55 79.90
N ILE D 110 3.11 33.46 80.85
CA ILE D 110 3.80 33.41 82.14
C ILE D 110 3.48 32.10 82.86
N LEU D 111 2.22 31.68 82.85
CA LEU D 111 1.84 30.42 83.49
C LEU D 111 2.52 29.24 82.81
N ARG D 112 2.54 29.24 81.47
CA ARG D 112 3.19 28.16 80.74
C ARG D 112 4.67 28.08 81.11
N LEU D 113 5.34 29.22 81.20
CA LEU D 113 6.75 29.23 81.57
C LEU D 113 6.95 28.74 82.99
N GLU D 114 6.05 29.12 83.91
CA GLU D 114 6.08 28.59 85.27
C GLU D 114 6.08 27.06 85.25
N LYS D 115 5.12 26.48 84.54
CA LYS D 115 5.01 25.02 84.51
C LYS D 115 6.25 24.40 83.89
N GLU D 116 6.74 24.97 82.79
CA GLU D 116 7.90 24.40 82.11
C GLU D 116 9.14 24.44 82.99
N ILE D 117 9.39 25.57 83.66
CA ILE D 117 10.59 25.67 84.48
C ILE D 117 10.49 24.75 85.69
N GLU D 118 9.29 24.61 86.26
CA GLU D 118 9.12 23.68 87.38
C GLU D 118 9.43 22.25 86.96
N ASP D 119 8.88 21.83 85.81
CA ASP D 119 9.12 20.47 85.34
C ASP D 119 10.60 20.26 85.06
N LEU D 120 11.24 21.23 84.39
CA LEU D 120 12.65 21.09 84.07
C LEU D 120 13.51 20.99 85.33
N GLN D 121 13.22 21.84 86.32
CA GLN D 121 13.99 21.81 87.56
C GLN D 121 13.81 20.47 88.28
N ARG D 122 12.58 19.96 88.33
CA ARG D 122 12.36 18.68 89.00
C ARG D 122 13.11 17.55 88.31
N MET D 123 13.03 17.50 86.99
CA MET D 123 13.69 16.42 86.27
C MET D 123 15.21 16.55 86.38
N LYS D 124 15.73 17.77 86.36
CA LYS D 124 17.16 17.99 86.53
C LYS D 124 17.63 17.54 87.90
N GLU D 125 16.85 17.84 88.95
CA GLU D 125 17.20 17.39 90.29
C GLU D 125 17.18 15.87 90.36
N GLN D 126 16.19 15.24 89.73
CA GLN D 126 16.16 13.78 89.69
C GLN D 126 17.40 13.22 89.01
N GLN D 127 17.82 13.82 87.90
CA GLN D 127 19.03 13.38 87.22
C GLN D 127 20.25 13.56 88.12
N GLU D 128 20.32 14.69 88.83
CA GLU D 128 21.46 14.94 89.71
C GLU D 128 21.52 13.94 90.86
N LEU D 129 20.36 13.48 91.33
CA LEU D 129 20.36 12.57 92.47
C LEU D 129 21.10 11.27 92.17
N SER D 130 20.89 10.70 90.99
CA SER D 130 21.49 9.41 90.63
C SER D 130 22.86 9.63 89.97
N LEU D 131 23.80 10.10 90.78
CA LEU D 131 25.16 10.38 90.31
C LEU D 131 26.17 9.64 91.17
N THR D 132 27.44 9.75 90.79
CA THR D 132 28.56 9.14 91.47
C THR D 132 29.40 10.24 92.11
N GLU D 133 29.97 9.94 93.28
CA GLU D 133 30.72 10.95 94.03
C GLU D 133 31.84 11.58 93.19
N ALA D 134 32.63 10.74 92.51
CA ALA D 134 33.69 11.27 91.65
C ALA D 134 33.11 12.09 90.51
N SER D 135 32.00 11.63 89.93
CA SER D 135 31.33 12.39 88.88
C SER D 135 30.82 13.72 89.43
N LEU D 136 30.32 13.73 90.67
CA LEU D 136 29.85 14.97 91.28
C LEU D 136 31.01 15.95 91.47
N GLN D 137 32.16 15.45 91.93
CA GLN D 137 33.32 16.33 92.07
C GLN D 137 33.76 16.87 90.72
N LYS D 138 33.78 16.03 89.69
CA LYS D 138 34.14 16.48 88.35
C LYS D 138 33.15 17.52 87.85
N LEU D 139 31.87 17.32 88.12
CA LEU D 139 30.85 18.31 87.75
C LEU D 139 31.10 19.63 88.45
N GLN D 140 31.42 19.59 89.74
CA GLN D 140 31.68 20.83 90.47
C GLN D 140 32.88 21.58 89.89
N GLU D 141 33.97 20.85 89.61
CA GLU D 141 35.14 21.49 89.03
C GLU D 141 34.83 22.05 87.63
N ARG D 142 34.07 21.30 86.83
CA ARG D 142 33.72 21.76 85.50
C ARG D 142 32.85 23.02 85.54
N ARG D 143 31.89 23.06 86.47
CA ARG D 143 31.07 24.27 86.62
C ARG D 143 31.91 25.45 87.07
N ASP D 144 32.86 25.21 87.98
CA ASP D 144 33.75 26.29 88.40
C ASP D 144 34.57 26.80 87.22
N GLN D 145 35.04 25.91 86.36
CA GLN D 145 35.77 26.34 85.17
C GLN D 145 34.85 27.10 84.22
N GLU D 146 33.60 26.65 84.09
CA GLU D 146 32.61 27.36 83.27
C GLU D 146 32.44 28.80 83.73
N LEU D 147 32.22 29.00 85.03
CA LEU D 147 32.05 30.36 85.55
C LEU D 147 33.33 31.17 85.52
N ARG D 148 34.48 30.53 85.30
CA ARG D 148 35.75 31.24 85.25
C ARG D 148 35.89 32.02 83.95
N ASN E 16 83.22 -5.19 53.58
CA ASN E 16 83.21 -3.74 53.40
C ASN E 16 82.27 -3.34 52.28
N ILE E 17 80.99 -3.69 52.43
CA ILE E 17 79.98 -3.34 51.45
C ILE E 17 79.77 -1.84 51.46
N LYS E 18 79.95 -1.20 50.31
CA LYS E 18 79.84 0.25 50.21
C LYS E 18 79.24 0.63 48.86
N ILE E 19 78.71 1.86 48.81
CA ILE E 19 78.13 2.44 47.62
C ILE E 19 79.14 3.41 47.00
N MET E 20 79.27 3.31 45.68
CA MET E 20 80.23 4.04 44.88
C MET E 20 79.46 4.91 43.90
N ARG E 21 79.83 6.19 43.81
CA ARG E 21 79.30 7.10 42.81
C ARG E 21 80.38 7.35 41.77
N LEU E 22 80.13 6.92 40.54
CA LEU E 22 81.06 7.09 39.44
C LEU E 22 80.83 8.43 38.75
N VAL E 23 81.82 8.84 37.96
CA VAL E 23 81.72 10.11 37.24
C VAL E 23 80.59 10.08 36.21
N THR E 24 80.25 8.89 35.71
CA THR E 24 79.20 8.77 34.70
C THR E 24 77.83 8.56 35.35
N CYS E 25 77.50 9.42 36.32
CA CYS E 25 76.22 9.44 37.02
C CYS E 25 75.70 8.02 37.29
N GLU E 26 76.54 7.23 37.94
CA GLU E 26 76.24 5.82 38.21
C GLU E 26 76.44 5.51 39.69
N ASP E 27 75.52 4.74 40.25
CA ASP E 27 75.59 4.29 41.63
C ASP E 27 75.73 2.77 41.64
N ILE E 28 76.81 2.27 42.23
CA ILE E 28 77.10 0.84 42.24
C ILE E 28 77.49 0.42 43.65
N ILE E 29 76.87 -0.64 44.15
CA ILE E 29 77.18 -1.17 45.47
C ILE E 29 78.05 -2.40 45.31
N GLY E 30 79.03 -2.56 46.19
CA GLY E 30 79.91 -3.71 46.13
C GLY E 30 80.86 -3.74 47.30
N ASN E 31 81.62 -4.83 47.39
CA ASN E 31 82.62 -4.99 48.43
C ASN E 31 83.91 -4.38 47.92
N ILE E 32 84.36 -3.31 48.58
CA ILE E 32 85.47 -2.52 48.08
C ILE E 32 86.67 -2.66 49.00
N SER E 33 87.86 -2.54 48.40
CA SER E 33 89.13 -2.50 49.11
C SER E 33 89.90 -1.28 48.63
N GLU E 34 90.38 -0.46 49.57
CA GLU E 34 90.94 0.84 49.27
C GLU E 34 92.46 0.78 49.38
N SER E 35 93.13 1.27 48.33
CA SER E 35 94.58 1.39 48.30
C SER E 35 94.94 2.87 48.12
N GLN E 36 96.24 3.17 48.10
CA GLN E 36 96.68 4.56 48.12
C GLN E 36 96.21 5.33 46.89
N GLY E 37 96.20 4.69 45.71
CA GLY E 37 95.83 5.38 44.50
C GLY E 37 94.64 4.81 43.77
N LEU E 38 94.41 3.51 43.94
CA LEU E 38 93.34 2.81 43.24
C LEU E 38 92.55 1.96 44.22
N ILE E 39 91.35 1.58 43.83
CA ILE E 39 90.49 0.75 44.66
C ILE E 39 89.98 -0.44 43.85
N THR E 40 89.77 -1.55 44.54
CA THR E 40 89.25 -2.76 43.94
C THR E 40 87.82 -2.98 44.43
N ILE E 41 86.99 -3.54 43.55
CA ILE E 41 85.58 -3.77 43.87
C ILE E 41 85.20 -5.18 43.44
N LYS E 42 84.37 -5.84 44.25
CA LYS E 42 83.87 -7.16 43.97
C LYS E 42 82.35 -7.16 44.08
N LYS E 43 81.71 -7.92 43.19
CA LYS E 43 80.25 -8.08 43.16
C LYS E 43 79.56 -6.73 43.05
N ALA E 44 80.02 -5.91 42.11
CA ALA E 44 79.41 -4.61 41.87
C ALA E 44 78.01 -4.79 41.26
N PHE E 45 77.11 -3.88 41.61
CA PHE E 45 75.76 -3.91 41.10
C PHE E 45 75.23 -2.50 40.93
N VAL E 46 74.82 -2.16 39.71
CA VAL E 46 74.19 -0.87 39.46
C VAL E 46 72.78 -0.88 40.04
N ILE E 47 72.37 0.29 40.55
CA ILE E 47 71.07 0.45 41.20
C ILE E 47 70.20 1.28 40.28
N ILE E 48 69.06 0.73 39.90
CA ILE E 48 68.07 1.38 39.05
C ILE E 48 66.85 1.71 39.91
N PRO E 49 66.50 2.99 40.09
CA PRO E 49 65.34 3.39 40.90
C PRO E 49 64.02 2.99 40.26
N LEU E 60 63.62 -0.69 44.19
CA LEU E 60 64.96 -0.65 43.60
C LEU E 60 65.25 -1.92 42.80
N VAL E 61 66.12 -1.80 41.81
CA VAL E 61 66.51 -2.92 40.96
C VAL E 61 68.03 -3.00 40.96
N LEU E 62 68.56 -4.20 41.15
CA LEU E 62 70.00 -4.44 41.12
C LEU E 62 70.36 -5.14 39.81
N CYS E 63 71.35 -4.59 39.11
CA CYS E 63 71.77 -5.15 37.84
C CYS E 63 73.29 -5.38 37.86
N PRO E 64 73.78 -6.46 37.25
CA PRO E 64 75.22 -6.66 37.19
C PRO E 64 75.92 -5.49 36.51
N TRP E 65 77.03 -5.06 37.09
CA TRP E 65 77.73 -3.88 36.57
C TRP E 65 78.44 -4.19 35.26
N GLN E 66 79.13 -5.32 35.19
CA GLN E 66 79.92 -5.69 34.02
C GLN E 66 79.55 -7.10 33.61
N PRO E 67 78.43 -7.26 32.90
CA PRO E 67 78.01 -8.60 32.48
C PRO E 67 78.71 -9.03 31.20
N TYR E 68 80.02 -8.79 31.14
CA TYR E 68 80.85 -9.18 30.00
C TYR E 68 82.16 -9.84 30.40
N THR E 69 82.54 -9.80 31.67
CA THR E 69 83.79 -10.35 32.14
C THR E 69 83.55 -11.39 33.22
N ASP E 70 84.51 -12.31 33.36
CA ASP E 70 84.48 -13.34 34.38
C ASP E 70 85.42 -13.03 35.54
N ASP E 71 86.03 -11.84 35.55
CA ASP E 71 86.97 -11.50 36.61
C ASP E 71 86.25 -11.36 37.94
N LYS E 72 86.92 -11.80 39.01
CA LYS E 72 86.32 -11.73 40.34
C LYS E 72 86.28 -10.30 40.86
N GLU E 73 87.31 -9.51 40.57
CA GLU E 73 87.42 -8.16 41.08
C GLU E 73 87.80 -7.21 39.95
N ILE E 74 87.40 -5.95 40.10
CA ILE E 74 87.66 -4.91 39.11
C ILE E 74 88.41 -3.77 39.80
N VAL E 75 89.52 -3.35 39.20
CA VAL E 75 90.33 -2.27 39.74
C VAL E 75 89.94 -0.97 39.04
N ILE E 76 89.97 0.14 39.77
CA ILE E 76 89.57 1.43 39.23
C ILE E 76 90.32 2.53 39.97
N ASP E 77 90.77 3.53 39.22
CA ASP E 77 91.49 4.65 39.79
C ASP E 77 90.57 5.50 40.66
N ASP E 78 91.14 6.09 41.71
CA ASP E 78 90.37 6.93 42.62
C ASP E 78 90.03 8.29 42.06
N SER E 79 90.67 8.70 40.96
CA SER E 79 90.37 9.99 40.35
C SER E 79 88.98 10.03 39.72
N LYS E 80 88.40 8.86 39.44
CA LYS E 80 87.05 8.77 38.89
C LYS E 80 86.00 8.55 39.96
N VAL E 81 86.30 8.93 41.20
CA VAL E 81 85.42 8.72 42.35
C VAL E 81 84.73 10.03 42.67
N ILE E 82 83.41 9.97 42.88
CA ILE E 82 82.64 11.14 43.30
C ILE E 82 82.41 11.02 44.79
N THR E 83 81.70 9.98 45.23
CA THR E 83 81.45 9.73 46.64
C THR E 83 81.56 8.25 46.96
N ILE E 84 82.11 7.96 48.13
CA ILE E 84 82.09 6.63 48.73
C ILE E 84 81.23 6.72 49.98
N THR E 85 80.35 5.74 50.19
CA THR E 85 79.48 5.84 51.35
C THR E 85 79.07 4.46 51.83
N SER E 86 78.58 4.41 53.07
CA SER E 86 78.10 3.18 53.67
C SER E 86 76.60 3.07 53.50
N PRO E 87 76.08 2.00 52.91
CA PRO E 87 74.65 1.91 52.65
C PRO E 87 73.86 1.57 53.91
N LYS E 88 72.54 1.49 53.75
CA LYS E 88 71.65 1.12 54.83
C LYS E 88 71.62 -0.40 55.02
N ASP E 89 71.02 -0.83 56.14
CA ASP E 89 70.95 -2.25 56.44
C ASP E 89 70.05 -2.99 55.45
N ASP E 90 68.94 -2.37 55.04
CA ASP E 90 68.04 -3.01 54.10
C ASP E 90 68.72 -3.25 52.77
N ILE E 91 69.51 -2.27 52.29
CA ILE E 91 70.22 -2.43 51.03
C ILE E 91 71.24 -3.56 51.12
N ILE E 92 71.95 -3.64 52.26
CA ILE E 92 72.93 -4.71 52.45
C ILE E 92 72.24 -6.07 52.44
N LYS E 93 71.09 -6.16 53.12
CA LYS E 93 70.35 -7.41 53.16
C LYS E 93 69.89 -7.82 51.77
N SER E 94 69.37 -6.86 50.98
CA SER E 94 68.95 -7.16 49.63
C SER E 94 70.12 -7.60 48.76
N TYR E 95 71.27 -6.94 48.92
CA TYR E 95 72.46 -7.31 48.17
C TYR E 95 72.90 -8.74 48.50
N GLU E 96 72.91 -9.08 49.80
CA GLU E 96 73.27 -10.43 50.21
C GLU E 96 72.30 -11.46 49.64
N SER E 97 71.00 -11.18 49.71
CA SER E 97 70.01 -12.11 49.18
C SER E 97 70.19 -12.30 47.67
N HIS E 98 70.43 -11.20 46.95
CA HIS E 98 70.64 -11.28 45.51
C HIS E 98 71.84 -12.15 45.17
N THR E 99 72.97 -11.91 45.86
CA THR E 99 74.16 -12.70 45.58
C THR E 99 73.94 -14.18 45.89
N ARG E 100 73.30 -14.46 47.03
CA ARG E 100 73.04 -15.86 47.39
C ARG E 100 72.15 -16.54 46.36
N VAL E 101 71.10 -15.85 45.90
CA VAL E 101 70.21 -16.43 44.89
C VAL E 101 70.97 -16.69 43.61
N LEU E 102 71.82 -15.75 43.18
CA LEU E 102 72.59 -15.96 41.96
C LEU E 102 73.51 -17.16 42.08
N GLU E 103 74.19 -17.30 43.22
CA GLU E 103 75.10 -18.43 43.40
C GLU E 103 74.34 -19.75 43.42
N ASN E 104 73.17 -19.77 44.06
CA ASN E 104 72.35 -20.98 44.07
C ASN E 104 71.90 -21.35 42.66
N LYS E 105 71.50 -20.35 41.87
CA LYS E 105 71.14 -20.62 40.48
C LYS E 105 72.31 -21.19 39.70
N GLN E 106 73.51 -20.63 39.92
CA GLN E 106 74.69 -21.12 39.22
C GLN E 106 74.99 -22.58 39.56
N VAL E 107 74.93 -22.92 40.85
CA VAL E 107 75.26 -24.29 41.25
C VAL E 107 74.18 -25.26 40.74
N GLU E 108 72.92 -24.84 40.75
CA GLU E 108 71.85 -25.68 40.20
C GLU E 108 72.06 -25.93 38.72
N GLU E 109 72.44 -24.88 37.97
CA GLU E 109 72.72 -25.06 36.55
C GLU E 109 73.89 -26.00 36.33
N ILE E 110 74.91 -25.89 37.16
CA ILE E 110 76.07 -26.79 37.04
C ILE E 110 75.65 -28.24 37.25
N LEU E 111 74.82 -28.49 38.26
CA LEU E 111 74.33 -29.84 38.50
C LEU E 111 73.50 -30.36 37.34
N ARG E 112 72.63 -29.50 36.81
CA ARG E 112 71.81 -29.90 35.66
C ARG E 112 72.69 -30.28 34.48
N LEU E 113 73.72 -29.49 34.21
CA LEU E 113 74.62 -29.79 33.11
C LEU E 113 75.39 -31.08 33.36
N GLU E 114 75.81 -31.33 34.61
CA GLU E 114 76.41 -32.60 34.96
C GLU E 114 75.52 -33.77 34.55
N LYS E 115 74.26 -33.71 34.99
CA LYS E 115 73.34 -34.81 34.68
C LYS E 115 73.14 -34.96 33.18
N GLU E 116 72.96 -33.85 32.48
CA GLU E 116 72.71 -33.90 31.05
C GLU E 116 73.90 -34.49 30.29
N ILE E 117 75.11 -34.06 30.62
CA ILE E 117 76.28 -34.56 29.90
C ILE E 117 76.50 -36.04 30.23
N GLU E 118 76.25 -36.45 31.47
CA GLU E 118 76.38 -37.86 31.80
C GLU E 118 75.40 -38.71 30.99
N ASP E 119 74.14 -38.28 30.94
CA ASP E 119 73.14 -39.04 30.18
C ASP E 119 73.52 -39.10 28.70
N LEU E 120 73.93 -37.96 28.13
CA LEU E 120 74.29 -37.94 26.72
C LEU E 120 75.47 -38.85 26.43
N GLN E 121 76.50 -38.82 27.29
CA GLN E 121 77.66 -39.67 27.07
C GLN E 121 77.28 -41.15 27.16
N ARG E 122 76.45 -41.51 28.13
CA ARG E 122 76.05 -42.91 28.26
C ARG E 122 75.28 -43.37 27.03
N MET E 123 74.32 -42.57 26.57
CA MET E 123 73.52 -42.98 25.42
C MET E 123 74.37 -43.03 24.16
N LYS E 124 75.31 -42.09 24.02
CA LYS E 124 76.21 -42.10 22.87
C LYS E 124 77.09 -43.35 22.87
N GLU E 125 77.60 -43.74 24.05
CA GLU E 125 78.39 -44.96 24.13
C GLU E 125 77.55 -46.18 23.77
N GLN E 126 76.30 -46.22 24.23
CA GLN E 126 75.41 -47.31 23.87
C GLN E 126 75.21 -47.38 22.36
N GLN E 127 75.00 -46.23 21.73
CA GLN E 127 74.86 -46.19 20.28
C GLN E 127 76.13 -46.68 19.58
N GLU E 128 77.29 -46.27 20.09
CA GLU E 128 78.56 -46.69 19.50
C GLU E 128 78.77 -48.19 19.62
N LEU E 129 78.27 -48.80 20.70
CA LEU E 129 78.50 -50.22 20.91
C LEU E 129 77.90 -51.07 19.79
N SER E 130 76.68 -50.74 19.37
CA SER E 130 75.97 -51.54 18.37
C SER E 130 76.28 -51.01 16.97
N LEU E 131 77.54 -51.21 16.56
CA LEU E 131 78.02 -50.76 15.27
C LEU E 131 78.63 -51.94 14.50
N THR E 132 79.02 -51.67 13.26
CA THR E 132 79.64 -52.63 12.38
C THR E 132 81.09 -52.23 12.15
N GLU E 133 81.97 -53.23 12.02
CA GLU E 133 83.41 -52.98 11.91
C GLU E 133 83.73 -52.01 10.77
N ALA E 134 83.16 -52.26 9.59
CA ALA E 134 83.37 -51.36 8.46
C ALA E 134 82.83 -49.97 8.75
N SER E 135 81.65 -49.91 9.38
CA SER E 135 81.10 -48.61 9.77
C SER E 135 81.99 -47.92 10.78
N LEU E 136 82.60 -48.67 11.70
CA LEU E 136 83.51 -48.09 12.67
C LEU E 136 84.74 -47.51 11.99
N GLN E 137 85.30 -48.24 11.02
CA GLN E 137 86.43 -47.71 10.27
C GLN E 137 86.05 -46.45 9.50
N LYS E 138 84.88 -46.45 8.87
CA LYS E 138 84.42 -45.28 8.16
C LYS E 138 84.23 -44.10 9.11
N LEU E 139 83.70 -44.35 10.30
CA LEU E 139 83.56 -43.32 11.31
C LEU E 139 84.92 -42.75 11.71
N GLN E 140 85.90 -43.63 11.91
CA GLN E 140 87.23 -43.16 12.29
C GLN E 140 87.83 -42.27 11.20
N GLU E 141 87.73 -42.71 9.94
CA GLU E 141 88.25 -41.89 8.84
C GLU E 141 87.50 -40.56 8.73
N ARG E 142 86.18 -40.59 8.90
CA ARG E 142 85.39 -39.37 8.80
C ARG E 142 85.76 -38.39 9.92
N ARG E 143 85.96 -38.89 11.14
CA ARG E 143 86.37 -38.03 12.24
C ARG E 143 87.75 -37.44 11.98
N ASP E 144 88.66 -38.25 11.43
CA ASP E 144 89.98 -37.73 11.08
C ASP E 144 89.88 -36.63 10.04
N GLN E 145 89.00 -36.80 9.06
CA GLN E 145 88.80 -35.74 8.07
C GLN E 145 88.17 -34.50 8.71
N GLU E 146 87.25 -34.70 9.66
CA GLU E 146 86.66 -33.59 10.39
C GLU E 146 87.73 -32.77 11.10
N LEU E 147 88.61 -33.43 11.84
CA LEU E 147 89.66 -32.71 12.56
C LEU E 147 90.70 -32.13 11.62
N ARG E 148 90.72 -32.53 10.37
CA ARG E 148 91.69 -32.02 9.40
C ARG E 148 91.34 -30.60 8.99
N ASN F 16 23.92 93.93 -20.72
CA ASN F 16 24.39 93.34 -21.97
C ASN F 16 24.54 91.83 -21.85
N ILE F 17 23.43 91.16 -21.52
CA ILE F 17 23.43 89.71 -21.39
C ILE F 17 23.64 89.09 -22.77
N LYS F 18 24.67 88.26 -22.91
CA LYS F 18 25.01 87.65 -24.18
C LYS F 18 25.54 86.25 -23.96
N ILE F 19 25.50 85.46 -25.03
CA ILE F 19 26.01 84.10 -25.06
C ILE F 19 27.37 84.09 -25.75
N MET F 20 28.30 83.37 -25.14
CA MET F 20 29.69 83.27 -25.53
C MET F 20 29.98 81.82 -25.91
N ARG F 21 30.62 81.62 -27.06
CA ARG F 21 31.10 80.31 -27.46
C ARG F 21 32.62 80.30 -27.32
N LEU F 22 33.13 79.47 -26.43
CA LEU F 22 34.56 79.35 -26.20
C LEU F 22 35.17 78.31 -27.13
N VAL F 23 36.50 78.35 -27.23
CA VAL F 23 37.21 77.41 -28.10
C VAL F 23 37.05 75.98 -27.60
N THR F 24 36.84 75.80 -26.30
CA THR F 24 36.70 74.46 -25.73
C THR F 24 35.25 74.00 -25.74
N CYS F 25 34.60 74.13 -26.89
CA CYS F 25 33.22 73.69 -27.13
C CYS F 25 32.32 73.95 -25.92
N GLU F 26 32.31 75.21 -25.49
CA GLU F 26 31.57 75.62 -24.30
C GLU F 26 30.69 76.81 -24.62
N ASP F 27 29.47 76.79 -24.09
CA ASP F 27 28.51 77.88 -24.24
C ASP F 27 28.23 78.46 -22.86
N ILE F 28 28.50 79.75 -22.69
CA ILE F 28 28.35 80.41 -21.40
C ILE F 28 27.63 81.74 -21.59
N ILE F 29 26.59 81.97 -20.80
CA ILE F 29 25.82 83.21 -20.85
C ILE F 29 26.25 84.11 -19.70
N GLY F 30 26.35 85.40 -19.97
CA GLY F 30 26.74 86.33 -18.93
C GLY F 30 26.65 87.76 -19.42
N ASN F 31 26.87 88.68 -18.49
CA ASN F 31 26.88 90.11 -18.80
C ASN F 31 28.30 90.48 -19.23
N ILE F 32 28.45 90.87 -20.49
CA ILE F 32 29.78 91.06 -21.07
C ILE F 32 30.00 92.54 -21.37
N SER F 33 31.27 92.93 -21.30
CA SER F 33 31.74 94.26 -21.68
C SER F 33 32.91 94.08 -22.64
N GLU F 34 32.84 94.77 -23.78
CA GLU F 34 33.77 94.55 -24.88
C GLU F 34 34.77 95.68 -24.95
N SER F 35 36.06 95.33 -25.01
CA SER F 35 37.16 96.26 -25.18
C SER F 35 37.89 95.91 -26.48
N GLN F 36 38.92 96.71 -26.79
CA GLN F 36 39.56 96.58 -28.10
C GLN F 36 40.21 95.21 -28.28
N GLY F 37 40.80 94.66 -27.22
CA GLY F 37 41.50 93.39 -27.36
C GLY F 37 40.97 92.28 -26.48
N LEU F 38 40.37 92.64 -25.35
CA LEU F 38 39.89 91.68 -24.37
C LEU F 38 38.47 92.04 -23.96
N ILE F 39 37.77 91.06 -23.39
CA ILE F 39 36.40 91.28 -22.93
C ILE F 39 36.28 90.78 -21.50
N THR F 40 35.40 91.45 -20.74
CA THR F 40 35.11 91.07 -19.37
C THR F 40 33.72 90.47 -19.29
N ILE F 41 33.54 89.52 -18.39
CA ILE F 41 32.27 88.82 -18.23
C ILE F 41 31.93 88.73 -16.76
N LYS F 42 30.65 88.89 -16.45
CA LYS F 42 30.13 88.78 -15.09
C LYS F 42 28.97 87.80 -15.06
N LYS F 43 28.90 87.02 -13.98
CA LYS F 43 27.84 86.04 -13.76
C LYS F 43 27.74 85.06 -14.93
N ALA F 44 28.88 84.52 -15.31
CA ALA F 44 28.91 83.52 -16.37
C ALA F 44 28.27 82.22 -15.90
N PHE F 45 27.61 81.53 -16.84
CA PHE F 45 26.95 80.26 -16.53
C PHE F 45 27.04 79.35 -17.73
N VAL F 46 27.62 78.16 -17.54
CA VAL F 46 27.65 77.15 -18.58
C VAL F 46 26.25 76.56 -18.74
N ILE F 47 25.90 76.24 -19.99
CA ILE F 47 24.60 75.70 -20.34
C ILE F 47 24.76 74.23 -20.69
N ILE F 48 24.05 73.38 -19.96
CA ILE F 48 24.05 71.93 -20.18
C ILE F 48 22.70 71.54 -20.77
N PRO F 49 22.64 71.01 -21.99
CA PRO F 49 21.38 70.59 -22.63
C PRO F 49 20.74 69.40 -21.93
N LEU F 60 17.01 72.85 -20.13
CA LEU F 60 18.36 73.38 -20.00
C LEU F 60 18.78 73.47 -18.53
N VAL F 61 20.08 73.39 -18.29
CA VAL F 61 20.63 73.47 -16.95
C VAL F 61 21.71 74.54 -16.94
N LEU F 62 21.67 75.42 -15.94
CA LEU F 62 22.66 76.47 -15.77
C LEU F 62 23.61 76.10 -14.63
N CYS F 63 24.91 76.15 -14.90
CA CYS F 63 25.90 75.80 -13.90
C CYS F 63 26.91 76.93 -13.77
N PRO F 64 27.40 77.22 -12.56
CA PRO F 64 28.44 78.25 -12.43
C PRO F 64 29.67 77.91 -13.25
N TRP F 65 30.20 78.92 -13.94
CA TRP F 65 31.33 78.69 -14.84
C TRP F 65 32.60 78.43 -14.07
N GLN F 66 32.88 79.23 -13.04
CA GLN F 66 34.11 79.15 -12.26
C GLN F 66 33.76 79.06 -10.79
N PRO F 67 33.37 77.88 -10.31
CA PRO F 67 33.03 77.75 -8.89
C PRO F 67 34.25 77.55 -8.02
N TYR F 68 35.29 78.34 -8.28
CA TYR F 68 36.52 78.29 -7.51
C TYR F 68 37.05 79.66 -7.13
N THR F 69 36.51 80.75 -7.69
CA THR F 69 36.98 82.09 -7.43
C THR F 69 35.83 82.96 -6.90
N ASP F 70 36.22 83.99 -6.17
CA ASP F 70 35.28 84.97 -5.64
C ASP F 70 35.29 86.27 -6.42
N ASP F 71 36.01 86.32 -7.54
CA ASP F 71 36.08 87.54 -8.33
C ASP F 71 34.73 87.87 -8.95
N LYS F 72 34.41 89.16 -9.01
CA LYS F 72 33.13 89.58 -9.57
C LYS F 72 33.12 89.44 -11.10
N GLU F 73 34.25 89.72 -11.75
CA GLU F 73 34.33 89.68 -13.21
C GLU F 73 35.57 88.91 -13.64
N ILE F 74 35.49 88.33 -14.82
CA ILE F 74 36.57 87.54 -15.40
C ILE F 74 36.95 88.14 -16.74
N VAL F 75 38.23 88.38 -16.94
CA VAL F 75 38.75 88.94 -18.19
C VAL F 75 39.23 87.80 -19.07
N ILE F 76 39.05 87.95 -20.38
CA ILE F 76 39.44 86.91 -21.33
C ILE F 76 39.76 87.56 -22.67
N ASP F 77 40.83 87.06 -23.31
CA ASP F 77 41.24 87.58 -24.60
C ASP F 77 40.23 87.22 -25.68
N ASP F 78 40.10 88.11 -26.67
CA ASP F 78 39.16 87.90 -27.76
C ASP F 78 39.63 86.87 -28.77
N SER F 79 40.89 86.47 -28.73
CA SER F 79 41.38 85.46 -29.66
C SER F 79 40.80 84.07 -29.37
N LYS F 80 40.28 83.85 -28.16
CA LYS F 80 39.64 82.60 -27.79
C LYS F 80 38.13 82.64 -27.96
N VAL F 81 37.65 83.53 -28.83
CA VAL F 81 36.22 83.73 -29.06
C VAL F 81 35.83 83.04 -30.35
N ILE F 82 34.73 82.29 -30.31
CA ILE F 82 34.20 81.65 -31.51
C ILE F 82 33.03 82.49 -32.00
N THR F 83 31.98 82.62 -31.18
CA THR F 83 30.82 83.43 -31.51
C THR F 83 30.33 84.18 -30.28
N ILE F 84 29.89 85.42 -30.51
CA ILE F 84 29.16 86.22 -29.54
C ILE F 84 27.75 86.41 -30.08
N THR F 85 26.75 86.25 -29.23
CA THR F 85 25.38 86.36 -29.74
C THR F 85 24.44 86.84 -28.65
N SER F 86 23.27 87.31 -29.08
CA SER F 86 22.23 87.77 -28.17
C SER F 86 21.23 86.64 -27.92
N PRO F 87 20.98 86.26 -26.69
CA PRO F 87 20.10 85.12 -26.42
C PRO F 87 18.63 85.50 -26.58
N LYS F 88 17.76 84.50 -26.38
CA LYS F 88 16.33 84.71 -26.44
C LYS F 88 15.82 85.29 -25.13
N ASP F 89 14.55 85.74 -25.15
CA ASP F 89 13.96 86.35 -23.96
C ASP F 89 13.77 85.32 -22.85
N ASP F 90 13.39 84.09 -23.20
CA ASP F 90 13.19 83.06 -22.19
C ASP F 90 14.49 82.74 -21.47
N ILE F 91 15.60 82.67 -22.21
CA ILE F 91 16.90 82.40 -21.60
C ILE F 91 17.28 83.53 -20.65
N ILE F 92 17.05 84.78 -21.06
CA ILE F 92 17.36 85.91 -20.20
C ILE F 92 16.53 85.87 -18.93
N LYS F 93 15.24 85.55 -19.07
CA LYS F 93 14.38 85.45 -17.90
C LYS F 93 14.85 84.36 -16.94
N SER F 94 15.22 83.20 -17.48
CA SER F 94 15.72 82.12 -16.64
C SER F 94 17.02 82.51 -15.95
N TYR F 95 17.91 83.20 -16.67
CA TYR F 95 19.17 83.65 -16.08
C TYR F 95 18.92 84.64 -14.95
N GLU F 96 18.00 85.58 -15.15
CA GLU F 96 17.65 86.52 -14.09
C GLU F 96 17.07 85.82 -12.88
N SER F 97 16.16 84.87 -13.11
CA SER F 97 15.56 84.15 -11.99
C SER F 97 16.63 83.36 -11.22
N HIS F 98 17.54 82.70 -11.94
CA HIS F 98 18.59 81.94 -11.30
C HIS F 98 19.47 82.83 -10.44
N THR F 99 19.90 83.97 -10.98
CA THR F 99 20.75 84.88 -10.21
C THR F 99 20.02 85.40 -8.97
N ARG F 100 18.75 85.77 -9.13
CA ARG F 100 17.99 86.28 -7.99
C ARG F 100 17.84 85.22 -6.91
N VAL F 101 17.56 83.98 -7.31
CA VAL F 101 17.42 82.89 -6.34
C VAL F 101 18.74 82.67 -5.60
N LEU F 102 19.86 82.68 -6.34
CA LEU F 102 21.16 82.49 -5.70
C LEU F 102 21.45 83.59 -4.69
N GLU F 103 21.16 84.84 -5.06
CA GLU F 103 21.42 85.94 -4.13
C GLU F 103 20.53 85.86 -2.90
N ASN F 104 19.27 85.47 -3.08
CA ASN F 104 18.38 85.29 -1.94
C ASN F 104 18.88 84.19 -1.01
N LYS F 105 19.35 83.09 -1.59
CA LYS F 105 19.92 82.01 -0.77
C LYS F 105 21.13 82.51 0.00
N GLN F 106 21.99 83.30 -0.65
CA GLN F 106 23.18 83.82 0.03
C GLN F 106 22.81 84.71 1.21
N VAL F 107 21.85 85.62 1.00
CA VAL F 107 21.49 86.53 2.09
C VAL F 107 20.80 85.77 3.22
N GLU F 108 19.99 84.77 2.89
CA GLU F 108 19.37 83.95 3.93
C GLU F 108 20.43 83.21 4.74
N GLU F 109 21.43 82.66 4.08
CA GLU F 109 22.51 81.99 4.79
C GLU F 109 23.28 82.95 5.68
N ILE F 110 23.50 84.18 5.21
CA ILE F 110 24.19 85.17 6.02
C ILE F 110 23.39 85.48 7.27
N LEU F 111 22.08 85.65 7.14
CA LEU F 111 21.24 85.90 8.31
C LEU F 111 21.26 84.73 9.28
N ARG F 112 21.19 83.51 8.76
CA ARG F 112 21.25 82.33 9.62
C ARG F 112 22.56 82.29 10.39
N LEU F 113 23.67 82.59 9.72
CA LEU F 113 24.96 82.59 10.40
C LEU F 113 25.02 83.70 11.45
N GLU F 114 24.46 84.87 11.15
CA GLU F 114 24.35 85.92 12.15
C GLU F 114 23.69 85.42 13.42
N LYS F 115 22.51 84.80 13.26
CA LYS F 115 21.77 84.33 14.43
C LYS F 115 22.57 83.26 15.18
N GLU F 116 23.17 82.33 14.44
CA GLU F 116 23.91 81.24 15.08
C GLU F 116 25.10 81.77 15.88
N ILE F 117 25.87 82.68 15.29
CA ILE F 117 27.05 83.19 15.98
C ILE F 117 26.65 84.02 17.19
N GLU F 118 25.55 84.78 17.08
CA GLU F 118 25.08 85.55 18.23
C GLU F 118 24.70 84.62 19.38
N ASP F 119 23.94 83.57 19.07
CA ASP F 119 23.52 82.63 20.11
C ASP F 119 24.73 81.95 20.75
N LEU F 120 25.67 81.50 19.91
CA LEU F 120 26.85 80.83 20.43
C LEU F 120 27.67 81.76 21.32
N GLN F 121 27.86 83.00 20.91
CA GLN F 121 28.62 83.95 21.72
C GLN F 121 27.94 84.21 23.05
N ARG F 122 26.62 84.38 23.04
CA ARG F 122 25.90 84.64 24.29
C ARG F 122 26.03 83.45 25.24
N MET F 123 25.83 82.23 24.73
CA MET F 123 25.90 81.06 25.60
C MET F 123 27.32 80.85 26.12
N LYS F 124 28.32 81.11 25.27
CA LYS F 124 29.71 81.00 25.70
C LYS F 124 30.04 82.01 26.80
N GLU F 125 29.55 83.24 26.65
CA GLU F 125 29.76 84.24 27.70
C GLU F 125 29.09 83.82 29.01
N GLN F 126 27.88 83.26 28.91
CA GLN F 126 27.20 82.76 30.11
C GLN F 126 28.02 81.66 30.78
N GLN F 127 28.57 80.74 29.98
CA GLN F 127 29.41 79.69 30.54
C GLN F 127 30.65 80.28 31.20
N GLU F 128 31.27 81.29 30.57
CA GLU F 128 32.46 81.90 31.13
C GLU F 128 32.17 82.61 32.45
N LEU F 129 30.96 83.16 32.59
CA LEU F 129 30.63 83.91 33.80
C LEU F 129 30.71 83.04 35.04
N SER F 130 30.19 81.82 34.97
CA SER F 130 30.14 80.93 36.14
C SER F 130 31.40 80.08 36.21
N LEU F 131 32.51 80.74 36.49
CA LEU F 131 33.82 80.10 36.58
C LEU F 131 34.46 80.39 37.93
N THR F 132 35.61 79.78 38.16
CA THR F 132 36.40 79.95 39.37
C THR F 132 37.69 80.69 39.02
N GLU F 133 38.16 81.52 39.94
CA GLU F 133 39.33 82.36 39.69
C GLU F 133 40.53 81.53 39.24
N ALA F 134 40.82 80.46 39.98
CA ALA F 134 41.94 79.59 39.60
C ALA F 134 41.69 78.95 38.24
N SER F 135 40.46 78.53 37.98
CA SER F 135 40.12 77.99 36.66
C SER F 135 40.28 79.04 35.58
N LEU F 136 39.94 80.29 35.87
CA LEU F 136 40.11 81.37 34.90
C LEU F 136 41.58 81.59 34.59
N GLN F 137 42.43 81.57 35.62
CA GLN F 137 43.87 81.71 35.39
C GLN F 137 44.40 80.55 34.55
N LYS F 138 43.96 79.32 34.87
CA LYS F 138 44.39 78.17 34.09
C LYS F 138 43.93 78.28 32.65
N LEU F 139 42.71 78.76 32.43
CA LEU F 139 42.20 78.99 31.09
C LEU F 139 43.05 80.00 30.34
N GLN F 140 43.43 81.10 31.01
CA GLN F 140 44.26 82.11 30.37
C GLN F 140 45.61 81.53 29.96
N GLU F 141 46.25 80.79 30.87
CA GLU F 141 47.53 80.18 30.54
C GLU F 141 47.40 79.17 29.41
N ARG F 142 46.32 78.37 29.43
CA ARG F 142 46.12 77.37 28.38
C ARG F 142 45.90 78.04 27.03
N ARG F 143 45.13 79.12 26.99
CA ARG F 143 44.92 79.85 25.74
C ARG F 143 46.24 80.45 25.24
N ASP F 144 47.05 80.98 26.16
CA ASP F 144 48.35 81.50 25.76
C ASP F 144 49.22 80.40 25.16
N GLN F 145 49.19 79.21 25.76
CA GLN F 145 49.94 78.09 25.19
C GLN F 145 49.38 77.68 23.84
N GLU F 146 48.05 77.72 23.69
CA GLU F 146 47.42 77.43 22.40
C GLU F 146 47.93 78.36 21.31
N LEU F 147 47.93 79.67 21.58
CA LEU F 147 48.39 80.63 20.59
C LEU F 147 49.90 80.56 20.38
N ARG F 148 50.64 79.88 21.25
CA ARG F 148 52.08 79.77 21.12
C ARG F 148 52.44 78.80 20.00
N ASN G 16 76.23 27.68 56.99
CA ASN G 16 76.84 27.98 55.70
C ASN G 16 76.09 27.31 54.56
N ILE G 17 74.80 27.63 54.44
CA ILE G 17 73.98 27.08 53.38
C ILE G 17 74.45 27.64 52.04
N LYS G 18 74.80 26.75 51.11
CA LYS G 18 75.32 27.16 49.82
C LYS G 18 74.85 26.20 48.74
N ILE G 19 74.92 26.67 47.50
CA ILE G 19 74.57 25.90 46.32
C ILE G 19 75.86 25.42 45.65
N MET G 20 75.84 24.14 45.26
CA MET G 20 76.96 23.41 44.68
C MET G 20 76.58 23.00 43.28
N ARG G 21 77.47 23.25 42.32
CA ARG G 21 77.31 22.75 40.95
C ARG G 21 78.31 21.62 40.74
N LEU G 22 77.80 20.42 40.51
CA LEU G 22 78.64 19.26 40.29
C LEU G 22 78.96 19.11 38.81
N VAL G 23 79.97 18.28 38.52
CA VAL G 23 80.38 18.06 37.14
C VAL G 23 79.28 17.38 36.34
N THR G 24 78.42 16.60 37.01
CA THR G 24 77.35 15.90 36.31
C THR G 24 76.07 16.74 36.23
N CYS G 25 76.24 17.99 35.77
CA CYS G 25 75.15 18.94 35.55
C CYS G 25 74.08 18.85 36.64
N GLU G 26 74.53 18.99 37.89
CA GLU G 26 73.66 18.85 39.04
C GLU G 26 73.82 20.05 39.96
N ASP G 27 72.69 20.53 40.48
CA ASP G 27 72.67 21.64 41.44
C ASP G 27 72.12 21.11 42.76
N ILE G 28 72.91 21.23 43.82
CA ILE G 28 72.54 20.71 45.13
C ILE G 28 72.82 21.76 46.19
N ILE G 29 71.84 22.02 47.04
CA ILE G 29 71.98 22.98 48.13
C ILE G 29 72.21 22.23 49.43
N GLY G 30 73.08 22.76 50.27
CA GLY G 30 73.35 22.11 51.55
C GLY G 30 74.28 22.95 52.39
N ASN G 31 74.49 22.50 53.63
CA ASN G 31 75.39 23.16 54.56
C ASN G 31 76.78 22.60 54.32
N ILE G 32 77.70 23.44 53.86
CA ILE G 32 79.01 22.97 53.42
C ILE G 32 80.09 23.49 54.36
N SER G 33 81.15 22.71 54.47
CA SER G 33 82.36 23.06 55.19
C SER G 33 83.55 22.84 54.26
N GLU G 34 84.40 23.84 54.14
CA GLU G 34 85.46 23.86 53.15
C GLU G 34 86.81 23.59 53.81
N SER G 35 87.55 22.64 53.24
CA SER G 35 88.90 22.30 53.67
C SER G 35 89.85 22.54 52.49
N GLN G 36 91.15 22.30 52.73
CA GLN G 36 92.16 22.67 51.74
C GLN G 36 91.97 21.90 50.43
N GLY G 37 91.60 20.63 50.50
CA GLY G 37 91.48 19.83 49.30
C GLY G 37 90.10 19.25 49.05
N LEU G 38 89.34 19.04 50.11
CA LEU G 38 88.03 18.42 50.02
C LEU G 38 87.03 19.24 50.82
N ILE G 39 85.75 19.03 50.53
CA ILE G 39 84.68 19.72 51.23
C ILE G 39 83.64 18.72 51.70
N THR G 40 83.02 19.04 52.83
CA THR G 40 81.97 18.21 53.41
C THR G 40 80.63 18.92 53.25
N ILE G 41 79.57 18.14 53.06
CA ILE G 41 78.24 18.69 52.85
C ILE G 41 77.24 17.92 53.71
N LYS G 42 76.28 18.65 54.27
CA LYS G 42 75.22 18.07 55.07
C LYS G 42 73.87 18.54 54.54
N LYS G 43 72.90 17.62 54.59
CA LYS G 43 71.53 17.88 54.16
C LYS G 43 71.49 18.40 52.72
N ALA G 44 72.20 17.69 51.84
CA ALA G 44 72.19 18.04 50.42
C ALA G 44 70.82 17.75 49.81
N PHE G 45 70.44 18.58 48.84
CA PHE G 45 69.17 18.43 48.15
C PHE G 45 69.31 18.86 46.70
N VAL G 46 69.01 17.95 45.78
CA VAL G 46 68.99 18.29 44.37
C VAL G 46 67.77 19.15 44.06
N ILE G 47 67.95 20.10 43.15
CA ILE G 47 66.91 21.06 42.78
C ILE G 47 66.41 20.68 41.38
N ILE G 48 65.12 20.43 41.27
CA ILE G 48 64.46 20.10 40.01
C ILE G 48 63.58 21.28 39.62
N PRO G 49 63.84 21.95 38.49
CA PRO G 49 63.04 23.09 38.03
C PRO G 49 61.63 22.68 37.62
N LEU G 60 59.95 25.17 42.11
CA LEU G 60 61.12 24.33 42.34
C LEU G 60 60.77 23.12 43.19
N VAL G 61 61.53 22.05 43.03
CA VAL G 61 61.33 20.81 43.78
C VAL G 61 62.65 20.43 44.42
N LEU G 62 62.61 20.08 45.71
CA LEU G 62 63.78 19.63 46.43
C LEU G 62 63.71 18.12 46.63
N CYS G 63 64.78 17.42 46.27
CA CYS G 63 64.83 15.98 46.40
C CYS G 63 66.07 15.57 47.17
N PRO G 64 65.99 14.54 48.01
CA PRO G 64 67.20 14.08 48.70
C PRO G 64 68.28 13.66 47.72
N TRP G 65 69.51 14.09 48.00
CA TRP G 65 70.61 13.82 47.08
C TRP G 65 71.01 12.36 47.08
N GLN G 66 71.15 11.76 48.27
CA GLN G 66 71.60 10.39 48.42
C GLN G 66 70.60 9.64 49.29
N PRO G 67 69.48 9.20 48.72
CA PRO G 67 68.49 8.47 49.51
C PRO G 67 68.84 6.99 49.64
N TYR G 68 70.11 6.71 49.90
CA TYR G 68 70.58 5.35 50.09
C TYR G 68 71.51 5.19 51.29
N THR G 69 71.96 6.27 51.91
CA THR G 69 72.87 6.22 53.03
C THR G 69 72.28 6.93 54.24
N ASP G 70 72.75 6.53 55.42
CA ASP G 70 72.35 7.14 56.67
C ASP G 70 73.41 8.07 57.23
N ASP G 71 74.47 8.33 56.48
CA ASP G 71 75.55 9.19 56.96
C ASP G 71 75.07 10.63 57.09
N LYS G 72 75.55 11.30 58.14
CA LYS G 72 75.14 12.68 58.39
C LYS G 72 75.77 13.63 57.37
N GLU G 73 77.02 13.39 57.00
CA GLU G 73 77.75 14.27 56.10
C GLU G 73 78.42 13.45 55.00
N ILE G 74 78.62 14.09 53.86
CA ILE G 74 79.25 13.47 52.70
C ILE G 74 80.47 14.29 52.30
N VAL G 75 81.60 13.62 52.13
CA VAL G 75 82.85 14.27 51.74
C VAL G 75 83.01 14.15 50.23
N ILE G 76 83.58 15.18 49.60
CA ILE G 76 83.75 15.19 48.16
C ILE G 76 84.95 16.06 47.81
N ASP G 77 85.74 15.59 46.85
CA ASP G 77 86.92 16.32 46.41
C ASP G 77 86.54 17.60 45.69
N ASP G 78 87.39 18.62 45.83
CA ASP G 78 87.13 19.92 45.21
C ASP G 78 87.39 19.92 43.71
N SER G 79 88.05 18.89 43.18
CA SER G 79 88.31 18.84 41.74
C SER G 79 87.03 18.60 40.94
N LYS G 80 85.98 18.10 41.57
CA LYS G 80 84.69 17.88 40.93
C LYS G 80 83.73 19.04 41.15
N VAL G 81 84.26 20.23 41.43
CA VAL G 81 83.47 21.41 41.73
C VAL G 81 83.45 22.30 40.49
N ILE G 82 82.25 22.78 40.13
CA ILE G 82 82.11 23.72 39.04
C ILE G 82 81.97 25.12 39.64
N THR G 83 80.91 25.33 40.41
CA THR G 83 80.68 26.61 41.08
C THR G 83 80.15 26.38 42.48
N ILE G 84 80.59 27.24 43.41
CA ILE G 84 80.03 27.36 44.75
C ILE G 84 79.40 28.73 44.84
N THR G 85 78.20 28.81 45.41
CA THR G 85 77.55 30.12 45.46
C THR G 85 76.62 30.20 46.66
N SER G 86 76.25 31.44 47.00
CA SER G 86 75.32 31.70 48.09
C SER G 86 73.91 31.86 47.55
N PRO G 87 72.94 31.10 48.01
CA PRO G 87 71.59 31.15 47.45
C PRO G 87 70.83 32.39 47.92
N LYS G 88 69.61 32.52 47.44
CA LYS G 88 68.73 33.61 47.83
C LYS G 88 68.05 33.30 49.16
N ASP G 89 67.41 34.32 49.74
CA ASP G 89 66.74 34.14 51.03
C ASP G 89 65.54 33.20 50.92
N ASP G 90 64.79 33.31 49.81
CA ASP G 90 63.63 32.45 49.64
C ASP G 90 64.04 30.98 49.57
N ILE G 91 65.13 30.69 48.86
CA ILE G 91 65.61 29.31 48.76
C ILE G 91 66.03 28.79 50.13
N ILE G 92 66.72 29.62 50.91
CA ILE G 92 67.14 29.21 52.25
C ILE G 92 65.92 28.94 53.13
N LYS G 93 64.91 29.80 53.04
CA LYS G 93 63.69 29.60 53.83
C LYS G 93 62.99 28.29 53.44
N SER G 94 62.90 28.03 52.13
CA SER G 94 62.28 26.78 51.68
C SER G 94 63.07 25.57 52.15
N TYR G 95 64.41 25.65 52.09
CA TYR G 95 65.26 24.56 52.56
C TYR G 95 65.05 24.30 54.05
N GLU G 96 65.00 25.37 54.84
CA GLU G 96 64.76 25.23 56.28
C GLU G 96 63.40 24.59 56.55
N SER G 97 62.36 25.05 55.85
CA SER G 97 61.04 24.50 56.05
C SER G 97 61.01 23.02 55.68
N HIS G 98 61.64 22.66 54.57
CA HIS G 98 61.68 21.26 54.14
C HIS G 98 62.35 20.39 55.18
N THR G 99 63.52 20.82 55.68
CA THR G 99 64.23 20.03 56.69
C THR G 99 63.40 19.89 57.96
N ARG G 100 62.78 20.98 58.40
CA ARG G 100 61.97 20.93 59.62
C ARG G 100 60.79 19.97 59.45
N VAL G 101 60.12 20.02 58.29
CA VAL G 101 59.00 19.13 58.03
C VAL G 101 59.46 17.68 58.04
N LEU G 102 60.60 17.40 57.40
CA LEU G 102 61.11 16.03 57.38
C LEU G 102 61.42 15.53 58.79
N GLU G 103 62.06 16.37 59.61
CA GLU G 103 62.39 15.95 60.97
C GLU G 103 61.12 15.72 61.80
N ASN G 104 60.11 16.58 61.62
CA ASN G 104 58.84 16.37 62.33
C ASN G 104 58.18 15.07 61.91
N LYS G 105 58.21 14.77 60.61
CA LYS G 105 57.65 13.50 60.15
C LYS G 105 58.40 12.32 60.76
N GLN G 106 59.73 12.42 60.84
CA GLN G 106 60.52 11.33 61.41
C GLN G 106 60.17 11.10 62.88
N VAL G 107 60.07 12.19 63.66
CA VAL G 107 59.78 12.02 65.08
C VAL G 107 58.37 11.50 65.29
N GLU G 108 57.41 11.95 64.46
CA GLU G 108 56.06 11.42 64.56
C GLU G 108 56.02 9.93 64.24
N GLU G 109 56.77 9.50 63.22
CA GLU G 109 56.82 8.07 62.90
C GLU G 109 57.44 7.29 64.05
N ILE G 110 58.48 7.85 64.69
CA ILE G 110 59.11 7.17 65.81
C ILE G 110 58.11 6.98 66.95
N LEU G 111 57.33 8.03 67.25
CA LEU G 111 56.32 7.93 68.30
C LEU G 111 55.26 6.88 67.96
N ARG G 112 54.81 6.88 66.69
CA ARG G 112 53.82 5.90 66.27
C ARG G 112 54.36 4.48 66.44
N LEU G 113 55.61 4.26 66.06
CA LEU G 113 56.20 2.94 66.22
C LEU G 113 56.34 2.56 67.69
N GLU G 114 56.69 3.53 68.55
CA GLU G 114 56.71 3.28 69.98
C GLU G 114 55.37 2.75 70.46
N LYS G 115 54.29 3.45 70.12
CA LYS G 115 52.96 3.04 70.56
C LYS G 115 52.60 1.66 70.01
N GLU G 116 52.89 1.42 68.73
CA GLU G 116 52.53 0.15 68.12
C GLU G 116 53.27 -1.02 68.77
N ILE G 117 54.58 -0.85 68.99
CA ILE G 117 55.35 -1.96 69.58
C ILE G 117 54.92 -2.20 71.02
N GLU G 118 54.61 -1.13 71.76
CA GLU G 118 54.13 -1.32 73.13
C GLU G 118 52.83 -2.10 73.15
N ASP G 119 51.87 -1.72 72.29
CA ASP G 119 50.59 -2.42 72.24
C ASP G 119 50.79 -3.88 71.86
N LEU G 120 51.62 -4.12 70.83
CA LEU G 120 51.85 -5.49 70.38
C LEU G 120 52.48 -6.34 71.48
N GLN G 121 53.48 -5.78 72.18
CA GLN G 121 54.13 -6.53 73.25
C GLN G 121 53.16 -6.85 74.37
N ARG G 122 52.32 -5.88 74.75
CA ARG G 122 51.35 -6.12 75.82
C ARG G 122 50.36 -7.23 75.43
N MET G 123 49.83 -7.15 74.21
CA MET G 123 48.84 -8.15 73.80
C MET G 123 49.49 -9.52 73.66
N LYS G 124 50.74 -9.56 73.17
CA LYS G 124 51.45 -10.84 73.08
C LYS G 124 51.69 -11.45 74.45
N GLU G 125 52.07 -10.62 75.43
CA GLU G 125 52.23 -11.13 76.79
C GLU G 125 50.93 -11.66 77.35
N GLN G 126 49.83 -10.95 77.09
CA GLN G 126 48.52 -11.44 77.54
C GLN G 126 48.20 -12.78 76.90
N GLN G 127 48.47 -12.94 75.61
CA GLN G 127 48.26 -14.22 74.95
C GLN G 127 49.12 -15.31 75.58
N GLU G 128 50.38 -14.99 75.87
CA GLU G 128 51.28 -15.98 76.46
C GLU G 128 50.82 -16.40 77.85
N LEU G 129 50.20 -15.49 78.60
CA LEU G 129 49.79 -15.81 79.96
C LEU G 129 48.79 -16.97 79.99
N SER G 130 47.82 -16.97 79.09
CA SER G 130 46.76 -17.98 79.08
C SER G 130 47.16 -19.16 78.22
N LEU G 131 48.17 -19.89 78.70
CA LEU G 131 48.70 -21.05 77.99
C LEU G 131 48.67 -22.28 78.90
N THR G 132 49.06 -23.41 78.33
CA THR G 132 49.12 -24.69 79.02
C THR G 132 50.58 -25.10 79.15
N GLU G 133 50.91 -25.76 80.26
CA GLU G 133 52.31 -26.11 80.54
C GLU G 133 52.92 -26.91 79.40
N ALA G 134 52.22 -27.94 78.94
CA ALA G 134 52.72 -28.74 77.82
C ALA G 134 52.86 -27.89 76.56
N SER G 135 51.89 -27.02 76.31
CA SER G 135 51.99 -26.10 75.18
C SER G 135 53.18 -25.16 75.33
N LEU G 136 53.45 -24.71 76.56
CA LEU G 136 54.60 -23.84 76.79
C LEU G 136 55.90 -24.57 76.51
N GLN G 137 56.01 -25.84 76.94
CA GLN G 137 57.20 -26.62 76.64
C GLN G 137 57.36 -26.82 75.13
N LYS G 138 56.26 -27.12 74.44
CA LYS G 138 56.32 -27.28 72.99
C LYS G 138 56.73 -25.98 72.32
N LEU G 139 56.22 -24.84 72.81
CA LEU G 139 56.63 -23.55 72.29
C LEU G 139 58.13 -23.32 72.48
N GLN G 140 58.64 -23.65 73.66
CA GLN G 140 60.07 -23.47 73.92
C GLN G 140 60.91 -24.32 72.97
N GLU G 141 60.53 -25.59 72.80
CA GLU G 141 61.27 -26.45 71.88
C GLU G 141 61.18 -25.95 70.44
N ARG G 142 60.00 -25.48 70.04
CA ARG G 142 59.83 -24.99 68.68
C ARG G 142 60.66 -23.73 68.44
N ARG G 143 60.71 -22.83 69.42
CA ARG G 143 61.55 -21.63 69.29
C ARG G 143 63.02 -22.00 69.22
N ASP G 144 63.44 -22.99 70.02
CA ASP G 144 64.82 -23.45 69.95
C ASP G 144 65.14 -24.02 68.57
N GLN G 145 64.20 -24.77 67.98
CA GLN G 145 64.42 -25.28 66.63
C GLN G 145 64.44 -24.13 65.62
N GLU G 146 63.60 -23.11 65.81
CA GLU G 146 63.61 -21.94 64.95
C GLU G 146 64.99 -21.28 64.94
N LEU G 147 65.54 -21.02 66.13
CA LEU G 147 66.85 -20.38 66.20
C LEU G 147 67.98 -21.29 65.74
N ARG G 148 67.72 -22.58 65.59
CA ARG G 148 68.73 -23.53 65.14
C ARG G 148 69.02 -23.35 63.65
N ASN H 16 41.26 -80.38 40.75
CA ASN H 16 42.46 -79.87 40.11
C ASN H 16 42.11 -78.82 39.06
N ILE H 17 41.44 -77.75 39.49
CA ILE H 17 41.07 -76.67 38.58
C ILE H 17 42.34 -75.94 38.14
N LYS H 18 42.55 -75.87 36.84
CA LYS H 18 43.75 -75.25 36.29
C LYS H 18 43.42 -74.54 34.99
N ILE H 19 44.32 -73.62 34.62
CA ILE H 19 44.23 -72.85 33.38
C ILE H 19 45.19 -73.45 32.37
N MET H 20 44.69 -73.60 31.14
CA MET H 20 45.36 -74.22 30.02
C MET H 20 45.54 -73.18 28.93
N ARG H 21 46.77 -73.07 28.40
CA ARG H 21 47.03 -72.24 27.24
C ARG H 21 47.24 -73.15 26.03
N LEU H 22 46.36 -73.04 25.06
CA LEU H 22 46.44 -73.84 23.84
C LEU H 22 47.30 -73.14 22.79
N VAL H 23 47.70 -73.91 21.78
CA VAL H 23 48.54 -73.36 20.71
C VAL H 23 47.78 -72.30 19.92
N THR H 24 46.45 -72.40 19.87
CA THR H 24 45.65 -71.44 19.11
C THR H 24 45.24 -70.26 19.97
N CYS H 25 46.23 -69.65 20.64
CA CYS H 25 46.07 -68.46 21.47
C CYS H 25 44.75 -68.47 22.24
N GLU H 26 44.55 -69.55 23.01
CA GLU H 26 43.31 -69.76 23.73
C GLU H 26 43.62 -70.08 25.20
N ASP H 27 42.83 -69.50 26.09
CA ASP H 27 42.94 -69.74 27.52
C ASP H 27 41.66 -70.40 28.00
N ILE H 28 41.77 -71.60 28.57
CA ILE H 28 40.62 -72.37 29.00
C ILE H 28 40.86 -72.92 30.40
N ILE H 29 39.90 -72.72 31.29
CA ILE H 29 39.99 -73.21 32.66
C ILE H 29 39.14 -74.47 32.79
N GLY H 30 39.64 -75.44 33.54
CA GLY H 30 38.88 -76.67 33.72
C GLY H 30 39.58 -77.59 34.70
N ASN H 31 38.89 -78.68 35.04
CA ASN H 31 39.44 -79.68 35.93
C ASN H 31 40.23 -80.67 35.09
N ILE H 32 41.55 -80.72 35.30
CA ILE H 32 42.43 -81.48 34.42
C ILE H 32 43.01 -82.66 35.18
N SER H 33 43.30 -83.72 34.42
CA SER H 33 44.00 -84.90 34.90
C SER H 33 45.16 -85.18 33.94
N GLU H 34 46.35 -85.36 34.50
CA GLU H 34 47.58 -85.42 33.73
C GLU H 34 48.06 -86.87 33.64
N SER H 35 48.35 -87.31 32.42
CA SER H 35 48.92 -88.62 32.15
C SER H 35 50.28 -88.42 31.46
N GLN H 36 50.96 -89.54 31.17
CA GLN H 36 52.33 -89.46 30.69
C GLN H 36 52.42 -88.73 29.35
N GLY H 37 51.44 -88.93 28.46
CA GLY H 37 51.52 -88.33 27.14
C GLY H 37 50.37 -87.41 26.81
N LEU H 38 49.21 -87.65 27.41
CA LEU H 38 48.00 -86.90 27.13
C LEU H 38 47.34 -86.47 28.43
N ILE H 39 46.47 -85.47 28.33
CA ILE H 39 45.75 -84.97 29.50
C ILE H 39 44.26 -84.90 29.19
N THR H 40 43.46 -85.12 30.22
CA THR H 40 42.01 -85.04 30.11
C THR H 40 41.52 -83.79 30.84
N ILE H 41 40.45 -83.20 30.31
CA ILE H 41 39.90 -81.97 30.87
C ILE H 41 38.38 -82.10 30.97
N LYS H 42 37.83 -81.57 32.05
CA LYS H 42 36.39 -81.56 32.28
C LYS H 42 35.94 -80.15 32.58
N LYS H 43 34.75 -79.81 32.08
CA LYS H 43 34.12 -78.50 32.29
C LYS H 43 35.06 -77.37 31.85
N ALA H 44 35.59 -77.50 30.64
CA ALA H 44 36.44 -76.46 30.09
C ALA H 44 35.62 -75.21 29.76
N PHE H 45 36.26 -74.05 29.92
CA PHE H 45 35.59 -72.78 29.63
C PHE H 45 36.63 -71.80 29.09
N VAL H 46 36.36 -71.28 27.89
CA VAL H 46 37.20 -70.23 27.33
C VAL H 46 36.93 -68.93 28.06
N ILE H 47 37.99 -68.13 28.23
CA ILE H 47 37.94 -66.87 28.95
C ILE H 47 38.06 -65.75 27.94
N ILE H 48 37.07 -64.87 27.92
CA ILE H 48 37.03 -63.71 27.04
C ILE H 48 37.21 -62.47 27.91
N PRO H 49 38.29 -61.68 27.72
CA PRO H 49 38.55 -60.46 28.49
C PRO H 49 37.53 -59.36 28.20
N LEU H 60 35.53 -60.35 33.13
CA LEU H 60 35.81 -61.57 32.38
C LEU H 60 34.51 -62.27 32.00
N VAL H 61 34.56 -63.04 30.91
CA VAL H 61 33.41 -63.79 30.43
C VAL H 61 33.83 -65.24 30.25
N LEU H 62 33.01 -66.16 30.73
CA LEU H 62 33.26 -67.59 30.59
C LEU H 62 32.31 -68.16 29.54
N CYS H 63 32.87 -68.87 28.57
CA CYS H 63 32.07 -69.46 27.50
C CYS H 63 32.37 -70.95 27.40
N PRO H 64 31.38 -71.78 27.10
CA PRO H 64 31.66 -73.21 26.92
C PRO H 64 32.68 -73.44 25.80
N TRP H 65 33.62 -74.33 26.06
CA TRP H 65 34.70 -74.56 25.10
C TRP H 65 34.21 -75.31 23.88
N GLN H 66 33.42 -76.37 24.08
CA GLN H 66 32.94 -77.23 23.01
C GLN H 66 31.43 -77.36 23.12
N PRO H 67 30.68 -76.36 22.66
CA PRO H 67 29.22 -76.44 22.74
C PRO H 67 28.63 -77.24 21.59
N TYR H 68 29.25 -78.37 21.28
CA TYR H 68 28.78 -79.27 20.23
C TYR H 68 28.77 -80.73 20.63
N THR H 69 29.37 -81.09 21.77
CA THR H 69 29.45 -82.47 22.21
C THR H 69 28.84 -82.62 23.59
N ASP H 70 28.40 -83.84 23.88
CA ASP H 70 27.84 -84.19 25.17
C ASP H 70 28.82 -84.98 26.03
N ASP H 71 30.06 -85.13 25.59
CA ASP H 71 31.04 -85.90 26.34
C ASP H 71 31.40 -85.19 27.65
N LYS H 72 31.59 -85.99 28.70
CA LYS H 72 31.92 -85.42 30.00
C LYS H 72 33.35 -84.89 30.04
N GLU H 73 34.28 -85.58 29.38
CA GLU H 73 35.68 -85.20 29.40
C GLU H 73 36.24 -85.20 27.99
N ILE H 74 37.26 -84.39 27.78
CA ILE H 74 37.93 -84.25 26.48
C ILE H 74 39.41 -84.56 26.67
N VAL H 75 39.94 -85.44 25.83
CA VAL H 75 41.34 -85.83 25.86
C VAL H 75 42.11 -84.99 24.85
N ILE H 76 43.35 -84.64 25.18
CA ILE H 76 44.16 -83.80 24.31
C ILE H 76 45.63 -84.12 24.55
N ASP H 77 46.41 -84.18 23.47
CA ASP H 77 47.83 -84.46 23.55
C ASP H 77 48.57 -83.31 24.21
N ASP H 78 49.64 -83.65 24.94
CA ASP H 78 50.44 -82.65 25.63
C ASP H 78 51.33 -81.85 24.71
N SER H 79 51.51 -82.28 23.46
CA SER H 79 52.35 -81.53 22.52
C SER H 79 51.70 -80.22 22.10
N LYS H 80 50.39 -80.08 22.29
CA LYS H 80 49.67 -78.85 21.98
C LYS H 80 49.51 -77.96 23.21
N VAL H 81 50.37 -78.11 24.19
CA VAL H 81 50.31 -77.39 25.46
C VAL H 81 51.34 -76.27 25.43
N ILE H 82 50.92 -75.07 25.83
CA ILE H 82 51.85 -73.95 25.95
C ILE H 82 52.19 -73.79 27.42
N THR H 83 51.19 -73.50 28.25
CA THR H 83 51.38 -73.37 29.69
C THR H 83 50.23 -73.99 30.45
N ILE H 84 50.55 -74.64 31.57
CA ILE H 84 49.58 -75.09 32.56
C ILE H 84 49.82 -74.27 33.82
N THR H 85 48.74 -73.80 34.44
CA THR H 85 48.95 -72.95 35.62
C THR H 85 47.77 -73.08 36.57
N SER H 86 48.00 -72.65 37.82
CA SER H 86 46.96 -72.65 38.84
C SER H 86 46.32 -71.27 38.92
N PRO H 87 45.01 -71.15 38.77
CA PRO H 87 44.35 -69.84 38.74
C PRO H 87 44.24 -69.25 40.14
N LYS H 88 43.69 -68.04 40.19
CA LYS H 88 43.45 -67.35 41.45
C LYS H 88 42.17 -67.86 42.11
N ASP H 89 41.98 -67.46 43.38
CA ASP H 89 40.82 -67.91 44.12
C ASP H 89 39.53 -67.31 43.55
N ASP H 90 39.58 -66.05 43.12
CA ASP H 90 38.38 -65.42 42.57
C ASP H 90 37.93 -66.14 41.29
N ILE H 91 38.88 -66.51 40.45
CA ILE H 91 38.54 -67.22 39.22
C ILE H 91 37.92 -68.57 39.53
N ILE H 92 38.47 -69.28 40.51
CA ILE H 92 37.91 -70.58 40.90
C ILE H 92 36.50 -70.40 41.44
N LYS H 93 36.27 -69.38 42.26
CA LYS H 93 34.94 -69.13 42.78
C LYS H 93 33.95 -68.82 41.67
N SER H 94 34.35 -67.99 40.71
CA SER H 94 33.47 -67.68 39.58
C SER H 94 33.17 -68.92 38.75
N TYR H 95 34.18 -69.77 38.53
CA TYR H 95 33.99 -71.00 37.79
C TYR H 95 33.00 -71.92 38.50
N GLU H 96 33.15 -72.07 39.82
CA GLU H 96 32.22 -72.89 40.59
C GLU H 96 30.80 -72.33 40.52
N SER H 97 30.65 -71.02 40.67
CA SER H 97 29.32 -70.42 40.60
C SER H 97 28.69 -70.63 39.23
N HIS H 98 29.48 -70.45 38.16
CA HIS H 98 28.97 -70.66 36.81
C HIS H 98 28.50 -72.10 36.61
N THR H 99 29.31 -73.06 37.02
CA THR H 99 28.91 -74.47 36.85
C THR H 99 27.66 -74.78 37.66
N ARG H 100 27.58 -74.30 38.90
CA ARG H 100 26.40 -74.55 39.71
C ARG H 100 25.15 -73.94 39.09
N VAL H 101 25.25 -72.71 38.57
CA VAL H 101 24.11 -72.07 37.94
C VAL H 101 23.67 -72.85 36.71
N LEU H 102 24.62 -73.32 35.90
CA LEU H 102 24.28 -74.09 34.72
C LEU H 102 23.56 -75.39 35.10
N GLU H 103 24.06 -76.08 36.12
CA GLU H 103 23.42 -77.33 36.53
C GLU H 103 22.02 -77.09 37.07
N ASN H 104 21.85 -76.00 37.84
CA ASN H 104 20.51 -75.67 38.34
C ASN H 104 19.55 -75.36 37.20
N LYS H 105 20.02 -74.63 36.18
CA LYS H 105 19.18 -74.36 35.03
C LYS H 105 18.80 -75.66 34.32
N GLN H 106 19.76 -76.58 34.18
CA GLN H 106 19.48 -77.85 33.52
C GLN H 106 18.41 -78.64 34.27
N VAL H 107 18.54 -78.73 35.60
CA VAL H 107 17.57 -79.53 36.36
C VAL H 107 16.20 -78.86 36.35
N GLU H 108 16.16 -77.52 36.39
CA GLU H 108 14.88 -76.82 36.29
C GLU H 108 14.22 -77.08 34.95
N GLU H 109 15.00 -77.06 33.86
CA GLU H 109 14.44 -77.35 32.55
C GLU H 109 13.92 -78.79 32.47
N ILE H 110 14.64 -79.72 33.09
CA ILE H 110 14.19 -81.11 33.10
C ILE H 110 12.84 -81.23 33.83
N LEU H 111 12.71 -80.55 34.97
CA LEU H 111 11.44 -80.59 35.70
C LEU H 111 10.31 -79.98 34.88
N ARG H 112 10.59 -78.85 34.22
CA ARG H 112 9.58 -78.21 33.39
C ARG H 112 9.12 -79.15 32.28
N LEU H 113 10.07 -79.83 31.64
CA LEU H 113 9.72 -80.77 30.58
C LEU H 113 8.92 -81.95 31.12
N GLU H 114 9.27 -82.43 32.32
CA GLU H 114 8.47 -83.46 32.97
C GLU H 114 7.01 -83.03 33.09
N LYS H 115 6.79 -81.83 33.65
CA LYS H 115 5.43 -81.36 33.83
C LYS H 115 4.70 -81.21 32.50
N GLU H 116 5.39 -80.63 31.51
CA GLU H 116 4.76 -80.40 30.21
C GLU H 116 4.36 -81.71 29.54
N ILE H 117 5.25 -82.71 29.55
CA ILE H 117 4.94 -83.96 28.88
C ILE H 117 3.83 -84.69 29.62
N GLU H 118 3.82 -84.62 30.96
CA GLU H 118 2.74 -85.25 31.71
C GLU H 118 1.39 -84.63 31.36
N ASP H 119 1.33 -83.29 31.32
CA ASP H 119 0.08 -82.61 31.00
C ASP H 119 -0.36 -82.96 29.58
N LEU H 120 0.57 -82.94 28.63
CA LEU H 120 0.23 -83.25 27.25
C LEU H 120 -0.29 -84.68 27.10
N GLN H 121 0.37 -85.63 27.76
CA GLN H 121 -0.07 -87.02 27.68
C GLN H 121 -1.46 -87.19 28.27
N ARG H 122 -1.72 -86.55 29.43
CA ARG H 122 -3.04 -86.67 30.04
C ARG H 122 -4.12 -86.10 29.14
N MET H 123 -3.89 -84.91 28.59
CA MET H 123 -4.91 -84.29 27.74
C MET H 123 -5.11 -85.09 26.46
N LYS H 124 -4.02 -85.64 25.90
CA LYS H 124 -4.15 -86.47 24.71
C LYS H 124 -4.96 -87.73 25.00
N GLU H 125 -4.73 -88.36 26.15
CA GLU H 125 -5.51 -89.53 26.51
C GLU H 125 -6.99 -89.17 26.68
N GLN H 126 -7.26 -88.02 27.30
CA GLN H 126 -8.65 -87.58 27.43
C GLN H 126 -9.29 -87.38 26.06
N GLN H 127 -8.56 -86.78 25.12
CA GLN H 127 -9.08 -86.61 23.77
C GLN H 127 -9.34 -87.96 23.11
N GLU H 128 -8.41 -88.91 23.29
CA GLU H 128 -8.58 -90.24 22.70
C GLU H 128 -9.78 -90.97 23.26
N LEU H 129 -10.10 -90.73 24.55
CA LEU H 129 -11.21 -91.45 25.17
C LEU H 129 -12.54 -91.17 24.48
N SER H 130 -12.80 -89.91 24.13
CA SER H 130 -14.08 -89.51 23.54
C SER H 130 -14.00 -89.60 22.01
N LEU H 131 -13.91 -90.84 21.54
CA LEU H 131 -13.81 -91.11 20.11
C LEU H 131 -14.90 -92.09 19.68
N THR H 132 -14.96 -92.34 18.38
CA THR H 132 -15.92 -93.25 17.77
C THR H 132 -15.17 -94.48 17.25
N GLU H 133 -15.81 -95.65 17.33
CA GLU H 133 -15.14 -96.89 16.95
C GLU H 133 -14.59 -96.84 15.53
N ALA H 134 -15.41 -96.38 14.57
CA ALA H 134 -14.95 -96.25 13.20
C ALA H 134 -13.80 -95.25 13.10
N SER H 135 -13.91 -94.14 13.83
CA SER H 135 -12.82 -93.16 13.86
C SER H 135 -11.56 -93.77 14.46
N LEU H 136 -11.71 -94.61 15.48
CA LEU H 136 -10.56 -95.27 16.08
C LEU H 136 -9.88 -96.22 15.09
N GLN H 137 -10.68 -96.98 14.33
CA GLN H 137 -10.11 -97.85 13.32
C GLN H 137 -9.39 -97.04 12.25
N LYS H 138 -10.00 -95.93 11.82
CA LYS H 138 -9.35 -95.07 10.82
C LYS H 138 -8.05 -94.49 11.36
N LEU H 139 -8.04 -94.10 12.64
CA LEU H 139 -6.82 -93.62 13.27
C LEU H 139 -5.74 -94.69 13.29
N GLN H 140 -6.11 -95.93 13.62
CA GLN H 140 -5.13 -97.01 13.64
C GLN H 140 -4.54 -97.24 12.25
N GLU H 141 -5.39 -97.28 11.23
CA GLU H 141 -4.90 -97.47 9.87
C GLU H 141 -4.01 -96.30 9.44
N ARG H 142 -4.41 -95.07 9.79
CA ARG H 142 -3.62 -93.90 9.41
C ARG H 142 -2.26 -93.91 10.10
N ARG H 143 -2.21 -94.29 11.38
CA ARG H 143 -0.94 -94.40 12.07
C ARG H 143 -0.05 -95.48 11.46
N ASP H 144 -0.66 -96.60 11.08
CA ASP H 144 0.11 -97.65 10.40
C ASP H 144 0.69 -97.15 9.09
N GLN H 145 -0.10 -96.37 8.34
CA GLN H 145 0.43 -95.79 7.10
C GLN H 145 1.54 -94.79 7.40
N GLU H 146 1.38 -94.01 8.47
CA GLU H 146 2.42 -93.07 8.89
C GLU H 146 3.74 -93.78 9.14
N LEU H 147 3.70 -94.86 9.93
CA LEU H 147 4.93 -95.59 10.23
C LEU H 147 5.46 -96.36 9.02
N ARG H 148 4.67 -96.50 7.96
CA ARG H 148 5.10 -97.21 6.77
C ARG H 148 6.10 -96.37 5.97
N ASN I 16 -32.67 -80.92 -47.00
CA ASN I 16 -31.24 -81.16 -47.20
C ASN I 16 -30.43 -79.89 -46.93
N ILE I 17 -30.55 -79.36 -45.72
CA ILE I 17 -29.81 -78.18 -45.34
C ILE I 17 -28.33 -78.52 -45.26
N LYS I 18 -27.51 -77.79 -46.01
CA LYS I 18 -26.09 -78.05 -46.07
C LYS I 18 -25.32 -76.74 -46.22
N ILE I 19 -24.03 -76.81 -45.87
CA ILE I 19 -23.10 -75.69 -45.99
C ILE I 19 -22.26 -75.88 -47.23
N MET I 20 -22.10 -74.78 -47.98
CA MET I 20 -21.42 -74.71 -49.27
C MET I 20 -20.23 -73.78 -49.11
N ARG I 21 -19.06 -74.23 -49.58
CA ARG I 21 -17.87 -73.39 -49.67
C ARG I 21 -17.64 -73.04 -51.13
N LEU I 22 -17.74 -71.76 -51.45
CA LEU I 22 -17.54 -71.28 -52.81
C LEU I 22 -16.07 -70.95 -53.04
N VAL I 23 -15.71 -70.82 -54.32
CA VAL I 23 -14.32 -70.51 -54.67
C VAL I 23 -13.92 -69.14 -54.17
N THR I 24 -14.88 -68.22 -54.02
CA THR I 24 -14.58 -66.88 -53.56
C THR I 24 -14.65 -66.76 -52.04
N CYS I 25 -13.95 -67.69 -51.37
CA CYS I 25 -13.84 -67.74 -49.91
C CYS I 25 -15.13 -67.34 -49.21
N GLU I 26 -16.20 -68.05 -49.58
CA GLU I 26 -17.54 -67.76 -49.07
C GLU I 26 -18.18 -69.01 -48.52
N ASP I 27 -18.85 -68.88 -47.38
CA ASP I 27 -19.58 -69.97 -46.75
C ASP I 27 -21.06 -69.62 -46.75
N ILE I 28 -21.88 -70.46 -47.38
CA ILE I 28 -23.32 -70.20 -47.51
C ILE I 28 -24.09 -71.45 -47.16
N ILE I 29 -25.08 -71.32 -46.29
CA ILE I 29 -25.93 -72.44 -45.89
C ILE I 29 -27.25 -72.34 -46.63
N GLY I 30 -27.77 -73.49 -47.06
CA GLY I 30 -29.05 -73.50 -47.76
C GLY I 30 -29.49 -74.91 -48.04
N ASN I 31 -30.71 -75.02 -48.57
CA ASN I 31 -31.29 -76.30 -48.94
C ASN I 31 -30.85 -76.61 -50.37
N ILE I 32 -30.05 -77.67 -50.53
CA ILE I 32 -29.41 -77.94 -51.81
C ILE I 32 -29.99 -79.21 -52.41
N SER I 33 -29.98 -79.26 -53.74
CA SER I 33 -30.34 -80.44 -54.51
C SER I 33 -29.22 -80.70 -55.52
N GLU I 34 -28.73 -81.93 -55.56
CA GLU I 34 -27.53 -82.28 -56.30
C GLU I 34 -27.91 -83.03 -57.57
N SER I 35 -27.37 -82.57 -58.69
CA SER I 35 -27.52 -83.21 -60.00
C SER I 35 -26.15 -83.62 -60.50
N GLN I 36 -26.11 -84.25 -61.68
CA GLN I 36 -24.87 -84.85 -62.17
C GLN I 36 -23.79 -83.80 -62.40
N GLY I 37 -24.16 -82.62 -62.90
CA GLY I 37 -23.16 -81.62 -63.21
C GLY I 37 -23.33 -80.30 -62.46
N LEU I 38 -24.56 -79.99 -62.07
CA LEU I 38 -24.88 -78.73 -61.43
C LEU I 38 -25.74 -78.99 -60.20
N ILE I 39 -25.78 -78.01 -59.30
CA ILE I 39 -26.57 -78.13 -58.08
C ILE I 39 -27.44 -76.89 -57.93
N THR I 40 -28.61 -77.07 -57.33
CA THR I 40 -29.53 -75.99 -57.07
C THR I 40 -29.58 -75.72 -55.57
N ILE I 41 -29.76 -74.45 -55.21
CA ILE I 41 -29.77 -74.05 -53.81
C ILE I 41 -30.94 -73.12 -53.56
N LYS I 42 -31.58 -73.27 -52.40
CA LYS I 42 -32.69 -72.43 -51.99
C LYS I 42 -32.41 -71.87 -50.61
N LYS I 43 -32.82 -70.61 -50.41
CA LYS I 43 -32.68 -69.90 -49.14
C LYS I 43 -31.22 -69.88 -48.68
N ALA I 44 -30.34 -69.51 -49.61
CA ALA I 44 -28.93 -69.39 -49.28
C ALA I 44 -28.69 -68.21 -48.34
N PHE I 45 -27.70 -68.36 -47.46
CA PHE I 45 -27.37 -67.31 -46.50
C PHE I 45 -25.86 -67.34 -46.24
N VAL I 46 -25.21 -66.21 -46.49
CA VAL I 46 -23.79 -66.07 -46.16
C VAL I 46 -23.64 -65.95 -44.65
N ILE I 47 -22.56 -66.52 -44.13
CA ILE I 47 -22.28 -66.56 -42.70
C ILE I 47 -21.11 -65.62 -42.43
N ILE I 48 -21.34 -64.63 -41.57
CA ILE I 48 -20.34 -63.66 -41.16
C ILE I 48 -19.97 -63.95 -39.72
N PRO I 49 -18.71 -64.30 -39.42
CA PRO I 49 -18.25 -64.59 -38.05
C PRO I 49 -18.26 -63.35 -37.17
N LEU I 60 -22.51 -65.53 -34.67
CA LEU I 60 -22.61 -65.62 -36.11
C LEU I 60 -23.72 -64.71 -36.65
N VAL I 61 -23.57 -64.28 -37.89
CA VAL I 61 -24.54 -63.42 -38.55
C VAL I 61 -24.92 -64.06 -39.88
N LEU I 62 -26.23 -64.12 -40.16
CA LEU I 62 -26.74 -64.66 -41.41
C LEU I 62 -27.20 -63.51 -42.30
N CYS I 63 -26.72 -63.49 -43.54
CA CYS I 63 -27.08 -62.44 -44.48
C CYS I 63 -27.61 -63.06 -45.76
N PRO I 64 -28.61 -62.46 -46.40
CA PRO I 64 -29.08 -62.99 -47.68
C PRO I 64 -27.96 -63.02 -48.71
N TRP I 65 -27.88 -64.14 -49.44
CA TRP I 65 -26.78 -64.32 -50.39
C TRP I 65 -26.95 -63.42 -51.61
N GLN I 66 -28.16 -63.36 -52.16
CA GLN I 66 -28.44 -62.61 -53.39
C GLN I 66 -29.62 -61.70 -53.14
N PRO I 67 -29.40 -60.56 -52.47
CA PRO I 67 -30.51 -59.64 -52.22
C PRO I 67 -30.80 -58.74 -53.40
N TYR I 68 -30.83 -59.33 -54.60
CA TYR I 68 -31.12 -58.61 -55.82
C TYR I 68 -32.09 -59.35 -56.74
N THR I 69 -32.40 -60.61 -56.47
CA THR I 69 -33.28 -61.41 -57.31
C THR I 69 -34.45 -61.94 -56.49
N ASP I 70 -35.54 -62.22 -57.19
CA ASP I 70 -36.74 -62.80 -56.60
C ASP I 70 -36.87 -64.29 -56.89
N ASP I 71 -35.85 -64.89 -57.52
CA ASP I 71 -35.93 -66.31 -57.87
C ASP I 71 -35.93 -67.17 -56.62
N LYS I 72 -36.71 -68.26 -56.66
CA LYS I 72 -36.80 -69.15 -55.50
C LYS I 72 -35.53 -69.97 -55.33
N GLU I 73 -34.92 -70.40 -56.44
CA GLU I 73 -33.74 -71.26 -56.39
C GLU I 73 -32.68 -70.72 -57.35
N ILE I 74 -31.42 -71.01 -57.02
CA ILE I 74 -30.28 -70.58 -57.79
C ILE I 74 -29.49 -71.80 -58.22
N VAL I 75 -29.17 -71.90 -59.50
CA VAL I 75 -28.41 -73.01 -60.05
C VAL I 75 -26.94 -72.60 -60.14
N ILE I 76 -26.05 -73.56 -59.91
CA ILE I 76 -24.61 -73.27 -59.92
C ILE I 76 -23.86 -74.53 -60.31
N ASP I 77 -22.83 -74.37 -61.14
CA ASP I 77 -22.02 -75.49 -61.59
C ASP I 77 -21.20 -76.05 -60.43
N ASP I 78 -20.97 -77.37 -60.48
CA ASP I 78 -20.21 -78.04 -59.44
C ASP I 78 -18.72 -77.78 -59.52
N SER I 79 -18.23 -77.23 -60.63
CA SER I 79 -16.80 -76.95 -60.75
C SER I 79 -16.36 -75.81 -59.85
N LYS I 80 -17.30 -74.99 -59.38
CA LYS I 80 -17.00 -73.90 -58.45
C LYS I 80 -17.24 -74.30 -57.00
N VAL I 81 -17.19 -75.59 -56.71
CA VAL I 81 -17.45 -76.13 -55.37
C VAL I 81 -16.12 -76.46 -54.72
N ILE I 82 -15.96 -76.05 -53.47
CA ILE I 82 -14.78 -76.39 -52.69
C ILE I 82 -15.15 -77.54 -51.76
N THR I 83 -16.10 -77.30 -50.85
CA THR I 83 -16.58 -78.33 -49.94
C THR I 83 -18.08 -78.24 -49.76
N ILE I 84 -18.72 -79.41 -49.67
CA ILE I 84 -20.12 -79.54 -49.25
C ILE I 84 -20.11 -80.26 -47.92
N THR I 85 -20.92 -79.78 -46.97
CA THR I 85 -20.89 -80.42 -45.66
C THR I 85 -22.24 -80.27 -44.96
N SER I 86 -22.44 -81.10 -43.93
CA SER I 86 -23.66 -81.07 -43.13
C SER I 86 -23.42 -80.22 -41.89
N PRO I 87 -24.22 -79.20 -41.64
CA PRO I 87 -23.97 -78.31 -40.49
C PRO I 87 -24.40 -78.95 -39.18
N LYS I 88 -24.19 -78.21 -38.10
CA LYS I 88 -24.57 -78.65 -36.77
C LYS I 88 -26.06 -78.38 -36.53
N ASP I 89 -26.59 -78.95 -35.45
CA ASP I 89 -28.00 -78.78 -35.13
C ASP I 89 -28.32 -77.34 -34.76
N ASP I 90 -27.42 -76.68 -34.02
CA ASP I 90 -27.66 -75.30 -33.63
C ASP I 90 -27.75 -74.39 -34.85
N ILE I 91 -26.88 -74.60 -35.83
CA ILE I 91 -26.91 -73.79 -37.05
C ILE I 91 -28.21 -74.00 -37.80
N ILE I 92 -28.66 -75.26 -37.89
CA ILE I 92 -29.92 -75.55 -38.57
C ILE I 92 -31.08 -74.88 -37.85
N LYS I 93 -31.09 -74.93 -36.52
CA LYS I 93 -32.15 -74.28 -35.75
C LYS I 93 -32.15 -72.78 -35.98
N SER I 94 -30.97 -72.16 -35.98
CA SER I 94 -30.89 -70.71 -36.23
C SER I 94 -31.37 -70.37 -37.63
N TYR I 95 -30.99 -71.19 -38.62
CA TYR I 95 -31.43 -70.97 -39.99
C TYR I 95 -32.95 -71.07 -40.11
N GLU I 96 -33.55 -72.08 -39.47
CA GLU I 96 -35.00 -72.21 -39.47
C GLU I 96 -35.68 -71.01 -38.82
N SER I 97 -35.16 -70.58 -37.67
CA SER I 97 -35.74 -69.43 -36.98
C SER I 97 -35.65 -68.17 -37.84
N HIS I 98 -34.49 -67.96 -38.48
CA HIS I 98 -34.32 -66.80 -39.34
C HIS I 98 -35.32 -66.81 -40.49
N THR I 99 -35.45 -67.95 -41.17
CA THR I 99 -36.39 -68.02 -42.28
C THR I 99 -37.82 -67.78 -41.82
N ARG I 100 -38.21 -68.39 -40.70
CA ARG I 100 -39.57 -68.20 -40.19
C ARG I 100 -39.84 -66.74 -39.84
N VAL I 101 -38.87 -66.08 -39.20
CA VAL I 101 -39.03 -64.67 -38.85
C VAL I 101 -39.18 -63.82 -40.11
N LEU I 102 -38.36 -64.09 -41.13
CA LEU I 102 -38.45 -63.34 -42.37
C LEU I 102 -39.82 -63.51 -43.03
N GLU I 103 -40.32 -64.75 -43.06
CA GLU I 103 -41.62 -64.99 -43.68
C GLU I 103 -42.74 -64.30 -42.91
N ASN I 104 -42.65 -64.33 -41.57
CA ASN I 104 -43.66 -63.65 -40.76
C ASN I 104 -43.62 -62.14 -41.01
N LYS I 105 -42.43 -61.56 -41.12
CA LYS I 105 -42.32 -60.14 -41.43
C LYS I 105 -42.93 -59.83 -42.79
N GLN I 106 -42.69 -60.70 -43.78
CA GLN I 106 -43.25 -60.49 -45.11
C GLN I 106 -44.77 -60.51 -45.09
N VAL I 107 -45.36 -61.49 -44.40
CA VAL I 107 -46.81 -61.59 -44.38
C VAL I 107 -47.43 -60.43 -43.61
N GLU I 108 -46.77 -59.99 -42.52
CA GLU I 108 -47.25 -58.83 -41.79
C GLU I 108 -47.22 -57.57 -42.66
N GLU I 109 -46.14 -57.39 -43.43
CA GLU I 109 -46.07 -56.25 -44.33
C GLU I 109 -47.15 -56.31 -45.40
N ILE I 110 -47.44 -57.51 -45.91
CA ILE I 110 -48.50 -57.66 -46.91
C ILE I 110 -49.85 -57.26 -46.32
N LEU I 111 -50.13 -57.68 -45.09
CA LEU I 111 -51.38 -57.31 -44.44
C LEU I 111 -51.46 -55.80 -44.23
N ARG I 112 -50.36 -55.19 -43.78
CA ARG I 112 -50.35 -53.75 -43.58
C ARG I 112 -50.63 -53.02 -44.89
N LEU I 113 -50.02 -53.48 -45.98
CA LEU I 113 -50.26 -52.85 -47.27
C LEU I 113 -51.70 -53.03 -47.72
N GLU I 114 -52.28 -54.21 -47.47
CA GLU I 114 -53.70 -54.43 -47.74
C GLU I 114 -54.55 -53.37 -47.05
N LYS I 115 -54.34 -53.20 -45.75
CA LYS I 115 -55.14 -52.23 -45.00
C LYS I 115 -54.94 -50.82 -45.52
N GLU I 116 -53.68 -50.44 -45.79
CA GLU I 116 -53.39 -49.09 -46.25
C GLU I 116 -54.04 -48.80 -47.60
N ILE I 117 -53.94 -49.75 -48.54
CA ILE I 117 -54.51 -49.51 -49.87
C ILE I 117 -56.02 -49.47 -49.79
N GLU I 118 -56.63 -50.30 -48.95
CA GLU I 118 -58.08 -50.26 -48.79
C GLU I 118 -58.54 -48.90 -48.26
N ASP I 119 -57.85 -48.41 -47.21
CA ASP I 119 -58.22 -47.12 -46.63
C ASP I 119 -58.05 -46.01 -47.66
N LEU I 120 -56.92 -46.02 -48.38
CA LEU I 120 -56.67 -44.98 -49.37
C LEU I 120 -57.72 -44.99 -50.47
N GLN I 121 -58.08 -46.18 -50.96
CA GLN I 121 -59.07 -46.28 -52.02
C GLN I 121 -60.43 -45.77 -51.53
N ARG I 122 -60.82 -46.14 -50.31
CA ARG I 122 -62.11 -45.68 -49.79
C ARG I 122 -62.15 -44.17 -49.66
N MET I 123 -61.09 -43.58 -49.10
CA MET I 123 -61.08 -42.13 -48.91
C MET I 123 -61.03 -41.42 -50.26
N LYS I 124 -60.29 -41.96 -51.22
CA LYS I 124 -60.25 -41.38 -52.56
C LYS I 124 -61.62 -41.42 -53.23
N GLU I 125 -62.33 -42.53 -53.08
CA GLU I 125 -63.69 -42.61 -53.64
C GLU I 125 -64.61 -41.60 -52.98
N GLN I 126 -64.49 -41.45 -51.66
CA GLN I 126 -65.29 -40.44 -50.96
C GLN I 126 -64.99 -39.04 -51.50
N GLN I 127 -63.71 -38.73 -51.72
CA GLN I 127 -63.36 -37.43 -52.29
C GLN I 127 -63.93 -37.27 -53.68
N GLU I 128 -63.88 -38.33 -54.49
CA GLU I 128 -64.41 -38.25 -55.86
C GLU I 128 -65.92 -38.04 -55.87
N LEU I 129 -66.62 -38.57 -54.87
CA LEU I 129 -68.07 -38.47 -54.86
C LEU I 129 -68.53 -37.01 -54.79
N SER I 130 -67.89 -36.21 -53.95
CA SER I 130 -68.30 -34.82 -53.74
C SER I 130 -67.57 -33.90 -54.72
N LEU I 131 -67.93 -34.05 -55.99
CA LEU I 131 -67.33 -33.27 -57.08
C LEU I 131 -68.41 -32.56 -57.88
N THR I 132 -67.97 -31.75 -58.83
CA THR I 132 -68.83 -31.00 -59.72
C THR I 132 -68.70 -31.57 -61.14
N GLU I 133 -69.80 -31.56 -61.88
CA GLU I 133 -69.82 -32.17 -63.22
C GLU I 133 -68.72 -31.59 -64.11
N ALA I 134 -68.60 -30.26 -64.16
CA ALA I 134 -67.55 -29.64 -64.96
C ALA I 134 -66.18 -30.03 -64.45
N SER I 135 -66.01 -30.07 -63.12
CA SER I 135 -64.74 -30.53 -62.55
C SER I 135 -64.46 -31.98 -62.91
N LEU I 136 -65.50 -32.81 -62.94
CA LEU I 136 -65.32 -34.22 -63.33
C LEU I 136 -64.87 -34.32 -64.78
N GLN I 137 -65.47 -33.54 -65.67
CA GLN I 137 -65.05 -33.54 -67.06
C GLN I 137 -63.60 -33.07 -67.20
N LYS I 138 -63.23 -32.01 -66.47
CA LYS I 138 -61.86 -31.52 -66.50
C LYS I 138 -60.90 -32.58 -65.97
N LEU I 139 -61.29 -33.29 -64.92
CA LEU I 139 -60.48 -34.38 -64.39
C LEU I 139 -60.29 -35.48 -65.43
N GLN I 140 -61.36 -35.85 -66.14
CA GLN I 140 -61.25 -36.88 -67.17
C GLN I 140 -60.30 -36.45 -68.28
N GLU I 141 -60.43 -35.22 -68.75
CA GLU I 141 -59.53 -34.73 -69.79
C GLU I 141 -58.09 -34.67 -69.30
N ARG I 142 -57.88 -34.23 -68.06
CA ARG I 142 -56.54 -34.15 -67.50
C ARG I 142 -55.91 -35.52 -67.37
N ARG I 143 -56.68 -36.52 -66.93
CA ARG I 143 -56.17 -37.88 -66.84
C ARG I 143 -55.83 -38.43 -68.22
N ASP I 144 -56.66 -38.13 -69.22
CA ASP I 144 -56.36 -38.55 -70.58
C ASP I 144 -55.06 -37.93 -71.06
N GLN I 145 -54.84 -36.66 -70.75
CA GLN I 145 -53.59 -36.02 -71.13
C GLN I 145 -52.41 -36.64 -70.37
N GLU I 146 -52.62 -36.98 -69.10
CA GLU I 146 -51.59 -37.65 -68.31
C GLU I 146 -51.16 -38.95 -68.98
N LEU I 147 -52.13 -39.80 -69.35
CA LEU I 147 -51.79 -41.06 -69.99
C LEU I 147 -51.24 -40.90 -71.39
N ARG I 148 -51.37 -39.70 -71.98
CA ARG I 148 -50.88 -39.45 -73.32
C ARG I 148 -49.36 -39.34 -73.33
N ASN J 16 -43.38 26.81 -84.99
CA ASN J 16 -42.40 25.89 -85.57
C ASN J 16 -41.29 25.57 -84.57
N ILE J 17 -41.68 25.03 -83.42
CA ILE J 17 -40.72 24.66 -82.40
C ILE J 17 -39.88 23.49 -82.90
N LYS J 18 -38.56 23.65 -82.92
CA LYS J 18 -37.66 22.64 -83.44
C LYS J 18 -36.37 22.64 -82.65
N ILE J 19 -35.66 21.51 -82.75
CA ILE J 19 -34.36 21.31 -82.11
C ILE J 19 -33.27 21.49 -83.16
N MET J 20 -32.24 22.23 -82.76
CA MET J 20 -31.11 22.63 -83.59
C MET J 20 -29.85 22.01 -83.01
N ARG J 21 -29.04 21.37 -83.86
CA ARG J 21 -27.72 20.90 -83.46
C ARG J 21 -26.68 21.80 -84.10
N LEU J 22 -25.92 22.50 -83.27
CA LEU J 22 -24.88 23.40 -83.73
C LEU J 22 -23.56 22.65 -83.89
N VAL J 23 -22.62 23.28 -84.61
CA VAL J 23 -21.32 22.67 -84.84
C VAL J 23 -20.55 22.51 -83.54
N THR J 24 -20.82 23.36 -82.56
CA THR J 24 -20.11 23.31 -81.28
C THR J 24 -20.82 22.38 -80.29
N CYS J 25 -21.15 21.18 -80.74
CA CYS J 25 -21.77 20.12 -79.95
C CYS J 25 -22.82 20.68 -78.98
N GLU J 26 -23.76 21.41 -79.55
CA GLU J 26 -24.79 22.10 -78.76
C GLU J 26 -26.17 21.76 -79.30
N ASP J 27 -27.11 21.53 -78.39
CA ASP J 27 -28.50 21.26 -78.74
C ASP J 27 -29.36 22.39 -78.18
N ILE J 28 -30.09 23.08 -79.06
CA ILE J 28 -30.89 24.23 -78.65
C ILE J 28 -32.27 24.12 -79.29
N ILE J 29 -33.31 24.28 -78.48
CA ILE J 29 -34.69 24.23 -78.96
C ILE J 29 -35.22 25.65 -79.08
N GLY J 30 -35.99 25.91 -80.12
CA GLY J 30 -36.55 27.24 -80.30
C GLY J 30 -37.49 27.28 -81.49
N ASN J 31 -38.14 28.42 -81.66
CA ASN J 31 -39.05 28.65 -82.77
C ASN J 31 -38.23 29.17 -83.94
N ILE J 32 -38.14 28.39 -85.01
CA ILE J 32 -37.23 28.70 -86.11
C ILE J 32 -38.02 29.06 -87.35
N SER J 33 -37.41 29.92 -88.17
CA SER J 33 -37.91 30.29 -89.49
C SER J 33 -36.78 30.10 -90.48
N GLU J 34 -37.08 29.39 -91.58
CA GLU J 34 -36.06 28.94 -92.52
C GLU J 34 -36.12 29.79 -93.78
N SER J 35 -34.96 30.30 -94.19
CA SER J 35 -34.80 31.05 -95.42
C SER J 35 -33.79 30.31 -96.31
N GLN J 36 -33.55 30.85 -97.51
CA GLN J 36 -32.76 30.13 -98.50
C GLN J 36 -31.33 29.87 -98.01
N GLY J 37 -30.74 30.84 -97.32
CA GLY J 37 -29.36 30.69 -96.90
C GLY J 37 -29.13 30.74 -95.40
N LEU J 38 -30.03 31.43 -94.69
CA LEU J 38 -29.89 31.64 -93.25
C LEU J 38 -31.22 31.33 -92.57
N ILE J 39 -31.15 31.09 -91.26
CA ILE J 39 -32.35 30.80 -90.49
C ILE J 39 -32.38 31.70 -89.26
N THR J 40 -33.59 32.04 -88.83
CA THR J 40 -33.79 32.85 -87.64
C THR J 40 -34.39 31.99 -86.54
N ILE J 41 -34.02 32.29 -85.31
CA ILE J 41 -34.48 31.51 -84.15
C ILE J 41 -34.94 32.46 -83.06
N LYS J 42 -36.02 32.08 -82.37
CA LYS J 42 -36.55 32.85 -81.26
C LYS J 42 -36.71 31.93 -80.05
N LYS J 43 -36.44 32.49 -78.87
CA LYS J 43 -36.57 31.79 -77.60
C LYS J 43 -35.74 30.50 -77.59
N ALA J 44 -34.48 30.62 -78.00
CA ALA J 44 -33.57 29.48 -77.99
C ALA J 44 -33.24 29.08 -76.55
N PHE J 45 -33.05 27.79 -76.35
CA PHE J 45 -32.70 27.28 -75.02
C PHE J 45 -31.79 26.07 -75.17
N VAL J 46 -30.61 26.15 -74.56
CA VAL J 46 -29.70 25.01 -74.52
C VAL J 46 -30.25 23.96 -73.57
N ILE J 47 -30.03 22.70 -73.93
CA ILE J 47 -30.52 21.55 -73.17
C ILE J 47 -29.33 20.89 -72.48
N ILE J 48 -29.39 20.81 -71.17
CA ILE J 48 -28.36 20.17 -70.35
C ILE J 48 -28.94 18.88 -69.79
N PRO J 49 -28.38 17.70 -70.15
CA PRO J 49 -28.86 16.40 -69.65
C PRO J 49 -28.62 16.23 -68.15
N LEU J 60 -33.96 16.79 -67.57
CA LEU J 60 -33.40 17.78 -68.49
C LEU J 60 -33.44 19.18 -67.88
N VAL J 61 -32.52 20.03 -68.30
CA VAL J 61 -32.43 21.41 -67.83
C VAL J 61 -32.42 22.33 -69.03
N LEU J 62 -33.23 23.39 -69.00
CA LEU J 62 -33.27 24.37 -70.06
C LEU J 62 -32.59 25.65 -69.59
N CYS J 63 -31.65 26.13 -70.40
CA CYS J 63 -30.90 27.33 -70.06
C CYS J 63 -30.98 28.34 -71.21
N PRO J 64 -31.07 29.63 -70.91
CA PRO J 64 -31.07 30.62 -72.00
C PRO J 64 -29.81 30.51 -72.84
N TRP J 65 -30.00 30.58 -74.16
CA TRP J 65 -28.87 30.39 -75.07
C TRP J 65 -27.94 31.59 -75.06
N GLN J 66 -28.49 32.80 -75.10
CA GLN J 66 -27.71 34.04 -75.18
C GLN J 66 -28.18 34.98 -74.09
N PRO J 67 -27.74 34.76 -72.86
CA PRO J 67 -28.17 35.66 -71.76
C PRO J 67 -27.34 36.92 -71.70
N TYR J 68 -27.09 37.52 -72.86
CA TYR J 68 -26.33 38.76 -72.97
C TYR J 68 -26.98 39.78 -73.89
N THR J 69 -27.98 39.40 -74.67
CA THR J 69 -28.63 40.30 -75.62
C THR J 69 -30.12 40.39 -75.33
N ASP J 70 -30.70 41.51 -75.76
CA ASP J 70 -32.13 41.74 -75.64
C ASP J 70 -32.87 41.55 -76.95
N ASP J 71 -32.19 41.07 -78.00
CA ASP J 71 -32.82 40.89 -79.29
C ASP J 71 -33.86 39.79 -79.23
N LYS J 72 -34.96 40.00 -79.96
CA LYS J 72 -36.04 39.02 -79.97
C LYS J 72 -35.67 37.77 -80.75
N GLU J 73 -34.94 37.94 -81.85
CA GLU J 73 -34.58 36.83 -82.73
C GLU J 73 -33.10 36.89 -83.06
N ILE J 74 -32.52 35.73 -83.35
CA ILE J 74 -31.11 35.59 -83.68
C ILE J 74 -31.00 34.93 -85.04
N VAL J 75 -30.22 35.53 -85.94
CA VAL J 75 -30.01 35.00 -87.28
C VAL J 75 -28.72 34.19 -87.29
N ILE J 76 -28.69 33.11 -88.07
CA ILE J 76 -27.53 32.24 -88.13
C ILE J 76 -27.48 31.57 -89.49
N ASP J 77 -26.29 31.46 -90.05
CA ASP J 77 -26.09 30.84 -91.35
C ASP J 77 -26.36 29.34 -91.27
N ASP J 78 -26.86 28.79 -92.38
CA ASP J 78 -27.18 27.37 -92.44
C ASP J 78 -25.95 26.48 -92.56
N SER J 79 -24.78 27.06 -92.88
CA SER J 79 -23.57 26.26 -93.00
C SER J 79 -23.10 25.73 -91.65
N LYS J 80 -23.55 26.33 -90.56
CA LYS J 80 -23.21 25.88 -89.21
C LYS J 80 -24.27 24.97 -88.62
N VAL J 81 -25.05 24.31 -89.48
CA VAL J 81 -26.15 23.44 -89.07
C VAL J 81 -25.71 22.00 -89.19
N ILE J 82 -25.98 21.20 -88.15
CA ILE J 82 -25.69 19.77 -88.19
C ILE J 82 -26.99 19.05 -88.48
N THR J 83 -27.98 19.19 -87.58
CA THR J 83 -29.28 18.58 -87.76
C THR J 83 -30.38 19.52 -87.29
N ILE J 84 -31.49 19.52 -88.03
CA ILE J 84 -32.73 20.16 -87.63
C ILE J 84 -33.75 19.04 -87.40
N THR J 85 -34.52 19.13 -86.32
CA THR J 85 -35.45 18.05 -86.04
C THR J 85 -36.65 18.56 -85.27
N SER J 86 -37.72 17.76 -85.28
CA SER J 86 -38.94 18.08 -84.55
C SER J 86 -38.92 17.38 -83.20
N PRO J 87 -39.06 18.08 -82.09
CA PRO J 87 -38.96 17.46 -80.78
C PRO J 87 -40.23 16.68 -80.42
N LYS J 88 -40.20 16.07 -79.24
CA LYS J 88 -41.34 15.33 -78.73
C LYS J 88 -42.35 16.28 -78.09
N ASP J 89 -43.54 15.74 -77.79
CA ASP J 89 -44.60 16.55 -77.21
C ASP J 89 -44.24 16.99 -75.80
N ASP J 90 -43.61 16.12 -75.02
CA ASP J 90 -43.23 16.47 -73.65
C ASP J 90 -42.24 17.62 -73.64
N ILE J 91 -41.27 17.60 -74.56
CA ILE J 91 -40.28 18.67 -74.63
C ILE J 91 -40.96 19.99 -74.99
N ILE J 92 -41.90 19.95 -75.94
CA ILE J 92 -42.62 21.16 -76.33
C ILE J 92 -43.42 21.71 -75.16
N LYS J 93 -44.08 20.82 -74.42
CA LYS J 93 -44.85 21.25 -73.26
C LYS J 93 -43.96 21.89 -72.21
N SER J 94 -42.79 21.29 -71.94
CA SER J 94 -41.86 21.86 -70.98
C SER J 94 -41.34 23.21 -71.44
N TYR J 95 -41.06 23.34 -72.73
CA TYR J 95 -40.60 24.61 -73.28
C TYR J 95 -41.66 25.69 -73.14
N GLU J 96 -42.91 25.35 -73.43
CA GLU J 96 -44.00 26.31 -73.27
C GLU J 96 -44.16 26.73 -71.82
N SER J 97 -44.11 25.77 -70.89
CA SER J 97 -44.25 26.09 -69.48
C SER J 97 -43.11 27.00 -69.02
N HIS J 98 -41.88 26.70 -69.45
CA HIS J 98 -40.73 27.52 -69.08
C HIS J 98 -40.90 28.94 -69.57
N THR J 99 -41.27 29.11 -70.83
CA THR J 99 -41.44 30.46 -71.37
C THR J 99 -42.55 31.21 -70.64
N ARG J 100 -43.67 30.55 -70.37
CA ARG J 100 -44.77 31.20 -69.67
C ARG J 100 -44.35 31.62 -68.27
N VAL J 101 -43.62 30.76 -67.56
CA VAL J 101 -43.16 31.10 -66.21
C VAL J 101 -42.22 32.30 -66.26
N LEU J 102 -41.30 32.31 -67.23
CA LEU J 102 -40.37 33.44 -67.35
C LEU J 102 -41.12 34.74 -67.61
N GLU J 103 -42.11 34.71 -68.52
CA GLU J 103 -42.85 35.93 -68.82
C GLU J 103 -43.65 36.40 -67.61
N ASN J 104 -44.24 35.47 -66.86
CA ASN J 104 -44.97 35.84 -65.65
C ASN J 104 -44.04 36.46 -64.62
N LYS J 105 -42.84 35.91 -64.46
CA LYS J 105 -41.87 36.51 -63.55
C LYS J 105 -41.50 37.91 -64.00
N GLN J 106 -41.31 38.12 -65.30
CA GLN J 106 -40.96 39.43 -65.80
C GLN J 106 -42.05 40.45 -65.53
N VAL J 107 -43.31 40.08 -65.78
CA VAL J 107 -44.39 41.04 -65.56
C VAL J 107 -44.58 41.33 -64.07
N GLU J 108 -44.40 40.31 -63.23
CA GLU J 108 -44.48 40.54 -61.78
C GLU J 108 -43.38 41.49 -61.32
N GLU J 109 -42.16 41.32 -61.84
CA GLU J 109 -41.08 42.23 -61.49
C GLU J 109 -41.37 43.64 -61.96
N ILE J 110 -41.96 43.79 -63.14
CA ILE J 110 -42.31 45.11 -63.64
C ILE J 110 -43.33 45.78 -62.72
N LEU J 111 -44.33 45.03 -62.28
CA LEU J 111 -45.33 45.59 -61.37
C LEU J 111 -44.70 45.99 -60.04
N ARG J 112 -43.80 45.14 -59.52
CA ARG J 112 -43.13 45.47 -58.27
C ARG J 112 -42.33 46.75 -58.40
N LEU J 113 -41.62 46.91 -59.52
CA LEU J 113 -40.85 48.12 -59.74
C LEU J 113 -41.74 49.34 -59.88
N GLU J 114 -42.90 49.19 -60.55
CA GLU J 114 -43.88 50.26 -60.61
C GLU J 114 -44.24 50.74 -59.21
N LYS J 115 -44.63 49.80 -58.34
CA LYS J 115 -45.04 50.17 -56.99
C LYS J 115 -43.90 50.83 -56.23
N GLU J 116 -42.70 50.27 -56.34
CA GLU J 116 -41.56 50.81 -55.59
C GLU J 116 -41.22 52.23 -56.04
N ILE J 117 -41.19 52.47 -57.36
CA ILE J 117 -40.84 53.80 -57.84
C ILE J 117 -41.93 54.81 -57.48
N GLU J 118 -43.19 54.39 -57.52
CA GLU J 118 -44.27 55.29 -57.12
C GLU J 118 -44.13 55.69 -55.65
N ASP J 119 -43.89 54.71 -54.77
CA ASP J 119 -43.74 54.99 -53.36
C ASP J 119 -42.54 55.91 -53.12
N LEU J 120 -41.41 55.61 -53.77
CA LEU J 120 -40.22 56.42 -53.58
C LEU J 120 -40.44 57.86 -54.05
N GLN J 121 -41.09 58.03 -55.20
CA GLN J 121 -41.34 59.38 -55.70
C GLN J 121 -42.26 60.15 -54.76
N ARG J 122 -43.31 59.50 -54.26
CA ARG J 122 -44.22 60.18 -53.34
C ARG J 122 -43.51 60.62 -52.07
N MET J 123 -42.72 59.72 -51.48
CA MET J 123 -42.03 60.06 -50.23
C MET J 123 -40.99 61.14 -50.47
N LYS J 124 -40.30 61.08 -51.61
CA LYS J 124 -39.33 62.13 -51.94
C LYS J 124 -39.99 63.49 -52.11
N GLU J 125 -41.16 63.51 -52.76
CA GLU J 125 -41.88 64.77 -52.90
C GLU J 125 -42.32 65.31 -51.54
N GLN J 126 -42.77 64.41 -50.66
CA GLN J 126 -43.14 64.84 -49.31
C GLN J 126 -41.94 65.43 -48.59
N GLN J 127 -40.78 64.80 -48.71
CA GLN J 127 -39.57 65.34 -48.10
C GLN J 127 -39.22 66.71 -48.68
N GLU J 128 -39.35 66.86 -50.00
CA GLU J 128 -39.04 68.13 -50.64
C GLU J 128 -39.98 69.24 -50.19
N LEU J 129 -41.24 68.90 -49.89
CA LEU J 129 -42.22 69.92 -49.52
C LEU J 129 -41.80 70.66 -48.25
N SER J 130 -41.31 69.93 -47.25
CA SER J 130 -40.98 70.53 -45.95
C SER J 130 -39.51 70.97 -45.95
N LEU J 131 -39.24 72.00 -46.75
CA LEU J 131 -37.90 72.54 -46.90
C LEU J 131 -37.90 74.04 -46.60
N THR J 132 -36.71 74.62 -46.61
CA THR J 132 -36.50 76.04 -46.37
C THR J 132 -36.03 76.68 -47.68
N GLU J 133 -36.45 77.94 -47.90
CA GLU J 133 -36.15 78.62 -49.17
C GLU J 133 -34.64 78.64 -49.45
N ALA J 134 -33.85 79.02 -48.46
CA ALA J 134 -32.40 79.03 -48.64
C ALA J 134 -31.87 77.62 -48.92
N SER J 135 -32.41 76.63 -48.19
CA SER J 135 -32.02 75.25 -48.46
C SER J 135 -32.42 74.82 -49.86
N LEU J 136 -33.58 75.28 -50.34
CA LEU J 136 -34.00 74.96 -51.70
C LEU J 136 -33.06 75.56 -52.73
N GLN J 137 -32.64 76.81 -52.51
CA GLN J 137 -31.69 77.43 -53.42
C GLN J 137 -30.36 76.69 -53.41
N LYS J 138 -29.89 76.30 -52.21
CA LYS J 138 -28.65 75.54 -52.11
C LYS J 138 -28.78 74.19 -52.82
N LEU J 139 -29.92 73.55 -52.68
CA LEU J 139 -30.18 72.29 -53.39
C LEU J 139 -30.13 72.49 -54.90
N GLN J 140 -30.74 73.56 -55.39
CA GLN J 140 -30.73 73.82 -56.83
C GLN J 140 -29.30 74.03 -57.33
N GLU J 141 -28.52 74.84 -56.61
CA GLU J 141 -27.13 75.06 -57.01
C GLU J 141 -26.32 73.77 -56.96
N ARG J 142 -26.54 72.96 -55.91
CA ARG J 142 -25.80 71.71 -55.78
C ARG J 142 -26.14 70.74 -56.90
N ARG J 143 -27.43 70.66 -57.27
CA ARG J 143 -27.83 69.81 -58.38
C ARG J 143 -27.22 70.30 -59.70
N ASP J 144 -27.19 71.62 -59.89
CA ASP J 144 -26.54 72.16 -61.09
C ASP J 144 -25.07 71.80 -61.13
N GLN J 145 -24.38 71.86 -59.98
CA GLN J 145 -22.99 71.45 -59.94
C GLN J 145 -22.84 69.96 -60.21
N GLU J 146 -23.78 69.16 -59.69
CA GLU J 146 -23.78 67.72 -59.96
C GLU J 146 -23.84 67.44 -61.45
N LEU J 147 -24.79 68.06 -62.15
CA LEU J 147 -24.92 67.83 -63.58
C LEU J 147 -23.78 68.44 -64.38
N ARG J 148 -22.97 69.31 -63.76
CA ARG J 148 -21.85 69.92 -64.45
C ARG J 148 -20.72 68.92 -64.65
N ASN K 16 -31.43 -93.28 11.65
CA ASN K 16 -32.70 -92.62 11.93
C ASN K 16 -32.50 -91.14 12.22
N ILE K 17 -31.92 -90.42 11.26
CA ILE K 17 -31.69 -89.00 11.41
C ILE K 17 -33.03 -88.28 11.40
N LYS K 18 -33.31 -87.52 12.46
CA LYS K 18 -34.57 -86.83 12.61
C LYS K 18 -34.37 -85.49 13.29
N ILE K 19 -35.36 -84.61 13.12
CA ILE K 19 -35.38 -83.29 13.73
C ILE K 19 -36.31 -83.32 14.93
N MET K 20 -35.84 -82.72 16.02
CA MET K 20 -36.49 -82.68 17.32
C MET K 20 -36.81 -81.23 17.65
N ARG K 21 -38.04 -80.98 18.08
CA ARG K 21 -38.44 -79.67 18.61
C ARG K 21 -38.59 -79.79 20.11
N LEU K 22 -37.75 -79.07 20.84
CA LEU K 22 -37.79 -79.07 22.30
C LEU K 22 -38.74 -78.00 22.81
N VAL K 23 -39.09 -78.12 24.09
CA VAL K 23 -40.01 -77.17 24.70
C VAL K 23 -39.39 -75.78 24.76
N THR K 24 -38.07 -75.69 24.81
CA THR K 24 -37.40 -74.40 24.89
C THR K 24 -37.09 -73.84 23.51
N CYS K 25 -38.11 -73.81 22.65
CA CYS K 25 -38.05 -73.27 21.29
C CYS K 25 -36.71 -73.58 20.62
N GLU K 26 -36.37 -74.86 20.57
CA GLU K 26 -35.11 -75.32 20.03
C GLU K 26 -35.32 -76.41 19.01
N ASP K 27 -34.58 -76.34 17.91
CA ASP K 27 -34.61 -77.35 16.86
C ASP K 27 -33.25 -78.02 16.79
N ILE K 28 -33.23 -79.33 16.98
CA ILE K 28 -31.98 -80.10 17.00
C ILE K 28 -32.13 -81.34 16.15
N ILE K 29 -31.17 -81.57 15.26
CA ILE K 29 -31.16 -82.75 14.39
C ILE K 29 -30.18 -83.77 14.95
N GLY K 30 -30.55 -85.04 14.88
CA GLY K 30 -29.67 -86.08 15.38
C GLY K 30 -30.24 -87.45 15.09
N ASN K 31 -29.43 -88.46 15.40
CA ASN K 31 -29.84 -89.85 15.23
C ASN K 31 -30.56 -90.29 16.50
N ILE K 32 -31.84 -90.58 16.39
CA ILE K 32 -32.67 -90.81 17.56
C ILE K 32 -33.11 -92.27 17.60
N SER K 33 -33.32 -92.76 18.83
CA SER K 33 -33.87 -94.08 19.10
C SER K 33 -35.02 -93.90 20.09
N GLU K 34 -36.17 -94.47 19.75
CA GLU K 34 -37.41 -94.22 20.47
C GLU K 34 -37.76 -95.42 21.36
N SER K 35 -38.02 -95.16 22.62
CA SER K 35 -38.46 -96.15 23.59
C SER K 35 -39.85 -95.74 24.10
N GLN K 36 -40.42 -96.57 24.99
CA GLN K 36 -41.81 -96.38 25.39
C GLN K 36 -42.02 -95.06 26.11
N GLY K 37 -41.06 -94.63 26.93
CA GLY K 37 -41.23 -93.42 27.69
C GLY K 37 -40.19 -92.34 27.43
N LEU K 38 -39.00 -92.77 27.02
CA LEU K 38 -37.88 -91.85 26.81
C LEU K 38 -37.23 -92.15 25.46
N ILE K 39 -36.47 -91.18 24.96
CA ILE K 39 -35.78 -91.34 23.69
C ILE K 39 -34.31 -90.95 23.87
N THR K 40 -33.45 -91.61 23.10
CA THR K 40 -32.03 -91.34 23.10
C THR K 40 -31.64 -90.66 21.80
N ILE K 41 -30.66 -89.76 21.88
CA ILE K 41 -30.23 -89.00 20.72
C ILE K 41 -28.70 -89.01 20.66
N LYS K 42 -28.16 -89.11 19.45
CA LYS K 42 -26.73 -89.08 19.20
C LYS K 42 -26.42 -88.03 18.16
N LYS K 43 -25.28 -87.34 18.35
CA LYS K 43 -24.79 -86.31 17.44
C LYS K 43 -25.85 -85.23 17.21
N ALA K 44 -26.41 -84.72 18.30
CA ALA K 44 -27.38 -83.64 18.22
C ALA K 44 -26.71 -82.35 17.78
N PHE K 45 -27.45 -81.55 17.03
CA PHE K 45 -26.93 -80.26 16.55
C PHE K 45 -28.06 -79.26 16.49
N VAL K 46 -27.90 -78.14 17.19
CA VAL K 46 -28.86 -77.04 17.11
C VAL K 46 -28.71 -76.34 15.77
N ILE K 47 -29.84 -75.89 15.22
CA ILE K 47 -29.90 -75.25 13.93
C ILE K 47 -30.17 -73.76 14.15
N ILE K 48 -29.27 -72.92 13.66
CA ILE K 48 -29.38 -71.47 13.74
C ILE K 48 -29.66 -70.94 12.34
N PRO K 49 -30.82 -70.30 12.10
CA PRO K 49 -31.18 -69.74 10.79
C PRO K 49 -30.28 -68.57 10.39
N LEU K 60 -28.05 -71.89 6.78
CA LEU K 60 -28.22 -72.53 8.08
C LEU K 60 -26.87 -72.77 8.75
N VAL K 61 -26.87 -72.80 10.07
CA VAL K 61 -25.67 -73.03 10.86
C VAL K 61 -25.94 -74.18 11.82
N LEU K 62 -25.01 -75.13 11.90
CA LEU K 62 -25.12 -76.26 12.81
C LEU K 62 -24.15 -76.05 13.97
N CYS K 63 -24.66 -76.16 15.20
CA CYS K 63 -23.84 -75.98 16.38
C CYS K 63 -24.00 -77.19 17.30
N PRO K 64 -22.92 -77.60 17.97
CA PRO K 64 -23.06 -78.72 18.93
C PRO K 64 -24.07 -78.40 20.01
N TRP K 65 -24.93 -79.38 20.32
CA TRP K 65 -26.00 -79.15 21.28
C TRP K 65 -25.48 -79.05 22.69
N GLN K 66 -24.57 -79.95 23.08
CA GLN K 66 -24.04 -80.03 24.44
C GLN K 66 -22.53 -80.04 24.37
N PRO K 67 -21.90 -78.88 24.18
CA PRO K 67 -20.43 -78.84 24.11
C PRO K 67 -19.80 -78.80 25.49
N TYR K 68 -20.31 -79.63 26.40
CA TYR K 68 -19.78 -79.74 27.75
C TYR K 68 -19.61 -81.17 28.22
N THR K 69 -20.13 -82.16 27.49
CA THR K 69 -20.06 -83.55 27.89
C THR K 69 -19.39 -84.38 26.80
N ASP K 70 -18.81 -85.50 27.21
CA ASP K 70 -18.18 -86.45 26.31
C ASP K 70 -19.04 -87.68 26.06
N ASP K 71 -20.28 -87.69 26.55
CA ASP K 71 -21.15 -88.84 26.38
C ASP K 71 -21.53 -89.01 24.92
N LYS K 72 -21.62 -90.27 24.48
CA LYS K 72 -21.96 -90.55 23.10
C LYS K 72 -23.43 -90.28 22.81
N GLU K 73 -24.30 -90.59 23.77
CA GLU K 73 -25.74 -90.43 23.58
C GLU K 73 -26.35 -89.71 24.78
N ILE K 74 -27.45 -89.02 24.54
CA ILE K 74 -28.17 -88.27 25.56
C ILE K 74 -29.60 -88.78 25.63
N VAL K 75 -30.06 -89.10 26.83
CA VAL K 75 -31.42 -89.58 27.06
C VAL K 75 -32.29 -88.41 27.47
N ILE K 76 -33.55 -88.42 27.04
CA ILE K 76 -34.48 -87.34 27.32
C ILE K 76 -35.90 -87.90 27.34
N ASP K 77 -36.69 -87.42 28.31
CA ASP K 77 -38.07 -87.84 28.44
C ASP K 77 -38.91 -87.33 27.27
N ASP K 78 -39.92 -88.12 26.90
CA ASP K 78 -40.80 -87.77 25.79
C ASP K 78 -41.80 -86.68 26.15
N SER K 79 -41.97 -86.36 27.43
CA SER K 79 -42.90 -85.33 27.82
C SER K 79 -42.42 -83.94 27.43
N LYS K 80 -41.12 -83.79 27.16
CA LYS K 80 -40.54 -82.52 26.71
C LYS K 80 -40.43 -82.44 25.20
N VAL K 81 -41.24 -83.22 24.48
CA VAL K 81 -41.21 -83.29 23.02
C VAL K 81 -42.35 -82.46 22.46
N ILE K 82 -42.05 -81.64 21.46
CA ILE K 82 -43.08 -80.88 20.77
C ILE K 82 -43.40 -81.60 19.47
N THR K 83 -42.40 -81.71 18.58
CA THR K 83 -42.56 -82.42 17.31
C THR K 83 -41.32 -83.23 16.99
N ILE K 84 -41.55 -84.42 16.42
CA ILE K 84 -40.51 -85.24 15.81
C ILE K 84 -40.80 -85.28 14.32
N THR K 85 -39.75 -85.12 13.50
CA THR K 85 -40.00 -85.09 12.06
C THR K 85 -38.79 -85.60 11.30
N SER K 86 -39.02 -85.95 10.03
CA SER K 86 -37.96 -86.41 9.15
C SER K 86 -37.46 -85.24 8.31
N PRO K 87 -36.17 -84.93 8.32
CA PRO K 87 -35.65 -83.77 7.60
C PRO K 87 -35.57 -84.04 6.11
N LYS K 88 -35.13 -83.00 5.38
CA LYS K 88 -34.93 -83.10 3.94
C LYS K 88 -33.59 -83.75 3.63
N ASP K 89 -33.41 -84.10 2.35
CA ASP K 89 -32.17 -84.76 1.94
C ASP K 89 -30.97 -83.83 2.05
N ASP K 90 -31.16 -82.55 1.71
CA ASP K 90 -30.06 -81.60 1.79
C ASP K 90 -29.58 -81.44 3.22
N ILE K 91 -30.51 -81.38 4.18
CA ILE K 91 -30.14 -81.25 5.59
C ILE K 91 -29.37 -82.47 6.04
N ILE K 92 -29.81 -83.67 5.63
CA ILE K 92 -29.11 -84.89 6.01
C ILE K 92 -27.70 -84.90 5.43
N LYS K 93 -27.57 -84.48 4.17
CA LYS K 93 -26.25 -84.43 3.54
C LYS K 93 -25.32 -83.46 4.28
N SER K 94 -25.84 -82.28 4.64
CA SER K 94 -25.05 -81.31 5.37
C SER K 94 -24.64 -81.85 6.74
N TYR K 95 -25.56 -82.54 7.41
CA TYR K 95 -25.26 -83.13 8.72
C TYR K 95 -24.17 -84.18 8.60
N GLU K 96 -24.25 -85.04 7.58
CA GLU K 96 -23.22 -86.04 7.36
C GLU K 96 -21.87 -85.40 7.07
N SER K 97 -21.85 -84.38 6.22
CA SER K 97 -20.60 -83.70 5.90
C SER K 97 -19.99 -83.07 7.15
N HIS K 98 -20.83 -82.42 7.97
CA HIS K 98 -20.35 -81.79 9.19
C HIS K 98 -19.74 -82.81 10.13
N THR K 99 -20.42 -83.93 10.34
CA THR K 99 -19.89 -84.95 11.25
C THR K 99 -18.57 -85.53 10.71
N ARG K 100 -18.51 -85.79 9.41
CA ARG K 100 -17.29 -86.34 8.83
C ARG K 100 -16.13 -85.37 8.97
N VAL K 101 -16.38 -84.08 8.73
CA VAL K 101 -15.33 -83.07 8.86
C VAL K 101 -14.84 -83.01 10.32
N LEU K 102 -15.78 -83.04 11.27
CA LEU K 102 -15.39 -82.99 12.68
C LEU K 102 -14.53 -84.19 13.05
N GLU K 103 -14.92 -85.38 12.60
CA GLU K 103 -14.14 -86.57 12.93
C GLU K 103 -12.76 -86.53 12.29
N ASN K 104 -12.67 -86.04 11.05
CA ASN K 104 -11.37 -85.90 10.41
C ASN K 104 -10.48 -84.92 11.16
N LYS K 105 -11.06 -83.80 11.61
CA LYS K 105 -10.29 -82.85 12.41
C LYS K 105 -9.80 -83.49 13.70
N GLN K 106 -10.65 -84.28 14.35
CA GLN K 106 -10.26 -84.93 15.60
C GLN K 106 -9.09 -85.89 15.37
N VAL K 107 -9.18 -86.72 14.32
CA VAL K 107 -8.11 -87.69 14.09
C VAL K 107 -6.81 -86.99 13.69
N GLU K 108 -6.91 -85.90 12.92
CA GLU K 108 -5.72 -85.14 12.57
C GLU K 108 -5.07 -84.54 13.82
N GLU K 109 -5.88 -84.00 14.73
CA GLU K 109 -5.34 -83.47 15.98
C GLU K 109 -4.67 -84.56 16.81
N ILE K 110 -5.27 -85.75 16.84
CA ILE K 110 -4.67 -86.86 17.58
C ILE K 110 -3.32 -87.22 17.00
N LEU K 111 -3.21 -87.28 15.67
CA LEU K 111 -1.92 -87.58 15.04
C LEU K 111 -0.89 -86.49 15.34
N ARG K 112 -1.31 -85.23 15.28
CA ARG K 112 -0.39 -84.14 15.59
C ARG K 112 0.12 -84.25 17.02
N LEU K 113 -0.77 -84.57 17.96
CA LEU K 113 -0.35 -84.72 19.35
C LEU K 113 0.58 -85.92 19.52
N GLU K 114 0.32 -87.01 18.80
CA GLU K 114 1.24 -88.15 18.80
C GLU K 114 2.65 -87.70 18.43
N LYS K 115 2.76 -86.99 17.29
CA LYS K 115 4.08 -86.57 16.83
C LYS K 115 4.74 -85.62 17.83
N GLU K 116 3.97 -84.68 18.37
CA GLU K 116 4.53 -83.70 19.30
C GLU K 116 5.04 -84.38 20.57
N ILE K 117 4.26 -85.29 21.14
CA ILE K 117 4.67 -85.94 22.38
C ILE K 117 5.88 -86.84 22.13
N GLU K 118 5.93 -87.50 20.98
CA GLU K 118 7.08 -88.33 20.67
C GLU K 118 8.35 -87.48 20.57
N ASP K 119 8.27 -86.35 19.86
CA ASP K 119 9.43 -85.48 19.72
C ASP K 119 9.87 -84.94 21.09
N LEU K 120 8.90 -84.50 21.89
CA LEU K 120 9.24 -83.95 23.20
C LEU K 120 9.89 -85.00 24.09
N GLN K 121 9.36 -86.22 24.09
CA GLN K 121 9.94 -87.28 24.91
C GLN K 121 11.36 -87.61 24.46
N ARG K 122 11.59 -87.69 23.15
CA ARG K 122 12.92 -87.99 22.66
C ARG K 122 13.92 -86.91 23.06
N MET K 123 13.54 -85.64 22.87
CA MET K 123 14.47 -84.56 23.20
C MET K 123 14.71 -84.49 24.71
N LYS K 124 13.67 -84.74 25.51
CA LYS K 124 13.84 -84.77 26.96
C LYS K 124 14.78 -85.88 27.39
N GLU K 125 14.65 -87.07 26.78
CA GLU K 125 15.56 -88.15 27.10
C GLU K 125 17.00 -87.81 26.72
N GLN K 126 17.17 -87.16 25.56
CA GLN K 126 18.50 -86.72 25.16
C GLN K 126 19.09 -85.74 26.18
N GLN K 127 18.27 -84.80 26.65
CA GLN K 127 18.73 -83.86 27.66
C GLN K 127 19.10 -84.58 28.96
N GLU K 128 18.29 -85.57 29.36
CA GLU K 128 18.57 -86.31 30.57
C GLU K 128 19.87 -87.12 30.47
N LEU K 129 20.20 -87.59 29.26
CA LEU K 129 21.39 -88.42 29.10
C LEU K 129 22.66 -87.67 29.48
N SER K 130 22.78 -86.41 29.06
CA SER K 130 23.99 -85.62 29.30
C SER K 130 23.88 -84.87 30.62
N LEU K 131 23.89 -85.63 31.70
CA LEU K 131 23.78 -85.08 33.06
C LEU K 131 24.96 -85.54 33.91
N THR K 132 25.00 -85.03 35.13
CA THR K 132 26.03 -85.34 36.12
C THR K 132 25.39 -86.14 37.25
N GLU K 133 26.15 -87.09 37.80
CA GLU K 133 25.61 -87.98 38.83
C GLU K 133 25.01 -87.21 40.00
N ALA K 134 25.75 -86.21 40.51
CA ALA K 134 25.23 -85.40 41.61
C ALA K 134 23.99 -84.64 41.17
N SER K 135 24.00 -84.11 39.95
CA SER K 135 22.81 -83.43 39.42
C SER K 135 21.64 -84.39 39.30
N LEU K 136 21.91 -85.65 38.90
CA LEU K 136 20.85 -86.64 38.80
C LEU K 136 20.25 -86.94 40.17
N GLN K 137 21.10 -87.07 41.19
CA GLN K 137 20.59 -87.29 42.54
C GLN K 137 19.75 -86.11 43.01
N LYS K 138 20.23 -84.88 42.74
CA LYS K 138 19.47 -83.70 43.12
C LYS K 138 18.14 -83.64 42.39
N LEU K 139 18.12 -84.03 41.11
CA LEU K 139 16.89 -84.10 40.35
C LEU K 139 15.92 -85.11 40.96
N GLN K 140 16.43 -86.28 41.35
CA GLN K 140 15.57 -87.29 41.96
C GLN K 140 14.96 -86.77 43.26
N GLU K 141 15.78 -86.16 44.12
CA GLU K 141 15.26 -85.62 45.37
C GLU K 141 14.25 -84.50 45.12
N ARG K 142 14.52 -83.63 44.13
CA ARG K 142 13.60 -82.54 43.83
C ARG K 142 12.27 -83.08 43.30
N ARG K 143 12.31 -84.09 42.45
CA ARG K 143 11.07 -84.69 41.96
C ARG K 143 10.29 -85.35 43.10
N ASP K 144 11.00 -86.01 44.02
CA ASP K 144 10.32 -86.58 45.18
C ASP K 144 9.65 -85.50 46.01
N GLN K 145 10.32 -84.35 46.19
CA GLN K 145 9.70 -83.25 46.92
C GLN K 145 8.51 -82.70 46.16
N GLU K 146 8.61 -82.63 44.83
CA GLU K 146 7.49 -82.19 43.99
C GLU K 146 6.26 -83.06 44.22
N LEU K 147 6.44 -84.37 44.15
CA LEU K 147 5.31 -85.27 44.35
C LEU K 147 4.82 -85.30 45.78
N ARG K 148 5.59 -84.75 46.73
CA ARG K 148 5.19 -84.72 48.12
C ARG K 148 4.09 -83.69 48.36
N ASN L 16 39.38 -37.68 82.79
CA ASN L 16 37.98 -37.92 83.12
C ASN L 16 37.06 -37.10 82.23
N ILE L 17 37.16 -37.33 80.92
CA ILE L 17 36.31 -36.62 79.97
C ILE L 17 34.87 -37.11 80.14
N LYS L 18 33.96 -36.17 80.39
CA LYS L 18 32.57 -36.49 80.63
C LYS L 18 31.67 -35.41 80.05
N ILE L 19 30.41 -35.79 79.84
CA ILE L 19 29.37 -34.90 79.35
C ILE L 19 28.50 -34.45 80.53
N MET L 20 28.21 -33.15 80.55
CA MET L 20 27.49 -32.46 81.60
C MET L 20 26.21 -31.90 81.01
N ARG L 21 25.09 -32.13 81.67
CA ARG L 21 23.81 -31.51 81.31
C ARG L 21 23.50 -30.44 82.35
N LEU L 22 23.45 -29.19 81.91
CA LEU L 22 23.16 -28.07 82.79
C LEU L 22 21.66 -27.81 82.84
N VAL L 23 21.24 -27.04 83.85
CA VAL L 23 19.83 -26.74 84.02
C VAL L 23 19.30 -25.92 82.85
N THR L 24 20.17 -25.14 82.20
CA THR L 24 19.74 -24.30 81.08
C THR L 24 19.85 -25.05 79.74
N CYS L 25 19.27 -26.25 79.71
CA CYS L 25 19.20 -27.11 78.53
C CYS L 25 20.48 -27.04 77.69
N GLU L 26 21.60 -27.32 78.35
CA GLU L 26 22.91 -27.21 77.72
C GLU L 26 23.69 -28.49 77.94
N ASP L 27 24.39 -28.93 76.89
CA ASP L 27 25.25 -30.11 76.95
C ASP L 27 26.69 -29.67 76.70
N ILE L 28 27.57 -29.93 77.66
CA ILE L 28 28.96 -29.49 77.58
C ILE L 28 29.87 -30.64 77.97
N ILE L 29 30.87 -30.91 77.13
CA ILE L 29 31.84 -31.97 77.39
C ILE L 29 33.12 -31.35 77.92
N GLY L 30 33.75 -32.01 78.89
CA GLY L 30 34.99 -31.50 79.44
C GLY L 30 35.57 -32.46 80.44
N ASN L 31 36.78 -32.13 80.90
CA ASN L 31 37.48 -32.93 81.90
C ASN L 31 37.02 -32.45 83.27
N ILE L 32 36.33 -33.30 84.01
CA ILE L 32 35.69 -32.90 85.25
C ILE L 32 36.36 -33.57 86.44
N SER L 33 36.32 -32.87 87.57
CA SER L 33 36.77 -33.38 88.85
C SER L 33 35.66 -33.16 89.87
N GLU L 34 35.31 -34.21 90.59
CA GLU L 34 34.13 -34.21 91.45
C GLU L 34 34.54 -34.09 92.91
N SER L 35 33.91 -33.15 93.61
CA SER L 35 34.10 -32.95 95.04
C SER L 35 32.75 -33.15 95.73
N GLN L 36 32.75 -33.03 97.07
CA GLN L 36 31.56 -33.38 97.84
C GLN L 36 30.37 -32.50 97.49
N GLY L 37 30.60 -31.21 97.24
CA GLY L 37 29.50 -30.31 96.97
C GLY L 37 29.55 -29.61 95.62
N LEU L 38 30.76 -29.44 95.10
CA LEU L 38 30.96 -28.72 93.85
C LEU L 38 31.88 -29.53 92.94
N ILE L 39 31.85 -29.21 91.65
CA ILE L 39 32.68 -29.89 90.68
C ILE L 39 33.42 -28.86 89.83
N THR L 40 34.63 -29.22 89.40
CA THR L 40 35.45 -28.37 88.55
C THR L 40 35.50 -28.97 87.15
N ILE L 41 35.56 -28.10 86.15
CA ILE L 41 35.57 -28.53 84.76
C ILE L 41 36.66 -27.78 84.00
N LYS L 42 37.34 -28.48 83.10
CA LYS L 42 38.37 -27.90 82.26
C LYS L 42 38.07 -28.23 80.80
N LYS L 43 38.37 -27.26 79.93
CA LYS L 43 38.19 -27.38 78.49
C LYS L 43 36.74 -27.76 78.15
N ALA L 44 35.80 -27.04 78.74
CA ALA L 44 34.39 -27.26 78.44
C ALA L 44 34.07 -26.83 77.01
N PHE L 45 33.13 -27.56 76.40
CA PHE L 45 32.72 -27.24 75.04
C PHE L 45 31.24 -27.57 74.87
N VAL L 46 30.46 -26.56 74.48
CA VAL L 46 29.06 -26.78 74.17
C VAL L 46 28.93 -27.52 72.85
N ILE L 47 27.94 -28.40 72.77
CA ILE L 47 27.70 -29.25 71.61
C ILE L 47 26.45 -28.72 70.90
N ILE L 48 26.60 -28.37 69.63
CA ILE L 48 25.53 -27.89 68.79
C ILE L 48 25.22 -28.97 67.75
N PRO L 49 24.03 -29.55 67.74
CA PRO L 49 23.64 -30.60 66.77
C PRO L 49 23.54 -30.06 65.35
N LEU L 60 28.08 -32.80 64.32
CA LEU L 60 28.14 -32.07 65.59
C LEU L 60 29.13 -30.91 65.50
N VAL L 61 28.89 -29.87 66.30
CA VAL L 61 29.76 -28.69 66.35
C VAL L 61 30.16 -28.46 67.79
N LEU L 62 31.45 -28.22 68.02
CA LEU L 62 31.97 -27.92 69.34
C LEU L 62 32.29 -26.43 69.43
N CYS L 63 31.78 -25.78 70.47
CA CYS L 63 32.00 -24.36 70.66
C CYS L 63 32.55 -24.11 72.06
N PRO L 64 33.45 -23.15 72.23
CA PRO L 64 33.94 -22.84 73.58
C PRO L 64 32.79 -22.41 74.49
N TRP L 65 32.80 -22.94 75.72
CA TRP L 65 31.71 -22.68 76.64
C TRP L 65 31.74 -21.26 77.16
N GLN L 66 32.92 -20.77 77.55
CA GLN L 66 33.08 -19.44 78.14
C GLN L 66 34.18 -18.71 77.39
N PRO L 67 33.86 -18.15 76.23
CA PRO L 67 34.88 -17.41 75.46
C PRO L 67 35.04 -15.98 75.95
N TYR L 68 35.07 -15.81 77.27
CA TYR L 68 35.26 -14.50 77.88
C TYR L 68 36.28 -14.52 79.02
N THR L 69 36.72 -15.68 79.48
CA THR L 69 37.64 -15.79 80.60
C THR L 69 38.88 -16.55 80.17
N ASP L 70 39.98 -16.29 80.88
CA ASP L 70 41.25 -16.97 80.67
C ASP L 70 41.53 -18.02 81.73
N ASP L 71 40.57 -18.28 82.61
CA ASP L 71 40.78 -19.26 83.68
C ASP L 71 40.90 -20.67 83.11
N LYS L 72 41.79 -21.46 83.73
CA LYS L 72 42.00 -22.82 83.25
C LYS L 72 40.83 -23.73 83.60
N GLU L 73 40.24 -23.54 84.78
CA GLU L 73 39.15 -24.39 85.25
C GLU L 73 38.02 -23.53 85.77
N ILE L 74 36.80 -24.08 85.71
CA ILE L 74 35.60 -23.41 86.16
C ILE L 74 34.92 -24.28 87.21
N VAL L 75 34.59 -23.68 88.34
CA VAL L 75 33.92 -24.38 89.44
C VAL L 75 32.42 -24.14 89.33
N ILE L 76 31.63 -25.15 89.68
CA ILE L 76 30.18 -25.05 89.58
C ILE L 76 29.55 -25.97 90.63
N ASP L 77 28.48 -25.47 91.27
CA ASP L 77 27.78 -26.24 92.28
C ASP L 77 27.06 -27.43 91.66
N ASP L 78 26.96 -28.52 92.43
CA ASP L 78 26.31 -29.73 91.96
C ASP L 78 24.79 -29.62 91.93
N SER L 79 24.22 -28.61 92.57
CA SER L 79 22.77 -28.45 92.56
C SER L 79 22.24 -28.06 91.18
N LYS L 80 23.10 -27.54 90.31
CA LYS L 80 22.74 -27.18 88.95
C LYS L 80 23.05 -28.28 87.95
N VAL L 81 23.14 -29.53 88.42
CA VAL L 81 23.49 -30.68 87.60
C VAL L 81 22.22 -31.45 87.27
N ILE L 82 22.07 -31.81 86.00
CA ILE L 82 20.95 -32.65 85.59
C ILE L 82 21.47 -34.08 85.44
N THR L 83 22.42 -34.28 84.52
CA THR L 83 23.03 -35.58 84.31
C THR L 83 24.52 -35.45 84.06
N ILE L 84 25.27 -36.41 84.60
CA ILE L 84 26.69 -36.59 84.29
C ILE L 84 26.80 -37.93 83.57
N THR L 85 27.58 -37.97 82.49
CA THR L 85 27.67 -39.22 81.75
C THR L 85 29.01 -39.35 81.05
N SER L 86 29.33 -40.58 80.65
CA SER L 86 30.56 -40.86 79.92
C SER L 86 30.27 -40.89 78.43
N PRO L 87 30.97 -40.09 77.63
CA PRO L 87 30.67 -40.01 76.19
C PRO L 87 31.20 -41.23 75.43
N LYS L 88 30.95 -41.23 74.13
CA LYS L 88 31.42 -42.28 73.25
C LYS L 88 32.87 -42.04 72.86
N ASP L 89 33.48 -43.05 72.25
CA ASP L 89 34.88 -42.94 71.86
C ASP L 89 35.07 -41.92 70.74
N ASP L 90 34.13 -41.87 69.79
CA ASP L 90 34.24 -40.92 68.69
C ASP L 90 34.20 -39.48 69.20
N ILE L 91 33.32 -39.21 70.17
CA ILE L 91 33.22 -37.86 70.74
C ILE L 91 34.52 -37.50 71.44
N ILE L 92 35.10 -38.44 72.19
CA ILE L 92 36.36 -38.17 72.88
C ILE L 92 37.46 -37.89 71.88
N LYS L 93 37.51 -38.67 70.80
CA LYS L 93 38.53 -38.45 69.76
C LYS L 93 38.37 -37.07 69.12
N SER L 94 37.13 -36.68 68.81
CA SER L 94 36.90 -35.36 68.23
C SER L 94 37.29 -34.25 69.19
N TYR L 95 36.97 -34.43 70.48
CA TYR L 95 37.34 -33.44 71.49
C TYR L 95 38.85 -33.30 71.59
N GLU L 96 39.58 -34.42 71.59
CA GLU L 96 41.03 -34.38 71.64
C GLU L 96 41.60 -33.68 70.41
N SER L 97 41.08 -34.01 69.22
CA SER L 97 41.57 -33.38 68.00
C SER L 97 41.31 -31.88 68.03
N HIS L 98 40.13 -31.46 68.48
CA HIS L 98 39.80 -30.05 68.56
C HIS L 98 40.75 -29.31 69.49
N THR L 99 40.99 -29.87 70.69
CA THR L 99 41.90 -29.22 71.63
C THR L 99 43.31 -29.13 71.07
N ARG L 100 43.79 -30.21 70.45
CA ARG L 100 45.14 -30.20 69.88
C ARG L 100 45.26 -29.15 68.77
N VAL L 101 44.25 -29.06 67.90
CA VAL L 101 44.28 -28.07 66.83
C VAL L 101 44.30 -26.65 67.41
N LEU L 102 43.48 -26.41 68.43
CA LEU L 102 43.46 -25.08 69.04
C LEU L 102 44.81 -24.72 69.65
N GLU L 103 45.43 -25.68 70.35
CA GLU L 103 46.73 -25.40 70.96
C GLU L 103 47.80 -25.14 69.89
N ASN L 104 47.76 -25.91 68.80
CA ASN L 104 48.70 -25.69 67.71
C ASN L 104 48.52 -24.31 67.09
N LYS L 105 47.26 -23.90 66.90
CA LYS L 105 47.00 -22.56 66.37
C LYS L 105 47.53 -21.49 67.32
N GLN L 106 47.35 -21.68 68.63
CA GLN L 106 47.84 -20.71 69.61
C GLN L 106 49.36 -20.59 69.56
N VAL L 107 50.07 -21.72 69.50
CA VAL L 107 51.52 -21.66 69.50
C VAL L 107 52.04 -21.06 68.19
N GLU L 108 51.37 -21.37 67.07
CA GLU L 108 51.76 -20.76 65.81
C GLU L 108 51.57 -19.25 65.84
N GLU L 109 50.45 -18.78 66.42
CA GLU L 109 50.24 -17.34 66.53
C GLU L 109 51.29 -16.69 67.42
N ILE L 110 51.68 -17.38 68.51
CA ILE L 110 52.71 -16.85 69.38
C ILE L 110 54.03 -16.69 68.63
N LEU L 111 54.39 -17.71 67.84
CA LEU L 111 55.62 -17.62 67.05
C LEU L 111 55.56 -16.48 66.03
N ARG L 112 54.41 -16.33 65.36
CA ARG L 112 54.25 -15.25 64.40
C ARG L 112 54.42 -13.90 65.07
N LEU L 113 53.83 -13.74 66.25
CA LEU L 113 53.96 -12.47 66.97
C LEU L 113 55.40 -12.23 67.41
N GLU L 114 56.10 -13.29 67.83
CA GLU L 114 57.52 -13.17 68.13
C GLU L 114 58.28 -12.59 66.95
N LYS L 115 58.10 -13.19 65.77
CA LYS L 115 58.81 -12.71 64.59
C LYS L 115 58.45 -11.28 64.25
N GLU L 116 57.16 -10.95 64.32
CA GLU L 116 56.72 -9.60 63.96
C GLU L 116 57.29 -8.56 64.90
N ILE L 117 57.25 -8.83 66.21
CA ILE L 117 57.76 -7.84 67.17
C ILE L 117 59.26 -7.69 67.04
N GLU L 118 59.97 -8.79 66.77
CA GLU L 118 61.42 -8.68 66.57
C GLU L 118 61.74 -7.82 65.37
N ASP L 119 61.05 -8.05 64.24
CA ASP L 119 61.30 -7.27 63.04
C ASP L 119 60.98 -5.80 63.29
N LEU L 120 59.84 -5.52 63.93
CA LEU L 120 59.46 -4.14 64.19
C LEU L 120 60.46 -3.44 65.09
N GLN L 121 60.92 -4.12 66.14
CA GLN L 121 61.90 -3.51 67.04
C GLN L 121 63.21 -3.22 66.32
N ARG L 122 63.67 -4.16 65.49
CA ARG L 122 64.91 -3.94 64.76
C ARG L 122 64.80 -2.75 63.81
N MET L 123 63.70 -2.68 63.06
CA MET L 123 63.55 -1.58 62.10
C MET L 123 63.39 -0.25 62.83
N LYS L 124 62.68 -0.25 63.96
CA LYS L 124 62.54 0.97 64.75
C LYS L 124 63.88 1.44 65.29
N GLU L 125 64.72 0.51 65.76
CA GLU L 125 66.04 0.90 66.23
C GLU L 125 66.88 1.46 65.09
N GLN L 126 66.79 0.86 63.91
CA GLN L 126 67.50 1.39 62.75
C GLN L 126 67.04 2.80 62.43
N GLN L 127 65.73 3.06 62.48
CA GLN L 127 65.22 4.40 62.26
C GLN L 127 65.74 5.37 63.31
N GLU L 128 65.77 4.94 64.57
CA GLU L 128 66.25 5.80 65.64
C GLU L 128 67.72 6.14 65.49
N LEU L 129 68.51 5.21 64.93
CA LEU L 129 69.95 5.46 64.82
C LEU L 129 70.25 6.67 63.94
N SER L 130 69.56 6.81 62.82
CA SER L 130 69.82 7.88 61.86
C SER L 130 68.98 9.11 62.20
N LEU L 131 69.31 9.72 63.34
CA LEU L 131 68.59 10.89 63.82
C LEU L 131 69.58 12.04 64.06
N THR L 132 69.02 13.19 64.43
CA THR L 132 69.78 14.40 64.73
C THR L 132 69.65 14.69 66.23
N GLU L 133 70.73 15.23 66.81
CA GLU L 133 70.76 15.46 68.25
C GLU L 133 69.58 16.32 68.72
N ALA L 134 69.33 17.43 68.03
CA ALA L 134 68.21 18.27 68.39
C ALA L 134 66.88 17.53 68.22
N SER L 135 66.76 16.74 67.15
CA SER L 135 65.57 15.93 66.96
C SER L 135 65.42 14.89 68.07
N LEU L 136 66.55 14.33 68.52
CA LEU L 136 66.50 13.36 69.62
C LEU L 136 66.02 14.02 70.90
N GLN L 137 66.51 15.23 71.20
CA GLN L 137 66.04 15.95 72.37
C GLN L 137 64.55 16.26 72.27
N LYS L 138 64.10 16.70 71.09
CA LYS L 138 62.69 16.98 70.89
C LYS L 138 61.86 15.71 71.06
N LEU L 139 62.35 14.59 70.56
CA LEU L 139 61.67 13.30 70.76
C LEU L 139 61.57 12.96 72.23
N GLN L 140 62.65 13.15 72.98
CA GLN L 140 62.61 12.85 74.42
C GLN L 140 61.59 13.72 75.13
N GLU L 141 61.58 15.01 74.84
CA GLU L 141 60.60 15.90 75.47
C GLU L 141 59.17 15.53 75.08
N ARG L 142 58.97 15.18 73.80
CA ARG L 142 57.64 14.82 73.34
C ARG L 142 57.15 13.53 74.00
N ARG L 143 58.05 12.55 74.16
CA ARG L 143 57.67 11.31 74.86
C ARG L 143 57.35 11.58 76.31
N ASP L 144 58.12 12.47 76.96
CA ASP L 144 57.82 12.84 78.34
C ASP L 144 56.45 13.49 78.44
N GLN L 145 56.10 14.35 77.48
CA GLN L 145 54.78 14.96 77.48
C GLN L 145 53.70 13.90 77.23
N GLU L 146 53.98 12.94 76.35
CA GLU L 146 53.05 11.85 76.10
C GLU L 146 52.74 11.09 77.39
N LEU L 147 53.77 10.69 78.13
CA LEU L 147 53.55 9.96 79.37
C LEU L 147 52.95 10.82 80.47
N ARG L 148 52.94 12.15 80.30
CA ARG L 148 52.37 13.04 81.29
C ARG L 148 50.85 12.99 81.28
N ASN M 16 37.69 73.56 54.71
CA ASN M 16 36.81 73.00 55.74
C ASN M 16 35.77 72.08 55.11
N ILE M 17 36.24 71.04 54.44
CA ILE M 17 35.35 70.07 53.82
C ILE M 17 34.63 69.28 54.91
N LYS M 18 33.31 69.30 54.88
CA LYS M 18 32.50 68.66 55.90
C LYS M 18 31.24 68.08 55.28
N ILE M 19 30.64 67.13 56.01
CA ILE M 19 29.40 66.48 55.63
C ILE M 19 28.26 67.09 56.43
N MET M 20 27.16 67.38 55.73
CA MET M 20 25.98 68.05 56.24
C MET M 20 24.80 67.08 56.13
N ARG M 21 24.04 66.94 57.21
CA ARG M 21 22.79 66.19 57.20
C ARG M 21 21.64 67.18 57.25
N LEU M 22 20.85 67.22 56.20
CA LEU M 22 19.69 68.12 56.12
C LEU M 22 18.46 67.45 56.71
N VAL M 23 17.44 68.27 56.99
CA VAL M 23 16.20 67.76 57.56
C VAL M 23 15.49 66.83 56.58
N THR M 24 15.70 67.02 55.28
CA THR M 24 15.04 66.20 54.27
C THR M 24 15.88 64.96 53.94
N CYS M 25 16.31 64.24 54.97
CA CYS M 25 17.07 62.99 54.87
C CYS M 25 18.08 63.03 53.72
N GLU M 26 18.93 64.05 53.76
CA GLU M 26 19.90 64.29 52.69
C GLU M 26 21.29 64.46 53.30
N ASP M 27 22.29 63.86 52.64
CA ASP M 27 23.68 63.97 53.03
C ASP M 27 24.44 64.68 51.91
N ILE M 28 25.05 65.81 52.23
CA ILE M 28 25.75 66.62 51.24
C ILE M 28 27.11 67.04 51.79
N ILE M 29 28.16 66.82 50.99
CA ILE M 29 29.51 67.19 51.38
C ILE M 29 29.88 68.49 50.68
N GLY M 30 30.60 69.36 51.38
CA GLY M 30 31.01 70.62 50.78
C GLY M 30 31.90 71.40 51.72
N ASN M 31 32.44 72.50 51.20
CA ASN M 31 33.28 73.40 51.99
C ASN M 31 32.37 74.39 52.69
N ILE M 32 32.33 74.33 54.02
CA ILE M 32 31.36 75.10 54.79
C ILE M 32 32.07 76.17 55.61
N SER M 33 31.34 77.25 55.84
CA SER M 33 31.77 78.35 56.71
C SER M 33 30.63 78.62 57.68
N GLU M 34 30.96 78.66 58.97
CA GLU M 34 29.97 78.71 60.04
C GLU M 34 29.89 80.11 60.62
N SER M 35 28.68 80.64 60.71
CA SER M 35 28.40 81.93 61.34
C SER M 35 27.46 81.69 62.52
N GLN M 36 27.12 82.78 63.22
CA GLN M 36 26.38 82.64 64.48
C GLN M 36 25.00 82.03 64.25
N GLY M 37 24.32 82.38 63.16
CA GLY M 37 22.98 81.88 62.93
C GLY M 37 22.81 81.08 61.66
N LEU M 38 23.64 81.34 60.66
CA LEU M 38 23.54 80.71 59.36
C LEU M 38 24.90 80.21 58.92
N ILE M 39 24.90 79.29 57.96
CA ILE M 39 26.15 78.74 57.44
C ILE M 39 26.13 78.81 55.91
N THR M 40 27.30 78.99 55.33
CA THR M 40 27.46 79.02 53.89
C THR M 40 28.19 77.76 53.43
N ILE M 41 27.82 77.29 52.24
CA ILE M 41 28.39 76.05 51.70
C ILE M 41 28.78 76.29 50.25
N LYS M 42 29.91 75.70 49.85
CA LYS M 42 30.41 75.78 48.49
C LYS M 42 30.70 74.38 47.98
N LYS M 43 30.41 74.16 46.70
CA LYS M 43 30.63 72.89 46.02
C LYS M 43 29.95 71.74 46.75
N ALA M 44 28.68 71.94 47.06
CA ALA M 44 27.90 70.89 47.70
C ALA M 44 27.64 69.74 46.74
N PHE M 45 27.60 68.52 47.29
CA PHE M 45 27.34 67.33 46.48
C PHE M 45 26.56 66.33 47.30
N VAL M 46 25.39 65.93 46.78
CA VAL M 46 24.62 64.88 47.40
C VAL M 46 25.29 63.53 47.18
N ILE M 47 25.21 62.66 48.17
CA ILE M 47 25.83 61.35 48.15
C ILE M 47 24.74 60.30 47.99
N ILE M 48 24.84 59.51 46.94
CA ILE M 48 23.91 58.43 46.64
C ILE M 48 24.63 57.11 46.87
N PRO M 49 24.19 56.27 47.83
CA PRO M 49 24.82 54.98 48.11
C PRO M 49 24.65 53.98 46.97
N LEU M 60 29.91 54.68 46.01
CA LEU M 60 29.22 55.95 46.24
C LEU M 60 29.14 56.76 44.96
N VAL M 61 28.12 57.61 44.87
CA VAL M 61 27.91 58.48 43.72
C VAL M 61 27.76 59.91 44.22
N LEU M 62 28.46 60.84 43.58
CA LEU M 62 28.38 62.25 43.92
C LEU M 62 27.57 62.97 42.85
N CYS M 63 26.56 63.74 43.29
CA CYS M 63 25.70 64.47 42.36
C CYS M 63 25.65 65.92 42.76
N PRO M 64 25.60 66.85 41.80
CA PRO M 64 25.48 68.27 42.16
C PRO M 64 24.21 68.52 42.97
N TRP M 65 24.34 69.31 44.02
CA TRP M 65 23.21 69.55 44.92
C TRP M 65 22.17 70.43 44.28
N GLN M 66 22.59 71.52 43.63
CA GLN M 66 21.68 72.50 43.05
C GLN M 66 22.09 72.72 41.60
N PRO M 67 21.71 71.82 40.69
CA PRO M 67 22.07 72.00 39.28
C PRO M 67 21.12 72.93 38.55
N TYR M 68 20.77 74.05 39.20
CA TYR M 68 19.90 75.05 38.62
C TYR M 68 20.40 76.47 38.82
N THR M 69 21.41 76.69 39.64
CA THR M 69 21.93 78.02 39.92
C THR M 69 23.41 78.09 39.58
N ASP M 70 23.87 79.31 39.31
CA ASP M 70 25.27 79.60 39.03
C ASP M 70 25.98 80.24 40.22
N ASP M 71 25.32 80.34 41.37
CA ASP M 71 25.92 80.96 42.52
C ASP M 71 27.08 80.14 43.05
N LYS M 72 28.13 80.83 43.51
CA LYS M 72 29.30 80.12 44.02
C LYS M 72 29.03 79.49 45.38
N GLU M 73 28.26 80.16 46.22
CA GLU M 73 27.99 79.69 47.57
C GLU M 73 26.50 79.78 47.86
N ILE M 74 26.03 78.90 48.76
CA ILE M 74 24.63 78.83 49.15
C ILE M 74 24.56 79.02 50.66
N VAL M 75 23.69 79.93 51.10
CA VAL M 75 23.49 80.22 52.52
C VAL M 75 22.29 79.41 53.01
N ILE M 76 22.35 78.95 54.26
CA ILE M 76 21.29 78.13 54.82
C ILE M 76 21.27 78.33 56.33
N ASP M 77 20.06 78.43 56.90
CA ASP M 77 19.89 78.60 58.32
C ASP M 77 20.32 77.35 59.08
N ASP M 78 20.85 77.55 60.29
CA ASP M 78 21.31 76.44 61.12
C ASP M 78 20.17 75.65 61.76
N SER M 79 18.95 76.18 61.74
CA SER M 79 17.82 75.46 62.32
C SER M 79 17.44 74.23 61.50
N LYS M 80 17.86 74.17 60.23
CA LYS M 80 17.61 73.03 59.37
C LYS M 80 18.78 72.05 59.36
N VAL M 81 19.60 72.06 60.40
CA VAL M 81 20.79 71.23 60.51
C VAL M 81 20.50 70.05 61.42
N ILE M 82 20.88 68.85 60.98
CA ILE M 82 20.74 67.67 61.82
C ILE M 82 22.10 67.36 62.41
N THR M 83 23.09 67.08 61.56
CA THR M 83 24.45 66.81 62.00
C THR M 83 25.46 67.44 61.06
N ILE M 84 26.54 67.96 61.64
CA ILE M 84 27.72 68.39 60.92
C ILE M 84 28.85 67.46 61.30
N THR M 85 29.64 67.01 60.32
CA THR M 85 30.69 66.06 60.67
C THR M 85 31.86 66.18 59.70
N SER M 86 33.01 65.64 60.12
CA SER M 86 34.21 65.62 59.29
C SER M 86 34.30 64.29 58.56
N PRO M 87 34.40 64.29 57.24
CA PRO M 87 34.41 63.02 56.48
C PRO M 87 35.75 62.32 56.58
N LYS M 88 35.83 61.15 55.94
CA LYS M 88 37.05 60.37 55.89
C LYS M 88 37.98 60.91 54.80
N ASP M 89 39.22 60.44 54.82
CA ASP M 89 40.21 60.89 53.84
C ASP M 89 39.86 60.44 52.43
N ASP M 90 39.34 59.22 52.29
CA ASP M 90 38.97 58.72 50.97
C ASP M 90 37.87 59.57 50.35
N ILE M 91 36.88 59.96 51.15
CA ILE M 91 35.78 60.79 50.66
C ILE M 91 36.32 62.14 50.22
N ILE M 92 37.22 62.73 50.99
CA ILE M 92 37.80 64.02 50.63
C ILE M 92 38.57 63.91 49.33
N LYS M 93 39.35 62.83 49.18
CA LYS M 93 40.10 62.63 47.95
C LYS M 93 39.17 62.50 46.75
N SER M 94 38.09 61.72 46.90
CA SER M 94 37.15 61.57 45.80
C SER M 94 36.48 62.89 45.46
N TYR M 95 36.13 63.68 46.48
CA TYR M 95 35.52 64.99 46.25
C TYR M 95 36.47 65.91 45.49
N GLU M 96 37.75 65.93 45.90
CA GLU M 96 38.74 66.74 45.20
C GLU M 96 38.90 66.30 43.75
N SER M 97 38.97 64.99 43.52
CA SER M 97 39.12 64.49 42.15
C SER M 97 37.91 64.87 41.31
N HIS M 98 36.70 64.73 41.87
CA HIS M 98 35.50 65.08 41.14
C HIS M 98 35.49 66.55 40.75
N THR M 99 35.80 67.44 41.71
CA THR M 99 35.81 68.86 41.40
C THR M 99 36.86 69.20 40.35
N ARG M 100 38.06 68.61 40.46
CA ARG M 100 39.10 68.88 39.48
C ARG M 100 38.69 68.41 38.09
N VAL M 101 38.07 67.24 37.99
CA VAL M 101 37.62 66.73 36.70
C VAL M 101 36.56 67.65 36.11
N LEU M 102 35.62 68.10 36.93
CA LEU M 102 34.58 69.00 36.44
C LEU M 102 35.17 70.30 35.93
N GLU M 103 36.13 70.87 36.66
CA GLU M 103 36.74 72.12 36.22
C GLU M 103 37.52 71.93 34.92
N ASN M 104 38.23 70.81 34.80
CA ASN M 104 38.96 70.52 33.56
C ASN M 104 37.99 70.38 32.38
N LYS M 105 36.86 69.70 32.60
CA LYS M 105 35.86 69.59 31.54
C LYS M 105 35.33 70.96 31.14
N GLN M 106 35.09 71.83 32.13
CA GLN M 106 34.58 73.17 31.84
C GLN M 106 35.58 73.97 31.00
N VAL M 107 36.86 73.93 31.38
CA VAL M 107 37.84 74.72 30.65
C VAL M 107 38.05 74.16 29.24
N GLU M 108 37.99 72.83 29.10
CA GLU M 108 38.10 72.23 27.76
C GLU M 108 36.93 72.66 26.89
N GLU M 109 35.72 72.67 27.45
CA GLU M 109 34.56 73.11 26.68
C GLU M 109 34.68 74.58 26.29
N ILE M 110 35.21 75.41 27.19
CA ILE M 110 35.41 76.82 26.86
C ILE M 110 36.37 76.97 25.69
N LEU M 111 37.48 76.21 25.71
CA LEU M 111 38.43 76.27 24.60
C LEU M 111 37.80 75.81 23.30
N ARG M 112 37.02 74.72 23.36
CA ARG M 112 36.36 74.23 22.15
C ARG M 112 35.42 75.29 21.59
N LEU M 113 34.66 75.95 22.46
CA LEU M 113 33.77 77.00 21.99
C LEU M 113 34.53 78.19 21.40
N GLU M 114 35.66 78.54 22.01
CA GLU M 114 36.53 79.57 21.43
C GLU M 114 36.89 79.22 20.00
N LYS M 115 37.39 78.01 19.78
CA LYS M 115 37.80 77.61 18.43
C LYS M 115 36.62 77.62 17.47
N GLU M 116 35.48 77.10 17.91
CA GLU M 116 34.32 77.02 17.03
C GLU M 116 33.83 78.41 16.63
N ILE M 117 33.73 79.33 17.59
CA ILE M 117 33.23 80.66 17.28
C ILE M 117 34.22 81.40 16.38
N GLU M 118 35.52 81.21 16.61
CA GLU M 118 36.51 81.85 15.74
C GLU M 118 36.38 81.36 14.30
N ASP M 119 36.26 80.04 14.13
CA ASP M 119 36.13 79.48 12.79
C ASP M 119 34.85 79.98 12.12
N LEU M 120 33.74 79.97 12.86
CA LEU M 120 32.48 80.42 12.29
C LEU M 120 32.53 81.88 11.88
N GLN M 121 33.12 82.73 12.73
CA GLN M 121 33.22 84.15 12.40
C GLN M 121 34.08 84.36 11.16
N ARG M 122 35.21 83.65 11.07
CA ARG M 122 36.07 83.81 9.90
C ARG M 122 35.36 83.39 8.62
N MET M 123 34.68 82.24 8.65
CA MET M 123 34.01 81.77 7.44
C MET M 123 32.85 82.69 7.07
N LYS M 124 32.13 83.20 8.08
CA LYS M 124 31.05 84.14 7.81
C LYS M 124 31.57 85.43 7.19
N GLU M 125 32.70 85.93 7.68
CA GLU M 125 33.29 87.13 7.07
C GLU M 125 33.71 86.87 5.63
N GLN M 126 34.29 85.68 5.37
CA GLN M 126 34.64 85.32 4.01
C GLN M 126 33.41 85.30 3.11
N GLN M 127 32.31 84.72 3.60
CA GLN M 127 31.08 84.71 2.83
C GLN M 127 30.57 86.12 2.56
N GLU M 128 30.64 86.99 3.58
CA GLU M 128 30.18 88.36 3.42
C GLU M 128 31.02 89.13 2.41
N LEU M 129 32.32 88.81 2.31
CA LEU M 129 33.19 89.56 1.41
C LEU M 129 32.74 89.43 -0.05
N SER M 130 32.37 88.22 -0.47
CA SER M 130 32.00 87.96 -1.87
C SER M 130 30.50 88.17 -2.07
N LEU M 131 30.11 89.44 -1.96
CA LEU M 131 28.71 89.82 -2.10
C LEU M 131 28.57 90.90 -3.17
N THR M 132 27.32 91.27 -3.45
CA THR M 132 26.97 92.30 -4.41
C THR M 132 26.40 93.50 -3.67
N GLU M 133 26.68 94.70 -4.18
CA GLU M 133 26.27 95.93 -3.50
C GLU M 133 24.77 95.96 -3.23
N ALA M 134 23.96 95.63 -4.24
CA ALA M 134 22.51 95.59 -4.05
C ALA M 134 22.13 94.53 -3.03
N SER M 135 22.79 93.37 -3.10
CA SER M 135 22.54 92.32 -2.11
C SER M 135 22.93 92.78 -0.71
N LEU M 136 24.02 93.55 -0.60
CA LEU M 136 24.44 94.08 0.70
C LEU M 136 23.41 95.05 1.25
N GLN M 137 22.87 95.92 0.40
CA GLN M 137 21.83 96.83 0.84
C GLN M 137 20.58 96.07 1.28
N LYS M 138 20.20 95.05 0.52
CA LYS M 138 19.04 94.23 0.89
C LYS M 138 19.28 93.52 2.22
N LEU M 139 20.51 93.03 2.43
CA LEU M 139 20.86 92.40 3.69
C LEU M 139 20.74 93.39 4.85
N GLN M 140 21.23 94.62 4.65
CA GLN M 140 21.14 95.62 5.71
C GLN M 140 19.68 95.92 6.05
N GLU M 141 18.84 96.12 5.03
CA GLU M 141 17.42 96.38 5.29
C GLU M 141 16.75 95.19 5.97
N ARG M 142 17.09 93.98 5.55
CA ARG M 142 16.49 92.80 6.15
C ARG M 142 16.90 92.64 7.61
N ARG M 143 18.17 92.92 7.93
CA ARG M 143 18.61 92.86 9.31
C ARG M 143 17.93 93.93 10.15
N ASP M 144 17.75 95.13 9.58
CA ASP M 144 17.01 96.17 10.30
C ASP M 144 15.59 95.74 10.58
N GLN M 145 14.94 95.08 9.61
CA GLN M 145 13.59 94.59 9.85
C GLN M 145 13.60 93.47 10.90
N GLU M 146 14.62 92.62 10.88
CA GLU M 146 14.76 91.58 11.90
C GLU M 146 14.81 92.19 13.29
N LEU M 147 15.67 93.18 13.50
CA LEU M 147 15.78 93.80 14.81
C LEU M 147 14.55 94.62 15.18
N ARG M 148 13.67 94.91 14.22
CA ARG M 148 12.48 95.69 14.48
C ARG M 148 11.44 94.85 15.24
N ASN N 16 -34.14 86.70 -33.78
CA ASN N 16 -34.59 86.86 -32.40
C ASN N 16 -34.57 85.52 -31.67
N ILE N 17 -33.40 84.91 -31.60
CA ILE N 17 -33.25 83.64 -30.91
C ILE N 17 -33.43 83.86 -29.42
N LYS N 18 -34.37 83.14 -28.82
CA LYS N 18 -34.68 83.31 -27.41
C LYS N 18 -35.06 81.97 -26.80
N ILE N 19 -34.97 81.91 -25.46
CA ILE N 19 -35.33 80.75 -24.67
C ILE N 19 -36.71 80.98 -24.05
N MET N 20 -37.54 79.94 -24.14
CA MET N 20 -38.94 79.93 -23.71
C MET N 20 -39.08 78.92 -22.59
N ARG N 21 -39.72 79.33 -21.49
CA ARG N 21 -40.09 78.40 -20.42
C ARG N 21 -41.60 78.17 -20.49
N LEU N 22 -41.98 76.93 -20.76
CA LEU N 22 -43.38 76.56 -20.85
C LEU N 22 -43.91 76.14 -19.48
N VAL N 23 -45.25 76.10 -19.37
CA VAL N 23 -45.88 75.73 -18.10
C VAL N 23 -45.55 74.28 -17.74
N THR N 24 -45.29 73.44 -18.72
CA THR N 24 -45.00 72.03 -18.46
C THR N 24 -43.50 71.80 -18.26
N CYS N 25 -42.91 72.61 -17.38
CA CYS N 25 -41.50 72.53 -16.99
C CYS N 25 -40.59 72.17 -18.17
N GLU N 26 -40.70 72.98 -19.22
CA GLU N 26 -39.98 72.73 -20.46
C GLU N 26 -39.22 73.99 -20.88
N ASP N 27 -37.98 73.80 -21.34
CA ASP N 27 -37.15 74.88 -21.85
C ASP N 27 -36.89 74.63 -23.33
N ILE N 28 -37.30 75.58 -24.17
CA ILE N 28 -37.18 75.43 -25.62
C ILE N 28 -36.59 76.70 -26.21
N ILE N 29 -35.56 76.57 -27.03
CA ILE N 29 -34.93 77.71 -27.69
C ILE N 29 -35.42 77.77 -29.13
N GLY N 30 -35.65 78.98 -29.63
CA GLY N 30 -36.10 79.14 -31.00
C GLY N 30 -36.18 80.60 -31.37
N ASN N 31 -36.47 80.83 -32.66
CA ASN N 31 -36.63 82.18 -33.18
C ASN N 31 -38.09 82.58 -32.98
N ILE N 32 -38.33 83.58 -32.14
CA ILE N 32 -39.68 83.93 -31.73
C ILE N 32 -40.07 85.28 -32.29
N SER N 33 -41.37 85.44 -32.52
CA SER N 33 -41.98 86.69 -32.91
C SER N 33 -43.15 86.96 -31.99
N GLU N 34 -43.20 88.16 -31.41
CA GLU N 34 -44.13 88.49 -30.35
C GLU N 34 -45.25 89.36 -30.89
N SER N 35 -46.48 88.96 -30.60
CA SER N 35 -47.69 89.73 -30.94
C SER N 35 -48.41 90.08 -29.65
N GLN N 36 -49.53 90.80 -29.78
CA GLN N 36 -50.20 91.35 -28.60
C GLN N 36 -50.71 90.25 -27.67
N GLY N 37 -51.20 89.15 -28.23
CA GLY N 37 -51.77 88.11 -27.40
C GLY N 37 -51.10 86.76 -27.53
N LEU N 38 -50.51 86.49 -28.69
CA LEU N 38 -49.90 85.21 -28.99
C LEU N 38 -48.52 85.42 -29.59
N ILE N 39 -47.70 84.37 -29.55
CA ILE N 39 -46.35 84.44 -30.09
C ILE N 39 -46.12 83.25 -31.01
N THR N 40 -45.31 83.48 -32.03
CA THR N 40 -44.94 82.44 -32.98
C THR N 40 -43.48 82.05 -32.77
N ILE N 41 -43.19 80.77 -32.99
CA ILE N 41 -41.84 80.24 -32.77
C ILE N 41 -41.44 79.39 -33.96
N LYS N 42 -40.18 79.48 -34.35
CA LYS N 42 -39.62 78.70 -35.44
C LYS N 42 -38.36 77.99 -34.96
N LYS N 43 -38.18 76.76 -35.43
CA LYS N 43 -37.01 75.94 -35.12
C LYS N 43 -36.84 75.77 -33.60
N ALA N 44 -37.94 75.41 -32.94
CA ALA N 44 -37.90 75.17 -31.51
C ALA N 44 -37.10 73.90 -31.21
N PHE N 45 -36.41 73.92 -30.06
CA PHE N 45 -35.62 72.77 -29.64
C PHE N 45 -35.64 72.66 -28.13
N VAL N 46 -36.09 71.51 -27.63
CA VAL N 46 -36.04 71.25 -26.19
C VAL N 46 -34.60 70.99 -25.78
N ILE N 47 -34.26 71.45 -24.57
CA ILE N 47 -32.92 71.34 -24.03
C ILE N 47 -32.94 70.30 -22.92
N ILE N 48 -32.12 69.26 -23.07
CA ILE N 48 -31.98 68.18 -22.09
C ILE N 48 -30.61 68.33 -21.45
N PRO N 49 -30.54 68.56 -20.12
CA PRO N 49 -29.27 68.71 -19.39
C PRO N 49 -28.49 67.40 -19.34
N LEU N 60 -25.07 69.64 -22.87
CA LEU N 60 -26.46 69.87 -23.22
C LEU N 60 -26.84 69.09 -24.48
N VAL N 61 -28.13 68.76 -24.60
CA VAL N 61 -28.64 68.02 -25.75
C VAL N 61 -29.82 68.80 -26.32
N LEU N 62 -29.85 68.98 -27.63
CA LEU N 62 -30.94 69.66 -28.32
C LEU N 62 -31.80 68.62 -29.04
N CYS N 63 -33.10 68.67 -28.80
CA CYS N 63 -34.03 67.73 -29.41
C CYS N 63 -35.14 68.49 -30.11
N PRO N 64 -35.62 68.02 -31.26
CA PRO N 64 -36.75 68.69 -31.91
C PRO N 64 -37.96 68.74 -31.00
N TRP N 65 -38.62 69.89 -30.96
CA TRP N 65 -39.75 70.08 -30.05
C TRP N 65 -40.97 69.31 -30.51
N GLN N 66 -41.29 69.38 -31.80
CA GLN N 66 -42.48 68.75 -32.37
C GLN N 66 -42.08 67.91 -33.56
N PRO N 67 -41.55 66.70 -33.31
CA PRO N 67 -41.15 65.84 -34.43
C PRO N 67 -42.32 65.07 -35.01
N TYR N 68 -43.45 65.76 -35.20
CA TYR N 68 -44.64 65.16 -35.78
C TYR N 68 -45.30 66.04 -36.84
N THR N 69 -44.89 67.30 -36.98
CA THR N 69 -45.49 68.23 -37.93
C THR N 69 -44.43 68.77 -38.88
N ASP N 70 -44.89 69.19 -40.05
CA ASP N 70 -44.05 69.79 -41.06
C ASP N 70 -44.20 71.31 -41.12
N ASP N 71 -44.96 71.89 -40.19
CA ASP N 71 -45.19 73.33 -40.21
C ASP N 71 -43.90 74.09 -39.91
N LYS N 72 -43.72 75.22 -40.59
CA LYS N 72 -42.51 76.01 -40.39
C LYS N 72 -42.52 76.73 -39.04
N GLU N 73 -43.69 77.21 -38.61
CA GLU N 73 -43.81 77.97 -37.38
C GLU N 73 -44.99 77.44 -36.56
N ILE N 74 -44.89 77.62 -35.24
CA ILE N 74 -45.90 77.17 -34.29
C ILE N 74 -46.37 78.38 -33.50
N VAL N 75 -47.68 78.55 -33.42
CA VAL N 75 -48.30 79.65 -32.68
C VAL N 75 -48.68 79.15 -31.29
N ILE N 76 -48.56 80.01 -30.29
CA ILE N 76 -48.86 79.63 -28.91
C ILE N 76 -49.30 80.87 -28.15
N ASP N 77 -50.32 80.70 -27.30
CA ASP N 77 -50.83 81.79 -26.49
C ASP N 77 -49.81 82.20 -25.43
N ASP N 78 -49.81 83.50 -25.11
CA ASP N 78 -48.89 84.02 -24.12
C ASP N 78 -49.28 83.68 -22.69
N SER N 79 -50.50 83.19 -22.45
CA SER N 79 -50.90 82.81 -21.11
C SER N 79 -50.18 81.57 -20.61
N LYS N 80 -49.60 80.78 -21.51
CA LYS N 80 -48.83 79.60 -21.15
C LYS N 80 -47.33 79.88 -21.07
N VAL N 81 -46.96 81.15 -20.86
CA VAL N 81 -45.57 81.59 -20.82
C VAL N 81 -45.16 81.76 -19.37
N ILE N 82 -43.99 81.24 -19.02
CA ILE N 82 -43.43 81.43 -17.69
C ILE N 82 -42.37 82.52 -17.79
N THR N 83 -41.32 82.27 -18.57
CA THR N 83 -40.26 83.25 -18.78
C THR N 83 -39.81 83.25 -20.23
N ILE N 84 -39.51 84.45 -20.74
CA ILE N 84 -38.83 84.63 -22.02
C ILE N 84 -37.47 85.24 -21.71
N THR N 85 -36.43 84.74 -22.36
CA THR N 85 -35.10 85.26 -22.05
C THR N 85 -34.18 85.15 -23.25
N SER N 86 -33.08 85.90 -23.18
CA SER N 86 -32.06 85.88 -24.23
C SER N 86 -30.95 84.93 -23.84
N PRO N 87 -30.61 83.95 -24.67
CA PRO N 87 -29.60 82.95 -24.29
C PRO N 87 -28.20 83.51 -24.41
N LYS N 88 -27.23 82.66 -24.07
CA LYS N 88 -25.82 83.01 -24.16
C LYS N 88 -25.33 82.82 -25.60
N ASP N 89 -24.13 83.34 -25.87
CA ASP N 89 -23.55 83.24 -27.21
C ASP N 89 -23.23 81.80 -27.58
N ASP N 90 -22.74 81.02 -26.61
CA ASP N 90 -22.39 79.63 -26.89
C ASP N 90 -23.63 78.83 -27.29
N ILE N 91 -24.75 79.07 -26.59
CA ILE N 91 -26.00 78.38 -26.91
C ILE N 91 -26.46 78.75 -28.30
N ILE N 92 -26.38 80.02 -28.66
CA ILE N 92 -26.79 80.47 -29.99
C ILE N 92 -25.91 79.82 -31.05
N LYS N 93 -24.60 79.76 -30.81
CA LYS N 93 -23.70 79.11 -31.76
C LYS N 93 -24.02 77.64 -31.94
N SER N 94 -24.29 76.94 -30.83
CA SER N 94 -24.64 75.52 -30.92
C SER N 94 -25.95 75.34 -31.67
N TYR N 95 -26.93 76.20 -31.42
CA TYR N 95 -28.21 76.14 -32.13
C TYR N 95 -28.03 76.35 -33.63
N GLU N 96 -27.22 77.34 -34.01
CA GLU N 96 -26.94 77.58 -35.42
C GLU N 96 -26.25 76.37 -36.06
N SER N 97 -25.25 75.81 -35.38
CA SER N 97 -24.55 74.65 -35.92
C SER N 97 -25.50 73.47 -36.09
N HIS N 98 -26.36 73.24 -35.10
CA HIS N 98 -27.31 72.14 -35.18
C HIS N 98 -28.26 72.31 -36.37
N THR N 99 -28.82 73.51 -36.53
CA THR N 99 -29.73 73.74 -37.65
C THR N 99 -29.02 73.57 -38.99
N ARG N 100 -27.80 74.10 -39.11
CA ARG N 100 -27.06 73.96 -40.36
C ARG N 100 -26.77 72.50 -40.68
N VAL N 101 -26.37 71.73 -39.67
CA VAL N 101 -26.09 70.31 -39.88
C VAL N 101 -27.36 69.58 -40.33
N LEU N 102 -28.49 69.89 -39.70
CA LEU N 102 -29.74 69.24 -40.08
C LEU N 102 -30.11 69.56 -41.53
N GLU N 103 -29.97 70.83 -41.92
CA GLU N 103 -30.32 71.21 -43.28
C GLU N 103 -29.38 70.54 -44.30
N ASN N 104 -28.09 70.45 -43.97
CA ASN N 104 -27.16 69.77 -44.85
C ASN N 104 -27.51 68.30 -44.99
N LYS N 105 -27.89 67.65 -43.89
CA LYS N 105 -28.31 66.26 -43.97
C LYS N 105 -29.54 66.12 -44.84
N GLN N 106 -30.50 67.04 -44.72
CA GLN N 106 -31.72 66.97 -45.52
C GLN N 106 -31.40 67.10 -47.01
N VAL N 107 -30.55 68.07 -47.37
CA VAL N 107 -30.25 68.26 -48.79
C VAL N 107 -29.46 67.08 -49.34
N GLU N 108 -28.55 66.51 -48.53
CA GLU N 108 -27.82 65.32 -48.98
C GLU N 108 -28.77 64.15 -49.21
N GLU N 109 -29.74 63.96 -48.31
CA GLU N 109 -30.71 62.90 -48.50
C GLU N 109 -31.54 63.12 -49.76
N ILE N 110 -31.91 64.38 -50.03
CA ILE N 110 -32.67 64.69 -51.23
C ILE N 110 -31.88 64.33 -52.48
N LEU N 111 -30.58 64.67 -52.50
CA LEU N 111 -29.74 64.33 -53.64
C LEU N 111 -29.62 62.82 -53.81
N ARG N 112 -29.43 62.10 -52.70
CA ARG N 112 -29.34 60.64 -52.76
C ARG N 112 -30.62 60.05 -53.35
N LEU N 113 -31.77 60.56 -52.92
CA LEU N 113 -33.03 60.05 -53.44
C LEU N 113 -33.18 60.38 -54.92
N GLU N 114 -32.75 61.57 -55.33
CA GLU N 114 -32.73 61.91 -56.75
C GLU N 114 -31.96 60.86 -57.55
N LYS N 115 -30.74 60.56 -57.12
CA LYS N 115 -29.92 59.59 -57.85
C LYS N 115 -30.58 58.22 -57.86
N GLU N 116 -31.10 57.79 -56.72
CA GLU N 116 -31.70 56.45 -56.63
C GLU N 116 -32.92 56.34 -57.54
N ILE N 117 -33.80 57.34 -57.53
CA ILE N 117 -35.00 57.26 -58.36
C ILE N 117 -34.64 57.31 -59.83
N GLU N 118 -33.64 58.12 -60.20
CA GLU N 118 -33.22 58.16 -61.60
C GLU N 118 -32.70 56.80 -62.06
N ASP N 119 -31.84 56.18 -61.24
CA ASP N 119 -31.30 54.87 -61.60
C ASP N 119 -32.41 53.84 -61.71
N LEU N 120 -33.34 53.84 -60.74
CA LEU N 120 -34.42 52.86 -60.77
C LEU N 120 -35.30 53.04 -61.99
N GLN N 121 -35.63 54.30 -62.34
CA GLN N 121 -36.46 54.55 -63.50
C GLN N 121 -35.77 54.10 -64.78
N ARG N 122 -34.47 54.39 -64.91
CA ARG N 122 -33.74 53.98 -66.11
C ARG N 122 -33.72 52.46 -66.25
N MET N 123 -33.42 51.76 -65.16
CA MET N 123 -33.34 50.31 -65.24
C MET N 123 -34.71 49.71 -65.50
N LYS N 124 -35.76 50.28 -64.91
CA LYS N 124 -37.12 49.81 -65.17
C LYS N 124 -37.51 50.00 -66.63
N GLU N 125 -37.15 51.15 -67.20
CA GLU N 125 -37.45 51.37 -68.62
C GLU N 125 -36.68 50.38 -69.49
N GLN N 126 -35.43 50.10 -69.15
CA GLN N 126 -34.66 49.10 -69.89
C GLN N 126 -35.34 47.73 -69.81
N GLN N 127 -35.82 47.35 -68.63
CA GLN N 127 -36.53 46.08 -68.49
C GLN N 127 -37.81 46.08 -69.32
N GLU N 128 -38.53 47.19 -69.33
CA GLU N 128 -39.77 47.27 -70.11
C GLU N 128 -39.51 47.17 -71.61
N LEU N 129 -38.36 47.67 -72.07
CA LEU N 129 -38.08 47.66 -73.49
C LEU N 129 -38.03 46.24 -74.05
N SER N 130 -37.39 45.32 -73.33
CA SER N 130 -37.21 43.94 -73.82
C SER N 130 -38.37 43.07 -73.36
N LEU N 131 -39.54 43.35 -73.94
CA LEU N 131 -40.76 42.64 -73.61
C LEU N 131 -41.39 42.07 -74.89
N THR N 132 -42.46 41.31 -74.69
CA THR N 132 -43.22 40.70 -75.77
C THR N 132 -44.60 41.37 -75.85
N GLU N 133 -45.12 41.51 -77.07
CA GLU N 133 -46.38 42.23 -77.28
C GLU N 133 -47.50 41.65 -76.41
N ALA N 134 -47.67 40.33 -76.42
CA ALA N 134 -48.69 39.71 -75.59
C ALA N 134 -48.43 39.95 -74.12
N SER N 135 -47.16 39.88 -73.70
CA SER N 135 -46.80 40.18 -72.32
C SER N 135 -47.11 41.64 -71.99
N LEU N 136 -46.89 42.55 -72.94
CA LEU N 136 -47.20 43.95 -72.71
C LEU N 136 -48.70 44.16 -72.54
N GLN N 137 -49.51 43.49 -73.36
CA GLN N 137 -50.96 43.59 -73.19
C GLN N 137 -51.40 43.02 -71.84
N LYS N 138 -50.82 41.89 -71.44
CA LYS N 138 -51.15 41.31 -70.14
C LYS N 138 -50.74 42.25 -69.01
N LEU N 139 -49.59 42.89 -69.14
CA LEU N 139 -49.15 43.88 -68.15
C LEU N 139 -50.13 45.04 -68.07
N GLN N 140 -50.60 45.53 -69.22
CA GLN N 140 -51.55 46.65 -69.21
C GLN N 140 -52.84 46.25 -68.52
N GLU N 141 -53.37 45.07 -68.84
CA GLU N 141 -54.60 44.61 -68.19
C GLU N 141 -54.39 44.41 -66.70
N ARG N 142 -53.24 43.85 -66.31
CA ARG N 142 -52.96 43.63 -64.89
C ARG N 142 -52.86 44.94 -64.13
N ARG N 143 -52.21 45.94 -64.73
CA ARG N 143 -52.13 47.26 -64.09
C ARG N 143 -53.50 47.89 -63.96
N ASP N 144 -54.34 47.74 -65.00
CA ASP N 144 -55.70 48.26 -64.91
C ASP N 144 -56.46 47.58 -63.78
N GLN N 145 -56.29 46.28 -63.62
CA GLN N 145 -56.95 45.58 -62.51
C GLN N 145 -56.38 46.05 -61.16
N GLU N 146 -55.07 46.30 -61.11
CA GLU N 146 -54.45 46.84 -59.90
C GLU N 146 -55.10 48.15 -59.48
N LEU N 147 -55.22 49.09 -60.43
CA LEU N 147 -55.81 50.39 -60.11
C LEU N 147 -57.31 50.29 -59.85
N ARG N 148 -57.94 49.16 -60.19
CA ARG N 148 -59.36 48.99 -59.97
C ARG N 148 -59.67 48.77 -58.50
N ASN O 16 -76.87 -16.40 -60.39
CA ASN O 16 -77.55 -15.50 -59.46
C ASN O 16 -76.76 -15.35 -58.17
N ILE O 17 -75.52 -14.88 -58.29
CA ILE O 17 -74.68 -14.66 -57.12
C ILE O 17 -75.24 -13.52 -56.30
N LYS O 18 -75.54 -13.78 -55.02
CA LYS O 18 -76.14 -12.79 -54.15
C LYS O 18 -75.61 -12.94 -52.75
N ILE O 19 -75.76 -11.86 -51.97
CA ILE O 19 -75.36 -11.81 -50.57
C ILE O 19 -76.61 -11.98 -49.70
N MET O 20 -76.48 -12.81 -48.68
CA MET O 20 -77.53 -13.21 -47.76
C MET O 20 -77.16 -12.75 -46.37
N ARG O 21 -78.10 -12.10 -45.68
CA ARG O 21 -77.93 -11.74 -44.27
C ARG O 21 -78.81 -12.67 -43.45
N LEU O 22 -78.19 -13.49 -42.61
CA LEU O 22 -78.91 -14.41 -41.75
C LEU O 22 -79.26 -13.75 -40.43
N VAL O 23 -80.18 -14.38 -39.70
CA VAL O 23 -80.62 -13.84 -38.42
C VAL O 23 -79.48 -13.85 -37.40
N THR O 24 -78.53 -14.76 -37.56
CA THR O 24 -77.40 -14.86 -36.62
C THR O 24 -76.23 -13.98 -37.06
N CYS O 25 -76.54 -12.72 -37.35
CA CYS O 25 -75.56 -11.69 -37.74
C CYS O 25 -74.46 -12.26 -38.63
N GLU O 26 -74.88 -12.88 -39.73
CA GLU O 26 -73.96 -13.55 -40.64
C GLU O 26 -74.21 -13.07 -42.06
N ASP O 27 -73.12 -12.85 -42.80
CA ASP O 27 -73.18 -12.46 -44.20
C ASP O 27 -72.55 -13.56 -45.04
N ILE O 28 -73.32 -14.13 -45.97
CA ILE O 28 -72.85 -15.25 -46.77
C ILE O 28 -73.20 -14.99 -48.23
N ILE O 29 -72.22 -15.15 -49.12
CA ILE O 29 -72.43 -14.96 -50.56
C ILE O 29 -72.54 -16.32 -51.21
N GLY O 30 -73.43 -16.44 -52.18
CA GLY O 30 -73.60 -17.71 -52.88
C GLY O 30 -74.59 -17.58 -54.01
N ASN O 31 -74.70 -18.65 -54.79
CA ASN O 31 -75.64 -18.71 -55.90
C ASN O 31 -76.97 -19.20 -55.35
N ILE O 32 -77.99 -18.34 -55.40
CA ILE O 32 -79.25 -18.61 -54.74
C ILE O 32 -80.35 -18.82 -55.77
N SER O 33 -81.33 -19.64 -55.39
CA SER O 33 -82.55 -19.86 -56.16
C SER O 33 -83.73 -19.67 -55.22
N GLU O 34 -84.69 -18.85 -55.65
CA GLU O 34 -85.77 -18.39 -54.79
C GLU O 34 -87.06 -19.13 -55.15
N SER O 35 -87.71 -19.68 -54.14
CA SER O 35 -89.01 -20.34 -54.27
C SER O 35 -90.01 -19.59 -53.38
N GLN O 36 -91.27 -20.04 -53.41
CA GLN O 36 -92.34 -19.30 -52.76
C GLN O 36 -92.12 -19.19 -51.25
N GLY O 37 -91.62 -20.25 -50.62
CA GLY O 37 -91.46 -20.23 -49.18
C GLY O 37 -90.04 -20.43 -48.69
N LEU O 38 -89.22 -21.11 -49.49
CA LEU O 38 -87.86 -21.44 -49.11
C LEU O 38 -86.92 -21.11 -50.25
N ILE O 39 -85.63 -20.98 -49.93
CA ILE O 39 -84.62 -20.67 -50.94
C ILE O 39 -83.47 -21.67 -50.82
N THR O 40 -82.85 -21.97 -51.95
CA THR O 40 -81.70 -22.85 -52.00
C THR O 40 -80.45 -22.04 -52.32
N ILE O 41 -79.33 -22.47 -51.75
CA ILE O 41 -78.06 -21.76 -51.92
C ILE O 41 -76.97 -22.77 -52.25
N LYS O 42 -76.07 -22.38 -53.14
CA LYS O 42 -74.93 -23.19 -53.53
C LYS O 42 -73.65 -22.38 -53.39
N LYS O 43 -72.59 -23.05 -52.95
CA LYS O 43 -71.27 -22.46 -52.78
C LYS O 43 -71.33 -21.24 -51.86
N ALA O 44 -71.98 -21.41 -50.71
CA ALA O 44 -72.06 -20.34 -49.73
C ALA O 44 -70.69 -20.09 -49.10
N PHE O 45 -70.43 -18.83 -48.77
CA PHE O 45 -69.17 -18.45 -48.14
C PHE O 45 -69.40 -17.31 -47.17
N VAL O 46 -69.03 -17.53 -45.91
CA VAL O 46 -69.09 -16.46 -44.91
C VAL O 46 -67.98 -15.46 -45.19
N ILE O 47 -68.28 -14.18 -44.94
CA ILE O 47 -67.36 -13.08 -45.18
C ILE O 47 -66.87 -12.57 -43.83
N ILE O 48 -65.57 -12.58 -43.64
CA ILE O 48 -64.92 -12.10 -42.42
C ILE O 48 -64.17 -10.81 -42.78
N PRO O 49 -64.54 -9.66 -42.20
CA PRO O 49 -63.87 -8.38 -42.46
C PRO O 49 -62.44 -8.34 -41.94
N LEU O 60 -60.90 -8.58 -47.11
CA LEU O 60 -61.96 -9.53 -46.81
C LEU O 60 -61.46 -10.97 -46.87
N VAL O 61 -62.10 -11.84 -46.11
CA VAL O 61 -61.75 -13.26 -46.06
C VAL O 61 -63.01 -14.07 -46.34
N LEU O 62 -62.90 -15.06 -47.22
CA LEU O 62 -63.99 -15.95 -47.54
C LEU O 62 -63.75 -17.31 -46.89
N CYS O 63 -64.76 -17.79 -46.16
CA CYS O 63 -64.65 -19.07 -45.47
C CYS O 63 -65.83 -19.96 -45.85
N PRO O 64 -65.61 -21.27 -45.99
CA PRO O 64 -66.74 -22.15 -46.27
C PRO O 64 -67.80 -22.06 -45.18
N TRP O 65 -69.07 -22.01 -45.61
CA TRP O 65 -70.15 -21.82 -44.66
C TRP O 65 -70.41 -23.08 -43.85
N GLN O 66 -70.43 -24.24 -44.50
CA GLN O 66 -70.74 -25.50 -43.86
C GLN O 66 -69.65 -26.50 -44.19
N PRO O 67 -68.51 -26.43 -43.52
CA PRO O 67 -67.42 -27.37 -43.81
C PRO O 67 -67.61 -28.70 -43.09
N TYR O 68 -68.83 -29.22 -43.11
CA TYR O 68 -69.16 -30.50 -42.50
C TYR O 68 -70.02 -31.39 -43.38
N THR O 69 -70.56 -30.87 -44.48
CA THR O 69 -71.44 -31.63 -45.36
C THR O 69 -70.88 -31.65 -46.78
N ASP O 70 -71.26 -32.68 -47.53
CA ASP O 70 -70.89 -32.83 -48.93
C ASP O 70 -72.03 -32.47 -49.87
N ASP O 71 -73.14 -31.95 -49.35
CA ASP O 71 -74.28 -31.62 -50.20
C ASP O 71 -73.94 -30.45 -51.12
N LYS O 72 -74.46 -30.52 -52.34
CA LYS O 72 -74.19 -29.47 -53.32
C LYS O 72 -74.94 -28.19 -52.98
N GLU O 73 -76.18 -28.31 -52.49
CA GLU O 73 -77.02 -27.17 -52.21
C GLU O 73 -77.64 -27.31 -50.83
N ILE O 74 -77.94 -26.17 -50.22
CA ILE O 74 -78.53 -26.10 -48.88
C ILE O 74 -79.83 -25.33 -48.97
N VAL O 75 -80.90 -25.91 -48.43
CA VAL O 75 -82.22 -25.29 -48.41
C VAL O 75 -82.41 -24.57 -47.08
N ILE O 76 -83.11 -23.44 -47.11
CA ILE O 76 -83.33 -22.64 -45.91
C ILE O 76 -84.63 -21.86 -46.06
N ASP O 77 -85.39 -21.80 -44.98
CA ASP O 77 -86.66 -21.08 -44.97
C ASP O 77 -86.42 -19.58 -45.10
N ASP O 78 -87.37 -18.90 -45.75
CA ASP O 78 -87.27 -17.46 -45.94
C ASP O 78 -87.57 -16.66 -44.69
N SER O 79 -88.14 -17.28 -43.66
CA SER O 79 -88.43 -16.56 -42.42
C SER O 79 -87.17 -16.18 -41.66
N LYS O 80 -86.05 -16.84 -41.96
CA LYS O 80 -84.77 -16.53 -41.34
C LYS O 80 -83.93 -15.59 -42.18
N VAL O 81 -84.56 -14.82 -43.06
CA VAL O 81 -83.89 -13.91 -43.99
C VAL O 81 -84.00 -12.50 -43.45
N ILE O 82 -82.88 -11.78 -43.45
CA ILE O 82 -82.87 -10.38 -43.06
C ILE O 82 -82.85 -9.55 -44.33
N THR O 83 -81.79 -9.68 -45.14
CA THR O 83 -81.68 -8.97 -46.40
C THR O 83 -81.08 -9.87 -47.47
N ILE O 84 -81.59 -9.73 -48.69
CA ILE O 84 -81.00 -10.31 -49.89
C ILE O 84 -80.51 -9.15 -50.75
N THR O 85 -79.31 -9.28 -51.30
CA THR O 85 -78.79 -8.16 -52.08
C THR O 85 -77.83 -8.65 -53.16
N SER O 86 -77.58 -7.78 -54.14
CA SER O 86 -76.66 -8.07 -55.22
C SER O 86 -75.29 -7.49 -54.89
N PRO O 87 -74.23 -8.28 -54.89
CA PRO O 87 -72.92 -7.77 -54.50
C PRO O 87 -72.28 -6.94 -55.61
N LYS O 88 -71.08 -6.44 -55.31
CA LYS O 88 -70.31 -5.66 -56.27
C LYS O 88 -69.56 -6.59 -57.22
N ASP O 89 -69.00 -6.00 -58.28
CA ASP O 89 -68.30 -6.78 -59.28
C ASP O 89 -67.01 -7.36 -58.71
N ASP O 90 -66.30 -6.60 -57.87
CA ASP O 90 -65.06 -7.10 -57.29
C ASP O 90 -65.32 -8.31 -56.40
N ILE O 91 -66.40 -8.28 -55.62
CA ILE O 91 -66.73 -9.41 -54.77
C ILE O 91 -67.05 -10.64 -55.60
N ILE O 92 -67.81 -10.46 -56.69
CA ILE O 92 -68.13 -11.57 -57.57
C ILE O 92 -66.87 -12.16 -58.19
N LYS O 93 -65.95 -11.30 -58.63
CA LYS O 93 -64.70 -11.77 -59.20
C LYS O 93 -63.90 -12.56 -58.18
N SER O 94 -63.80 -12.06 -56.95
CA SER O 94 -63.08 -12.78 -55.91
C SER O 94 -63.73 -14.12 -55.60
N TYR O 95 -65.06 -14.15 -55.56
CA TYR O 95 -65.78 -15.40 -55.32
C TYR O 95 -65.50 -16.42 -56.43
N GLU O 96 -65.53 -15.97 -57.69
CA GLU O 96 -65.23 -16.86 -58.80
C GLU O 96 -63.81 -17.38 -58.73
N SER O 97 -62.84 -16.51 -58.43
CA SER O 97 -61.46 -16.94 -58.32
C SER O 97 -61.29 -17.96 -57.20
N HIS O 98 -61.92 -17.70 -56.05
CA HIS O 98 -61.83 -18.63 -54.93
C HIS O 98 -62.38 -20.01 -55.30
N THR O 99 -63.56 -20.04 -55.92
CA THR O 99 -64.16 -21.32 -56.29
C THR O 99 -63.28 -22.06 -57.30
N ARG O 100 -62.76 -21.33 -58.30
CA ARG O 100 -61.90 -21.97 -59.31
C ARG O 100 -60.64 -22.53 -58.68
N VAL O 101 -60.02 -21.79 -57.76
CA VAL O 101 -58.82 -22.28 -57.09
C VAL O 101 -59.13 -23.52 -56.27
N LEU O 102 -60.25 -23.52 -55.56
CA LEU O 102 -60.62 -24.70 -54.77
C LEU O 102 -60.84 -25.92 -55.65
N GLU O 103 -61.52 -25.74 -56.79
CA GLU O 103 -61.76 -26.87 -57.67
C GLU O 103 -60.46 -27.39 -58.28
N ASN O 104 -59.54 -26.48 -58.63
CA ASN O 104 -58.25 -26.90 -59.16
C ASN O 104 -57.47 -27.68 -58.11
N LYS O 105 -57.50 -27.22 -56.86
CA LYS O 105 -56.84 -27.96 -55.79
C LYS O 105 -57.44 -29.35 -55.63
N GLN O 106 -58.77 -29.44 -55.70
CA GLN O 106 -59.43 -30.74 -55.55
C GLN O 106 -59.01 -31.70 -56.67
N VAL O 107 -58.99 -31.23 -57.91
CA VAL O 107 -58.64 -32.12 -59.02
C VAL O 107 -57.17 -32.51 -58.95
N GLU O 108 -56.30 -31.59 -58.53
CA GLU O 108 -54.90 -31.94 -58.36
C GLU O 108 -54.71 -33.00 -57.29
N GLU O 109 -55.44 -32.87 -56.17
CA GLU O 109 -55.36 -33.88 -55.12
C GLU O 109 -55.87 -35.23 -55.62
N ILE O 110 -56.93 -35.22 -56.42
CA ILE O 110 -57.44 -36.47 -56.96
C ILE O 110 -56.40 -37.15 -57.85
N LEU O 111 -55.72 -36.37 -58.69
CA LEU O 111 -54.68 -36.93 -59.54
C LEU O 111 -53.53 -37.49 -58.72
N ARG O 112 -53.12 -36.75 -57.68
CA ARG O 112 -52.05 -37.22 -56.81
C ARG O 112 -52.43 -38.55 -56.16
N LEU O 113 -53.67 -38.66 -55.68
CA LEU O 113 -54.11 -39.90 -55.07
C LEU O 113 -54.16 -41.04 -56.08
N GLU O 114 -54.59 -40.75 -57.32
CA GLU O 114 -54.53 -41.74 -58.39
C GLU O 114 -53.13 -42.31 -58.52
N LYS O 115 -52.14 -41.41 -58.65
CA LYS O 115 -50.76 -41.88 -58.85
C LYS O 115 -50.28 -42.68 -57.64
N GLU O 116 -50.58 -42.20 -56.43
CA GLU O 116 -50.11 -42.88 -55.23
C GLU O 116 -50.71 -44.27 -55.10
N ILE O 117 -52.01 -44.40 -55.34
CA ILE O 117 -52.65 -45.70 -55.20
C ILE O 117 -52.16 -46.66 -56.28
N GLU O 118 -51.93 -46.15 -57.49
CA GLU O 118 -51.40 -47.01 -58.55
C GLU O 118 -50.01 -47.54 -58.17
N ASP O 119 -49.14 -46.65 -57.69
CA ASP O 119 -47.80 -47.07 -57.31
C ASP O 119 -47.85 -48.09 -56.18
N LEU O 120 -48.68 -47.81 -55.16
CA LEU O 120 -48.78 -48.72 -54.02
C LEU O 120 -49.29 -50.09 -54.45
N GLN O 121 -50.31 -50.12 -55.31
CA GLN O 121 -50.85 -51.40 -55.77
C GLN O 121 -49.80 -52.18 -56.56
N ARG O 122 -49.07 -51.50 -57.44
CA ARG O 122 -48.05 -52.20 -58.22
C ARG O 122 -46.97 -52.78 -57.32
N MET O 123 -46.48 -52.00 -56.37
CA MET O 123 -45.41 -52.49 -55.50
C MET O 123 -45.92 -53.62 -54.61
N LYS O 124 -47.17 -53.52 -54.13
CA LYS O 124 -47.75 -54.58 -53.34
C LYS O 124 -47.88 -55.87 -54.14
N GLU O 125 -48.30 -55.77 -55.40
CA GLU O 125 -48.39 -56.96 -56.24
C GLU O 125 -47.01 -57.57 -56.46
N GLN O 126 -46.00 -56.73 -56.67
CA GLN O 126 -44.64 -57.23 -56.81
C GLN O 126 -44.19 -57.98 -55.56
N GLN O 127 -44.50 -57.42 -54.38
CA GLN O 127 -44.17 -58.10 -53.13
C GLN O 127 -44.89 -59.43 -53.02
N GLU O 128 -46.18 -59.46 -53.40
CA GLU O 128 -46.95 -60.69 -53.33
C GLU O 128 -46.41 -61.76 -54.26
N LEU O 129 -45.85 -61.36 -55.40
CA LEU O 129 -45.37 -62.33 -56.38
C LEU O 129 -44.26 -63.21 -55.80
N SER O 130 -43.31 -62.61 -55.08
CA SER O 130 -42.15 -63.33 -54.56
C SER O 130 -42.47 -63.88 -53.16
N LEU O 131 -43.37 -64.85 -53.13
CA LEU O 131 -43.80 -65.46 -51.89
C LEU O 131 -43.62 -66.99 -51.97
N THR O 132 -43.90 -67.65 -50.85
CA THR O 132 -43.81 -69.09 -50.72
C THR O 132 -45.22 -69.66 -50.55
N GLU O 133 -45.45 -70.84 -51.11
CA GLU O 133 -46.78 -71.44 -51.12
C GLU O 133 -47.35 -71.55 -49.69
N ALA O 134 -46.56 -72.06 -48.76
CA ALA O 134 -47.01 -72.15 -47.38
C ALA O 134 -47.28 -70.77 -46.79
N SER O 135 -46.41 -69.81 -47.10
CA SER O 135 -46.64 -68.44 -46.65
C SER O 135 -47.91 -67.87 -47.27
N LEU O 136 -48.19 -68.20 -48.52
CA LEU O 136 -49.42 -67.74 -49.17
C LEU O 136 -50.65 -68.31 -48.49
N GLN O 137 -50.60 -69.60 -48.14
CA GLN O 137 -51.73 -70.21 -47.42
C GLN O 137 -51.90 -69.56 -46.06
N LYS O 138 -50.80 -69.31 -45.34
CA LYS O 138 -50.89 -68.66 -44.04
C LYS O 138 -51.46 -67.25 -44.18
N LEU O 139 -51.06 -66.53 -45.23
CA LEU O 139 -51.61 -65.21 -45.51
C LEU O 139 -53.11 -65.28 -45.75
N GLN O 140 -53.56 -66.26 -46.54
CA GLN O 140 -54.98 -66.40 -46.81
C GLN O 140 -55.76 -66.67 -45.52
N GLU O 141 -55.27 -67.59 -44.68
CA GLU O 141 -55.93 -67.87 -43.42
C GLU O 141 -55.94 -66.65 -42.51
N ARG O 142 -54.82 -65.92 -42.46
CA ARG O 142 -54.75 -64.74 -41.61
C ARG O 142 -55.71 -63.66 -42.07
N ARG O 143 -55.83 -63.45 -43.39
CA ARG O 143 -56.79 -62.48 -43.90
C ARG O 143 -58.22 -62.90 -43.60
N ASP O 144 -58.51 -64.20 -43.71
CA ASP O 144 -59.83 -64.68 -43.35
C ASP O 144 -60.13 -64.43 -41.89
N GLN O 145 -59.14 -64.63 -41.01
CA GLN O 145 -59.34 -64.33 -39.60
C GLN O 145 -59.52 -62.83 -39.38
N GLU O 146 -58.78 -62.00 -40.13
CA GLU O 146 -58.94 -60.56 -40.06
C GLU O 146 -60.37 -60.15 -40.37
N LEU O 147 -60.92 -60.65 -41.49
CA LEU O 147 -62.28 -60.29 -41.86
C LEU O 147 -63.32 -60.91 -40.94
N ARG O 148 -62.94 -61.86 -40.10
CA ARG O 148 -63.86 -62.50 -39.18
C ARG O 148 -64.21 -61.57 -38.03
N ASN P 16 -63.81 41.59 63.43
CA ASN P 16 -63.73 40.29 64.07
C ASN P 16 -63.12 39.25 63.15
N ILE P 17 -61.89 39.51 62.69
CA ILE P 17 -61.19 38.58 61.81
C ILE P 17 -60.85 37.33 62.60
N LYS P 18 -61.30 36.17 62.11
CA LYS P 18 -61.09 34.91 62.79
C LYS P 18 -60.88 33.80 61.78
N ILE P 19 -60.29 32.70 62.27
CA ILE P 19 -60.03 31.50 61.49
C ILE P 19 -61.08 30.46 61.84
N MET P 20 -61.62 29.83 60.80
CA MET P 20 -62.70 28.86 60.86
C MET P 20 -62.16 27.52 60.36
N ARG P 21 -62.43 26.45 61.11
CA ARG P 21 -62.14 25.09 60.67
C ARG P 21 -63.45 24.41 60.31
N LEU P 22 -63.61 24.06 59.04
CA LEU P 22 -64.81 23.39 58.57
C LEU P 22 -64.67 21.88 58.69
N VAL P 23 -65.80 21.20 58.59
CA VAL P 23 -65.81 19.73 58.70
C VAL P 23 -65.04 19.10 57.56
N THR P 24 -64.97 19.77 56.41
CA THR P 24 -64.28 19.22 55.25
C THR P 24 -62.81 19.62 55.23
N CYS P 25 -62.14 19.42 56.36
CA CYS P 25 -60.70 19.67 56.55
C CYS P 25 -60.26 20.95 55.83
N GLU P 26 -60.94 22.04 56.13
CA GLU P 26 -60.70 23.32 55.48
C GLU P 26 -60.48 24.41 56.51
N ASP P 27 -59.50 25.28 56.26
CA ASP P 27 -59.21 26.43 57.11
C ASP P 27 -59.47 27.70 56.31
N ILE P 28 -60.38 28.54 56.81
CA ILE P 28 -60.78 29.75 56.11
C ILE P 28 -60.79 30.92 57.09
N ILE P 29 -60.15 32.02 56.71
CA ILE P 29 -60.09 33.22 57.53
C ILE P 29 -61.09 34.23 56.98
N GLY P 30 -61.77 34.93 57.89
CA GLY P 30 -62.73 35.93 57.45
C GLY P 30 -63.29 36.69 58.63
N ASN P 31 -64.08 37.71 58.31
CA ASN P 31 -64.75 38.52 59.33
C ASN P 31 -66.07 37.84 59.67
N ILE P 32 -66.20 37.37 60.89
CA ILE P 32 -67.34 36.53 61.26
C ILE P 32 -68.21 37.28 62.26
N SER P 33 -69.51 36.95 62.22
CA SER P 33 -70.50 37.43 63.17
C SER P 33 -71.26 36.21 63.69
N GLU P 34 -71.37 36.11 65.01
CA GLU P 34 -71.88 34.92 65.67
C GLU P 34 -73.30 35.16 66.17
N SER P 35 -74.20 34.25 65.83
CA SER P 35 -75.57 34.25 66.30
C SER P 35 -75.82 32.96 67.08
N GLN P 36 -77.05 32.83 67.61
CA GLN P 36 -77.33 31.73 68.53
C GLN P 36 -77.18 30.36 67.85
N GLY P 37 -77.57 30.25 66.59
CA GLY P 37 -77.52 28.97 65.91
C GLY P 37 -76.66 28.94 64.67
N LEU P 38 -76.50 30.08 64.03
CA LEU P 38 -75.77 30.18 62.77
C LEU P 38 -74.80 31.35 62.84
N ILE P 39 -73.80 31.33 61.95
CA ILE P 39 -72.82 32.40 61.90
C ILE P 39 -72.67 32.88 60.46
N THR P 40 -72.38 34.18 60.32
CA THR P 40 -72.17 34.79 59.03
C THR P 40 -70.69 35.12 58.86
N ILE P 41 -70.20 35.03 57.63
CA ILE P 41 -68.80 35.26 57.34
C ILE P 41 -68.69 36.15 56.11
N LYS P 42 -67.72 37.06 56.14
CA LYS P 42 -67.44 37.97 55.02
C LYS P 42 -65.97 37.88 54.67
N LYS P 43 -65.69 37.96 53.36
CA LYS P 43 -64.34 37.93 52.81
C LYS P 43 -63.58 36.69 53.28
N ALA P 44 -64.23 35.54 53.14
CA ALA P 44 -63.59 34.28 53.48
C ALA P 44 -62.47 33.96 52.50
N PHE P 45 -61.42 33.31 53.02
CA PHE P 45 -60.27 32.93 52.19
C PHE P 45 -59.70 31.62 52.70
N VAL P 46 -59.64 30.63 51.81
CA VAL P 46 -59.00 29.36 52.14
C VAL P 46 -57.49 29.56 52.18
N ILE P 47 -56.84 28.86 53.10
CA ILE P 47 -55.40 28.95 53.31
C ILE P 47 -54.75 27.67 52.80
N ILE P 48 -53.84 27.82 51.85
CA ILE P 48 -53.09 26.71 51.26
C ILE P 48 -51.65 26.81 51.75
N PRO P 49 -51.15 25.82 52.50
CA PRO P 49 -49.76 25.82 53.01
C PRO P 49 -48.73 25.69 51.89
N LEU P 60 -47.54 30.87 52.80
CA LEU P 60 -48.98 30.63 52.77
C LEU P 60 -49.60 31.26 51.53
N VAL P 61 -50.72 30.70 51.08
CA VAL P 61 -51.44 31.19 49.92
C VAL P 61 -52.89 31.40 50.31
N LEU P 62 -53.45 32.54 49.95
CA LEU P 62 -54.85 32.86 50.22
C LEU P 62 -55.65 32.74 48.92
N CYS P 63 -56.74 31.99 48.97
CA CYS P 63 -57.57 31.79 47.79
C CYS P 63 -59.02 32.13 48.13
N PRO P 64 -59.76 32.73 47.20
CA PRO P 64 -61.19 33.00 47.48
C PRO P 64 -61.93 31.72 47.79
N TRP P 65 -62.79 31.77 48.82
CA TRP P 65 -63.49 30.58 49.26
C TRP P 65 -64.58 30.17 48.29
N GLN P 66 -65.37 31.14 47.81
CA GLN P 66 -66.50 30.88 46.94
C GLN P 66 -66.39 31.78 45.71
N PRO P 67 -65.54 31.42 44.74
CA PRO P 67 -65.40 32.25 43.55
C PRO P 67 -66.49 31.97 42.52
N TYR P 68 -67.73 31.86 42.99
CA TYR P 68 -68.88 31.62 42.13
C TYR P 68 -70.07 32.50 42.47
N THR P 69 -70.05 33.22 43.60
CA THR P 69 -71.16 34.04 44.03
C THR P 69 -70.71 35.49 44.22
N ASP P 70 -71.66 36.40 44.10
CA ASP P 70 -71.43 37.81 44.32
C ASP P 70 -71.95 38.29 45.66
N ASP P 71 -72.42 37.38 46.51
CA ASP P 71 -72.96 37.76 47.81
C ASP P 71 -71.87 38.32 48.72
N LYS P 72 -72.24 39.33 49.49
CA LYS P 72 -71.27 39.95 50.39
C LYS P 72 -70.95 39.06 51.58
N GLU P 73 -71.94 38.35 52.10
CA GLU P 73 -71.77 37.51 53.28
C GLU P 73 -72.38 36.13 53.03
N ILE P 74 -71.83 35.14 53.72
CA ILE P 74 -72.28 33.75 53.61
C ILE P 74 -72.68 33.27 54.99
N VAL P 75 -73.88 32.69 55.09
CA VAL P 75 -74.40 32.15 56.34
C VAL P 75 -74.11 30.66 56.40
N ILE P 76 -73.81 30.16 57.60
CA ILE P 76 -73.48 28.75 57.77
C ILE P 76 -73.88 28.32 59.18
N ASP P 77 -74.43 27.11 59.28
CA ASP P 77 -74.85 26.57 60.56
C ASP P 77 -73.63 26.25 61.43
N ASP P 78 -73.82 26.40 62.75
CA ASP P 78 -72.74 26.15 63.70
C ASP P 78 -72.46 24.67 63.91
N SER P 79 -73.35 23.79 63.46
CA SER P 79 -73.12 22.36 63.63
C SER P 79 -71.99 21.85 62.75
N LYS P 80 -71.62 22.60 61.71
CA LYS P 80 -70.51 22.25 60.83
C LYS P 80 -69.22 22.94 61.24
N VAL P 81 -69.10 23.33 62.49
CA VAL P 81 -67.94 24.05 63.02
C VAL P 81 -67.07 23.09 63.78
N ILE P 82 -65.76 23.14 63.53
CA ILE P 82 -64.80 22.33 64.27
C ILE P 82 -64.15 23.23 65.31
N THR P 83 -63.45 24.27 64.85
CA THR P 83 -62.81 25.23 65.74
C THR P 83 -62.95 26.64 65.20
N ILE P 84 -63.16 27.59 66.11
CA ILE P 84 -63.08 29.01 65.84
C ILE P 84 -61.89 29.56 66.62
N THR P 85 -61.09 30.40 65.97
CA THR P 85 -59.89 30.88 66.67
C THR P 85 -59.50 32.25 66.17
N SER P 86 -58.67 32.93 66.96
CA SER P 86 -58.15 34.24 66.60
C SER P 86 -56.78 34.09 65.97
N PRO P 87 -56.56 34.62 64.77
CA PRO P 87 -55.28 34.41 64.08
C PRO P 87 -54.19 35.32 64.65
N LYS P 88 -53.00 35.17 64.09
CA LYS P 88 -51.85 36.00 64.47
C LYS P 88 -51.92 37.35 63.76
N ASP P 89 -51.06 38.27 64.22
CA ASP P 89 -51.03 39.61 63.65
C ASP P 89 -50.54 39.59 62.20
N ASP P 90 -49.55 38.75 61.90
CA ASP P 90 -49.03 38.68 60.54
C ASP P 90 -50.09 38.20 59.57
N ILE P 91 -50.89 37.21 59.98
CA ILE P 91 -51.95 36.69 59.13
C ILE P 91 -52.99 37.79 58.87
N ILE P 92 -53.35 38.54 59.91
CA ILE P 92 -54.33 39.62 59.76
C ILE P 92 -53.79 40.68 58.80
N LYS P 93 -52.50 41.03 58.95
CA LYS P 93 -51.90 42.01 58.05
C LYS P 93 -51.92 41.54 56.60
N SER P 94 -51.57 40.26 56.38
CA SER P 94 -51.59 39.72 55.03
C SER P 94 -53.00 39.72 54.46
N TYR P 95 -53.99 39.36 55.29
CA TYR P 95 -55.37 39.36 54.85
C TYR P 95 -55.83 40.77 54.46
N GLU P 96 -55.48 41.76 55.27
CA GLU P 96 -55.82 43.14 54.94
C GLU P 96 -55.16 43.59 53.65
N SER P 97 -53.88 43.27 53.48
CA SER P 97 -53.19 43.67 52.26
C SER P 97 -53.82 43.01 51.03
N HIS P 98 -54.16 41.71 51.15
CA HIS P 98 -54.79 41.01 50.04
C HIS P 98 -56.12 41.64 49.66
N THR P 99 -56.96 41.93 50.65
CA THR P 99 -58.26 42.54 50.35
C THR P 99 -58.08 43.92 49.72
N ARG P 100 -57.16 44.72 50.25
CA ARG P 100 -56.94 46.05 49.68
C ARG P 100 -56.46 45.97 48.24
N VAL P 101 -55.54 45.05 47.96
CA VAL P 101 -55.03 44.89 46.59
C VAL P 101 -56.16 44.47 45.66
N LEU P 102 -57.01 43.53 46.10
CA LEU P 102 -58.13 43.10 45.27
C LEU P 102 -59.08 44.24 44.97
N GLU P 103 -59.39 45.05 45.98
CA GLU P 103 -60.31 46.17 45.76
C GLU P 103 -59.70 47.21 44.82
N ASN P 104 -58.40 47.47 44.96
CA ASN P 104 -57.73 48.40 44.06
C ASN P 104 -57.75 47.88 42.62
N LYS P 105 -57.52 46.58 42.44
CA LYS P 105 -57.60 46.00 41.10
C LYS P 105 -59.00 46.15 40.53
N GLN P 106 -60.03 45.92 41.36
CA GLN P 106 -61.40 46.05 40.89
C GLN P 106 -61.72 47.47 40.44
N VAL P 107 -61.31 48.46 41.24
CA VAL P 107 -61.63 49.84 40.88
C VAL P 107 -60.85 50.27 39.64
N GLU P 108 -59.60 49.80 39.51
CA GLU P 108 -58.83 50.10 38.31
C GLU P 108 -59.50 49.50 37.07
N GLU P 109 -59.98 48.27 37.17
CA GLU P 109 -60.67 47.65 36.05
C GLU P 109 -61.94 48.41 35.70
N ILE P 110 -62.67 48.88 36.73
CA ILE P 110 -63.87 49.66 36.47
C ILE P 110 -63.55 50.93 35.70
N LEU P 111 -62.48 51.63 36.12
CA LEU P 111 -62.08 52.84 35.40
C LEU P 111 -61.67 52.54 33.96
N ARG P 112 -60.92 51.46 33.76
CA ARG P 112 -60.52 51.08 32.41
C ARG P 112 -61.74 50.81 31.54
N LEU P 113 -62.73 50.11 32.09
CA LEU P 113 -63.94 49.83 31.32
C LEU P 113 -64.72 51.11 31.03
N GLU P 114 -64.76 52.04 31.98
CA GLU P 114 -65.36 53.35 31.73
C GLU P 114 -64.73 54.00 30.51
N LYS P 115 -63.40 54.08 30.50
CA LYS P 115 -62.71 54.75 29.38
C LYS P 115 -62.98 54.01 28.07
N GLU P 116 -62.92 52.69 28.09
CA GLU P 116 -63.10 51.92 26.87
C GLU P 116 -64.51 52.10 26.30
N ILE P 117 -65.53 52.04 27.15
CA ILE P 117 -66.90 52.17 26.67
C ILE P 117 -67.15 53.58 26.16
N GLU P 118 -66.57 54.59 26.83
CA GLU P 118 -66.74 55.96 26.36
C GLU P 118 -66.13 56.12 24.96
N ASP P 119 -64.91 55.62 24.77
CA ASP P 119 -64.24 55.73 23.48
C ASP P 119 -65.04 55.00 22.41
N LEU P 120 -65.49 53.78 22.71
CA LEU P 120 -66.25 53.01 21.73
C LEU P 120 -67.55 53.72 21.36
N GLN P 121 -68.26 54.25 22.33
CA GLN P 121 -69.51 54.96 22.05
C GLN P 121 -69.26 56.18 21.18
N ARG P 122 -68.22 56.95 21.49
CA ARG P 122 -67.93 58.15 20.70
C ARG P 122 -67.60 57.77 19.26
N MET P 123 -66.75 56.76 19.06
CA MET P 123 -66.36 56.39 17.70
C MET P 123 -67.56 55.81 16.95
N LYS P 124 -68.40 55.04 17.63
CA LYS P 124 -69.60 54.51 17.00
C LYS P 124 -70.55 55.63 16.57
N GLU P 125 -70.72 56.64 17.41
CA GLU P 125 -71.57 57.77 17.04
C GLU P 125 -70.98 58.50 15.84
N GLN P 126 -69.66 58.68 15.81
CA GLN P 126 -69.03 59.30 14.66
C GLN P 126 -69.27 58.50 13.39
N GLN P 127 -69.16 57.17 13.47
CA GLN P 127 -69.45 56.33 12.31
C GLN P 127 -70.91 56.47 11.88
N GLU P 128 -71.83 56.52 12.85
CA GLU P 128 -73.24 56.65 12.52
C GLU P 128 -73.55 57.98 11.85
N LEU P 129 -72.82 59.03 12.21
CA LEU P 129 -73.10 60.35 11.65
C LEU P 129 -72.93 60.38 10.14
N SER P 130 -71.87 59.76 9.63
CA SER P 130 -71.56 59.79 8.20
C SER P 130 -72.23 58.62 7.49
N LEU P 131 -73.55 58.68 7.44
CA LEU P 131 -74.35 57.63 6.82
C LEU P 131 -75.27 58.24 5.74
N THR P 132 -75.98 57.36 5.05
CA THR P 132 -76.93 57.73 4.00
C THR P 132 -78.34 57.41 4.49
N GLU P 133 -79.30 58.24 4.09
CA GLU P 133 -80.68 58.10 4.57
C GLU P 133 -81.22 56.70 4.31
N ALA P 134 -81.05 56.21 3.08
CA ALA P 134 -81.52 54.85 2.76
C ALA P 134 -80.78 53.82 3.59
N SER P 135 -79.47 54.00 3.78
CA SER P 135 -78.71 53.10 4.63
C SER P 135 -79.20 53.16 6.07
N LEU P 136 -79.57 54.35 6.54
CA LEU P 136 -80.10 54.49 7.90
C LEU P 136 -81.42 53.75 8.05
N GLN P 137 -82.30 53.85 7.05
CA GLN P 137 -83.56 53.12 7.09
C GLN P 137 -83.31 51.61 7.08
N LYS P 138 -82.37 51.15 6.24
CA LYS P 138 -82.04 49.74 6.20
C LYS P 138 -81.48 49.28 7.54
N LEU P 139 -80.64 50.10 8.16
CA LEU P 139 -80.11 49.79 9.48
C LEU P 139 -81.22 49.67 10.51
N GLN P 140 -82.19 50.59 10.48
CA GLN P 140 -83.30 50.53 11.42
C GLN P 140 -84.10 49.24 11.24
N GLU P 141 -84.42 48.90 9.98
CA GLU P 141 -85.17 47.67 9.73
C GLU P 141 -84.37 46.44 10.17
N ARG P 142 -83.06 46.44 9.89
CA ARG P 142 -82.23 45.30 10.27
C ARG P 142 -82.16 45.15 11.78
N ARG P 143 -82.03 46.25 12.51
CA ARG P 143 -82.02 46.19 13.97
C ARG P 143 -83.36 45.69 14.51
N ASP P 144 -84.47 46.13 13.89
CA ASP P 144 -85.78 45.63 14.30
C ASP P 144 -85.88 44.13 14.07
N GLN P 145 -85.35 43.64 12.95
CA GLN P 145 -85.35 42.20 12.70
C GLN P 145 -84.46 41.48 13.71
N GLU P 146 -83.32 42.08 14.06
CA GLU P 146 -82.43 41.51 15.08
C GLU P 146 -83.17 41.32 16.40
N LEU P 147 -83.85 42.36 16.87
CA LEU P 147 -84.57 42.26 18.13
C LEU P 147 -85.79 41.36 18.03
N ARG P 148 -86.22 40.99 16.83
CA ARG P 148 -87.37 40.13 16.66
C ARG P 148 -87.03 38.68 17.02
N ASN Q 16 -87.75 11.43 -44.67
CA ASN Q 16 -88.21 10.65 -43.53
C ASN Q 16 -87.06 9.96 -42.82
N ILE Q 17 -86.10 10.76 -42.34
CA ILE Q 17 -84.95 10.23 -41.62
C ILE Q 17 -85.43 9.66 -40.28
N LYS Q 18 -85.15 8.39 -40.04
CA LYS Q 18 -85.59 7.72 -38.84
C LYS Q 18 -84.54 6.72 -38.37
N ILE Q 19 -84.64 6.36 -37.10
CA ILE Q 19 -83.78 5.37 -36.47
C ILE Q 19 -84.52 4.05 -36.36
N MET Q 20 -83.82 2.97 -36.72
CA MET Q 20 -84.32 1.61 -36.80
C MET Q 20 -83.57 0.77 -35.78
N ARG Q 21 -84.31 -0.01 -35.00
CA ARG Q 21 -83.71 -1.00 -34.10
C ARG Q 21 -83.97 -2.39 -34.68
N LEU Q 22 -82.91 -3.08 -35.05
CA LEU Q 22 -83.00 -4.41 -35.61
C LEU Q 22 -82.98 -5.46 -34.51
N VAL Q 23 -83.38 -6.68 -34.86
CA VAL Q 23 -83.41 -7.77 -33.90
C VAL Q 23 -82.00 -8.12 -33.43
N THR Q 24 -80.99 -7.87 -34.25
CA THR Q 24 -79.61 -8.19 -33.89
C THR Q 24 -78.94 -7.02 -33.17
N CYS Q 25 -79.62 -6.50 -32.15
CA CYS Q 25 -79.13 -5.42 -31.29
C CYS Q 25 -78.34 -4.37 -32.08
N GLU Q 26 -78.99 -3.84 -33.10
CA GLU Q 26 -78.36 -2.88 -34.01
C GLU Q 26 -79.23 -1.65 -34.17
N ASP Q 27 -78.59 -0.49 -34.17
CA ASP Q 27 -79.27 0.80 -34.37
C ASP Q 27 -78.75 1.41 -35.67
N ILE Q 28 -79.65 1.66 -36.61
CA ILE Q 28 -79.28 2.18 -37.92
C ILE Q 28 -80.21 3.33 -38.29
N ILE Q 29 -79.63 4.45 -38.70
CA ILE Q 29 -80.39 5.62 -39.12
C ILE Q 29 -80.42 5.68 -40.64
N GLY Q 30 -81.57 6.06 -41.20
CA GLY Q 30 -81.68 6.16 -42.64
C GLY Q 30 -83.02 6.71 -43.04
N ASN Q 31 -83.15 6.96 -44.34
CA ASN Q 31 -84.40 7.46 -44.91
C ASN Q 31 -85.28 6.26 -45.23
N ILE Q 32 -86.41 6.14 -44.54
CA ILE Q 32 -87.22 4.93 -44.63
C ILE Q 32 -88.55 5.25 -45.31
N SER Q 33 -89.09 4.24 -45.98
CA SER Q 33 -90.41 4.27 -46.57
C SER Q 33 -91.17 3.03 -46.12
N GLU Q 34 -92.37 3.23 -45.61
CA GLU Q 34 -93.13 2.19 -44.94
C GLU Q 34 -94.24 1.69 -45.84
N SER Q 35 -94.32 0.37 -46.00
CA SER Q 35 -95.37 -0.31 -46.74
C SER Q 35 -96.12 -1.24 -45.79
N GLN Q 36 -97.14 -1.92 -46.31
CA GLN Q 36 -98.03 -2.70 -45.45
C GLN Q 36 -97.29 -3.82 -44.74
N GLY Q 37 -96.35 -4.48 -45.42
CA GLY Q 37 -95.67 -5.61 -44.82
C GLY Q 37 -94.16 -5.45 -44.70
N LEU Q 38 -93.57 -4.65 -45.58
CA LEU Q 38 -92.14 -4.48 -45.63
C LEU Q 38 -91.80 -2.99 -45.70
N ILE Q 39 -90.56 -2.66 -45.37
CA ILE Q 39 -90.11 -1.28 -45.41
C ILE Q 39 -88.80 -1.20 -46.18
N THR Q 40 -88.60 -0.07 -46.86
CA THR Q 40 -87.38 0.18 -47.61
C THR Q 40 -86.57 1.25 -46.90
N ILE Q 41 -85.25 1.15 -46.99
CA ILE Q 41 -84.34 2.07 -46.31
C ILE Q 41 -83.25 2.49 -47.28
N LYS Q 42 -82.87 3.77 -47.21
CA LYS Q 42 -81.81 4.33 -48.02
C LYS Q 42 -80.81 5.03 -47.12
N LYS Q 43 -79.53 4.92 -47.50
CA LYS Q 43 -78.42 5.54 -46.77
C LYS Q 43 -78.43 5.15 -45.30
N ALA Q 44 -78.54 3.84 -45.06
CA ALA Q 44 -78.49 3.34 -43.69
C ALA Q 44 -77.08 3.49 -43.12
N PHE Q 45 -77.02 3.73 -41.81
CA PHE Q 45 -75.73 3.90 -41.12
C PHE Q 45 -75.85 3.35 -39.71
N VAL Q 46 -74.99 2.39 -39.37
CA VAL Q 46 -74.92 1.88 -38.01
C VAL Q 46 -74.26 2.92 -37.11
N ILE Q 47 -74.74 2.99 -35.88
CA ILE Q 47 -74.27 3.97 -34.89
C ILE Q 47 -73.45 3.22 -33.85
N ILE Q 48 -72.20 3.62 -33.69
CA ILE Q 48 -71.27 3.05 -32.72
C ILE Q 48 -71.05 4.09 -31.63
N PRO Q 49 -71.43 3.83 -30.38
CA PRO Q 49 -71.24 4.76 -29.25
C PRO Q 49 -69.77 4.97 -28.91
N LEU Q 60 -70.28 9.89 -31.06
CA LEU Q 60 -70.90 8.86 -31.88
C LEU Q 60 -70.13 8.66 -33.18
N VAL Q 61 -70.21 7.45 -33.73
CA VAL Q 61 -69.54 7.10 -34.99
C VAL Q 61 -70.58 6.52 -35.93
N LEU Q 62 -70.57 6.99 -37.18
CA LEU Q 62 -71.47 6.48 -38.21
C LEU Q 62 -70.69 5.59 -39.16
N CYS Q 63 -71.20 4.38 -39.40
CA CYS Q 63 -70.54 3.44 -40.28
C CYS Q 63 -71.52 2.95 -41.33
N PRO Q 64 -71.08 2.73 -42.57
CA PRO Q 64 -71.99 2.18 -43.58
C PRO Q 64 -72.55 0.84 -43.15
N TRP Q 65 -73.86 0.67 -43.35
CA TRP Q 65 -74.52 -0.55 -42.90
C TRP Q 65 -74.14 -1.76 -43.74
N GLN Q 66 -74.13 -1.60 -45.06
CA GLN Q 66 -73.86 -2.68 -46.00
C GLN Q 66 -72.78 -2.24 -46.97
N PRO Q 67 -71.52 -2.29 -46.54
CA PRO Q 67 -70.43 -1.88 -47.44
C PRO Q 67 -70.01 -3.00 -48.38
N TYR Q 68 -71.00 -3.69 -48.95
CA TYR Q 68 -70.76 -4.75 -49.91
C TYR Q 68 -71.65 -4.68 -51.13
N THR Q 69 -72.67 -3.84 -51.14
CA THR Q 69 -73.61 -3.73 -52.24
C THR Q 69 -73.64 -2.31 -52.78
N ASP Q 70 -74.03 -2.19 -54.05
CA ASP Q 70 -74.18 -0.90 -54.70
C ASP Q 70 -75.64 -0.49 -54.85
N ASP Q 71 -76.56 -1.24 -54.24
CA ASP Q 71 -77.98 -0.93 -54.36
C ASP Q 71 -78.30 0.37 -53.63
N LYS Q 72 -79.22 1.14 -54.23
CA LYS Q 72 -79.59 2.42 -53.62
C LYS Q 72 -80.44 2.23 -52.38
N GLU Q 73 -81.33 1.24 -52.39
CA GLU Q 73 -82.25 1.00 -51.29
C GLU Q 73 -82.24 -0.47 -50.92
N ILE Q 74 -82.56 -0.75 -49.65
CA ILE Q 74 -82.59 -2.09 -49.11
C ILE Q 74 -83.98 -2.35 -48.53
N VAL Q 75 -84.59 -3.46 -48.93
CA VAL Q 75 -85.92 -3.84 -48.46
C VAL Q 75 -85.75 -4.81 -47.28
N ILE Q 76 -86.66 -4.72 -46.31
CA ILE Q 76 -86.58 -5.56 -45.13
C ILE Q 76 -87.99 -5.75 -44.57
N ASP Q 77 -88.28 -6.97 -44.13
CA ASP Q 77 -89.58 -7.29 -43.57
C ASP Q 77 -89.78 -6.61 -42.23
N ASP Q 78 -91.03 -6.25 -41.93
CA ASP Q 78 -91.36 -5.56 -40.69
C ASP Q 78 -91.34 -6.49 -39.48
N SER Q 79 -91.31 -7.81 -39.68
CA SER Q 79 -91.28 -8.73 -38.55
C SER Q 79 -89.94 -8.69 -37.82
N LYS Q 80 -88.90 -8.17 -38.45
CA LYS Q 80 -87.59 -8.02 -37.83
C LYS Q 80 -87.38 -6.63 -37.24
N VAL Q 81 -88.46 -5.93 -36.92
CA VAL Q 81 -88.43 -4.57 -36.41
C VAL Q 81 -88.65 -4.61 -34.91
N ILE Q 82 -87.82 -3.87 -34.17
CA ILE Q 82 -88.00 -3.74 -32.73
C ILE Q 82 -88.66 -2.39 -32.47
N THR Q 83 -87.98 -1.30 -32.84
CA THR Q 83 -88.52 0.04 -32.68
C THR Q 83 -88.18 0.90 -33.89
N ILE Q 84 -89.13 1.75 -34.27
CA ILE Q 84 -88.92 2.83 -35.24
C ILE Q 84 -89.07 4.13 -34.49
N THR Q 85 -88.18 5.08 -34.73
CA THR Q 85 -88.27 6.33 -33.98
C THR Q 85 -87.71 7.49 -34.78
N SER Q 86 -88.06 8.70 -34.35
CA SER Q 86 -87.57 9.92 -34.98
C SER Q 86 -86.37 10.44 -34.22
N PRO Q 87 -85.23 10.65 -34.86
CA PRO Q 87 -84.02 11.05 -34.14
C PRO Q 87 -84.06 12.54 -33.77
N LYS Q 88 -82.99 12.98 -33.10
CA LYS Q 88 -82.85 14.37 -32.71
C LYS Q 88 -82.32 15.20 -33.88
N ASP Q 89 -82.38 16.52 -33.72
CA ASP Q 89 -81.93 17.41 -34.78
C ASP Q 89 -80.42 17.31 -35.00
N ASP Q 90 -79.65 17.17 -33.91
CA ASP Q 90 -78.20 17.06 -34.04
C ASP Q 90 -77.81 15.81 -34.83
N ILE Q 91 -78.49 14.70 -34.56
CA ILE Q 91 -78.20 13.46 -35.29
C ILE Q 91 -78.51 13.62 -36.77
N ILE Q 92 -79.64 14.26 -37.08
CA ILE Q 92 -80.00 14.49 -38.48
C ILE Q 92 -78.97 15.36 -39.17
N LYS Q 93 -78.51 16.42 -38.48
CA LYS Q 93 -77.49 17.30 -39.05
C LYS Q 93 -76.19 16.54 -39.31
N SER Q 94 -75.78 15.71 -38.35
CA SER Q 94 -74.56 14.92 -38.55
C SER Q 94 -74.70 13.95 -39.70
N TYR Q 95 -75.88 13.31 -39.82
CA TYR Q 95 -76.14 12.39 -40.92
C TYR Q 95 -76.07 13.10 -42.26
N GLU Q 96 -76.67 14.29 -42.35
CA GLU Q 96 -76.63 15.07 -43.58
C GLU Q 96 -75.19 15.45 -43.94
N SER Q 97 -74.42 15.91 -42.94
CA SER Q 97 -73.04 16.30 -43.19
C SER Q 97 -72.22 15.10 -43.66
N HIS Q 98 -72.41 13.95 -43.03
CA HIS Q 98 -71.69 12.74 -43.42
C HIS Q 98 -72.00 12.36 -44.86
N THR Q 99 -73.29 12.34 -45.23
CA THR Q 99 -73.65 11.99 -46.59
C THR Q 99 -73.08 12.97 -47.60
N ARG Q 100 -73.16 14.27 -47.30
CA ARG Q 100 -72.63 15.28 -48.21
C ARG Q 100 -71.12 15.12 -48.40
N VAL Q 101 -70.39 14.86 -47.30
CA VAL Q 101 -68.95 14.68 -47.39
C VAL Q 101 -68.63 13.46 -48.24
N LEU Q 102 -69.36 12.36 -48.03
CA LEU Q 102 -69.11 11.16 -48.82
C LEU Q 102 -69.35 11.40 -50.31
N GLU Q 103 -70.44 12.10 -50.64
CA GLU Q 103 -70.72 12.38 -52.04
C GLU Q 103 -69.65 13.29 -52.66
N ASN Q 104 -69.20 14.28 -51.90
CA ASN Q 104 -68.13 15.15 -52.40
C ASN Q 104 -66.84 14.36 -52.64
N LYS Q 105 -66.51 13.45 -51.73
CA LYS Q 105 -65.33 12.61 -51.93
C LYS Q 105 -65.49 11.75 -53.18
N GLN Q 106 -66.68 11.20 -53.40
CA GLN Q 106 -66.91 10.37 -54.58
C GLN Q 106 -66.73 11.16 -55.86
N VAL Q 107 -67.30 12.37 -55.92
CA VAL Q 107 -67.19 13.15 -57.15
C VAL Q 107 -65.76 13.61 -57.38
N GLU Q 108 -65.04 13.95 -56.30
CA GLU Q 108 -63.63 14.31 -56.44
C GLU Q 108 -62.82 13.14 -56.98
N GLU Q 109 -63.08 11.94 -56.47
CA GLU Q 109 -62.36 10.76 -56.97
C GLU Q 109 -62.69 10.52 -58.44
N ILE Q 110 -63.95 10.72 -58.83
CA ILE Q 110 -64.32 10.55 -60.23
C ILE Q 110 -63.55 11.52 -61.12
N LEU Q 111 -63.45 12.78 -60.68
CA LEU Q 111 -62.71 13.77 -61.46
C LEU Q 111 -61.23 13.40 -61.56
N ARG Q 112 -60.65 12.95 -60.45
CA ARG Q 112 -59.25 12.54 -60.45
C ARG Q 112 -59.03 11.39 -61.44
N LEU Q 113 -59.93 10.42 -61.44
CA LEU Q 113 -59.80 9.30 -62.37
C LEU Q 113 -59.96 9.76 -63.82
N GLU Q 114 -60.88 10.70 -64.07
CA GLU Q 114 -61.00 11.29 -65.40
C GLU Q 114 -59.66 11.84 -65.86
N LYS Q 115 -59.04 12.67 -65.03
CA LYS Q 115 -57.77 13.28 -65.42
C LYS Q 115 -56.69 12.23 -65.64
N GLU Q 116 -56.62 11.24 -64.75
CA GLU Q 116 -55.58 10.22 -64.86
C GLU Q 116 -55.74 9.40 -66.13
N ILE Q 117 -56.97 8.98 -66.44
CA ILE Q 117 -57.17 8.15 -67.63
C ILE Q 117 -56.91 8.96 -68.89
N GLU Q 118 -57.29 10.25 -68.89
CA GLU Q 118 -57.00 11.08 -70.06
C GLU Q 118 -55.50 11.20 -70.28
N ASP Q 119 -54.74 11.48 -69.22
CA ASP Q 119 -53.30 11.61 -69.35
C ASP Q 119 -52.68 10.30 -69.84
N LEU Q 120 -53.10 9.18 -69.24
CA LEU Q 120 -52.56 7.89 -69.63
C LEU Q 120 -52.85 7.57 -71.09
N GLN Q 121 -54.08 7.83 -71.53
CA GLN Q 121 -54.44 7.57 -72.92
C GLN Q 121 -53.62 8.42 -73.88
N ARG Q 122 -53.45 9.71 -73.55
CA ARG Q 122 -52.67 10.59 -74.41
C ARG Q 122 -51.22 10.11 -74.52
N MET Q 123 -50.61 9.79 -73.38
CA MET Q 123 -49.21 9.37 -73.41
C MET Q 123 -49.05 8.04 -74.13
N LYS Q 124 -50.02 7.13 -73.94
CA LYS Q 124 -49.98 5.85 -74.65
C LYS Q 124 -50.10 6.04 -76.15
N GLU Q 125 -50.98 6.94 -76.59
CA GLU Q 125 -51.09 7.22 -78.01
C GLU Q 125 -49.80 7.81 -78.56
N GLN Q 126 -49.17 8.71 -77.80
CA GLN Q 126 -47.88 9.26 -78.21
C GLN Q 126 -46.84 8.16 -78.36
N GLN Q 127 -46.80 7.23 -77.41
CA GLN Q 127 -45.87 6.11 -77.51
C GLN Q 127 -46.16 5.25 -78.74
N GLU Q 128 -47.44 5.01 -79.02
CA GLU Q 128 -47.82 4.20 -80.17
C GLU Q 128 -47.44 4.87 -81.48
N LEU Q 129 -47.46 6.21 -81.52
CA LEU Q 129 -47.17 6.91 -82.77
C LEU Q 129 -45.75 6.63 -83.25
N SER Q 130 -44.78 6.64 -82.34
CA SER Q 130 -43.37 6.47 -82.71
C SER Q 130 -42.99 4.99 -82.69
N LEU Q 131 -43.56 4.25 -83.62
CA LEU Q 131 -43.33 2.82 -83.74
C LEU Q 131 -42.84 2.47 -85.14
N THR Q 132 -42.51 1.20 -85.32
CA THR Q 132 -42.04 0.66 -86.59
C THR Q 132 -43.11 -0.29 -87.14
N GLU Q 133 -43.24 -0.31 -88.48
CA GLU Q 133 -44.30 -1.10 -89.12
C GLU Q 133 -44.25 -2.56 -88.69
N ALA Q 134 -43.06 -3.16 -88.74
CA ALA Q 134 -42.92 -4.55 -88.31
C ALA Q 134 -43.27 -4.70 -86.83
N SER Q 135 -42.84 -3.76 -86.01
CA SER Q 135 -43.19 -3.78 -84.59
C SER Q 135 -44.70 -3.65 -84.41
N LEU Q 136 -45.34 -2.81 -85.23
CA LEU Q 136 -46.79 -2.67 -85.15
C LEU Q 136 -47.50 -3.96 -85.50
N GLN Q 137 -47.03 -4.66 -86.54
CA GLN Q 137 -47.61 -5.95 -86.90
C GLN Q 137 -47.42 -6.97 -85.77
N LYS Q 138 -46.22 -7.00 -85.18
CA LYS Q 138 -45.96 -7.90 -84.08
C LYS Q 138 -46.85 -7.57 -82.89
N LEU Q 139 -47.06 -6.28 -82.61
CA LEU Q 139 -47.98 -5.87 -81.55
C LEU Q 139 -49.39 -6.35 -81.83
N GLN Q 140 -49.85 -6.21 -83.07
CA GLN Q 140 -51.20 -6.66 -83.41
C GLN Q 140 -51.35 -8.16 -83.21
N GLU Q 141 -50.37 -8.93 -83.68
CA GLU Q 141 -50.43 -10.38 -83.49
C GLU Q 141 -50.38 -10.76 -82.01
N ARG Q 142 -49.53 -10.07 -81.23
CA ARG Q 142 -49.42 -10.36 -79.81
C ARG Q 142 -50.72 -10.04 -79.08
N ARG Q 143 -51.36 -8.92 -79.43
CA ARG Q 143 -52.65 -8.59 -78.81
C ARG Q 143 -53.71 -9.61 -79.18
N ASP Q 144 -53.71 -10.07 -80.44
CA ASP Q 144 -54.65 -11.11 -80.83
C ASP Q 144 -54.42 -12.39 -80.04
N GLN Q 145 -53.16 -12.75 -79.80
CA GLN Q 145 -52.87 -13.93 -78.98
C GLN Q 145 -53.31 -13.69 -77.53
N GLU Q 146 -53.12 -12.47 -77.03
CA GLU Q 146 -53.58 -12.12 -75.69
C GLU Q 146 -55.08 -12.36 -75.54
N LEU Q 147 -55.87 -11.83 -76.48
CA LEU Q 147 -57.31 -12.00 -76.40
C LEU Q 147 -57.75 -13.43 -76.68
N ARG Q 148 -56.86 -14.27 -77.20
CA ARG Q 148 -57.20 -15.66 -77.48
C ARG Q 148 -57.29 -16.47 -76.21
N ASN R 16 -1.70 -54.01 -83.09
CA ASN R 16 -2.88 -54.60 -82.48
C ASN R 16 -2.94 -54.26 -80.99
N ILE R 17 -2.96 -52.96 -80.67
CA ILE R 17 -3.04 -52.52 -79.29
C ILE R 17 -4.41 -52.88 -78.74
N LYS R 18 -4.42 -53.63 -77.64
CA LYS R 18 -5.68 -54.09 -77.05
C LYS R 18 -5.55 -54.14 -75.53
N ILE R 19 -6.71 -54.14 -74.88
CA ILE R 19 -6.82 -54.23 -73.43
C ILE R 19 -7.18 -55.65 -73.04
N MET R 20 -6.49 -56.16 -72.03
CA MET R 20 -6.58 -57.52 -71.53
C MET R 20 -7.09 -57.47 -70.09
N ARG R 21 -8.10 -58.29 -69.79
CA ARG R 21 -8.56 -58.47 -68.41
C ARG R 21 -8.10 -59.83 -67.93
N LEU R 22 -7.24 -59.84 -66.92
CA LEU R 22 -6.73 -61.08 -66.35
C LEU R 22 -7.63 -61.58 -65.23
N VAL R 23 -7.45 -62.85 -64.87
CA VAL R 23 -8.26 -63.45 -63.82
C VAL R 23 -8.02 -62.77 -62.48
N THR R 24 -6.83 -62.21 -62.28
CA THR R 24 -6.50 -61.55 -61.01
C THR R 24 -6.87 -60.08 -61.02
N CYS R 25 -8.12 -59.80 -61.43
CA CYS R 25 -8.71 -58.46 -61.46
C CYS R 25 -7.70 -57.40 -61.90
N GLU R 26 -7.11 -57.64 -63.07
CA GLU R 26 -6.06 -56.77 -63.60
C GLU R 26 -6.39 -56.38 -65.03
N ASP R 27 -6.15 -55.10 -65.36
CA ASP R 27 -6.35 -54.57 -66.69
C ASP R 27 -4.99 -54.13 -67.23
N ILE R 28 -4.59 -54.71 -68.36
CA ILE R 28 -3.28 -54.44 -68.94
C ILE R 28 -3.45 -54.19 -70.44
N ILE R 29 -2.86 -53.10 -70.93
CA ILE R 29 -2.91 -52.76 -72.34
C ILE R 29 -1.58 -53.13 -72.98
N GLY R 30 -1.64 -53.64 -74.21
CA GLY R 30 -0.41 -54.01 -74.90
C GLY R 30 -0.71 -54.47 -76.31
N ASN R 31 0.38 -54.70 -77.06
CA ASN R 31 0.26 -55.18 -78.43
C ASN R 31 0.21 -56.71 -78.37
N ILE R 32 -0.92 -57.28 -78.78
CA ILE R 32 -1.16 -58.71 -78.59
C ILE R 32 -1.19 -59.41 -79.93
N SER R 33 -0.80 -60.68 -79.92
CA SER R 33 -0.88 -61.58 -81.06
C SER R 33 -1.58 -62.85 -80.59
N GLU R 34 -2.60 -63.27 -81.33
CA GLU R 34 -3.49 -64.34 -80.91
C GLU R 34 -3.18 -65.62 -81.68
N SER R 35 -3.01 -66.71 -80.95
CA SER R 35 -2.81 -68.03 -81.51
C SER R 35 -3.95 -68.94 -81.05
N GLN R 36 -3.93 -70.20 -81.50
CA GLN R 36 -5.07 -71.08 -81.27
C GLN R 36 -5.30 -71.34 -79.78
N GLY R 37 -4.23 -71.47 -78.99
CA GLY R 37 -4.38 -71.79 -77.60
C GLY R 37 -3.80 -70.76 -76.65
N LEU R 38 -2.79 -70.03 -77.09
CA LEU R 38 -2.09 -69.07 -76.27
C LEU R 38 -1.94 -67.76 -77.01
N ILE R 39 -1.68 -66.68 -76.27
CA ILE R 39 -1.50 -65.37 -76.86
C ILE R 39 -0.21 -64.75 -76.34
N THR R 40 0.42 -63.95 -77.19
CA THR R 40 1.64 -63.24 -76.82
C THR R 40 1.33 -61.74 -76.69
N ILE R 41 2.02 -61.09 -75.77
CA ILE R 41 1.79 -59.68 -75.49
C ILE R 41 3.14 -58.96 -75.41
N LYS R 42 3.18 -57.74 -75.94
CA LYS R 42 4.37 -56.91 -75.90
C LYS R 42 4.01 -55.55 -75.33
N LYS R 43 4.94 -54.99 -74.55
CA LYS R 43 4.78 -53.67 -73.93
C LYS R 43 3.49 -53.59 -73.11
N ALA R 44 3.29 -54.59 -72.26
CA ALA R 44 2.13 -54.59 -71.38
C ALA R 44 2.26 -53.50 -70.32
N PHE R 45 1.13 -52.94 -69.92
CA PHE R 45 1.10 -51.89 -68.90
C PHE R 45 -0.17 -52.01 -68.09
N VAL R 46 -0.03 -52.17 -66.78
CA VAL R 46 -1.17 -52.15 -65.89
C VAL R 46 -1.71 -50.74 -65.76
N ILE R 47 -3.03 -50.63 -65.65
CA ILE R 47 -3.73 -49.36 -65.57
C ILE R 47 -4.24 -49.18 -64.15
N ILE R 48 -3.81 -48.09 -63.51
CA ILE R 48 -4.22 -47.75 -62.16
C ILE R 48 -5.13 -46.53 -62.25
N PRO R 49 -6.41 -46.63 -61.85
CA PRO R 49 -7.35 -45.50 -61.88
C PRO R 49 -6.99 -44.39 -60.90
N LEU R 60 -5.57 -41.47 -65.20
CA LEU R 60 -5.07 -42.83 -65.28
C LEU R 60 -3.56 -42.88 -65.13
N VAL R 61 -3.04 -44.00 -64.64
CA VAL R 61 -1.62 -44.21 -64.45
C VAL R 61 -1.23 -45.51 -65.14
N LEU R 62 -0.15 -45.47 -65.91
CA LEU R 62 0.37 -46.65 -66.59
C LEU R 62 1.63 -47.13 -65.87
N CYS R 63 1.66 -48.42 -65.53
CA CYS R 63 2.80 -48.99 -64.82
C CYS R 63 3.29 -50.22 -65.57
N PRO R 64 4.60 -50.45 -65.61
CA PRO R 64 5.11 -51.67 -66.26
C PRO R 64 4.53 -52.92 -65.61
N TRP R 65 4.12 -53.87 -66.46
CA TRP R 65 3.46 -55.07 -65.94
C TRP R 65 4.44 -55.99 -65.25
N GLN R 66 5.61 -56.22 -65.86
CA GLN R 66 6.60 -57.15 -65.34
C GLN R 66 7.95 -56.43 -65.27
N PRO R 67 8.16 -55.61 -64.24
CA PRO R 67 9.44 -54.90 -64.12
C PRO R 67 10.52 -55.76 -63.49
N TYR R 68 10.60 -57.01 -63.94
CA TYR R 68 11.61 -57.95 -63.46
C TYR R 68 12.28 -58.73 -64.58
N THR R 69 11.77 -58.68 -65.80
CA THR R 69 12.31 -59.44 -66.91
C THR R 69 12.70 -58.49 -68.05
N ASP R 70 13.64 -58.96 -68.87
CA ASP R 70 14.09 -58.24 -70.05
C ASP R 70 13.51 -58.81 -71.34
N ASP R 71 12.60 -59.76 -71.24
CA ASP R 71 12.02 -60.38 -72.43
C ASP R 71 11.16 -59.37 -73.20
N LYS R 72 11.22 -59.46 -74.53
CA LYS R 72 10.46 -58.54 -75.36
C LYS R 72 8.97 -58.87 -75.33
N GLU R 73 8.62 -60.15 -75.30
CA GLU R 73 7.23 -60.58 -75.34
C GLU R 73 6.97 -61.60 -74.25
N ILE R 74 5.72 -61.67 -73.79
CA ILE R 74 5.30 -62.59 -72.75
C ILE R 74 4.16 -63.44 -73.30
N VAL R 75 4.27 -64.75 -73.15
CA VAL R 75 3.27 -65.70 -73.61
C VAL R 75 2.35 -66.04 -72.43
N ILE R 76 1.06 -66.24 -72.72
CA ILE R 76 0.09 -66.53 -71.68
C ILE R 76 -1.05 -67.35 -72.28
N ASP R 77 -1.50 -68.35 -71.52
CA ASP R 77 -2.59 -69.21 -71.97
C ASP R 77 -3.90 -68.43 -72.02
N ASP R 78 -4.75 -68.81 -72.97
CA ASP R 78 -6.04 -68.16 -73.14
C ASP R 78 -7.06 -68.54 -72.08
N SER R 79 -6.80 -69.59 -71.30
CA SER R 79 -7.74 -69.99 -70.27
C SER R 79 -7.78 -68.99 -69.11
N LYS R 80 -6.76 -68.14 -68.99
CA LYS R 80 -6.71 -67.11 -67.97
C LYS R 80 -7.20 -65.76 -68.49
N VAL R 81 -8.02 -65.77 -69.53
CA VAL R 81 -8.52 -64.57 -70.19
C VAL R 81 -9.95 -64.33 -69.73
N ILE R 82 -10.25 -63.09 -69.36
CA ILE R 82 -11.61 -62.72 -69.00
C ILE R 82 -12.22 -62.00 -70.20
N THR R 83 -11.64 -60.85 -70.59
CA THR R 83 -12.09 -60.10 -71.75
C THR R 83 -10.91 -59.55 -72.52
N ILE R 84 -11.06 -59.56 -73.85
CA ILE R 84 -10.15 -58.86 -74.76
C ILE R 84 -10.96 -57.75 -75.41
N THR R 85 -10.37 -56.55 -75.51
CA THR R 85 -11.15 -55.45 -76.08
C THR R 85 -10.23 -54.45 -76.75
N SER R 86 -10.83 -53.60 -77.59
CA SER R 86 -10.10 -52.54 -78.28
C SER R 86 -10.26 -51.24 -77.51
N PRO R 87 -9.17 -50.58 -77.13
CA PRO R 87 -9.26 -49.38 -76.31
C PRO R 87 -9.68 -48.17 -77.14
N LYS R 88 -9.81 -47.03 -76.45
CA LYS R 88 -10.15 -45.78 -77.09
C LYS R 88 -8.91 -45.14 -77.71
N ASP R 89 -9.14 -44.10 -78.52
CA ASP R 89 -8.04 -43.43 -79.21
C ASP R 89 -7.15 -42.69 -78.21
N ASP R 90 -7.75 -42.07 -77.19
CA ASP R 90 -6.96 -41.35 -76.21
C ASP R 90 -6.01 -42.29 -75.46
N ILE R 91 -6.50 -43.47 -75.10
CA ILE R 91 -5.68 -44.44 -74.39
C ILE R 91 -4.51 -44.89 -75.27
N ILE R 92 -4.79 -45.13 -76.56
CA ILE R 92 -3.73 -45.54 -77.49
C ILE R 92 -2.69 -44.43 -77.62
N LYS R 93 -3.14 -43.18 -77.72
CA LYS R 93 -2.20 -42.07 -77.81
C LYS R 93 -1.34 -41.95 -76.57
N SER R 94 -1.95 -42.10 -75.39
CA SER R 94 -1.17 -42.04 -74.15
C SER R 94 -0.17 -43.19 -74.08
N TYR R 95 -0.58 -44.38 -74.50
CA TYR R 95 0.32 -45.53 -74.51
C TYR R 95 1.51 -45.30 -75.43
N GLU R 96 1.24 -44.77 -76.63
CA GLU R 96 2.32 -44.46 -77.57
C GLU R 96 3.28 -43.41 -76.99
N SER R 97 2.72 -42.36 -76.39
CA SER R 97 3.57 -41.33 -75.81
C SER R 97 4.43 -41.88 -74.68
N HIS R 98 3.83 -42.72 -73.82
CA HIS R 98 4.58 -43.33 -72.73
C HIS R 98 5.73 -44.19 -73.25
N THR R 99 5.45 -45.04 -74.23
CA THR R 99 6.52 -45.89 -74.77
C THR R 99 7.62 -45.05 -75.41
N ARG R 100 7.25 -44.03 -76.17
CA ARG R 100 8.26 -43.18 -76.81
C ARG R 100 9.12 -42.47 -75.77
N VAL R 101 8.50 -41.95 -74.70
CA VAL R 101 9.26 -41.29 -73.66
C VAL R 101 10.22 -42.25 -72.98
N LEU R 102 9.76 -43.48 -72.71
CA LEU R 102 10.62 -44.47 -72.08
C LEU R 102 11.81 -44.81 -72.96
N GLU R 103 11.57 -44.98 -74.26
CA GLU R 103 12.67 -45.31 -75.17
C GLU R 103 13.67 -44.15 -75.27
N ASN R 104 13.16 -42.91 -75.30
CA ASN R 104 14.05 -41.75 -75.34
C ASN R 104 14.90 -41.67 -74.07
N LYS R 105 14.29 -41.95 -72.91
CA LYS R 105 15.05 -41.96 -71.67
C LYS R 105 16.13 -43.04 -71.71
N GLN R 106 15.80 -44.22 -72.24
CA GLN R 106 16.78 -45.30 -72.32
C GLN R 106 17.97 -44.91 -73.20
N VAL R 107 17.68 -44.33 -74.37
CA VAL R 107 18.79 -44.00 -75.27
C VAL R 107 19.63 -42.86 -74.70
N GLU R 108 18.99 -41.90 -74.01
CA GLU R 108 19.75 -40.84 -73.36
C GLU R 108 20.67 -41.40 -72.27
N GLU R 109 20.15 -42.35 -71.49
CA GLU R 109 20.99 -42.97 -70.45
C GLU R 109 22.15 -43.74 -71.08
N ILE R 110 21.90 -44.41 -72.21
CA ILE R 110 22.98 -45.13 -72.88
C ILE R 110 24.06 -44.17 -73.33
N LEU R 111 23.66 -43.02 -73.91
CA LEU R 111 24.65 -42.03 -74.33
C LEU R 111 25.44 -41.49 -73.15
N ARG R 112 24.74 -41.20 -72.04
CA ARG R 112 25.42 -40.70 -70.85
C ARG R 112 26.45 -41.71 -70.36
N LEU R 113 26.08 -42.99 -70.34
CA LEU R 113 27.02 -44.02 -69.90
C LEU R 113 28.20 -44.14 -70.85
N GLU R 114 27.95 -44.01 -72.15
CA GLU R 114 29.05 -43.97 -73.12
C GLU R 114 30.05 -42.90 -72.76
N LYS R 115 29.56 -41.67 -72.55
CA LYS R 115 30.46 -40.56 -72.25
C LYS R 115 31.21 -40.81 -70.94
N GLU R 116 30.50 -41.29 -69.92
CA GLU R 116 31.13 -41.50 -68.62
C GLU R 116 32.22 -42.56 -68.70
N ILE R 117 31.95 -43.68 -69.37
CA ILE R 117 32.94 -44.74 -69.43
C ILE R 117 34.14 -44.30 -70.26
N GLU R 118 33.91 -43.53 -71.33
CA GLU R 118 35.02 -43.03 -72.13
C GLU R 118 35.93 -42.12 -71.29
N ASP R 119 35.31 -41.19 -70.54
CA ASP R 119 36.09 -40.28 -69.72
C ASP R 119 36.87 -41.05 -68.65
N LEU R 120 36.21 -42.01 -67.99
CA LEU R 120 36.88 -42.78 -66.95
C LEU R 120 38.04 -43.58 -67.51
N GLN R 121 37.85 -44.21 -68.67
CA GLN R 121 38.93 -44.99 -69.27
C GLN R 121 40.11 -44.10 -69.64
N ARG R 122 39.84 -42.92 -70.21
CA ARG R 122 40.92 -42.03 -70.59
C ARG R 122 41.71 -41.57 -69.36
N MET R 123 41.00 -41.17 -68.30
CA MET R 123 41.70 -40.68 -67.12
C MET R 123 42.47 -41.81 -66.45
N LYS R 124 41.91 -43.02 -66.43
CA LYS R 124 42.61 -44.17 -65.87
C LYS R 124 43.87 -44.48 -66.66
N GLU R 125 43.80 -44.42 -67.98
CA GLU R 125 45.01 -44.64 -68.79
C GLU R 125 46.06 -43.57 -68.50
N GLN R 126 45.63 -42.31 -68.37
CA GLN R 126 46.56 -41.25 -68.01
C GLN R 126 47.23 -41.52 -66.68
N GLN R 127 46.46 -41.97 -65.69
CA GLN R 127 47.04 -42.32 -64.39
C GLN R 127 48.03 -43.47 -64.52
N GLU R 128 47.68 -44.48 -65.32
CA GLU R 128 48.57 -45.62 -65.50
C GLU R 128 49.88 -45.22 -66.18
N LEU R 129 49.84 -44.23 -67.06
CA LEU R 129 51.04 -43.84 -67.80
C LEU R 129 52.14 -43.35 -66.86
N SER R 130 51.79 -42.54 -65.86
CA SER R 130 52.78 -41.94 -64.96
C SER R 130 52.99 -42.86 -63.75
N LEU R 131 53.61 -44.01 -64.03
CA LEU R 131 53.88 -45.00 -63.00
C LEU R 131 55.36 -45.35 -62.99
N THR R 132 55.75 -46.20 -62.03
CA THR R 132 57.10 -46.67 -61.86
C THR R 132 57.16 -48.16 -62.19
N GLU R 133 58.27 -48.61 -62.78
CA GLU R 133 58.39 -49.99 -63.22
C GLU R 133 58.11 -50.98 -62.10
N ALA R 134 58.73 -50.76 -60.93
CA ALA R 134 58.48 -51.64 -59.79
C ALA R 134 57.02 -51.57 -59.36
N SER R 135 56.45 -50.37 -59.36
CA SER R 135 55.03 -50.22 -59.04
C SER R 135 54.16 -50.94 -60.06
N LEU R 136 54.55 -50.91 -61.33
CA LEU R 136 53.80 -51.61 -62.36
C LEU R 136 53.85 -53.12 -62.15
N GLN R 137 55.02 -53.65 -61.79
CA GLN R 137 55.13 -55.07 -61.50
C GLN R 137 54.27 -55.44 -60.29
N LYS R 138 54.31 -54.61 -59.25
CA LYS R 138 53.49 -54.87 -58.07
C LYS R 138 52.01 -54.83 -58.41
N LEU R 139 51.61 -53.88 -59.26
CA LEU R 139 50.23 -53.83 -59.73
C LEU R 139 49.84 -55.09 -60.48
N GLN R 140 50.71 -55.58 -61.36
CA GLN R 140 50.42 -56.79 -62.10
C GLN R 140 50.23 -57.98 -61.16
N GLU R 141 51.15 -58.14 -60.20
CA GLU R 141 51.02 -59.24 -59.24
C GLU R 141 49.75 -59.10 -58.40
N ARG R 142 49.43 -57.87 -57.98
CA ARG R 142 48.23 -57.66 -57.17
C ARG R 142 46.97 -57.98 -57.96
N ARG R 143 46.92 -57.58 -59.22
CA ARG R 143 45.77 -57.92 -60.06
C ARG R 143 45.65 -59.42 -60.27
N ASP R 144 46.79 -60.10 -60.45
CA ASP R 144 46.76 -61.55 -60.57
C ASP R 144 46.22 -62.20 -59.30
N GLN R 145 46.61 -61.68 -58.13
CA GLN R 145 46.08 -62.20 -56.88
C GLN R 145 44.59 -61.90 -56.76
N GLU R 146 44.16 -60.72 -57.22
CA GLU R 146 42.74 -60.37 -57.23
C GLU R 146 41.94 -61.38 -58.02
N LEU R 147 42.37 -61.68 -59.25
CA LEU R 147 41.65 -62.63 -60.08
C LEU R 147 41.76 -64.06 -59.56
N ARG R 148 42.67 -64.33 -58.64
CA ARG R 148 42.84 -65.66 -58.09
C ARG R 148 41.70 -66.01 -57.13
N ASN S 16 75.42 -64.30 1.24
CA ASN S 16 74.35 -65.28 1.06
C ASN S 16 72.99 -64.67 1.38
N ILE S 17 72.64 -63.60 0.67
CA ILE S 17 71.36 -62.95 0.87
C ILE S 17 70.25 -63.88 0.39
N LYS S 18 69.31 -64.19 1.28
CA LYS S 18 68.23 -65.10 0.96
C LYS S 18 66.95 -64.66 1.66
N ILE S 19 65.83 -65.17 1.15
CA ILE S 19 64.50 -64.92 1.68
C ILE S 19 64.06 -66.14 2.49
N MET S 20 63.50 -65.85 3.67
CA MET S 20 63.09 -66.83 4.67
C MET S 20 61.58 -66.70 4.85
N ARG S 21 60.89 -67.84 4.82
CA ARG S 21 59.46 -67.89 5.15
C ARG S 21 59.32 -68.55 6.52
N LEU S 22 58.82 -67.79 7.48
CA LEU S 22 58.62 -68.29 8.83
C LEU S 22 57.24 -68.91 8.97
N VAL S 23 57.06 -69.69 10.05
CA VAL S 23 55.78 -70.34 10.29
C VAL S 23 54.68 -69.33 10.55
N THR S 24 55.02 -68.15 11.05
CA THR S 24 54.03 -67.13 11.35
C THR S 24 53.79 -66.21 10.14
N CYS S 25 53.55 -66.83 8.99
CA CYS S 25 53.24 -66.16 7.73
C CYS S 25 54.05 -64.86 7.56
N GLU S 26 55.37 -65.01 7.65
CA GLU S 26 56.28 -63.88 7.60
C GLU S 26 57.37 -64.13 6.57
N ASP S 27 57.70 -63.10 5.79
CA ASP S 27 58.78 -63.15 4.81
C ASP S 27 59.86 -62.17 5.22
N ILE S 28 61.07 -62.68 5.43
CA ILE S 28 62.18 -61.86 5.91
C ILE S 28 63.42 -62.15 5.07
N ILE S 29 64.07 -61.10 4.57
CA ILE S 29 65.29 -61.24 3.78
C ILE S 29 66.48 -60.91 4.66
N GLY S 30 67.56 -61.67 4.47
CA GLY S 30 68.76 -61.41 5.26
C GLY S 30 69.89 -62.31 4.81
N ASN S 31 71.07 -62.05 5.38
CA ASN S 31 72.25 -62.85 5.10
C ASN S 31 72.25 -64.04 6.05
N ILE S 32 72.12 -65.25 5.50
CA ILE S 32 71.91 -66.43 6.32
C ILE S 32 73.13 -67.34 6.24
N SER S 33 73.35 -68.08 7.31
CA SER S 33 74.36 -69.12 7.39
C SER S 33 73.69 -70.39 7.91
N GLU S 34 73.89 -71.49 7.22
CA GLU S 34 73.17 -72.73 7.46
C GLU S 34 74.06 -73.73 8.18
N SER S 35 73.54 -74.28 9.27
CA SER S 35 74.20 -75.33 10.04
C SER S 35 73.30 -76.57 10.03
N GLN S 36 73.77 -77.65 10.67
CA GLN S 36 73.08 -78.93 10.56
C GLN S 36 71.67 -78.87 11.15
N GLY S 37 71.48 -78.14 12.24
CA GLY S 37 70.19 -78.11 12.88
C GLY S 37 69.56 -76.73 12.98
N LEU S 38 70.39 -75.70 13.02
CA LEU S 38 69.94 -74.33 13.20
C LEU S 38 70.61 -73.43 12.17
N ILE S 39 70.02 -72.26 11.95
CA ILE S 39 70.56 -71.30 11.00
C ILE S 39 70.65 -69.94 11.67
N THR S 40 71.66 -69.17 11.26
CA THR S 40 71.87 -67.82 11.75
C THR S 40 71.54 -66.82 10.66
N ILE S 41 71.01 -65.67 11.06
CA ILE S 41 70.59 -64.64 10.11
C ILE S 41 71.10 -63.29 10.58
N LYS S 42 71.53 -62.46 9.64
CA LYS S 42 72.01 -61.11 9.91
C LYS S 42 71.27 -60.13 9.02
N LYS S 43 70.97 -58.96 9.58
CA LYS S 43 70.29 -57.87 8.88
C LYS S 43 68.96 -58.34 8.29
N ALA S 44 68.16 -59.01 9.12
CA ALA S 44 66.85 -59.46 8.69
C ALA S 44 65.92 -58.26 8.49
N PHE S 45 65.01 -58.39 7.52
CA PHE S 45 64.05 -57.33 7.23
C PHE S 45 62.75 -57.96 6.77
N VAL S 46 61.66 -57.64 7.47
CA VAL S 46 60.34 -58.07 7.04
C VAL S 46 59.91 -57.26 5.83
N ILE S 47 59.19 -57.91 4.92
CA ILE S 47 58.74 -57.32 3.67
C ILE S 47 57.24 -57.11 3.77
N ILE S 48 56.81 -55.86 3.61
CA ILE S 48 55.40 -55.47 3.63
C ILE S 48 55.01 -55.09 2.21
N PRO S 49 54.06 -55.80 1.58
CA PRO S 49 53.60 -55.50 0.22
C PRO S 49 52.85 -54.18 0.14
N LEU S 60 57.17 -52.22 -2.44
CA LEU S 60 57.54 -53.01 -1.26
C LEU S 60 58.11 -52.12 -0.16
N VAL S 61 57.96 -52.56 1.09
CA VAL S 61 58.47 -51.83 2.24
C VAL S 61 59.32 -52.79 3.06
N LEU S 62 60.50 -52.33 3.47
CA LEU S 62 61.40 -53.11 4.30
C LEU S 62 61.37 -52.57 5.72
N CYS S 63 61.14 -53.45 6.69
CA CYS S 63 61.08 -53.05 8.08
C CYS S 63 62.04 -53.90 8.91
N PRO S 64 62.69 -53.33 9.92
CA PRO S 64 63.56 -54.14 10.78
C PRO S 64 62.78 -55.26 11.44
N TRP S 65 63.38 -56.46 11.44
CA TRP S 65 62.69 -57.63 11.97
C TRP S 65 62.57 -57.58 13.49
N GLN S 66 63.66 -57.23 14.17
CA GLN S 66 63.72 -57.23 15.63
C GLN S 66 64.24 -55.88 16.09
N PRO S 67 63.38 -54.86 16.11
CA PRO S 67 63.83 -53.54 16.55
C PRO S 67 63.82 -53.41 18.07
N TYR S 68 64.31 -54.44 18.76
CA TYR S 68 64.41 -54.44 20.21
C TYR S 68 65.74 -54.95 20.72
N THR S 69 66.59 -55.53 19.88
CA THR S 69 67.86 -56.08 20.29
C THR S 69 69.00 -55.43 19.51
N ASP S 70 70.18 -55.46 20.12
CA ASP S 70 71.39 -54.95 19.50
C ASP S 70 72.30 -56.06 18.98
N ASP S 71 71.83 -57.30 19.01
CA ASP S 71 72.65 -58.42 18.57
C ASP S 71 72.88 -58.35 17.07
N LYS S 72 74.10 -58.73 16.64
CA LYS S 72 74.43 -58.69 15.23
C LYS S 72 73.73 -59.79 14.45
N GLU S 73 73.60 -60.98 15.05
CA GLU S 73 73.01 -62.13 14.37
C GLU S 73 71.98 -62.79 15.28
N ILE S 74 71.00 -63.44 14.66
CA ILE S 74 69.93 -64.13 15.36
C ILE S 74 69.93 -65.58 14.93
N VAL S 75 69.92 -66.49 15.90
CA VAL S 75 69.89 -67.92 15.66
C VAL S 75 68.46 -68.42 15.71
N ILE S 76 68.12 -69.40 14.87
CA ILE S 76 66.76 -69.92 14.81
C ILE S 76 66.81 -71.36 14.35
N ASP S 77 65.98 -72.20 14.96
CA ASP S 77 65.91 -73.61 14.61
C ASP S 77 65.32 -73.79 13.22
N ASP S 78 65.78 -74.84 12.53
CA ASP S 78 65.30 -75.12 11.18
C ASP S 78 63.91 -75.73 11.16
N SER S 79 63.38 -76.19 12.30
CA SER S 79 62.05 -76.76 12.32
C SER S 79 60.97 -75.72 12.11
N LYS S 80 61.29 -74.44 12.30
CA LYS S 80 60.36 -73.35 12.07
C LYS S 80 60.52 -72.73 10.68
N VAL S 81 61.07 -73.49 9.73
CA VAL S 81 61.36 -73.02 8.38
C VAL S 81 60.28 -73.56 7.45
N ILE S 82 59.75 -72.69 6.60
CA ILE S 82 58.78 -73.10 5.59
C ILE S 82 59.53 -73.21 4.26
N THR S 83 60.08 -72.09 3.78
CA THR S 83 60.85 -72.07 2.55
C THR S 83 62.07 -71.17 2.69
N ILE S 84 63.17 -71.61 2.09
CA ILE S 84 64.36 -70.78 1.89
C ILE S 84 64.51 -70.57 0.39
N THR S 85 64.81 -69.34 -0.01
CA THR S 85 64.90 -69.09 -1.45
C THR S 85 65.87 -67.95 -1.74
N SER S 86 66.29 -67.88 -2.99
CA SER S 86 67.18 -66.83 -3.46
C SER S 86 66.37 -65.70 -4.08
N PRO S 87 66.51 -64.46 -3.63
CA PRO S 87 65.68 -63.37 -4.15
C PRO S 87 66.16 -62.90 -5.51
N LYS S 88 65.44 -61.93 -6.06
CA LYS S 88 65.78 -61.32 -7.34
C LYS S 88 66.88 -60.27 -7.15
N ASP S 89 67.44 -59.83 -8.28
CA ASP S 89 68.52 -58.84 -8.23
C ASP S 89 68.01 -57.49 -7.73
N ASP S 90 66.80 -57.11 -8.12
CA ASP S 90 66.26 -55.83 -7.68
C ASP S 90 66.08 -55.80 -6.17
N ILE S 91 65.59 -56.91 -5.60
CA ILE S 91 65.40 -56.98 -4.15
C ILE S 91 66.74 -56.88 -3.44
N ILE S 92 67.76 -57.57 -3.96
CA ILE S 92 69.09 -57.50 -3.35
C ILE S 92 69.63 -56.08 -3.40
N LYS S 93 69.46 -55.40 -4.55
CA LYS S 93 69.91 -54.03 -4.67
C LYS S 93 69.22 -53.11 -3.68
N SER S 94 67.89 -53.27 -3.54
CA SER S 94 67.15 -52.45 -2.58
C SER S 94 67.60 -52.73 -1.16
N TYR S 95 67.85 -54.00 -0.83
CA TYR S 95 68.33 -54.36 0.50
C TYR S 95 69.69 -53.74 0.78
N GLU S 96 70.60 -53.79 -0.19
CA GLU S 96 71.92 -53.16 -0.03
C GLU S 96 71.79 -51.66 0.16
N SER S 97 70.95 -51.01 -0.65
CA SER S 97 70.77 -49.57 -0.51
C SER S 97 70.20 -49.21 0.86
N HIS S 98 69.21 -49.97 1.32
CA HIS S 98 68.62 -49.72 2.62
C HIS S 98 69.65 -49.84 3.75
N THR S 99 70.44 -50.92 3.72
CA THR S 99 71.46 -51.10 4.77
C THR S 99 72.49 -49.97 4.72
N ARG S 100 72.95 -49.60 3.52
CA ARG S 100 73.92 -48.53 3.42
C ARG S 100 73.37 -47.21 3.94
N VAL S 101 72.12 -46.90 3.61
CA VAL S 101 71.51 -45.66 4.10
C VAL S 101 71.41 -45.68 5.61
N LEU S 102 71.01 -46.81 6.18
CA LEU S 102 70.90 -46.90 7.63
C LEU S 102 72.26 -46.69 8.30
N GLU S 103 73.30 -47.31 7.76
CA GLU S 103 74.63 -47.16 8.35
C GLU S 103 75.12 -45.72 8.24
N ASN S 104 74.86 -45.07 7.10
CA ASN S 104 75.24 -43.68 6.95
C ASN S 104 74.51 -42.79 7.95
N LYS S 105 73.22 -43.04 8.16
CA LYS S 105 72.47 -42.29 9.15
C LYS S 105 73.06 -42.49 10.55
N GLN S 106 73.43 -43.73 10.87
CA GLN S 106 74.00 -44.02 12.18
C GLN S 106 75.32 -43.27 12.39
N VAL S 107 76.20 -43.28 11.39
CA VAL S 107 77.50 -42.62 11.55
C VAL S 107 77.31 -41.11 11.62
N GLU S 108 76.36 -40.56 10.85
CA GLU S 108 76.09 -39.13 10.93
C GLU S 108 75.58 -38.75 12.32
N GLU S 109 74.69 -39.57 12.89
CA GLU S 109 74.20 -39.30 14.22
C GLU S 109 75.32 -39.37 15.25
N ILE S 110 76.23 -40.32 15.09
CA ILE S 110 77.37 -40.42 16.00
C ILE S 110 78.22 -39.17 15.94
N LEU S 111 78.49 -38.67 14.73
CA LEU S 111 79.28 -37.45 14.59
C LEU S 111 78.56 -36.26 15.22
N ARG S 112 77.25 -36.15 15.00
CA ARG S 112 76.48 -35.06 15.60
C ARG S 112 76.57 -35.11 17.12
N LEU S 113 76.45 -36.30 17.69
CA LEU S 113 76.55 -36.44 19.14
C LEU S 113 77.94 -36.09 19.64
N GLU S 114 78.98 -36.48 18.89
CA GLU S 114 80.33 -36.07 19.23
C GLU S 114 80.43 -34.55 19.35
N LYS S 115 79.96 -33.85 18.32
CA LYS S 115 80.05 -32.39 18.33
C LYS S 115 79.25 -31.80 19.49
N GLU S 116 78.04 -32.31 19.72
CA GLU S 116 77.20 -31.77 20.78
C GLU S 116 77.82 -31.96 22.15
N ILE S 117 78.34 -33.17 22.42
CA ILE S 117 78.92 -33.42 23.73
C ILE S 117 80.19 -32.60 23.94
N GLU S 118 80.98 -32.42 22.88
CA GLU S 118 82.18 -31.59 23.00
C GLU S 118 81.81 -30.15 23.35
N ASP S 119 80.82 -29.60 22.63
CA ASP S 119 80.40 -28.22 22.89
C ASP S 119 79.86 -28.09 24.31
N LEU S 120 79.02 -29.04 24.73
CA LEU S 120 78.44 -28.97 26.07
C LEU S 120 79.52 -29.05 27.15
N GLN S 121 80.49 -29.95 26.97
CA GLN S 121 81.56 -30.08 27.96
C GLN S 121 82.39 -28.80 28.03
N ARG S 122 82.71 -28.21 26.88
CA ARG S 122 83.50 -26.98 26.89
C ARG S 122 82.76 -25.85 27.60
N MET S 123 81.47 -25.68 27.28
CA MET S 123 80.72 -24.58 27.89
C MET S 123 80.54 -24.84 29.38
N LYS S 124 80.33 -26.09 29.78
CA LYS S 124 80.21 -26.42 31.20
C LYS S 124 81.50 -26.12 31.95
N GLU S 125 82.65 -26.46 31.35
CA GLU S 125 83.92 -26.14 31.98
C GLU S 125 84.11 -24.63 32.11
N GLN S 126 83.72 -23.89 31.07
CA GLN S 126 83.80 -22.42 31.16
C GLN S 126 82.93 -21.89 32.30
N GLN S 127 81.72 -22.44 32.45
CA GLN S 127 80.86 -22.03 33.55
C GLN S 127 81.49 -22.37 34.90
N GLU S 128 82.10 -23.56 35.00
CA GLU S 128 82.72 -23.96 36.25
C GLU S 128 83.91 -23.07 36.61
N LEU S 129 84.62 -22.56 35.60
CA LEU S 129 85.81 -21.76 35.88
C LEU S 129 85.46 -20.50 36.66
N SER S 130 84.37 -19.82 36.30
CA SER S 130 84.00 -18.55 36.93
C SER S 130 83.09 -18.80 38.12
N LEU S 131 83.66 -19.41 39.15
CA LEU S 131 82.93 -19.74 40.37
C LEU S 131 83.64 -19.14 41.59
N THR S 132 83.01 -19.31 42.74
CA THR S 132 83.51 -18.84 44.02
C THR S 132 83.89 -20.05 44.87
N GLU S 133 84.95 -19.89 45.67
CA GLU S 133 85.47 -21.01 46.46
C GLU S 133 84.39 -21.64 47.34
N ALA S 134 83.64 -20.80 48.07
CA ALA S 134 82.56 -21.33 48.90
C ALA S 134 81.50 -22.01 48.05
N SER S 135 81.16 -21.41 46.90
CA SER S 135 80.22 -22.05 45.98
C SER S 135 80.76 -23.38 45.47
N LEU S 136 82.06 -23.45 45.21
CA LEU S 136 82.66 -24.71 44.76
C LEU S 136 82.56 -25.78 45.84
N GLN S 137 82.83 -25.41 47.10
CA GLN S 137 82.68 -26.36 48.19
C GLN S 137 81.23 -26.83 48.33
N LYS S 138 80.29 -25.90 48.23
CA LYS S 138 78.87 -26.26 48.29
C LYS S 138 78.50 -27.19 47.14
N LEU S 139 79.02 -26.92 45.95
CA LEU S 139 78.79 -27.79 44.81
C LEU S 139 79.33 -29.19 45.06
N GLN S 140 80.53 -29.29 45.62
CA GLN S 140 81.11 -30.59 45.91
C GLN S 140 80.26 -31.36 46.91
N GLU S 141 79.84 -30.71 47.98
CA GLU S 141 78.99 -31.37 48.97
C GLU S 141 77.65 -31.79 48.36
N ARG S 142 77.06 -30.92 47.53
CA ARG S 142 75.79 -31.24 46.91
C ARG S 142 75.91 -32.42 45.96
N ARG S 143 77.00 -32.49 45.19
CA ARG S 143 77.22 -33.63 44.31
C ARG S 143 77.42 -34.91 45.11
N ASP S 144 78.14 -34.82 46.23
CA ASP S 144 78.30 -35.98 47.09
C ASP S 144 76.97 -36.46 47.63
N GLN S 145 76.09 -35.53 48.00
CA GLN S 145 74.76 -35.92 48.47
C GLN S 145 73.95 -36.52 47.33
N GLU S 146 74.10 -35.98 46.11
CA GLU S 146 73.43 -36.53 44.94
C GLU S 146 73.80 -37.99 44.74
N LEU S 147 75.11 -38.29 44.75
CA LEU S 147 75.56 -39.66 44.55
C LEU S 147 75.22 -40.57 45.73
N ARG S 148 74.84 -40.00 46.87
CA ARG S 148 74.50 -40.78 48.04
C ARG S 148 73.14 -41.46 47.87
N ASN T 16 37.02 -5.22 91.79
CA ASN T 16 36.73 -6.64 91.63
C ASN T 16 35.80 -6.89 90.46
N ILE T 17 36.21 -6.45 89.27
CA ILE T 17 35.41 -6.64 88.07
C ILE T 17 35.36 -8.13 87.74
N LYS T 18 34.15 -8.68 87.65
CA LYS T 18 33.98 -10.10 87.40
C LYS T 18 32.75 -10.32 86.53
N ILE T 19 32.71 -11.50 85.90
CA ILE T 19 31.61 -11.94 85.06
C ILE T 19 30.75 -12.92 85.85
N MET T 20 29.43 -12.71 85.76
CA MET T 20 28.41 -13.44 86.49
C MET T 20 27.54 -14.18 85.47
N ARG T 21 27.30 -15.47 85.71
CA ARG T 21 26.35 -16.24 84.93
C ARG T 21 25.11 -16.48 85.77
N LEU T 22 23.99 -15.93 85.34
CA LEU T 22 22.72 -16.08 86.04
C LEU T 22 21.99 -17.33 85.56
N VAL T 23 21.00 -17.74 86.36
CA VAL T 23 20.22 -18.93 86.01
C VAL T 23 19.44 -18.74 84.73
N THR T 24 19.09 -17.50 84.40
CA THR T 24 18.31 -17.20 83.20
C THR T 24 19.22 -16.96 81.99
N CYS T 25 20.16 -17.87 81.79
CA CYS T 25 21.11 -17.86 80.66
C CYS T 25 21.57 -16.45 80.31
N GLU T 26 22.10 -15.77 81.32
CA GLU T 26 22.52 -14.37 81.19
C GLU T 26 23.95 -14.21 81.69
N ASP T 27 24.73 -13.42 80.95
CA ASP T 27 26.10 -13.10 81.31
C ASP T 27 26.19 -11.60 81.58
N ILE T 28 26.60 -11.23 82.79
CA ILE T 28 26.65 -9.82 83.20
C ILE T 28 27.98 -9.55 83.88
N ILE T 29 28.67 -8.50 83.46
CA ILE T 29 29.94 -8.10 84.04
C ILE T 29 29.70 -6.93 84.97
N GLY T 30 30.40 -6.92 86.10
CA GLY T 30 30.24 -5.82 87.05
C GLY T 30 31.21 -5.97 88.21
N ASN T 31 31.23 -4.94 89.05
CA ASN T 31 32.07 -4.93 90.24
C ASN T 31 31.29 -5.60 91.36
N ILE T 32 31.77 -6.75 91.83
CA ILE T 32 31.01 -7.57 92.76
C ILE T 32 31.70 -7.59 94.12
N SER T 33 30.88 -7.74 95.16
CA SER T 33 31.33 -7.93 96.53
C SER T 33 30.62 -9.16 97.09
N GLU T 34 31.39 -10.08 97.66
CA GLU T 34 30.90 -11.39 98.05
C GLU T 34 30.72 -11.45 99.56
N SER T 35 29.54 -11.89 99.98
CA SER T 35 29.22 -12.11 101.39
C SER T 35 28.88 -13.59 101.58
N GLN T 36 28.58 -13.98 102.82
CA GLN T 36 28.42 -15.39 103.14
C GLN T 36 27.26 -16.02 102.38
N GLY T 37 26.16 -15.28 102.22
CA GLY T 37 24.98 -15.84 101.57
C GLY T 37 24.53 -15.12 100.32
N LEU T 38 24.84 -13.83 100.23
CA LEU T 38 24.40 -12.99 99.13
C LEU T 38 25.57 -12.19 98.60
N ILE T 39 25.45 -11.69 97.38
CA ILE T 39 26.49 -10.88 96.76
C ILE T 39 25.87 -9.59 96.22
N THR T 40 26.66 -8.53 96.24
CA THR T 40 26.26 -7.24 95.71
C THR T 40 27.02 -6.95 94.43
N ILE T 41 26.37 -6.27 93.50
CA ILE T 41 26.96 -5.97 92.20
C ILE T 41 26.71 -4.50 91.86
N LYS T 42 27.70 -3.87 91.27
CA LYS T 42 27.62 -2.48 90.83
C LYS T 42 28.02 -2.39 89.36
N LYS T 43 27.32 -1.52 88.63
CA LYS T 43 27.57 -1.26 87.22
C LYS T 43 27.51 -2.54 86.40
N ALA T 44 26.43 -3.31 86.61
CA ALA T 44 26.24 -4.53 85.85
C ALA T 44 25.91 -4.21 84.39
N PHE T 45 26.37 -5.08 83.50
CA PHE T 45 26.12 -4.90 82.08
C PHE T 45 25.96 -6.27 81.41
N VAL T 46 24.81 -6.47 80.76
CA VAL T 46 24.60 -7.69 79.99
C VAL T 46 25.43 -7.63 78.72
N ILE T 47 25.94 -8.79 78.31
CA ILE T 47 26.81 -8.93 77.14
C ILE T 47 26.02 -9.61 76.04
N ILE T 48 25.89 -8.94 74.91
CA ILE T 48 25.20 -9.46 73.73
C ILE T 48 26.25 -9.76 72.67
N PRO T 49 26.41 -11.03 72.25
CA PRO T 49 27.39 -11.42 71.23
C PRO T 49 27.05 -10.86 69.85
N LEU T 60 31.22 -7.52 70.50
CA LEU T 60 30.40 -7.60 71.69
C LEU T 60 29.65 -6.30 71.94
N VAL T 61 28.50 -6.40 72.59
CA VAL T 61 27.68 -5.24 72.92
C VAL T 61 27.39 -5.26 74.41
N LEU T 62 27.56 -4.11 75.07
CA LEU T 62 27.27 -3.98 76.49
C LEU T 62 25.98 -3.20 76.66
N CYS T 63 25.06 -3.76 77.45
CA CYS T 63 23.77 -3.12 77.69
C CYS T 63 23.53 -3.00 79.19
N PRO T 64 22.91 -1.91 79.64
CA PRO T 64 22.59 -1.81 81.07
C PRO T 64 21.71 -2.96 81.53
N TRP T 65 22.03 -3.52 82.69
CA TRP T 65 21.31 -4.69 83.17
C TRP T 65 19.92 -4.33 83.65
N GLN T 66 19.79 -3.24 84.41
CA GLN T 66 18.53 -2.82 85.01
C GLN T 66 18.29 -1.36 84.68
N PRO T 67 17.83 -1.07 83.47
CA PRO T 67 17.58 0.33 83.10
C PRO T 67 16.22 0.81 83.59
N TYR T 68 15.90 0.49 84.84
CA TYR T 68 14.65 0.91 85.47
C TYR T 68 14.84 1.44 86.88
N THR T 69 16.01 1.27 87.49
CA THR T 69 16.27 1.69 88.85
C THR T 69 17.45 2.65 88.89
N ASP T 70 17.47 3.48 89.94
CA ASP T 70 18.55 4.42 90.18
C ASP T 70 19.48 3.95 91.30
N ASP T 71 19.29 2.73 91.79
CA ASP T 71 20.13 2.23 92.87
C ASP T 71 21.56 2.02 92.40
N LYS T 72 22.51 2.33 93.29
CA LYS T 72 23.92 2.19 92.95
C LYS T 72 24.34 0.73 92.88
N GLU T 73 23.80 -0.10 93.77
CA GLU T 73 24.18 -1.50 93.85
C GLU T 73 22.94 -2.38 93.94
N ILE T 74 23.07 -3.62 93.46
CA ILE T 74 21.98 -4.59 93.45
C ILE T 74 22.44 -5.82 94.22
N VAL T 75 21.61 -6.27 95.16
CA VAL T 75 21.90 -7.45 95.97
C VAL T 75 21.20 -8.65 95.34
N ILE T 76 21.84 -9.82 95.41
CA ILE T 76 21.29 -11.02 94.81
C ILE T 76 21.80 -12.24 95.59
N ASP T 77 20.91 -13.20 95.80
CA ASP T 77 21.25 -14.41 96.52
C ASP T 77 22.22 -15.27 95.70
N ASP T 78 23.09 -15.98 96.41
CA ASP T 78 24.08 -16.84 95.75
C ASP T 78 23.48 -18.12 95.20
N SER T 79 22.26 -18.47 95.59
CA SER T 79 21.64 -19.69 95.07
C SER T 79 21.28 -19.57 93.59
N LYS T 80 21.21 -18.35 93.07
CA LYS T 80 20.92 -18.12 91.66
C LYS T 80 22.19 -17.90 90.85
N VAL T 81 23.32 -18.42 91.33
CA VAL T 81 24.63 -18.25 90.70
C VAL T 81 24.98 -19.53 89.97
N ILE T 82 25.44 -19.40 88.73
CA ILE T 82 25.91 -20.54 87.96
C ILE T 82 27.43 -20.53 88.01
N THR T 83 28.06 -19.47 87.49
CA THR T 83 29.51 -19.34 87.52
C THR T 83 29.90 -17.90 87.80
N ILE T 84 30.97 -17.75 88.59
CA ILE T 84 31.65 -16.47 88.79
C ILE T 84 33.04 -16.61 88.17
N THR T 85 33.47 -15.60 87.43
CA THR T 85 34.77 -15.73 86.78
C THR T 85 35.42 -14.37 86.59
N SER T 86 36.73 -14.39 86.34
CA SER T 86 37.50 -13.18 86.09
C SER T 86 37.62 -12.96 84.59
N PRO T 87 37.22 -11.81 84.06
CA PRO T 87 37.24 -11.59 82.62
C PRO T 87 38.65 -11.31 82.11
N LYS T 88 38.74 -11.12 80.80
CA LYS T 88 40.00 -10.78 80.16
C LYS T 88 40.30 -9.29 80.29
N ASP T 89 41.54 -8.92 79.94
CA ASP T 89 41.93 -7.53 80.05
C ASP T 89 41.19 -6.65 79.05
N ASP T 90 40.96 -7.15 77.84
CA ASP T 90 40.26 -6.36 76.83
C ASP T 90 38.83 -6.06 77.29
N ILE T 91 38.16 -7.05 77.88
CA ILE T 91 36.80 -6.84 78.36
C ILE T 91 36.78 -5.79 79.47
N ILE T 92 37.75 -5.86 80.39
CA ILE T 92 37.83 -4.88 81.47
C ILE T 92 38.05 -3.48 80.90
N LYS T 93 38.94 -3.37 79.91
CA LYS T 93 39.20 -2.07 79.30
C LYS T 93 37.95 -1.52 78.63
N SER T 94 37.22 -2.36 77.90
CA SER T 94 36.00 -1.92 77.26
C SER T 94 34.95 -1.50 78.28
N TYR T 95 34.84 -2.24 79.38
CA TYR T 95 33.91 -1.89 80.44
C TYR T 95 34.25 -0.54 81.06
N GLU T 96 35.55 -0.31 81.33
CA GLU T 96 35.97 0.97 81.87
C GLU T 96 35.67 2.11 80.91
N SER T 97 35.97 1.92 79.62
CA SER T 97 35.69 2.95 78.63
C SER T 97 34.20 3.26 78.55
N HIS T 98 33.38 2.22 78.56
CA HIS T 98 31.93 2.41 78.50
C HIS T 98 31.43 3.20 79.70
N THR T 99 31.86 2.83 80.91
CA THR T 99 31.42 3.56 82.09
C THR T 99 31.88 5.01 82.06
N ARG T 100 33.13 5.25 81.66
CA ARG T 100 33.64 6.62 81.59
C ARG T 100 32.85 7.45 80.58
N VAL T 101 32.55 6.88 79.41
CA VAL T 101 31.76 7.60 78.41
C VAL T 101 30.38 7.93 78.94
N LEU T 102 29.74 6.96 79.61
CA LEU T 102 28.41 7.21 80.16
C LEU T 102 28.43 8.33 81.19
N GLU T 103 29.44 8.33 82.07
CA GLU T 103 29.52 9.37 83.09
C GLU T 103 29.78 10.73 82.46
N ASN T 104 30.63 10.79 81.43
CA ASN T 104 30.88 12.05 80.73
C ASN T 104 29.60 12.56 80.07
N LYS T 105 28.84 11.67 79.45
CA LYS T 105 27.57 12.08 78.86
C LYS T 105 26.62 12.62 79.91
N GLN T 106 26.57 11.98 81.08
CA GLN T 106 25.68 12.43 82.15
C GLN T 106 26.07 13.83 82.63
N VAL T 107 27.37 14.07 82.83
CA VAL T 107 27.79 15.37 83.34
C VAL T 107 27.57 16.46 82.28
N GLU T 108 27.79 16.12 81.01
CA GLU T 108 27.51 17.08 79.94
C GLU T 108 26.04 17.44 79.88
N GLU T 109 25.16 16.43 80.03
CA GLU T 109 23.73 16.71 80.06
C GLU T 109 23.35 17.58 81.25
N ILE T 110 23.96 17.34 82.40
CA ILE T 110 23.69 18.15 83.58
C ILE T 110 24.07 19.60 83.33
N LEU T 111 25.25 19.83 82.72
CA LEU T 111 25.67 21.19 82.41
C LEU T 111 24.72 21.86 81.42
N ARG T 112 24.31 21.11 80.40
CA ARG T 112 23.37 21.67 79.42
C ARG T 112 22.07 22.07 80.09
N LEU T 113 21.56 21.23 80.99
CA LEU T 113 20.32 21.56 81.70
C LEU T 113 20.52 22.77 82.60
N GLU T 114 21.68 22.89 83.26
CA GLU T 114 22.00 24.09 84.03
C GLU T 114 21.85 25.34 83.17
N LYS T 115 22.51 25.34 82.02
CA LYS T 115 22.47 26.52 81.15
C LYS T 115 21.04 26.81 80.69
N GLU T 116 20.30 25.77 80.30
CA GLU T 116 18.95 25.96 79.79
C GLU T 116 18.03 26.54 80.87
N ILE T 117 18.10 25.99 82.08
CA ILE T 117 17.21 26.48 83.13
C ILE T 117 17.58 27.90 83.54
N GLU T 118 18.88 28.22 83.55
CA GLU T 118 19.28 29.58 83.86
C GLU T 118 18.74 30.56 82.82
N ASP T 119 18.88 30.24 81.55
CA ASP T 119 18.39 31.11 80.49
C ASP T 119 16.88 31.28 80.59
N LEU T 120 16.16 30.16 80.79
CA LEU T 120 14.70 30.23 80.88
C LEU T 120 14.26 31.08 82.06
N GLN T 121 14.91 30.90 83.22
CA GLN T 121 14.53 31.69 84.39
C GLN T 121 14.79 33.17 84.16
N ARG T 122 15.93 33.51 83.56
CA ARG T 122 16.23 34.92 83.31
C ARG T 122 15.20 35.55 82.37
N MET T 123 14.88 34.85 81.27
CA MET T 123 13.94 35.41 80.31
C MET T 123 12.54 35.50 80.92
N LYS T 124 12.15 34.51 81.74
CA LYS T 124 10.86 34.57 82.41
C LYS T 124 10.78 35.75 83.38
N GLU T 125 11.87 36.00 84.12
CA GLU T 125 11.88 37.15 85.01
C GLU T 125 11.77 38.45 84.23
N GLN T 126 12.47 38.53 83.09
CA GLN T 126 12.36 39.72 82.25
C GLN T 126 10.93 39.92 81.78
N GLN T 127 10.26 38.84 81.37
CA GLN T 127 8.86 38.94 80.96
C GLN T 127 7.98 39.40 82.11
N GLU T 128 8.22 38.86 83.31
CA GLU T 128 7.44 39.24 84.47
C GLU T 128 7.62 40.71 84.83
N LEU T 129 8.81 41.26 84.60
CA LEU T 129 9.08 42.65 84.98
C LEU T 129 8.16 43.62 84.25
N SER T 130 7.95 43.41 82.95
CA SER T 130 7.16 44.34 82.14
C SER T 130 5.69 43.91 82.15
N LEU T 131 5.07 44.06 83.31
CA LEU T 131 3.69 43.69 83.51
C LEU T 131 2.90 44.88 84.07
N THR T 132 1.59 44.68 84.20
CA THR T 132 0.67 45.67 84.73
C THR T 132 0.15 45.19 86.08
N GLU T 133 -0.08 46.14 87.00
CA GLU T 133 -0.47 45.79 88.36
C GLU T 133 -1.72 44.91 88.38
N ALA T 134 -2.75 45.30 87.62
CA ALA T 134 -3.96 44.49 87.55
C ALA T 134 -3.67 43.12 86.96
N SER T 135 -2.84 43.08 85.91
CA SER T 135 -2.44 41.80 85.33
C SER T 135 -1.66 40.96 86.34
N LEU T 136 -0.83 41.60 87.16
CA LEU T 136 -0.09 40.86 88.19
C LEU T 136 -1.03 40.26 89.22
N GLN T 137 -2.04 41.03 89.64
CA GLN T 137 -3.03 40.50 90.58
C GLN T 137 -3.79 39.34 89.96
N LYS T 138 -4.19 39.47 88.68
CA LYS T 138 -4.89 38.38 88.02
C LYS T 138 -4.01 37.15 87.90
N LEU T 139 -2.71 37.35 87.62
CA LEU T 139 -1.77 36.24 87.58
C LEU T 139 -1.67 35.55 88.93
N GLN T 140 -1.60 36.33 90.01
CA GLN T 140 -1.52 35.74 91.34
C GLN T 140 -2.77 34.90 91.65
N GLU T 141 -3.96 35.45 91.36
CA GLU T 141 -5.18 34.70 91.59
C GLU T 141 -5.24 33.44 90.73
N ARG T 142 -4.82 33.55 89.47
CA ARG T 142 -4.85 32.39 88.58
C ARG T 142 -3.89 31.30 89.06
N ARG T 143 -2.70 31.69 89.52
CA ARG T 143 -1.77 30.71 90.06
C ARG T 143 -2.32 30.05 91.31
N ASP T 144 -2.98 30.83 92.17
CA ASP T 144 -3.61 30.25 93.35
C ASP T 144 -4.68 29.25 92.97
N GLN T 145 -5.47 29.56 91.94
CA GLN T 145 -6.47 28.61 91.47
C GLN T 145 -5.81 27.37 90.87
N GLU T 146 -4.69 27.56 90.16
CA GLU T 146 -3.93 26.43 89.62
C GLU T 146 -3.51 25.48 90.73
N LEU T 147 -2.90 26.01 91.79
CA LEU T 147 -2.44 25.16 92.88
C LEU T 147 -3.60 24.58 93.68
N ARG T 148 -4.82 25.10 93.52
CA ARG T 148 -5.98 24.60 94.23
C ARG T 148 -6.41 23.24 93.69
N ASN U 16 -93.67 -30.72 -10.40
CA ASN U 16 -93.27 -30.85 -11.80
C ASN U 16 -91.99 -30.08 -12.08
N ILE U 17 -90.92 -30.44 -11.36
CA ILE U 17 -89.62 -29.80 -11.56
C ILE U 17 -89.08 -30.19 -12.93
N LYS U 18 -88.78 -29.19 -13.76
CA LYS U 18 -88.31 -29.42 -15.11
C LYS U 18 -87.30 -28.37 -15.50
N ILE U 19 -86.51 -28.70 -16.52
CA ILE U 19 -85.51 -27.81 -17.10
C ILE U 19 -86.06 -27.20 -18.38
N MET U 20 -85.85 -25.89 -18.51
CA MET U 20 -86.35 -25.06 -19.59
C MET U 20 -85.15 -24.50 -20.35
N ARG U 21 -85.19 -24.60 -21.68
CA ARG U 21 -84.20 -23.96 -22.53
C ARG U 21 -84.86 -22.77 -23.22
N LEU U 22 -84.39 -21.57 -22.92
CA LEU U 22 -84.91 -20.35 -23.50
C LEU U 22 -84.20 -20.02 -24.81
N VAL U 23 -84.81 -19.12 -25.58
CA VAL U 23 -84.22 -18.73 -26.87
C VAL U 23 -82.90 -18.01 -26.66
N THR U 24 -82.72 -17.36 -25.52
CA THR U 24 -81.48 -16.62 -25.25
C THR U 24 -80.43 -17.51 -24.58
N CYS U 25 -80.20 -18.68 -25.17
CA CYS U 25 -79.19 -19.65 -24.74
C CYS U 25 -79.11 -19.73 -23.20
N GLU U 26 -80.25 -19.99 -22.59
CA GLU U 26 -80.36 -20.02 -21.13
C GLU U 26 -81.03 -21.31 -20.69
N ASP U 27 -80.50 -21.89 -19.62
CA ASP U 27 -81.06 -23.10 -19.01
C ASP U 27 -81.53 -22.75 -17.60
N ILE U 28 -82.82 -22.96 -17.34
CA ILE U 28 -83.42 -22.61 -16.06
C ILE U 28 -84.29 -23.76 -15.57
N ILE U 29 -84.08 -24.16 -14.32
CA ILE U 29 -84.86 -25.23 -13.71
C ILE U 29 -85.91 -24.62 -12.80
N GLY U 30 -87.11 -25.21 -12.81
CA GLY U 30 -88.17 -24.70 -11.96
C GLY U 30 -89.39 -25.59 -12.03
N ASN U 31 -90.36 -25.26 -11.18
CA ASN U 31 -91.63 -25.99 -11.15
C ASN U 31 -92.56 -25.34 -12.18
N ILE U 32 -92.91 -26.09 -13.22
CA ILE U 32 -93.62 -25.52 -14.35
C ILE U 32 -95.03 -26.10 -14.41
N SER U 33 -95.94 -25.29 -14.94
CA SER U 33 -97.32 -25.67 -15.23
C SER U 33 -97.62 -25.29 -16.67
N GLU U 34 -98.14 -26.24 -17.44
CA GLU U 34 -98.29 -26.11 -18.88
C GLU U 34 -99.74 -25.85 -19.23
N SER U 35 -99.98 -24.81 -20.03
CA SER U 35 -101.29 -24.46 -20.56
C SER U 35 -101.23 -24.52 -22.08
N GLN U 36 -102.38 -24.26 -22.72
CA GLN U 36 -102.47 -24.47 -24.17
C GLN U 36 -101.51 -23.57 -24.94
N GLY U 37 -101.33 -22.33 -24.49
CA GLY U 37 -100.49 -21.40 -25.23
C GLY U 37 -99.31 -20.86 -24.45
N LEU U 38 -99.43 -20.80 -23.13
CA LEU U 38 -98.41 -20.23 -22.27
C LEU U 38 -98.14 -21.18 -21.11
N ILE U 39 -96.99 -20.99 -20.47
CA ILE U 39 -96.61 -21.81 -19.33
C ILE U 39 -96.18 -20.90 -18.18
N THR U 40 -96.45 -21.38 -16.96
CA THR U 40 -96.06 -20.67 -15.75
C THR U 40 -94.91 -21.41 -15.07
N ILE U 41 -94.03 -20.67 -14.44
CA ILE U 41 -92.86 -21.23 -13.78
C ILE U 41 -92.70 -20.62 -12.41
N LYS U 42 -92.31 -21.44 -11.44
CA LYS U 42 -92.06 -21.01 -10.07
C LYS U 42 -90.67 -21.46 -9.64
N LYS U 43 -90.01 -20.60 -8.87
CA LYS U 43 -88.67 -20.87 -8.33
C LYS U 43 -87.69 -21.22 -9.44
N ALA U 44 -87.67 -20.39 -10.47
CA ALA U 44 -86.73 -20.58 -11.56
C ALA U 44 -85.31 -20.28 -11.10
N PHE U 45 -84.35 -21.02 -11.68
CA PHE U 45 -82.94 -20.83 -11.34
C PHE U 45 -82.09 -21.09 -12.56
N VAL U 46 -81.29 -20.10 -12.95
CA VAL U 46 -80.34 -20.27 -14.04
C VAL U 46 -79.19 -21.15 -13.55
N ILE U 47 -78.68 -21.98 -14.46
CA ILE U 47 -77.61 -22.92 -14.18
C ILE U 47 -76.34 -22.42 -14.86
N ILE U 48 -75.31 -22.20 -14.06
CA ILE U 48 -74.00 -21.76 -14.54
C ILE U 48 -73.02 -22.93 -14.39
N PRO U 49 -72.45 -23.45 -15.48
CA PRO U 49 -71.49 -24.56 -15.43
C PRO U 49 -70.18 -24.17 -14.76
N LEU U 60 -71.75 -27.23 -10.60
CA LEU U 60 -72.82 -26.38 -11.10
C LEU U 60 -73.16 -25.28 -10.09
N VAL U 61 -73.67 -24.16 -10.58
CA VAL U 61 -74.06 -23.04 -9.75
C VAL U 61 -75.49 -22.67 -10.09
N LEU U 62 -76.32 -22.47 -9.07
CA LEU U 62 -77.71 -22.06 -9.23
C LEU U 62 -77.85 -20.59 -8.87
N CYS U 63 -78.44 -19.81 -9.76
CA CYS U 63 -78.62 -18.38 -9.52
C CYS U 63 -80.08 -18.01 -9.72
N PRO U 64 -80.62 -17.09 -8.92
CA PRO U 64 -82.01 -16.66 -9.14
C PRO U 64 -82.20 -16.09 -10.54
N TRP U 65 -83.29 -16.48 -11.18
CA TRP U 65 -83.53 -16.07 -12.56
C TRP U 65 -83.89 -14.61 -12.65
N GLN U 66 -84.79 -14.14 -11.78
CA GLN U 66 -85.30 -12.77 -11.81
C GLN U 66 -85.15 -12.17 -10.42
N PRO U 67 -83.94 -11.72 -10.06
CA PRO U 67 -83.75 -11.13 -8.74
C PRO U 67 -84.15 -9.67 -8.70
N TYR U 68 -85.31 -9.36 -9.30
CA TYR U 68 -85.84 -8.01 -9.32
C TYR U 68 -87.33 -7.94 -9.01
N THR U 69 -88.03 -9.08 -8.96
CA THR U 69 -89.46 -9.11 -8.72
C THR U 69 -89.76 -9.99 -7.50
N ASP U 70 -90.90 -9.70 -6.89
CA ASP U 70 -91.40 -10.46 -5.76
C ASP U 70 -92.53 -11.40 -6.14
N ASP U 71 -92.83 -11.53 -7.43
CA ASP U 71 -93.91 -12.39 -7.87
C ASP U 71 -93.59 -13.86 -7.61
N LYS U 72 -94.60 -14.62 -7.23
CA LYS U 72 -94.39 -16.04 -6.93
C LYS U 72 -94.17 -16.84 -8.21
N GLU U 73 -94.89 -16.50 -9.28
CA GLU U 73 -94.80 -17.24 -10.54
C GLU U 73 -94.63 -16.28 -11.70
N ILE U 74 -94.00 -16.77 -12.76
CA ILE U 74 -93.74 -16.00 -13.97
C ILE U 74 -94.37 -16.72 -15.15
N VAL U 75 -95.14 -15.99 -15.94
CA VAL U 75 -95.79 -16.53 -17.13
C VAL U 75 -94.94 -16.23 -18.35
N ILE U 76 -94.92 -17.15 -19.30
CA ILE U 76 -94.10 -17.00 -20.50
C ILE U 76 -94.75 -17.77 -21.64
N ASP U 77 -94.73 -17.15 -22.83
CA ASP U 77 -95.31 -17.78 -24.01
C ASP U 77 -94.48 -18.99 -24.44
N ASP U 78 -95.17 -19.98 -25.01
CA ASP U 78 -94.52 -21.20 -25.46
C ASP U 78 -93.74 -21.02 -26.75
N SER U 79 -93.93 -19.92 -27.46
CA SER U 79 -93.19 -19.69 -28.70
C SER U 79 -91.70 -19.42 -28.43
N LYS U 80 -91.35 -19.03 -27.21
CA LYS U 80 -89.97 -18.80 -26.83
C LYS U 80 -89.34 -20.01 -26.16
N VAL U 81 -89.87 -21.20 -26.44
CA VAL U 81 -89.41 -22.45 -25.84
C VAL U 81 -88.55 -23.19 -26.84
N ILE U 82 -87.40 -23.68 -26.39
CA ILE U 82 -86.53 -24.49 -27.23
C ILE U 82 -86.76 -25.95 -26.85
N THR U 83 -86.46 -26.30 -25.59
CA THR U 83 -86.66 -27.65 -25.09
C THR U 83 -87.19 -27.62 -23.66
N ILE U 84 -88.10 -28.54 -23.36
CA ILE U 84 -88.55 -28.84 -22.01
C ILE U 84 -88.07 -30.25 -21.68
N THR U 85 -87.54 -30.44 -20.48
CA THR U 85 -87.01 -31.77 -20.17
C THR U 85 -87.09 -32.03 -18.68
N SER U 86 -86.98 -33.31 -18.31
CA SER U 86 -86.99 -33.73 -16.92
C SER U 86 -85.55 -33.89 -16.43
N PRO U 87 -85.16 -33.23 -15.35
CA PRO U 87 -83.77 -33.28 -14.90
C PRO U 87 -83.46 -34.59 -14.18
N LYS U 88 -82.20 -34.72 -13.76
CA LYS U 88 -81.76 -35.88 -13.02
C LYS U 88 -82.12 -35.75 -11.55
N ASP U 89 -81.98 -36.86 -10.81
CA ASP U 89 -82.33 -36.86 -9.39
C ASP U 89 -81.39 -35.97 -8.59
N ASP U 90 -80.09 -35.97 -8.93
CA ASP U 90 -79.14 -35.15 -8.20
C ASP U 90 -79.46 -33.67 -8.35
N ILE U 91 -79.84 -33.25 -9.56
CA ILE U 91 -80.19 -31.85 -9.80
C ILE U 91 -81.43 -31.48 -8.99
N ILE U 92 -82.43 -32.36 -8.95
CA ILE U 92 -83.63 -32.09 -8.17
C ILE U 92 -83.30 -31.97 -6.69
N LYS U 93 -82.44 -32.87 -6.19
CA LYS U 93 -82.04 -32.80 -4.79
C LYS U 93 -81.32 -31.49 -4.47
N SER U 94 -80.41 -31.07 -5.35
CA SER U 94 -79.70 -29.82 -5.15
C SER U 94 -80.66 -28.63 -5.18
N TYR U 95 -81.62 -28.66 -6.10
CA TYR U 95 -82.61 -27.58 -6.18
C TYR U 95 -83.45 -27.51 -4.91
N GLU U 96 -83.88 -28.66 -4.40
CA GLU U 96 -84.64 -28.69 -3.15
C GLU U 96 -83.82 -28.16 -1.99
N SER U 97 -82.56 -28.58 -1.89
CA SER U 97 -81.71 -28.11 -0.80
C SER U 97 -81.50 -26.59 -0.89
N HIS U 98 -81.27 -26.08 -2.10
CA HIS U 98 -81.08 -24.65 -2.28
C HIS U 98 -82.31 -23.87 -1.85
N THR U 99 -83.50 -24.31 -2.29
CA THR U 99 -84.73 -23.61 -1.91
C THR U 99 -84.94 -23.65 -0.40
N ARG U 100 -84.71 -24.81 0.22
CA ARG U 100 -84.90 -24.92 1.66
C ARG U 100 -83.94 -24.01 2.42
N VAL U 101 -82.68 -23.96 1.98
CA VAL U 101 -81.70 -23.09 2.63
C VAL U 101 -82.12 -21.62 2.49
N LEU U 102 -82.57 -21.23 1.30
CA LEU U 102 -83.01 -19.85 1.11
C LEU U 102 -84.18 -19.50 2.01
N GLU U 103 -85.15 -20.39 2.12
CA GLU U 103 -86.30 -20.12 2.97
C GLU U 103 -85.91 -20.04 4.44
N ASN U 104 -85.00 -20.91 4.88
CA ASN U 104 -84.51 -20.85 6.25
C ASN U 104 -83.79 -19.54 6.52
N LYS U 105 -82.98 -19.09 5.57
CA LYS U 105 -82.30 -17.80 5.73
C LYS U 105 -83.32 -16.67 5.83
N GLN U 106 -84.37 -16.72 5.01
CA GLN U 106 -85.39 -15.67 5.05
C GLN U 106 -86.10 -15.63 6.40
N VAL U 107 -86.48 -16.80 6.92
CA VAL U 107 -87.20 -16.80 8.19
C VAL U 107 -86.29 -16.37 9.33
N GLU U 108 -85.01 -16.76 9.28
CA GLU U 108 -84.07 -16.31 10.30
C GLU U 108 -83.91 -14.79 10.26
N GLU U 109 -83.82 -14.22 9.07
CA GLU U 109 -83.72 -12.77 8.95
C GLU U 109 -84.96 -12.08 9.48
N ILE U 110 -86.14 -12.67 9.23
CA ILE U 110 -87.38 -12.09 9.74
C ILE U 110 -87.37 -12.09 11.25
N LEU U 111 -86.94 -13.19 11.87
CA LEU U 111 -86.87 -13.25 13.33
C LEU U 111 -85.88 -12.23 13.88
N ARG U 112 -84.73 -12.10 13.24
CA ARG U 112 -83.74 -11.12 13.67
C ARG U 112 -84.31 -9.71 13.61
N LEU U 113 -85.03 -9.39 12.54
CA LEU U 113 -85.64 -8.07 12.42
C LEU U 113 -86.71 -7.86 13.48
N GLU U 114 -87.50 -8.90 13.77
CA GLU U 114 -88.46 -8.82 14.87
C GLU U 114 -87.78 -8.40 16.16
N LYS U 115 -86.71 -9.11 16.52
CA LYS U 115 -86.02 -8.80 17.78
C LYS U 115 -85.45 -7.39 17.76
N GLU U 116 -84.84 -7.00 16.64
CA GLU U 116 -84.22 -5.68 16.56
C GLU U 116 -85.26 -4.57 16.70
N ILE U 117 -86.38 -4.69 15.99
CA ILE U 117 -87.39 -3.64 16.05
C ILE U 117 -88.02 -3.58 17.43
N GLU U 118 -88.22 -4.73 18.07
CA GLU U 118 -88.77 -4.73 19.43
C GLU U 118 -87.83 -4.00 20.39
N ASP U 119 -86.53 -4.32 20.32
CA ASP U 119 -85.56 -3.68 21.20
C ASP U 119 -85.53 -2.17 20.95
N LEU U 120 -85.49 -1.78 19.67
CA LEU U 120 -85.42 -0.36 19.34
C LEU U 120 -86.67 0.38 19.84
N GLN U 121 -87.84 -0.20 19.65
CA GLN U 121 -89.07 0.44 20.12
C GLN U 121 -89.08 0.58 21.63
N ARG U 122 -88.65 -0.45 22.35
CA ARG U 122 -88.64 -0.38 23.81
C ARG U 122 -87.68 0.72 24.28
N MET U 123 -86.48 0.76 23.71
CA MET U 123 -85.50 1.75 24.16
C MET U 123 -85.96 3.16 23.80
N LYS U 124 -86.58 3.32 22.62
CA LYS U 124 -87.11 4.61 22.23
C LYS U 124 -88.23 5.08 23.17
N GLU U 125 -89.11 4.16 23.56
CA GLU U 125 -90.15 4.52 24.52
C GLU U 125 -89.55 4.93 25.86
N GLN U 126 -88.52 4.20 26.30
CA GLN U 126 -87.84 4.57 27.55
C GLN U 126 -87.25 5.98 27.44
N GLN U 127 -86.62 6.29 26.31
CA GLN U 127 -86.07 7.63 26.11
C GLN U 127 -87.18 8.68 26.13
N GLU U 128 -88.32 8.38 25.49
CA GLU U 128 -89.42 9.32 25.45
C GLU U 128 -90.00 9.57 26.84
N LEU U 129 -89.98 8.56 27.70
CA LEU U 129 -90.57 8.70 29.03
C LEU U 129 -89.90 9.80 29.83
N SER U 130 -88.57 9.86 29.80
CA SER U 130 -87.81 10.82 30.60
C SER U 130 -87.60 12.12 29.83
N LEU U 131 -88.69 12.82 29.61
CA LEU U 131 -88.69 14.08 28.87
C LEU U 131 -89.31 15.19 29.70
N THR U 132 -89.27 16.40 29.16
CA THR U 132 -89.84 17.59 29.78
C THR U 132 -91.04 18.05 28.96
N GLU U 133 -92.05 18.58 29.65
CA GLU U 133 -93.30 18.96 29.00
C GLU U 133 -93.05 19.92 27.82
N ALA U 134 -92.26 20.96 28.06
CA ALA U 134 -91.94 21.90 26.98
C ALA U 134 -91.19 21.21 25.86
N SER U 135 -90.26 20.32 26.20
CA SER U 135 -89.55 19.55 25.18
C SER U 135 -90.51 18.65 24.42
N LEU U 136 -91.50 18.07 25.10
CA LEU U 136 -92.49 17.23 24.43
C LEU U 136 -93.32 18.05 23.45
N GLN U 137 -93.72 19.26 23.84
CA GLN U 137 -94.46 20.12 22.93
C GLN U 137 -93.61 20.49 21.72
N LYS U 138 -92.33 20.83 21.96
CA LYS U 138 -91.44 21.15 20.86
C LYS U 138 -91.26 19.96 19.93
N LEU U 139 -91.14 18.76 20.49
CA LEU U 139 -91.06 17.54 19.70
C LEU U 139 -92.30 17.35 18.84
N GLN U 140 -93.48 17.57 19.42
CA GLN U 140 -94.72 17.43 18.66
C GLN U 140 -94.76 18.41 17.49
N GLU U 141 -94.42 19.68 17.76
CA GLU U 141 -94.42 20.67 16.69
C GLU U 141 -93.39 20.33 15.62
N ARG U 142 -92.20 19.87 16.03
CA ARG U 142 -91.17 19.52 15.07
C ARG U 142 -91.59 18.33 14.21
N ARG U 143 -92.23 17.33 14.80
CA ARG U 143 -92.72 16.20 14.02
C ARG U 143 -93.81 16.64 13.05
N ASP U 144 -94.69 17.54 13.49
CA ASP U 144 -95.70 18.06 12.58
C ASP U 144 -95.06 18.79 11.40
N GLN U 145 -94.01 19.56 11.67
CA GLN U 145 -93.30 20.24 10.57
C GLN U 145 -92.62 19.22 9.67
N GLU U 146 -92.06 18.15 10.25
CA GLU U 146 -91.46 17.08 9.46
C GLU U 146 -92.46 16.48 8.48
N LEU U 147 -93.64 16.12 8.97
CA LEU U 147 -94.66 15.53 8.11
C LEU U 147 -95.24 16.54 7.13
N ARG U 148 -95.00 17.83 7.32
CA ARG U 148 -95.52 18.85 6.43
C ARG U 148 -94.75 18.87 5.12
N ASN V 16 -61.24 76.91 12.65
CA ASN V 16 -61.71 76.51 11.33
C ASN V 16 -60.71 75.58 10.65
N ILE V 17 -60.44 74.44 11.29
CA ILE V 17 -59.52 73.46 10.74
C ILE V 17 -60.16 72.84 9.50
N LYS V 18 -59.47 72.92 8.36
CA LYS V 18 -59.99 72.42 7.11
C LYS V 18 -58.86 71.84 6.26
N ILE V 19 -59.25 71.01 5.30
CA ILE V 19 -58.34 70.39 4.35
C ILE V 19 -58.43 71.14 3.02
N MET V 20 -57.26 71.40 2.45
CA MET V 20 -57.06 72.18 1.24
C MET V 20 -56.44 71.27 0.19
N ARG V 21 -57.00 71.29 -1.02
CA ARG V 21 -56.42 70.60 -2.16
C ARG V 21 -55.83 71.66 -3.10
N LEU V 22 -54.51 71.62 -3.26
CA LEU V 22 -53.82 72.56 -4.12
C LEU V 22 -53.75 72.02 -5.55
N VAL V 23 -53.43 72.92 -6.49
CA VAL V 23 -53.34 72.53 -7.89
C VAL V 23 -52.20 71.54 -8.11
N THR V 24 -51.16 71.59 -7.27
CA THR V 24 -50.02 70.69 -7.42
C THR V 24 -50.22 69.38 -6.65
N CYS V 25 -51.38 68.76 -6.86
CA CYS V 25 -51.75 67.47 -6.27
C CYS V 25 -51.26 67.34 -4.83
N GLU V 26 -51.66 68.31 -4.00
CA GLU V 26 -51.21 68.38 -2.62
C GLU V 26 -52.40 68.54 -1.70
N ASP V 27 -52.38 67.83 -0.58
CA ASP V 27 -53.41 67.92 0.45
C ASP V 27 -52.78 68.47 1.72
N ILE V 28 -53.28 69.59 2.20
CA ILE V 28 -52.72 70.26 3.37
C ILE V 28 -53.85 70.65 4.32
N ILE V 29 -53.70 70.31 5.59
CA ILE V 29 -54.69 70.65 6.61
C ILE V 29 -54.18 71.84 7.41
N GLY V 30 -55.09 72.74 7.76
CA GLY V 30 -54.69 73.91 8.54
C GLY V 30 -55.90 74.73 8.91
N ASN V 31 -55.65 75.76 9.73
CA ASN V 31 -56.68 76.68 10.16
C ASN V 31 -56.78 77.78 9.12
N ILE V 32 -57.91 77.87 8.43
CA ILE V 32 -58.03 78.76 7.28
C ILE V 32 -59.02 79.87 7.59
N SER V 33 -58.79 81.02 6.97
CA SER V 33 -59.68 82.16 7.00
C SER V 33 -59.94 82.60 5.56
N GLU V 34 -61.21 82.76 5.22
CA GLU V 34 -61.63 82.97 3.84
C GLU V 34 -62.02 84.43 3.63
N SER V 35 -61.45 85.03 2.58
CA SER V 35 -61.76 86.39 2.15
C SER V 35 -62.32 86.32 0.73
N GLN V 36 -62.69 87.49 0.19
CA GLN V 36 -63.41 87.53 -1.08
C GLN V 36 -62.57 86.96 -2.22
N GLY V 37 -61.27 87.23 -2.23
CA GLY V 37 -60.43 86.77 -3.33
C GLY V 37 -59.30 85.85 -2.93
N LEU V 38 -58.83 85.98 -1.69
CA LEU V 38 -57.70 85.21 -1.20
C LEU V 38 -58.04 84.61 0.15
N ILE V 39 -57.28 83.59 0.54
CA ILE V 39 -57.47 82.93 1.83
C ILE V 39 -56.15 82.83 2.56
N THR V 40 -56.22 82.89 3.88
CA THR V 40 -55.05 82.77 4.74
C THR V 40 -55.09 81.43 5.46
N ILE V 41 -53.92 80.85 5.70
CA ILE V 41 -53.82 79.54 6.34
C ILE V 41 -52.74 79.60 7.41
N LYS V 42 -53.00 78.93 8.53
CA LYS V 42 -52.07 78.83 9.63
C LYS V 42 -51.87 77.36 10.00
N LYS V 43 -50.63 77.04 10.37
CA LYS V 43 -50.24 75.69 10.78
C LYS V 43 -50.61 74.65 9.71
N ALA V 44 -50.23 74.95 8.47
CA ALA V 44 -50.47 74.02 7.38
C ALA V 44 -49.57 72.78 7.53
N PHE V 45 -50.10 71.64 7.10
CA PHE V 45 -49.37 70.39 7.17
C PHE V 45 -49.74 69.51 5.99
N VAL V 46 -48.74 69.12 5.20
CA VAL V 46 -48.96 68.18 4.12
C VAL V 46 -49.18 66.78 4.68
N ILE V 47 -50.06 66.03 4.03
CA ILE V 47 -50.45 64.69 4.46
C ILE V 47 -49.82 63.69 3.49
N ILE V 48 -49.02 62.78 4.03
CA ILE V 48 -48.37 61.73 3.27
C ILE V 48 -49.02 60.40 3.65
N PRO V 49 -49.68 59.70 2.72
CA PRO V 49 -50.33 58.41 2.99
C PRO V 49 -49.33 57.31 3.31
N LEU V 60 -51.08 57.63 8.41
CA LEU V 60 -50.84 58.95 7.82
C LEU V 60 -49.65 59.64 8.46
N VAL V 61 -49.01 60.51 7.70
CA VAL V 61 -47.85 61.27 8.17
C VAL V 61 -48.12 62.75 7.93
N LEU V 62 -47.85 63.58 8.94
CA LEU V 62 -48.00 65.02 8.83
C LEU V 62 -46.63 65.66 8.73
N CYS V 63 -46.45 66.51 7.72
CA CYS V 63 -45.18 67.18 7.51
C CYS V 63 -45.40 68.68 7.40
N PRO V 64 -44.48 69.50 7.93
CA PRO V 64 -44.64 70.95 7.77
C PRO V 64 -44.68 71.34 6.30
N TRP V 65 -45.61 72.24 5.98
CA TRP V 65 -45.80 72.62 4.58
C TRP V 65 -44.66 73.49 4.07
N GLN V 66 -44.25 74.48 4.86
CA GLN V 66 -43.22 75.43 4.47
C GLN V 66 -42.16 75.49 5.55
N PRO V 67 -41.25 74.52 5.58
CA PRO V 67 -40.20 74.53 6.61
C PRO V 67 -39.04 75.42 6.23
N TYR V 68 -39.35 76.61 5.71
CA TYR V 68 -38.35 77.59 5.34
C TYR V 68 -38.67 79.00 5.82
N THR V 69 -39.87 79.26 6.31
CA THR V 69 -40.29 80.58 6.75
C THR V 69 -40.73 80.54 8.20
N ASP V 70 -40.64 81.71 8.85
CA ASP V 70 -41.09 81.88 10.22
C ASP V 70 -42.41 82.61 10.31
N ASP V 71 -43.07 82.85 9.19
CA ASP V 71 -44.34 83.58 9.19
C ASP V 71 -45.43 82.75 9.85
N LYS V 72 -46.30 83.43 10.60
CA LYS V 72 -47.37 82.73 11.30
C LYS V 72 -48.45 82.25 10.33
N GLU V 73 -48.75 83.05 9.31
CA GLU V 73 -49.81 82.73 8.37
C GLU V 73 -49.31 82.92 6.94
N ILE V 74 -49.91 82.18 6.02
CA ILE V 74 -49.57 82.22 4.61
C ILE V 74 -50.82 82.57 3.81
N VAL V 75 -50.70 83.56 2.94
CA VAL V 75 -51.80 84.00 2.09
C VAL V 75 -51.68 83.32 0.73
N ILE V 76 -52.82 82.98 0.13
CA ILE V 76 -52.83 82.29 -1.15
C ILE V 76 -54.11 82.64 -1.89
N ASP V 77 -53.98 82.86 -3.19
CA ASP V 77 -55.13 83.19 -4.03
C ASP V 77 -56.07 82.00 -4.17
N ASP V 78 -57.37 82.30 -4.28
CA ASP V 78 -58.39 81.27 -4.40
C ASP V 78 -58.42 80.61 -5.77
N SER V 79 -57.76 81.20 -6.77
CA SER V 79 -57.74 80.60 -8.10
C SER V 79 -56.92 79.30 -8.14
N LYS V 80 -56.05 79.09 -7.16
CA LYS V 80 -55.26 77.88 -7.06
C LYS V 80 -55.89 76.84 -6.14
N VAL V 81 -57.21 76.93 -5.94
CA VAL V 81 -57.94 76.05 -5.03
C VAL V 81 -58.66 74.99 -5.87
N ILE V 82 -58.55 73.74 -5.44
CA ILE V 82 -59.28 72.65 -6.07
C ILE V 82 -60.50 72.34 -5.21
N THR V 83 -60.27 71.92 -3.97
CA THR V 83 -61.36 71.63 -3.03
C THR V 83 -61.00 72.12 -1.65
N ILE V 84 -62.01 72.63 -0.94
CA ILE V 84 -61.95 72.93 0.48
C ILE V 84 -62.91 71.98 1.17
N THR V 85 -62.49 71.40 2.29
CA THR V 85 -63.38 70.44 2.94
C THR V 85 -63.12 70.40 4.44
N SER V 86 -64.08 69.84 5.17
CA SER V 86 -63.97 69.67 6.61
C SER V 86 -63.47 68.28 6.94
N PRO V 87 -62.39 68.13 7.68
CA PRO V 87 -61.82 66.80 7.93
C PRO V 87 -62.63 66.04 8.97
N LYS V 88 -62.18 64.82 9.25
CA LYS V 88 -62.80 63.97 10.25
C LYS V 88 -62.29 64.35 11.64
N ASP V 89 -62.96 63.80 12.67
CA ASP V 89 -62.58 64.11 14.05
C ASP V 89 -61.21 63.54 14.39
N ASP V 90 -60.92 62.33 13.90
CA ASP V 90 -59.62 61.72 14.19
C ASP V 90 -58.48 62.55 13.61
N ILE V 91 -58.66 63.06 12.40
CA ILE V 91 -57.62 63.89 11.78
C ILE V 91 -57.42 65.17 12.58
N ILE V 92 -58.50 65.79 13.03
CA ILE V 92 -58.39 67.00 13.83
C ILE V 92 -57.66 66.72 15.15
N LYS V 93 -57.99 65.59 15.78
CA LYS V 93 -57.32 65.22 17.03
C LYS V 93 -55.83 65.00 16.81
N SER V 94 -55.47 64.31 15.72
CA SER V 94 -54.05 64.09 15.42
C SER V 94 -53.34 65.40 15.14
N TYR V 95 -53.99 66.31 14.41
CA TYR V 95 -53.41 67.61 14.13
C TYR V 95 -53.17 68.41 15.41
N GLU V 96 -54.15 68.40 16.31
CA GLU V 96 -53.99 69.08 17.60
C GLU V 96 -52.85 68.49 18.40
N SER V 97 -52.77 67.16 18.46
CA SER V 97 -51.70 66.52 19.21
C SER V 97 -50.34 66.86 18.62
N HIS V 98 -50.24 66.84 17.29
CA HIS V 98 -48.97 67.17 16.63
C HIS V 98 -48.54 68.59 16.96
N THR V 99 -49.46 69.56 16.84
CA THR V 99 -49.12 70.94 17.14
C THR V 99 -48.70 71.11 18.60
N ARG V 100 -49.44 70.48 19.52
CA ARG V 100 -49.10 70.59 20.93
C ARG V 100 -47.71 70.01 21.22
N VAL V 101 -47.41 68.85 20.62
CA VAL V 101 -46.10 68.24 20.82
C VAL V 101 -45.00 69.14 20.29
N LEU V 102 -45.21 69.72 19.10
CA LEU V 102 -44.20 70.61 18.54
C LEU V 102 -43.97 71.83 19.43
N GLU V 103 -45.04 72.43 19.95
CA GLU V 103 -44.89 73.59 20.81
C GLU V 103 -44.17 73.22 22.11
N ASN V 104 -44.49 72.06 22.68
CA ASN V 104 -43.79 71.61 23.89
C ASN V 104 -42.31 71.40 23.62
N LYS V 105 -41.98 70.80 22.47
CA LYS V 105 -40.57 70.63 22.12
C LYS V 105 -39.87 71.98 21.99
N GLN V 106 -40.55 72.95 21.38
CA GLN V 106 -39.95 74.28 21.21
C GLN V 106 -39.67 74.94 22.56
N VAL V 107 -40.64 74.87 23.48
CA VAL V 107 -40.44 75.53 24.76
C VAL V 107 -39.37 74.82 25.58
N GLU V 108 -39.31 73.48 25.49
CA GLU V 108 -38.25 72.75 26.17
C GLU V 108 -36.88 73.13 25.62
N GLU V 109 -36.77 73.26 24.30
CA GLU V 109 -35.49 73.68 23.72
C GLU V 109 -35.12 75.09 24.17
N ILE V 110 -36.10 75.98 24.27
CA ILE V 110 -35.83 77.34 24.73
C ILE V 110 -35.29 77.32 26.15
N LEU V 111 -35.91 76.51 27.02
CA LEU V 111 -35.43 76.40 28.40
C LEU V 111 -34.01 75.84 28.46
N ARG V 112 -33.74 74.81 27.65
CA ARG V 112 -32.41 74.23 27.63
C ARG V 112 -31.38 75.27 27.19
N LEU V 113 -31.71 76.06 26.18
CA LEU V 113 -30.79 77.09 25.72
C LEU V 113 -30.58 78.16 26.79
N GLU V 114 -31.66 78.53 27.51
CA GLU V 114 -31.53 79.44 28.63
C GLU V 114 -30.49 78.93 29.62
N LYS V 115 -30.63 77.68 30.05
CA LYS V 115 -29.70 77.12 31.03
C LYS V 115 -28.28 77.09 30.49
N GLU V 116 -28.12 76.67 29.23
CA GLU V 116 -26.78 76.56 28.65
C GLU V 116 -26.09 77.92 28.56
N ILE V 117 -26.82 78.94 28.09
CA ILE V 117 -26.20 80.26 27.94
C ILE V 117 -25.88 80.85 29.30
N GLU V 118 -26.74 80.62 30.30
CA GLU V 118 -26.44 81.11 31.64
C GLU V 118 -25.17 80.48 32.18
N ASP V 119 -25.05 79.15 32.05
CA ASP V 119 -23.86 78.46 32.54
C ASP V 119 -22.61 78.96 31.82
N LEU V 120 -22.69 79.08 30.49
CA LEU V 120 -21.54 79.53 29.72
C LEU V 120 -21.12 80.94 30.12
N GLN V 121 -22.09 81.84 30.28
CA GLN V 121 -21.76 83.21 30.67
C GLN V 121 -21.11 83.25 32.04
N ARG V 122 -21.64 82.48 33.00
CA ARG V 122 -21.05 82.47 34.34
C ARG V 122 -19.61 81.95 34.31
N MET V 123 -19.38 80.85 33.60
CA MET V 123 -18.03 80.29 33.57
C MET V 123 -17.08 81.21 32.84
N LYS V 124 -17.55 81.87 31.77
CA LYS V 124 -16.72 82.83 31.06
C LYS V 124 -16.34 84.01 31.94
N GLU V 125 -17.31 84.52 32.72
CA GLU V 125 -17.00 85.60 33.64
C GLU V 125 -15.98 85.17 34.68
N GLN V 126 -16.13 83.94 35.20
CA GLN V 126 -15.14 83.43 36.15
C GLN V 126 -13.76 83.36 35.52
N GLN V 127 -13.67 82.90 34.28
CA GLN V 127 -12.39 82.87 33.59
C GLN V 127 -11.82 84.28 33.42
N GLU V 128 -12.67 85.24 33.07
CA GLU V 128 -12.21 86.61 32.88
C GLU V 128 -11.71 87.22 34.18
N LEU V 129 -12.29 86.83 35.31
CA LEU V 129 -11.90 87.43 36.59
C LEU V 129 -10.43 87.16 36.90
N SER V 130 -9.96 85.95 36.67
CA SER V 130 -8.58 85.56 37.01
C SER V 130 -7.65 85.83 35.84
N LEU V 131 -7.46 87.12 35.56
CA LEU V 131 -6.61 87.55 34.46
C LEU V 131 -5.55 88.52 34.97
N THR V 132 -4.67 88.92 34.07
CA THR V 132 -3.58 89.85 34.34
C THR V 132 -3.86 91.16 33.60
N GLU V 133 -3.47 92.28 34.20
CA GLU V 133 -3.78 93.59 33.63
C GLU V 133 -3.27 93.71 32.20
N ALA V 134 -2.01 93.34 31.98
CA ALA V 134 -1.46 93.39 30.63
C ALA V 134 -2.21 92.45 29.69
N SER V 135 -2.55 91.26 30.17
CA SER V 135 -3.36 90.34 29.37
C SER V 135 -4.73 90.93 29.06
N LEU V 136 -5.32 91.65 30.03
CA LEU V 136 -6.61 92.28 29.80
C LEU V 136 -6.52 93.35 28.73
N GLN V 137 -5.44 94.16 28.77
CA GLN V 137 -5.25 95.17 27.73
C GLN V 137 -5.05 94.52 26.36
N LYS V 138 -4.26 93.45 26.31
CA LYS V 138 -4.07 92.74 25.05
C LYS V 138 -5.38 92.15 24.54
N LEU V 139 -6.21 91.61 25.45
CA LEU V 139 -7.52 91.11 25.07
C LEU V 139 -8.39 92.23 24.49
N GLN V 140 -8.38 93.39 25.13
CA GLN V 140 -9.18 94.51 24.62
C GLN V 140 -8.73 94.92 23.22
N GLU V 141 -7.42 95.05 23.02
CA GLU V 141 -6.92 95.40 21.69
C GLU V 141 -7.25 94.34 20.66
N ARG V 142 -7.13 93.06 21.04
CA ARG V 142 -7.43 91.98 20.12
C ARG V 142 -8.90 91.96 19.74
N ARG V 143 -9.79 92.20 20.71
CA ARG V 143 -11.22 92.28 20.40
C ARG V 143 -11.53 93.46 19.49
N ASP V 144 -10.87 94.60 19.73
CA ASP V 144 -11.06 95.75 18.85
C ASP V 144 -10.61 95.42 17.43
N GLN V 145 -9.49 94.70 17.29
CA GLN V 145 -9.06 94.30 15.95
C GLN V 145 -10.04 93.30 15.34
N GLU V 146 -10.60 92.40 16.15
CA GLU V 146 -11.61 91.46 15.68
C GLU V 146 -12.80 92.21 15.08
N LEU V 147 -13.34 93.18 15.82
CA LEU V 147 -14.49 93.92 15.32
C LEU V 147 -14.14 94.84 14.16
N ARG V 148 -12.86 95.07 13.91
CA ARG V 148 -12.43 95.93 12.81
C ARG V 148 -12.63 95.24 11.47
N ASN W 16 51.95 84.28 -4.55
CA ASN W 16 51.00 84.61 -5.61
C ASN W 16 50.27 83.35 -6.08
N ILE W 17 49.58 82.68 -5.15
CA ILE W 17 48.82 81.49 -5.48
C ILE W 17 47.64 81.88 -6.36
N LYS W 18 47.55 81.28 -7.54
CA LYS W 18 46.50 81.61 -8.49
C LYS W 18 46.08 80.36 -9.24
N ILE W 19 44.88 80.44 -9.83
CA ILE W 19 44.30 79.39 -10.65
C ILE W 19 44.47 79.75 -12.12
N MET W 20 44.89 78.76 -12.90
CA MET W 20 45.22 78.86 -14.31
C MET W 20 44.26 77.97 -15.08
N ARG W 21 43.66 78.52 -16.15
CA ARG W 21 42.86 77.74 -17.07
C ARG W 21 43.65 77.57 -18.36
N LEU W 22 43.99 76.34 -18.68
CA LEU W 22 44.74 76.03 -19.90
C LEU W 22 43.79 75.79 -21.07
N VAL W 23 44.37 75.82 -22.27
CA VAL W 23 43.57 75.61 -23.48
C VAL W 23 42.99 74.20 -23.52
N THR W 24 43.66 73.24 -22.88
CA THR W 24 43.19 71.86 -22.89
C THR W 24 42.26 71.58 -21.72
N CYS W 25 41.25 72.44 -21.57
CA CYS W 25 40.20 72.34 -20.55
C CYS W 25 40.74 71.81 -19.22
N GLU W 26 41.76 72.51 -18.71
CA GLU W 26 42.44 72.09 -17.50
C GLU W 26 42.52 73.27 -16.52
N ASP W 27 42.29 72.97 -15.24
CA ASP W 27 42.38 73.94 -14.17
C ASP W 27 43.51 73.54 -13.24
N ILE W 28 44.51 74.40 -13.08
CA ILE W 28 45.68 74.10 -12.27
C ILE W 28 45.99 75.27 -11.35
N ILE W 29 46.18 75.00 -10.07
CA ILE W 29 46.51 76.03 -9.09
C ILE W 29 48.00 75.96 -8.80
N GLY W 30 48.62 77.13 -8.64
CA GLY W 30 50.04 77.16 -8.34
C GLY W 30 50.50 78.58 -8.09
N ASN W 31 51.77 78.69 -7.67
CA ASN W 31 52.38 79.98 -7.43
C ASN W 31 52.97 80.47 -8.75
N ILE W 32 52.43 81.57 -9.28
CA ILE W 32 52.78 82.02 -10.62
C ILE W 32 53.54 83.33 -10.54
N SER W 33 54.41 83.52 -11.54
CA SER W 33 55.13 84.76 -11.75
C SER W 33 54.93 85.18 -13.21
N GLU W 34 54.54 86.43 -13.40
CA GLU W 34 54.10 86.92 -14.71
C GLU W 34 55.20 87.78 -15.33
N SER W 35 55.53 87.48 -16.58
CA SER W 35 56.47 88.26 -17.37
C SER W 35 55.75 88.78 -18.61
N GLN W 36 56.47 89.55 -19.44
CA GLN W 36 55.82 90.25 -20.54
C GLN W 36 55.20 89.28 -21.54
N GLY W 37 55.86 88.15 -21.81
CA GLY W 37 55.36 87.23 -22.81
C GLY W 37 55.05 85.84 -22.29
N LEU W 38 55.74 85.43 -21.24
CA LEU W 38 55.61 84.09 -20.68
C LEU W 38 55.44 84.18 -19.17
N ILE W 39 54.93 83.09 -18.59
CA ILE W 39 54.73 83.03 -17.14
C ILE W 39 55.33 81.75 -16.60
N THR W 40 55.82 81.82 -15.38
CA THR W 40 56.39 80.67 -14.69
C THR W 40 55.45 80.24 -13.57
N ILE W 41 55.40 78.93 -13.33
CA ILE W 41 54.51 78.36 -12.32
C ILE W 41 55.28 77.36 -11.47
N LYS W 42 54.99 77.36 -10.18
CA LYS W 42 55.60 76.43 -9.23
C LYS W 42 54.51 75.72 -8.45
N LYS W 43 54.75 74.44 -8.17
CA LYS W 43 53.84 73.59 -7.40
C LYS W 43 52.44 73.58 -8.02
N ALA W 44 52.39 73.35 -9.33
CA ALA W 44 51.11 73.26 -10.02
C ALA W 44 50.37 71.99 -9.60
N PHE W 45 49.04 72.09 -9.57
CA PHE W 45 48.21 70.95 -9.20
C PHE W 45 46.90 71.01 -9.98
N VAL W 46 46.62 69.95 -10.72
CA VAL W 46 45.34 69.83 -11.41
C VAL W 46 44.24 69.55 -10.40
N ILE W 47 43.06 70.11 -10.65
CA ILE W 47 41.91 69.98 -9.78
C ILE W 47 40.90 69.07 -10.44
N ILE W 48 40.55 67.98 -9.75
CA ILE W 48 39.57 67.01 -10.22
C ILE W 48 38.33 67.15 -9.35
N PRO W 49 37.17 67.53 -9.91
CA PRO W 49 35.92 67.67 -9.15
C PRO W 49 35.39 66.34 -8.63
N LEU W 60 36.88 68.03 -3.72
CA LEU W 60 37.89 68.29 -4.73
C LEU W 60 39.11 67.40 -4.51
N VAL W 61 39.84 67.12 -5.59
CA VAL W 61 41.05 66.30 -5.54
C VAL W 61 42.17 67.07 -6.21
N LEU W 62 43.33 67.10 -5.57
CA LEU W 62 44.51 67.76 -6.11
C LEU W 62 45.49 66.70 -6.59
N CYS W 63 45.94 66.84 -7.84
CA CYS W 63 46.88 65.89 -8.42
C CYS W 63 48.09 66.63 -8.97
N PRO W 64 49.28 66.06 -8.86
CA PRO W 64 50.46 66.72 -9.45
C PRO W 64 50.28 66.92 -10.95
N TRP W 65 50.65 68.11 -11.42
CA TRP W 65 50.45 68.44 -12.82
C TRP W 65 51.40 67.69 -13.73
N GLN W 66 52.68 67.64 -13.37
CA GLN W 66 53.72 67.03 -14.18
C GLN W 66 54.49 66.03 -13.32
N PRO W 67 53.94 64.84 -13.10
CA PRO W 67 54.66 63.85 -12.28
C PRO W 67 55.69 63.08 -13.09
N TYR W 68 56.45 63.80 -13.90
CA TYR W 68 57.52 63.21 -14.71
C TYR W 68 58.81 64.01 -14.67
N THR W 69 58.82 65.22 -14.12
CA THR W 69 59.99 66.06 -14.08
C THR W 69 60.32 66.45 -12.65
N ASP W 70 61.59 66.77 -12.43
CA ASP W 70 62.08 67.22 -11.14
C ASP W 70 62.32 68.73 -11.11
N ASP W 71 61.93 69.45 -12.15
CA ASP W 71 62.15 70.88 -12.21
C ASP W 71 61.29 71.60 -11.17
N LYS W 72 61.86 72.64 -10.57
CA LYS W 72 61.14 73.39 -9.55
C LYS W 72 60.04 74.25 -10.16
N GLU W 73 60.29 74.82 -11.33
CA GLU W 73 59.34 75.72 -11.98
C GLU W 73 59.17 75.33 -13.44
N ILE W 74 58.00 75.64 -13.98
CA ILE W 74 57.66 75.35 -15.37
C ILE W 74 57.28 76.65 -16.06
N VAL W 75 57.88 76.91 -17.21
CA VAL W 75 57.62 78.10 -18.00
C VAL W 75 56.59 77.76 -19.07
N ILE W 76 55.72 78.72 -19.37
CA ILE W 76 54.65 78.50 -20.35
C ILE W 76 54.28 79.84 -20.99
N ASP W 77 54.06 79.81 -22.31
CA ASP W 77 53.69 81.01 -23.04
C ASP W 77 52.30 81.47 -22.65
N ASP W 78 52.09 82.79 -22.68
CA ASP W 78 50.81 83.38 -22.32
C ASP W 78 49.75 83.20 -23.39
N SER W 79 50.13 82.80 -24.61
CA SER W 79 49.14 82.59 -25.67
C SER W 79 48.27 81.37 -25.41
N LYS W 80 48.70 80.46 -24.53
CA LYS W 80 47.93 79.29 -24.16
C LYS W 80 47.13 79.51 -22.88
N VAL W 81 46.84 80.76 -22.54
CA VAL W 81 46.15 81.14 -21.32
C VAL W 81 44.69 81.45 -21.65
N ILE W 82 43.78 80.89 -20.86
CA ILE W 82 42.36 81.20 -21.02
C ILE W 82 41.99 82.22 -19.95
N THR W 83 42.12 81.84 -18.68
CA THR W 83 41.84 82.74 -17.57
C THR W 83 42.87 82.56 -16.46
N ILE W 84 43.24 83.68 -15.83
CA ILE W 84 44.01 83.71 -14.60
C ILE W 84 43.11 84.27 -13.52
N THR W 85 43.12 83.65 -12.34
CA THR W 85 42.20 84.13 -11.31
C THR W 85 42.78 83.85 -9.93
N SER W 86 42.23 84.55 -8.93
CA SER W 86 42.62 84.37 -7.54
C SER W 86 41.66 83.41 -6.85
N PRO W 87 42.14 82.32 -6.26
CA PRO W 87 41.25 81.32 -5.67
C PRO W 87 40.68 81.79 -4.34
N LYS W 88 39.84 80.94 -3.75
CA LYS W 88 39.25 81.21 -2.45
C LYS W 88 40.23 80.84 -1.33
N ASP W 89 39.89 81.26 -0.11
CA ASP W 89 40.76 81.01 1.02
C ASP W 89 40.82 79.51 1.35
N ASP W 90 39.69 78.82 1.23
CA ASP W 90 39.68 77.39 1.53
C ASP W 90 40.58 76.62 0.57
N ILE W 91 40.55 76.98 -0.71
CA ILE W 91 41.40 76.32 -1.69
C ILE W 91 42.87 76.57 -1.38
N ILE W 92 43.22 77.79 -1.00
CA ILE W 92 44.60 78.11 -0.66
C ILE W 92 45.03 77.31 0.57
N LYS W 93 44.17 77.21 1.57
CA LYS W 93 44.49 76.44 2.76
C LYS W 93 44.71 74.97 2.42
N SER W 94 43.85 74.40 1.59
CA SER W 94 44.01 73.00 1.18
C SER W 94 45.30 72.80 0.40
N TYR W 95 45.63 73.74 -0.48
CA TYR W 95 46.87 73.67 -1.25
C TYR W 95 48.08 73.70 -0.33
N GLU W 96 48.07 74.61 0.65
CA GLU W 96 49.17 74.69 1.61
C GLU W 96 49.30 73.39 2.41
N SER W 97 48.18 72.85 2.88
CA SER W 97 48.22 71.61 3.64
C SER W 97 48.76 70.46 2.80
N HIS W 98 48.32 70.37 1.54
CA HIS W 98 48.80 69.32 0.65
C HIS W 98 50.31 69.42 0.44
N THR W 99 50.80 70.62 0.15
CA THR W 99 52.24 70.78 -0.07
C THR W 99 53.02 70.44 1.20
N ARG W 100 52.56 70.89 2.36
CA ARG W 100 53.26 70.59 3.60
C ARG W 100 53.29 69.09 3.87
N VAL W 101 52.17 68.39 3.64
CA VAL W 101 52.13 66.96 3.85
C VAL W 101 53.09 66.25 2.91
N LEU W 102 53.14 66.67 1.64
CA LEU W 102 54.05 66.05 0.69
C LEU W 102 55.50 66.25 1.11
N GLU W 103 55.85 67.46 1.55
CA GLU W 103 57.23 67.71 1.97
C GLU W 103 57.59 66.89 3.20
N ASN W 104 56.65 66.77 4.15
CA ASN W 104 56.91 65.95 5.33
C ASN W 104 57.11 64.49 4.96
N LYS W 105 56.31 63.98 4.02
CA LYS W 105 56.49 62.61 3.56
C LYS W 105 57.86 62.44 2.91
N GLN W 106 58.28 63.42 2.10
CA GLN W 106 59.58 63.34 1.45
C GLN W 106 60.72 63.29 2.47
N VAL W 107 60.66 64.16 3.48
CA VAL W 107 61.76 64.20 4.45
C VAL W 107 61.76 62.93 5.30
N GLU W 108 60.58 62.40 5.63
CA GLU W 108 60.51 61.14 6.36
C GLU W 108 61.11 60.00 5.55
N GLU W 109 60.81 59.95 4.25
CA GLU W 109 61.39 58.92 3.40
C GLU W 109 62.90 59.06 3.31
N ILE W 110 63.39 60.30 3.26
CA ILE W 110 64.84 60.51 3.22
C ILE W 110 65.50 59.98 4.50
N LEU W 111 64.88 60.26 5.65
CA LEU W 111 65.43 59.76 6.91
C LEU W 111 65.42 58.23 6.96
N ARG W 112 64.32 57.63 6.50
CA ARG W 112 64.23 56.18 6.47
C ARG W 112 65.33 55.59 5.60
N LEU W 113 65.57 56.19 4.44
CA LEU W 113 66.62 55.70 3.56
C LEU W 113 68.00 55.87 4.18
N GLU W 114 68.21 56.99 4.88
CA GLU W 114 69.45 57.17 5.63
C GLU W 114 69.70 56.01 6.58
N LYS W 115 68.69 55.69 7.41
CA LYS W 115 68.85 54.62 8.37
C LYS W 115 69.10 53.28 7.69
N GLU W 116 68.34 53.00 6.62
CA GLU W 116 68.48 51.73 5.93
C GLU W 116 69.87 51.57 5.32
N ILE W 117 70.37 52.61 4.66
CA ILE W 117 71.66 52.50 4.01
C ILE W 117 72.77 52.38 5.06
N GLU W 118 72.63 53.10 6.18
CA GLU W 118 73.63 52.97 7.23
C GLU W 118 73.68 51.55 7.78
N ASP W 119 72.50 50.97 8.06
CA ASP W 119 72.46 49.61 8.58
C ASP W 119 73.05 48.62 7.57
N LEU W 120 72.67 48.77 6.31
CA LEU W 120 73.18 47.86 5.28
C LEU W 120 74.69 47.96 5.14
N GLN W 121 75.22 49.18 5.14
CA GLN W 121 76.66 49.35 5.02
C GLN W 121 77.39 48.73 6.21
N ARG W 122 76.87 48.94 7.43
CA ARG W 122 77.52 48.37 8.60
C ARG W 122 77.53 46.86 8.55
N MET W 123 76.39 46.25 8.21
CA MET W 123 76.32 44.79 8.18
C MET W 123 77.20 44.23 7.06
N LYS W 124 77.25 44.93 5.91
CA LYS W 124 78.12 44.49 4.82
C LYS W 124 79.58 44.55 5.23
N GLU W 125 79.99 45.62 5.93
CA GLU W 125 81.36 45.70 6.40
C GLU W 125 81.67 44.58 7.39
N GLN W 126 80.72 44.28 8.28
CA GLN W 126 80.92 43.16 9.21
C GLN W 126 81.10 41.85 8.46
N GLN W 127 80.30 41.62 7.42
CA GLN W 127 80.45 40.42 6.61
C GLN W 127 81.81 40.38 5.92
N GLU W 128 82.25 41.53 5.39
CA GLU W 128 83.54 41.59 4.72
C GLU W 128 84.69 41.31 5.67
N LEU W 129 84.55 41.71 6.95
CA LEU W 129 85.65 41.54 7.90
C LEU W 129 86.01 40.06 8.08
N SER W 130 85.01 39.19 8.19
CA SER W 130 85.24 37.77 8.46
C SER W 130 85.38 37.00 7.14
N LEU W 131 86.48 37.28 6.44
CA LEU W 131 86.75 36.66 5.15
C LEU W 131 88.13 36.00 5.18
N THR W 132 88.46 35.32 4.08
CA THR W 132 89.72 34.64 3.89
C THR W 132 90.52 35.37 2.82
N GLU W 133 91.85 35.40 2.98
CA GLU W 133 92.70 36.16 2.06
C GLU W 133 92.49 35.74 0.61
N ALA W 134 92.48 34.43 0.35
CA ALA W 134 92.24 33.94 -1.01
C ALA W 134 90.85 34.34 -1.48
N SER W 135 89.86 34.24 -0.60
CA SER W 135 88.51 34.67 -0.95
C SER W 135 88.47 36.16 -1.24
N LEU W 136 89.23 36.96 -0.49
CA LEU W 136 89.29 38.39 -0.73
C LEU W 136 89.90 38.69 -2.10
N GLN W 137 90.97 37.98 -2.46
CA GLN W 137 91.56 38.17 -3.78
C GLN W 137 90.57 37.78 -4.88
N LYS W 138 89.87 36.66 -4.68
CA LYS W 138 88.87 36.24 -5.67
C LYS W 138 87.75 37.27 -5.79
N LEU W 139 87.32 37.84 -4.65
CA LEU W 139 86.33 38.89 -4.68
C LEU W 139 86.82 40.11 -5.45
N GLN W 140 88.07 40.51 -5.24
CA GLN W 140 88.61 41.66 -5.96
C GLN W 140 88.64 41.40 -7.46
N GLU W 141 89.11 40.21 -7.87
CA GLU W 141 89.13 39.89 -9.29
C GLU W 141 87.72 39.84 -9.87
N ARG W 142 86.77 39.27 -9.12
CA ARG W 142 85.39 39.18 -9.60
C ARG W 142 84.77 40.56 -9.76
N ARG W 143 85.02 41.46 -8.81
CA ARG W 143 84.52 42.82 -8.92
C ARG W 143 85.14 43.54 -10.11
N ASP W 144 86.44 43.32 -10.34
CA ASP W 144 87.08 43.91 -11.52
C ASP W 144 86.45 43.40 -12.80
N GLN W 145 86.13 42.11 -12.85
CA GLN W 145 85.45 41.57 -14.03
C GLN W 145 84.05 42.16 -14.16
N GLU W 146 83.36 42.34 -13.03
CA GLU W 146 82.04 42.97 -13.04
C GLU W 146 82.09 44.35 -13.68
N LEU W 147 83.03 45.19 -13.22
CA LEU W 147 83.14 46.54 -13.78
C LEU W 147 83.66 46.54 -15.20
N ARG W 148 84.19 45.43 -15.70
CA ARG W 148 84.70 45.35 -17.05
C ARG W 148 83.56 45.30 -18.06
N ASN X 16 89.50 -18.77 -38.24
CA ASN X 16 89.10 -17.75 -39.20
C ASN X 16 87.59 -17.50 -39.15
N ILE X 17 87.10 -17.11 -37.98
CA ILE X 17 85.70 -16.82 -37.80
C ILE X 17 85.35 -15.56 -38.59
N LYS X 18 84.38 -15.67 -39.49
CA LYS X 18 83.99 -14.56 -40.34
C LYS X 18 82.49 -14.59 -40.60
N ILE X 19 81.97 -13.43 -41.00
CA ILE X 19 80.57 -13.25 -41.36
C ILE X 19 80.44 -13.26 -42.87
N MET X 20 79.42 -14.00 -43.34
CA MET X 20 79.13 -14.25 -44.75
C MET X 20 77.77 -13.65 -45.06
N ARG X 21 77.69 -12.89 -46.15
CA ARG X 21 76.42 -12.40 -46.67
C ARG X 21 76.09 -13.19 -47.93
N LEU X 22 75.00 -13.94 -47.88
CA LEU X 22 74.55 -14.74 -49.01
C LEU X 22 73.63 -13.92 -49.91
N VAL X 23 73.43 -14.43 -51.13
CA VAL X 23 72.56 -13.74 -52.08
C VAL X 23 71.12 -13.69 -51.60
N THR X 24 70.71 -14.67 -50.78
CA THR X 24 69.35 -14.72 -50.28
C THR X 24 69.19 -13.95 -48.97
N CYS X 25 69.68 -12.71 -48.97
CA CYS X 25 69.60 -11.78 -47.84
C CYS X 25 69.77 -12.50 -46.50
N GLU X 26 70.89 -13.20 -46.38
CA GLU X 26 71.19 -14.01 -45.20
C GLU X 26 72.56 -13.68 -44.66
N ASP X 27 72.67 -13.58 -43.35
CA ASP X 27 73.94 -13.34 -42.66
C ASP X 27 74.27 -14.55 -41.81
N ILE X 28 75.42 -15.18 -42.08
CA ILE X 28 75.82 -16.40 -41.38
C ILE X 28 77.26 -16.28 -40.94
N ILE X 29 77.53 -16.57 -39.67
CA ILE X 29 78.88 -16.53 -39.12
C ILE X 29 79.41 -17.95 -39.03
N GLY X 30 80.70 -18.12 -39.34
CA GLY X 30 81.29 -19.45 -39.25
C GLY X 30 82.77 -19.38 -39.53
N ASN X 31 83.43 -20.53 -39.35
CA ASN X 31 84.85 -20.65 -39.62
C ASN X 31 85.02 -21.01 -41.09
N ILE X 32 85.62 -20.11 -41.87
CA ILE X 32 85.66 -20.26 -43.31
C ILE X 32 87.09 -20.52 -43.77
N SER X 33 87.20 -21.24 -44.87
CA SER X 33 88.46 -21.48 -45.57
C SER X 33 88.26 -21.13 -47.04
N GLU X 34 89.15 -20.31 -47.58
CA GLU X 34 88.99 -19.72 -48.90
C GLU X 34 89.89 -20.42 -49.90
N SER X 35 89.30 -20.83 -51.02
CA SER X 35 90.02 -21.43 -52.14
C SER X 35 89.82 -20.55 -53.37
N GLN X 36 90.43 -20.94 -54.49
CA GLN X 36 90.45 -20.07 -55.67
C GLN X 36 89.05 -19.82 -56.21
N GLY X 37 88.18 -20.83 -56.18
CA GLY X 37 86.86 -20.66 -56.76
C GLY X 37 85.71 -20.88 -55.79
N LEU X 38 85.95 -21.68 -54.75
CA LEU X 38 84.92 -22.04 -53.79
C LEU X 38 85.46 -21.88 -52.38
N ILE X 39 84.55 -21.78 -51.42
CA ILE X 39 84.93 -21.63 -50.02
C ILE X 39 84.19 -22.66 -49.18
N THR X 40 84.84 -23.11 -48.11
CA THR X 40 84.25 -24.06 -47.19
C THR X 40 83.95 -23.35 -45.87
N ILE X 41 82.87 -23.78 -45.22
CA ILE X 41 82.43 -23.15 -43.98
C ILE X 41 82.10 -24.23 -42.96
N LYS X 42 82.45 -23.99 -41.70
CA LYS X 42 82.16 -24.90 -40.60
C LYS X 42 81.45 -24.13 -39.50
N LYS X 43 80.50 -24.81 -38.86
CA LYS X 43 79.73 -24.27 -37.74
C LYS X 43 79.04 -22.96 -38.12
N ALA X 44 78.37 -22.98 -39.27
CA ALA X 44 77.63 -21.81 -39.72
C ALA X 44 76.42 -21.57 -38.83
N PHE X 45 76.08 -20.29 -38.65
CA PHE X 45 74.93 -19.92 -37.82
C PHE X 45 74.29 -18.66 -38.40
N VAL X 46 73.00 -18.76 -38.72
CA VAL X 46 72.25 -17.60 -39.16
C VAL X 46 71.98 -16.69 -37.97
N ILE X 47 72.00 -15.38 -38.23
CA ILE X 47 71.83 -14.36 -37.21
C ILE X 47 70.46 -13.72 -37.40
N ILE X 48 69.63 -13.79 -36.37
CA ILE X 48 68.29 -13.21 -36.36
C ILE X 48 68.32 -12.01 -35.42
N PRO X 49 68.07 -10.79 -35.91
CA PRO X 49 68.05 -9.57 -35.08
C PRO X 49 66.89 -9.56 -34.09
N LEU X 60 70.56 -10.41 -30.24
CA LEU X 60 70.78 -11.26 -31.39
C LEU X 60 70.47 -12.73 -31.07
N VAL X 61 70.08 -13.49 -32.09
CA VAL X 61 69.77 -14.90 -31.94
C VAL X 61 70.59 -15.68 -32.97
N LEU X 62 71.22 -16.76 -32.52
CA LEU X 62 72.00 -17.63 -33.41
C LEU X 62 71.22 -18.91 -33.66
N CYS X 63 71.06 -19.27 -34.93
CA CYS X 63 70.33 -20.47 -35.30
C CYS X 63 71.18 -21.33 -36.21
N PRO X 64 71.11 -22.65 -36.09
CA PRO X 64 71.87 -23.51 -37.01
C PRO X 64 71.46 -23.26 -38.45
N TRP X 65 72.47 -23.17 -39.33
CA TRP X 65 72.21 -22.84 -40.73
C TRP X 65 71.54 -23.99 -41.45
N GLN X 66 72.05 -25.21 -41.27
CA GLN X 66 71.56 -26.39 -41.98
C GLN X 66 71.24 -27.47 -40.96
N PRO X 67 70.09 -27.38 -40.30
CA PRO X 67 69.73 -28.41 -39.31
C PRO X 67 69.12 -29.64 -39.95
N TYR X 68 69.72 -30.09 -41.05
CA TYR X 68 69.26 -31.28 -41.76
C TYR X 68 70.40 -32.21 -42.15
N THR X 69 71.66 -31.80 -42.03
CA THR X 69 72.80 -32.60 -42.42
C THR X 69 73.74 -32.79 -41.24
N ASP X 70 74.51 -33.87 -41.31
CA ASP X 70 75.53 -34.18 -40.31
C ASP X 70 76.93 -33.87 -40.78
N ASP X 71 77.07 -33.24 -41.95
CA ASP X 71 78.39 -32.94 -42.49
C ASP X 71 79.10 -31.91 -41.64
N LYS X 72 80.42 -32.08 -41.48
CA LYS X 72 81.19 -31.15 -40.67
C LYS X 72 81.37 -29.80 -41.36
N GLU X 73 81.55 -29.81 -42.69
CA GLU X 73 81.80 -28.59 -43.44
C GLU X 73 80.91 -28.56 -44.68
N ILE X 74 80.60 -27.35 -45.13
CA ILE X 74 79.75 -27.11 -46.28
C ILE X 74 80.53 -26.30 -47.30
N VAL X 75 80.56 -26.75 -48.55
CA VAL X 75 81.25 -26.08 -49.63
C VAL X 75 80.24 -25.21 -50.39
N ILE X 76 80.70 -24.05 -50.86
CA ILE X 76 79.81 -23.12 -51.57
C ILE X 76 80.64 -22.31 -52.55
N ASP X 77 80.09 -22.08 -53.74
CA ASP X 77 80.77 -21.30 -54.76
C ASP X 77 80.85 -19.84 -54.35
N ASP X 78 81.94 -19.18 -54.79
CA ASP X 78 82.15 -17.78 -54.46
C ASP X 78 81.27 -16.84 -55.27
N SER X 79 80.63 -17.32 -56.33
CA SER X 79 79.76 -16.46 -57.12
C SER X 79 78.49 -16.07 -56.37
N LYS X 80 78.14 -16.81 -55.32
CA LYS X 80 76.98 -16.50 -54.49
C LYS X 80 77.36 -15.70 -53.25
N VAL X 81 78.49 -15.00 -53.30
CA VAL X 81 79.01 -14.23 -52.17
C VAL X 81 78.69 -12.76 -52.40
N ILE X 82 78.18 -12.10 -51.36
CA ILE X 82 77.93 -10.67 -51.41
C ILE X 82 79.08 -9.97 -50.69
N THR X 83 79.23 -10.25 -49.39
CA THR X 83 80.31 -9.68 -48.59
C THR X 83 80.88 -10.72 -47.64
N ILE X 84 82.19 -10.68 -47.46
CA ILE X 84 82.90 -11.41 -46.41
C ILE X 84 83.47 -10.38 -45.46
N THR X 85 83.35 -10.62 -44.15
CA THR X 85 83.83 -9.62 -43.22
C THR X 85 84.25 -10.27 -41.91
N SER X 86 85.03 -9.51 -41.12
CA SER X 86 85.48 -9.96 -39.81
C SER X 86 84.56 -9.42 -38.74
N PRO X 87 83.97 -10.26 -37.90
CA PRO X 87 83.00 -9.78 -36.90
C PRO X 87 83.69 -9.11 -35.72
N LYS X 88 82.88 -8.63 -34.79
CA LYS X 88 83.37 -8.00 -33.58
C LYS X 88 83.76 -9.06 -32.55
N ASP X 89 84.44 -8.61 -31.50
CA ASP X 89 84.89 -9.53 -30.45
C ASP X 89 83.71 -10.12 -29.68
N ASP X 90 82.69 -9.30 -29.41
CA ASP X 90 81.53 -9.79 -28.68
C ASP X 90 80.82 -10.90 -29.45
N ILE X 91 80.69 -10.73 -30.77
CA ILE X 91 80.04 -11.75 -31.59
C ILE X 91 80.84 -13.04 -31.56
N ILE X 92 82.17 -12.93 -31.66
CA ILE X 92 83.01 -14.12 -31.62
C ILE X 92 82.88 -14.82 -30.28
N LYS X 93 82.85 -14.06 -29.19
CA LYS X 93 82.70 -14.66 -27.86
C LYS X 93 81.35 -15.37 -27.74
N SER X 94 80.29 -14.75 -28.23
CA SER X 94 78.97 -15.39 -28.19
C SER X 94 78.94 -16.66 -29.02
N TYR X 95 79.57 -16.63 -30.20
CA TYR X 95 79.64 -17.81 -31.06
C TYR X 95 80.40 -18.94 -30.38
N GLU X 96 81.53 -18.62 -29.74
CA GLU X 96 82.28 -19.64 -29.01
C GLU X 96 81.47 -20.22 -27.87
N SER X 97 80.79 -19.37 -27.10
CA SER X 97 79.97 -19.86 -26.00
C SER X 97 78.85 -20.76 -26.50
N HIS X 98 78.19 -20.36 -27.59
CA HIS X 98 77.12 -21.17 -28.15
C HIS X 98 77.62 -22.54 -28.57
N THR X 99 78.75 -22.58 -29.30
CA THR X 99 79.28 -23.86 -29.74
C THR X 99 79.66 -24.74 -28.56
N ARG X 100 80.32 -24.16 -27.55
CA ARG X 100 80.71 -24.93 -26.37
C ARG X 100 79.50 -25.50 -25.65
N VAL X 101 78.45 -24.69 -25.50
CA VAL X 101 77.24 -25.16 -24.83
C VAL X 101 76.60 -26.31 -25.62
N LEU X 102 76.55 -26.18 -26.95
CA LEU X 102 75.98 -27.23 -27.77
C LEU X 102 76.76 -28.53 -27.63
N GLU X 103 78.10 -28.44 -27.65
CA GLU X 103 78.92 -29.64 -27.53
C GLU X 103 78.74 -30.29 -26.15
N ASN X 104 78.66 -29.47 -25.10
CA ASN X 104 78.44 -30.01 -23.76
C ASN X 104 77.08 -30.71 -23.68
N LYS X 105 76.05 -30.13 -24.28
CA LYS X 105 74.75 -30.77 -24.30
C LYS X 105 74.81 -32.10 -25.03
N GLN X 106 75.54 -32.15 -26.16
CA GLN X 106 75.66 -33.38 -26.92
C GLN X 106 76.34 -34.47 -26.11
N VAL X 107 77.44 -34.13 -25.43
CA VAL X 107 78.17 -35.15 -24.68
C VAL X 107 77.35 -35.62 -23.47
N GLU X 108 76.61 -34.70 -22.83
CA GLU X 108 75.74 -35.09 -21.74
C GLU X 108 74.64 -36.05 -22.22
N GLU X 109 74.05 -35.76 -23.38
CA GLU X 109 73.05 -36.65 -23.93
C GLU X 109 73.63 -38.02 -24.25
N ILE X 110 74.86 -38.05 -24.77
CA ILE X 110 75.51 -39.33 -25.06
C ILE X 110 75.71 -40.14 -23.79
N LEU X 111 76.15 -39.49 -22.72
CA LEU X 111 76.32 -40.18 -21.44
C LEU X 111 74.99 -40.71 -20.91
N ARG X 112 73.94 -39.89 -21.00
CA ARG X 112 72.63 -40.33 -20.54
C ARG X 112 72.16 -41.56 -21.32
N LEU X 113 72.37 -41.55 -22.64
CA LEU X 113 71.98 -42.69 -23.45
C LEU X 113 72.80 -43.92 -23.10
N GLU X 114 74.10 -43.74 -22.84
CA GLU X 114 74.93 -44.85 -22.35
C GLU X 114 74.31 -45.50 -21.12
N LYS X 115 73.99 -44.68 -20.12
CA LYS X 115 73.43 -45.22 -18.88
C LYS X 115 72.10 -45.91 -19.13
N GLU X 116 71.23 -45.29 -19.94
CA GLU X 116 69.92 -45.86 -20.19
C GLU X 116 70.02 -47.21 -20.90
N ILE X 117 70.87 -47.30 -21.93
CA ILE X 117 70.98 -48.55 -22.68
C ILE X 117 71.60 -49.63 -21.81
N GLU X 118 72.57 -49.27 -20.96
CA GLU X 118 73.15 -50.27 -20.06
C GLU X 118 72.10 -50.82 -19.11
N ASP X 119 71.31 -49.93 -18.50
CA ASP X 119 70.28 -50.37 -17.56
C ASP X 119 69.26 -51.26 -18.28
N LEU X 120 68.81 -50.84 -19.46
CA LEU X 120 67.83 -51.62 -20.20
C LEU X 120 68.36 -52.99 -20.56
N GLN X 121 69.61 -53.06 -21.02
CA GLN X 121 70.19 -54.35 -21.39
C GLN X 121 70.30 -55.26 -20.17
N ARG X 122 70.73 -54.72 -19.03
CA ARG X 122 70.86 -55.54 -17.83
C ARG X 122 69.50 -56.09 -17.40
N MET X 123 68.48 -55.24 -17.36
CA MET X 123 67.17 -55.69 -16.92
C MET X 123 66.58 -56.68 -17.91
N LYS X 124 66.80 -56.47 -19.20
CA LYS X 124 66.33 -57.42 -20.21
C LYS X 124 67.00 -58.78 -20.05
N GLU X 125 68.31 -58.78 -19.78
CA GLU X 125 69.00 -60.06 -19.55
C GLU X 125 68.46 -60.75 -18.31
N GLN X 126 68.19 -59.98 -17.26
CA GLN X 126 67.60 -60.57 -16.05
C GLN X 126 66.24 -61.20 -16.36
N GLN X 127 65.42 -60.51 -17.15
CA GLN X 127 64.13 -61.07 -17.54
C GLN X 127 64.31 -62.33 -18.36
N GLU X 128 65.28 -62.34 -19.28
CA GLU X 128 65.52 -63.52 -20.10
C GLU X 128 65.98 -64.71 -19.28
N LEU X 129 66.72 -64.46 -18.19
CA LEU X 129 67.26 -65.55 -17.40
C LEU X 129 66.15 -66.41 -16.80
N SER X 130 65.10 -65.79 -16.28
CA SER X 130 64.01 -66.51 -15.61
C SER X 130 62.92 -66.89 -16.61
N LEU X 131 63.29 -67.81 -17.50
CA LEU X 131 62.38 -68.27 -18.55
C LEU X 131 62.27 -69.80 -18.50
N THR X 132 61.40 -70.32 -19.35
CA THR X 132 61.14 -71.75 -19.48
C THR X 132 61.67 -72.22 -20.84
N GLU X 133 62.19 -73.45 -20.87
CA GLU X 133 62.81 -73.97 -22.09
C GLU X 133 61.87 -73.89 -23.29
N ALA X 134 60.63 -74.36 -23.11
CA ALA X 134 59.66 -74.28 -24.20
C ALA X 134 59.38 -72.84 -24.58
N SER X 135 59.27 -71.95 -23.58
CA SER X 135 59.09 -70.53 -23.87
C SER X 135 60.29 -69.96 -24.62
N LEU X 136 61.50 -70.42 -24.26
CA LEU X 136 62.70 -69.95 -24.96
C LEU X 136 62.68 -70.40 -26.42
N GLN X 137 62.28 -71.65 -26.68
CA GLN X 137 62.17 -72.12 -28.05
C GLN X 137 61.13 -71.32 -28.82
N LYS X 138 59.98 -71.05 -28.20
CA LYS X 138 58.94 -70.26 -28.85
C LYS X 138 59.45 -68.84 -29.14
N LEU X 139 60.19 -68.26 -28.21
CA LEU X 139 60.79 -66.95 -28.42
C LEU X 139 61.75 -66.97 -29.61
N GLN X 140 62.59 -68.01 -29.70
CA GLN X 140 63.52 -68.11 -30.82
C GLN X 140 62.78 -68.20 -32.15
N GLU X 141 61.76 -69.04 -32.22
CA GLU X 141 60.98 -69.16 -33.44
C GLU X 141 60.27 -67.85 -33.79
N ARG X 142 59.72 -67.18 -32.78
CA ARG X 142 59.03 -65.91 -33.02
C ARG X 142 59.98 -64.84 -33.52
N ARG X 143 61.19 -64.78 -32.95
CA ARG X 143 62.18 -63.82 -33.43
C ARG X 143 62.61 -64.13 -34.86
N ASP X 144 62.76 -65.42 -35.18
CA ASP X 144 63.08 -65.80 -36.55
C ASP X 144 61.98 -65.36 -37.51
N GLN X 145 60.72 -65.52 -37.10
CA GLN X 145 59.62 -65.07 -37.94
C GLN X 145 59.62 -63.54 -38.06
N GLU X 146 59.95 -62.85 -36.98
CA GLU X 146 60.06 -61.39 -37.00
C GLU X 146 61.08 -60.95 -38.05
N LEU X 147 62.28 -61.53 -38.01
CA LEU X 147 63.31 -61.15 -38.98
C LEU X 147 62.99 -61.61 -40.39
N ARG X 148 62.01 -62.50 -40.56
CA ARG X 148 61.64 -62.98 -41.88
C ARG X 148 60.88 -61.93 -42.67
N ASN Y 16 -0.50 -89.84 -41.86
CA ASN Y 16 -0.07 -89.10 -43.03
C ASN Y 16 -0.32 -87.60 -42.86
N ILE Y 17 0.27 -87.03 -41.82
CA ILE Y 17 0.12 -85.61 -41.55
C ILE Y 17 0.84 -84.82 -42.65
N LYS Y 18 0.12 -83.94 -43.33
CA LYS Y 18 0.67 -83.18 -44.44
C LYS Y 18 0.06 -81.79 -44.46
N ILE Y 19 0.76 -80.89 -45.15
CA ILE Y 19 0.34 -79.50 -45.34
C ILE Y 19 -0.23 -79.36 -46.75
N MET Y 20 -1.37 -78.67 -46.81
CA MET Y 20 -2.18 -78.47 -48.00
C MET Y 20 -2.20 -76.99 -48.32
N ARG Y 21 -1.94 -76.62 -49.57
CA ARG Y 21 -2.11 -75.25 -50.04
C ARG Y 21 -3.34 -75.20 -50.93
N LEU Y 22 -4.34 -74.45 -50.50
CA LEU Y 22 -5.58 -74.30 -51.24
C LEU Y 22 -5.48 -73.13 -52.22
N VAL Y 23 -6.41 -73.10 -53.17
CA VAL Y 23 -6.42 -72.05 -54.17
C VAL Y 23 -6.68 -70.69 -53.54
N THR Y 24 -7.39 -70.66 -52.41
CA THR Y 24 -7.72 -69.40 -51.74
C THR Y 24 -6.63 -69.01 -50.74
N CYS Y 25 -5.38 -69.03 -51.19
CA CYS Y 25 -4.20 -68.63 -50.42
C CYS Y 25 -4.29 -69.07 -48.96
N GLU Y 26 -4.51 -70.36 -48.78
CA GLU Y 26 -4.72 -70.93 -47.45
C GLU Y 26 -3.79 -72.12 -47.24
N ASP Y 27 -3.22 -72.20 -46.04
CA ASP Y 27 -2.35 -73.31 -45.66
C ASP Y 27 -3.02 -74.07 -44.51
N ILE Y 28 -3.28 -75.36 -44.71
CA ILE Y 28 -3.98 -76.16 -43.72
C ILE Y 28 -3.25 -77.48 -43.54
N ILE Y 29 -2.98 -77.85 -42.29
CA ILE Y 29 -2.31 -79.11 -41.97
C ILE Y 29 -3.34 -80.11 -41.50
N GLY Y 30 -3.19 -81.36 -41.90
CA GLY Y 30 -4.13 -82.39 -41.48
C GLY Y 30 -3.68 -83.76 -41.96
N ASN Y 31 -4.41 -84.77 -41.52
CA ASN Y 31 -4.16 -86.15 -41.92
C ASN Y 31 -4.92 -86.41 -43.21
N ILE Y 32 -4.20 -86.65 -44.30
CA ILE Y 32 -4.82 -86.72 -45.62
C ILE Y 32 -4.73 -88.14 -46.15
N SER Y 33 -5.72 -88.48 -46.98
CA SER Y 33 -5.77 -89.73 -47.72
C SER Y 33 -6.03 -89.39 -49.18
N GLU Y 34 -5.21 -89.95 -50.07
CA GLU Y 34 -5.19 -89.56 -51.47
C GLU Y 34 -5.86 -90.64 -52.31
N SER Y 35 -6.81 -90.22 -53.15
CA SER Y 35 -7.49 -91.09 -54.11
C SER Y 35 -7.21 -90.56 -55.52
N GLN Y 36 -7.73 -91.27 -56.53
CA GLN Y 36 -7.38 -90.97 -57.91
C GLN Y 36 -7.80 -89.55 -58.31
N GLY Y 37 -8.97 -89.11 -57.85
CA GLY Y 37 -9.46 -87.80 -58.26
C GLY Y 37 -9.68 -86.82 -57.13
N LEU Y 38 -9.95 -87.34 -55.93
CA LEU Y 38 -10.27 -86.52 -54.77
C LEU Y 38 -9.45 -86.98 -53.58
N ILE Y 39 -9.34 -86.10 -52.58
CA ILE Y 39 -8.60 -86.43 -51.37
C ILE Y 39 -9.46 -86.11 -50.16
N THR Y 40 -9.27 -86.89 -49.10
CA THR Y 40 -9.97 -86.68 -47.84
C THR Y 40 -8.99 -86.17 -46.79
N ILE Y 41 -9.48 -85.32 -45.91
CA ILE Y 41 -8.65 -84.70 -44.88
C ILE Y 41 -9.37 -84.79 -43.53
N LYS Y 42 -8.59 -85.05 -42.48
CA LYS Y 42 -9.11 -85.12 -41.12
C LYS Y 42 -8.28 -84.20 -40.23
N LYS Y 43 -8.96 -83.55 -39.28
CA LYS Y 43 -8.35 -82.65 -38.31
C LYS Y 43 -7.56 -81.55 -39.00
N ALA Y 44 -8.19 -80.91 -39.98
CA ALA Y 44 -7.56 -79.79 -40.68
C ALA Y 44 -7.43 -78.59 -39.75
N PHE Y 45 -6.36 -77.83 -39.95
CA PHE Y 45 -6.13 -76.63 -39.14
C PHE Y 45 -5.43 -75.58 -39.99
N VAL Y 46 -6.05 -74.40 -40.09
CA VAL Y 46 -5.43 -73.28 -40.77
C VAL Y 46 -4.30 -72.73 -39.91
N ILE Y 47 -3.24 -72.29 -40.58
CA ILE Y 47 -2.04 -71.77 -39.93
C ILE Y 47 -2.00 -70.26 -40.13
N ILE Y 48 -1.98 -69.53 -39.03
CA ILE Y 48 -1.90 -68.07 -39.03
C ILE Y 48 -0.51 -67.68 -38.52
N PRO Y 49 0.32 -67.01 -39.35
CA PRO Y 49 1.67 -66.58 -38.96
C PRO Y 49 1.64 -65.50 -37.88
N LEU Y 60 3.43 -69.29 -34.48
CA LEU Y 60 2.35 -69.77 -35.33
C LEU Y 60 1.08 -70.01 -34.52
N VAL Y 61 -0.07 -69.90 -35.18
CA VAL Y 61 -1.37 -70.11 -34.55
C VAL Y 61 -2.13 -71.13 -35.36
N LEU Y 62 -2.73 -72.12 -34.69
CA LEU Y 62 -3.54 -73.13 -35.34
C LEU Y 62 -5.01 -72.86 -35.06
N CYS Y 63 -5.81 -72.82 -36.12
CA CYS Y 63 -7.23 -72.55 -35.98
C CYS Y 63 -8.03 -73.65 -36.68
N PRO Y 64 -9.18 -74.05 -36.12
CA PRO Y 64 -10.00 -75.04 -36.81
C PRO Y 64 -10.41 -74.55 -38.19
N TRP Y 65 -10.32 -75.46 -39.17
CA TRP Y 65 -10.59 -75.07 -40.55
C TRP Y 65 -12.07 -74.86 -40.79
N GLN Y 66 -12.92 -75.75 -40.29
CA GLN Y 66 -14.36 -75.71 -40.51
C GLN Y 66 -15.07 -75.80 -39.16
N PRO Y 67 -15.13 -74.71 -38.42
CA PRO Y 67 -15.81 -74.75 -37.11
C PRO Y 67 -17.30 -74.60 -37.24
N TYR Y 68 -17.89 -75.30 -38.21
CA TYR Y 68 -19.33 -75.30 -38.43
C TYR Y 68 -19.91 -76.68 -38.65
N THR Y 69 -19.10 -77.70 -38.84
CA THR Y 69 -19.56 -79.06 -39.10
C THR Y 69 -19.01 -80.02 -38.06
N ASP Y 70 -19.74 -81.12 -37.88
CA ASP Y 70 -19.33 -82.19 -36.98
C ASP Y 70 -18.76 -83.39 -37.72
N ASP Y 71 -18.57 -83.29 -39.04
CA ASP Y 71 -18.06 -84.41 -39.81
C ASP Y 71 -16.62 -84.71 -39.44
N LYS Y 72 -16.29 -86.00 -39.42
CA LYS Y 72 -14.94 -86.42 -39.06
C LYS Y 72 -13.94 -86.09 -40.15
N GLU Y 73 -14.35 -86.25 -41.41
CA GLU Y 73 -13.46 -86.05 -42.55
C GLU Y 73 -14.15 -85.18 -43.60
N ILE Y 74 -13.34 -84.47 -44.37
CA ILE Y 74 -13.82 -83.57 -45.42
C ILE Y 74 -13.19 -84.00 -46.73
N VAL Y 75 -14.02 -84.17 -47.76
CA VAL Y 75 -13.57 -84.55 -49.09
C VAL Y 75 -13.40 -83.30 -49.94
N ILE Y 76 -12.40 -83.30 -50.82
CA ILE Y 76 -12.12 -82.15 -51.66
C ILE Y 76 -11.47 -82.62 -52.95
N ASP Y 77 -11.86 -82.02 -54.06
CA ASP Y 77 -11.32 -82.36 -55.36
C ASP Y 77 -9.86 -81.93 -55.46
N ASP Y 78 -9.09 -82.70 -56.22
CA ASP Y 78 -7.67 -82.42 -56.40
C ASP Y 78 -7.40 -81.25 -57.33
N SER Y 79 -8.41 -80.80 -58.09
CA SER Y 79 -8.21 -79.67 -58.99
C SER Y 79 -8.02 -78.36 -58.24
N LYS Y 80 -8.42 -78.31 -56.97
CA LYS Y 80 -8.24 -77.12 -56.14
C LYS Y 80 -6.99 -77.21 -55.28
N VAL Y 81 -6.01 -78.01 -55.71
CA VAL Y 81 -4.77 -78.25 -54.97
C VAL Y 81 -3.66 -77.43 -55.60
N ILE Y 82 -2.88 -76.73 -54.77
CA ILE Y 82 -1.73 -75.99 -55.24
C ILE Y 82 -0.50 -76.82 -54.94
N THR Y 83 -0.24 -77.09 -53.65
CA THR Y 83 0.89 -77.91 -53.24
C THR Y 83 0.50 -78.81 -52.08
N ILE Y 84 1.02 -80.03 -52.11
CA ILE Y 84 0.97 -80.97 -50.99
C ILE Y 84 2.40 -81.15 -50.50
N THR Y 85 2.60 -81.13 -49.18
CA THR Y 85 3.96 -81.24 -48.69
C THR Y 85 3.99 -81.88 -47.31
N SER Y 86 5.17 -82.35 -46.92
CA SER Y 86 5.38 -82.95 -45.62
C SER Y 86 5.93 -81.91 -44.66
N PRO Y 87 5.29 -81.67 -43.52
CA PRO Y 87 5.74 -80.61 -42.62
C PRO Y 87 6.97 -81.04 -41.82
N LYS Y 88 7.44 -80.11 -40.99
CA LYS Y 88 8.58 -80.37 -40.11
C LYS Y 88 8.13 -81.12 -38.86
N ASP Y 89 9.12 -81.61 -38.10
CA ASP Y 89 8.82 -82.37 -36.89
C ASP Y 89 8.19 -81.49 -35.83
N ASP Y 90 8.66 -80.25 -35.70
CA ASP Y 90 8.10 -79.34 -34.69
C ASP Y 90 6.63 -79.06 -34.97
N ILE Y 91 6.28 -78.86 -36.24
CA ILE Y 91 4.89 -78.60 -36.60
C ILE Y 91 4.02 -79.81 -36.27
N ILE Y 92 4.52 -81.01 -36.57
CA ILE Y 92 3.77 -82.22 -36.27
C ILE Y 92 3.56 -82.37 -34.77
N LYS Y 93 4.61 -82.09 -33.99
CA LYS Y 93 4.49 -82.16 -32.53
C LYS Y 93 3.47 -81.17 -32.01
N SER Y 94 3.49 -79.94 -32.52
CA SER Y 94 2.52 -78.94 -32.10
C SER Y 94 1.10 -79.35 -32.48
N TYR Y 95 0.93 -79.92 -33.66
CA TYR Y 95 -0.38 -80.38 -34.10
C TYR Y 95 -0.90 -81.49 -33.20
N GLU Y 96 -0.03 -82.44 -32.86
CA GLU Y 96 -0.42 -83.52 -31.96
C GLU Y 96 -0.81 -82.99 -30.59
N SER Y 97 -0.01 -82.05 -30.04
CA SER Y 97 -0.32 -81.49 -28.74
C SER Y 97 -1.66 -80.75 -28.77
N HIS Y 98 -1.90 -79.98 -29.83
CA HIS Y 98 -3.16 -79.25 -29.96
C HIS Y 98 -4.34 -80.20 -29.99
N THR Y 99 -4.26 -81.25 -30.80
CA THR Y 99 -5.37 -82.20 -30.88
C THR Y 99 -5.60 -82.89 -29.54
N ARG Y 100 -4.53 -83.30 -28.87
CA ARG Y 100 -4.67 -83.96 -27.58
C ARG Y 100 -5.31 -83.04 -26.55
N VAL Y 101 -4.89 -81.77 -26.52
CA VAL Y 101 -5.48 -80.81 -25.58
C VAL Y 101 -6.96 -80.61 -25.87
N LEU Y 102 -7.32 -80.50 -27.16
CA LEU Y 102 -8.73 -80.32 -27.51
C LEU Y 102 -9.56 -81.52 -27.07
N GLU Y 103 -9.05 -82.74 -27.30
CA GLU Y 103 -9.80 -83.92 -26.91
C GLU Y 103 -9.94 -84.01 -25.39
N ASN Y 104 -8.89 -83.65 -24.65
CA ASN Y 104 -8.97 -83.66 -23.19
C ASN Y 104 -9.99 -82.64 -22.70
N LYS Y 105 -10.03 -81.46 -23.32
CA LYS Y 105 -11.04 -80.47 -22.96
C LYS Y 105 -12.44 -81.00 -23.23
N GLN Y 106 -12.63 -81.68 -24.37
CA GLN Y 106 -13.94 -82.21 -24.70
C GLN Y 106 -14.39 -83.25 -23.68
N VAL Y 107 -13.50 -84.16 -23.30
CA VAL Y 107 -13.90 -85.21 -22.36
C VAL Y 107 -14.16 -84.62 -20.97
N GLU Y 108 -13.37 -83.62 -20.58
CA GLU Y 108 -13.62 -82.95 -19.30
C GLU Y 108 -14.97 -82.26 -19.30
N GLU Y 109 -15.32 -81.59 -20.40
CA GLU Y 109 -16.64 -80.96 -20.49
C GLU Y 109 -17.75 -81.99 -20.44
N ILE Y 110 -17.56 -83.14 -21.07
CA ILE Y 110 -18.57 -84.19 -21.04
C ILE Y 110 -18.78 -84.68 -19.60
N LEU Y 111 -17.69 -84.88 -18.87
CA LEU Y 111 -17.81 -85.31 -17.47
C LEU Y 111 -18.52 -84.26 -16.63
N ARG Y 112 -18.17 -82.98 -16.84
CA ARG Y 112 -18.82 -81.91 -16.09
C ARG Y 112 -20.32 -81.90 -16.36
N LEU Y 113 -20.71 -82.07 -17.62
CA LEU Y 113 -22.12 -82.10 -17.96
C LEU Y 113 -22.82 -83.31 -17.36
N GLU Y 114 -22.14 -84.47 -17.34
CA GLU Y 114 -22.67 -85.64 -16.64
C GLU Y 114 -23.02 -85.30 -15.20
N LYS Y 115 -22.06 -84.73 -14.47
CA LYS Y 115 -22.28 -84.42 -13.07
C LYS Y 115 -23.42 -83.41 -12.90
N GLU Y 116 -23.43 -82.38 -13.74
CA GLU Y 116 -24.45 -81.33 -13.62
C GLU Y 116 -25.86 -81.90 -13.87
N ILE Y 117 -26.01 -82.71 -14.92
CA ILE Y 117 -27.33 -83.24 -15.23
C ILE Y 117 -27.78 -84.22 -14.15
N GLU Y 118 -26.85 -85.01 -13.61
CA GLU Y 118 -27.21 -85.92 -12.53
C GLU Y 118 -27.71 -85.14 -11.31
N ASP Y 119 -26.98 -84.10 -10.91
CA ASP Y 119 -27.38 -83.30 -9.76
C ASP Y 119 -28.74 -82.65 -10.01
N LEU Y 120 -28.93 -82.07 -11.20
CA LEU Y 120 -30.19 -81.41 -11.50
C LEU Y 120 -31.36 -82.40 -11.48
N GLN Y 121 -31.17 -83.58 -12.06
CA GLN Y 121 -32.24 -84.57 -12.06
C GLN Y 121 -32.58 -85.01 -10.64
N ARG Y 122 -31.56 -85.25 -9.81
CA ARG Y 122 -31.83 -85.66 -8.43
C ARG Y 122 -32.61 -84.60 -7.66
N MET Y 123 -32.17 -83.34 -7.78
CA MET Y 123 -32.85 -82.27 -7.04
C MET Y 123 -34.26 -82.07 -7.57
N LYS Y 124 -34.45 -82.18 -8.88
CA LYS Y 124 -35.79 -82.06 -9.45
C LYS Y 124 -36.71 -83.18 -8.96
N GLU Y 125 -36.19 -84.40 -8.88
CA GLU Y 125 -37.00 -85.50 -8.36
C GLU Y 125 -37.36 -85.26 -6.90
N GLN Y 126 -36.41 -84.75 -6.11
CA GLN Y 126 -36.70 -84.42 -4.72
C GLN Y 126 -37.80 -83.37 -4.63
N GLN Y 127 -37.73 -82.34 -5.47
CA GLN Y 127 -38.79 -81.33 -5.49
C GLN Y 127 -40.13 -81.93 -5.87
N GLU Y 128 -40.13 -82.83 -6.86
CA GLU Y 128 -41.38 -83.46 -7.30
C GLU Y 128 -41.99 -84.32 -6.20
N LEU Y 129 -41.15 -84.94 -5.35
CA LEU Y 129 -41.66 -85.84 -4.33
C LEU Y 129 -42.58 -85.11 -3.35
N SER Y 130 -42.19 -83.91 -2.93
CA SER Y 130 -42.94 -83.17 -1.91
C SER Y 130 -43.98 -82.27 -2.59
N LEU Y 131 -44.98 -82.92 -3.19
CA LEU Y 131 -46.04 -82.23 -3.90
C LEU Y 131 -47.40 -82.66 -3.34
N THR Y 132 -48.44 -82.02 -3.85
CA THR Y 132 -49.82 -82.28 -3.49
C THR Y 132 -50.54 -82.92 -4.67
N GLU Y 133 -51.47 -83.84 -4.38
CA GLU Y 133 -52.14 -84.60 -5.44
C GLU Y 133 -52.80 -83.67 -6.46
N ALA Y 134 -53.55 -82.68 -5.99
CA ALA Y 134 -54.17 -81.72 -6.90
C ALA Y 134 -53.13 -80.95 -7.69
N SER Y 135 -52.04 -80.55 -7.01
CA SER Y 135 -50.95 -79.87 -7.72
C SER Y 135 -50.32 -80.79 -8.75
N LEU Y 136 -50.20 -82.08 -8.45
CA LEU Y 136 -49.65 -83.03 -9.42
C LEU Y 136 -50.54 -83.16 -10.64
N GLN Y 137 -51.86 -83.21 -10.42
CA GLN Y 137 -52.79 -83.27 -11.54
C GLN Y 137 -52.70 -82.00 -12.38
N LYS Y 138 -52.62 -80.83 -11.73
CA LYS Y 138 -52.49 -79.58 -12.45
C LYS Y 138 -51.18 -79.54 -13.24
N LEU Y 139 -50.11 -80.05 -12.66
CA LEU Y 139 -48.83 -80.15 -13.37
C LEU Y 139 -48.95 -81.04 -14.60
N GLN Y 140 -49.62 -82.18 -14.46
CA GLN Y 140 -49.78 -83.08 -15.60
C GLN Y 140 -50.56 -82.40 -16.73
N GLU Y 141 -51.67 -81.74 -16.37
CA GLU Y 141 -52.45 -81.04 -17.39
C GLU Y 141 -51.65 -79.91 -18.04
N ARG Y 142 -50.89 -79.17 -17.23
CA ARG Y 142 -50.09 -78.07 -17.77
C ARG Y 142 -49.01 -78.57 -18.71
N ARG Y 143 -48.36 -79.69 -18.35
CA ARG Y 143 -47.36 -80.27 -19.24
C ARG Y 143 -47.99 -80.76 -20.54
N ASP Y 144 -49.18 -81.35 -20.45
CA ASP Y 144 -49.88 -81.77 -21.66
C ASP Y 144 -50.20 -80.58 -22.55
N GLN Y 145 -50.61 -79.45 -21.94
CA GLN Y 145 -50.86 -78.25 -22.73
C GLN Y 145 -49.57 -77.71 -23.34
N GLU Y 146 -48.47 -77.79 -22.57
CA GLU Y 146 -47.16 -77.39 -23.09
C GLU Y 146 -46.80 -78.16 -24.35
N LEU Y 147 -46.91 -79.49 -24.30
CA LEU Y 147 -46.57 -80.30 -25.46
C LEU Y 147 -47.57 -80.15 -26.59
N ARG Y 148 -48.73 -79.55 -26.33
CA ARG Y 148 -49.74 -79.36 -27.37
C ARG Y 148 -49.32 -78.26 -28.33
N ASN Z 16 9.77 37.98 -91.03
CA ASN Z 16 8.33 38.19 -90.89
C ASN Z 16 7.76 37.37 -89.75
N ILE Z 17 8.28 37.60 -88.54
CA ILE Z 17 7.80 36.90 -87.36
C ILE Z 17 6.39 37.35 -87.06
N LYS Z 18 5.45 36.40 -87.00
CA LYS Z 18 4.05 36.71 -86.77
C LYS Z 18 3.40 35.63 -85.93
N ILE Z 19 2.28 35.99 -85.33
CA ILE Z 19 1.46 35.09 -84.52
C ILE Z 19 0.27 34.63 -85.35
N MET Z 20 0.01 33.32 -85.28
CA MET Z 20 -1.02 32.62 -86.03
C MET Z 20 -2.03 32.04 -85.05
N ARG Z 21 -3.31 32.26 -85.33
CA ARG Z 21 -4.38 31.62 -84.56
C ARG Z 21 -5.01 30.55 -85.45
N LEU Z 22 -4.89 29.30 -85.03
CA LEU Z 22 -5.45 28.17 -85.75
C LEU Z 22 -6.89 27.91 -85.32
N VAL Z 23 -7.60 27.13 -86.13
CA VAL Z 23 -8.98 26.80 -85.83
C VAL Z 23 -9.09 25.98 -84.56
N THR Z 24 -8.05 25.22 -84.23
CA THR Z 24 -8.08 24.38 -83.03
C THR Z 24 -7.56 25.12 -81.81
N CYS Z 25 -8.10 26.32 -81.58
CA CYS Z 25 -7.79 27.18 -80.44
C CYS Z 25 -6.30 27.13 -80.06
N GLU Z 26 -5.46 27.41 -81.05
CA GLU Z 26 -4.01 27.32 -80.89
C GLU Z 26 -3.36 28.61 -81.35
N ASP Z 27 -2.37 29.07 -80.59
CA ASP Z 27 -1.59 30.26 -80.92
C ASP Z 27 -0.15 29.83 -81.15
N ILE Z 28 0.36 30.10 -82.35
CA ILE Z 28 1.71 29.68 -82.73
C ILE Z 28 2.44 30.84 -83.38
N ILE Z 29 3.65 31.12 -82.93
CA ILE Z 29 4.48 32.19 -83.48
C ILE Z 29 5.52 31.58 -84.40
N GLY Z 30 5.79 32.25 -85.52
CA GLY Z 30 6.78 31.74 -86.45
C GLY Z 30 7.01 32.72 -87.58
N ASN Z 31 8.00 32.40 -88.41
CA ASN Z 31 8.32 33.20 -89.57
C ASN Z 31 7.44 32.72 -90.73
N ILE Z 32 6.55 33.56 -91.20
CA ILE Z 32 5.53 33.14 -92.16
C ILE Z 32 5.78 33.82 -93.50
N SER Z 33 5.38 33.12 -94.56
CA SER Z 33 5.38 33.63 -95.93
C SER Z 33 4.00 33.40 -96.52
N GLU Z 34 3.41 34.44 -97.09
CA GLU Z 34 2.02 34.43 -97.51
C GLU Z 34 1.93 34.31 -99.02
N SER Z 35 1.13 33.36 -99.49
CA SER Z 35 0.84 33.16 -100.90
C SER Z 35 -0.66 33.34 -101.11
N GLN Z 36 -1.10 33.22 -102.37
CA GLN Z 36 -2.48 33.55 -102.71
C GLN Z 36 -3.47 32.65 -101.99
N GLY Z 37 -3.17 31.37 -101.83
CA GLY Z 37 -4.11 30.45 -101.24
C GLY Z 37 -3.61 29.77 -99.98
N LEU Z 38 -2.29 29.62 -99.86
CA LEU Z 38 -1.69 28.89 -98.75
C LEU Z 38 -0.53 29.72 -98.19
N ILE Z 39 -0.14 29.39 -96.97
CA ILE Z 39 0.97 30.09 -96.31
C ILE Z 39 1.94 29.07 -95.76
N THR Z 40 3.22 29.44 -95.75
CA THR Z 40 4.29 28.62 -95.21
C THR Z 40 4.78 29.21 -93.90
N ILE Z 41 5.18 28.35 -92.98
CA ILE Z 41 5.63 28.79 -91.66
C ILE Z 41 6.92 28.05 -91.32
N LYS Z 42 7.84 28.76 -90.68
CA LYS Z 42 9.11 28.19 -90.22
C LYS Z 42 9.30 28.51 -88.75
N LYS Z 43 9.87 27.55 -88.02
CA LYS Z 43 10.16 27.67 -86.60
C LYS Z 43 8.91 28.04 -85.81
N ALA Z 44 7.83 27.30 -86.05
CA ALA Z 44 6.60 27.51 -85.31
C ALA Z 44 6.76 27.08 -83.86
N PHE Z 45 6.07 27.79 -82.97
CA PHE Z 45 6.13 27.48 -81.54
C PHE Z 45 4.78 27.79 -80.91
N VAL Z 46 4.18 26.77 -80.28
CA VAL Z 46 2.95 26.97 -79.54
C VAL Z 46 3.26 27.72 -78.24
N ILE Z 47 2.33 28.58 -77.84
CA ILE Z 47 2.48 29.42 -76.67
C ILE Z 47 1.53 28.90 -75.59
N ILE Z 48 2.09 28.54 -74.44
CA ILE Z 48 1.36 28.05 -73.29
C ILE Z 48 1.40 29.13 -72.21
N PRO Z 49 0.26 29.70 -71.81
CA PRO Z 49 0.20 30.73 -70.77
C PRO Z 49 0.58 30.20 -69.39
N LEU Z 60 5.17 32.99 -69.90
CA LEU Z 60 4.83 32.26 -71.12
C LEU Z 60 5.80 31.12 -71.36
N VAL Z 61 5.33 30.08 -72.05
CA VAL Z 61 6.14 28.91 -72.37
C VAL Z 61 6.06 28.68 -73.86
N LEU Z 62 7.20 28.45 -74.50
CA LEU Z 62 7.27 28.16 -75.92
C LEU Z 62 7.56 26.67 -76.12
N CYS Z 63 6.74 26.01 -76.93
CA CYS Z 63 6.91 24.59 -77.18
C CYS Z 63 6.97 24.34 -78.68
N PRO Z 64 7.79 23.40 -79.14
CA PRO Z 64 7.80 23.08 -80.58
C PRO Z 64 6.43 22.66 -81.06
N TRP Z 65 6.04 23.17 -82.23
CA TRP Z 65 4.70 22.90 -82.75
C TRP Z 65 4.58 21.47 -83.24
N GLN Z 66 5.57 21.00 -84.00
CA GLN Z 66 5.55 19.69 -84.62
C GLN Z 66 6.83 18.95 -84.27
N PRO Z 67 6.93 18.39 -83.06
CA PRO Z 67 8.14 17.68 -82.68
C PRO Z 67 8.15 16.24 -83.19
N TYR Z 68 7.76 16.07 -84.45
CA TYR Z 68 7.75 14.76 -85.09
C TYR Z 68 8.33 14.78 -86.50
N THR Z 69 8.58 15.95 -87.08
CA THR Z 69 9.10 16.07 -88.43
C THR Z 69 10.41 16.85 -88.43
N ASP Z 70 11.21 16.60 -89.47
CA ASP Z 70 12.47 17.29 -89.68
C ASP Z 70 12.38 18.34 -90.77
N ASP Z 71 11.18 18.60 -91.29
CA ASP Z 71 11.01 19.57 -92.36
C ASP Z 71 11.30 20.98 -91.86
N LYS Z 72 11.93 21.78 -92.73
CA LYS Z 72 12.28 23.14 -92.35
C LYS Z 72 11.04 24.04 -92.30
N GLU Z 73 10.10 23.85 -93.23
CA GLU Z 73 8.91 24.68 -93.32
C GLU Z 73 7.67 23.81 -93.44
N ILE Z 74 6.55 24.34 -92.98
CA ILE Z 74 5.26 23.66 -93.01
C ILE Z 74 4.28 24.52 -93.78
N VAL Z 75 3.60 23.91 -94.74
CA VAL Z 75 2.60 24.59 -95.56
C VAL Z 75 1.22 24.34 -94.97
N ILE Z 76 0.34 25.34 -95.04
CA ILE Z 76 -1.00 25.23 -94.48
C ILE Z 76 -1.94 26.14 -95.26
N ASP Z 77 -3.15 25.63 -95.51
CA ASP Z 77 -4.16 26.38 -96.24
C ASP Z 77 -4.65 27.57 -95.41
N ASP Z 78 -5.00 28.65 -96.10
CA ASP Z 78 -5.47 29.86 -95.45
C ASP Z 78 -6.90 29.74 -94.94
N SER Z 79 -7.65 28.71 -95.34
CA SER Z 79 -9.01 28.54 -94.87
C SER Z 79 -9.05 28.14 -93.39
N LYS Z 80 -7.94 27.63 -92.85
CA LYS Z 80 -7.86 27.26 -91.44
C LYS Z 80 -7.24 28.38 -90.59
N VAL Z 81 -7.32 29.61 -91.08
CA VAL Z 81 -6.74 30.78 -90.41
C VAL Z 81 -7.83 31.53 -89.68
N ILE Z 82 -7.57 31.90 -88.43
CA ILE Z 82 -8.50 32.73 -87.67
C ILE Z 82 -7.98 34.15 -87.70
N THR Z 83 -6.79 34.37 -87.14
CA THR Z 83 -6.16 35.69 -87.13
C THR Z 83 -4.66 35.57 -87.39
N ILE Z 84 -4.13 36.53 -88.15
CA ILE Z 84 -2.70 36.74 -88.32
C ILE Z 84 -2.37 38.08 -87.66
N THR Z 85 -1.28 38.13 -86.91
CA THR Z 85 -0.98 39.38 -86.22
C THR Z 85 0.51 39.53 -86.01
N SER Z 86 0.94 40.76 -85.72
CA SER Z 86 2.33 41.06 -85.44
C SER Z 86 2.55 41.07 -83.93
N PRO Z 87 3.48 40.30 -83.40
CA PRO Z 87 3.67 40.22 -81.95
C PRO Z 87 4.40 41.44 -81.40
N LYS Z 88 4.58 41.44 -80.09
CA LYS Z 88 5.31 42.51 -79.41
C LYS Z 88 6.81 42.27 -79.52
N ASP Z 89 7.57 43.30 -79.14
CA ASP Z 89 9.03 43.20 -79.22
C ASP Z 89 9.59 42.19 -78.23
N ASP Z 90 9.00 42.13 -77.03
CA ASP Z 90 9.47 41.18 -76.03
C ASP Z 90 9.29 39.74 -76.50
N ILE Z 91 8.14 39.45 -77.13
CA ILE Z 91 7.88 38.12 -77.63
C ILE Z 91 8.88 37.75 -78.72
N ILE Z 92 9.17 38.70 -79.62
CA ILE Z 92 10.14 38.45 -80.68
C ILE Z 92 11.52 38.18 -80.09
N LYS Z 93 11.91 38.97 -79.08
CA LYS Z 93 13.20 38.76 -78.44
C LYS Z 93 13.29 37.38 -77.79
N SER Z 94 12.22 36.97 -77.09
CA SER Z 94 12.20 35.66 -76.46
C SER Z 94 12.26 34.55 -77.51
N TYR Z 95 11.55 34.72 -78.63
CA TYR Z 95 11.59 33.74 -79.70
C TYR Z 95 12.98 33.61 -80.29
N GLU Z 96 13.64 34.75 -80.52
CA GLU Z 96 15.02 34.71 -81.03
C GLU Z 96 15.96 34.03 -80.06
N SER Z 97 15.85 34.35 -78.77
CA SER Z 97 16.71 33.73 -77.77
C SER Z 97 16.49 32.22 -77.72
N HIS Z 98 15.22 31.80 -77.76
CA HIS Z 98 14.91 30.38 -77.73
C HIS Z 98 15.51 29.65 -78.92
N THR Z 99 15.34 30.21 -80.13
CA THR Z 99 15.89 29.56 -81.32
C THR Z 99 17.41 29.50 -81.25
N ARG Z 100 18.05 30.58 -80.81
CA ARG Z 100 19.51 30.58 -80.72
C ARG Z 100 20.01 29.54 -79.72
N VAL Z 101 19.33 29.44 -78.57
CA VAL Z 101 19.72 28.45 -77.57
C VAL Z 101 19.56 27.04 -78.12
N LEU Z 102 18.46 26.78 -78.82
CA LEU Z 102 18.25 25.45 -79.40
C LEU Z 102 19.34 25.11 -80.41
N GLU Z 103 19.69 26.07 -81.27
CA GLU Z 103 20.73 25.80 -82.26
C GLU Z 103 22.09 25.57 -81.61
N ASN Z 104 22.40 26.33 -80.57
CA ASN Z 104 23.65 26.12 -79.85
C ASN Z 104 23.69 24.74 -79.20
N LYS Z 105 22.57 24.32 -78.61
CA LYS Z 105 22.51 22.97 -78.04
C LYS Z 105 22.72 21.91 -79.11
N GLN Z 106 22.12 22.11 -80.28
CA GLN Z 106 22.26 21.14 -81.36
C GLN Z 106 23.72 21.02 -81.81
N VAL Z 107 24.39 22.17 -81.99
CA VAL Z 107 25.78 22.12 -82.47
C VAL Z 107 26.69 21.53 -81.39
N GLU Z 108 26.42 21.83 -80.12
CA GLU Z 108 27.21 21.23 -79.05
C GLU Z 108 27.04 19.72 -79.03
N GLU Z 109 25.80 19.24 -79.20
CA GLU Z 109 25.57 17.80 -79.25
C GLU Z 109 26.29 17.16 -80.44
N ILE Z 110 26.29 17.85 -81.57
CA ILE Z 110 26.99 17.33 -82.75
C ILE Z 110 28.48 17.19 -82.47
N LEU Z 111 29.07 18.21 -81.83
CA LEU Z 111 30.49 18.13 -81.49
C LEU Z 111 30.78 16.99 -80.51
N ARG Z 112 29.91 16.84 -79.50
CA ARG Z 112 30.09 15.76 -78.55
C ARG Z 112 30.04 14.41 -79.24
N LEU Z 113 29.10 14.24 -80.16
CA LEU Z 113 29.01 12.97 -80.89
C LEU Z 113 30.23 12.75 -81.77
N GLU Z 114 30.74 13.81 -82.40
CA GLU Z 114 31.99 13.71 -83.14
C GLU Z 114 33.10 13.13 -82.28
N LYS Z 115 33.30 13.73 -81.10
CA LYS Z 115 34.38 13.27 -80.22
C LYS Z 115 34.15 11.83 -79.79
N GLU Z 116 32.92 11.49 -79.42
CA GLU Z 116 32.63 10.14 -78.94
C GLU Z 116 32.88 9.10 -80.03
N ILE Z 117 32.41 9.36 -81.25
CA ILE Z 117 32.58 8.38 -82.32
C ILE Z 117 34.05 8.25 -82.69
N GLU Z 118 34.80 9.36 -82.67
CA GLU Z 118 36.23 9.27 -82.95
C GLU Z 118 36.94 8.41 -81.92
N ASP Z 119 36.65 8.64 -80.64
CA ASP Z 119 37.28 7.86 -79.58
C ASP Z 119 36.92 6.39 -79.71
N LEU Z 120 35.64 6.10 -79.95
CA LEU Z 120 35.21 4.71 -80.06
C LEU Z 120 35.87 4.01 -81.25
N GLN Z 121 35.96 4.69 -82.39
CA GLN Z 121 36.59 4.10 -83.55
C GLN Z 121 38.07 3.83 -83.30
N ARG Z 122 38.77 4.77 -82.67
CA ARG Z 122 40.18 4.56 -82.38
C ARG Z 122 40.39 3.38 -81.46
N MET Z 123 39.61 3.30 -80.39
CA MET Z 123 39.79 2.20 -79.43
C MET Z 123 39.42 0.87 -80.07
N LYS Z 124 38.38 0.86 -80.91
CA LYS Z 124 38.00 -0.36 -81.61
C LYS Z 124 39.09 -0.82 -82.56
N GLU Z 125 39.72 0.11 -83.28
CA GLU Z 125 40.82 -0.25 -84.15
C GLU Z 125 42.00 -0.80 -83.36
N GLN Z 126 42.29 -0.20 -82.20
CA GLN Z 126 43.35 -0.72 -81.34
C GLN Z 126 43.03 -2.14 -80.89
N GLN Z 127 41.78 -2.40 -80.51
CA GLN Z 127 41.40 -3.76 -80.13
C GLN Z 127 41.54 -4.73 -81.30
N GLU Z 128 41.15 -4.29 -82.50
CA GLU Z 128 41.26 -5.16 -83.67
C GLU Z 128 42.72 -5.48 -84.01
N LEU Z 129 43.63 -4.55 -83.74
CA LEU Z 129 45.03 -4.76 -84.10
C LEU Z 129 45.62 -5.97 -83.38
N SER Z 130 45.33 -6.11 -82.09
CA SER Z 130 45.90 -7.19 -81.27
C SER Z 130 45.01 -8.43 -81.33
N LEU Z 131 44.96 -9.03 -82.49
CA LEU Z 131 44.14 -10.21 -82.73
C LEU Z 131 45.00 -11.35 -83.28
N THR Z 132 44.38 -12.51 -83.45
CA THR Z 132 45.00 -13.72 -83.98
C THR Z 132 44.40 -14.01 -85.35
N GLU Z 133 45.23 -14.53 -86.26
CA GLU Z 133 44.80 -14.77 -87.63
C GLU Z 133 43.54 -15.63 -87.70
N ALA Z 134 43.54 -16.75 -86.96
CA ALA Z 134 42.37 -17.61 -86.93
C ALA Z 134 41.17 -16.88 -86.34
N SER Z 135 41.39 -16.09 -85.29
CA SER Z 135 40.31 -15.29 -84.72
C SER Z 135 39.80 -14.26 -85.72
N LEU Z 136 40.71 -13.68 -86.52
CA LEU Z 136 40.29 -12.72 -87.53
C LEU Z 136 39.43 -13.39 -88.59
N GLN Z 137 39.81 -14.59 -89.02
CA GLN Z 137 39.00 -15.32 -89.99
C GLN Z 137 37.63 -15.65 -89.41
N LYS Z 138 37.59 -16.09 -88.14
CA LYS Z 138 36.32 -16.38 -87.50
C LYS Z 138 35.46 -15.14 -87.38
N LEU Z 139 36.08 -13.99 -87.08
CA LEU Z 139 35.36 -12.73 -87.03
C LEU Z 139 34.77 -12.37 -88.39
N GLN Z 140 35.55 -12.56 -89.46
CA GLN Z 140 35.06 -12.26 -90.80
C GLN Z 140 33.85 -13.14 -91.14
N GLU Z 141 33.96 -14.45 -90.87
CA GLU Z 141 32.84 -15.34 -91.15
C GLU Z 141 31.62 -14.98 -90.30
N ARG Z 142 31.83 -14.64 -89.03
CA ARG Z 142 30.72 -14.28 -88.16
C ARG Z 142 30.04 -13.01 -88.63
N ARG Z 143 30.81 -12.01 -89.06
CA ARG Z 143 30.22 -10.79 -89.59
C ARG Z 143 29.44 -11.06 -90.88
N ASP Z 144 29.98 -11.94 -91.73
CA ASP Z 144 29.25 -12.31 -92.93
C ASP Z 144 27.92 -12.98 -92.59
N GLN Z 145 27.92 -13.85 -91.57
CA GLN Z 145 26.67 -14.47 -91.14
C GLN Z 145 25.73 -13.43 -90.55
N GLU Z 146 26.27 -12.46 -89.81
CA GLU Z 146 25.45 -11.37 -89.27
C GLU Z 146 24.73 -10.62 -90.38
N LEU Z 147 25.46 -10.22 -91.42
CA LEU Z 147 24.84 -9.49 -92.52
C LEU Z 147 23.92 -10.37 -93.36
N ARG Z 148 23.98 -11.69 -93.20
CA ARG Z 148 23.13 -12.59 -93.95
C ARG Z 148 21.69 -12.54 -93.44
N ASN AA 16 18.64 -73.22 -64.16
CA ASN AA 16 17.46 -72.68 -64.83
C ASN AA 16 16.67 -71.77 -63.90
N ILE AA 17 17.32 -70.71 -63.42
CA ILE AA 17 16.67 -69.75 -62.54
C ILE AA 17 15.63 -68.98 -63.34
N LYS AA 18 14.38 -69.02 -62.88
CA LYS AA 18 13.28 -68.38 -63.57
C LYS AA 18 12.28 -67.81 -62.57
N ILE AA 19 11.48 -66.87 -63.07
CA ILE AA 19 10.41 -66.24 -62.30
C ILE AA 19 9.08 -66.86 -62.69
N MET AA 20 8.28 -67.16 -61.67
CA MET AA 20 7.00 -67.85 -61.76
C MET AA 20 5.91 -66.90 -61.27
N ARG AA 21 4.84 -66.77 -62.05
CA ARG AA 21 3.66 -66.03 -61.63
C ARG AA 21 2.55 -67.04 -61.31
N LEU AA 22 2.15 -67.08 -60.05
CA LEU AA 22 1.10 -67.99 -59.61
C LEU AA 22 -0.27 -67.35 -59.75
N VAL AA 23 -1.31 -68.17 -59.69
CA VAL AA 23 -2.67 -67.68 -59.83
C VAL AA 23 -3.03 -66.76 -58.67
N THR AA 24 -2.41 -66.94 -57.51
CA THR AA 24 -2.72 -66.12 -56.34
C THR AA 24 -1.83 -64.88 -56.29
N CYS AA 25 -1.77 -64.16 -57.41
CA CYS AA 25 -1.03 -62.89 -57.55
C CYS AA 25 0.30 -62.93 -56.80
N GLU AA 26 1.11 -63.93 -57.11
CA GLU AA 26 2.37 -64.15 -56.43
C GLU AA 26 3.49 -64.31 -57.44
N ASP AA 27 4.63 -63.70 -57.15
CA ASP AA 27 5.83 -63.80 -57.98
C ASP AA 27 6.92 -64.50 -57.17
N ILE AA 28 7.41 -65.62 -57.67
CA ILE AA 28 8.40 -66.42 -56.97
C ILE AA 28 9.51 -66.82 -57.92
N ILE AA 29 10.75 -66.59 -57.52
CA ILE AA 29 11.92 -66.94 -58.33
C ILE AA 29 12.52 -68.23 -57.78
N GLY AA 30 12.97 -69.10 -58.69
CA GLY AA 30 13.58 -70.35 -58.25
C GLY AA 30 14.11 -71.12 -59.44
N ASN AA 31 14.79 -72.22 -59.12
CA ASN AA 31 15.35 -73.10 -60.14
C ASN AA 31 14.27 -74.11 -60.51
N ILE AA 32 13.79 -74.05 -61.75
CA ILE AA 32 12.64 -74.83 -62.17
C ILE AA 32 13.05 -75.89 -63.17
N SER AA 33 12.31 -77.00 -63.15
CA SER AA 33 12.44 -78.07 -64.12
C SER AA 33 11.05 -78.37 -64.68
N GLU AA 34 10.94 -78.41 -66.00
CA GLU AA 34 9.66 -78.47 -66.68
C GLU AA 34 9.41 -79.87 -67.21
N SER AA 35 8.24 -80.42 -66.91
CA SER AA 35 7.79 -81.71 -67.41
C SER AA 35 6.51 -81.49 -68.22
N GLN AA 36 5.97 -82.58 -68.77
CA GLN AA 36 4.86 -82.46 -69.71
C GLN AA 36 3.62 -81.86 -69.05
N GLY AA 37 3.35 -82.21 -67.80
CA GLY AA 37 2.15 -81.73 -67.15
C GLY AA 37 2.39 -80.92 -65.89
N LEU AA 38 3.50 -81.18 -65.21
CA LEU AA 38 3.81 -80.55 -63.94
C LEU AA 38 5.25 -80.03 -63.98
N ILE AA 39 5.56 -79.11 -63.08
CA ILE AA 39 6.90 -78.54 -62.97
C ILE AA 39 7.37 -78.60 -61.54
N THR AA 40 8.67 -78.77 -61.37
CA THR AA 40 9.30 -78.80 -60.05
C THR AA 40 10.11 -77.53 -59.85
N ILE AA 41 10.16 -77.06 -58.61
CA ILE AA 41 10.85 -75.82 -58.27
C ILE AA 41 11.70 -76.05 -57.03
N LYS AA 42 12.89 -75.45 -57.03
CA LYS AA 42 13.80 -75.51 -55.90
C LYS AA 42 14.23 -74.11 -55.51
N LYS AA 43 14.37 -73.90 -54.20
CA LYS AA 43 14.80 -72.62 -53.63
C LYS AA 43 13.89 -71.48 -54.10
N ALA AA 44 12.59 -71.69 -53.98
CA ALA AA 44 11.63 -70.66 -54.34
C ALA AA 44 11.69 -69.51 -53.33
N PHE AA 45 11.46 -68.30 -53.83
CA PHE AA 45 11.46 -67.10 -52.99
C PHE AA 45 10.45 -66.11 -53.50
N VAL AA 46 9.51 -65.72 -52.63
CA VAL AA 46 8.56 -64.67 -52.97
C VAL AA 46 9.25 -63.33 -52.97
N ILE AA 47 8.83 -62.46 -53.88
CA ILE AA 47 9.42 -61.13 -54.07
C ILE AA 47 8.43 -60.11 -53.55
N ILE AA 48 8.86 -59.30 -52.59
CA ILE AA 48 8.07 -58.23 -52.00
C ILE AA 48 8.66 -56.91 -52.46
N PRO AA 49 7.93 -56.08 -53.21
CA PRO AA 49 8.40 -54.78 -53.69
C PRO AA 49 8.60 -53.78 -52.55
N LEU AA 60 13.91 -54.42 -53.36
CA LEU AA 60 13.19 -55.69 -53.35
C LEU AA 60 13.54 -56.51 -52.12
N VAL AA 61 12.61 -57.37 -51.70
CA VAL AA 61 12.80 -58.24 -50.55
C VAL AA 61 12.51 -59.67 -50.98
N LEU AA 62 13.39 -60.60 -50.61
CA LEU AA 62 13.21 -62.01 -50.90
C LEU AA 62 12.81 -62.73 -49.63
N CYS AA 63 11.72 -63.51 -49.71
CA CYS AA 63 11.23 -64.24 -48.56
C CYS AA 63 11.06 -65.70 -48.91
N PRO AA 64 11.35 -66.63 -48.00
CA PRO AA 64 11.12 -68.05 -48.30
C PRO AA 64 9.66 -68.31 -48.64
N TRP AA 65 9.45 -69.11 -49.69
CA TRP AA 65 8.10 -69.36 -50.17
C TRP AA 65 7.33 -70.26 -49.22
N GLN AA 66 7.95 -71.33 -48.75
CA GLN AA 66 7.29 -72.33 -47.90
C GLN AA 66 8.16 -72.55 -46.67
N PRO AA 67 8.08 -71.65 -45.69
CA PRO AA 67 8.89 -71.82 -44.47
C PRO AA 67 8.23 -72.76 -43.48
N TYR AA 68 7.71 -73.88 -43.98
CA TYR AA 68 7.08 -74.89 -43.14
C TYR AA 68 7.51 -76.30 -43.50
N THR AA 69 8.20 -76.52 -44.61
CA THR AA 69 8.62 -77.84 -45.04
C THR AA 69 10.13 -77.90 -45.20
N ASP AA 70 10.66 -79.11 -45.10
CA ASP AA 70 12.07 -79.36 -45.29
C ASP AA 70 12.37 -80.01 -46.64
N ASP AA 71 11.37 -80.12 -47.51
CA ASP AA 71 11.57 -80.75 -48.81
C ASP AA 71 12.48 -79.90 -49.69
N LYS AA 72 13.33 -80.58 -50.47
CA LYS AA 72 14.27 -79.86 -51.32
C LYS AA 72 13.56 -79.23 -52.52
N GLU AA 73 12.57 -79.92 -53.07
CA GLU AA 73 11.86 -79.45 -54.25
C GLU AA 73 10.36 -79.55 -54.04
N ILE AA 74 9.62 -78.69 -54.73
CA ILE AA 74 8.17 -78.63 -54.66
C ILE AA 74 7.60 -78.83 -56.06
N VAL AA 75 6.65 -79.75 -56.19
CA VAL AA 75 6.00 -80.04 -57.46
C VAL AA 75 4.70 -79.25 -57.54
N ILE AA 76 4.35 -78.79 -58.74
CA ILE AA 76 3.15 -77.99 -58.92
C ILE AA 76 2.64 -78.18 -60.35
N ASP AA 77 1.31 -78.29 -60.47
CA ASP AA 77 0.69 -78.48 -61.77
C ASP AA 77 0.83 -77.22 -62.63
N ASP AA 78 0.94 -77.42 -63.94
CA ASP AA 78 1.09 -76.31 -64.87
C ASP AA 78 -0.20 -75.54 -65.10
N SER AA 79 -1.35 -76.07 -64.69
CA SER AA 79 -2.61 -75.36 -64.87
C SER AA 79 -2.71 -74.14 -63.96
N LYS AA 80 -1.90 -74.07 -62.91
CA LYS AA 80 -1.87 -72.93 -62.01
C LYS AA 80 -0.78 -71.94 -62.38
N VAL AA 81 -0.34 -71.94 -63.64
CA VAL AA 81 0.75 -71.09 -64.11
C VAL AA 81 0.15 -69.93 -64.88
N ILE AA 82 0.64 -68.72 -64.59
CA ILE AA 82 0.23 -67.53 -65.32
C ILE AA 82 1.32 -67.22 -66.34
N THR AA 83 2.52 -66.92 -65.85
CA THR AA 83 3.66 -66.63 -66.71
C THR AA 83 4.93 -67.26 -66.15
N ILE AA 84 5.77 -67.76 -67.05
CA ILE AA 84 7.13 -68.19 -66.75
C ILE AA 84 8.06 -67.24 -67.49
N THR AA 85 9.11 -66.78 -66.82
CA THR AA 85 9.99 -65.82 -67.49
C THR AA 85 11.41 -65.92 -66.96
N SER AA 86 12.35 -65.36 -67.72
CA SER AA 86 13.75 -65.33 -67.33
C SER AA 86 14.07 -64.00 -66.67
N PRO AA 87 14.60 -63.99 -65.45
CA PRO AA 87 14.83 -62.73 -64.74
C PRO AA 87 16.06 -62.01 -65.28
N LYS AA 88 16.33 -60.84 -64.68
CA LYS AA 88 17.49 -60.05 -65.03
C LYS AA 88 18.73 -60.58 -64.31
N ASP AA 89 19.89 -60.08 -64.73
CA ASP AA 89 21.15 -60.53 -64.13
C ASP AA 89 21.28 -60.08 -62.68
N ASP AA 90 20.82 -58.86 -62.38
CA ASP AA 90 20.90 -58.37 -61.01
C ASP AA 90 20.06 -59.23 -60.06
N ILE AA 91 18.86 -59.62 -60.51
CA ILE AA 91 18.01 -60.46 -59.68
C ILE AA 91 18.67 -61.82 -59.44
N ILE AA 92 19.27 -62.39 -60.47
CA ILE AA 92 19.95 -63.68 -60.32
C ILE AA 92 21.12 -63.56 -59.34
N LYS AA 93 21.88 -62.47 -59.45
CA LYS AA 93 23.00 -62.25 -58.53
C LYS AA 93 22.51 -62.12 -57.09
N SER AA 94 21.42 -61.36 -56.87
CA SER AA 94 20.88 -61.22 -55.53
C SER AA 94 20.38 -62.55 -54.99
N TYR AA 95 19.73 -63.34 -55.85
CA TYR AA 95 19.24 -64.66 -55.43
C TYR AA 95 20.40 -65.57 -55.03
N GLU AA 96 21.47 -65.57 -55.83
CA GLU AA 96 22.65 -66.37 -55.49
C GLU AA 96 23.26 -65.93 -54.17
N SER AA 97 23.40 -64.62 -53.97
CA SER AA 97 23.98 -64.11 -52.73
C SER AA 97 23.11 -64.50 -51.54
N HIS AA 98 21.79 -64.38 -51.67
CA HIS AA 98 20.89 -64.74 -50.59
C HIS AA 98 21.02 -66.21 -50.22
N THR AA 99 21.02 -67.09 -51.23
CA THR AA 99 21.15 -68.51 -50.96
C THR AA 99 22.49 -68.84 -50.30
N ARG AA 100 23.57 -68.25 -50.80
CA ARG AA 100 24.89 -68.50 -50.21
C ARG AA 100 24.94 -68.04 -48.76
N VAL AA 101 24.38 -66.86 -48.47
CA VAL AA 101 24.37 -66.36 -47.10
C VAL AA 101 23.57 -67.29 -46.19
N LEU AA 102 22.41 -67.75 -46.67
CA LEU AA 102 21.61 -68.66 -45.86
C LEU AA 102 22.35 -69.96 -45.57
N GLU AA 103 23.02 -70.52 -46.58
CA GLU AA 103 23.76 -71.76 -46.36
C GLU AA 103 24.91 -71.56 -45.39
N ASN AA 104 25.60 -70.43 -45.50
CA ASN AA 104 26.69 -70.13 -44.56
C ASN AA 104 26.16 -69.99 -43.14
N LYS AA 105 25.02 -69.33 -42.98
CA LYS AA 105 24.42 -69.23 -41.65
C LYS AA 105 24.07 -70.61 -41.10
N GLN AA 106 23.52 -71.48 -41.95
CA GLN AA 106 23.16 -72.83 -41.52
C GLN AA 106 24.38 -73.61 -41.05
N VAL AA 107 25.46 -73.57 -41.82
CA VAL AA 107 26.64 -74.34 -41.45
C VAL AA 107 27.29 -73.77 -40.19
N GLU AA 108 27.28 -72.44 -40.04
CA GLU AA 108 27.80 -71.83 -38.81
C GLU AA 108 26.98 -72.27 -37.60
N GLU AA 109 25.64 -72.31 -37.74
CA GLU AA 109 24.80 -72.76 -36.64
C GLU AA 109 25.07 -74.22 -36.30
N ILE AA 110 25.30 -75.04 -37.32
CA ILE AA 110 25.60 -76.45 -37.09
C ILE AA 110 26.90 -76.59 -36.30
N LEU AA 111 27.92 -75.81 -36.68
CA LEU AA 111 29.19 -75.86 -35.95
C LEU AA 111 29.02 -75.40 -34.50
N ARG AA 112 28.25 -74.33 -34.30
CA ARG AA 112 28.00 -73.84 -32.94
C ARG AA 112 27.32 -74.91 -32.11
N LEU AA 113 26.33 -75.59 -32.68
CA LEU AA 113 25.64 -76.65 -31.95
C LEU AA 113 26.57 -77.82 -31.65
N GLU AA 114 27.45 -78.16 -32.60
CA GLU AA 114 28.46 -79.18 -32.34
C GLU AA 114 29.27 -78.83 -31.10
N LYS AA 115 29.81 -77.61 -31.05
CA LYS AA 115 30.62 -77.20 -29.91
C LYS AA 115 29.83 -77.23 -28.62
N GLU AA 116 28.59 -76.72 -28.66
CA GLU AA 116 27.78 -76.65 -27.45
C GLU AA 116 27.46 -78.04 -26.91
N ILE AA 117 27.07 -78.96 -27.79
CA ILE AA 117 26.72 -80.30 -27.32
C ILE AA 117 27.95 -81.03 -26.81
N GLU AA 118 29.10 -80.82 -27.45
CA GLU AA 118 30.32 -81.45 -26.94
C GLU AA 118 30.66 -80.95 -25.55
N ASP AA 119 30.59 -79.63 -25.33
CA ASP AA 119 30.90 -79.07 -24.03
C ASP AA 119 29.92 -79.59 -22.98
N LEU AA 120 28.63 -79.60 -23.31
CA LEU AA 120 27.62 -80.06 -22.37
C LEU AA 120 27.83 -81.52 -22.00
N GLN AA 121 28.12 -82.36 -23.00
CA GLN AA 121 28.33 -83.78 -22.72
C GLN AA 121 29.55 -83.98 -21.83
N ARG AA 122 30.64 -83.26 -22.11
CA ARG AA 122 31.85 -83.41 -21.28
C ARG AA 122 31.58 -82.99 -19.84
N MET AA 123 30.92 -81.85 -19.65
CA MET AA 123 30.68 -81.38 -18.29
C MET AA 123 29.70 -82.31 -17.56
N LYS AA 124 28.70 -82.84 -18.28
CA LYS AA 124 27.78 -83.79 -17.68
C LYS AA 124 28.49 -85.06 -17.25
N GLU AA 125 29.40 -85.57 -18.09
CA GLU AA 125 30.17 -86.75 -17.71
C GLU AA 125 31.03 -86.47 -16.49
N GLN AA 126 31.64 -85.29 -16.43
CA GLN AA 126 32.43 -84.92 -15.25
C GLN AA 126 31.56 -84.90 -14.01
N GLN AA 127 30.35 -84.35 -14.10
CA GLN AA 127 29.43 -84.35 -12.97
C GLN AA 127 29.07 -85.76 -12.56
N GLU AA 128 28.82 -86.64 -13.55
CA GLU AA 128 28.44 -88.02 -13.25
C GLU AA 128 29.58 -88.77 -12.56
N LEU AA 129 30.83 -88.43 -12.90
CA LEU AA 129 31.96 -89.17 -12.33
C LEU AA 129 32.00 -89.03 -10.81
N SER AA 130 31.77 -87.83 -10.29
CA SER AA 130 31.88 -87.57 -8.85
C SER AA 130 30.54 -87.81 -8.17
N LEU AA 131 30.13 -89.07 -8.15
CA LEU AA 131 28.87 -89.48 -7.56
C LEU AA 131 29.10 -90.56 -6.50
N THR AA 132 28.01 -90.94 -5.84
CA THR AA 132 28.01 -91.97 -4.81
C THR AA 132 27.24 -93.18 -5.32
N GLU AA 133 27.69 -94.38 -4.93
CA GLU AA 133 27.09 -95.61 -5.45
C GLU AA 133 25.58 -95.65 -5.22
N ALA AA 134 25.15 -95.35 -3.99
CA ALA AA 134 23.72 -95.31 -3.71
C ALA AA 134 23.01 -94.26 -4.54
N SER AA 135 23.64 -93.09 -4.69
CA SER AA 135 23.06 -92.05 -5.54
C SER AA 135 22.99 -92.51 -6.99
N LEU AA 136 23.99 -93.26 -7.45
CA LEU AA 136 23.97 -93.78 -8.82
C LEU AA 136 22.82 -94.77 -9.00
N GLN AA 137 22.60 -95.64 -8.02
CA GLN AA 137 21.48 -96.58 -8.10
C GLN AA 137 20.15 -95.82 -8.11
N LYS AA 138 20.02 -94.80 -7.25
CA LYS AA 138 18.80 -94.01 -7.24
C LYS AA 138 18.60 -93.29 -8.57
N LEU AA 139 19.67 -92.78 -9.16
CA LEU AA 139 19.59 -92.16 -10.48
C LEU AA 139 19.11 -93.15 -11.53
N GLN AA 140 19.65 -94.37 -11.50
CA GLN AA 140 19.23 -95.38 -12.47
C GLN AA 140 17.75 -95.70 -12.32
N GLU AA 141 17.29 -95.90 -11.09
CA GLU AA 141 15.87 -96.18 -10.87
C GLU AA 141 15.00 -95.01 -11.30
N ARG AA 142 15.43 -93.78 -11.00
CA ARG AA 142 14.66 -92.60 -11.37
C ARG AA 142 14.57 -92.45 -12.88
N ARG AA 143 15.68 -92.71 -13.59
CA ARG AA 143 15.64 -92.65 -15.06
C ARG AA 143 14.73 -93.73 -15.63
N ASP AA 144 14.76 -94.94 -15.03
CA ASP AA 144 13.84 -95.98 -15.47
C ASP AA 144 12.40 -95.58 -15.27
N GLN AA 145 12.10 -94.92 -14.14
CA GLN AA 145 10.73 -94.43 -13.93
C GLN AA 145 10.39 -93.33 -14.92
N GLU AA 146 11.35 -92.46 -15.24
CA GLU AA 146 11.14 -91.43 -16.24
C GLU AA 146 10.74 -92.03 -17.58
N LEU AA 147 11.50 -93.02 -18.05
CA LEU AA 147 11.17 -93.64 -19.33
C LEU AA 147 9.91 -94.47 -19.28
N ARG AA 148 9.39 -94.77 -18.08
CA ARG AA 148 8.19 -95.56 -17.95
C ARG AA 148 6.95 -94.75 -18.32
N ASN BA 16 -20.25 -87.03 42.90
CA ASN BA 16 -21.11 -87.20 41.74
C ASN BA 16 -21.35 -85.86 41.05
N ILE BA 17 -20.27 -85.23 40.60
CA ILE BA 17 -20.37 -83.96 39.90
C ILE BA 17 -21.02 -84.19 38.54
N LYS BA 18 -22.12 -83.47 38.29
CA LYS BA 18 -22.88 -83.66 37.06
C LYS BA 18 -23.44 -82.32 36.61
N ILE BA 19 -23.80 -82.27 35.32
CA ILE BA 19 -24.41 -81.11 34.69
C ILE BA 19 -25.91 -81.36 34.56
N MET BA 20 -26.68 -80.33 34.91
CA MET BA 20 -28.13 -80.34 34.96
C MET BA 20 -28.65 -79.33 33.95
N ARG BA 21 -29.61 -79.74 33.12
CA ARG BA 21 -30.31 -78.83 32.23
C ARG BA 21 -31.71 -78.61 32.78
N LEU BA 22 -32.01 -77.37 33.17
CA LEU BA 22 -33.32 -77.02 33.71
C LEU BA 22 -34.27 -76.61 32.59
N VAL BA 23 -35.56 -76.58 32.92
CA VAL BA 23 -36.57 -76.22 31.93
C VAL BA 23 -36.41 -74.78 31.48
N THR BA 24 -35.84 -73.92 32.34
CA THR BA 24 -35.67 -72.51 32.00
C THR BA 24 -34.32 -72.26 31.32
N CYS BA 25 -34.04 -73.07 30.28
CA CYS BA 25 -32.84 -72.97 29.45
C CYS BA 25 -31.60 -72.60 30.27
N GLU BA 26 -31.34 -73.40 31.30
CA GLU BA 26 -30.26 -73.15 32.24
C GLU BA 26 -29.40 -74.39 32.39
N ASP BA 27 -28.08 -74.20 32.42
CA ASP BA 27 -27.12 -75.27 32.63
C ASP BA 27 -26.39 -75.01 33.94
N ILE BA 28 -26.48 -75.96 34.87
CA ILE BA 28 -25.90 -75.80 36.19
C ILE BA 28 -25.14 -77.08 36.57
N ILE BA 29 -23.90 -76.93 37.01
CA ILE BA 29 -23.07 -78.05 37.43
C ILE BA 29 -23.06 -78.12 38.95
N GLY BA 30 -23.11 -79.34 39.48
CA GLY BA 30 -23.09 -79.49 40.92
C GLY BA 30 -23.03 -80.96 41.30
N ASN BA 31 -22.87 -81.18 42.61
CA ASN BA 31 -22.84 -82.54 43.15
C ASN BA 31 -24.28 -82.96 43.44
N ILE BA 32 -24.77 -83.96 42.72
CA ILE BA 32 -26.18 -84.32 42.77
C ILE BA 32 -26.35 -85.68 43.44
N SER BA 33 -27.49 -85.86 44.07
CA SER BA 33 -27.93 -87.12 44.64
C SER BA 33 -29.34 -87.39 44.14
N GLU BA 34 -29.55 -88.59 43.62
CA GLU BA 34 -30.78 -88.94 42.91
C GLU BA 34 -31.66 -89.82 43.79
N SER BA 35 -32.92 -89.44 43.91
CA SER BA 35 -33.93 -90.21 44.63
C SER BA 35 -35.04 -90.58 43.64
N GLN BA 36 -36.04 -91.32 44.12
CA GLN BA 36 -37.06 -91.87 43.23
C GLN BA 36 -37.85 -90.78 42.52
N GLY BA 37 -38.16 -89.68 43.22
CA GLY BA 37 -38.97 -88.65 42.62
C GLY BA 37 -38.31 -87.29 42.53
N LEU BA 38 -37.38 -87.02 43.43
CA LEU BA 38 -36.72 -85.73 43.52
C LEU BA 38 -35.21 -85.92 43.63
N ILE BA 39 -34.47 -84.86 43.32
CA ILE BA 39 -33.01 -84.91 43.40
C ILE BA 39 -32.51 -83.72 44.20
N THR BA 40 -31.40 -83.93 44.90
CA THR BA 40 -30.75 -82.89 45.68
C THR BA 40 -29.45 -82.48 45.00
N ILE BA 41 -29.12 -81.20 45.11
CA ILE BA 41 -27.92 -80.66 44.47
C ILE BA 41 -27.17 -79.80 45.47
N LYS BA 42 -25.84 -79.88 45.42
CA LYS BA 42 -24.96 -79.08 46.27
C LYS BA 42 -23.95 -78.36 45.41
N LYS BA 43 -23.63 -77.13 45.80
CA LYS BA 43 -22.64 -76.29 45.12
C LYS BA 43 -22.98 -76.13 43.64
N ALA BA 44 -24.23 -75.79 43.37
CA ALA BA 44 -24.66 -75.55 42.00
C ALA BA 44 -24.03 -74.28 41.46
N PHE BA 45 -23.75 -74.27 40.15
CA PHE BA 45 -23.14 -73.12 39.50
C PHE BA 45 -23.67 -73.02 38.07
N VAL BA 46 -24.27 -71.88 37.75
CA VAL BA 46 -24.69 -71.62 36.38
C VAL BA 46 -23.47 -71.34 35.52
N ILE BA 47 -23.53 -71.79 34.27
CA ILE BA 47 -22.44 -71.67 33.31
C ILE BA 47 -22.84 -70.63 32.28
N ILE BA 48 -22.03 -69.59 32.15
CA ILE BA 48 -22.23 -68.52 31.19
C ILE BA 48 -21.14 -68.64 30.12
N PRO BA 49 -21.51 -68.88 28.85
CA PRO BA 49 -20.53 -69.00 27.75
C PRO BA 49 -19.83 -67.69 27.44
N LEU BA 60 -15.42 -69.89 29.66
CA LEU BA 60 -16.63 -70.13 30.45
C LEU BA 60 -16.58 -69.35 31.76
N VAL BA 61 -17.75 -69.03 32.30
CA VAL BA 61 -17.87 -68.31 33.55
C VAL BA 61 -18.80 -69.10 34.47
N LEU BA 62 -18.39 -69.26 35.72
CA LEU BA 62 -19.19 -69.95 36.72
C LEU BA 62 -19.78 -68.93 37.68
N CYS BA 63 -21.10 -69.00 37.89
CA CYS BA 63 -21.78 -68.06 38.78
C CYS BA 63 -22.59 -68.84 39.79
N PRO BA 64 -22.68 -68.37 41.04
CA PRO BA 64 -23.53 -69.05 42.02
C PRO BA 64 -24.98 -69.11 41.55
N TRP BA 65 -25.59 -70.28 41.73
CA TRP BA 65 -26.94 -70.48 41.24
C TRP BA 65 -27.96 -69.72 42.07
N GLN BA 66 -27.84 -69.79 43.39
CA GLN BA 66 -28.79 -69.18 44.31
C GLN BA 66 -28.03 -68.33 45.31
N PRO BA 67 -27.63 -67.11 44.92
CA PRO BA 67 -26.89 -66.25 45.85
C PRO BA 67 -27.82 -65.49 46.77
N TYR BA 68 -28.82 -66.20 47.32
CA TYR BA 68 -29.76 -65.62 48.26
C TYR BA 68 -30.03 -66.50 49.46
N THR BA 69 -29.58 -67.75 49.47
CA THR BA 69 -29.82 -68.68 50.56
C THR BA 69 -28.51 -69.20 51.11
N ASP BA 70 -28.56 -69.63 52.37
CA ASP BA 70 -27.42 -70.22 53.05
C ASP BA 70 -27.54 -71.74 53.15
N ASP BA 71 -28.54 -72.33 52.53
CA ASP BA 71 -28.74 -73.77 52.61
C ASP BA 71 -27.62 -74.52 51.90
N LYS BA 72 -27.21 -75.65 52.48
CA LYS BA 72 -26.12 -76.42 51.89
C LYS BA 72 -26.56 -77.14 50.63
N GLU BA 73 -27.80 -77.64 50.61
CA GLU BA 73 -28.31 -78.40 49.48
C GLU BA 73 -29.69 -77.89 49.09
N ILE BA 74 -30.02 -78.06 47.81
CA ILE BA 74 -31.30 -77.63 47.25
C ILE BA 74 -31.99 -78.84 46.64
N VAL BA 75 -33.25 -79.04 46.99
CA VAL BA 75 -34.06 -80.14 46.49
C VAL BA 75 -34.88 -79.64 45.31
N ILE BA 76 -35.08 -80.51 44.32
CA ILE BA 76 -35.82 -80.13 43.12
C ILE BA 76 -36.47 -81.38 42.53
N ASP BA 77 -37.72 -81.22 42.07
CA ASP BA 77 -38.45 -82.33 41.47
C ASP BA 77 -37.83 -82.73 40.14
N ASP BA 78 -37.93 -84.02 39.82
CA ASP BA 78 -37.37 -84.54 38.58
C ASP BA 78 -38.20 -84.19 37.36
N SER BA 79 -39.43 -83.72 37.54
CA SER BA 79 -40.26 -83.36 36.40
C SER BA 79 -39.76 -82.11 35.69
N LYS BA 80 -38.92 -81.31 36.36
CA LYS BA 80 -38.33 -80.12 35.77
C LYS BA 80 -36.93 -80.40 35.21
N VAL BA 81 -36.64 -81.64 34.87
CA VAL BA 81 -35.34 -82.07 34.39
C VAL BA 81 -35.41 -82.24 32.88
N ILE BA 82 -34.42 -81.71 32.17
CA ILE BA 82 -34.33 -81.89 30.74
C ILE BA 82 -33.28 -82.97 30.48
N THR BA 83 -32.04 -82.72 30.88
CA THR BA 83 -30.95 -83.68 30.73
C THR BA 83 -30.05 -83.67 31.95
N ILE BA 84 -29.59 -84.86 32.33
CA ILE BA 84 -28.53 -85.04 33.32
C ILE BA 84 -27.34 -85.63 32.58
N THR BA 85 -26.14 -85.12 32.86
CA THR BA 85 -24.99 -85.62 32.11
C THR BA 85 -23.73 -85.50 32.95
N SER BA 86 -22.70 -86.23 32.54
CA SER BA 86 -21.40 -86.20 33.20
C SER BA 86 -20.48 -85.24 32.46
N PRO BA 87 -19.92 -84.25 33.14
CA PRO BA 87 -19.09 -83.24 32.45
C PRO BA 87 -17.72 -83.78 32.11
N LYS BA 88 -16.92 -82.93 31.46
CA LYS BA 88 -15.55 -83.26 31.10
C LYS BA 88 -14.62 -83.06 32.30
N ASP BA 89 -13.39 -83.56 32.16
CA ASP BA 89 -12.42 -83.46 33.23
C ASP BA 89 -12.01 -82.01 33.48
N ASP BA 90 -11.86 -81.23 32.41
CA ASP BA 90 -11.46 -79.83 32.57
C ASP BA 90 -12.52 -79.05 33.35
N ILE BA 91 -13.79 -79.30 33.06
CA ILE BA 91 -14.88 -78.62 33.77
C ILE BA 91 -14.86 -78.98 35.24
N ILE BA 92 -14.65 -80.27 35.54
CA ILE BA 92 -14.60 -80.71 36.93
C ILE BA 92 -13.43 -80.05 37.65
N LYS BA 93 -12.26 -79.97 36.99
CA LYS BA 93 -11.12 -79.32 37.60
C LYS BA 93 -11.39 -77.86 37.88
N SER BA 94 -12.00 -77.16 36.92
CA SER BA 94 -12.32 -75.75 37.12
C SER BA 94 -13.32 -75.57 38.26
N TYR BA 95 -14.31 -76.46 38.34
CA TYR BA 95 -15.30 -76.40 39.42
C TYR BA 95 -14.63 -76.60 40.78
N GLU BA 96 -13.73 -77.58 40.87
CA GLU BA 96 -13.01 -77.82 42.12
C GLU BA 96 -12.16 -76.60 42.50
N SER BA 97 -11.45 -76.03 41.54
CA SER BA 97 -10.62 -74.87 41.82
C SER BA 97 -11.47 -73.70 42.30
N HIS BA 98 -12.62 -73.47 41.64
CA HIS BA 98 -13.50 -72.38 42.03
C HIS BA 98 -14.00 -72.56 43.46
N THR BA 99 -14.46 -73.77 43.79
CA THR BA 99 -14.96 -74.01 45.15
C THR BA 99 -13.85 -73.83 46.18
N ARG BA 100 -12.65 -74.34 45.89
CA ARG BA 100 -11.54 -74.20 46.83
C ARG BA 100 -11.18 -72.73 47.04
N VAL BA 101 -11.15 -71.95 45.97
CA VAL BA 101 -10.84 -70.53 46.08
C VAL BA 101 -11.89 -69.82 46.91
N LEU BA 102 -13.16 -70.13 46.68
CA LEU BA 102 -14.23 -69.50 47.45
C LEU BA 102 -14.11 -69.84 48.94
N GLU BA 103 -13.83 -71.09 49.25
CA GLU BA 103 -13.70 -71.48 50.66
C GLU BA 103 -12.50 -70.80 51.31
N ASN BA 104 -11.39 -70.69 50.58
CA ASN BA 104 -10.22 -70.00 51.11
C ASN BA 104 -10.52 -68.52 51.37
N LYS BA 105 -11.25 -67.88 50.46
CA LYS BA 105 -11.64 -66.50 50.67
C LYS BA 105 -12.52 -66.36 51.90
N GLN BA 106 -13.46 -67.30 52.08
CA GLN BA 106 -14.35 -67.25 53.25
C GLN BA 106 -13.56 -67.37 54.55
N VAL BA 107 -12.62 -68.32 54.60
CA VAL BA 107 -11.88 -68.51 55.86
C VAL BA 107 -10.96 -67.32 56.12
N GLU BA 108 -10.37 -66.75 55.07
CA GLU BA 108 -9.56 -65.55 55.24
C GLU BA 108 -10.39 -64.38 55.78
N GLU BA 109 -11.60 -64.21 55.24
CA GLU BA 109 -12.47 -63.15 55.75
C GLU BA 109 -12.85 -63.39 57.20
N ILE BA 110 -13.09 -64.66 57.57
CA ILE BA 110 -13.42 -64.96 58.96
C ILE BA 110 -12.26 -64.59 59.88
N LEU BA 111 -11.03 -64.93 59.47
CA LEU BA 111 -9.86 -64.57 60.28
C LEU BA 111 -9.70 -63.06 60.40
N ARG BA 112 -9.90 -62.34 59.29
CA ARG BA 112 -9.81 -60.89 59.32
C ARG BA 112 -10.83 -60.31 60.29
N LEU BA 113 -12.06 -60.82 60.26
CA LEU BA 113 -13.08 -60.33 61.17
C LEU BA 113 -12.75 -60.66 62.62
N GLU BA 114 -12.19 -61.84 62.87
CA GLU BA 114 -11.70 -62.18 64.21
C GLU BA 114 -10.73 -61.11 64.71
N LYS BA 115 -9.71 -60.80 63.91
CA LYS BA 115 -8.71 -59.82 64.33
C LYS BA 115 -9.34 -58.46 64.56
N GLU BA 116 -10.22 -58.04 63.65
CA GLU BA 116 -10.83 -56.71 63.77
C GLU BA 116 -11.68 -56.60 65.02
N ILE BA 117 -12.50 -57.62 65.30
CA ILE BA 117 -13.38 -57.55 66.47
C ILE BA 117 -12.55 -57.60 67.75
N GLU BA 118 -11.48 -58.39 67.77
CA GLU BA 118 -10.62 -58.43 68.94
C GLU BA 118 -10.00 -57.06 69.22
N ASP BA 119 -9.47 -56.43 68.17
CA ASP BA 119 -8.84 -55.12 68.33
C ASP BA 119 -9.87 -54.09 68.80
N LEU BA 120 -11.06 -54.10 68.19
CA LEU BA 120 -12.09 -53.14 68.58
C LEU BA 120 -12.52 -53.34 70.02
N GLN BA 121 -12.71 -54.59 70.44
CA GLN BA 121 -13.11 -54.85 71.81
C GLN BA 121 -12.04 -54.39 72.80
N ARG BA 122 -10.77 -54.66 72.49
CA ARG BA 122 -9.70 -54.25 73.39
C ARG BA 122 -9.65 -52.73 73.52
N MET BA 123 -9.72 -52.02 72.40
CA MET BA 123 -9.64 -50.56 72.45
C MET BA 123 -10.86 -49.98 73.15
N LYS BA 124 -12.04 -50.56 72.93
CA LYS BA 124 -13.24 -50.11 73.61
C LYS BA 124 -13.13 -50.31 75.12
N GLU BA 125 -12.59 -51.45 75.55
CA GLU BA 125 -12.40 -51.67 76.98
C GLU BA 125 -11.42 -50.66 77.56
N GLN BA 126 -10.34 -50.37 76.82
CA GLN BA 126 -9.39 -49.36 77.28
C GLN BA 126 -10.07 -48.00 77.43
N GLN BA 127 -10.91 -47.63 76.47
CA GLN BA 127 -11.65 -46.37 76.57
C GLN BA 127 -12.58 -46.38 77.78
N GLU BA 128 -13.26 -47.50 78.01
CA GLU BA 128 -14.17 -47.60 79.15
C GLU BA 128 -13.44 -47.48 80.48
N LEU BA 129 -12.19 -47.97 80.54
CA LEU BA 129 -11.46 -47.95 81.81
C LEU BA 129 -11.25 -46.54 82.32
N SER BA 130 -10.89 -45.61 81.44
CA SER BA 130 -10.57 -44.23 81.83
C SER BA 130 -11.83 -43.37 81.78
N LEU BA 131 -12.74 -43.67 82.71
CA LEU BA 131 -14.01 -42.96 82.79
C LEU BA 131 -14.20 -42.40 84.20
N THR BA 132 -15.29 -41.66 84.38
CA THR BA 132 -15.67 -41.06 85.64
C THR BA 132 -16.93 -41.74 86.16
N GLU BA 133 -17.02 -41.88 87.49
CA GLU BA 133 -18.14 -42.61 88.09
C GLU BA 133 -19.49 -42.06 87.65
N ALA BA 134 -19.65 -40.73 87.71
CA ALA BA 134 -20.90 -40.12 87.26
C ALA BA 134 -21.13 -40.37 85.78
N SER BA 135 -20.07 -40.28 84.98
CA SER BA 135 -20.18 -40.58 83.56
C SER BA 135 -20.56 -42.04 83.34
N LEU BA 136 -20.03 -42.95 84.16
CA LEU BA 136 -20.38 -44.36 84.05
C LEU BA 136 -21.85 -44.59 84.37
N GLN BA 137 -22.36 -43.92 85.41
CA GLN BA 137 -23.78 -44.03 85.73
C GLN BA 137 -24.64 -43.48 84.59
N LYS BA 138 -24.24 -42.34 84.04
CA LYS BA 138 -24.98 -41.77 82.91
C LYS BA 138 -24.96 -42.70 81.70
N LEU BA 139 -23.82 -43.33 81.46
CA LEU BA 139 -23.72 -44.31 80.38
C LEU BA 139 -24.65 -45.49 80.61
N GLN BA 140 -24.71 -45.99 81.85
CA GLN BA 140 -25.60 -47.10 82.15
C GLN BA 140 -27.05 -46.73 81.91
N GLU BA 141 -27.46 -45.55 82.40
CA GLU BA 141 -28.84 -45.11 82.19
C GLU BA 141 -29.13 -44.91 80.71
N ARG BA 142 -28.18 -44.34 79.96
CA ARG BA 142 -28.39 -44.12 78.54
C ARG BA 142 -28.51 -45.43 77.78
N ARG BA 143 -27.70 -46.42 78.13
CA ARG BA 143 -27.80 -47.73 77.50
C ARG BA 143 -29.14 -48.39 77.82
N ASP BA 144 -29.60 -48.25 79.08
CA ASP BA 144 -30.91 -48.78 79.43
C ASP BA 144 -32.01 -48.12 78.62
N GLN BA 145 -31.91 -46.80 78.41
CA GLN BA 145 -32.90 -46.12 77.58
C GLN BA 145 -32.80 -46.58 76.12
N GLU BA 146 -31.57 -46.82 75.64
CA GLU BA 146 -31.38 -47.35 74.29
C GLU BA 146 -32.11 -48.68 74.12
N LEU BA 147 -31.90 -49.61 75.04
CA LEU BA 147 -32.55 -50.92 74.93
C LEU BA 147 -34.05 -50.84 75.18
N ARG BA 148 -34.56 -49.72 75.70
CA ARG BA 148 -35.97 -49.57 75.96
C ARG BA 148 -36.74 -49.35 74.66
N ASN CA 16 -53.14 15.63 82.20
CA ASN CA 16 -54.08 14.72 81.54
C ASN CA 16 -53.76 14.57 80.06
N ILE CA 17 -52.55 14.12 79.76
CA ILE CA 17 -52.13 13.91 78.39
C ILE CA 17 -52.92 12.75 77.80
N LYS CA 18 -53.61 13.01 76.69
CA LYS CA 18 -54.45 12.00 76.06
C LYS CA 18 -54.41 12.16 74.55
N ILE CA 19 -54.79 11.09 73.87
CA ILE CA 19 -54.88 11.03 72.41
C ILE CA 19 -56.34 11.18 72.00
N MET CA 20 -56.56 12.02 70.99
CA MET CA 20 -57.86 12.41 70.47
C MET CA 20 -57.95 11.93 69.02
N ARG CA 21 -59.06 11.28 68.69
CA ARG CA 21 -59.36 10.92 67.30
C ARG CA 21 -60.48 11.84 66.80
N LEU CA 22 -60.16 12.65 65.81
CA LEU CA 22 -61.13 13.57 65.24
C LEU CA 22 -61.89 12.90 64.10
N VAL CA 23 -63.01 13.52 63.72
CA VAL CA 23 -63.83 12.98 62.64
C VAL CA 23 -63.08 13.00 61.31
N THR CA 24 -62.15 13.92 61.15
CA THR CA 24 -61.39 14.03 59.91
C THR CA 24 -60.13 13.17 59.93
N CYS CA 25 -60.31 11.90 60.30
CA CYS CA 25 -59.25 10.89 60.35
C CYS CA 25 -57.91 11.47 60.83
N GLU CA 26 -57.97 12.08 62.01
CA GLU CA 26 -56.81 12.77 62.58
C GLU CA 26 -56.58 12.29 64.00
N ASP CA 27 -55.31 12.08 64.34
CA ASP CA 27 -54.90 11.70 65.69
C ASP CA 27 -54.03 12.80 66.26
N ILE CA 28 -54.47 13.36 67.39
CA ILE CA 28 -53.78 14.49 68.02
C ILE CA 28 -53.63 14.24 69.50
N ILE CA 29 -52.42 14.40 70.02
CA ILE CA 29 -52.15 14.22 71.45
C ILE CA 29 -52.06 15.58 72.11
N GLY CA 30 -52.59 15.69 73.32
CA GLY CA 30 -52.52 16.95 74.03
C GLY CA 30 -53.09 16.82 75.43
N ASN CA 31 -52.95 17.89 76.20
CA ASN CA 31 -53.47 17.94 77.55
C ASN CA 31 -54.92 18.41 77.47
N ILE CA 32 -55.86 17.53 77.85
CA ILE CA 32 -57.28 17.79 77.63
C ILE CA 32 -57.98 17.99 78.97
N SER CA 33 -59.03 18.79 78.94
CA SER CA 33 -59.93 19.01 80.06
C SER CA 33 -61.36 18.80 79.56
N GLU CA 34 -62.12 17.97 80.27
CA GLU CA 34 -63.41 17.50 79.82
C GLU CA 34 -64.52 18.22 80.58
N SER CA 35 -65.47 18.76 79.83
CA SER CA 35 -66.67 19.40 80.38
C SER CA 35 -67.89 18.65 79.87
N GLN CA 36 -69.08 19.09 80.30
CA GLN CA 36 -70.30 18.32 80.04
C GLN CA 36 -70.58 18.22 78.54
N GLY CA 37 -70.32 19.28 77.78
CA GLY CA 37 -70.64 19.27 76.37
C GLY CA 37 -69.46 19.47 75.45
N LEU CA 38 -68.43 20.17 75.93
CA LEU CA 38 -67.28 20.52 75.13
C LEU CA 38 -66.01 20.19 75.90
N ILE CA 39 -64.89 20.08 75.18
CA ILE CA 39 -63.61 19.79 75.80
C ILE CA 39 -62.57 20.79 75.31
N THR CA 40 -61.62 21.10 76.19
CA THR CA 40 -60.53 22.00 75.86
C THR CA 40 -59.24 21.21 75.74
N ILE CA 41 -58.36 21.65 74.84
CA ILE CA 41 -57.11 20.96 74.59
C ILE CA 41 -55.97 21.97 74.54
N LYS CA 42 -54.82 21.59 75.10
CA LYS CA 42 -53.64 22.42 75.10
C LYS CA 42 -52.46 21.62 74.54
N LYS CA 43 -51.61 22.31 73.78
CA LYS CA 43 -50.41 21.73 73.18
C LYS CA 43 -50.74 20.50 72.34
N ALA CA 44 -51.74 20.67 71.47
CA ALA CA 44 -52.12 19.60 70.56
C ALA CA 44 -51.03 19.37 69.52
N PHE CA 45 -50.89 18.10 69.11
CA PHE CA 45 -49.89 17.74 68.11
C PHE CA 45 -50.42 16.60 67.26
N VAL CA 46 -50.48 16.81 65.95
CA VAL CA 46 -50.84 15.74 65.03
C VAL CA 46 -49.69 14.76 64.92
N ILE CA 47 -50.05 13.47 64.78
CA ILE CA 47 -49.08 12.39 64.71
C ILE CA 47 -49.06 11.87 63.28
N ILE CA 48 -47.89 11.90 62.66
CA ILE CA 48 -47.66 11.42 61.31
C ILE CA 48 -46.83 10.15 61.40
N PRO CA 49 -47.34 8.99 60.96
CA PRO CA 49 -46.62 7.71 61.00
C PRO CA 49 -45.43 7.70 60.04
N LEU CA 60 -42.29 7.97 64.42
CA LEU CA 60 -43.41 8.90 64.49
C LEU CA 60 -42.92 10.34 64.37
N VAL CA 61 -43.80 11.21 63.87
CA VAL CA 61 -43.50 12.63 63.71
C VAL CA 61 -44.60 13.43 64.38
N LEU CA 62 -44.22 14.42 65.19
CA LEU CA 62 -45.17 15.30 65.85
C LEU CA 62 -45.17 16.66 65.15
N CYS CA 63 -46.36 17.13 64.79
CA CYS CA 63 -46.50 18.40 64.11
C CYS CA 63 -47.49 19.28 64.85
N PRO CA 64 -47.27 20.59 64.92
CA PRO CA 64 -48.25 21.47 65.56
C PRO CA 64 -49.61 21.36 64.88
N TRP CA 65 -50.66 21.28 65.69
CA TRP CA 65 -52.00 21.09 65.15
C TRP CA 65 -52.52 22.34 64.47
N GLN CA 66 -52.34 23.50 65.09
CA GLN CA 66 -52.86 24.77 64.59
C GLN CA 66 -51.73 25.78 64.56
N PRO CA 67 -50.86 25.72 63.54
CA PRO CA 67 -49.75 26.68 63.46
C PRO CA 67 -50.18 28.00 62.84
N TYR CA 68 -51.34 28.50 63.27
CA TYR CA 68 -51.86 29.78 62.80
C TYR CA 68 -52.40 30.65 63.91
N THR CA 69 -52.54 30.14 65.13
CA THR CA 69 -53.09 30.89 66.25
C THR CA 69 -52.11 30.91 67.41
N ASP CA 70 -52.24 31.94 68.24
CA ASP CA 70 -51.43 32.10 69.44
C ASP CA 70 -52.19 31.73 70.71
N ASP CA 71 -53.41 31.19 70.57
CA ASP CA 71 -54.20 30.85 71.74
C ASP CA 71 -53.58 29.69 72.50
N LYS CA 72 -53.66 29.76 73.83
CA LYS CA 72 -53.07 28.71 74.67
C LYS CA 72 -53.88 27.43 74.60
N GLU CA 73 -55.21 27.54 74.53
CA GLU CA 73 -56.09 26.37 74.53
C GLU CA 73 -57.13 26.50 73.43
N ILE CA 74 -57.60 25.35 72.95
CA ILE CA 74 -58.58 25.29 71.88
C ILE CA 74 -59.79 24.50 72.39
N VAL CA 75 -60.98 25.06 72.22
CA VAL CA 75 -62.22 24.42 72.64
C VAL CA 75 -62.83 23.71 71.45
N ILE CA 76 -63.46 22.56 71.70
CA ILE CA 76 -64.05 21.76 70.63
C ILE CA 76 -65.23 20.97 71.19
N ASP CA 77 -66.30 20.89 70.41
CA ASP CA 77 -67.49 20.16 70.82
C ASP CA 77 -67.21 18.66 70.86
N ASP CA 78 -67.88 17.97 71.78
CA ASP CA 78 -67.70 16.53 71.93
C ASP CA 78 -68.39 15.72 70.85
N SER CA 79 -69.27 16.33 70.06
CA SER CA 79 -69.94 15.61 68.99
C SER CA 79 -68.99 15.25 67.85
N LYS CA 80 -67.84 15.92 67.77
CA LYS CA 80 -66.83 15.63 66.76
C LYS CA 80 -65.74 14.70 67.29
N VAL CA 81 -66.06 13.92 68.32
CA VAL CA 81 -65.11 13.02 68.98
C VAL CA 81 -65.37 11.60 68.50
N ILE CA 82 -64.30 10.90 68.14
CA ILE CA 82 -64.41 9.50 67.76
C ILE CA 82 -63.96 8.66 68.96
N THR CA 83 -62.70 8.82 69.37
CA THR CA 83 -62.17 8.11 70.52
C THR CA 83 -61.27 9.02 71.34
N ILE CA 84 -61.35 8.87 72.66
CA ILE CA 84 -60.40 9.46 73.61
C ILE CA 84 -59.65 8.31 74.26
N THR CA 85 -58.33 8.45 74.39
CA THR CA 85 -57.58 7.34 74.95
C THR CA 85 -56.33 7.85 75.66
N SER CA 86 -55.76 6.99 76.51
CA SER CA 86 -54.54 7.28 77.23
C SER CA 86 -53.34 6.72 76.47
N PRO CA 87 -52.35 7.52 76.13
CA PRO CA 87 -51.23 7.03 75.32
C PRO CA 87 -50.26 6.21 76.16
N LYS CA 88 -49.22 5.72 75.49
CA LYS CA 88 -48.17 4.95 76.13
C LYS CA 88 -47.16 5.89 76.80
N ASP CA 89 -46.29 5.31 77.62
CA ASP CA 89 -45.29 6.11 78.33
C ASP CA 89 -44.26 6.70 77.37
N ASP CA 90 -43.87 5.94 76.35
CA ASP CA 90 -42.90 6.45 75.39
C ASP CA 90 -43.43 7.66 74.65
N ILE CA 91 -44.71 7.62 74.26
CA ILE CA 91 -45.33 8.74 73.56
C ILE CA 91 -45.37 9.97 74.47
N ILE CA 92 -45.71 9.77 75.74
CA ILE CA 92 -45.76 10.89 76.67
C ILE CA 92 -44.37 11.49 76.85
N LYS CA 93 -43.35 10.64 76.96
CA LYS CA 93 -41.97 11.13 77.10
C LYS CA 93 -41.55 11.94 75.87
N SER CA 94 -41.87 11.43 74.68
CA SER CA 94 -41.53 12.15 73.45
C SER CA 94 -42.26 13.48 73.38
N TYR CA 95 -43.53 13.51 73.77
CA TYR CA 95 -44.30 14.75 73.78
C TYR CA 95 -43.70 15.77 74.75
N GLU CA 96 -43.31 15.32 75.94
CA GLU CA 96 -42.68 16.21 76.91
C GLU CA 96 -41.35 16.75 76.36
N SER CA 97 -40.54 15.88 75.77
CA SER CA 97 -39.26 16.33 75.21
C SER CA 97 -39.48 17.35 74.10
N HIS CA 98 -40.45 17.09 73.22
CA HIS CA 98 -40.74 18.02 72.13
C HIS CA 98 -41.16 19.39 72.67
N THR CA 99 -42.07 19.40 73.64
CA THR CA 99 -42.52 20.69 74.19
C THR CA 99 -41.38 21.42 74.86
N ARG CA 100 -40.55 20.71 75.63
CA ARG CA 100 -39.42 21.36 76.30
C ARG CA 100 -38.44 21.94 75.29
N VAL CA 101 -38.15 21.20 74.22
CA VAL CA 101 -37.23 21.71 73.20
C VAL CA 101 -37.81 22.94 72.53
N LEU CA 102 -39.11 22.93 72.23
CA LEU CA 102 -39.72 24.09 71.60
C LEU CA 102 -39.64 25.32 72.51
N GLU CA 103 -39.92 25.13 73.80
CA GLU CA 103 -39.87 26.26 74.73
C GLU CA 103 -38.45 26.80 74.86
N ASN CA 104 -37.46 25.90 74.90
CA ASN CA 104 -36.07 26.34 74.98
C ASN CA 104 -35.69 27.12 73.73
N LYS CA 105 -36.12 26.67 72.56
CA LYS CA 105 -35.85 27.41 71.33
C LYS CA 105 -36.49 28.79 71.38
N GLN CA 106 -37.72 28.87 71.88
CA GLN CA 106 -38.40 30.16 71.97
C GLN CA 106 -37.66 31.12 72.88
N VAL CA 107 -37.23 30.65 74.05
CA VAL CA 107 -36.56 31.55 74.99
C VAL CA 107 -35.19 31.97 74.44
N GLU CA 108 -34.49 31.05 73.76
CA GLU CA 108 -33.22 31.41 73.14
C GLU CA 108 -33.41 32.48 72.06
N GLU CA 109 -34.47 32.34 71.25
CA GLU CA 109 -34.74 33.34 70.23
C GLU CA 109 -35.07 34.69 70.86
N ILE CA 110 -35.82 34.67 71.98
CA ILE CA 110 -36.14 35.91 72.67
C ILE CA 110 -34.87 36.60 73.16
N LEU CA 111 -33.95 35.83 73.73
CA LEU CA 111 -32.69 36.41 74.20
C LEU CA 111 -31.88 36.98 73.04
N ARG CA 112 -31.82 36.25 71.92
CA ARG CA 112 -31.09 36.73 70.76
C ARG CA 112 -31.68 38.05 70.26
N LEU CA 113 -33.01 38.14 70.22
CA LEU CA 113 -33.65 39.38 69.79
C LEU CA 113 -33.37 40.51 70.76
N GLU CA 114 -33.38 40.22 72.07
CA GLU CA 114 -32.98 41.22 73.06
C GLU CA 114 -31.62 41.80 72.74
N LYS CA 115 -30.63 40.92 72.54
CA LYS CA 115 -29.28 41.40 72.27
C LYS CA 115 -29.22 42.20 70.98
N GLU CA 116 -29.89 41.71 69.93
CA GLU CA 116 -29.85 42.40 68.64
C GLU CA 116 -30.47 43.78 68.72
N ILE CA 117 -31.63 43.90 69.38
CA ILE CA 117 -32.29 45.20 69.45
C ILE CA 117 -31.49 46.16 70.31
N GLU CA 118 -30.86 45.66 71.38
CA GLU CA 118 -30.02 46.53 72.20
C GLU CA 118 -28.85 47.08 71.40
N ASP CA 119 -28.17 46.19 70.66
CA ASP CA 119 -27.02 46.63 69.86
C ASP CA 119 -27.47 47.64 68.80
N LEU CA 120 -28.58 47.35 68.12
CA LEU CA 120 -29.05 48.26 67.08
C LEU CA 120 -29.41 49.63 67.65
N GLN CA 121 -30.10 49.64 68.79
CA GLN CA 121 -30.47 50.92 69.40
C GLN CA 121 -29.23 51.71 69.81
N ARG CA 122 -28.24 51.04 70.40
CA ARG CA 122 -27.03 51.75 70.81
C ARG CA 122 -26.31 52.35 69.61
N MET CA 123 -26.15 51.57 68.55
CA MET CA 123 -25.43 52.07 67.39
C MET CA 123 -26.21 53.18 66.71
N LYS CA 124 -27.54 53.08 66.67
CA LYS CA 124 -28.37 54.13 66.10
C LYS CA 124 -28.25 55.42 66.90
N GLU CA 125 -28.24 55.32 68.23
CA GLU CA 125 -28.06 56.51 69.07
C GLU CA 125 -26.69 57.13 68.82
N GLN CA 126 -25.65 56.30 68.69
CA GLN CA 126 -24.32 56.82 68.38
C GLN CA 126 -24.33 57.57 67.05
N GLN CA 127 -24.99 57.00 66.03
CA GLN CA 127 -25.08 57.69 64.74
C GLN CA 127 -25.83 59.01 64.88
N GLU CA 128 -26.91 59.03 65.66
CA GLU CA 128 -27.68 60.24 65.84
C GLU CA 128 -26.88 61.32 66.55
N LEU CA 129 -25.98 60.92 67.46
CA LEU CA 129 -25.23 61.92 68.22
C LEU CA 129 -24.37 62.80 67.31
N SER CA 130 -23.70 62.20 66.33
CA SER CA 130 -22.78 62.94 65.45
C SER CA 130 -23.54 63.49 64.23
N LEU CA 131 -24.41 64.44 64.50
CA LEU CA 131 -25.24 65.06 63.46
C LEU CA 131 -25.06 66.57 63.49
N THR CA 132 -25.69 67.23 62.52
CA THR CA 132 -25.67 68.68 62.37
C THR CA 132 -27.06 69.22 62.68
N GLU CA 133 -27.11 70.41 63.28
CA GLU CA 133 -28.38 70.99 63.72
C GLU CA 133 -29.38 71.09 62.57
N ALA CA 134 -28.94 71.61 61.42
CA ALA CA 134 -29.83 71.70 60.26
C ALA CA 134 -30.25 70.31 59.79
N SER CA 135 -29.32 69.35 59.80
CA SER CA 135 -29.66 67.98 59.45
C SER CA 135 -30.66 67.40 60.44
N LEU CA 136 -30.52 67.73 61.73
CA LEU CA 136 -31.46 67.25 62.73
C LEU CA 136 -32.86 67.82 62.49
N GLN CA 137 -32.94 69.11 62.15
CA GLN CA 137 -34.24 69.69 61.84
C GLN CA 137 -34.84 69.04 60.61
N LYS CA 138 -34.04 68.81 59.57
CA LYS CA 138 -34.53 68.14 58.37
C LYS CA 138 -35.00 66.74 58.69
N LEU CA 139 -34.28 66.03 59.54
CA LEU CA 139 -34.70 64.70 59.98
C LEU CA 139 -36.04 64.75 60.70
N GLN CA 140 -36.21 65.73 61.59
CA GLN CA 140 -37.48 65.85 62.31
C GLN CA 140 -38.64 66.10 61.35
N GLU CA 141 -38.45 67.02 60.40
CA GLU CA 141 -39.50 67.30 59.43
C GLU CA 141 -39.79 66.08 58.56
N ARG CA 142 -38.74 65.36 58.15
CA ARG CA 142 -38.93 64.18 57.32
C ARG CA 142 -39.68 63.08 58.07
N ARG CA 143 -39.36 62.88 59.35
CA ARG CA 143 -40.09 61.90 60.15
C ARG CA 143 -41.54 62.30 60.33
N ASP CA 144 -41.79 63.60 60.53
CA ASP CA 144 -43.17 64.07 60.63
C ASP CA 144 -43.93 63.81 59.33
N GLN CA 145 -43.28 64.01 58.19
CA GLN CA 145 -43.92 63.71 56.92
C GLN CA 145 -44.15 62.21 56.77
N GLU CA 146 -43.19 61.40 57.23
CA GLU CA 146 -43.35 59.94 57.22
C GLU CA 146 -44.60 59.52 57.98
N LEU CA 147 -44.75 60.01 59.21
CA LEU CA 147 -45.92 59.64 60.01
C LEU CA 147 -47.21 60.25 59.48
N ARG CA 148 -47.13 61.22 58.56
CA ARG CA 148 -48.31 61.84 58.00
C ARG CA 148 -49.01 60.90 57.01
N ASN DA 16 -34.59 92.88 -0.58
CA ASN DA 16 -35.88 92.21 -0.43
C ASN DA 16 -35.77 90.73 -0.77
N ILE DA 17 -34.90 90.02 -0.05
CA ILE DA 17 -34.72 88.60 -0.26
C ILE DA 17 -35.98 87.87 0.17
N LYS DA 18 -36.57 87.10 -0.74
CA LYS DA 18 -37.81 86.40 -0.47
C LYS DA 18 -37.82 85.06 -1.19
N ILE DA 19 -38.69 84.17 -0.70
CA ILE DA 19 -38.89 82.85 -1.26
C ILE DA 19 -40.17 82.86 -2.11
N MET DA 20 -40.07 82.26 -3.28
CA MET DA 20 -41.10 82.22 -4.30
C MET DA 20 -41.49 80.77 -4.52
N ARG DA 21 -42.80 80.49 -4.53
CA ARG DA 21 -43.33 79.19 -4.89
C ARG DA 21 -43.96 79.29 -6.27
N LEU DA 22 -43.40 78.59 -7.23
CA LEU DA 22 -43.91 78.58 -8.60
C LEU DA 22 -44.97 77.50 -8.77
N VAL DA 23 -45.73 77.62 -9.87
CA VAL DA 23 -46.78 76.65 -10.15
C VAL DA 23 -46.20 75.27 -10.41
N THR DA 24 -44.97 75.19 -10.89
CA THR DA 24 -44.34 73.91 -11.19
C THR DA 24 -43.59 73.35 -9.98
N CYS DA 25 -44.27 73.32 -8.83
CA CYS DA 25 -43.77 72.78 -7.57
C CYS DA 25 -42.28 73.10 -7.36
N GLU DA 26 -41.97 74.39 -7.43
CA GLU DA 26 -40.59 74.86 -7.34
C GLU DA 26 -40.48 75.96 -6.29
N ASP DA 27 -39.42 75.90 -5.50
CA ASP DA 27 -39.12 76.90 -4.49
C ASP DA 27 -37.82 77.60 -4.87
N ILE DA 28 -37.87 78.92 -5.05
CA ILE DA 28 -36.71 79.69 -5.49
C ILE DA 28 -36.58 80.94 -4.62
N ILE DA 29 -35.39 81.18 -4.10
CA ILE DA 29 -35.12 82.35 -3.28
C ILE DA 29 -34.39 83.38 -4.12
N GLY DA 30 -34.72 84.65 -3.94
CA GLY DA 30 -34.06 85.70 -4.69
C GLY DA 30 -34.52 87.06 -4.23
N ASN DA 31 -33.88 88.09 -4.78
CA ASN DA 31 -34.23 89.47 -4.48
C ASN DA 31 -35.31 89.89 -5.45
N ILE DA 32 -36.50 90.17 -4.92
CA ILE DA 32 -37.67 90.39 -5.76
C ILE DA 32 -38.11 91.84 -5.66
N SER DA 33 -38.71 92.33 -6.75
CA SER DA 33 -39.34 93.64 -6.82
C SER DA 33 -40.75 93.45 -7.38
N GLU DA 34 -41.74 94.01 -6.69
CA GLU DA 34 -43.14 93.75 -6.96
C GLU DA 34 -43.76 94.94 -7.68
N SER DA 35 -44.43 94.66 -8.80
CA SER DA 35 -45.17 95.65 -9.57
C SER DA 35 -46.65 95.23 -9.60
N GLN DA 36 -47.48 96.05 -10.24
CA GLN DA 36 -48.92 95.84 -10.17
C GLN DA 36 -49.34 94.51 -10.78
N GLY DA 37 -48.69 94.10 -11.87
CA GLY DA 37 -49.09 92.87 -12.54
C GLY DA 37 -48.02 91.81 -12.64
N LEU DA 38 -46.76 92.25 -12.63
CA LEU DA 38 -45.62 91.35 -12.80
C LEU DA 38 -44.57 91.65 -11.74
N ILE DA 39 -43.68 90.70 -11.52
CA ILE DA 39 -42.61 90.86 -10.55
C ILE DA 39 -41.28 90.50 -11.19
N THR DA 40 -40.22 91.17 -10.74
CA THR DA 40 -38.88 90.92 -11.21
C THR DA 40 -38.08 90.24 -10.10
N ILE DA 41 -37.17 89.36 -10.50
CA ILE DA 41 -36.36 88.60 -9.55
C ILE DA 41 -34.91 88.62 -9.99
N LYS DA 42 -34.00 88.74 -9.02
CA LYS DA 42 -32.58 88.72 -9.26
C LYS DA 42 -31.92 87.67 -8.38
N LYS DA 43 -30.91 87.00 -8.92
CA LYS DA 43 -30.13 85.98 -8.22
C LYS DA 43 -31.04 84.89 -7.67
N ALA DA 44 -31.92 84.38 -8.52
CA ALA DA 44 -32.80 83.29 -8.13
C ALA DA 44 -32.00 82.00 -7.93
N PHE DA 45 -32.45 81.19 -6.98
CA PHE DA 45 -31.80 79.92 -6.70
C PHE DA 45 -32.83 78.89 -6.27
N VAL DA 46 -32.89 77.77 -6.99
CA VAL DA 46 -33.76 76.68 -6.60
C VAL DA 46 -33.17 75.98 -5.39
N ILE DA 47 -34.06 75.51 -4.51
CA ILE DA 47 -33.68 74.86 -3.26
C ILE DA 47 -33.99 73.38 -3.39
N ILE DA 48 -32.97 72.55 -3.22
CA ILE DA 48 -33.08 71.10 -3.27
C ILE DA 48 -32.89 70.56 -1.84
N PRO DA 49 -33.90 69.92 -1.25
CA PRO DA 49 -33.80 69.36 0.11
C PRO DA 49 -32.82 68.20 0.19
N LEU DA 60 -29.56 71.54 2.89
CA LEU DA 60 -30.15 72.18 1.71
C LEU DA 60 -29.10 72.43 0.64
N VAL DA 61 -29.53 72.46 -0.61
CA VAL DA 61 -28.65 72.71 -1.75
C VAL DA 61 -29.23 73.85 -2.57
N LEU DA 62 -28.40 74.81 -2.94
CA LEU DA 62 -28.81 75.93 -3.77
C LEU DA 62 -28.27 75.74 -5.18
N CYS DA 63 -29.16 75.85 -6.17
CA CYS DA 63 -28.77 75.67 -7.55
C CYS DA 63 -29.22 76.87 -8.38
N PRO DA 64 -28.44 77.30 -9.36
CA PRO DA 64 -28.89 78.41 -10.21
C PRO DA 64 -30.20 78.08 -10.90
N TRP DA 65 -31.10 79.04 -10.91
CA TRP DA 65 -32.44 78.80 -11.47
C TRP DA 65 -32.40 78.70 -12.99
N GLN DA 66 -31.68 79.61 -13.64
CA GLN DA 66 -31.63 79.68 -15.10
C GLN DA 66 -30.18 79.72 -15.53
N PRO DA 67 -29.51 78.57 -15.56
CA PRO DA 67 -28.10 78.55 -15.97
C PRO DA 67 -27.95 78.51 -17.48
N TYR DA 68 -28.73 79.34 -18.17
CA TYR DA 68 -28.68 79.45 -19.62
C TYR DA 68 -28.69 80.89 -20.11
N THR DA 69 -28.96 81.87 -19.26
CA THR DA 69 -29.03 83.26 -19.64
C THR DA 69 -28.05 84.09 -18.84
N ASP DA 70 -27.66 85.23 -19.42
CA ASP DA 70 -26.77 86.18 -18.77
C ASP DA 70 -27.52 87.41 -18.24
N ASP DA 71 -28.86 87.39 -18.31
CA ASP DA 71 -29.63 88.54 -17.86
C ASP DA 71 -29.52 88.71 -16.35
N LYS DA 72 -29.47 89.96 -15.92
CA LYS DA 72 -29.35 90.25 -14.49
C LYS DA 72 -30.64 89.96 -13.74
N GLU DA 73 -31.79 90.24 -14.36
CA GLU DA 73 -33.07 90.07 -13.72
C GLU DA 73 -34.03 89.35 -14.66
N ILE DA 74 -35.00 88.65 -14.07
CA ILE DA 74 -35.99 87.88 -14.80
C ILE DA 74 -37.37 88.38 -14.39
N VAL DA 75 -38.20 88.69 -15.39
CA VAL DA 75 -39.56 89.16 -15.15
C VAL DA 75 -40.52 87.97 -15.25
N ILE DA 76 -41.57 87.97 -14.44
CA ILE DA 76 -42.53 86.88 -14.41
C ILE DA 76 -43.88 87.42 -13.97
N ASP DA 77 -44.93 86.93 -14.61
CA ASP DA 77 -46.29 87.35 -14.29
C ASP DA 77 -46.69 86.83 -12.92
N ASP DA 78 -47.53 87.60 -12.23
CA ASP DA 78 -48.00 87.23 -10.90
C ASP DA 78 -49.04 86.13 -10.91
N SER DA 79 -49.62 85.83 -12.07
CA SER DA 79 -50.62 84.76 -12.14
C SER DA 79 -50.02 83.38 -11.92
N LYS DA 80 -48.70 83.25 -12.09
CA LYS DA 80 -48.00 81.99 -11.86
C LYS DA 80 -47.40 81.91 -10.47
N VAL DA 81 -47.94 82.68 -9.52
CA VAL DA 81 -47.43 82.77 -8.15
C VAL DA 81 -48.32 81.93 -7.26
N ILE DA 82 -47.70 81.11 -6.40
CA ILE DA 82 -48.44 80.33 -5.41
C ILE DA 82 -48.32 81.05 -4.08
N THR DA 83 -47.10 81.18 -3.57
CA THR DA 83 -46.84 81.89 -2.32
C THR DA 83 -45.57 82.72 -2.42
N ILE DA 84 -45.61 83.89 -1.80
CA ILE DA 84 -44.44 84.73 -1.57
C ILE DA 84 -44.22 84.77 -0.06
N THR DA 85 -42.97 84.63 0.38
CA THR DA 85 -42.74 84.60 1.81
C THR DA 85 -41.35 85.12 2.14
N SER DA 86 -41.16 85.47 3.41
CA SER DA 86 -39.87 85.94 3.90
C SER DA 86 -39.11 84.79 4.53
N PRO DA 87 -37.90 84.49 4.10
CA PRO DA 87 -37.17 83.33 4.61
C PRO DA 87 -36.59 83.60 6.00
N LYS DA 88 -35.93 82.58 6.54
CA LYS DA 88 -35.27 82.68 7.83
C LYS DA 88 -33.91 83.36 7.69
N ASP DA 89 -33.32 83.71 8.84
CA ASP DA 89 -32.03 84.38 8.83
C ASP DA 89 -30.92 83.45 8.33
N ASP DA 90 -30.97 82.18 8.71
CA ASP DA 90 -29.95 81.23 8.27
C ASP DA 90 -29.96 81.09 6.77
N ILE DA 91 -31.15 81.01 6.16
CA ILE DA 91 -31.26 80.88 4.72
C ILE DA 91 -30.69 82.12 4.02
N ILE DA 92 -30.99 83.30 4.57
CA ILE DA 92 -30.47 84.54 3.99
C ILE DA 92 -28.95 84.56 4.07
N LYS DA 93 -28.40 84.15 5.21
CA LYS DA 93 -26.95 84.11 5.38
C LYS DA 93 -26.31 83.15 4.39
N SER DA 94 -26.90 81.96 4.21
CA SER DA 94 -26.37 81.00 3.25
C SER DA 94 -26.45 81.54 1.83
N TYR DA 95 -27.54 82.22 1.50
CA TYR DA 95 -27.69 82.81 0.17
C TYR DA 95 -26.63 83.87 -0.08
N GLU DA 96 -26.39 84.74 0.92
CA GLU DA 96 -25.36 85.76 0.79
C GLU DA 96 -23.98 85.13 0.61
N SER DA 97 -23.67 84.11 1.41
CA SER DA 97 -22.37 83.45 1.31
C SER DA 97 -22.20 82.81 -0.07
N HIS DA 98 -23.25 82.16 -0.56
CA HIS DA 98 -23.19 81.52 -1.88
C HIS DA 98 -22.92 82.56 -2.97
N THR DA 99 -23.66 83.67 -2.95
CA THR DA 99 -23.45 84.70 -3.97
C THR DA 99 -22.05 85.28 -3.89
N ARG DA 100 -21.58 85.56 -2.68
CA ARG DA 100 -20.23 86.12 -2.53
C ARG DA 100 -19.17 85.15 -3.05
N VAL DA 101 -19.31 83.86 -2.74
CA VAL DA 101 -18.34 82.87 -3.22
C VAL DA 101 -18.37 82.81 -4.74
N LEU DA 102 -19.56 82.82 -5.34
CA LEU DA 102 -19.65 82.78 -6.80
C LEU DA 102 -18.97 83.99 -7.43
N GLU DA 103 -19.21 85.18 -6.87
CA GLU DA 103 -18.60 86.39 -7.43
C GLU DA 103 -17.08 86.35 -7.29
N ASN DA 104 -16.59 85.87 -6.15
CA ASN DA 104 -15.14 85.74 -5.96
C ASN DA 104 -14.54 84.77 -6.96
N LYS DA 105 -15.22 83.64 -7.21
CA LYS DA 105 -14.74 82.70 -8.21
C LYS DA 105 -14.70 83.34 -9.59
N GLN DA 106 -15.74 84.13 -9.92
CA GLN DA 106 -15.78 84.78 -11.23
C GLN DA 106 -14.62 85.76 -11.40
N VAL DA 107 -14.35 86.57 -10.38
CA VAL DA 107 -13.28 87.57 -10.50
C VAL DA 107 -11.92 86.87 -10.55
N GLU DA 108 -11.75 85.79 -9.79
CA GLU DA 108 -10.49 85.04 -9.86
C GLU DA 108 -10.28 84.45 -11.24
N GLU DA 109 -11.35 83.90 -11.85
CA GLU DA 109 -11.23 83.37 -13.20
C GLU DA 109 -10.89 84.47 -14.20
N ILE DA 110 -11.47 85.65 -14.02
CA ILE DA 110 -11.17 86.77 -14.92
C ILE DA 110 -9.69 87.14 -14.82
N LEU DA 111 -9.16 87.21 -13.60
CA LEU DA 111 -7.75 87.51 -13.42
C LEU DA 111 -6.86 86.45 -14.05
N ARG DA 112 -7.22 85.18 -13.86
CA ARG DA 112 -6.44 84.09 -14.45
C ARG DA 112 -6.42 84.22 -15.96
N LEU DA 113 -7.57 84.52 -16.56
CA LEU DA 113 -7.63 84.67 -18.01
C LEU DA 113 -6.82 85.87 -18.48
N GLU DA 114 -6.84 86.98 -17.71
CA GLU DA 114 -5.99 88.12 -18.00
C GLU DA 114 -4.53 87.69 -18.11
N LYS DA 115 -4.05 86.99 -17.07
CA LYS DA 115 -2.64 86.57 -17.07
C LYS DA 115 -2.34 85.64 -18.24
N GLU DA 116 -3.22 84.68 -18.49
CA GLU DA 116 -2.98 83.72 -19.55
C GLU DA 116 -2.93 84.39 -20.92
N ILE DA 117 -3.87 85.29 -21.21
CA ILE DA 117 -3.89 85.94 -22.51
C ILE DA 117 -2.68 86.86 -22.66
N GLU DA 118 -2.27 87.53 -21.59
CA GLU DA 118 -1.07 88.37 -21.67
C GLU DA 118 0.16 87.53 -22.00
N ASP DA 119 0.33 86.41 -21.30
CA ASP DA 119 1.49 85.54 -21.55
C ASP DA 119 1.46 85.02 -22.98
N LEU DA 120 0.29 84.55 -23.43
CA LEU DA 120 0.19 84.01 -24.78
C LEU DA 120 0.50 85.07 -25.83
N GLN DA 121 -0.02 86.28 -25.66
CA GLN DA 121 0.25 87.34 -26.62
C GLN DA 121 1.73 87.69 -26.66
N ARG DA 122 2.37 87.77 -25.49
CA ARG DA 122 3.80 88.10 -25.46
C ARG DA 122 4.62 87.02 -26.16
N MET DA 123 4.34 85.75 -25.87
CA MET DA 123 5.12 84.68 -26.49
C MET DA 123 4.86 84.61 -27.99
N LYS DA 124 3.62 84.85 -28.40
CA LYS DA 124 3.30 84.87 -29.83
C LYS DA 124 4.03 86.00 -30.55
N GLU DA 125 4.10 87.18 -29.92
CA GLU DA 125 4.84 88.28 -30.52
C GLU DA 125 6.33 87.94 -30.63
N GLN DA 126 6.88 87.30 -29.60
CA GLN DA 126 8.27 86.88 -29.65
C GLN DA 126 8.50 85.90 -30.81
N GLN DA 127 7.59 84.95 -30.98
CA GLN DA 127 7.70 84.02 -32.10
C GLN DA 127 7.62 84.74 -33.44
N GLU DA 128 6.72 85.72 -33.54
CA GLU DA 128 6.57 86.47 -34.79
C GLU DA 128 7.82 87.28 -35.11
N LEU DA 129 8.53 87.76 -34.08
CA LEU DA 129 9.69 88.60 -34.32
C LEU DA 129 10.78 87.86 -35.10
N SER DA 130 11.04 86.61 -34.74
CA SER DA 130 12.12 85.83 -35.35
C SER DA 130 11.59 85.08 -36.57
N LEU DA 131 11.25 85.84 -37.60
CA LEU DA 131 10.70 85.29 -38.83
C LEU DA 131 11.53 85.76 -40.03
N THR DA 132 11.19 85.24 -41.20
CA THR DA 132 11.83 85.58 -42.46
C THR DA 132 10.85 86.36 -43.32
N GLU DA 133 11.36 87.31 -44.10
CA GLU DA 133 10.52 88.20 -44.89
C GLU DA 133 9.57 87.42 -45.80
N ALA DA 134 10.11 86.43 -46.53
CA ALA DA 134 9.28 85.61 -47.39
C ALA DA 134 8.25 84.83 -46.58
N SER DA 135 8.67 84.30 -45.42
CA SER DA 135 7.73 83.61 -44.55
C SER DA 135 6.66 84.57 -44.04
N LEU DA 136 7.02 85.81 -43.75
CA LEU DA 136 6.04 86.80 -43.32
C LEU DA 136 5.02 87.10 -44.40
N GLN DA 137 5.49 87.23 -45.65
CA GLN DA 137 4.56 87.44 -46.75
C GLN DA 137 3.63 86.24 -46.93
N LYS DA 138 4.19 85.03 -46.84
CA LYS DA 138 3.36 83.84 -46.94
C LYS DA 138 2.34 83.77 -45.81
N LEU DA 139 2.74 84.16 -44.61
CA LEU DA 139 1.81 84.22 -43.49
C LEU DA 139 0.69 85.21 -43.75
N GLN DA 140 1.03 86.39 -44.29
CA GLN DA 140 0.01 87.39 -44.58
C GLN DA 140 -0.99 86.86 -45.61
N GLU DA 141 -0.48 86.25 -46.68
CA GLU DA 141 -1.38 85.69 -47.70
C GLU DA 141 -2.24 84.57 -47.13
N ARG DA 142 -1.65 83.71 -46.29
CA ARG DA 142 -2.40 82.61 -45.71
C ARG DA 142 -3.50 83.13 -44.78
N ARG DA 143 -3.20 84.15 -43.97
CA ARG DA 143 -4.21 84.73 -43.11
C ARG DA 143 -5.33 85.37 -43.93
N ASP DA 144 -4.97 86.04 -45.03
CA ASP DA 144 -6.00 86.60 -45.90
C ASP DA 144 -6.89 85.52 -46.48
N GLN DA 145 -6.30 84.39 -46.87
CA GLN DA 145 -7.10 83.27 -47.36
C GLN DA 145 -7.98 82.70 -46.25
N GLU DA 146 -7.44 82.63 -45.02
CA GLU DA 146 -8.22 82.18 -43.87
C GLU DA 146 -9.47 83.04 -43.69
N LEU DA 147 -9.30 84.36 -43.67
CA LEU DA 147 -10.45 85.25 -43.48
C LEU DA 147 -11.38 85.25 -44.68
N ARG DA 148 -10.95 84.72 -45.81
CA ARG DA 148 -11.78 84.68 -47.01
C ARG DA 148 -12.88 83.64 -46.88
N ASN EA 16 -12.96 -27.14 94.45
CA ASN EA 16 -11.87 -26.22 94.67
C ASN EA 16 -11.15 -25.89 93.37
N ILE EA 17 -11.90 -25.35 92.40
CA ILE EA 17 -11.31 -24.97 91.12
C ILE EA 17 -10.38 -23.79 91.33
N LYS EA 18 -9.12 -23.94 90.92
CA LYS EA 18 -8.11 -22.91 91.12
C LYS EA 18 -7.15 -22.89 89.94
N ILE EA 19 -6.46 -21.76 89.81
CA ILE EA 19 -5.45 -21.55 88.79
C ILE EA 19 -4.07 -21.71 89.42
N MET EA 20 -3.21 -22.44 88.71
CA MET EA 20 -1.87 -22.82 89.13
C MET EA 20 -0.87 -22.19 88.15
N ARG EA 21 0.16 -21.55 88.70
CA ARG EA 21 1.27 -21.05 87.90
C ARG EA 21 2.48 -21.94 88.15
N LEU EA 22 2.93 -22.64 87.12
CA LEU EA 22 4.08 -23.52 87.22
C LEU EA 22 5.37 -22.76 86.94
N VAL EA 23 6.48 -23.38 87.31
CA VAL EA 23 7.79 -22.75 87.11
C VAL EA 23 8.09 -22.59 85.63
N THR EA 24 7.53 -23.45 84.78
CA THR EA 24 7.78 -23.38 83.34
C THR EA 24 6.78 -22.47 82.64
N CYS EA 25 6.60 -21.26 83.18
CA CYS EA 25 5.74 -20.21 82.63
C CYS EA 25 4.44 -20.79 82.06
N GLU EA 26 3.73 -21.54 82.90
CA GLU EA 26 2.52 -22.23 82.50
C GLU EA 26 1.39 -21.92 83.46
N ASP EA 27 0.20 -21.68 82.91
CA ASP EA 27 -1.01 -21.43 83.69
C ASP EA 27 -1.99 -22.57 83.44
N ILE EA 28 -2.38 -23.28 84.50
CA ILE EA 28 -3.26 -24.44 84.38
C ILE EA 28 -4.35 -24.35 85.43
N ILE EA 29 -5.60 -24.52 85.01
CA ILE EA 29 -6.74 -24.48 85.91
C ILE EA 29 -7.19 -25.91 86.18
N GLY EA 30 -7.57 -26.18 87.43
CA GLY EA 30 -8.03 -27.51 87.78
C GLY EA 30 -8.53 -27.55 89.20
N ASN EA 31 -9.09 -28.70 89.57
CA ASN EA 31 -9.57 -28.94 90.93
C ASN EA 31 -8.41 -29.44 91.76
N ILE EA 32 -7.99 -28.67 92.74
CA ILE EA 32 -6.76 -28.97 93.48
C ILE EA 32 -7.10 -29.33 94.91
N SER EA 33 -6.24 -30.18 95.49
CA SER EA 33 -6.29 -30.56 96.90
C SER EA 33 -4.90 -30.34 97.48
N GLU EA 34 -4.83 -29.64 98.60
CA GLU EA 34 -3.57 -29.18 99.17
C GLU EA 34 -3.20 -30.03 100.38
N SER EA 35 -1.97 -30.52 100.38
CA SER EA 35 -1.40 -31.26 101.49
C SER EA 35 -0.17 -30.51 102.00
N GLN EA 36 0.45 -31.05 103.06
CA GLN EA 36 1.52 -30.32 103.74
C GLN EA 36 2.72 -30.06 102.82
N GLY EA 37 3.06 -31.00 101.96
CA GLY EA 37 4.22 -30.85 101.11
C GLY EA 37 3.94 -30.90 99.63
N LEU EA 38 2.88 -31.59 99.25
CA LEU EA 38 2.54 -31.81 97.85
C LEU EA 38 1.07 -31.51 97.63
N ILE EA 39 0.69 -31.28 96.37
CA ILE EA 39 -0.69 -31.00 96.03
C ILE EA 39 -1.11 -31.89 94.87
N THR EA 40 -2.39 -32.27 94.86
CA THR EA 40 -2.97 -33.07 93.81
C THR EA 40 -3.89 -32.22 92.96
N ILE EA 41 -3.96 -32.52 91.67
CA ILE EA 41 -4.77 -31.74 90.74
C ILE EA 41 -5.54 -32.70 89.85
N LYS EA 42 -6.79 -32.33 89.55
CA LYS EA 42 -7.66 -33.11 88.67
C LYS EA 42 -8.21 -32.20 87.59
N LYS EA 43 -8.33 -32.76 86.38
CA LYS EA 43 -8.87 -32.07 85.21
C LYS EA 43 -8.11 -30.77 84.94
N ALA EA 44 -6.79 -30.88 84.93
CA ALA EA 44 -5.95 -29.73 84.62
C ALA EA 44 -6.10 -29.33 83.16
N PHE EA 45 -6.01 -28.02 82.90
CA PHE EA 45 -6.12 -27.51 81.53
C PHE EA 45 -5.22 -26.29 81.38
N VAL EA 46 -4.30 -26.36 80.41
CA VAL EA 46 -3.46 -25.21 80.09
C VAL EA 46 -4.31 -24.17 79.36
N ILE EA 47 -4.01 -22.90 79.64
CA ILE EA 47 -4.73 -21.77 79.08
C ILE EA 47 -3.83 -21.09 78.05
N ILE EA 48 -4.32 -21.01 76.82
CA ILE EA 48 -3.62 -20.36 75.71
C ILE EA 48 -4.36 -19.07 75.38
N PRO EA 49 -3.73 -17.90 75.53
CA PRO EA 49 -4.36 -16.60 75.22
C PRO EA 49 -4.63 -16.43 73.73
N LEU EA 60 -9.85 -17.06 74.92
CA LEU EA 60 -9.01 -18.04 75.60
C LEU EA 60 -9.24 -19.43 75.04
N VAL EA 61 -8.22 -20.28 75.13
CA VAL EA 61 -8.28 -21.65 74.65
C VAL EA 61 -7.86 -22.57 75.79
N LEU EA 62 -8.62 -23.63 76.02
CA LEU EA 62 -8.31 -24.63 77.04
C LEU EA 62 -7.79 -25.89 76.36
N CYS EA 63 -6.64 -26.37 76.82
CA CYS EA 63 -6.03 -27.56 76.25
C CYS EA 63 -5.72 -28.56 77.36
N PRO EA 64 -5.88 -29.85 77.10
CA PRO EA 64 -5.52 -30.84 78.13
C PRO EA 64 -4.06 -30.71 78.52
N TRP EA 65 -3.80 -30.78 79.83
CA TRP EA 65 -2.44 -30.58 80.32
C TRP EA 65 -1.55 -31.77 80.01
N GLN EA 66 -2.04 -32.98 80.23
CA GLN EA 66 -1.27 -34.20 80.05
C GLN EA 66 -2.06 -35.16 79.16
N PRO EA 67 -2.05 -34.95 77.84
CA PRO EA 67 -2.80 -35.83 76.95
C PRO EA 67 -2.01 -37.10 76.62
N TYR EA 68 -1.40 -37.70 77.64
CA TYR EA 68 -0.64 -38.93 77.48
C TYR EA 68 -0.92 -39.95 78.57
N THR EA 69 -1.64 -39.58 79.64
CA THR EA 69 -1.92 -40.47 80.74
C THR EA 69 -3.42 -40.59 80.96
N ASP EA 70 -3.82 -41.71 81.55
CA ASP EA 70 -5.20 -41.97 81.90
C ASP EA 70 -5.48 -41.79 83.38
N ASP EA 71 -4.50 -41.29 84.14
CA ASP EA 71 -4.67 -41.11 85.57
C ASP EA 71 -5.70 -40.02 85.87
N LYS EA 72 -6.49 -40.25 86.91
CA LYS EA 72 -7.52 -39.28 87.27
C LYS EA 72 -6.92 -38.02 87.89
N GLU EA 73 -5.88 -38.18 88.71
CA GLU EA 73 -5.27 -37.07 89.41
C GLU EA 73 -3.75 -37.11 89.24
N ILE EA 74 -3.13 -35.94 89.32
CA ILE EA 74 -1.69 -35.79 89.18
C ILE EA 74 -1.15 -35.12 90.44
N VAL EA 75 -0.11 -35.71 91.03
CA VAL EA 75 0.53 -35.18 92.23
C VAL EA 75 1.73 -34.36 91.81
N ILE EA 76 1.99 -33.27 92.55
CA ILE EA 76 3.10 -32.39 92.22
C ILE EA 76 3.58 -31.71 93.51
N ASP EA 77 4.90 -31.59 93.63
CA ASP EA 77 5.50 -30.97 94.80
C ASP EA 77 5.21 -29.47 94.81
N ASP EA 78 5.08 -28.92 96.03
CA ASP EA 78 4.79 -27.50 96.19
C ASP EA 78 5.98 -26.60 95.92
N SER EA 79 7.18 -27.16 95.83
CA SER EA 79 8.36 -26.34 95.55
C SER EA 79 8.37 -25.81 94.13
N LYS EA 80 7.60 -26.43 93.23
CA LYS EA 80 7.47 -25.97 91.85
C LYS EA 80 6.26 -25.07 91.65
N VAL EA 81 5.80 -24.43 92.71
CA VAL EA 81 4.62 -23.57 92.68
C VAL EA 81 5.06 -22.12 92.65
N ILE EA 82 4.45 -21.33 91.76
CA ILE EA 82 4.72 -19.90 91.71
C ILE EA 82 3.58 -19.19 92.41
N THR EA 83 2.35 -19.34 91.88
CA THR EA 83 1.17 -18.75 92.47
C THR EA 83 -0.01 -19.71 92.39
N ILE EA 84 -0.82 -19.71 93.45
CA ILE EA 84 -2.12 -20.37 93.47
C ILE EA 84 -3.17 -19.27 93.60
N THR EA 85 -4.24 -19.37 92.82
CA THR EA 85 -5.23 -18.29 92.87
C THR EA 85 -6.61 -18.82 92.53
N SER EA 86 -7.63 -18.03 92.88
CA SER EA 86 -9.01 -18.37 92.58
C SER EA 86 -9.44 -17.67 91.31
N PRO EA 87 -9.94 -18.38 90.31
CA PRO EA 87 -10.28 -17.75 89.03
C PRO EA 87 -11.59 -16.99 89.11
N LYS EA 88 -11.95 -16.38 87.99
CA LYS EA 88 -13.21 -15.65 87.87
C LYS EA 88 -14.36 -16.62 87.60
N ASP EA 89 -15.59 -16.09 87.71
CA ASP EA 89 -16.77 -16.92 87.50
C ASP EA 89 -16.89 -17.37 86.05
N ASP EA 90 -16.55 -16.48 85.10
CA ASP EA 90 -16.64 -16.83 83.69
C ASP EA 90 -15.70 -17.97 83.35
N ILE EA 91 -14.48 -17.94 83.90
CA ILE EA 91 -13.51 -18.99 83.65
C ILE EA 91 -14.02 -20.32 84.21
N ILE EA 92 -14.59 -20.29 85.42
CA ILE EA 92 -15.13 -21.51 86.02
C ILE EA 92 -16.27 -22.07 85.17
N LYS EA 93 -17.15 -21.19 84.69
CA LYS EA 93 -18.25 -21.63 83.83
C LYS EA 93 -17.73 -22.27 82.55
N SER EA 94 -16.73 -21.65 81.92
CA SER EA 94 -16.16 -22.21 80.70
C SER EA 94 -15.51 -23.56 80.98
N TYR EA 95 -14.80 -23.68 82.10
CA TYR EA 95 -14.18 -24.94 82.47
C TYR EA 95 -15.22 -26.04 82.68
N GLU EA 96 -16.31 -25.70 83.37
CA GLU EA 96 -17.38 -26.68 83.56
C GLU EA 96 -18.00 -27.10 82.24
N SER EA 97 -18.26 -26.14 81.36
CA SER EA 97 -18.85 -26.47 80.06
C SER EA 97 -17.92 -27.36 79.25
N HIS EA 98 -16.61 -27.04 79.26
CA HIS EA 98 -15.64 -27.85 78.53
C HIS EA 98 -15.61 -29.28 79.04
N THR EA 99 -15.56 -29.45 80.36
CA THR EA 99 -15.53 -30.81 80.93
C THR EA 99 -16.81 -31.57 80.59
N ARG EA 100 -17.96 -30.91 80.71
CA ARG EA 100 -19.22 -31.58 80.40
C ARG EA 100 -19.28 -32.01 78.94
N VAL EA 101 -18.83 -31.14 78.04
CA VAL EA 101 -18.83 -31.47 76.61
C VAL EA 101 -17.91 -32.66 76.35
N LEU EA 102 -16.73 -32.67 76.97
CA LEU EA 102 -15.80 -33.78 76.77
C LEU EA 102 -16.40 -35.09 77.26
N GLU EA 103 -17.04 -35.06 78.43
CA GLU EA 103 -17.64 -36.29 78.95
C GLU EA 103 -18.79 -36.78 78.08
N ASN EA 104 -19.59 -35.85 77.56
CA ASN EA 104 -20.67 -36.23 76.66
C ASN EA 104 -20.12 -36.86 75.38
N LYS EA 105 -19.04 -36.28 74.84
CA LYS EA 105 -18.41 -36.87 73.66
C LYS EA 105 -17.90 -38.27 73.95
N GLN EA 106 -17.30 -38.46 75.13
CA GLN EA 106 -16.79 -39.78 75.49
C GLN EA 106 -17.90 -40.82 75.57
N VAL EA 107 -19.01 -40.45 76.23
CA VAL EA 107 -20.09 -41.43 76.38
C VAL EA 107 -20.75 -41.72 75.03
N GLU EA 108 -20.87 -40.70 74.17
CA GLU EA 108 -21.41 -40.93 72.84
C GLU EA 108 -20.51 -41.88 72.04
N GLU EA 109 -19.20 -41.69 72.13
CA GLU EA 109 -18.27 -42.59 71.44
C GLU EA 109 -18.38 -44.01 71.98
N ILE EA 110 -18.55 -44.15 73.30
CA ILE EA 110 -18.70 -45.47 73.88
C ILE EA 110 -19.95 -46.16 73.34
N LEU EA 111 -21.06 -45.42 73.26
CA LEU EA 111 -22.29 -46.00 72.71
C LEU EA 111 -22.12 -46.39 71.24
N ARG EA 112 -21.47 -45.54 70.47
CA ARG EA 112 -21.23 -45.85 69.06
C ARG EA 112 -20.41 -47.13 68.93
N LEU EA 113 -19.38 -47.27 69.75
CA LEU EA 113 -18.55 -48.48 69.70
C LEU EA 113 -19.35 -49.71 70.13
N GLU EA 114 -20.22 -49.56 71.13
CA GLU EA 114 -21.11 -50.65 71.51
C GLU EA 114 -21.91 -51.14 70.30
N LYS EA 115 -22.56 -50.20 69.61
CA LYS EA 115 -23.40 -50.58 68.46
C LYS EA 115 -22.55 -51.23 67.37
N GLU EA 116 -21.39 -50.66 67.08
CA GLU EA 116 -20.55 -51.18 66.01
C GLU EA 116 -20.07 -52.60 66.32
N ILE EA 117 -19.61 -52.84 67.55
CA ILE EA 117 -19.11 -54.16 67.89
C ILE EA 117 -20.24 -55.18 67.90
N GLU EA 118 -21.43 -54.77 68.36
CA GLU EA 118 -22.57 -55.70 68.33
C GLU EA 118 -22.90 -56.09 66.89
N ASP EA 119 -22.97 -55.11 65.99
CA ASP EA 119 -23.29 -55.40 64.60
C ASP EA 119 -22.23 -56.30 63.98
N LEU EA 120 -20.95 -55.99 64.22
CA LEU EA 120 -19.88 -56.79 63.65
C LEU EA 120 -19.92 -58.22 64.17
N GLN EA 121 -20.15 -58.40 65.46
CA GLN EA 121 -20.22 -59.75 66.02
C GLN EA 121 -21.38 -60.53 65.43
N ARG EA 122 -22.54 -59.90 65.30
CA ARG EA 122 -23.70 -60.59 64.73
C ARG EA 122 -23.43 -61.02 63.30
N MET EA 123 -22.88 -60.11 62.48
CA MET EA 123 -22.64 -60.45 61.08
C MET EA 123 -21.56 -61.52 60.96
N LYS EA 124 -20.54 -61.45 61.81
CA LYS EA 124 -19.50 -62.48 61.81
C LYS EA 124 -20.07 -63.84 62.19
N GLU EA 125 -20.95 -63.89 63.18
CA GLU EA 125 -21.58 -65.16 63.55
C GLU EA 125 -22.42 -65.69 62.40
N GLN EA 126 -23.15 -64.81 61.72
CA GLN EA 126 -23.93 -65.24 60.56
C GLN EA 126 -23.03 -65.82 59.48
N GLN EA 127 -21.89 -65.17 59.22
CA GLN EA 127 -20.95 -65.71 58.24
C GLN EA 127 -20.41 -67.07 58.68
N GLU EA 128 -20.10 -67.22 59.97
CA GLU EA 128 -19.59 -68.48 60.47
C GLU EA 128 -20.61 -69.61 60.35
N LEU EA 129 -21.90 -69.27 60.48
CA LEU EA 129 -22.93 -70.31 60.44
C LEU EA 129 -22.94 -71.05 59.11
N SER EA 130 -22.83 -70.31 58.00
CA SER EA 130 -22.91 -70.91 56.66
C SER EA 130 -21.53 -71.34 56.19
N LEU EA 131 -21.00 -72.35 56.85
CA LEU EA 131 -19.67 -72.88 56.55
C LEU EA 131 -19.76 -74.39 56.27
N THR EA 132 -18.62 -74.96 55.89
CA THR EA 132 -18.48 -76.38 55.60
C THR EA 132 -17.61 -77.01 56.68
N GLU EA 133 -17.92 -78.26 57.02
CA GLU EA 133 -17.22 -78.94 58.11
C GLU EA 133 -15.70 -78.94 57.90
N ALA EA 134 -15.27 -79.32 56.69
CA ALA EA 134 -13.83 -79.31 56.39
C ALA EA 134 -13.27 -77.90 56.48
N SER EA 135 -14.02 -76.91 55.99
CA SER EA 135 -13.58 -75.52 56.10
C SER EA 135 -13.50 -75.10 57.56
N LEU EA 136 -14.44 -75.57 58.39
CA LEU EA 136 -14.40 -75.25 59.82
C LEU EA 136 -13.17 -75.84 60.48
N GLN EA 137 -12.82 -77.08 60.14
CA GLN EA 137 -11.62 -77.69 60.68
C GLN EA 137 -10.38 -76.93 60.24
N LYS EA 138 -10.33 -76.54 58.95
CA LYS EA 138 -9.20 -75.77 58.46
C LYS EA 138 -9.10 -74.43 59.17
N LEU EA 139 -10.24 -73.78 59.42
CA LEU EA 139 -10.27 -72.54 60.17
C LEU EA 139 -9.72 -72.72 61.57
N GLN EA 140 -10.13 -73.80 62.25
CA GLN EA 140 -9.64 -74.07 63.60
C GLN EA 140 -8.13 -74.25 63.60
N GLU EA 141 -7.61 -75.06 62.66
CA GLU EA 141 -6.17 -75.26 62.60
C GLU EA 141 -5.44 -73.96 62.28
N ARG EA 142 -5.99 -73.16 61.36
CA ARG EA 142 -5.35 -71.90 61.00
C ARG EA 142 -5.33 -70.93 62.18
N ARG EA 143 -6.41 -70.86 62.95
CA ARG EA 143 -6.44 -70.01 64.13
C ARG EA 143 -5.43 -70.49 65.18
N ASP EA 144 -5.32 -71.82 65.34
CA ASP EA 144 -4.32 -72.35 66.27
C ASP EA 144 -2.91 -71.97 65.82
N GLN EA 145 -2.65 -72.02 64.52
CA GLN EA 145 -1.33 -71.60 64.02
C GLN EA 145 -1.13 -70.11 64.23
N GLU EA 146 -2.19 -69.31 64.05
CA GLU EA 146 -2.12 -67.87 64.30
C GLU EA 146 -1.70 -67.59 65.74
N LEU EA 147 -2.36 -68.23 66.70
CA LEU EA 147 -2.03 -68.01 68.10
C LEU EA 147 -0.68 -68.60 68.48
N ARG EA 148 -0.10 -69.45 67.63
CA ARG EA 148 1.19 -70.05 67.92
C ARG EA 148 2.32 -69.03 67.75
N ASN FA 16 30.47 -93.61 11.60
CA ASN FA 16 31.31 -93.01 12.63
C ASN FA 16 31.39 -91.49 12.46
N ILE FA 17 30.23 -90.84 12.52
CA ILE FA 17 30.17 -89.38 12.40
C ILE FA 17 30.81 -88.77 13.64
N LYS FA 18 31.82 -87.93 13.43
CA LYS FA 18 32.54 -87.32 14.52
C LYS FA 18 32.96 -85.90 14.15
N ILE FA 19 33.26 -85.11 15.18
CA ILE FA 19 33.74 -83.74 15.04
C ILE FA 19 35.25 -83.71 15.25
N MET FA 20 35.92 -82.98 14.36
CA MET FA 20 37.37 -82.87 14.28
C MET FA 20 37.74 -81.42 14.56
N ARG FA 21 38.72 -81.21 15.43
CA ARG FA 21 39.30 -79.89 15.65
C ARG FA 21 40.69 -79.86 15.03
N LEU FA 22 40.86 -79.02 14.02
CA LEU FA 22 42.13 -78.89 13.33
C LEU FA 22 43.00 -77.85 14.01
N VAL FA 23 44.30 -77.86 13.68
CA VAL FA 23 45.24 -76.92 14.27
C VAL FA 23 44.91 -75.49 13.85
N THR FA 24 44.29 -75.31 12.69
CA THR FA 24 43.96 -73.98 12.20
C THR FA 24 42.57 -73.54 12.67
N CYS FA 25 42.35 -73.67 13.98
CA CYS FA 25 41.11 -73.24 14.66
C CYS FA 25 39.87 -73.52 13.80
N GLU FA 26 39.73 -74.78 13.41
CA GLU FA 26 38.65 -75.20 12.52
C GLU FA 26 37.93 -76.40 13.11
N ASP FA 27 36.61 -76.39 13.01
CA ASP FA 27 35.76 -77.50 13.46
C ASP FA 27 35.06 -78.08 12.25
N ILE FA 28 35.27 -79.37 11.99
CA ILE FA 28 34.71 -80.03 10.82
C ILE FA 28 34.11 -81.37 11.24
N ILE FA 29 32.87 -81.61 10.82
CA ILE FA 29 32.18 -82.86 11.13
C ILE FA 29 32.22 -83.75 9.90
N GLY FA 30 32.41 -85.05 10.12
CA GLY FA 30 32.45 -85.98 9.00
C GLY FA 30 32.56 -87.40 9.49
N ASN FA 31 32.46 -88.33 8.54
CA ASN FA 31 32.59 -89.76 8.83
C ASN FA 31 34.07 -90.11 8.77
N ILE FA 32 34.64 -90.50 9.91
CA ILE FA 32 36.08 -90.67 10.02
C ILE FA 32 36.41 -92.14 10.22
N SER FA 33 37.59 -92.53 9.75
CA SER FA 33 38.17 -93.84 9.96
C SER FA 33 39.59 -93.65 10.48
N GLU FA 34 39.91 -94.33 11.57
CA GLU FA 34 41.14 -94.10 12.31
C GLU FA 34 42.12 -95.22 12.05
N SER FA 35 43.35 -94.85 11.69
CA SER FA 35 44.46 -95.77 11.49
C SER FA 35 45.57 -95.42 12.48
N GLN FA 36 46.66 -96.20 12.44
CA GLN FA 36 47.70 -96.06 13.47
C GLN FA 36 48.35 -94.68 13.43
N GLY FA 37 48.56 -94.12 12.24
CA GLY FA 37 49.24 -92.85 12.14
C GLY FA 37 48.44 -91.74 11.48
N LEU FA 38 47.51 -92.11 10.61
CA LEU FA 38 46.73 -91.16 9.85
C LEU FA 38 45.25 -91.53 9.92
N ILE FA 39 44.39 -90.58 9.61
CA ILE FA 39 42.96 -90.80 9.62
C ILE FA 39 42.36 -90.31 8.31
N THR FA 40 41.30 -90.99 7.88
CA THR FA 40 40.57 -90.61 6.67
C THR FA 40 39.22 -90.04 7.05
N ILE FA 41 38.75 -89.09 6.26
CA ILE FA 41 37.48 -88.40 6.54
C ILE FA 41 36.68 -88.32 5.25
N LYS FA 42 35.37 -88.49 5.37
CA LYS FA 42 34.45 -88.39 4.26
C LYS FA 42 33.32 -87.43 4.62
N LYS FA 43 32.89 -86.66 3.61
CA LYS FA 43 31.80 -85.69 3.75
C LYS FA 43 32.08 -84.71 4.89
N ALA FA 44 33.29 -84.15 4.88
CA ALA FA 44 33.64 -83.15 5.88
C ALA FA 44 32.86 -81.85 5.64
N PHE FA 45 32.55 -81.17 6.75
CA PHE FA 45 31.80 -79.91 6.67
C PHE FA 45 32.27 -78.99 7.78
N VAL FA 46 32.74 -77.80 7.41
CA VAL FA 46 33.09 -76.79 8.39
C VAL FA 46 31.82 -76.21 9.00
N ILE FA 47 31.89 -75.89 10.29
CA ILE FA 47 30.76 -75.37 11.06
C ILE FA 47 31.02 -73.90 11.33
N ILE FA 48 30.10 -73.05 10.88
CA ILE FA 48 30.15 -71.60 11.09
C ILE FA 48 29.06 -71.24 12.08
N PRO FA 49 29.40 -70.70 13.26
CA PRO FA 49 28.42 -70.30 14.28
C PRO FA 49 27.57 -69.11 13.83
N LEU FA 60 23.49 -72.61 13.33
CA LEU FA 60 24.73 -73.12 12.77
C LEU FA 60 24.65 -73.21 11.25
N VAL FA 61 25.80 -73.11 10.59
CA VAL FA 61 25.89 -73.19 9.13
C VAL FA 61 26.91 -74.26 8.78
N LEU FA 62 26.56 -75.13 7.84
CA LEU FA 62 27.46 -76.17 7.36
C LEU FA 62 27.97 -75.79 5.98
N CYS FA 63 29.29 -75.82 5.81
CA CYS FA 63 29.90 -75.47 4.53
C CYS FA 63 30.82 -76.58 4.08
N PRO FA 64 30.90 -76.87 2.79
CA PRO FA 64 31.84 -77.89 2.31
C PRO FA 64 33.27 -77.54 2.69
N TRP FA 65 34.01 -78.54 3.18
CA TRP FA 65 35.36 -78.29 3.65
C TRP FA 65 36.33 -78.02 2.51
N GLN FA 66 36.25 -78.82 1.44
CA GLN FA 66 37.16 -78.72 0.31
C GLN FA 66 36.35 -78.65 -0.97
N PRO FA 67 35.82 -77.47 -1.29
CA PRO FA 67 35.02 -77.34 -2.53
C PRO FA 67 35.89 -77.13 -3.75
N TYR FA 68 36.98 -77.91 -3.84
CA TYR FA 68 37.88 -77.85 -4.98
C TYR FA 68 38.27 -79.21 -5.50
N THR FA 69 37.96 -80.30 -4.80
CA THR FA 69 38.34 -81.64 -5.20
C THR FA 69 37.10 -82.52 -5.33
N ASP FA 70 37.23 -83.56 -6.15
CA ASP FA 70 36.18 -84.54 -6.35
C ASP FA 70 36.45 -85.84 -5.62
N ASP FA 71 37.49 -85.89 -4.79
CA ASP FA 71 37.84 -87.11 -4.08
C ASP FA 71 36.78 -87.44 -3.04
N LYS FA 72 36.51 -88.74 -2.89
CA LYS FA 72 35.49 -89.17 -1.93
C LYS FA 72 35.97 -89.02 -0.50
N GLU FA 73 37.25 -89.30 -0.24
CA GLU FA 73 37.80 -89.25 1.11
C GLU FA 73 39.10 -88.46 1.10
N ILE FA 74 39.42 -87.88 2.26
CA ILE FA 74 40.61 -87.07 2.45
C ILE FA 74 41.41 -87.67 3.60
N VAL FA 75 42.70 -87.90 3.37
CA VAL FA 75 43.60 -88.45 4.37
C VAL FA 75 44.33 -87.30 5.06
N ILE FA 76 44.59 -87.45 6.36
CA ILE FA 76 45.25 -86.41 7.12
C ILE FA 76 46.00 -87.04 8.29
N ASP FA 77 47.20 -86.53 8.55
CA ASP FA 77 48.03 -87.04 9.63
C ASP FA 77 47.42 -86.70 10.98
N ASP FA 78 47.63 -87.59 11.95
CA ASP FA 78 47.09 -87.39 13.30
C ASP FA 78 47.85 -86.35 14.10
N SER FA 79 49.03 -85.92 13.64
CA SER FA 79 49.79 -84.90 14.37
C SER FA 79 49.13 -83.54 14.28
N LYS FA 80 48.24 -83.33 13.32
CA LYS FA 80 47.50 -82.08 13.17
C LYS FA 80 46.13 -82.14 13.83
N VAL FA 81 45.96 -83.02 14.81
CA VAL FA 81 44.69 -83.24 15.49
C VAL FA 81 44.74 -82.55 16.84
N ILE FA 82 43.68 -81.81 17.16
CA ILE FA 82 43.56 -81.18 18.47
C ILE FA 82 42.62 -82.05 19.31
N THR FA 83 41.37 -82.18 18.87
CA THR FA 83 40.38 -83.00 19.57
C THR FA 83 39.53 -83.77 18.56
N ILE FA 84 39.21 -85.01 18.92
CA ILE FA 84 38.20 -85.82 18.23
C ILE FA 84 37.05 -86.02 19.20
N THR FA 85 35.82 -85.87 18.73
CA THR FA 85 34.70 -86.00 19.66
C THR FA 85 33.46 -86.49 18.94
N SER FA 86 32.50 -86.97 19.72
CA SER FA 86 31.22 -87.45 19.20
C SER FA 86 30.19 -86.35 19.30
N PRO FA 87 29.54 -85.96 18.22
CA PRO FA 87 28.61 -84.83 18.25
C PRO FA 87 27.28 -85.22 18.89
N LYS FA 88 26.38 -84.24 18.97
CA LYS FA 88 25.05 -84.46 19.50
C LYS FA 88 24.14 -85.05 18.43
N ASP FA 89 22.96 -85.52 18.86
CA ASP FA 89 22.02 -86.13 17.93
C ASP FA 89 21.47 -85.11 16.94
N ASP FA 90 21.20 -83.89 17.40
CA ASP FA 90 20.67 -82.86 16.51
C ASP FA 90 21.67 -82.53 15.40
N ILE FA 91 22.95 -82.45 15.75
CA ILE FA 91 23.98 -82.15 14.74
C ILE FA 91 24.05 -83.28 13.72
N ILE FA 92 23.98 -84.52 14.18
CA ILE FA 92 24.01 -85.66 13.26
C ILE FA 92 22.81 -85.64 12.34
N LYS FA 93 21.63 -85.33 12.88
CA LYS FA 93 20.42 -85.25 12.05
C LYS FA 93 20.55 -84.15 11.00
N SER FA 94 21.06 -82.98 11.40
CA SER FA 94 21.25 -81.90 10.44
C SER FA 94 22.25 -82.27 9.36
N TYR FA 95 23.34 -82.95 9.75
CA TYR FA 95 24.34 -83.40 8.79
C TYR FA 95 23.75 -84.38 7.79
N GLU FA 96 22.95 -85.33 8.28
CA GLU FA 96 22.29 -86.29 7.40
C GLU FA 96 21.34 -85.59 6.43
N SER FA 97 20.54 -84.65 6.94
CA SER FA 97 19.60 -83.93 6.09
C SER FA 97 20.35 -83.13 5.02
N HIS FA 98 21.43 -82.47 5.41
CA HIS FA 98 22.23 -81.69 4.46
C HIS FA 98 22.78 -82.58 3.35
N THR FA 99 23.38 -83.72 3.72
CA THR FA 99 23.93 -84.61 2.71
C THR FA 99 22.85 -85.14 1.78
N ARG FA 100 21.70 -85.54 2.34
CA ARG FA 100 20.61 -86.06 1.52
C ARG FA 100 20.11 -84.99 0.54
N VAL FA 101 19.96 -83.75 1.01
CA VAL FA 101 19.50 -82.67 0.14
C VAL FA 101 20.50 -82.44 -0.98
N LEU FA 102 21.80 -82.43 -0.65
CA LEU FA 102 22.81 -82.22 -1.68
C LEU FA 102 22.78 -83.33 -2.73
N GLU FA 103 22.64 -84.59 -2.29
CA GLU FA 103 22.60 -85.68 -3.24
C GLU FA 103 21.35 -85.61 -4.13
N ASN FA 104 20.21 -85.24 -3.54
CA ASN FA 104 19.00 -85.07 -4.33
C ASN FA 104 19.15 -83.96 -5.37
N LYS FA 105 19.78 -82.85 -4.97
CA LYS FA 105 20.03 -81.78 -5.94
C LYS FA 105 20.94 -82.26 -7.06
N GLN FA 106 21.96 -83.04 -6.73
CA GLN FA 106 22.88 -83.55 -7.75
C GLN FA 106 22.15 -84.44 -8.74
N VAL FA 107 21.32 -85.36 -8.25
CA VAL FA 107 20.64 -86.28 -9.16
C VAL FA 107 19.61 -85.54 -10.01
N GLU FA 108 18.94 -84.54 -9.42
CA GLU FA 108 18.01 -83.73 -10.20
C GLU FA 108 18.73 -82.98 -11.31
N GLU FA 109 19.90 -82.42 -11.01
CA GLU FA 109 20.67 -81.72 -12.04
C GLU FA 109 21.11 -82.69 -13.13
N ILE FA 110 21.49 -83.91 -12.74
CA ILE FA 110 21.89 -84.90 -13.74
C ILE FA 110 20.73 -85.22 -14.68
N LEU FA 111 19.53 -85.39 -14.11
CA LEU FA 111 18.36 -85.67 -14.95
C LEU FA 111 18.05 -84.50 -15.88
N ARG FA 112 18.14 -83.27 -15.36
CA ARG FA 112 17.90 -82.10 -16.18
C ARG FA 112 18.89 -82.05 -17.35
N LEU FA 113 20.16 -82.33 -17.07
CA LEU FA 113 21.16 -82.32 -18.14
C LEU FA 113 20.90 -83.42 -19.16
N GLU FA 114 20.46 -84.60 -18.69
CA GLU FA 114 20.06 -85.66 -19.60
C GLU FA 114 19.01 -85.17 -20.58
N LYS FA 115 17.94 -84.57 -20.04
CA LYS FA 115 16.86 -84.09 -20.91
C LYS FA 115 17.35 -83.02 -21.87
N GLU FA 116 18.15 -82.08 -21.38
CA GLU FA 116 18.62 -80.99 -22.22
C GLU FA 116 19.50 -81.50 -23.36
N ILE FA 117 20.43 -82.41 -23.05
CA ILE FA 117 21.33 -82.90 -24.10
C ILE FA 117 20.56 -83.74 -25.11
N GLU FA 118 19.57 -84.51 -24.65
CA GLU FA 118 18.76 -85.28 -25.59
C GLU FA 118 18.01 -84.36 -26.54
N ASP FA 119 17.37 -83.32 -26.00
CA ASP FA 119 16.63 -82.39 -26.85
C ASP FA 119 17.56 -81.70 -27.84
N LEU FA 120 18.71 -81.24 -27.36
CA LEU FA 120 19.66 -80.56 -28.23
C LEU FA 120 20.15 -81.47 -29.34
N GLN FA 121 20.48 -82.72 -29.02
CA GLN FA 121 20.95 -83.65 -30.03
C GLN FA 121 19.87 -83.92 -31.07
N ARG FA 122 18.63 -84.12 -30.62
CA ARG FA 122 17.54 -84.38 -31.57
C ARG FA 122 17.34 -83.19 -32.51
N MET FA 123 17.31 -81.98 -31.97
CA MET FA 123 17.08 -80.81 -32.81
C MET FA 123 18.24 -80.58 -33.76
N LYS FA 124 19.47 -80.83 -33.28
CA LYS FA 124 20.64 -80.70 -34.15
C LYS FA 124 20.61 -81.70 -35.29
N GLU FA 125 20.20 -82.95 -35.00
CA GLU FA 125 20.07 -83.94 -36.06
C GLU FA 125 19.01 -83.53 -37.07
N GLN FA 126 17.89 -82.99 -36.59
CA GLN FA 126 16.86 -82.49 -37.49
C GLN FA 126 17.39 -81.39 -38.39
N GLN FA 127 18.16 -80.46 -37.82
CA GLN FA 127 18.77 -79.41 -38.62
C GLN FA 127 19.73 -79.98 -39.65
N GLU FA 128 20.53 -80.98 -39.26
CA GLU FA 128 21.48 -81.58 -40.19
C GLU FA 128 20.78 -82.30 -41.32
N LEU FA 129 19.59 -82.86 -41.07
CA LEU FA 129 18.90 -83.63 -42.11
C LEU FA 129 18.56 -82.75 -43.31
N SER FA 130 18.08 -81.53 -43.08
CA SER FA 130 17.64 -80.64 -44.15
C SER FA 130 18.80 -79.78 -44.63
N LEU FA 131 19.76 -80.43 -45.26
CA LEU FA 131 20.95 -79.77 -45.77
C LEU FA 131 21.13 -80.06 -47.26
N THR FA 132 22.14 -79.43 -47.84
CA THR FA 132 22.49 -79.59 -49.25
C THR FA 132 23.84 -80.31 -49.34
N GLU FA 133 23.98 -81.15 -50.37
CA GLU FA 133 25.19 -81.97 -50.51
C GLU FA 133 26.45 -81.13 -50.48
N ALA FA 134 26.48 -80.06 -51.27
CA ALA FA 134 27.64 -79.17 -51.27
C ALA FA 134 27.85 -78.54 -49.90
N SER FA 135 26.77 -78.12 -49.25
CA SER FA 135 26.86 -77.59 -47.90
C SER FA 135 27.39 -78.63 -46.93
N LEU FA 136 26.97 -79.89 -47.10
CA LEU FA 136 27.47 -80.96 -46.24
C LEU FA 136 28.96 -81.17 -46.42
N GLN FA 137 29.44 -81.14 -47.67
CA GLN FA 137 30.87 -81.26 -47.93
C GLN FA 137 31.64 -80.09 -47.31
N LYS FA 138 31.11 -78.87 -47.46
CA LYS FA 138 31.75 -77.72 -46.87
C LYS FA 138 31.77 -77.83 -45.35
N LEU FA 139 30.69 -78.32 -44.75
CA LEU FA 139 30.67 -78.56 -43.31
C LEU FA 139 31.73 -79.55 -42.89
N GLN FA 140 31.87 -80.65 -43.64
CA GLN FA 140 32.89 -81.65 -43.31
C GLN FA 140 34.29 -81.06 -43.37
N GLU FA 141 34.58 -80.31 -44.43
CA GLU FA 141 35.90 -79.68 -44.54
C GLU FA 141 36.13 -78.67 -43.42
N ARG FA 142 35.10 -77.88 -43.09
CA ARG FA 142 35.23 -76.88 -42.03
C ARG FA 142 35.47 -77.55 -40.68
N ARG FA 143 34.77 -78.65 -40.40
CA ARG FA 143 35.00 -79.37 -39.14
C ARG FA 143 36.40 -79.96 -39.10
N ASP FA 144 36.88 -80.48 -40.24
CA ASP FA 144 38.24 -80.98 -40.28
C ASP FA 144 39.25 -79.88 -40.01
N GLN FA 145 39.01 -78.68 -40.55
CA GLN FA 145 39.90 -77.55 -40.26
C GLN FA 145 39.80 -77.15 -38.79
N GLU FA 146 38.59 -77.21 -38.22
CA GLU FA 146 38.41 -76.92 -36.80
C GLU FA 146 39.27 -77.84 -35.94
N LEU FA 147 39.19 -79.15 -36.19
CA LEU FA 147 39.97 -80.09 -35.41
C LEU FA 147 41.46 -80.01 -35.70
N ARG FA 148 41.85 -79.33 -36.76
CA ARG FA 148 43.26 -79.20 -37.11
C ARG FA 148 43.96 -78.23 -36.17
N ASN GA 16 53.78 -26.90 -78.79
CA ASN GA 16 54.79 -27.19 -77.78
C ASN GA 16 54.43 -26.53 -76.46
N ILE GA 17 53.26 -26.87 -75.92
CA ILE GA 17 52.82 -26.32 -74.64
C ILE GA 17 53.72 -26.88 -73.54
N LYS GA 18 54.34 -25.98 -72.78
CA LYS GA 18 55.26 -26.38 -71.73
C LYS GA 18 55.17 -25.42 -70.55
N ILE GA 19 55.64 -25.89 -69.40
CA ILE GA 19 55.68 -25.13 -68.16
C ILE GA 19 57.10 -24.62 -67.95
N MET GA 20 57.20 -23.35 -67.58
CA MET GA 20 58.44 -22.61 -67.40
C MET GA 20 58.54 -22.19 -65.93
N ARG GA 21 59.69 -22.44 -65.32
CA ARG GA 21 59.98 -21.94 -63.98
C ARG GA 21 60.98 -20.80 -64.11
N LEU GA 22 60.55 -19.59 -63.72
CA LEU GA 22 61.41 -18.42 -63.78
C LEU GA 22 62.20 -18.26 -62.48
N VAL GA 23 63.23 -17.42 -62.54
CA VAL GA 23 64.07 -17.20 -61.37
C VAL GA 23 63.28 -16.53 -60.25
N THR GA 24 62.25 -15.77 -60.59
CA THR GA 24 61.44 -15.07 -59.59
C THR GA 24 60.29 -15.92 -59.10
N CYS GA 25 60.60 -17.17 -58.71
CA CYS GA 25 59.65 -18.14 -58.16
C CYS GA 25 58.29 -18.06 -58.84
N GLU GA 26 58.31 -18.19 -60.16
CA GLU GA 26 57.11 -18.07 -60.97
C GLU GA 26 56.97 -19.26 -61.89
N ASP GA 27 55.74 -19.77 -62.03
CA ASP GA 27 55.42 -20.87 -62.92
C ASP GA 27 54.46 -20.35 -63.99
N ILE GA 28 54.87 -20.47 -65.25
CA ILE GA 28 54.08 -19.95 -66.36
C ILE GA 28 54.01 -21.00 -67.46
N ILE GA 29 52.81 -21.28 -67.95
CA ILE GA 29 52.60 -22.24 -69.02
C ILE GA 29 52.39 -21.48 -70.33
N GLY GA 30 52.94 -22.01 -71.42
CA GLY GA 30 52.78 -21.36 -72.70
C GLY GA 30 53.40 -22.19 -73.81
N ASN GA 31 53.17 -21.73 -75.04
CA ASN GA 31 53.73 -22.39 -76.21
C ASN GA 31 55.12 -21.81 -76.45
N ILE GA 32 56.15 -22.64 -76.31
CA ILE GA 32 57.52 -22.16 -76.32
C ILE GA 32 58.24 -22.66 -77.56
N SER GA 33 59.21 -21.87 -78.01
CA SER GA 33 60.11 -22.22 -79.09
C SER GA 33 61.54 -21.97 -78.60
N GLU GA 34 62.40 -22.97 -78.76
CA GLU GA 34 63.72 -22.97 -78.17
C GLU GA 34 64.78 -22.68 -79.23
N SER GA 35 65.65 -21.72 -78.94
CA SER GA 35 66.77 -21.37 -79.78
C SER GA 35 68.06 -21.59 -78.98
N GLN GA 36 69.21 -21.35 -79.62
CA GLN GA 36 70.49 -21.69 -79.02
C GLN GA 36 70.73 -20.93 -77.72
N GLY GA 37 70.34 -19.66 -77.66
CA GLY GA 37 70.62 -18.86 -76.49
C GLY GA 37 69.39 -18.30 -75.80
N LEU GA 38 68.32 -18.10 -76.55
CA LEU GA 38 67.10 -17.50 -76.05
C LEU GA 38 65.90 -18.32 -76.47
N ILE GA 39 64.78 -18.12 -75.77
CA ILE GA 39 63.56 -18.84 -76.08
C ILE GA 39 62.41 -17.85 -76.20
N THR GA 40 61.46 -18.17 -77.07
CA THR GA 40 60.27 -17.36 -77.26
C THR GA 40 59.06 -18.08 -76.69
N ILE GA 41 58.12 -17.32 -76.15
CA ILE GA 41 56.93 -17.88 -75.51
C ILE GA 41 55.70 -17.13 -76.01
N LYS GA 42 54.61 -17.87 -76.22
CA LYS GA 42 53.34 -17.31 -76.64
C LYS GA 42 52.25 -17.77 -75.70
N LYS GA 43 51.30 -16.88 -75.42
CA LYS GA 43 50.15 -17.16 -74.56
C LYS GA 43 50.59 -17.67 -73.19
N ALA GA 44 51.53 -16.95 -72.59
CA ALA GA 44 51.99 -17.30 -71.25
C ALA GA 44 50.90 -17.03 -70.22
N PHE GA 45 50.87 -17.86 -69.18
CA PHE GA 45 49.89 -17.71 -68.11
C PHE GA 45 50.51 -18.14 -66.80
N VAL GA 46 50.51 -17.24 -65.82
CA VAL GA 46 50.95 -17.58 -64.48
C VAL GA 46 49.91 -18.44 -63.80
N ILE GA 47 50.37 -19.39 -63.00
CA ILE GA 47 49.53 -20.35 -62.30
C ILE GA 47 49.52 -20.00 -60.83
N ILE GA 48 48.32 -19.75 -60.30
CA ILE GA 48 48.12 -19.43 -58.90
C ILE GA 48 47.42 -20.61 -58.24
N PRO GA 49 48.05 -21.28 -57.26
CA PRO GA 49 47.45 -22.43 -56.56
C PRO GA 49 46.24 -22.04 -55.71
N LEU GA 60 43.23 -24.56 -59.41
CA LEU GA 60 44.24 -23.71 -60.02
C LEU GA 60 43.62 -22.50 -60.70
N VAL GA 61 44.38 -21.41 -60.79
CA VAL GA 61 43.93 -20.19 -61.43
C VAL GA 61 44.96 -19.78 -62.48
N LEU GA 62 44.50 -19.44 -63.67
CA LEU GA 62 45.37 -18.98 -64.74
C LEU GA 62 45.21 -17.47 -64.91
N CYS GA 63 46.34 -16.76 -64.90
CA CYS GA 63 46.31 -15.31 -65.04
C CYS GA 63 47.25 -14.90 -66.17
N PRO GA 64 46.88 -13.87 -66.94
CA PRO GA 64 47.79 -13.39 -67.99
C PRO GA 64 49.13 -12.96 -67.41
N TRP GA 65 50.21 -13.37 -68.08
CA TRP GA 65 51.55 -13.09 -67.56
C TRP GA 65 51.91 -11.63 -67.70
N GLN GA 66 51.64 -11.03 -68.86
CA GLN GA 66 52.01 -9.65 -69.15
C GLN GA 66 50.77 -8.91 -69.64
N PRO GA 67 49.88 -8.49 -68.74
CA PRO GA 67 48.69 -7.77 -69.17
C PRO GA 67 48.95 -6.29 -69.39
N TYR GA 68 50.06 -5.99 -70.06
CA TYR GA 68 50.44 -4.62 -70.39
C TYR GA 68 50.91 -4.46 -71.82
N THR GA 69 51.16 -5.54 -72.56
CA THR GA 69 51.66 -5.47 -73.91
C THR GA 69 50.70 -6.20 -74.87
N ASP GA 70 50.76 -5.79 -76.13
CA ASP GA 70 49.98 -6.41 -77.19
C ASP GA 70 50.82 -7.33 -78.07
N ASP GA 71 52.06 -7.57 -77.70
CA ASP GA 71 52.93 -8.42 -78.51
C ASP GA 71 52.45 -9.87 -78.48
N LYS GA 72 52.57 -10.54 -79.63
CA LYS GA 72 52.13 -11.92 -79.73
C LYS GA 72 53.07 -12.86 -78.99
N GLU GA 73 54.36 -12.60 -79.04
CA GLU GA 73 55.36 -13.47 -78.43
C GLU GA 73 56.33 -12.65 -77.61
N ILE GA 74 56.91 -13.28 -76.59
CA ILE GA 74 57.87 -12.65 -75.69
C ILE GA 74 59.16 -13.46 -75.72
N VAL GA 75 60.28 -12.78 -75.93
CA VAL GA 75 61.59 -13.40 -75.97
C VAL GA 75 62.24 -13.28 -74.59
N ILE GA 76 63.00 -14.30 -74.19
CA ILE GA 76 63.62 -14.31 -72.88
C ILE GA 76 64.89 -15.16 -72.94
N ASP GA 77 65.95 -14.67 -72.29
CA ASP GA 77 67.21 -15.39 -72.26
C ASP GA 77 67.09 -16.68 -71.46
N ASP GA 78 67.86 -17.69 -71.86
CA ASP GA 78 67.84 -18.98 -71.20
C ASP GA 78 68.58 -18.98 -69.86
N SER GA 79 69.36 -17.94 -69.58
CA SER GA 79 70.07 -17.90 -68.30
C SER GA 79 69.13 -17.66 -67.13
N LYS GA 80 67.91 -17.18 -67.39
CA LYS GA 80 66.91 -16.97 -66.36
C LYS GA 80 65.94 -18.15 -66.26
N VAL GA 81 66.36 -19.32 -66.69
CA VAL GA 81 65.54 -20.52 -66.72
C VAL GA 81 65.92 -21.40 -65.54
N ILE GA 82 64.92 -21.90 -64.82
CA ILE GA 82 65.16 -22.84 -63.74
C ILE GA 82 64.85 -24.24 -64.25
N THR GA 83 63.59 -24.47 -64.64
CA THR GA 83 63.17 -25.75 -65.21
C THR GA 83 62.20 -25.54 -66.36
N ILE GA 84 62.34 -26.39 -67.38
CA ILE GA 84 61.38 -26.50 -68.46
C ILE GA 84 60.76 -27.90 -68.35
N THR GA 85 59.44 -27.99 -68.50
CA THR GA 85 58.82 -29.30 -68.33
C THR GA 85 57.55 -29.40 -69.16
N SER GA 86 57.10 -30.63 -69.37
CA SER GA 86 55.87 -30.91 -70.10
C SER GA 86 54.73 -31.10 -69.11
N PRO GA 87 53.64 -30.34 -69.24
CA PRO GA 87 52.55 -30.42 -68.26
C PRO GA 87 51.70 -31.66 -68.48
N LYS GA 88 50.70 -31.81 -67.61
CA LYS GA 88 49.75 -32.91 -67.70
C LYS GA 88 48.67 -32.60 -68.73
N ASP GA 89 47.89 -33.63 -69.07
CA ASP GA 89 46.84 -33.46 -70.08
C ASP GA 89 45.73 -32.55 -69.57
N ASP GA 90 45.38 -32.65 -68.29
CA ASP GA 90 44.33 -31.80 -67.74
C ASP GA 90 44.72 -30.33 -67.81
N ILE GA 91 45.98 -30.02 -67.50
CA ILE GA 91 46.45 -28.65 -67.55
C ILE GA 91 46.39 -28.12 -68.98
N ILE GA 92 46.80 -28.94 -69.95
CA ILE GA 92 46.76 -28.53 -71.36
C ILE GA 92 45.31 -28.28 -71.78
N LYS GA 93 44.39 -29.15 -71.37
CA LYS GA 93 42.99 -28.95 -71.71
C LYS GA 93 42.44 -27.67 -71.12
N SER GA 94 42.78 -27.39 -69.85
CA SER GA 94 42.32 -26.15 -69.23
C SER GA 94 42.91 -24.93 -69.93
N TYR GA 95 44.18 -25.00 -70.31
CA TYR GA 95 44.82 -23.90 -71.02
C TYR GA 95 44.14 -23.65 -72.36
N GLU GA 96 43.85 -24.72 -73.11
CA GLU GA 96 43.15 -24.58 -74.38
C GLU GA 96 41.76 -23.96 -74.19
N SER GA 97 41.03 -24.44 -73.19
CA SER GA 97 39.69 -23.90 -72.94
C SER GA 97 39.76 -22.42 -72.58
N HIS GA 98 40.73 -22.05 -71.73
CA HIS GA 98 40.88 -20.65 -71.34
C HIS GA 98 41.18 -19.77 -72.55
N THR GA 99 42.12 -20.20 -73.39
CA THR GA 99 42.45 -19.39 -74.58
C THR GA 99 41.25 -19.26 -75.51
N ARG GA 100 40.53 -20.36 -75.73
CA ARG GA 100 39.37 -20.32 -76.61
C ARG GA 100 38.30 -19.38 -76.06
N VAL GA 101 38.04 -19.43 -74.75
CA VAL GA 101 37.06 -18.55 -74.15
C VAL GA 101 37.47 -17.10 -74.29
N LEU GA 102 38.76 -16.80 -74.08
CA LEU GA 102 39.23 -15.43 -74.21
C LEU GA 102 39.07 -14.93 -75.64
N GLU GA 103 39.40 -15.77 -76.62
CA GLU GA 103 39.26 -15.35 -78.02
C GLU GA 103 37.80 -15.13 -78.39
N ASN GA 104 36.90 -15.99 -77.89
CA ASN GA 104 35.48 -15.82 -78.15
C ASN GA 104 34.97 -14.52 -77.54
N LYS GA 105 35.42 -14.20 -76.31
CA LYS GA 105 35.03 -12.95 -75.69
C LYS GA 105 35.52 -11.76 -76.51
N GLN GA 106 36.76 -11.84 -77.02
CA GLN GA 106 37.30 -10.74 -77.82
C GLN GA 106 36.49 -10.53 -79.09
N VAL GA 107 36.16 -11.62 -79.79
CA VAL GA 107 35.42 -11.45 -81.05
C VAL GA 107 34.00 -10.95 -80.78
N GLU GA 108 33.39 -11.41 -79.69
CA GLU GA 108 32.06 -10.90 -79.33
C GLU GA 108 32.11 -9.40 -79.03
N GLU GA 109 33.14 -8.97 -78.30
CA GLU GA 109 33.28 -7.53 -78.02
C GLU GA 109 33.50 -6.74 -79.30
N ILE GA 110 34.27 -7.30 -80.23
CA ILE GA 110 34.48 -6.60 -81.51
C ILE GA 110 33.17 -6.44 -82.25
N LEU GA 111 32.34 -7.50 -82.29
CA LEU GA 111 31.05 -7.40 -82.95
C LEU GA 111 30.15 -6.37 -82.27
N ARG GA 112 30.14 -6.37 -80.94
CA ARG GA 112 29.33 -5.40 -80.21
C ARG GA 112 29.76 -3.98 -80.55
N LEU GA 113 31.07 -3.75 -80.60
CA LEU GA 113 31.56 -2.41 -80.94
C LEU GA 113 31.20 -2.03 -82.38
N GLU GA 114 31.27 -3.00 -83.29
CA GLU GA 114 30.80 -2.76 -84.66
C GLU GA 114 29.38 -2.24 -84.67
N LYS GA 115 28.48 -2.96 -83.99
CA LYS GA 115 27.08 -2.56 -83.98
C LYS GA 115 26.90 -1.19 -83.35
N GLU GA 116 27.58 -0.95 -82.23
CA GLU GA 116 27.43 0.33 -81.53
C GLU GA 116 27.91 1.50 -82.39
N ILE GA 117 29.07 1.35 -83.03
CA ILE GA 117 29.59 2.45 -83.82
C ILE GA 117 28.72 2.69 -85.04
N GLU GA 118 28.19 1.63 -85.64
CA GLU GA 118 27.29 1.80 -86.79
C GLU GA 118 26.04 2.58 -86.38
N ASP GA 119 25.43 2.18 -85.26
CA ASP GA 119 24.23 2.86 -84.80
C ASP GA 119 24.52 4.33 -84.48
N LEU GA 120 25.64 4.59 -83.79
CA LEU GA 120 25.98 5.97 -83.44
C LEU GA 120 26.22 6.81 -84.68
N GLN GA 121 26.93 6.26 -85.66
CA GLN GA 121 27.19 7.02 -86.89
C GLN GA 121 25.90 7.33 -87.63
N ARG GA 122 24.99 6.35 -87.72
CA ARG GA 122 23.73 6.58 -88.41
C ARG GA 122 22.91 7.66 -87.72
N MET GA 123 22.80 7.58 -86.39
CA MET GA 123 22.00 8.57 -85.68
C MET GA 123 22.64 9.95 -85.76
N LYS GA 124 23.98 10.02 -85.70
CA LYS GA 124 24.67 11.29 -85.85
C LYS GA 124 24.43 11.90 -87.22
N GLU GA 125 24.48 11.07 -88.27
CA GLU GA 125 24.20 11.59 -89.61
C GLU GA 125 22.76 12.10 -89.71
N GLN GA 126 21.82 11.37 -89.11
CA GLN GA 126 20.44 11.84 -89.09
C GLN GA 126 20.31 13.19 -88.40
N GLN GA 127 21.00 13.35 -87.27
CA GLN GA 127 20.99 14.64 -86.57
C GLN GA 127 21.60 15.74 -87.44
N GLU GA 128 22.70 15.43 -88.12
CA GLU GA 128 23.35 16.42 -88.98
C GLU GA 128 22.46 16.84 -90.13
N LEU GA 129 21.63 15.93 -90.64
CA LEU GA 129 20.79 16.24 -91.80
C LEU GA 129 19.83 17.38 -91.50
N SER GA 130 19.19 17.37 -90.33
CA SER GA 130 18.18 18.36 -89.98
C SER GA 130 18.84 19.56 -89.29
N LEU GA 131 19.62 20.30 -90.07
CA LEU GA 131 20.34 21.46 -89.57
C LEU GA 131 20.00 22.68 -90.42
N THR GA 132 20.54 23.83 -90.00
CA THR GA 132 20.36 25.10 -90.67
C THR GA 132 21.70 25.53 -91.27
N GLU GA 133 21.65 26.19 -92.43
CA GLU GA 133 22.86 26.56 -93.15
C GLU GA 133 23.81 27.38 -92.28
N ALA GA 134 23.28 28.40 -91.60
CA ALA GA 134 24.11 29.20 -90.71
C ALA GA 134 24.67 28.35 -89.57
N SER GA 135 23.84 27.47 -89.02
CA SER GA 135 24.31 26.56 -87.98
C SER GA 135 25.39 25.63 -88.51
N LEU GA 136 25.26 25.18 -89.76
CA LEU GA 136 26.27 24.33 -90.36
C LEU GA 136 27.60 25.07 -90.52
N GLN GA 137 27.54 26.33 -90.95
CA GLN GA 137 28.76 27.13 -91.06
C GLN GA 137 29.39 27.33 -89.69
N LYS GA 138 28.57 27.62 -88.67
CA LYS GA 138 29.10 27.78 -87.32
C LYS GA 138 29.73 26.49 -86.81
N LEU GA 139 29.10 25.36 -87.12
CA LEU GA 139 29.68 24.07 -86.76
C LEU GA 139 31.02 23.85 -87.44
N GLN GA 140 31.13 24.18 -88.72
CA GLN GA 140 32.39 24.03 -89.42
C GLN GA 140 33.48 24.88 -88.80
N GLU GA 141 33.17 26.15 -88.52
CA GLU GA 141 34.16 27.02 -87.88
C GLU GA 141 34.55 26.52 -86.50
N ARG GA 142 33.56 26.04 -85.73
CA ARG GA 142 33.85 25.54 -84.39
C ARG GA 142 34.73 24.30 -84.44
N ARG GA 143 34.47 23.39 -85.38
CA ARG GA 143 35.32 22.21 -85.53
C ARG GA 143 36.73 22.60 -85.96
N ASP GA 144 36.85 23.59 -86.84
CA ASP GA 144 38.18 24.06 -87.22
C ASP GA 144 38.92 24.64 -86.02
N GLN GA 145 38.22 25.38 -85.16
CA GLN GA 145 38.85 25.89 -83.95
C GLN GA 145 39.23 24.76 -83.00
N GLU GA 146 38.37 23.73 -82.92
CA GLU GA 146 38.69 22.55 -82.10
C GLU GA 146 39.98 21.91 -82.55
N LEU GA 147 40.14 21.65 -83.85
CA LEU GA 147 41.35 21.03 -84.35
C LEU GA 147 42.56 21.95 -84.27
N ARG GA 148 42.35 23.25 -84.05
CA ARG GA 148 43.44 24.20 -83.96
C ARG GA 148 44.20 24.03 -82.63
N ASN HA 16 24.76 80.78 -51.82
CA ASN HA 16 26.11 80.28 -51.61
C ASN HA 16 26.15 79.23 -50.51
N ILE HA 17 25.38 78.16 -50.69
CA ILE HA 17 25.34 77.08 -49.72
C ILE HA 17 26.68 76.36 -49.72
N LYS HA 18 27.32 76.29 -48.56
CA LYS HA 18 28.63 75.68 -48.44
C LYS HA 18 28.76 74.97 -47.10
N ILE HA 19 29.73 74.06 -47.04
CA ILE HA 19 30.06 73.29 -45.85
C ILE HA 19 31.30 73.90 -45.19
N MET HA 20 31.22 74.05 -43.87
CA MET HA 20 32.22 74.69 -43.03
C MET HA 20 32.76 73.64 -42.07
N ARG HA 21 34.08 73.56 -41.96
CA ARG HA 21 34.73 72.72 -40.94
C ARG HA 21 35.31 73.64 -39.88
N LEU HA 22 34.80 73.53 -38.66
CA LEU HA 22 35.26 74.33 -37.54
C LEU HA 22 36.41 73.64 -36.83
N VAL HA 23 37.13 74.42 -36.00
CA VAL HA 23 38.26 73.88 -35.27
C VAL HA 23 37.82 72.83 -34.27
N THR HA 24 36.58 72.90 -33.79
CA THR HA 24 36.09 71.94 -32.81
C THR HA 24 35.43 70.73 -33.50
N CYS HA 25 36.15 70.15 -34.45
CA CYS HA 25 35.75 68.95 -35.19
C CYS HA 25 34.24 68.94 -35.49
N GLU HA 26 33.80 70.02 -36.14
CA GLU HA 26 32.39 70.22 -36.43
C GLU HA 26 32.19 70.53 -37.91
N ASP HA 27 31.17 69.93 -38.51
CA ASP HA 27 30.79 70.19 -39.89
C ASP HA 27 29.42 70.82 -39.92
N ILE HA 28 29.34 72.03 -40.49
CA ILE HA 28 28.09 72.79 -40.51
C ILE HA 28 27.85 73.33 -41.92
N ILE HA 29 26.66 73.12 -42.45
CA ILE HA 29 26.29 73.61 -43.78
C ILE HA 29 25.43 74.85 -43.61
N GLY HA 30 25.65 75.83 -44.49
CA GLY HA 30 24.85 77.05 -44.42
C GLY HA 30 25.18 77.98 -45.56
N ASN HA 31 24.42 79.05 -45.66
CA ASN HA 31 24.62 80.07 -46.68
C ASN HA 31 25.64 81.07 -46.14
N ILE HA 32 26.82 81.13 -46.76
CA ILE HA 32 27.92 81.90 -46.22
C ILE HA 32 28.21 83.09 -47.12
N SER HA 33 28.72 84.15 -46.50
CA SER HA 33 29.22 85.34 -47.18
C SER HA 33 30.61 85.64 -46.66
N GLU HA 34 31.56 85.82 -47.57
CA GLU HA 34 32.97 85.90 -47.24
C GLU HA 34 33.44 87.35 -47.32
N SER HA 35 34.10 87.80 -46.26
CA SER HA 35 34.72 89.12 -46.18
C SER HA 35 36.22 88.95 -45.98
N GLN HA 36 36.95 90.07 -45.91
CA GLN HA 36 38.41 90.00 -45.90
C GLN HA 36 38.94 89.28 -44.67
N GLY HA 37 38.30 89.47 -43.52
CA GLY HA 37 38.81 88.88 -42.30
C GLY HA 37 37.84 87.93 -41.60
N LEU HA 38 36.55 88.16 -41.80
CA LEU HA 38 35.51 87.41 -41.13
C LEU HA 38 34.46 86.96 -42.14
N ILE HA 39 33.68 85.95 -41.78
CA ILE HA 39 32.63 85.44 -42.65
C ILE HA 39 31.33 85.35 -41.87
N THR HA 40 30.22 85.55 -42.57
CA THR HA 40 28.90 85.46 -42.00
C THR HA 40 28.20 84.22 -42.53
N ILE HA 41 27.37 83.61 -41.68
CA ILE HA 41 26.69 82.37 -42.03
C ILE HA 41 25.23 82.48 -41.64
N LYS HA 42 24.35 81.94 -42.47
CA LYS HA 42 22.91 81.92 -42.22
C LYS HA 42 22.40 80.50 -42.37
N LYS HA 43 21.45 80.14 -41.50
CA LYS HA 43 20.81 78.83 -41.50
C LYS HA 43 21.84 77.70 -41.39
N ALA HA 44 22.74 77.85 -40.42
CA ALA HA 44 23.74 76.82 -40.18
C ALA HA 44 23.09 75.57 -39.61
N PHE HA 45 23.65 74.41 -39.96
CA PHE HA 45 23.13 73.13 -39.47
C PHE HA 45 24.29 72.17 -39.30
N VAL HA 46 24.44 71.64 -38.08
CA VAL HA 46 25.43 70.60 -37.83
C VAL HA 46 24.95 69.29 -38.44
N ILE HA 47 25.90 68.51 -38.95
CA ILE HA 47 25.64 67.25 -39.62
C ILE HA 47 26.10 66.13 -38.71
N ILE HA 48 25.17 65.24 -38.35
CA ILE HA 48 25.44 64.07 -37.52
C ILE HA 48 25.34 62.84 -38.40
N PRO HA 49 26.43 62.07 -38.57
CA PRO HA 49 26.43 60.85 -39.39
C PRO HA 49 25.58 59.74 -38.79
N LEU HA 60 22.08 60.69 -42.79
CA LEU HA 60 22.56 61.92 -42.18
C LEU HA 60 21.45 62.61 -41.38
N VAL HA 61 21.84 63.38 -40.36
CA VAL HA 61 20.91 64.11 -39.53
C VAL HA 61 21.35 65.57 -39.50
N LEU HA 62 20.40 66.48 -39.69
CA LEU HA 62 20.66 67.92 -39.63
C LEU HA 62 20.11 68.48 -38.33
N CYS HA 63 20.95 69.20 -37.59
CA CYS HA 63 20.54 69.78 -36.33
C CYS HA 63 20.84 71.27 -36.33
N PRO HA 64 19.98 72.09 -35.72
CA PRO HA 64 20.29 73.53 -35.63
C PRO HA 64 21.60 73.76 -34.91
N TRP HA 65 22.41 74.67 -35.46
CA TRP HA 65 23.74 74.91 -34.91
C TRP HA 65 23.66 75.66 -33.58
N GLN HA 66 22.84 76.71 -33.52
CA GLN HA 66 22.73 77.57 -32.35
C GLN HA 66 21.27 77.68 -31.96
N PRO HA 67 20.72 76.67 -31.28
CA PRO HA 67 19.31 76.73 -30.88
C PRO HA 67 19.12 77.52 -29.60
N TYR HA 68 19.79 78.67 -29.50
CA TYR HA 68 19.68 79.56 -28.35
C TYR HA 68 19.53 81.02 -28.73
N THR HA 69 19.72 81.38 -30.00
CA THR HA 69 19.64 82.76 -30.44
C THR HA 69 18.60 82.90 -31.55
N ASP HA 70 18.07 84.12 -31.68
CA ASP HA 70 17.12 84.46 -32.71
C ASP HA 70 17.75 85.26 -33.85
N ASP HA 71 19.07 85.42 -33.83
CA ASP HA 71 19.74 86.20 -34.86
C ASP HA 71 19.66 85.50 -36.21
N LYS HA 72 19.49 86.30 -37.27
CA LYS HA 72 19.39 85.73 -38.60
C LYS HA 72 20.72 85.22 -39.11
N GLU HA 73 21.81 85.91 -38.79
CA GLU HA 73 23.14 85.55 -39.27
C GLU HA 73 24.13 85.57 -38.12
N ILE HA 74 25.18 84.75 -38.25
CA ILE HA 74 26.23 84.64 -37.24
C ILE HA 74 27.56 84.96 -37.90
N VAL HA 75 28.33 85.85 -37.28
CA VAL HA 75 29.64 86.25 -37.76
C VAL HA 75 30.70 85.43 -37.06
N ILE HA 76 31.78 85.09 -37.78
CA ILE HA 76 32.84 84.27 -37.23
C ILE HA 76 34.14 84.60 -37.93
N ASP HA 77 35.23 84.67 -37.16
CA ASP HA 77 36.54 84.97 -37.70
C ASP HA 77 37.03 83.82 -38.57
N ASP HA 78 37.81 84.18 -39.60
CA ASP HA 78 38.35 83.18 -40.52
C ASP HA 78 39.50 82.39 -39.93
N SER HA 79 40.08 82.83 -38.81
CA SER HA 79 41.18 82.09 -38.21
C SER HA 79 40.72 80.77 -37.60
N LYS HA 80 39.43 80.62 -37.35
CA LYS HA 80 38.86 79.38 -36.83
C LYS HA 80 38.32 78.48 -37.93
N VAL HA 81 38.81 78.65 -39.16
CA VAL HA 81 38.34 77.91 -40.33
C VAL HA 81 39.34 76.81 -40.64
N ILE HA 82 38.84 75.61 -40.88
CA ILE HA 82 39.68 74.50 -41.30
C ILE HA 82 39.53 74.34 -42.81
N THR HA 83 38.31 74.04 -43.26
CA THR HA 83 38.02 73.90 -44.69
C THR HA 83 36.68 74.51 -45.02
N ILE HA 84 36.62 75.16 -46.19
CA ILE HA 84 35.37 75.59 -46.80
C ILE HA 84 35.19 74.78 -48.08
N THR HA 85 33.98 74.29 -48.32
CA THR HA 85 33.80 73.45 -49.50
C THR HA 85 32.37 73.55 -50.01
N SER HA 86 32.18 73.13 -51.26
CA SER HA 86 30.88 73.11 -51.89
C SER HA 86 30.26 71.73 -51.75
N PRO HA 87 29.06 71.60 -51.20
CA PRO HA 87 28.47 70.28 -50.96
C PRO HA 87 27.91 69.68 -52.24
N LYS HA 88 27.38 68.47 -52.12
CA LYS HA 88 26.76 67.77 -53.23
C LYS HA 88 25.33 68.26 -53.44
N ASP HA 89 24.75 67.87 -54.57
CA ASP HA 89 23.39 68.30 -54.89
C ASP HA 89 22.37 67.69 -53.94
N ASP HA 90 22.57 66.43 -53.55
CA ASP HA 90 21.63 65.79 -52.63
C ASP HA 90 21.61 66.49 -51.29
N ILE HA 91 22.78 66.88 -50.79
CA ILE HA 91 22.85 67.59 -49.51
C ILE HA 91 22.13 68.93 -49.60
N ILE HA 92 22.34 69.65 -50.71
CA ILE HA 92 21.67 70.93 -50.89
C ILE HA 92 20.16 70.75 -50.93
N LYS HA 93 19.69 69.71 -51.64
CA LYS HA 93 18.26 69.44 -51.70
C LYS HA 93 17.69 69.14 -50.33
N SER HA 94 18.40 68.31 -49.55
CA SER HA 94 17.94 67.98 -48.20
C SER HA 94 17.91 69.22 -47.32
N TYR HA 95 18.93 70.08 -47.44
CA TYR HA 95 18.97 71.32 -46.67
C TYR HA 95 17.79 72.23 -47.02
N GLU HA 96 17.50 72.37 -48.32
CA GLU HA 96 16.36 73.18 -48.74
C GLU HA 96 15.05 72.60 -48.21
N SER HA 97 14.88 71.29 -48.30
CA SER HA 97 13.65 70.67 -47.80
C SER HA 97 13.50 70.88 -46.30
N HIS HA 98 14.60 70.72 -45.55
CA HIS HA 98 14.56 70.92 -44.12
C HIS HA 98 14.16 72.35 -43.76
N THR HA 99 14.78 73.33 -44.41
CA THR HA 99 14.44 74.73 -44.12
C THR HA 99 12.98 75.02 -44.47
N ARG HA 100 12.51 74.54 -45.62
CA ARG HA 100 11.13 74.77 -46.01
C ARG HA 100 10.16 74.15 -45.01
N VAL HA 101 10.44 72.93 -44.57
CA VAL HA 101 9.57 72.28 -43.59
C VAL HA 101 9.55 73.06 -42.29
N LEU HA 102 10.70 73.53 -41.83
CA LEU HA 102 10.76 74.30 -40.60
C LEU HA 102 9.94 75.59 -40.72
N GLU HA 103 10.07 76.29 -41.84
CA GLU HA 103 9.33 77.53 -42.02
C GLU HA 103 7.82 77.27 -42.08
N ASN HA 104 7.41 76.18 -42.74
CA ASN HA 104 6.00 75.83 -42.78
C ASN HA 104 5.47 75.51 -41.39
N LYS HA 105 6.25 74.79 -40.59
CA LYS HA 105 5.84 74.51 -39.23
C LYS HA 105 5.69 75.80 -38.42
N GLN HA 106 6.63 76.74 -38.61
CA GLN HA 106 6.57 78.01 -37.88
C GLN HA 106 5.30 78.78 -38.25
N VAL HA 107 4.99 78.87 -39.54
CA VAL HA 107 3.82 79.66 -39.95
C VAL HA 107 2.54 78.97 -39.49
N GLU HA 108 2.50 77.63 -39.51
CA GLU HA 108 1.33 76.92 -39.01
C GLU HA 108 1.14 77.17 -37.52
N GLU HA 109 2.23 77.17 -36.75
CA GLU HA 109 2.13 77.45 -35.33
C GLU HA 109 1.64 78.88 -35.09
N ILE HA 110 2.11 79.82 -35.90
CA ILE HA 110 1.66 81.21 -35.76
C ILE HA 110 0.17 81.31 -36.00
N LEU HA 111 -0.34 80.63 -37.04
CA LEU HA 111 -1.77 80.64 -37.32
C LEU HA 111 -2.56 80.02 -36.18
N ARG HA 112 -2.08 78.89 -35.65
CA ARG HA 112 -2.75 78.25 -34.53
C ARG HA 112 -2.83 79.18 -33.33
N LEU HA 113 -1.73 79.88 -33.04
CA LEU HA 113 -1.73 80.82 -31.92
C LEU HA 113 -2.68 81.98 -32.17
N GLU HA 114 -2.74 82.47 -33.41
CA GLU HA 114 -3.72 83.49 -33.76
C GLU HA 114 -5.13 83.04 -33.41
N LYS HA 115 -5.51 81.84 -33.86
CA LYS HA 115 -6.86 81.35 -33.60
C LYS HA 115 -7.10 81.19 -32.10
N GLU HA 116 -6.13 80.63 -31.38
CA GLU HA 116 -6.30 80.40 -29.95
C GLU HA 116 -6.47 81.69 -29.19
N ILE HA 117 -5.63 82.70 -29.48
CA ILE HA 117 -5.73 83.96 -28.76
C ILE HA 117 -7.03 84.68 -29.08
N GLU HA 118 -7.48 84.60 -30.34
CA GLU HA 118 -8.76 85.21 -30.70
C GLU HA 118 -9.91 84.58 -29.92
N ASP HA 119 -9.93 83.24 -29.88
CA ASP HA 119 -11.00 82.54 -29.16
C ASP HA 119 -10.96 82.89 -27.68
N LEU HA 120 -9.76 82.88 -27.08
CA LEU HA 120 -9.64 83.19 -25.66
C LEU HA 120 -10.10 84.61 -25.35
N GLN HA 121 -9.71 85.57 -26.19
CA GLN HA 121 -10.11 86.96 -25.97
C GLN HA 121 -11.63 87.11 -26.08
N ARG HA 122 -12.24 86.47 -27.08
CA ARG HA 122 -13.69 86.57 -27.24
C ARG HA 122 -14.41 85.99 -26.03
N MET HA 123 -13.99 84.80 -25.58
CA MET HA 123 -14.68 84.17 -24.46
C MET HA 123 -14.45 84.97 -23.18
N LYS HA 124 -13.26 85.53 -23.00
CA LYS HA 124 -12.99 86.37 -21.84
C LYS HA 124 -13.86 87.62 -21.84
N GLU HA 125 -14.03 88.25 -23.00
CA GLU HA 125 -14.90 89.41 -23.08
C GLU HA 125 -16.35 89.03 -22.77
N GLN HA 126 -16.79 87.88 -23.27
CA GLN HA 126 -18.14 87.41 -22.93
C GLN HA 126 -18.30 87.21 -21.43
N GLN HA 127 -17.29 86.62 -20.78
CA GLN HA 127 -17.35 86.45 -19.33
C GLN HA 127 -17.38 87.81 -18.62
N GLU HA 128 -16.59 88.77 -19.10
CA GLU HA 128 -16.57 90.08 -18.48
C GLU HA 128 -17.90 90.80 -18.63
N LEU HA 129 -18.62 90.56 -19.72
CA LEU HA 129 -19.87 91.28 -19.95
C LEU HA 129 -20.90 90.97 -18.87
N SER HA 130 -21.01 89.71 -18.46
CA SER HA 130 -22.02 89.30 -17.48
C SER HA 130 -21.46 89.40 -16.07
N LEU HA 131 -21.23 90.63 -15.64
CA LEU HA 131 -20.67 90.91 -14.32
C LEU HA 131 -21.58 91.87 -13.57
N THR HA 132 -21.22 92.13 -12.32
CA THR HA 132 -21.94 93.03 -11.43
C THR HA 132 -21.06 94.26 -11.18
N GLU HA 133 -21.71 95.42 -11.04
CA GLU HA 133 -20.98 96.68 -10.89
C GLU HA 133 -19.99 96.63 -9.73
N ALA HA 134 -20.45 96.16 -8.56
CA ALA HA 134 -19.55 96.04 -7.41
C ALA HA 134 -18.43 95.06 -7.69
N SER HA 135 -18.76 93.94 -8.35
CA SER HA 135 -17.73 92.98 -8.74
C SER HA 135 -16.74 93.60 -9.72
N LEU HA 136 -17.23 94.44 -10.63
CA LEU HA 136 -16.33 95.11 -11.57
C LEU HA 136 -15.39 96.06 -10.85
N GLN HA 137 -15.91 96.82 -9.88
CA GLN HA 137 -15.05 97.69 -9.10
C GLN HA 137 -14.00 96.90 -8.32
N LYS HA 138 -14.42 95.79 -7.71
CA LYS HA 138 -13.48 94.93 -6.99
C LYS HA 138 -12.42 94.37 -7.93
N LEU HA 139 -12.82 93.98 -9.13
CA LEU HA 139 -11.88 93.51 -10.13
C LEU HA 139 -10.87 94.59 -10.50
N GLN HA 140 -11.34 95.82 -10.69
CA GLN HA 140 -10.44 96.91 -11.03
C GLN HA 140 -9.43 97.15 -9.91
N GLU HA 141 -9.89 97.19 -8.67
CA GLU HA 141 -8.98 97.38 -7.53
C GLU HA 141 -7.99 96.23 -7.42
N ARG HA 142 -8.46 95.00 -7.63
CA ARG HA 142 -7.59 93.84 -7.54
C ARG HA 142 -6.52 93.86 -8.62
N ARG HA 143 -6.90 94.24 -9.85
CA ARG HA 143 -5.92 94.35 -10.92
C ARG HA 143 -4.90 95.44 -10.63
N ASP HA 144 -5.36 96.57 -10.07
CA ASP HA 144 -4.43 97.62 -9.68
C ASP HA 144 -3.45 97.14 -8.63
N GLN HA 145 -3.93 96.34 -7.67
CA GLN HA 145 -3.02 95.78 -6.66
C GLN HA 145 -2.06 94.79 -7.31
N GLU HA 146 -2.55 94.00 -8.27
CA GLU HA 146 -1.70 93.07 -9.01
C GLU HA 146 -0.54 93.80 -9.67
N LEU HA 147 -0.84 94.87 -10.40
CA LEU HA 147 0.21 95.62 -11.09
C LEU HA 147 1.10 96.40 -10.12
N ARG HA 148 0.69 96.53 -8.86
CA ARG HA 148 1.48 97.25 -7.88
C ARG HA 148 2.69 96.43 -7.45
N ASN IA 16 -16.48 80.63 55.24
CA ASN IA 16 -15.08 80.88 54.97
C ASN IA 16 -14.38 79.63 54.45
N ILE IA 17 -14.89 79.09 53.33
CA ILE IA 17 -14.31 77.91 52.73
C ILE IA 17 -12.93 78.27 52.17
N LYS IA 18 -11.90 77.55 52.62
CA LYS IA 18 -10.53 77.83 52.21
C LYS IA 18 -9.75 76.53 52.10
N ILE IA 19 -8.64 76.61 51.36
CA ILE IA 19 -7.72 75.51 51.15
C ILE IA 19 -6.51 75.70 52.06
N MET IA 20 -6.12 74.61 52.71
CA MET IA 20 -5.06 74.55 53.70
C MET IA 20 -3.96 73.64 53.17
N ARG IA 21 -2.70 74.10 53.23
CA ARG IA 21 -1.56 73.27 52.92
C ARG IA 21 -0.85 72.93 54.22
N LEU IA 22 -0.82 71.65 54.57
CA LEU IA 22 -0.18 71.18 55.78
C LEU IA 22 1.29 70.86 55.52
N VAL IA 23 2.05 70.74 56.61
CA VAL IA 23 3.48 70.45 56.49
C VAL IA 23 3.71 69.08 55.88
N THR IA 24 2.77 68.16 56.05
CA THR IA 24 2.91 66.80 55.52
C THR IA 24 2.36 66.69 54.10
N CYS IA 25 2.78 67.62 53.25
CA CYS IA 25 2.42 67.66 51.82
C CYS IA 25 0.97 67.26 51.59
N GLU IA 26 0.07 67.95 52.28
CA GLU IA 26 -1.35 67.64 52.24
C GLU IA 26 -2.16 68.90 51.93
N ASP IA 27 -3.17 68.75 51.07
CA ASP IA 27 -4.07 69.83 50.72
C ASP IA 27 -5.47 69.46 51.20
N ILE IA 28 -6.05 70.29 52.06
CA ILE IA 28 -7.35 70.02 52.65
C ILE IA 28 -8.22 71.27 52.57
N ILE IA 29 -9.44 71.12 52.08
CA ILE IA 29 -10.39 72.22 51.98
C ILE IA 29 -11.39 72.11 53.11
N GLY IA 30 -11.76 73.25 53.68
CA GLY IA 30 -12.73 73.24 54.77
C GLY IA 30 -13.08 74.65 55.18
N ASN IA 31 -14.06 74.75 56.08
CA ASN IA 31 -14.50 76.02 56.63
C ASN IA 31 -13.62 76.34 57.82
N ILE IA 32 -12.82 77.40 57.72
CA ILE IA 32 -11.81 77.69 58.72
C ILE IA 32 -12.16 78.96 59.48
N SER IA 33 -11.72 79.01 60.73
CA SER IA 33 -11.82 80.18 61.59
C SER IA 33 -10.45 80.46 62.17
N GLU IA 34 -9.99 81.70 62.05
CA GLU IA 34 -8.62 82.07 62.36
C GLU IA 34 -8.56 82.81 63.69
N SER IA 35 -7.68 82.36 64.57
CA SER IA 35 -7.42 83.00 65.85
C SER IA 35 -5.95 83.43 65.89
N GLN IA 36 -5.54 84.07 66.98
CA GLN IA 36 -4.22 84.68 67.04
C GLN IA 36 -3.10 83.64 66.90
N GLY IA 37 -3.28 82.46 67.50
CA GLY IA 37 -2.22 81.46 67.46
C GLY IA 37 -2.61 80.15 66.81
N LEU IA 38 -3.90 79.82 66.85
CA LEU IA 38 -4.40 78.55 66.34
C LEU IA 38 -5.60 78.80 65.45
N ILE IA 39 -5.93 77.83 64.61
CA ILE IA 39 -7.07 77.92 63.72
C ILE IA 39 -7.93 76.67 63.86
N THR IA 40 -9.24 76.84 63.68
CA THR IA 40 -10.19 75.76 63.72
C THR IA 40 -10.71 75.48 62.32
N ILE IA 41 -10.98 74.21 62.04
CA ILE IA 41 -11.44 73.80 60.71
C ILE IA 41 -12.63 72.85 60.87
N LYS IA 42 -13.60 73.00 59.98
CA LYS IA 42 -14.79 72.15 59.95
C LYS IA 42 -14.96 71.58 58.55
N LYS IA 43 -15.40 70.32 58.50
CA LYS IA 43 -15.67 69.62 57.25
C LYS IA 43 -14.44 69.61 56.34
N ALA IA 44 -13.30 69.24 56.93
CA ALA IA 44 -12.07 69.15 56.15
C ALA IA 44 -12.13 67.96 55.18
N PHE IA 45 -11.50 68.13 54.03
CA PHE IA 45 -11.48 67.08 53.02
C PHE IA 45 -10.15 67.12 52.27
N VAL IA 46 -9.43 66.00 52.30
CA VAL IA 46 -8.20 65.88 51.52
C VAL IA 46 -8.55 65.76 50.05
N ILE IA 47 -7.70 66.35 49.21
CA ILE IA 47 -7.90 66.38 47.76
C ILE IA 47 -6.88 65.45 47.12
N ILE IA 48 -7.37 64.46 46.39
CA ILE IA 48 -6.53 63.49 45.67
C ILE IA 48 -6.66 63.78 44.18
N PRO IA 49 -5.57 64.16 43.49
CA PRO IA 49 -5.59 64.45 42.06
C PRO IA 49 -5.87 63.21 41.21
N LEU IA 60 -10.73 65.32 40.24
CA LEU IA 60 -10.36 65.42 41.64
C LEU IA 60 -11.21 64.51 42.50
N VAL IA 61 -10.66 64.08 43.63
CA VAL IA 61 -11.36 63.20 44.57
C VAL IA 61 -11.29 63.84 45.95
N LEU IA 62 -12.44 63.89 46.64
CA LEU IA 62 -12.51 64.42 47.99
C LEU IA 62 -12.66 63.27 48.98
N CYS IA 63 -11.79 63.26 49.99
CA CYS IA 63 -11.81 62.21 51.00
C CYS IA 63 -11.90 62.83 52.39
N PRO IA 64 -12.63 62.21 53.31
CA PRO IA 64 -12.66 62.74 54.68
C PRO IA 64 -11.27 62.79 55.28
N TRP IA 65 -10.97 63.90 55.96
CA TRP IA 65 -9.63 64.11 56.49
C TRP IA 65 -9.38 63.21 57.70
N GLN IA 66 -10.34 63.13 58.62
CA GLN IA 66 -10.19 62.38 59.86
C GLN IA 66 -11.39 61.46 60.01
N PRO IA 67 -11.38 60.32 59.31
CA PRO IA 67 -12.51 59.38 59.43
C PRO IA 67 -12.37 58.48 60.64
N TYR IA 68 -12.01 59.07 61.78
CA TYR IA 68 -11.88 58.35 63.04
C TYR IA 68 -12.51 59.08 64.22
N THR IA 69 -12.90 60.34 64.06
CA THR IA 69 -13.47 61.13 65.15
C THR IA 69 -14.85 61.64 64.75
N ASP IA 70 -15.66 61.92 65.78
CA ASP IA 70 -16.99 62.48 65.60
C ASP IA 70 -17.03 63.97 65.94
N ASP IA 71 -15.88 64.59 66.19
CA ASP IA 71 -15.86 66.00 66.55
C ASP IA 71 -16.27 66.86 65.36
N LYS IA 72 -17.01 67.93 65.66
CA LYS IA 72 -17.48 68.82 64.61
C LYS IA 72 -16.35 69.66 64.03
N GLU IA 73 -15.42 70.09 64.88
CA GLU IA 73 -14.33 70.96 64.45
C GLU IA 73 -13.01 70.44 65.00
N ILE IA 74 -11.93 70.75 64.29
CA ILE IA 74 -10.58 70.33 64.65
C ILE IA 74 -9.72 71.57 64.79
N VAL IA 75 -9.00 71.67 65.91
CA VAL IA 75 -8.11 72.79 66.18
C VAL IA 75 -6.69 72.40 65.78
N ILE IA 76 -5.92 73.36 65.26
CA ILE IA 76 -4.57 73.09 64.81
C ILE IA 76 -3.74 74.37 64.94
N ASP IA 77 -2.51 74.22 65.38
CA ASP IA 77 -1.60 75.34 65.55
C ASP IA 77 -1.21 75.92 64.19
N ASP IA 78 -0.99 77.23 64.17
CA ASP IA 78 -0.62 77.92 62.93
C ASP IA 78 0.82 77.68 62.53
N SER IA 79 1.65 77.14 63.41
CA SER IA 79 3.04 76.86 63.06
C SER IA 79 3.17 75.73 62.06
N LYS IA 80 2.14 74.90 61.91
CA LYS IA 80 2.13 73.81 60.95
C LYS IA 80 1.43 74.20 59.65
N VAL IA 81 1.38 75.49 59.35
CA VAL IA 81 0.69 76.03 58.18
C VAL IA 81 1.72 76.37 57.13
N ILE IA 82 1.47 75.96 55.89
CA ILE IA 82 2.33 76.31 54.77
C ILE IA 82 1.66 77.45 54.02
N THR IA 83 0.46 77.21 53.47
CA THR IA 83 -0.29 78.23 52.77
C THR IA 83 -1.77 78.12 53.09
N ILE IA 84 -2.42 79.28 53.21
CA ILE IA 84 -3.87 79.39 53.27
C ILE IA 84 -4.32 80.11 52.01
N THR IA 85 -5.38 79.62 51.38
CA THR IA 85 -5.79 80.25 50.13
C THR IA 85 -7.29 80.09 49.91
N SER IA 86 -7.82 80.91 49.01
CA SER IA 86 -9.23 80.86 48.65
C SER IA 86 -9.40 80.03 47.40
N PRO IA 87 -10.23 78.99 47.41
CA PRO IA 87 -10.35 78.11 46.25
C PRO IA 87 -11.20 78.74 45.15
N LYS IA 88 -11.34 78.00 44.05
CA LYS IA 88 -12.15 78.43 42.93
C LYS IA 88 -13.63 78.14 43.19
N ASP IA 89 -14.49 78.70 42.33
CA ASP IA 89 -15.92 78.51 42.50
C ASP IA 89 -16.33 77.07 42.24
N ASP IA 90 -15.71 76.42 41.26
CA ASP IA 90 -16.05 75.03 40.96
C ASP IA 90 -15.73 74.13 42.14
N ILE IA 91 -14.58 74.35 42.78
CA ILE IA 91 -14.20 73.54 43.93
C ILE IA 91 -15.19 73.74 45.08
N ILE IA 92 -15.60 74.99 45.31
CA ILE IA 92 -16.58 75.28 46.36
C ILE IA 92 -17.90 74.58 46.07
N LYS IA 93 -18.34 74.63 44.81
CA LYS IA 93 -19.58 73.97 44.43
C LYS IA 93 -19.49 72.47 44.65
N SER IA 94 -18.38 71.86 44.25
CA SER IA 94 -18.20 70.43 44.46
C SER IA 94 -18.19 70.07 45.94
N TYR IA 95 -17.53 70.90 46.76
CA TYR IA 95 -17.50 70.68 48.19
C TYR IA 95 -18.89 70.75 48.80
N GLU IA 96 -19.68 71.76 48.39
CA GLU IA 96 -21.04 71.88 48.88
C GLU IA 96 -21.89 70.67 48.47
N SER IA 97 -21.77 70.24 47.21
CA SER IA 97 -22.53 69.08 46.76
C SER IA 97 -22.15 67.83 47.53
N HIS IA 98 -20.85 67.64 47.76
CA HIS IA 98 -20.39 66.47 48.52
C HIS IA 98 -20.95 66.47 49.93
N THR IA 99 -20.87 67.61 50.62
CA THR IA 99 -21.39 67.67 51.98
C THR IA 99 -22.89 67.42 52.01
N ARG IA 100 -23.64 68.02 51.07
CA ARG IA 100 -25.08 67.81 51.03
C ARG IA 100 -25.43 66.35 50.78
N VAL IA 101 -24.72 65.70 49.86
CA VAL IA 101 -24.97 64.28 49.59
C VAL IA 101 -24.69 63.44 50.82
N LEU IA 102 -23.58 63.72 51.51
CA LEU IA 102 -23.25 62.96 52.72
C LEU IA 102 -24.33 63.13 53.79
N GLU IA 103 -24.81 64.36 53.99
CA GLU IA 103 -25.84 64.59 55.00
C GLU IA 103 -27.14 63.89 54.62
N ASN IA 104 -27.50 63.91 53.34
CA ASN IA 104 -28.71 63.21 52.89
C ASN IA 104 -28.57 61.71 53.11
N LYS IA 105 -27.40 61.14 52.82
CA LYS IA 105 -27.19 59.73 53.09
C LYS IA 105 -27.32 59.42 54.57
N GLN IA 106 -26.78 60.29 55.43
CA GLN IA 106 -26.86 60.06 56.87
C GLN IA 106 -28.31 60.07 57.34
N VAL IA 107 -29.10 61.04 56.88
CA VAL IA 107 -30.49 61.13 57.35
C VAL IA 107 -31.31 59.94 56.81
N GLU IA 108 -31.03 59.52 55.57
CA GLU IA 108 -31.71 58.35 55.04
C GLU IA 108 -31.39 57.10 55.84
N GLU IA 109 -30.11 56.93 56.21
CA GLU IA 109 -29.74 55.79 57.04
C GLU IA 109 -30.42 55.85 58.40
N ILE IA 110 -30.53 57.04 58.99
CA ILE IA 110 -31.21 57.19 60.27
C ILE IA 110 -32.67 56.76 60.16
N LEU IA 111 -33.34 57.19 59.09
CA LEU IA 111 -34.74 56.79 58.89
C LEU IA 111 -34.87 55.28 58.70
N ARG IA 112 -33.96 54.70 57.92
CA ARG IA 112 -34.00 53.25 57.72
C ARG IA 112 -33.83 52.52 59.05
N LEU IA 113 -32.90 52.97 59.89
CA LEU IA 113 -32.70 52.34 61.18
C LEU IA 113 -33.92 52.52 62.08
N GLU IA 114 -34.56 53.69 62.03
CA GLU IA 114 -35.82 53.89 62.75
C GLU IA 114 -36.83 52.82 62.38
N LYS IA 115 -37.06 52.65 61.07
CA LYS IA 115 -38.05 51.67 60.62
C LYS IA 115 -37.67 50.26 61.05
N GLU IA 116 -36.39 49.91 60.90
CA GLU IA 116 -35.95 48.56 61.24
C GLU IA 116 -36.12 48.27 62.72
N ILE IA 117 -35.73 49.20 63.58
CA ILE IA 117 -35.83 48.96 65.01
C ILE IA 117 -37.29 48.91 65.45
N GLU IA 118 -38.15 49.74 64.84
CA GLU IA 118 -39.56 49.68 65.16
C GLU IA 118 -40.15 48.31 64.80
N ASP IA 119 -39.85 47.83 63.60
CA ASP IA 119 -40.36 46.53 63.17
C ASP IA 119 -39.86 45.42 64.08
N LEU IA 120 -38.56 45.45 64.39
CA LEU IA 120 -37.98 44.41 65.25
C LEU IA 120 -38.62 44.42 66.63
N GLN IA 121 -38.80 45.61 67.21
CA GLN IA 121 -39.41 45.69 68.53
C GLN IA 121 -40.85 45.17 68.51
N ARG IA 122 -41.61 45.53 67.49
CA ARG IA 122 -43.00 45.06 67.41
C ARG IA 122 -43.06 43.54 67.30
N MET IA 123 -42.23 42.96 66.42
CA MET IA 123 -42.27 41.52 66.24
C MET IA 123 -41.77 40.80 67.50
N LYS IA 124 -40.76 41.36 68.17
CA LYS IA 124 -40.29 40.77 69.42
C LYS IA 124 -41.36 40.80 70.50
N GLU IA 125 -42.10 41.91 70.59
CA GLU IA 125 -43.19 41.98 71.56
C GLU IA 125 -44.27 40.95 71.24
N GLN IA 126 -44.58 40.79 69.95
CA GLN IA 126 -45.56 39.77 69.56
C GLN IA 126 -45.09 38.38 69.96
N GLN IA 127 -43.80 38.09 69.75
CA GLN IA 127 -43.26 36.80 70.17
C GLN IA 127 -43.35 36.62 71.67
N GLU IA 128 -43.04 37.68 72.43
CA GLU IA 128 -43.10 37.61 73.88
C GLU IA 128 -44.51 37.38 74.38
N LEU IA 129 -45.52 37.90 73.68
CA LEU IA 129 -46.90 37.77 74.14
C LEU IA 129 -47.33 36.31 74.22
N SER IA 130 -46.99 35.51 73.21
CA SER IA 130 -47.43 34.12 73.14
C SER IA 130 -46.41 33.22 73.84
N LEU IA 131 -46.33 33.36 75.16
CA LEU IA 131 -45.41 32.60 75.97
C LEU IA 131 -46.16 31.88 77.09
N THR IA 132 -45.42 31.07 77.85
CA THR IA 132 -45.93 30.32 78.98
C THR IA 132 -45.35 30.88 80.26
N GLU IA 133 -46.16 30.86 81.33
CA GLU IA 133 -45.75 31.47 82.59
C GLU IA 133 -44.41 30.92 83.08
N ALA IA 134 -44.27 29.59 83.08
CA ALA IA 134 -43.01 28.98 83.49
C ALA IA 134 -41.87 29.39 82.57
N SER IA 135 -42.14 29.43 81.26
CA SER IA 135 -41.14 29.89 80.31
C SER IA 135 -40.78 31.35 80.56
N LEU IA 136 -41.76 32.17 80.93
CA LEU IA 136 -41.48 33.57 81.24
C LEU IA 136 -40.58 33.70 82.46
N GLN IA 137 -40.85 32.90 83.50
CA GLN IA 137 -39.99 32.91 84.68
C GLN IA 137 -38.58 32.46 84.33
N LYS IA 138 -38.46 31.40 83.52
CA LYS IA 138 -37.14 30.94 83.11
C LYS IA 138 -36.41 32.00 82.29
N LEU IA 139 -37.15 32.71 81.43
CA LEU IA 139 -36.56 33.81 80.67
C LEU IA 139 -36.05 34.91 81.59
N GLN IA 140 -36.84 35.26 82.61
CA GLN IA 140 -36.42 36.30 83.54
C GLN IA 140 -35.14 35.88 84.28
N GLU IA 141 -35.10 34.64 84.78
CA GLU IA 141 -33.91 34.17 85.46
C GLU IA 141 -32.70 34.13 84.52
N ARG IA 142 -32.91 33.69 83.28
CA ARG IA 142 -31.81 33.61 82.32
C ARG IA 142 -31.28 35.01 81.99
N ARG IA 143 -32.17 35.98 81.83
CA ARG IA 143 -31.72 37.35 81.58
C ARG IA 143 -30.96 37.90 82.77
N ASP IA 144 -31.42 37.60 83.99
CA ASP IA 144 -30.69 38.03 85.17
C ASP IA 144 -29.31 37.43 85.21
N GLN IA 145 -29.19 36.15 84.84
CA GLN IA 145 -27.87 35.53 84.78
C GLN IA 145 -27.01 36.16 83.69
N GLU IA 146 -27.63 36.49 82.55
CA GLU IA 146 -26.91 37.18 81.48
C GLU IA 146 -26.30 38.49 81.98
N LEU IA 147 -27.11 39.32 82.63
CA LEU IA 147 -26.60 40.60 83.12
C LEU IA 147 -25.62 40.43 84.28
N ARG IA 148 -25.54 39.25 84.88
CA ARG IA 148 -24.63 39.00 85.98
C ARG IA 148 -23.19 38.90 85.49
N ASN JA 16 96.85 19.89 6.99
CA ASN JA 16 96.80 18.86 8.03
C ASN JA 16 95.36 18.59 8.46
N ILE JA 17 94.52 18.20 7.51
CA ILE JA 17 93.13 17.89 7.80
C ILE JA 17 93.08 16.63 8.66
N LYS JA 18 92.45 16.73 9.83
CA LYS JA 18 92.38 15.62 10.76
C LYS JA 18 91.05 15.63 11.48
N ILE JA 19 90.71 14.47 12.05
CA ILE JA 19 89.49 14.28 12.83
C ILE JA 19 89.86 14.29 14.31
N MET JA 20 89.05 15.01 15.08
CA MET JA 20 89.23 15.25 16.51
C MET JA 20 88.05 14.64 17.24
N ARG JA 21 88.34 13.88 18.30
CA ARG JA 21 87.31 13.38 19.21
C ARG JA 21 87.40 14.16 20.51
N LEU JA 22 86.35 14.91 20.82
CA LEU JA 22 86.29 15.70 22.04
C LEU JA 22 85.71 14.87 23.18
N VAL JA 23 85.90 15.38 24.40
CA VAL JA 23 85.42 14.68 25.59
C VAL JA 23 83.90 14.62 25.59
N THR JA 24 83.24 15.59 24.96
CA THR JA 24 81.78 15.62 24.93
C THR JA 24 81.21 14.85 23.75
N CYS JA 25 81.68 13.62 23.58
CA CYS JA 25 81.25 12.68 22.54
C CYS JA 25 80.98 13.40 21.21
N GLU JA 26 81.98 14.12 20.73
CA GLU JA 26 81.87 14.92 19.53
C GLU JA 26 83.00 14.61 18.57
N ASP JA 27 82.67 14.52 17.29
CA ASP JA 27 83.65 14.29 16.23
C ASP JA 27 83.66 15.50 15.32
N ILE JA 28 84.82 16.14 15.20
CA ILE JA 28 84.96 17.36 14.41
C ILE JA 28 86.19 17.26 13.52
N ILE JA 29 86.03 17.55 12.24
CA ILE JA 29 87.13 17.53 11.28
C ILE JA 29 87.58 18.95 11.01
N GLY JA 30 88.89 19.14 10.89
CA GLY JA 30 89.41 20.46 10.62
C GLY JA 30 90.91 20.42 10.39
N ASN JA 31 91.45 21.58 10.02
CA ASN JA 31 92.89 21.72 9.81
C ASN JA 31 93.52 22.08 11.15
N ILE JA 32 94.35 21.19 11.67
CA ILE JA 32 94.86 21.34 13.03
C ILE JA 32 96.35 21.61 12.99
N SER JA 33 96.82 22.34 14.01
CA SER JA 33 98.23 22.60 14.26
C SER JA 33 98.51 22.25 15.71
N GLU JA 34 99.55 21.44 15.93
CA GLU JA 34 99.83 20.84 17.23
C GLU JA 34 101.00 21.55 17.89
N SER JA 35 100.82 21.97 19.13
CA SER JA 35 101.85 22.57 19.96
C SER JA 35 102.06 21.69 21.18
N GLN JA 36 103.00 22.09 22.05
CA GLN JA 36 103.42 21.23 23.15
C GLN JA 36 102.28 20.97 24.12
N GLY JA 37 101.43 21.96 24.39
CA GLY JA 37 100.38 21.79 25.35
C GLY JA 37 98.97 21.99 24.81
N LEU JA 38 98.85 22.79 23.76
CA LEU JA 38 97.56 23.14 23.19
C LEU JA 38 97.62 22.97 21.68
N ILE JA 39 96.44 22.87 21.06
CA ILE JA 39 96.35 22.72 19.62
C ILE JA 39 95.35 23.74 19.07
N THR JA 40 95.61 24.19 17.85
CA THR JA 40 94.75 25.13 17.16
C THR JA 40 94.04 24.41 16.02
N ILE JA 41 92.80 24.82 15.75
CA ILE JA 41 91.98 24.20 14.73
C ILE JA 41 91.33 25.27 13.87
N LYS JA 42 91.26 25.03 12.57
CA LYS JA 42 90.61 25.93 11.62
C LYS JA 42 89.59 25.16 10.81
N LYS JA 43 88.47 25.83 10.51
CA LYS JA 43 87.38 25.27 9.71
C LYS JA 43 86.88 23.95 10.30
N ALA JA 44 86.62 23.96 11.60
CA ALA JA 44 86.07 22.79 12.26
C ALA JA 44 84.64 22.53 11.82
N PHE JA 45 84.29 21.25 11.75
CA PHE JA 45 82.93 20.86 11.34
C PHE JA 45 82.53 19.61 12.09
N VAL JA 46 81.41 19.68 12.82
CA VAL JA 46 80.85 18.51 13.48
C VAL JA 46 80.23 17.59 12.44
N ILE JA 47 80.35 16.29 12.67
CA ILE JA 47 79.86 15.27 11.76
C ILE JA 47 78.64 14.62 12.40
N ILE JA 48 77.51 14.67 11.69
CA ILE JA 48 76.26 14.07 12.11
C ILE JA 48 75.98 12.87 11.22
N PRO JA 49 75.93 11.65 11.76
CA PRO JA 49 75.65 10.43 10.98
C PRO JA 49 74.23 10.41 10.42
N LEU JA 60 76.44 11.30 5.58
CA LEU JA 60 77.01 12.15 6.61
C LEU JA 60 76.60 13.61 6.41
N VAL JA 61 76.56 14.36 7.49
CA VAL JA 61 76.20 15.77 7.46
C VAL JA 61 77.29 16.56 8.16
N LEU JA 62 77.74 17.65 7.55
CA LEU JA 62 78.75 18.52 8.13
C LEU JA 62 78.08 19.80 8.62
N CYS JA 63 78.33 20.16 9.87
CA CYS JA 63 77.75 21.35 10.46
C CYS JA 63 78.85 22.23 11.05
N PRO JA 64 78.72 23.55 10.95
CA PRO JA 64 79.73 24.42 11.59
C PRO JA 64 79.82 24.16 13.08
N TRP JA 65 81.06 24.10 13.58
CA TRP JA 65 81.27 23.76 14.98
C TRP JA 65 80.87 24.90 15.90
N GLN JA 66 81.26 26.13 15.56
CA GLN JA 66 81.03 27.31 16.38
C GLN JA 66 80.38 28.38 15.53
N PRO JA 67 79.07 28.28 15.28
CA PRO JA 67 78.40 29.30 14.46
C PRO JA 67 78.02 30.52 15.27
N TYR JA 68 78.93 30.98 16.12
CA TYR JA 68 78.73 32.16 16.93
C TYR JA 68 79.92 33.11 16.94
N THR JA 69 81.07 32.70 16.41
CA THR JA 69 82.27 33.52 16.41
C THR JA 69 82.78 33.72 14.99
N ASP JA 70 83.51 34.81 14.80
CA ASP JA 70 84.13 35.13 13.53
C ASP JA 70 85.63 34.85 13.52
N ASP JA 71 86.15 34.22 14.58
CA ASP JA 71 87.57 33.94 14.66
C ASP JA 71 87.97 32.90 13.61
N LYS JA 72 89.17 33.09 13.04
CA LYS JA 72 89.65 32.17 12.02
C LYS JA 72 90.05 30.83 12.61
N GLU JA 73 90.66 30.85 13.80
CA GLU JA 73 91.16 29.63 14.44
C GLU JA 73 90.71 29.58 15.89
N ILE JA 74 90.59 28.37 16.41
CA ILE JA 74 90.17 28.13 17.78
C ILE JA 74 91.24 27.32 18.49
N VAL JA 75 91.67 27.79 19.66
CA VAL JA 75 92.68 27.11 20.47
C VAL JA 75 91.99 26.24 21.50
N ILE JA 76 92.58 25.09 21.80
CA ILE JA 76 91.99 24.15 22.75
C ILE JA 76 93.11 23.34 23.40
N ASP JA 77 92.97 23.13 24.71
CA ASP JA 77 93.95 22.35 25.46
C ASP JA 77 93.92 20.89 25.04
N ASP JA 78 95.10 20.24 25.10
CA ASP JA 78 95.22 18.84 24.72
C ASP JA 78 94.66 17.89 25.76
N SER JA 79 94.38 18.36 26.97
CA SER JA 79 93.83 17.50 28.00
C SER JA 79 92.40 17.09 27.71
N LYS JA 80 91.71 17.83 26.83
CA LYS JA 80 90.34 17.50 26.42
C LYS JA 80 90.31 16.71 25.13
N VAL JA 81 91.40 16.01 24.80
CA VAL JA 81 91.53 15.24 23.57
C VAL JA 81 91.32 13.78 23.88
N ILE JA 82 90.50 13.11 23.06
CA ILE JA 82 90.30 11.68 23.19
C ILE JA 82 91.16 10.99 22.13
N THR JA 83 90.87 11.27 20.85
CA THR JA 83 91.65 10.71 19.75
C THR JA 83 91.86 11.76 18.66
N ILE JA 84 93.05 11.73 18.06
CA ILE JA 84 93.37 12.47 16.85
C ILE JA 84 93.61 11.43 15.76
N THR JA 85 93.06 11.68 14.57
CA THR JA 85 93.22 10.67 13.52
C THR JA 85 93.19 11.32 12.15
N SER JA 86 93.67 10.58 11.15
CA SER JA 86 93.67 11.04 9.77
C SER JA 86 92.45 10.48 9.06
N PRO JA 87 91.61 11.31 8.45
CA PRO JA 87 90.38 10.83 7.82
C PRO JA 87 90.66 10.15 6.49
N LYS JA 88 89.58 9.66 5.87
CA LYS JA 88 89.66 9.04 4.56
C LYS JA 88 89.68 10.10 3.46
N ASP JA 89 89.98 9.65 2.24
CA ASP JA 89 90.06 10.58 1.12
C ASP JA 89 88.69 11.15 0.76
N ASP JA 90 87.64 10.32 0.84
CA ASP JA 90 86.30 10.80 0.53
C ASP JA 90 85.87 11.90 1.49
N ILE JA 91 86.18 11.73 2.78
CA ILE JA 91 85.82 12.74 3.78
C ILE JA 91 86.55 14.04 3.49
N ILE JA 92 87.85 13.95 3.14
CA ILE JA 92 88.62 15.15 2.84
C ILE JA 92 88.04 15.85 1.61
N LYS JA 93 87.67 15.07 0.59
CA LYS JA 93 87.08 15.67 -0.61
C LYS JA 93 85.77 16.38 -0.29
N SER JA 94 84.92 15.74 0.52
CA SER JA 94 83.66 16.36 0.91
C SER JA 94 83.89 17.64 1.72
N TYR JA 95 84.88 17.61 2.61
CA TYR JA 95 85.20 18.80 3.41
C TYR JA 95 85.67 19.93 2.52
N GLU JA 96 86.54 19.63 1.55
CA GLU JA 96 87.01 20.65 0.62
C GLU JA 96 85.86 21.23 -0.20
N SER JA 97 84.98 20.36 -0.70
CA SER JA 97 83.84 20.84 -1.48
C SER JA 97 82.93 21.73 -0.64
N HIS JA 98 82.67 21.33 0.61
CA HIS JA 98 81.83 22.12 1.49
C HIS JA 98 82.43 23.49 1.73
N THR JA 99 83.72 23.55 2.04
CA THR JA 99 84.36 24.84 2.30
C THR JA 99 84.33 25.73 1.05
N ARG JA 100 84.62 25.14 -0.11
CA ARG JA 100 84.60 25.92 -1.35
C ARG JA 100 83.21 26.48 -1.64
N VAL JA 101 82.18 25.65 -1.44
CA VAL JA 101 80.81 26.11 -1.68
C VAL JA 101 80.46 27.25 -0.72
N LEU JA 102 80.84 27.11 0.55
CA LEU JA 102 80.55 28.17 1.52
C LEU JA 102 81.24 29.48 1.13
N GLU JA 103 82.50 29.40 0.72
CA GLU JA 103 83.22 30.61 0.33
C GLU JA 103 82.61 31.25 -0.91
N ASN JA 104 82.19 30.43 -1.88
CA ASN JA 104 81.54 30.96 -3.07
C ASN JA 104 80.23 31.65 -2.71
N LYS JA 105 79.45 31.05 -1.80
CA LYS JA 105 78.22 31.69 -1.36
C LYS JA 105 78.51 33.02 -0.68
N GLN JA 106 79.56 33.07 0.14
CA GLN JA 106 79.90 34.32 0.83
C GLN JA 106 80.27 35.41 -0.16
N VAL JA 107 81.10 35.08 -1.16
CA VAL JA 107 81.52 36.11 -2.11
C VAL JA 107 80.34 36.56 -2.98
N GLU JA 108 79.46 35.63 -3.34
CA GLU JA 108 78.27 36.01 -4.09
C GLU JA 108 77.38 36.95 -3.28
N GLU JA 109 77.20 36.67 -1.99
CA GLU JA 109 76.42 37.55 -1.14
C GLU JA 109 77.06 38.93 -1.03
N ILE JA 110 78.39 38.97 -0.93
CA ILE JA 110 79.09 40.25 -0.87
C ILE JA 110 78.85 41.06 -2.13
N LEU JA 111 78.93 40.42 -3.30
CA LEU JA 111 78.67 41.12 -4.55
C LEU JA 111 77.23 41.62 -4.62
N ARG JA 112 76.27 40.79 -4.19
CA ARG JA 112 74.88 41.21 -4.20
C ARG JA 112 74.68 42.43 -3.31
N LEU JA 113 75.30 42.43 -2.13
CA LEU JA 113 75.18 43.58 -1.23
C LEU JA 113 75.84 44.82 -1.83
N GLU JA 114 76.97 44.65 -2.51
CA GLU JA 114 77.59 45.76 -3.22
C GLU JA 114 76.59 46.40 -4.19
N LYS JA 115 75.98 45.57 -5.03
CA LYS JA 115 75.04 46.11 -6.03
C LYS JA 115 73.85 46.79 -5.35
N GLU JA 116 73.31 46.16 -4.31
CA GLU JA 116 72.14 46.71 -3.64
C GLU JA 116 72.45 48.06 -3.00
N ILE JA 117 73.58 48.17 -2.30
CA ILE JA 117 73.92 49.41 -1.63
C ILE JA 117 74.21 50.51 -2.65
N GLU JA 118 74.85 50.16 -3.76
CA GLU JA 118 75.10 51.14 -4.80
C GLU JA 118 73.79 51.69 -5.37
N ASP JA 119 72.85 50.79 -5.68
CA ASP JA 119 71.57 51.22 -6.23
C ASP JA 119 70.82 52.10 -5.22
N LEU JA 120 70.80 51.67 -3.96
CA LEU JA 120 70.09 52.44 -2.94
C LEU JA 120 70.70 53.82 -2.76
N GLN JA 121 72.03 53.91 -2.73
CA GLN JA 121 72.68 55.21 -2.58
C GLN JA 121 72.39 56.12 -3.77
N ARG JA 122 72.43 55.58 -4.98
CA ARG JA 122 72.14 56.39 -6.16
C ARG JA 122 70.72 56.92 -6.12
N MET JA 123 69.75 56.05 -5.82
CA MET JA 123 68.36 56.49 -5.81
C MET JA 123 68.11 57.49 -4.68
N LYS JA 124 68.74 57.28 -3.53
CA LYS JA 124 68.62 58.22 -2.43
C LYS JA 124 69.18 59.59 -2.79
N GLU JA 125 70.33 59.61 -3.47
CA GLU JA 125 70.89 60.88 -3.91
C GLU JA 125 69.98 61.58 -4.91
N GLN JA 126 69.38 60.80 -5.82
CA GLN JA 126 68.43 61.38 -6.76
C GLN JA 126 67.23 62.00 -6.03
N GLN JA 127 66.72 61.30 -5.01
CA GLN JA 127 65.63 61.84 -4.23
C GLN JA 127 66.04 63.12 -3.50
N GLU JA 128 67.26 63.14 -2.95
CA GLU JA 128 67.74 64.31 -2.25
C GLU JA 128 67.90 65.51 -3.18
N LEU JA 129 68.25 65.26 -4.45
CA LEU JA 129 68.48 66.36 -5.38
C LEU JA 129 67.23 67.21 -5.57
N SER JA 130 66.07 66.57 -5.72
CA SER JA 130 64.82 67.28 -6.00
C SER JA 130 64.12 67.65 -4.70
N LEU JA 131 64.74 68.57 -3.97
CA LEU JA 131 64.23 69.03 -2.68
C LEU JA 131 64.07 70.55 -2.69
N THR JA 132 63.53 71.07 -1.60
CA THR JA 132 63.31 72.49 -1.39
C THR JA 132 64.24 72.97 -0.28
N GLU JA 133 64.74 74.21 -0.42
CA GLU JA 133 65.71 74.74 0.53
C GLU JA 133 65.22 74.65 1.97
N ALA JA 134 63.97 75.10 2.21
CA ALA JA 134 63.41 75.02 3.55
C ALA JA 134 63.29 73.57 4.00
N SER JA 135 62.88 72.69 3.10
CA SER JA 135 62.82 71.26 3.42
C SER JA 135 64.20 70.70 3.74
N LEU JA 136 65.23 71.17 3.01
CA LEU JA 136 66.59 70.72 3.28
C LEU JA 136 67.04 71.17 4.67
N GLN JA 137 66.73 72.41 5.04
CA GLN JA 137 67.08 72.89 6.37
C GLN JA 137 66.36 72.08 7.44
N LYS JA 138 65.06 71.80 7.22
CA LYS JA 138 64.31 71.00 8.17
C LYS JA 138 64.89 69.59 8.29
N LEU JA 139 65.31 69.02 7.16
CA LEU JA 139 65.95 67.71 7.17
C LEU JA 139 67.25 67.74 7.97
N GLN JA 140 68.06 68.79 7.79
CA GLN JA 140 69.30 68.90 8.53
C GLN JA 140 69.03 68.98 10.04
N GLU JA 141 68.07 69.82 10.44
CA GLU JA 141 67.75 69.93 11.86
C GLU JA 141 67.21 68.62 12.41
N ARG JA 142 66.36 67.93 11.63
CA ARG JA 142 65.80 66.66 12.08
C ARG JA 142 66.88 65.60 12.24
N ARG JA 143 67.83 65.54 11.31
CA ARG JA 143 68.94 64.60 11.43
C ARG JA 143 69.80 64.93 12.65
N ASP JA 144 70.03 66.22 12.90
CA ASP JA 144 70.79 66.59 14.10
C ASP JA 144 70.06 66.15 15.36
N GLN JA 145 68.73 66.30 15.39
CA GLN JA 145 67.97 65.83 16.54
C GLN JA 145 68.03 64.31 16.65
N GLU JA 146 68.00 63.62 15.51
CA GLU JA 146 68.13 62.16 15.51
C GLU JA 146 69.44 61.72 16.16
N LEU JA 147 70.55 62.33 15.74
CA LEU JA 147 71.84 61.96 16.31
C LEU JA 147 72.00 62.42 17.75
N ARG JA 148 71.12 63.30 18.24
CA ARG JA 148 71.19 63.78 19.60
C ARG JA 148 70.74 62.71 20.59
N ASN KA 16 12.13 89.92 39.91
CA ASN KA 16 12.93 89.17 40.87
C ASN KA 16 12.65 87.68 40.79
N ILE KA 17 12.88 87.11 39.61
CA ILE KA 17 12.67 85.68 39.41
C ILE KA 17 13.73 84.91 40.21
N LYS KA 18 13.27 84.02 41.08
CA LYS KA 18 14.15 83.27 41.95
C LYS KA 18 13.61 81.86 42.17
N ILE KA 19 14.51 80.98 42.58
CA ILE KA 19 14.19 79.59 42.90
C ILE KA 19 14.10 79.45 44.42
N MET KA 20 13.06 78.74 44.85
CA MET KA 20 12.69 78.53 46.25
C MET KA 20 12.78 77.05 46.55
N ARG KA 21 13.44 76.69 47.64
CA ARG KA 21 13.46 75.32 48.14
C ARG KA 21 12.58 75.26 49.38
N LEU KA 22 11.50 74.49 49.29
CA LEU KA 22 10.58 74.34 50.40
C LEU KA 22 11.00 73.17 51.29
N VAL KA 23 10.43 73.13 52.50
CA VAL KA 23 10.77 72.07 53.44
C VAL KA 23 10.32 70.71 52.92
N THR KA 24 9.28 70.68 52.09
CA THR KA 24 8.78 69.41 51.56
C THR KA 24 9.48 69.03 50.25
N CYS KA 25 10.81 69.06 50.28
CA CYS KA 25 11.67 68.68 49.16
C CYS KA 25 11.10 69.11 47.81
N GLU KA 26 10.83 70.41 47.72
CA GLU KA 26 10.19 70.97 46.53
C GLU KA 26 10.98 72.16 46.03
N ASP KA 27 11.14 72.25 44.72
CA ASP KA 27 11.82 73.38 44.07
C ASP KA 27 10.81 74.11 43.20
N ILE KA 28 10.60 75.39 43.47
CA ILE KA 28 9.61 76.20 42.77
C ILE KA 28 10.22 77.53 42.37
N ILE KA 29 10.08 77.89 41.10
CA ILE KA 29 10.59 79.16 40.59
C ILE KA 29 9.44 80.15 40.47
N GLY KA 30 9.71 81.41 40.81
CA GLY KA 30 8.68 82.42 40.72
C GLY KA 30 9.23 83.79 41.03
N ASN KA 31 8.38 84.80 40.86
CA ASN KA 31 8.74 86.18 41.14
C ASN KA 31 8.44 86.43 42.61
N ILE KA 32 9.46 86.67 43.42
CA ILE KA 32 9.31 86.74 44.86
C ILE KA 32 9.55 88.16 45.35
N SER KA 33 8.88 88.50 46.45
CA SER KA 33 9.08 89.75 47.17
C SER KA 33 9.30 89.42 48.63
N GLU KA 34 10.36 89.97 49.20
CA GLU KA 34 10.83 89.60 50.53
C GLU KA 34 10.46 90.67 51.55
N SER KA 35 9.86 90.24 52.64
CA SER KA 35 9.51 91.11 53.77
C SER KA 35 10.25 90.58 55.01
N GLN KA 36 10.06 91.28 56.13
CA GLN KA 36 10.86 90.99 57.33
C GLN KA 36 10.60 89.58 57.84
N GLY KA 37 9.36 89.11 57.78
CA GLY KA 37 9.04 87.80 58.32
C GLY KA 37 8.47 86.81 57.32
N LEU KA 38 7.82 87.33 56.29
CA LEU KA 38 7.15 86.50 55.30
C LEU KA 38 7.53 86.97 53.90
N ILE KA 39 7.32 86.10 52.92
CA ILE KA 39 7.62 86.43 51.54
C ILE KA 39 6.42 86.09 50.66
N THR KA 40 6.24 86.87 49.60
CA THR KA 40 5.17 86.66 48.64
C THR KA 40 5.76 86.15 47.34
N ILE KA 41 5.01 85.29 46.65
CA ILE KA 41 5.47 84.69 45.41
C ILE KA 41 4.36 84.76 44.37
N LYS KA 42 4.74 85.03 43.13
CA LYS KA 42 3.82 85.08 42.01
C LYS KA 42 4.32 84.17 40.89
N LYS KA 43 3.36 83.52 40.22
CA LYS KA 43 3.63 82.63 39.10
C LYS KA 43 4.63 81.53 39.50
N ALA KA 44 4.35 80.89 40.63
CA ALA KA 44 5.19 79.78 41.08
C ALA KA 44 5.02 78.57 40.16
N PHE KA 45 6.11 77.83 39.99
CA PHE KA 45 6.08 76.63 39.15
C PHE KA 45 7.03 75.59 39.72
N VAL KA 46 6.49 74.41 40.02
CA VAL KA 46 7.31 73.30 40.46
C VAL KA 46 8.11 72.75 39.28
N ILE KA 47 9.34 72.32 39.56
CA ILE KA 47 10.26 71.83 38.55
C ILE KA 47 10.38 70.31 38.72
N ILE KA 48 10.06 69.57 37.67
CA ILE KA 48 10.15 68.12 37.64
C ILE KA 48 11.30 67.74 36.72
N PRO KA 49 12.36 67.09 37.22
CA PRO KA 49 13.51 66.67 36.41
C PRO KA 49 13.15 65.59 35.40
N LEU KA 60 13.68 69.39 31.61
CA LEU KA 60 12.93 69.86 32.77
C LEU KA 60 11.47 70.08 32.41
N VAL KA 61 10.59 69.96 33.41
CA VAL KA 61 9.16 70.16 33.24
C VAL KA 61 8.69 71.18 34.26
N LEU KA 62 7.90 72.15 33.82
CA LEU KA 62 7.33 73.15 34.70
C LEU KA 62 5.85 72.86 34.91
N CYS KA 63 5.44 72.82 36.18
CA CYS KA 63 4.05 72.53 36.51
C CYS KA 63 3.51 73.62 37.43
N PRO KA 64 2.25 74.00 37.29
CA PRO KA 64 1.68 74.99 38.21
C PRO KA 64 1.75 74.50 39.65
N TRP KA 65 2.15 75.41 40.55
CA TRP KA 65 2.34 75.02 41.94
C TRP KA 65 1.02 74.78 42.65
N GLN KA 66 0.05 75.68 42.45
CA GLN KA 66 -1.25 75.61 43.13
C GLN KA 66 -2.34 75.70 42.08
N PRO KA 67 -2.64 74.60 41.40
CA PRO KA 67 -3.71 74.63 40.39
C PRO KA 67 -5.09 74.46 41.00
N TYR KA 68 -5.33 75.17 42.10
CA TYR KA 68 -6.62 75.14 42.78
C TYR KA 68 -7.11 76.52 43.18
N THR KA 69 -6.29 77.55 43.09
CA THR KA 69 -6.65 78.90 43.50
C THR KA 69 -6.49 79.87 42.34
N ASP KA 70 -7.24 80.96 42.41
CA ASP KA 70 -7.17 82.04 41.43
C ASP KA 70 -6.41 83.24 41.94
N ASP KA 71 -5.80 83.14 43.12
CA ASP KA 71 -5.07 84.27 43.69
C ASP KA 71 -3.83 84.59 42.87
N LYS KA 72 -3.54 85.89 42.75
CA LYS KA 72 -2.38 86.31 41.96
C LYS KA 72 -1.08 86.00 42.68
N GLU KA 73 -1.06 86.16 44.00
CA GLU KA 73 0.16 85.96 44.79
C GLU KA 73 -0.15 85.09 45.99
N ILE KA 74 0.88 84.39 46.46
CA ILE KA 74 0.78 83.50 47.60
C ILE KA 74 1.80 83.93 48.65
N VAL KA 75 1.34 84.09 49.88
CA VAL KA 75 2.20 84.49 51.00
C VAL KA 75 2.65 83.24 51.75
N ILE KA 76 3.88 83.25 52.25
CA ILE KA 76 4.43 82.10 52.94
C ILE KA 76 5.48 82.59 53.95
N ASP KA 77 5.46 81.98 55.14
CA ASP KA 77 6.40 82.33 56.18
C ASP KA 77 7.82 81.92 55.81
N ASP KA 78 8.79 82.70 56.27
CA ASP KA 78 10.19 82.43 55.98
C ASP KA 78 10.76 81.27 56.78
N SER KA 79 10.06 80.81 57.81
CA SER KA 79 10.56 79.69 58.60
C SER KA 79 10.51 78.37 57.82
N LYS KA 80 9.71 78.31 56.75
CA LYS KA 80 9.62 77.14 55.90
C LYS KA 80 10.54 77.23 54.68
N VAL KA 81 11.59 78.05 54.77
CA VAL KA 81 12.51 78.30 53.67
C VAL KA 81 13.78 77.48 53.91
N ILE KA 82 14.24 76.80 52.86
CA ILE KA 82 15.50 76.08 52.93
C ILE KA 82 16.57 76.92 52.25
N THR KA 83 16.38 77.18 50.95
CA THR KA 83 17.30 78.02 50.19
C THR KA 83 16.54 78.91 49.23
N ILE KA 84 17.04 80.14 49.08
CA ILE KA 84 16.60 81.07 48.04
C ILE KA 84 17.80 81.27 47.11
N THR KA 85 17.55 81.25 45.80
CA THR KA 85 18.68 81.38 44.89
C THR KA 85 18.25 82.02 43.58
N SER KA 86 19.23 82.51 42.83
CA SER KA 86 18.99 83.10 41.52
C SER KA 86 19.22 82.07 40.44
N PRO KA 87 18.25 81.81 39.57
CA PRO KA 87 18.39 80.76 38.57
C PRO KA 87 19.29 81.19 37.41
N LYS KA 88 19.47 80.28 36.47
CA LYS KA 88 20.26 80.54 35.27
C LYS KA 88 19.42 81.28 34.24
N ASP KA 89 20.10 81.78 33.21
CA ASP KA 89 19.41 82.54 32.17
C ASP KA 89 18.47 81.65 31.36
N ASP KA 90 18.90 80.41 31.07
CA ASP KA 90 18.05 79.50 30.30
C ASP KA 90 16.75 79.20 31.05
N ILE KA 91 16.83 79.00 32.37
CA ILE KA 91 15.64 78.72 33.15
C ILE KA 91 14.70 79.93 33.13
N ILE KA 92 15.26 81.13 33.25
CA ILE KA 92 14.43 82.33 33.21
C ILE KA 92 13.75 82.47 31.86
N LYS KA 93 14.48 82.20 30.78
CA LYS KA 93 13.90 82.28 29.44
C LYS KA 93 12.77 81.27 29.28
N SER KA 94 12.97 80.03 29.76
CA SER KA 94 11.93 79.02 29.67
C SER KA 94 10.71 79.42 30.48
N TYR KA 95 10.93 79.98 31.68
CA TYR KA 95 9.82 80.43 32.52
C TYR KA 95 9.03 81.54 31.84
N GLU KA 96 9.73 82.50 31.23
CA GLU KA 96 9.05 83.57 30.51
C GLU KA 96 8.24 83.03 29.34
N SER KA 97 8.83 82.11 28.57
CA SER KA 97 8.12 81.54 27.43
C SER KA 97 6.88 80.78 27.90
N HIS KA 98 7.00 80.01 28.98
CA HIS KA 98 5.87 79.26 29.51
C HIS KA 98 4.74 80.19 29.93
N THR KA 99 5.07 81.25 30.67
CA THR KA 99 4.04 82.20 31.10
C THR KA 99 3.38 82.87 29.92
N ARG KA 100 4.17 83.30 28.93
CA ARG KA 100 3.60 83.96 27.76
C ARG KA 100 2.67 83.02 26.99
N VAL KA 101 3.07 81.75 26.83
CA VAL KA 101 2.23 80.79 26.13
C VAL KA 101 0.92 80.58 26.89
N LEU KA 102 1.00 80.46 28.21
CA LEU KA 102 -0.21 80.27 29.00
C LEU KA 102 -1.16 81.46 28.86
N GLU KA 103 -0.61 82.68 28.92
CA GLU KA 103 -1.46 83.86 28.80
C GLU KA 103 -2.10 83.94 27.41
N ASN KA 104 -1.34 83.60 26.37
CA ASN KA 104 -1.89 83.59 25.02
C ASN KA 104 -3.01 82.57 24.89
N LYS KA 105 -2.82 81.38 25.48
CA LYS KA 105 -3.88 80.38 25.45
C LYS KA 105 -5.12 80.89 26.18
N GLN KA 106 -4.94 81.56 27.31
CA GLN KA 106 -6.08 82.09 28.06
C GLN KA 106 -6.85 83.12 27.25
N VAL KA 107 -6.15 84.05 26.60
CA VAL KA 107 -6.84 85.08 25.84
C VAL KA 107 -7.53 84.49 24.61
N GLU KA 108 -6.89 83.50 23.98
CA GLU KA 108 -7.54 82.83 22.86
C GLU KA 108 -8.82 82.12 23.29
N GLU KA 109 -8.79 81.45 24.45
CA GLU KA 109 -9.99 80.80 24.95
C GLU KA 109 -11.08 81.82 25.27
N ILE KA 110 -10.69 82.97 25.82
CA ILE KA 110 -11.67 84.01 26.11
C ILE KA 110 -12.34 84.49 24.83
N LEU KA 111 -11.55 84.71 23.77
CA LEU KA 111 -12.12 85.13 22.49
C LEU KA 111 -13.06 84.07 21.92
N ARG KA 112 -12.65 82.80 22.00
CA ARG KA 112 -13.50 81.72 21.52
C ARG KA 112 -14.82 81.69 22.26
N LEU KA 113 -14.78 81.86 23.57
CA LEU KA 113 -16.01 81.87 24.36
C LEU KA 113 -16.88 83.07 24.01
N GLU KA 114 -16.26 84.24 23.77
CA GLU KA 114 -17.00 85.40 23.30
C GLU KA 114 -17.79 85.06 22.04
N LYS KA 115 -17.11 84.50 21.05
CA LYS KA 115 -17.78 84.17 19.79
C LYS KA 115 -18.89 83.16 20.00
N GLU KA 116 -18.63 82.12 20.80
CA GLU KA 116 -19.62 81.08 21.01
C GLU KA 116 -20.87 81.61 21.70
N ILE KA 117 -20.68 82.43 22.75
CA ILE KA 117 -21.84 82.95 23.48
C ILE KA 117 -22.62 83.92 22.61
N GLU KA 118 -21.93 84.72 21.79
CA GLU KA 118 -22.64 85.62 20.89
C GLU KA 118 -23.50 84.84 19.90
N ASP KA 119 -22.93 83.79 19.29
CA ASP KA 119 -23.67 83.00 18.32
C ASP KA 119 -24.87 82.33 19.00
N LEU KA 120 -24.66 81.75 20.18
CA LEU KA 120 -25.74 81.08 20.88
C LEU KA 120 -26.86 82.04 21.24
N GLN KA 121 -26.50 83.24 21.73
CA GLN KA 121 -27.53 84.22 22.08
C GLN KA 121 -28.32 84.65 20.86
N ARG KA 122 -27.63 84.89 19.73
CA ARG KA 122 -28.34 85.31 18.53
C ARG KA 122 -29.30 84.22 18.05
N MET KA 123 -28.85 82.98 18.02
CA MET KA 123 -29.71 81.90 17.53
C MET KA 123 -30.88 81.67 18.49
N LYS KA 124 -30.63 81.79 19.80
CA LYS KA 124 -31.71 81.66 20.77
C LYS KA 124 -32.74 82.75 20.61
N GLU KA 125 -32.30 83.99 20.37
CA GLU KA 125 -33.25 85.07 20.14
C GLU KA 125 -34.06 84.83 18.87
N GLN KA 126 -33.41 84.33 17.82
CA GLN KA 126 -34.14 84.00 16.60
C GLN KA 126 -35.19 82.93 16.87
N GLN KA 127 -34.85 81.90 17.65
CA GLN KA 127 -35.82 80.88 18.01
C GLN KA 127 -36.97 81.48 18.81
N GLU KA 128 -36.67 82.37 19.74
CA GLU KA 128 -37.71 82.98 20.55
C GLU KA 128 -38.65 83.84 19.73
N LEU KA 129 -38.13 84.47 18.66
CA LEU KA 129 -38.97 85.36 17.85
C LEU KA 129 -40.14 84.61 17.22
N SER KA 130 -39.90 83.43 16.69
CA SER KA 130 -40.93 82.66 15.98
C SER KA 130 -41.69 81.76 16.96
N LEU KA 131 -42.44 82.40 17.85
CA LEU KA 131 -43.21 81.69 18.86
C LEU KA 131 -44.68 82.10 18.78
N THR KA 132 -45.49 81.46 19.61
CA THR KA 132 -46.92 81.71 19.71
C THR KA 132 -47.21 82.34 21.07
N GLU KA 133 -48.20 83.25 21.10
CA GLU KA 133 -48.50 83.99 22.32
C GLU KA 133 -48.78 83.06 23.50
N ALA KA 134 -49.63 82.06 23.29
CA ALA KA 134 -49.91 81.11 24.35
C ALA KA 134 -48.66 80.33 24.75
N SER KA 135 -47.84 79.95 23.77
CA SER KA 135 -46.58 79.29 24.07
C SER KA 135 -45.65 80.21 24.85
N LEU KA 136 -45.66 81.51 24.52
CA LEU KA 136 -44.82 82.46 25.25
C LEU KA 136 -45.28 82.58 26.71
N GLN KA 137 -46.59 82.63 26.94
CA GLN KA 137 -47.11 82.67 28.30
C GLN KA 137 -46.73 81.40 29.06
N LYS KA 138 -46.86 80.24 28.42
CA LYS KA 138 -46.48 78.99 29.05
C LYS KA 138 -44.99 78.97 29.37
N LEU KA 139 -44.17 79.49 28.46
CA LEU KA 139 -42.73 79.60 28.72
C LEU KA 139 -42.45 80.49 29.92
N GLN KA 140 -43.14 81.62 30.01
CA GLN KA 140 -42.93 82.52 31.15
C GLN KA 140 -43.30 81.83 32.46
N GLU KA 141 -44.45 81.16 32.49
CA GLU KA 141 -44.85 80.45 33.71
C GLU KA 141 -43.87 79.34 34.06
N ARG KA 142 -43.40 78.61 33.04
CA ARG KA 142 -42.47 77.52 33.29
C ARG KA 142 -41.14 78.04 33.82
N ARG KA 143 -40.65 79.16 33.28
CA ARG KA 143 -39.42 79.76 33.80
C ARG KA 143 -39.60 80.23 35.23
N ASP KA 144 -40.77 80.82 35.54
CA ASP KA 144 -41.05 81.23 36.91
C ASP KA 144 -41.04 80.03 37.85
N GLN KA 145 -41.60 78.90 37.41
CA GLN KA 145 -41.57 77.70 38.24
C GLN KA 145 -40.14 77.18 38.38
N GLU KA 146 -39.35 77.27 37.30
CA GLU KA 146 -37.95 76.88 37.37
C GLU KA 146 -37.20 77.66 38.44
N LEU KA 147 -37.34 78.99 38.42
CA LEU KA 147 -36.65 79.81 39.41
C LEU KA 147 -37.23 79.65 40.81
N ARG KA 148 -38.40 79.04 40.95
CA ARG KA 148 -39.01 78.83 42.25
C ARG KA 148 -38.30 77.74 43.03
N ASN LA 16 -85.50 29.64 40.45
CA ASN LA 16 -84.67 29.78 41.65
C ASN LA 16 -83.36 29.03 41.48
N ILE LA 17 -82.59 29.40 40.47
CA ILE LA 17 -81.29 28.78 40.23
C ILE LA 17 -80.33 29.18 41.35
N LYS LA 18 -79.77 28.19 42.02
CA LYS LA 18 -78.90 28.42 43.16
C LYS LA 18 -77.79 27.38 43.19
N ILE LA 19 -76.72 27.72 43.91
CA ILE LA 19 -75.57 26.85 44.12
C ILE LA 19 -75.67 26.23 45.50
N MET LA 20 -75.41 24.92 45.56
CA MET LA 20 -75.52 24.09 46.74
C MET LA 20 -74.13 23.54 47.07
N ARG LA 21 -73.74 23.65 48.34
CA ARG LA 21 -72.51 23.02 48.82
C ARG LA 21 -72.91 21.83 49.68
N LEU LA 22 -72.54 20.64 49.24
CA LEU LA 22 -72.83 19.41 49.96
C LEU LA 22 -71.73 19.09 50.96
N VAL LA 23 -72.04 18.18 51.89
CA VAL LA 23 -71.07 17.80 52.91
C VAL LA 23 -69.87 17.10 52.29
N THR LA 24 -70.06 16.44 51.15
CA THR LA 24 -68.98 15.72 50.49
C THR LA 24 -68.21 16.62 49.52
N CYS LA 25 -67.81 17.79 49.99
CA CYS LA 25 -67.02 18.78 49.25
C CYS LA 25 -67.43 18.85 47.78
N GLU LA 26 -68.72 19.10 47.58
CA GLU LA 26 -69.30 19.12 46.24
C GLU LA 26 -70.09 20.41 46.04
N ASP LA 27 -69.95 21.00 44.85
CA ASP LA 27 -70.68 22.19 44.46
C ASP LA 27 -71.59 21.85 43.28
N ILE LA 28 -72.89 22.03 43.46
CA ILE LA 28 -73.87 21.67 42.44
C ILE LA 28 -74.86 22.80 42.27
N ILE LA 29 -75.09 23.21 41.01
CA ILE LA 29 -76.03 24.27 40.70
C ILE LA 29 -77.32 23.64 40.18
N GLY LA 30 -78.45 24.22 40.57
CA GLY LA 30 -79.73 23.69 40.11
C GLY LA 30 -80.87 24.57 40.59
N ASN LA 31 -82.07 24.24 40.10
CA ASN LA 31 -83.28 24.95 40.49
C ASN LA 31 -83.81 24.29 41.76
N ILE LA 32 -83.81 25.03 42.86
CA ILE LA 32 -84.12 24.46 44.16
C ILE LA 32 -85.44 25.02 44.69
N SER LA 33 -86.11 24.20 45.48
CA SER LA 33 -87.32 24.57 46.20
C SER LA 33 -87.12 24.18 47.66
N GLU LA 34 -87.37 25.13 48.56
CA GLU LA 34 -87.05 24.99 49.97
C GLU LA 34 -88.30 24.71 50.78
N SER LA 35 -88.26 23.67 51.60
CA SER LA 35 -89.33 23.32 52.52
C SER LA 35 -88.76 23.38 53.95
N GLN LA 36 -89.63 23.11 54.93
CA GLN LA 36 -89.26 23.33 56.33
C GLN LA 36 -88.09 22.43 56.74
N GLY LA 37 -88.05 21.19 56.26
CA GLY LA 37 -87.00 20.27 56.68
C GLY LA 37 -86.14 19.75 55.56
N LEU LA 38 -86.68 19.69 54.35
CA LEU LA 38 -86.00 19.13 53.20
C LEU LA 38 -86.12 20.07 52.02
N ILE LA 39 -85.24 19.89 51.03
CA ILE LA 39 -85.26 20.72 49.83
C ILE LA 39 -85.23 19.82 48.60
N THR LA 40 -85.88 20.28 47.54
CA THR LA 40 -85.90 19.58 46.27
C THR LA 40 -85.05 20.34 45.26
N ILE LA 41 -84.41 19.59 44.37
CA ILE LA 41 -83.51 20.18 43.37
C ILE LA 41 -83.82 19.56 42.01
N LYS LA 42 -83.77 20.39 40.97
CA LYS LA 42 -83.97 19.96 39.60
C LYS LA 42 -82.81 20.43 38.74
N LYS LA 43 -82.43 19.58 37.79
CA LYS LA 43 -81.34 19.86 36.85
C LYS LA 43 -80.05 20.22 37.57
N ALA LA 44 -79.69 19.38 38.54
CA ALA LA 44 -78.44 19.59 39.27
C ALA LA 44 -77.25 19.31 38.38
N PHE LA 45 -76.17 20.06 38.60
CA PHE LA 45 -74.94 19.88 37.82
C PHE LA 45 -73.74 20.16 38.71
N VAL LA 46 -72.85 19.17 38.81
CA VAL LA 46 -71.59 19.36 39.51
C VAL LA 46 -70.67 20.25 38.70
N ILE LA 47 -69.91 21.09 39.38
CA ILE LA 47 -69.00 22.04 38.77
C ILE LA 47 -67.57 21.56 39.00
N ILE LA 48 -66.85 21.35 37.90
CA ILE LA 48 -65.46 20.93 37.93
C ILE LA 48 -64.60 22.10 37.47
N PRO LA 49 -63.71 22.64 38.32
CA PRO LA 49 -62.83 23.76 37.96
C PRO LA 49 -61.80 23.38 36.90
N LEU LA 60 -64.67 26.41 33.48
CA LEU LA 60 -65.52 25.55 34.30
C LEU LA 60 -66.15 24.45 33.45
N VAL LA 61 -66.46 23.32 34.08
CA VAL LA 61 -67.09 22.19 33.43
C VAL LA 61 -68.34 21.81 34.21
N LEU LA 62 -69.44 21.59 33.51
CA LEU LA 62 -70.69 21.17 34.12
C LEU LA 62 -70.93 19.70 33.81
N CYS LA 63 -71.19 18.91 34.86
CA CYS LA 63 -71.43 17.48 34.69
C CYS LA 63 -72.73 17.10 35.35
N PRO LA 64 -73.50 16.17 34.77
CA PRO LA 64 -74.74 15.73 35.43
C PRO LA 64 -74.45 15.16 36.81
N TRP LA 65 -75.28 15.54 37.77
CA TRP LA 65 -75.04 15.13 39.16
C TRP LA 65 -75.35 13.66 39.36
N GLN LA 66 -76.47 13.18 38.83
CA GLN LA 66 -76.92 11.81 39.02
C GLN LA 66 -77.22 11.20 37.66
N PRO LA 67 -76.20 10.76 36.92
CA PRO LA 67 -76.44 10.17 35.61
C PRO LA 67 -76.82 8.70 35.70
N TYR LA 68 -77.71 8.38 36.65
CA TYR LA 68 -78.19 7.02 36.83
C TYR LA 68 -79.70 6.95 37.02
N THR LA 69 -80.38 8.07 37.21
CA THR LA 69 -81.81 8.08 37.45
C THR LA 69 -82.51 8.95 36.40
N ASP LA 70 -83.79 8.65 36.19
CA ASP LA 70 -84.64 9.41 35.28
C ASP LA 70 -85.59 10.34 36.02
N ASP LA 71 -85.46 10.47 37.33
CA ASP LA 71 -86.35 11.31 38.10
C ASP LA 71 -86.14 12.78 37.76
N LYS LA 72 -87.24 13.53 37.72
CA LYS LA 72 -87.14 14.95 37.38
C LYS LA 72 -86.53 15.77 38.52
N GLU LA 73 -86.85 15.41 39.76
CA GLU LA 73 -86.38 16.16 40.92
C GLU LA 73 -85.82 15.20 41.96
N ILE LA 74 -84.88 15.70 42.77
CA ILE LA 74 -84.23 14.93 43.81
C ILE LA 74 -84.45 15.64 45.14
N VAL LA 75 -84.91 14.91 46.14
CA VAL LA 75 -85.16 15.44 47.47
C VAL LA 75 -83.94 15.15 48.34
N ILE LA 76 -83.62 16.09 49.25
CA ILE LA 76 -82.45 15.94 50.11
C ILE LA 76 -82.70 16.70 51.41
N ASP LA 77 -82.30 16.10 52.52
CA ASP LA 77 -82.46 16.71 53.83
C ASP LA 77 -81.56 17.93 53.97
N ASP LA 78 -82.04 18.92 54.73
CA ASP LA 78 -81.29 20.15 54.94
C ASP LA 78 -80.12 19.99 55.91
N SER LA 79 -80.06 18.88 56.64
CA SER LA 79 -78.95 18.66 57.57
C SER LA 79 -77.64 18.40 56.84
N LYS LA 80 -77.69 18.02 55.56
CA LYS LA 80 -76.51 17.80 54.75
C LYS LA 80 -76.14 19.03 53.92
N VAL LA 81 -76.56 20.20 54.35
CA VAL LA 81 -76.35 21.46 53.64
C VAL LA 81 -75.21 22.22 54.31
N ILE LA 82 -74.28 22.71 53.50
CA ILE LA 82 -73.20 23.54 54.02
C ILE LA 82 -73.54 24.99 53.73
N THR LA 83 -73.68 25.34 52.45
CA THR LA 83 -74.06 26.69 52.04
C THR LA 83 -75.01 26.65 50.87
N ILE LA 84 -75.98 27.57 50.89
CA ILE LA 84 -76.85 27.85 49.75
C ILE LA 84 -76.53 29.26 49.29
N THR LA 85 -76.41 29.46 47.97
CA THR LA 85 -76.03 30.79 47.51
C THR LA 85 -76.60 31.05 46.13
N SER LA 86 -76.64 32.33 45.75
CA SER LA 86 -77.10 32.75 44.44
C SER LA 86 -75.90 32.93 43.51
N PRO LA 87 -75.88 32.26 42.37
CA PRO LA 87 -74.70 32.33 41.48
C PRO LA 87 -74.66 33.64 40.71
N LYS LA 88 -73.61 33.79 39.90
CA LYS LA 88 -73.45 34.96 39.05
C LYS LA 88 -74.27 34.81 37.78
N ASP LA 89 -74.39 35.91 37.04
CA ASP LA 89 -75.18 35.92 35.81
C ASP LA 89 -74.54 35.04 34.74
N ASP LA 90 -73.21 35.06 34.64
CA ASP LA 90 -72.53 34.24 33.64
C ASP LA 90 -72.78 32.75 33.89
N ILE LA 91 -72.74 32.34 35.15
CA ILE LA 91 -72.98 30.94 35.49
C ILE LA 91 -74.40 30.55 35.12
N ILE LA 92 -75.36 31.42 35.41
CA ILE LA 92 -76.76 31.13 35.07
C ILE LA 92 -76.93 31.01 33.57
N LYS LA 93 -76.28 31.91 32.81
CA LYS LA 93 -76.37 31.85 31.36
C LYS LA 93 -75.78 30.55 30.83
N SER LA 94 -74.61 30.15 31.36
CA SER LA 94 -74.00 28.90 30.92
C SER LA 94 -74.88 27.70 31.26
N TYR LA 95 -75.50 27.71 32.45
CA TYR LA 95 -76.39 26.64 32.85
C TYR LA 95 -77.59 26.55 31.91
N GLU LA 96 -78.19 27.70 31.58
CA GLU LA 96 -79.32 27.71 30.65
C GLU LA 96 -78.91 27.18 29.28
N SER LA 97 -77.75 27.62 28.78
CA SER LA 97 -77.30 27.15 27.47
C SER LA 97 -77.06 25.65 27.49
N HIS LA 98 -76.44 25.13 28.56
CA HIS LA 98 -76.18 23.71 28.66
C HIS LA 98 -77.49 22.91 28.65
N THR LA 99 -78.47 23.34 29.46
CA THR LA 99 -79.74 22.62 29.49
C THR LA 99 -80.44 22.66 28.14
N ARG LA 100 -80.44 23.83 27.48
CA ARG LA 100 -81.08 23.93 26.18
C ARG LA 100 -80.41 23.02 25.15
N VAL LA 101 -79.08 22.98 25.15
CA VAL LA 101 -78.35 22.13 24.22
C VAL LA 101 -78.68 20.66 24.48
N LEU LA 102 -78.73 20.26 25.75
CA LEU LA 102 -79.05 18.88 26.07
C LEU LA 102 -80.45 18.51 25.60
N GLU LA 103 -81.42 19.40 25.82
CA GLU LA 103 -82.78 19.11 25.39
C GLU LA 103 -82.88 19.03 23.87
N ASN LA 104 -82.18 19.92 23.17
CA ASN LA 104 -82.17 19.86 21.70
C ASN LA 104 -81.56 18.55 21.20
N LYS LA 105 -80.46 18.10 21.84
CA LYS LA 105 -79.87 16.83 21.47
C LYS LA 105 -80.85 15.68 21.70
N GLN LA 106 -81.58 15.72 22.83
CA GLN LA 106 -82.55 14.67 23.12
C GLN LA 106 -83.65 14.61 22.07
N VAL LA 107 -84.19 15.77 21.71
CA VAL LA 107 -85.30 15.77 20.75
C VAL LA 107 -84.80 15.35 19.36
N GLU LA 108 -83.58 15.75 19.00
CA GLU LA 108 -83.01 15.31 17.72
C GLU LA 108 -82.83 13.80 17.70
N GLU LA 109 -82.35 13.23 18.80
CA GLU LA 109 -82.20 11.78 18.87
C GLU LA 109 -83.55 11.07 18.78
N ILE LA 110 -84.58 11.65 19.41
CA ILE LA 110 -85.91 11.05 19.33
C ILE LA 110 -86.40 11.04 17.89
N LEU LA 111 -86.21 12.16 17.17
CA LEU LA 111 -86.61 12.21 15.77
C LEU LA 111 -85.85 11.19 14.92
N ARG LA 112 -84.54 11.08 15.16
CA ARG LA 112 -83.74 10.11 14.42
C ARG LA 112 -84.25 8.70 14.66
N LEU LA 113 -84.57 8.38 15.91
CA LEU LA 113 -85.09 7.05 16.21
C LEU LA 113 -86.46 6.82 15.57
N GLU LA 114 -87.31 7.85 15.55
CA GLU LA 114 -88.57 7.76 14.83
C GLU LA 114 -88.34 7.34 13.38
N LYS LA 115 -87.46 8.06 12.69
CA LYS LA 115 -87.21 7.76 11.28
C LYS LA 115 -86.65 6.36 11.11
N GLU LA 116 -85.70 5.98 11.96
CA GLU LA 116 -85.08 4.66 11.83
C GLU LA 116 -86.09 3.54 12.04
N ILE LA 117 -86.92 3.65 13.08
CA ILE LA 117 -87.88 2.59 13.35
C ILE LA 117 -88.93 2.52 12.25
N GLU LA 118 -89.34 3.68 11.71
CA GLU LA 118 -90.30 3.66 10.60
C GLU LA 118 -89.72 2.94 9.39
N ASP LA 119 -88.48 3.27 9.03
CA ASP LA 119 -87.84 2.65 7.88
C ASP LA 119 -87.69 1.14 8.10
N LEU LA 120 -87.25 0.75 9.30
CA LEU LA 120 -87.07 -0.67 9.58
C LEU LA 120 -88.39 -1.43 9.51
N GLN LA 121 -89.45 -0.85 10.09
CA GLN LA 121 -90.74 -1.52 10.04
C GLN LA 121 -91.25 -1.67 8.61
N ARG LA 122 -91.09 -0.62 7.80
CA ARG LA 122 -91.55 -0.71 6.41
C ARG LA 122 -90.80 -1.78 5.65
N MET LA 123 -89.46 -1.81 5.79
CA MET LA 123 -88.68 -2.80 5.05
C MET LA 123 -88.98 -4.21 5.55
N LYS LA 124 -89.19 -4.37 6.86
CA LYS LA 124 -89.54 -5.68 7.40
C LYS LA 124 -90.90 -6.15 6.87
N GLU LA 125 -91.87 -5.24 6.79
CA GLU LA 125 -93.16 -5.62 6.22
C GLU LA 125 -93.03 -6.02 4.76
N GLN LA 126 -92.20 -5.28 4.00
CA GLN LA 126 -91.96 -5.65 2.62
C GLN LA 126 -91.36 -7.04 2.51
N GLN LA 127 -90.39 -7.35 3.38
CA GLN LA 127 -89.79 -8.68 3.39
C GLN LA 127 -90.83 -9.74 3.73
N GLU LA 128 -91.69 -9.46 4.71
CA GLU LA 128 -92.72 -10.42 5.10
C GLU LA 128 -93.71 -10.67 3.98
N LEU LA 129 -93.99 -9.65 3.15
CA LEU LA 129 -94.99 -9.81 2.10
C LEU LA 129 -94.60 -10.91 1.11
N SER LA 130 -93.33 -10.95 0.70
CA SER LA 130 -92.86 -11.90 -0.31
C SER LA 130 -92.39 -13.19 0.36
N LEU LA 131 -93.35 -13.91 0.92
CA LEU LA 131 -93.08 -15.16 1.61
C LEU LA 131 -93.93 -16.29 1.03
N THR LA 132 -93.70 -17.50 1.53
CA THR LA 132 -94.42 -18.70 1.13
C THR LA 132 -95.29 -19.16 2.29
N GLU LA 133 -96.46 -19.71 1.97
CA GLU LA 133 -97.42 -20.10 3.00
C GLU LA 133 -96.81 -21.06 4.02
N ALA LA 134 -96.11 -22.09 3.53
CA ALA LA 134 -95.46 -23.03 4.45
C ALA LA 134 -94.38 -22.32 5.27
N SER LA 135 -93.63 -21.43 4.63
CA SER LA 135 -92.63 -20.65 5.36
C SER LA 135 -93.30 -19.75 6.40
N LEU LA 136 -94.46 -19.19 6.08
CA LEU LA 136 -95.19 -18.37 7.04
C LEU LA 136 -95.64 -19.18 8.24
N GLN LA 137 -96.14 -20.40 8.00
CA GLN LA 137 -96.53 -21.26 9.10
C GLN LA 137 -95.33 -21.62 9.96
N LYS LA 138 -94.21 -21.94 9.32
CA LYS LA 138 -92.99 -22.26 10.07
C LYS LA 138 -92.52 -21.06 10.89
N LEU LA 139 -92.63 -19.85 10.33
CA LEU LA 139 -92.29 -18.65 11.06
C LEU LA 139 -93.19 -18.47 12.27
N GLN LA 140 -94.49 -18.70 12.11
CA GLN LA 140 -95.41 -18.56 13.23
C GLN LA 140 -95.07 -19.55 14.34
N GLU LA 141 -94.82 -20.81 13.98
CA GLU LA 141 -94.45 -21.81 14.99
C GLU LA 141 -93.13 -21.45 15.67
N ARG LA 142 -92.16 -20.97 14.89
CA ARG LA 142 -90.87 -20.61 15.46
C ARG LA 142 -90.99 -19.43 16.41
N ARG LA 143 -91.81 -18.43 16.07
CA ARG LA 143 -92.03 -17.31 16.97
C ARG LA 143 -92.74 -17.75 18.24
N ASP LA 144 -93.70 -18.67 18.11
CA ASP LA 144 -94.36 -19.21 19.30
C ASP LA 144 -93.36 -19.92 20.20
N GLN LA 145 -92.43 -20.68 19.61
CA GLN LA 145 -91.41 -21.34 20.41
C GLN LA 145 -90.48 -20.31 21.04
N GLU LA 146 -90.15 -19.24 20.31
CA GLU LA 146 -89.33 -18.16 20.86
C GLU LA 146 -89.98 -17.58 22.11
N LEU LA 147 -91.25 -17.23 22.04
CA LEU LA 147 -91.94 -16.65 23.19
C LEU LA 147 -92.15 -17.66 24.31
N ARG LA 148 -91.98 -18.95 24.04
CA ARG LA 148 -92.17 -19.98 25.04
C ARG LA 148 -91.01 -19.98 26.04
N ASN MA 16 -61.12 -77.64 7.86
CA ASN MA 16 -61.13 -77.25 9.27
C ASN MA 16 -59.98 -76.30 9.59
N ILE MA 17 -59.95 -75.17 8.90
CA ILE MA 17 -58.91 -74.17 9.13
C ILE MA 17 -59.12 -73.56 10.50
N LYS MA 18 -58.09 -73.63 11.35
CA LYS MA 18 -58.18 -73.13 12.71
C LYS MA 18 -56.84 -72.54 13.14
N ILE MA 19 -56.91 -71.70 14.18
CA ILE MA 19 -55.75 -71.07 14.78
C ILE MA 19 -55.39 -71.82 16.07
N MET MA 20 -54.09 -72.07 16.22
CA MET MA 20 -53.49 -72.85 17.30
C MET MA 20 -52.58 -71.92 18.10
N ARG MA 21 -52.73 -71.94 19.43
CA ARG MA 21 -51.79 -71.25 20.31
C ARG MA 21 -50.92 -72.29 21.00
N LEU MA 22 -49.63 -72.24 20.73
CA LEU MA 22 -48.68 -73.17 21.31
C LEU MA 22 -48.15 -72.63 22.63
N VAL MA 23 -47.53 -73.52 23.42
CA VAL MA 23 -46.99 -73.13 24.72
C VAL MA 23 -45.86 -72.12 24.56
N THR MA 24 -45.16 -72.16 23.43
CA THR MA 24 -44.04 -71.25 23.20
C THR MA 24 -44.49 -69.95 22.53
N CYS MA 25 -45.53 -69.34 23.12
CA CYS MA 25 -46.09 -68.06 22.69
C CYS MA 25 -46.10 -67.92 21.16
N GLU MA 26 -46.72 -68.90 20.51
CA GLU MA 26 -46.75 -68.97 19.06
C GLU MA 26 -48.19 -69.15 18.57
N ASP MA 27 -48.53 -68.43 17.51
CA ASP MA 27 -49.84 -68.53 16.87
C ASP MA 27 -49.65 -69.07 15.46
N ILE MA 28 -50.28 -70.21 15.17
CA ILE MA 28 -50.11 -70.88 13.88
C ILE MA 28 -51.48 -71.28 13.35
N ILE MA 29 -51.77 -70.94 12.10
CA ILE MA 29 -53.03 -71.29 11.45
C ILE MA 29 -52.80 -72.48 10.54
N GLY MA 30 -53.75 -73.40 10.50
CA GLY MA 30 -53.63 -74.56 9.63
C GLY MA 30 -54.87 -75.40 9.67
N ASN MA 31 -54.89 -76.42 8.81
CA ASN MA 31 -56.00 -77.35 8.73
C ASN MA 31 -55.74 -78.46 9.75
N ILE MA 32 -56.58 -78.56 10.78
CA ILE MA 32 -56.32 -79.44 11.90
C ILE MA 32 -57.33 -80.58 11.92
N SER MA 33 -56.90 -81.71 12.44
CA SER MA 33 -57.73 -82.87 12.70
C SER MA 33 -57.51 -83.31 14.13
N GLU MA 34 -58.60 -83.48 14.88
CA GLU MA 34 -58.55 -83.69 16.31
C GLU MA 34 -58.81 -85.16 16.64
N SER MA 35 -57.93 -85.74 17.44
CA SER MA 35 -58.07 -87.11 17.95
C SER MA 35 -58.14 -87.05 19.47
N GLN MA 36 -58.30 -88.22 20.10
CA GLN MA 36 -58.57 -88.26 21.54
C GLN MA 36 -57.40 -87.68 22.34
N GLY MA 37 -56.17 -87.93 21.92
CA GLY MA 37 -55.03 -87.46 22.69
C GLY MA 37 -54.10 -86.53 21.95
N LEU MA 38 -54.06 -86.65 20.63
CA LEU MA 38 -53.15 -85.87 19.79
C LEU MA 38 -53.92 -85.28 18.62
N ILE MA 39 -53.34 -84.25 18.01
CA ILE MA 39 -53.96 -83.59 16.87
C ILE MA 39 -52.94 -83.48 15.74
N THR MA 40 -53.44 -83.55 14.52
CA THR MA 40 -52.61 -83.41 13.32
C THR MA 40 -52.91 -82.08 12.65
N ILE MA 41 -51.88 -81.49 12.05
CA ILE MA 41 -52.01 -80.18 11.42
C ILE MA 41 -51.35 -80.22 10.05
N LYS MA 42 -51.96 -79.55 9.08
CA LYS MA 42 -51.45 -79.45 7.73
C LYS MA 42 -51.39 -77.99 7.32
N LYS MA 43 -50.34 -77.64 6.58
CA LYS MA 43 -50.12 -76.29 6.05
C LYS MA 43 -50.13 -75.26 7.18
N ALA MA 44 -49.36 -75.55 8.23
CA ALA MA 44 -49.24 -74.62 9.34
C ALA MA 44 -48.47 -73.37 8.91
N PHE MA 45 -48.85 -72.23 9.50
CA PHE MA 45 -48.18 -70.97 9.20
C PHE MA 45 -48.16 -70.09 10.44
N VAL MA 46 -46.96 -69.70 10.85
CA VAL MA 46 -46.83 -68.75 11.95
C VAL MA 46 -47.24 -67.36 11.48
N ILE MA 47 -47.87 -66.62 12.40
CA ILE MA 47 -48.39 -65.29 12.11
C ILE MA 47 -47.50 -64.27 12.83
N ILE MA 48 -46.92 -63.36 12.07
CA ILE MA 48 -46.06 -62.29 12.58
C ILE MA 48 -46.83 -60.98 12.42
N PRO MA 49 -47.14 -60.28 13.52
CA PRO MA 49 -47.87 -59.00 13.48
C PRO MA 49 -47.03 -57.89 12.85
N LEU MA 60 -50.35 -58.25 8.60
CA LEU MA 60 -49.93 -59.55 9.08
C LEU MA 60 -48.99 -60.23 8.09
N VAL MA 61 -48.13 -61.11 8.60
CA VAL MA 61 -47.18 -61.84 7.76
C VAL MA 61 -47.33 -63.32 8.08
N LEU MA 62 -47.41 -64.15 7.04
CA LEU MA 62 -47.50 -65.60 7.19
C LEU MA 62 -46.16 -66.22 6.83
N CYS MA 63 -45.65 -67.06 7.73
CA CYS MA 63 -44.37 -67.72 7.51
C CYS MA 63 -44.53 -69.22 7.68
N PRO MA 64 -43.83 -70.03 6.89
CA PRO MA 64 -43.90 -71.48 7.07
C PRO MA 64 -43.47 -71.87 8.48
N TRP MA 65 -44.22 -72.78 9.09
CA TRP MA 65 -43.95 -73.17 10.48
C TRP MA 65 -42.69 -74.02 10.59
N GLN MA 66 -42.55 -75.00 9.69
CA GLN MA 66 -41.43 -75.95 9.73
C GLN MA 66 -40.79 -75.99 8.36
N PRO MA 67 -39.95 -75.00 8.04
CA PRO MA 67 -39.29 -75.00 6.73
C PRO MA 67 -38.05 -75.88 6.71
N TYR MA 68 -38.16 -77.08 7.28
CA TYR MA 68 -37.08 -78.04 7.31
C TYR MA 68 -37.53 -79.46 6.96
N THR MA 69 -38.83 -79.73 6.89
CA THR MA 69 -39.35 -81.06 6.61
C THR MA 69 -40.25 -81.03 5.38
N ASP MA 70 -40.36 -82.19 4.74
CA ASP MA 70 -41.21 -82.38 3.59
C ASP MA 70 -42.50 -83.11 3.93
N ASP MA 71 -42.75 -83.37 5.22
CA ASP MA 71 -43.93 -84.11 5.61
C ASP MA 71 -45.19 -83.30 5.35
N LYS MA 72 -46.25 -83.98 4.91
CA LYS MA 72 -47.50 -83.30 4.61
C LYS MA 72 -48.21 -82.83 5.88
N GLU MA 73 -48.16 -83.63 6.94
CA GLU MA 73 -48.86 -83.32 8.18
C GLU MA 73 -47.91 -83.51 9.36
N ILE MA 74 -48.19 -82.77 10.44
CA ILE MA 74 -47.39 -82.80 11.66
C ILE MA 74 -48.32 -83.17 12.81
N VAL MA 75 -47.91 -84.15 13.60
CA VAL MA 75 -48.67 -84.61 14.77
C VAL MA 75 -48.12 -83.91 16.01
N ILE MA 76 -49.00 -83.60 16.95
CA ILE MA 76 -48.60 -82.90 18.17
C ILE MA 76 -49.57 -83.27 19.29
N ASP MA 77 -49.02 -83.47 20.48
CA ASP MA 77 -49.82 -83.82 21.64
C ASP MA 77 -50.69 -82.64 22.07
N ASP MA 78 -51.87 -82.96 22.60
CA ASP MA 78 -52.80 -81.93 23.04
C ASP MA 78 -52.40 -81.28 24.36
N SER MA 79 -51.44 -81.85 25.09
CA SER MA 79 -51.00 -81.24 26.33
C SER MA 79 -50.22 -79.95 26.11
N LYS MA 80 -49.72 -79.73 24.90
CA LYS MA 80 -49.02 -78.50 24.55
C LYS MA 80 -49.93 -77.48 23.89
N VAL MA 81 -51.24 -77.58 24.13
CA VAL MA 81 -52.24 -76.71 23.52
C VAL MA 81 -52.66 -75.66 24.53
N ILE MA 82 -52.72 -74.41 24.10
CA ILE MA 82 -53.20 -73.33 24.94
C ILE MA 82 -54.64 -73.03 24.53
N THR MA 83 -54.84 -72.61 23.28
CA THR MA 83 -56.17 -72.33 22.75
C THR MA 83 -56.28 -72.82 21.31
N ILE MA 84 -57.46 -73.35 20.99
CA ILE MA 84 -57.85 -73.65 19.61
C ILE MA 84 -59.01 -72.72 19.28
N THR MA 85 -58.98 -72.13 18.09
CA THR MA 85 -60.05 -71.18 17.76
C THR MA 85 -60.28 -71.14 16.26
N SER MA 86 -61.44 -70.59 15.89
CA SER MA 86 -61.81 -70.43 14.49
C SER MA 86 -61.46 -69.03 14.02
N PRO MA 87 -60.68 -68.87 12.96
CA PRO MA 87 -60.24 -67.53 12.54
C PRO MA 87 -61.36 -66.79 11.81
N LYS MA 88 -61.04 -65.56 11.42
CA LYS MA 88 -61.96 -64.72 10.67
C LYS MA 88 -61.93 -65.09 9.18
N ASP MA 89 -62.90 -64.57 8.44
CA ASP MA 89 -62.99 -64.86 7.01
C ASP MA 89 -61.81 -64.27 6.24
N ASP MA 90 -61.38 -63.07 6.62
CA ASP MA 90 -60.27 -62.43 5.92
C ASP MA 90 -58.99 -63.25 6.08
N ILE MA 91 -58.75 -63.77 7.29
CA ILE MA 91 -57.57 -64.59 7.54
C ILE MA 91 -57.62 -65.86 6.71
N ILE MA 92 -58.79 -66.49 6.64
CA ILE MA 92 -58.93 -67.71 5.84
C ILE MA 92 -58.67 -67.41 4.38
N LYS MA 93 -59.21 -66.30 3.87
CA LYS MA 93 -58.97 -65.92 2.48
C LYS MA 93 -57.49 -65.68 2.20
N SER MA 94 -56.81 -64.98 3.11
CA SER MA 94 -55.38 -64.74 2.93
C SER MA 94 -54.60 -66.05 2.96
N TYR MA 95 -54.96 -66.96 3.86
CA TYR MA 95 -54.31 -68.26 3.94
C TYR MA 95 -54.49 -69.06 2.65
N GLU MA 96 -55.71 -69.06 2.11
CA GLU MA 96 -55.98 -69.74 0.85
C GLU MA 96 -55.16 -69.13 -0.29
N SER MA 97 -55.13 -67.80 -0.37
CA SER MA 97 -54.36 -67.15 -1.42
C SER MA 97 -52.88 -67.48 -1.31
N HIS MA 98 -52.35 -67.46 -0.08
CA HIS MA 98 -50.94 -67.77 0.12
C HIS MA 98 -50.62 -69.19 -0.32
N THR MA 99 -51.44 -70.16 0.09
CA THR MA 99 -51.19 -71.54 -0.31
C THR MA 99 -51.28 -71.71 -1.83
N ARG MA 100 -52.28 -71.10 -2.46
CA ARG MA 100 -52.41 -71.20 -3.91
C ARG MA 100 -51.21 -70.60 -4.63
N VAL MA 101 -50.74 -69.44 -4.16
CA VAL MA 101 -49.57 -68.81 -4.77
C VAL MA 101 -48.35 -69.70 -4.63
N LEU MA 102 -48.16 -70.29 -3.45
CA LEU MA 102 -47.01 -71.16 -3.24
C LEU MA 102 -47.06 -72.38 -4.17
N GLU MA 103 -48.23 -72.98 -4.30
CA GLU MA 103 -48.35 -74.15 -5.17
C GLU MA 103 -48.11 -73.78 -6.64
N ASN MA 104 -48.60 -72.62 -7.07
CA ASN MA 104 -48.35 -72.17 -8.42
C ASN MA 104 -46.87 -71.93 -8.66
N LYS MA 105 -46.19 -71.34 -7.69
CA LYS MA 105 -44.74 -71.15 -7.81
C LYS MA 105 -44.03 -72.48 -7.91
N GLN MA 106 -44.45 -73.47 -7.12
CA GLN MA 106 -43.81 -74.78 -7.15
C GLN MA 106 -43.99 -75.44 -8.52
N VAL MA 107 -45.21 -75.39 -9.07
CA VAL MA 107 -45.44 -76.05 -10.36
C VAL MA 107 -44.69 -75.32 -11.47
N GLU MA 108 -44.62 -73.99 -11.40
CA GLU MA 108 -43.85 -73.24 -12.40
C GLU MA 108 -42.37 -73.60 -12.33
N GLU MA 109 -41.82 -73.73 -11.12
CA GLU MA 109 -40.43 -74.14 -10.98
C GLU MA 109 -40.20 -75.54 -11.53
N ILE MA 110 -41.16 -76.45 -11.30
CA ILE MA 110 -41.04 -77.80 -11.84
C ILE MA 110 -40.99 -77.78 -13.36
N LEU MA 111 -41.86 -76.98 -13.98
CA LEU MA 111 -41.86 -76.87 -15.44
C LEU MA 111 -40.55 -76.29 -15.95
N ARG MA 112 -40.04 -75.25 -15.28
CA ARG MA 112 -38.77 -74.65 -15.68
C ARG MA 112 -37.65 -75.68 -15.62
N LEU MA 113 -37.63 -76.48 -14.55
CA LEU MA 113 -36.60 -77.50 -14.42
C LEU MA 113 -36.74 -78.56 -15.50
N GLU MA 114 -37.98 -78.95 -15.82
CA GLU MA 114 -38.21 -79.86 -16.94
C GLU MA 114 -37.56 -79.34 -18.21
N LYS MA 115 -37.85 -78.09 -18.56
CA LYS MA 115 -37.30 -77.53 -19.79
C LYS MA 115 -35.77 -77.48 -19.74
N GLU MA 116 -35.22 -77.05 -18.61
CA GLU MA 116 -33.77 -76.92 -18.50
C GLU MA 116 -33.08 -78.28 -18.63
N ILE MA 117 -33.60 -79.30 -17.95
CA ILE MA 117 -32.96 -80.61 -18.02
C ILE MA 117 -33.08 -81.20 -19.41
N GLU MA 118 -34.22 -80.99 -20.08
CA GLU MA 118 -34.37 -81.48 -21.45
C GLU MA 118 -33.35 -80.83 -22.38
N ASP MA 119 -33.21 -79.50 -22.28
CA ASP MA 119 -32.25 -78.80 -23.14
C ASP MA 119 -30.83 -79.28 -22.85
N LEU MA 120 -30.48 -79.41 -21.57
CA LEU MA 120 -29.13 -79.84 -21.22
C LEU MA 120 -28.84 -81.23 -21.73
N GLN MA 121 -29.80 -82.15 -21.58
CA GLN MA 121 -29.60 -83.51 -22.05
C GLN MA 121 -29.44 -83.55 -23.57
N ARG MA 122 -30.25 -82.79 -24.30
CA ARG MA 122 -30.14 -82.78 -25.76
C ARG MA 122 -28.78 -82.25 -26.19
N MET MA 123 -28.34 -81.14 -25.59
CA MET MA 123 -27.07 -80.56 -26.01
C MET MA 123 -25.91 -81.48 -25.62
N LYS MA 124 -26.00 -82.13 -24.47
CA LYS MA 124 -24.97 -83.08 -24.06
C LYS MA 124 -24.89 -84.26 -25.02
N GLU MA 125 -26.05 -84.77 -25.45
CA GLU MA 125 -26.04 -85.87 -26.41
C GLU MA 125 -25.44 -85.42 -27.74
N GLN MA 126 -25.75 -84.20 -28.17
CA GLN MA 126 -25.14 -83.67 -29.39
C GLN MA 126 -23.62 -83.59 -29.25
N GLN MA 127 -23.14 -83.12 -28.10
CA GLN MA 127 -21.69 -83.08 -27.87
C GLN MA 127 -21.09 -84.47 -27.89
N GLU MA 128 -21.78 -85.44 -27.29
CA GLU MA 128 -21.26 -86.81 -27.26
C GLU MA 128 -21.20 -87.42 -28.66
N LEU MA 129 -22.13 -87.04 -29.54
CA LEU MA 129 -22.16 -87.63 -30.87
C LEU MA 129 -20.88 -87.35 -31.65
N SER MA 130 -20.37 -86.13 -31.58
CA SER MA 130 -19.19 -85.73 -32.36
C SER MA 130 -17.92 -85.98 -31.55
N LEU MA 131 -17.63 -87.26 -31.35
CA LEU MA 131 -16.48 -87.70 -30.58
C LEU MA 131 -15.62 -88.65 -31.42
N THR MA 132 -14.49 -89.03 -30.86
CA THR MA 132 -13.54 -89.95 -31.47
C THR MA 132 -13.55 -91.26 -30.67
N GLU MA 133 -13.37 -92.38 -31.38
CA GLU MA 133 -13.46 -93.70 -30.74
C GLU MA 133 -12.50 -93.81 -29.55
N ALA MA 134 -11.24 -93.42 -29.75
CA ALA MA 134 -10.28 -93.46 -28.65
C ALA MA 134 -10.69 -92.54 -27.53
N SER MA 135 -11.20 -91.35 -27.86
CA SER MA 135 -11.70 -90.43 -26.85
C SER MA 135 -12.90 -91.04 -26.11
N LEU MA 136 -13.76 -91.76 -26.83
CA LEU MA 136 -14.90 -92.41 -26.19
C LEU MA 136 -14.44 -93.49 -25.21
N GLN MA 137 -13.44 -94.28 -25.60
CA GLN MA 137 -12.90 -95.28 -24.69
C GLN MA 137 -12.28 -94.62 -23.45
N LYS MA 138 -11.53 -93.53 -23.66
CA LYS MA 138 -10.94 -92.82 -22.53
C LYS MA 138 -12.02 -92.25 -21.62
N LEU MA 139 -13.10 -91.73 -22.20
CA LEU MA 139 -14.23 -91.24 -21.41
C LEU MA 139 -14.85 -92.36 -20.59
N GLN MA 140 -15.03 -93.54 -21.19
CA GLN MA 140 -15.61 -94.66 -20.46
C GLN MA 140 -14.73 -95.07 -19.29
N GLU MA 141 -13.42 -95.17 -19.52
CA GLU MA 141 -12.51 -95.52 -18.43
C GLU MA 141 -12.50 -94.45 -17.35
N ARG MA 142 -12.52 -93.18 -17.75
CA ARG MA 142 -12.52 -92.09 -16.77
C ARG MA 142 -13.79 -92.10 -15.93
N ARG MA 143 -14.94 -92.35 -16.56
CA ARG MA 143 -16.19 -92.45 -15.80
C ARG MA 143 -16.17 -93.62 -14.85
N ASP MA 144 -15.61 -94.76 -15.29
CA ASP MA 144 -15.48 -95.91 -14.39
C ASP MA 144 -14.60 -95.56 -13.20
N GLN MA 145 -13.52 -94.84 -13.43
CA GLN MA 145 -12.66 -94.43 -12.31
C GLN MA 145 -13.41 -93.44 -11.40
N GLU MA 146 -14.20 -92.55 -11.99
CA GLU MA 146 -15.03 -91.63 -11.20
C GLU MA 146 -15.95 -92.38 -10.25
N LEU MA 147 -16.69 -93.36 -10.78
CA LEU MA 147 -17.61 -94.12 -9.94
C LEU MA 147 -16.88 -95.02 -8.95
N ARG MA 148 -15.58 -95.24 -9.14
CA ARG MA 148 -14.81 -96.09 -8.24
C ARG MA 148 -14.56 -95.40 -6.91
N ASN NA 16 51.58 -83.66 -12.81
CA ASN NA 16 51.02 -83.99 -11.50
C ASN NA 16 50.47 -82.75 -10.81
N ILE NA 17 49.51 -82.09 -11.47
CA ILE NA 17 48.89 -80.91 -10.91
C ILE NA 17 48.06 -81.30 -9.70
N LYS NA 18 48.35 -80.70 -8.54
CA LYS NA 18 47.67 -81.04 -7.30
C LYS NA 18 47.51 -79.80 -6.45
N ILE NA 19 46.56 -79.90 -5.51
CA ILE NA 19 46.27 -78.84 -4.55
C ILE NA 19 46.91 -79.20 -3.21
N MET NA 20 47.55 -78.20 -2.61
CA MET NA 20 48.32 -78.29 -1.38
C MET NA 20 47.66 -77.42 -0.34
N ARG NA 21 47.45 -77.97 0.86
CA ARG NA 21 46.98 -77.20 2.01
C ARG NA 21 48.15 -77.02 2.96
N LEU NA 22 48.57 -75.78 3.16
CA LEU NA 22 49.67 -75.46 4.06
C LEU NA 22 49.15 -75.23 5.47
N VAL NA 23 50.08 -75.25 6.43
CA VAL NA 23 49.72 -75.05 7.82
C VAL NA 23 49.17 -73.66 8.06
N THR NA 24 49.59 -72.69 7.25
CA THR NA 24 49.13 -71.31 7.41
C THR NA 24 47.86 -71.04 6.61
N CYS NA 25 46.87 -71.92 6.79
CA CYS NA 25 45.54 -71.82 6.17
C CYS NA 25 45.62 -71.29 4.74
N GLU NA 26 46.42 -71.98 3.93
CA GLU NA 26 46.67 -71.56 2.55
C GLU NA 26 46.43 -72.72 1.60
N ASP NA 27 45.79 -72.43 0.47
CA ASP NA 27 45.54 -73.42 -0.58
C ASP NA 27 46.31 -73.00 -1.83
N ILE NA 28 47.20 -73.86 -2.30
CA ILE NA 28 48.05 -73.53 -3.45
C ILE NA 28 48.05 -74.71 -4.42
N ILE NA 29 47.81 -74.43 -5.69
CA ILE NA 29 47.81 -75.46 -6.73
C ILE NA 29 49.12 -75.38 -7.49
N GLY NA 30 49.67 -76.53 -7.85
CA GLY NA 30 50.92 -76.55 -8.60
C GLY NA 30 51.29 -77.96 -8.98
N ASN NA 31 52.35 -78.06 -9.79
CA ASN NA 31 52.87 -79.35 -10.22
C ASN NA 31 53.86 -79.83 -9.17
N ILE NA 32 53.53 -80.93 -8.50
CA ILE NA 32 54.30 -81.37 -7.35
C ILE NA 32 55.02 -82.67 -7.66
N SER NA 33 56.16 -82.86 -7.01
CA SER NA 33 56.94 -84.09 -7.05
C SER NA 33 57.22 -84.50 -5.61
N GLU NA 34 56.93 -85.77 -5.29
CA GLU NA 34 56.95 -86.25 -3.92
C GLU NA 34 58.19 -87.11 -3.69
N SER NA 35 58.91 -86.79 -2.62
CA SER NA 35 60.08 -87.56 -2.18
C SER NA 35 59.80 -88.09 -0.77
N GLN NA 36 60.76 -88.85 -0.23
CA GLN NA 36 60.52 -89.55 1.02
C GLN NA 36 60.24 -88.58 2.18
N GLY NA 37 60.94 -87.45 2.22
CA GLY NA 37 60.78 -86.53 3.33
C GLY NA 37 60.31 -85.15 2.95
N LEU NA 38 60.61 -84.73 1.71
CA LEU NA 38 60.28 -83.40 1.24
C LEU NA 38 59.64 -83.48 -0.13
N ILE NA 39 58.94 -82.41 -0.51
CA ILE NA 39 58.28 -82.36 -1.81
C ILE NA 39 58.67 -81.06 -2.52
N THR NA 40 58.73 -81.13 -3.84
CA THR NA 40 59.03 -79.98 -4.67
C THR NA 40 57.77 -79.56 -5.42
N ILE NA 41 57.64 -78.25 -5.63
CA ILE NA 41 56.45 -77.69 -6.29
C ILE NA 41 56.90 -76.69 -7.34
N LYS NA 42 56.21 -76.69 -8.47
CA LYS NA 42 56.46 -75.76 -9.56
C LYS NA 42 55.16 -75.06 -9.95
N LYS NA 43 55.28 -73.78 -10.28
CA LYS NA 43 54.16 -72.95 -10.71
C LYS NA 43 53.04 -72.95 -9.68
N ALA NA 44 53.42 -72.71 -8.42
CA ALA NA 44 52.43 -72.63 -7.35
C ALA NA 44 51.58 -71.38 -7.49
N PHE NA 45 50.32 -71.49 -7.10
CA PHE NA 45 49.39 -70.36 -7.17
C PHE NA 45 48.42 -70.44 -6.01
N VAL NA 46 48.38 -69.37 -5.20
CA VAL NA 46 47.39 -69.27 -4.14
C VAL NA 46 46.03 -69.00 -4.74
N ILE NA 47 45.00 -69.58 -4.11
CA ILE NA 47 43.62 -69.47 -4.57
C ILE NA 47 42.87 -68.56 -3.61
N ILE NA 48 42.30 -67.49 -4.14
CA ILE NA 48 41.52 -66.52 -3.38
C ILE NA 48 40.06 -66.68 -3.80
N PRO NA 49 39.15 -67.07 -2.89
CA PRO NA 49 37.73 -67.23 -3.19
C PRO NA 49 37.03 -65.90 -3.51
N LEU NA 60 36.86 -67.59 -8.64
CA LEU NA 60 38.16 -67.83 -8.03
C LEU NA 60 39.23 -66.93 -8.63
N VAL NA 61 40.26 -66.64 -7.85
CA VAL NA 61 41.38 -65.80 -8.28
C VAL NA 61 42.67 -66.56 -8.02
N LEU NA 62 43.55 -66.59 -9.01
CA LEU NA 62 44.86 -67.23 -8.88
C LEU NA 62 45.93 -66.16 -8.75
N CYS NA 63 46.76 -66.29 -7.72
CA CYS NA 63 47.83 -65.33 -7.46
C CYS NA 63 49.16 -66.05 -7.34
N PRO NA 64 50.25 -65.47 -7.84
CA PRO NA 64 51.55 -66.11 -7.66
C PRO NA 64 51.88 -66.30 -6.19
N TRP NA 65 52.40 -67.49 -5.86
CA TRP NA 65 52.66 -67.82 -4.47
C TRP NA 65 53.85 -67.06 -3.93
N GLN NA 66 54.94 -66.99 -4.69
CA GLN NA 66 56.18 -66.36 -4.25
C GLN NA 66 56.62 -65.37 -5.31
N PRO NA 67 56.02 -64.18 -5.34
CA PRO NA 67 56.40 -63.19 -6.34
C PRO NA 67 57.64 -62.40 -5.92
N TYR NA 68 58.64 -63.11 -5.40
CA TYR NA 68 59.90 -62.51 -4.99
C TYR NA 68 61.12 -63.28 -5.44
N THR NA 69 60.95 -64.49 -5.96
CA THR NA 69 62.07 -65.34 -6.38
C THR NA 69 61.91 -65.72 -7.86
N ASP NA 70 63.05 -66.01 -8.48
CA ASP NA 70 63.09 -66.47 -9.86
C ASP NA 70 63.33 -67.97 -9.97
N ASP NA 71 63.31 -68.70 -8.85
CA ASP NA 71 63.55 -70.13 -8.88
C ASP NA 71 62.42 -70.85 -9.58
N LYS NA 72 62.77 -71.89 -10.33
CA LYS NA 72 61.76 -72.66 -11.07
C LYS NA 72 60.92 -73.52 -10.13
N GLU NA 73 61.54 -74.09 -9.10
CA GLU NA 73 60.87 -74.99 -8.19
C GLU NA 73 61.19 -74.61 -6.75
N ILE NA 74 60.26 -74.94 -5.85
CA ILE NA 74 60.39 -74.64 -4.43
C ILE NA 74 60.27 -75.94 -3.66
N VAL NA 75 61.23 -76.19 -2.76
CA VAL NA 75 61.25 -77.39 -1.93
C VAL NA 75 60.61 -77.06 -0.59
N ILE NA 76 59.90 -78.03 -0.01
CA ILE NA 76 59.21 -77.83 1.26
C ILE NA 76 59.09 -79.16 1.98
N ASP NA 77 59.30 -79.13 3.28
CA ASP NA 77 59.21 -80.33 4.10
C ASP NA 77 57.77 -80.82 4.18
N ASP NA 78 57.61 -82.14 4.29
CA ASP NA 78 56.28 -82.74 4.37
C ASP NA 78 55.63 -82.56 5.73
N SER NA 79 56.38 -82.15 6.75
CA SER NA 79 55.79 -81.96 8.07
C SER NA 79 54.85 -80.76 8.11
N LYS NA 80 54.97 -79.85 7.14
CA LYS NA 80 54.10 -78.68 7.04
C LYS NA 80 52.94 -78.91 6.09
N VAL NA 81 52.57 -80.16 5.87
CA VAL NA 81 51.51 -80.55 4.93
C VAL NA 81 50.26 -80.87 5.72
N ILE NA 82 49.13 -80.34 5.28
CA ILE NA 82 47.85 -80.66 5.89
C ILE NA 82 47.16 -81.68 5.00
N THR NA 83 46.86 -81.31 3.75
CA THR NA 83 46.24 -82.21 2.79
C THR NA 83 46.85 -82.02 1.41
N ILE NA 84 47.01 -83.14 0.70
CA ILE NA 84 47.34 -83.16 -0.72
C ILE NA 84 46.13 -83.73 -1.45
N THR NA 85 45.76 -83.12 -2.56
CA THR NA 85 44.56 -83.60 -3.25
C THR NA 85 44.65 -83.32 -4.74
N SER NA 86 43.81 -84.03 -5.50
CA SER NA 86 43.73 -83.85 -6.94
C SER NA 86 42.59 -82.90 -7.27
N PRO NA 87 42.83 -81.81 -7.99
CA PRO NA 87 41.79 -80.83 -8.25
C PRO NA 87 40.82 -81.31 -9.33
N LYS NA 88 39.83 -80.47 -9.61
CA LYS NA 88 38.85 -80.74 -10.65
C LYS NA 88 39.41 -80.36 -12.02
N ASP NA 89 38.69 -80.79 -13.07
CA ASP NA 89 39.14 -80.52 -14.42
C ASP NA 89 39.07 -79.04 -14.75
N ASP NA 90 38.03 -78.35 -14.28
CA ASP NA 90 37.90 -76.92 -14.55
C ASP NA 90 39.06 -76.14 -13.93
N ILE NA 91 39.46 -76.51 -12.71
CA ILE NA 91 40.57 -75.83 -12.06
C ILE NA 91 41.86 -76.05 -12.84
N ILE NA 92 42.08 -77.29 -13.30
CA ILE NA 92 43.27 -77.58 -14.09
C ILE NA 92 43.29 -76.78 -15.38
N LYS NA 93 42.13 -76.69 -16.04
CA LYS NA 93 42.04 -75.92 -17.28
C LYS NA 93 42.35 -74.45 -17.02
N SER NA 94 41.79 -73.88 -15.95
CA SER NA 94 42.06 -72.49 -15.62
C SER NA 94 43.53 -72.27 -15.30
N TYR NA 95 44.15 -73.21 -14.57
CA TYR NA 95 45.56 -73.11 -14.25
C TYR NA 95 46.42 -73.14 -15.52
N GLU NA 96 46.09 -74.04 -16.45
CA GLU NA 96 46.82 -74.10 -17.71
C GLU NA 96 46.67 -72.82 -18.51
N SER NA 97 45.45 -72.28 -18.58
CA SER NA 97 45.23 -71.05 -19.31
C SER NA 97 46.00 -69.89 -18.69
N HIS NA 98 45.99 -69.81 -17.36
CA HIS NA 98 46.72 -68.75 -16.67
C HIS NA 98 48.22 -68.83 -16.96
N THR NA 99 48.79 -70.02 -16.86
CA THR NA 99 50.23 -70.17 -17.12
C THR NA 99 50.56 -69.81 -18.57
N ARG NA 100 49.73 -70.27 -19.51
CA ARG NA 100 49.99 -69.97 -20.93
C ARG NA 100 49.91 -68.47 -21.18
N VAL NA 101 48.92 -67.79 -20.60
CA VAL NA 101 48.80 -66.35 -20.78
C VAL NA 101 50.00 -65.63 -20.20
N LEU NA 102 50.46 -66.05 -19.02
CA LEU NA 102 51.63 -65.42 -18.41
C LEU NA 102 52.87 -65.60 -19.28
N GLU NA 103 53.07 -66.81 -19.82
CA GLU NA 103 54.24 -67.04 -20.66
C GLU NA 103 54.17 -66.23 -21.95
N ASN NA 104 52.98 -66.11 -22.54
CA ASN NA 104 52.82 -65.30 -23.74
C ASN NA 104 53.12 -63.83 -23.44
N LYS NA 105 52.65 -63.33 -22.30
CA LYS NA 105 52.97 -61.96 -21.92
C LYS NA 105 54.46 -61.77 -21.75
N GLN NA 106 55.14 -62.75 -21.13
CA GLN NA 106 56.58 -62.64 -20.93
C GLN NA 106 57.32 -62.58 -22.27
N VAL NA 107 56.96 -63.45 -23.21
CA VAL NA 107 57.66 -63.47 -24.48
C VAL NA 107 57.37 -62.21 -25.28
N GLU NA 108 56.15 -61.70 -25.21
CA GLU NA 108 55.84 -60.44 -25.87
C GLU NA 108 56.64 -59.29 -25.30
N GLU NA 109 56.78 -59.24 -23.97
CA GLU NA 109 57.60 -58.20 -23.36
C GLU NA 109 59.06 -58.33 -23.77
N ILE NA 110 59.56 -59.56 -23.88
CA ILE NA 110 60.94 -59.75 -24.31
C ILE NA 110 61.14 -59.22 -25.73
N LEU NA 111 60.19 -59.51 -26.63
CA LEU NA 111 60.28 -59.00 -27.99
C LEU NA 111 60.24 -57.48 -28.03
N ARG NA 112 59.34 -56.89 -27.23
CA ARG NA 112 59.25 -55.44 -27.18
C ARG NA 112 60.57 -54.83 -26.71
N LEU NA 113 61.19 -55.42 -25.69
CA LEU NA 113 62.46 -54.92 -25.20
C LEU NA 113 63.56 -55.08 -26.25
N GLU NA 114 63.55 -56.20 -26.99
CA GLU NA 114 64.47 -56.38 -28.10
C GLU NA 114 64.38 -55.20 -29.07
N LYS NA 115 63.15 -54.90 -29.51
CA LYS NA 115 62.98 -53.83 -30.49
C LYS NA 115 63.42 -52.49 -29.91
N GLU NA 116 63.06 -52.21 -28.66
CA GLU NA 116 63.39 -50.93 -28.05
C GLU NA 116 64.90 -50.75 -27.92
N ILE NA 117 65.60 -51.79 -27.46
CA ILE NA 117 67.04 -51.67 -27.27
C ILE NA 117 67.74 -51.55 -28.61
N GLU NA 118 67.25 -52.25 -29.64
CA GLU NA 118 67.85 -52.13 -30.97
C GLU NA 118 67.70 -50.70 -31.49
N ASP NA 119 66.50 -50.13 -31.37
CA ASP NA 119 66.27 -48.78 -31.85
C ASP NA 119 67.14 -47.79 -31.09
N LEU NA 120 67.20 -47.93 -29.76
CA LEU NA 120 68.00 -47.01 -28.96
C LEU NA 120 69.47 -47.09 -29.32
N GLN NA 121 69.99 -48.31 -29.50
CA GLN NA 121 71.40 -48.46 -29.86
C GLN NA 121 71.69 -47.83 -31.22
N ARG NA 122 70.81 -48.06 -32.20
CA ARG NA 122 71.03 -47.48 -33.52
C ARG NA 122 71.03 -45.96 -33.47
N MET NA 123 70.06 -45.37 -32.78
CA MET NA 123 69.99 -43.91 -32.72
C MET NA 123 71.18 -43.34 -31.95
N LYS NA 124 71.61 -44.02 -30.88
CA LYS NA 124 72.77 -43.59 -30.14
C LYS NA 124 74.03 -43.63 -30.99
N GLU NA 125 74.19 -44.68 -31.79
CA GLU NA 125 75.34 -44.76 -32.68
C GLU NA 125 75.31 -43.64 -33.72
N GLN NA 126 74.12 -43.34 -34.25
CA GLN NA 126 73.98 -42.24 -35.19
C GLN NA 126 74.39 -40.92 -34.53
N GLN NA 127 73.96 -40.70 -33.29
CA GLN NA 127 74.36 -39.49 -32.57
C GLN NA 127 75.86 -39.44 -32.37
N GLU NA 128 76.47 -40.58 -32.02
CA GLU NA 128 77.91 -40.63 -31.80
C GLU NA 128 78.68 -40.33 -33.08
N LEU NA 129 78.14 -40.73 -34.23
CA LEU NA 129 78.86 -40.55 -35.49
C LEU NA 129 79.13 -39.07 -35.78
N SER NA 130 78.14 -38.21 -35.55
CA SER NA 130 78.25 -36.79 -35.88
C SER NA 130 78.80 -36.02 -34.67
N LEU NA 131 80.07 -36.28 -34.37
CA LEU NA 131 80.74 -35.66 -33.25
C LEU NA 131 82.04 -34.98 -33.72
N THR NA 132 82.69 -34.30 -32.79
CA THR NA 132 83.94 -33.60 -33.02
C THR NA 132 85.05 -34.32 -32.26
N GLU NA 133 86.25 -34.33 -32.85
CA GLU NA 133 87.37 -35.08 -32.27
C GLU NA 133 87.63 -34.65 -30.82
N ALA NA 134 87.70 -33.35 -30.57
CA ALA NA 134 87.90 -32.87 -29.21
C ALA NA 134 86.75 -33.28 -28.30
N SER NA 135 85.52 -33.18 -28.81
CA SER NA 135 84.37 -33.64 -28.04
C SER NA 135 84.44 -35.13 -27.77
N LEU NA 136 84.93 -35.91 -28.72
CA LEU NA 136 85.09 -37.35 -28.51
C LEU NA 136 86.10 -37.64 -27.43
N GLN NA 137 87.22 -36.91 -27.43
CA GLN NA 137 88.22 -37.09 -26.37
C GLN NA 137 87.64 -36.71 -25.02
N LYS NA 138 86.89 -35.59 -24.96
CA LYS NA 138 86.28 -35.18 -23.70
C LYS NA 138 85.27 -36.23 -23.23
N LEU NA 139 84.50 -36.80 -24.16
CA LEU NA 139 83.58 -37.88 -23.82
C LEU NA 139 84.31 -39.08 -23.25
N GLN NA 140 85.43 -39.46 -23.87
CA GLN NA 140 86.19 -40.61 -23.37
C GLN NA 140 86.70 -40.35 -21.95
N GLU NA 141 87.26 -39.16 -21.71
CA GLU NA 141 87.74 -38.83 -20.38
C GLU NA 141 86.59 -38.80 -19.36
N ARG NA 142 85.45 -38.24 -19.76
CA ARG NA 142 84.31 -38.16 -18.86
C ARG NA 142 83.78 -39.54 -18.51
N ARG NA 143 83.72 -40.45 -19.50
CA ARG NA 143 83.30 -41.82 -19.22
C ARG NA 143 84.28 -42.53 -18.30
N ASP NA 144 85.58 -42.29 -18.51
CA ASP NA 144 86.57 -42.87 -17.61
C ASP NA 144 86.39 -42.37 -16.19
N GLN NA 145 86.09 -41.07 -16.03
CA GLN NA 145 85.83 -40.54 -14.70
C GLN NA 145 84.55 -41.14 -14.11
N GLU NA 146 83.53 -41.34 -14.96
CA GLU NA 146 82.30 -41.98 -14.52
C GLU NA 146 82.58 -43.36 -13.94
N LEU NA 147 83.32 -44.19 -14.68
CA LEU NA 147 83.61 -45.53 -14.19
C LEU NA 147 84.57 -45.53 -13.01
N ARG NA 148 85.22 -44.41 -12.72
CA ARG NA 148 86.15 -44.32 -11.60
C ARG NA 148 85.40 -44.29 -10.28
N ASN OA 16 24.88 54.15 79.21
CA ASN OA 16 23.55 54.71 79.01
C ASN OA 16 23.01 54.38 77.62
N ILE OA 17 22.91 53.08 77.33
CA ILE OA 17 22.38 52.64 76.04
C ILE OA 17 20.91 52.98 75.97
N LYS OA 18 20.52 53.73 74.94
CA LYS OA 18 19.14 54.17 74.78
C LYS OA 18 18.77 54.21 73.31
N ILE OA 19 17.46 54.20 73.07
CA ILE OA 19 16.88 54.28 71.73
C ILE OA 19 16.39 55.70 71.50
N MET OA 20 16.71 56.21 70.31
CA MET OA 20 16.44 57.58 69.87
C MET OA 20 15.50 57.51 68.68
N ARG OA 21 14.44 58.32 68.72
CA ARG OA 21 13.55 58.50 67.57
C ARG OA 21 13.81 59.87 66.96
N LEU OA 22 14.30 59.88 65.73
CA LEU OA 22 14.58 61.13 65.03
C LEU OA 22 13.35 61.61 64.28
N VAL OA 23 13.39 62.87 63.87
CA VAL OA 23 12.27 63.47 63.14
C VAL OA 23 12.08 62.79 61.80
N THR OA 24 13.14 62.24 61.22
CA THR OA 24 13.04 61.59 59.91
C THR OA 24 12.71 60.11 60.04
N CYS OA 25 11.67 59.82 60.83
CA CYS OA 25 11.13 58.47 61.05
C CYS OA 25 12.25 57.43 61.14
N GLU OA 26 13.19 57.67 62.05
CA GLU OA 26 14.36 56.83 62.21
C GLU OA 26 14.52 56.42 63.66
N ASP OA 27 14.86 55.15 63.89
CA ASP OA 27 15.12 54.61 65.22
C ASP OA 27 16.58 54.19 65.29
N ILE OA 28 17.33 54.78 66.23
CA ILE OA 28 18.76 54.52 66.35
C ILE OA 28 19.10 54.28 67.82
N ILE OA 29 19.82 53.20 68.08
CA ILE OA 29 20.24 52.86 69.44
C ILE OA 29 21.70 53.24 69.61
N GLY OA 30 22.04 53.77 70.78
CA GLY OA 30 23.42 54.15 71.04
C GLY OA 30 23.59 54.60 72.47
N ASN OA 31 24.85 54.84 72.82
CA ASN OA 31 25.20 55.34 74.16
C ASN OA 31 25.10 56.86 74.13
N ILE OA 32 24.17 57.42 74.87
CA ILE OA 32 23.86 58.84 74.77
C ILE OA 32 24.26 59.54 76.07
N SER OA 33 24.61 60.82 75.92
CA SER OA 33 24.89 61.72 77.02
C SER OA 33 24.06 62.98 76.81
N GLU OA 34 23.34 63.39 77.85
CA GLU OA 34 22.35 64.45 77.75
C GLU OA 34 22.88 65.73 78.38
N SER OA 35 22.79 66.82 77.63
CA SER OA 35 23.14 68.15 78.10
C SER OA 35 21.90 69.04 78.03
N GLN OA 36 22.06 70.30 78.46
CA GLN OA 36 20.90 71.17 78.61
C GLN OA 36 20.19 71.43 77.28
N GLY OA 37 20.94 71.57 76.20
CA GLY OA 37 20.34 71.88 74.92
C GLY OA 37 20.59 70.86 73.83
N LEU OA 38 21.69 70.14 73.93
CA LEU OA 38 22.11 69.19 72.91
C LEU OA 38 22.50 67.88 73.57
N ILE OA 39 22.52 66.81 72.77
CA ILE OA 39 22.90 65.50 73.28
C ILE OA 39 23.94 64.89 72.36
N THR OA 40 24.84 64.09 72.95
CA THR OA 40 25.87 63.40 72.21
C THR OA 40 25.55 61.91 72.17
N ILE OA 41 25.92 61.25 71.08
CA ILE OA 41 25.63 59.84 70.90
C ILE OA 41 26.88 59.14 70.37
N LYS OA 42 27.11 57.93 70.86
CA LYS OA 42 28.23 57.09 70.43
C LYS OA 42 27.71 55.73 70.01
N LYS OA 43 28.34 55.18 68.96
CA LYS OA 43 28.01 53.86 68.42
C LYS OA 43 26.53 53.77 68.07
N ALA OA 44 26.05 54.76 67.34
CA ALA OA 44 24.67 54.75 66.88
C ALA OA 44 24.46 53.67 65.83
N PHE OA 45 23.26 53.08 65.84
CA PHE OA 45 22.92 52.03 64.87
C PHE OA 45 21.44 52.13 64.53
N VAL OA 46 21.16 52.28 63.23
CA VAL OA 46 19.78 52.27 62.76
C VAL OA 46 19.25 50.84 62.82
N ILE OA 47 17.97 50.72 63.15
CA ILE OA 47 17.30 49.44 63.30
C ILE OA 47 16.35 49.25 62.12
N ILE OA 48 16.55 48.17 61.37
CA ILE OA 48 15.73 47.81 60.22
C ILE OA 48 14.91 46.58 60.60
N PRO OA 49 13.58 46.66 60.64
CA PRO OA 49 12.71 45.53 60.98
C PRO OA 49 12.75 44.42 59.92
N LEU OA 60 15.53 41.53 63.53
CA LEU OA 60 16.00 42.90 63.44
C LEU OA 60 17.38 42.96 62.81
N VAL OA 61 17.70 44.09 62.18
CA VAL OA 61 18.98 44.31 61.54
C VAL OA 61 19.56 45.61 62.06
N LEU OA 62 20.83 45.60 62.43
CA LEU OA 62 21.54 46.79 62.91
C LEU OA 62 22.48 47.28 61.82
N CYS OA 63 22.39 48.56 61.49
CA CYS OA 63 23.22 49.15 60.46
C CYS OA 63 23.92 50.39 61.01
N PRO OA 64 25.17 50.63 60.61
CA PRO OA 64 25.84 51.86 61.07
C PRO OA 64 25.07 53.09 60.65
N TRP OA 65 24.94 54.05 61.58
CA TRP OA 65 24.14 55.24 61.31
C TRP OA 65 24.83 56.17 60.34
N GLN OA 66 26.13 56.41 60.53
CA GLN OA 66 26.90 57.34 59.73
C GLN OA 66 28.15 56.64 59.21
N PRO OA 67 28.03 55.82 58.16
CA PRO OA 67 29.20 55.13 57.64
C PRO OA 67 30.01 56.00 56.69
N TYR OA 68 30.22 57.26 57.09
CA TYR OA 68 31.00 58.20 56.30
C TYR OA 68 31.99 59.00 57.14
N THR OA 69 31.91 58.94 58.48
CA THR OA 69 32.77 59.70 59.35
C THR OA 69 33.53 58.77 60.30
N ASP OA 70 34.67 59.25 60.77
CA ASP OA 70 35.49 58.53 61.73
C ASP OA 70 35.36 59.10 63.13
N ASP OA 71 34.45 60.05 63.35
CA ASP OA 71 34.28 60.65 64.66
C ASP OA 71 33.74 59.64 65.67
N LYS OA 72 34.23 59.73 66.90
CA LYS OA 72 33.79 58.81 67.93
C LYS OA 72 32.37 59.11 68.39
N GLU OA 73 32.01 60.39 68.48
CA GLU OA 73 30.70 60.80 68.97
C GLU OA 73 30.09 61.83 68.03
N ILE OA 74 28.77 61.87 68.01
CA ILE OA 74 28.01 62.78 67.17
C ILE OA 74 27.11 63.62 68.05
N VAL OA 75 27.15 64.94 67.88
CA VAL OA 75 26.33 65.88 68.64
C VAL OA 75 25.09 66.20 67.83
N ILE OA 76 23.96 66.38 68.52
CA ILE OA 76 22.69 66.67 67.85
C ILE OA 76 21.81 67.48 68.80
N ASP OA 77 21.12 68.47 68.23
CA ASP OA 77 20.23 69.31 69.01
C ASP OA 77 19.01 68.52 69.48
N ASP OA 78 18.51 68.90 70.67
CA ASP OA 78 17.35 68.23 71.25
C ASP OA 78 16.04 68.60 70.58
N SER OA 79 16.02 69.64 69.76
CA SER OA 79 14.79 70.03 69.08
C SER OA 79 14.39 69.03 68.00
N LYS OA 80 15.32 68.20 67.54
CA LYS OA 80 15.05 67.15 66.57
C LYS OA 80 14.77 65.81 67.22
N VAL OA 81 14.34 65.81 68.47
CA VAL OA 81 14.09 64.60 69.24
C VAL OA 81 12.60 64.34 69.29
N ILE OA 82 12.20 63.10 69.03
CA ILE OA 82 10.80 62.70 69.14
C ILE OA 82 10.63 61.99 70.46
N THR OA 83 11.32 60.85 70.64
CA THR OA 83 11.27 60.09 71.87
C THR OA 83 12.66 59.56 72.22
N ILE OA 84 12.96 59.56 73.52
CA ILE OA 84 14.11 58.88 74.09
C ILE OA 84 13.57 57.76 74.98
N THR OA 85 14.18 56.58 74.88
CA THR OA 85 13.64 55.46 75.66
C THR OA 85 14.73 54.47 75.99
N SER OA 86 14.45 53.62 76.98
CA SER OA 86 15.37 52.57 77.39
C SER OA 86 15.00 51.27 76.71
N PRO OA 87 15.91 50.62 76.00
CA PRO OA 87 15.57 49.41 75.25
C PRO OA 87 15.45 48.20 76.17
N LYS OA 88 15.12 47.07 75.55
CA LYS OA 88 15.02 45.80 76.27
C LYS OA 88 16.41 45.18 76.45
N ASP OA 89 16.47 44.15 77.30
CA ASP OA 89 17.74 43.49 77.58
C ASP OA 89 18.27 42.76 76.35
N ASP OA 90 17.38 42.13 75.57
CA ASP OA 90 17.81 41.41 74.38
C ASP OA 90 18.44 42.35 73.37
N ILE OA 91 17.85 43.54 73.19
CA ILE OA 91 18.38 44.52 72.26
C ILE OA 91 19.77 44.97 72.72
N ILE OA 92 19.93 45.22 74.02
CA ILE OA 92 21.23 45.64 74.55
C ILE OA 92 22.27 44.55 74.33
N LYS OA 93 21.89 43.29 74.58
CA LYS OA 93 22.81 42.18 74.36
C LYS OA 93 23.23 42.08 72.90
N SER OA 94 22.27 42.22 71.97
CA SER OA 94 22.59 42.17 70.56
C SER OA 94 23.50 43.33 70.16
N TYR OA 95 23.24 44.52 70.70
CA TYR OA 95 24.08 45.67 70.41
C TYR OA 95 25.51 45.46 70.91
N GLU OA 96 25.65 44.92 72.12
CA GLU OA 96 26.98 44.63 72.64
C GLU OA 96 27.70 43.60 71.79
N SER OA 97 27.00 42.53 71.40
CA SER OA 97 27.63 41.51 70.57
C SER OA 97 28.07 42.08 69.22
N HIS OA 98 27.21 42.91 68.62
CA HIS OA 98 27.55 43.53 67.34
C HIS OA 98 28.79 44.39 67.45
N THR OA 99 28.85 45.24 68.48
CA THR OA 99 30.02 46.11 68.65
C THR OA 99 31.28 45.28 68.89
N ARG OA 100 31.19 44.25 69.72
CA ARG OA 100 32.36 43.42 69.99
C ARG OA 100 32.85 42.72 68.73
N VAL OA 101 31.92 42.20 67.93
CA VAL OA 101 32.30 41.53 66.68
C VAL OA 101 32.98 42.51 65.74
N LEU OA 102 32.43 43.73 65.63
CA LEU OA 102 33.04 44.73 64.75
C LEU OA 102 34.45 45.08 65.20
N GLU OA 103 34.64 45.25 66.51
CA GLU OA 103 35.98 45.59 67.00
C GLU OA 103 36.96 44.45 66.78
N ASN OA 104 36.51 43.21 66.97
CA ASN OA 104 37.37 42.06 66.71
C ASN OA 104 37.76 41.99 65.24
N LYS OA 105 36.81 42.25 64.35
CA LYS OA 105 37.12 42.27 62.92
C LYS OA 105 38.14 43.36 62.60
N GLN OA 106 37.99 44.53 63.22
CA GLN OA 106 38.92 45.62 62.98
C GLN OA 106 40.34 45.26 63.42
N VAL OA 107 40.46 44.68 64.61
CA VAL OA 107 41.80 44.35 65.11
C VAL OA 107 42.43 43.23 64.28
N GLU OA 108 41.61 42.26 63.84
CA GLU OA 108 42.12 41.21 62.98
C GLU OA 108 42.63 41.78 61.66
N GLU OA 109 41.88 42.72 61.08
CA GLU OA 109 42.32 43.35 59.84
C GLU OA 109 43.61 44.13 60.05
N ILE OA 110 43.74 44.80 61.20
CA ILE OA 110 44.97 45.53 61.48
C ILE OA 110 46.15 44.59 61.55
N LEU OA 111 45.98 43.44 62.23
CA LEU OA 111 47.06 42.46 62.30
C LEU OA 111 47.43 41.91 60.92
N ARG OA 112 46.42 41.62 60.11
CA ARG OA 112 46.67 41.13 58.76
C ARG OA 112 47.46 42.15 57.95
N LEU OA 113 47.10 43.42 58.06
CA LEU OA 113 47.83 44.47 57.34
C LEU OA 113 49.25 44.60 57.86
N GLU OA 114 49.45 44.48 59.17
CA GLU OA 114 50.80 44.46 59.73
C GLU OA 114 51.65 43.39 59.05
N LYS OA 115 51.13 42.15 59.02
CA LYS OA 115 51.90 41.05 58.43
C LYS OA 115 52.17 41.31 56.95
N GLU OA 116 51.16 41.77 56.22
CA GLU OA 116 51.33 41.99 54.79
C GLU OA 116 52.38 43.06 54.50
N ILE OA 117 52.32 44.18 55.23
CA ILE OA 117 53.27 45.26 54.97
C ILE OA 117 54.68 44.83 55.36
N GLU OA 118 54.81 44.06 56.45
CA GLU OA 118 56.14 43.58 56.84
C GLU OA 118 56.72 42.68 55.74
N ASP OA 119 55.91 41.74 55.24
CA ASP OA 119 56.39 40.83 54.20
C ASP OA 119 56.77 41.61 52.95
N LEU OA 120 55.92 42.56 52.54
CA LEU OA 120 56.20 43.33 51.34
C LEU OA 120 57.48 44.15 51.49
N GLN OA 121 57.67 44.78 52.64
CA GLN OA 121 58.88 45.57 52.87
C GLN OA 121 60.12 44.69 52.83
N ARG OA 122 60.06 43.52 53.46
CA ARG OA 122 61.22 42.63 53.46
C ARG OA 122 61.57 42.19 52.04
N MET OA 123 60.56 41.78 51.27
CA MET OA 123 60.83 41.29 49.92
C MET OA 123 61.33 42.43 49.03
N LYS OA 124 60.78 43.63 49.21
CA LYS OA 124 61.24 44.79 48.45
C LYS OA 124 62.69 45.12 48.78
N GLU OA 125 63.07 45.05 50.05
CA GLU OA 125 64.46 45.29 50.42
C GLU OA 125 65.37 44.24 49.82
N GLN OA 126 64.93 42.98 49.82
CA GLN OA 126 65.72 41.93 49.18
C GLN OA 126 65.91 42.20 47.69
N GLN OA 127 64.85 42.64 47.02
CA GLN OA 127 64.97 42.99 45.60
C GLN OA 127 65.94 44.15 45.40
N GLU OA 128 65.86 45.16 46.28
CA GLU OA 128 66.75 46.31 46.16
C GLU OA 128 68.21 45.93 46.37
N LEU OA 129 68.47 44.93 47.22
CA LEU OA 129 69.85 44.56 47.52
C LEU OA 129 70.59 44.09 46.27
N SER OA 130 69.94 43.27 45.45
CA SER OA 130 70.59 42.69 44.26
C SER OA 130 70.40 43.60 43.06
N LEU OA 131 71.04 44.75 43.12
CA LEU OA 131 70.95 45.75 42.06
C LEU OA 131 72.35 46.12 41.56
N THR OA 132 72.39 46.96 40.54
CA THR OA 132 73.62 47.45 39.93
C THR OA 132 73.75 48.94 40.24
N GLU OA 133 74.99 49.40 40.42
CA GLU OA 133 75.24 50.78 40.81
C GLU OA 133 74.58 51.77 39.84
N ALA OA 134 74.80 51.56 38.54
CA ALA OA 134 74.18 52.43 37.54
C ALA OA 134 72.66 52.34 37.61
N SER OA 135 72.13 51.14 37.80
CA SER OA 135 70.69 50.98 37.95
C SER OA 135 70.19 51.69 39.20
N LEU OA 136 70.98 51.66 40.28
CA LEU OA 136 70.59 52.36 41.50
C LEU OA 136 70.55 53.86 41.28
N GLN OA 137 71.54 54.40 40.56
CA GLN OA 137 71.53 55.83 40.25
C GLN OA 137 70.32 56.19 39.39
N LYS OA 138 70.02 55.35 38.38
CA LYS OA 138 68.86 55.60 37.54
C LYS OA 138 67.58 55.55 38.35
N LEU OA 139 67.49 54.60 39.28
CA LEU OA 139 66.34 54.52 40.18
C LEU OA 139 66.19 55.78 41.01
N GLN OA 140 67.30 56.28 41.56
CA GLN OA 140 67.25 57.50 42.36
C GLN OA 140 66.76 58.68 41.53
N GLU OA 141 67.31 58.84 40.32
CA GLU OA 141 66.87 59.94 39.47
C GLU OA 141 65.39 59.79 39.09
N ARG OA 142 64.96 58.56 38.78
CA ARG OA 142 63.57 58.33 38.41
C ARG OA 142 62.63 58.64 39.57
N ARG OA 143 63.00 58.24 40.79
CA ARG OA 143 62.18 58.56 41.95
C ARG OA 143 62.12 60.07 42.19
N ASP OA 144 63.25 60.76 41.99
CA ASP OA 144 63.24 62.22 42.12
C ASP OA 144 62.31 62.84 41.09
N GLN OA 145 62.31 62.33 39.87
CA GLN OA 145 61.39 62.84 38.85
C GLN OA 145 59.94 62.53 39.23
N GLU OA 146 59.71 61.34 39.79
CA GLU OA 146 58.37 60.98 40.27
C GLU OA 146 57.85 61.98 41.29
N LEU OA 147 58.66 62.28 42.30
CA LEU OA 147 58.24 63.23 43.33
C LEU OA 147 58.16 64.66 42.80
N ARG OA 148 58.71 64.94 41.63
CA ARG OA 148 58.68 66.27 41.06
C ARG OA 148 57.28 66.60 40.54
N ASN PA 16 70.13 65.18 -25.66
CA ASN PA 16 69.17 66.14 -25.13
C ASN PA 16 67.79 65.51 -25.00
N ILE PA 17 67.70 64.45 -24.21
CA ILE PA 17 66.43 63.77 -23.97
C ILE PA 17 65.53 64.69 -23.16
N LYS PA 18 64.34 64.98 -23.69
CA LYS PA 18 63.42 65.89 -23.05
C LYS PA 18 61.98 65.43 -23.28
N ILE PA 19 61.09 65.92 -22.43
CA ILE PA 19 59.66 65.66 -22.51
C ILE PA 19 58.96 66.87 -23.13
N MET PA 20 58.06 66.58 -24.06
CA MET PA 20 57.33 67.55 -24.87
C MET PA 20 55.85 67.41 -24.54
N ARG PA 21 55.19 68.53 -24.29
CA ARG PA 21 53.74 68.57 -24.14
C ARG PA 21 53.14 69.22 -25.38
N LEU PA 22 52.36 68.45 -26.13
CA LEU PA 22 51.73 68.94 -27.34
C LEU PA 22 50.38 69.55 -27.02
N VAL PA 23 49.84 70.32 -27.98
CA VAL PA 23 48.56 70.97 -27.79
C VAL PA 23 47.44 69.94 -27.67
N THR PA 24 47.61 68.76 -28.27
CA THR PA 24 46.58 67.73 -28.23
C THR PA 24 46.76 66.81 -27.01
N CYS PA 25 46.91 67.43 -25.84
CA CYS PA 25 47.03 66.74 -24.55
C CYS PA 25 47.87 65.47 -24.66
N GLU PA 26 49.08 65.64 -25.17
CA GLU PA 26 49.98 64.51 -25.42
C GLU PA 26 51.34 64.78 -24.81
N ASP PA 27 51.91 63.75 -24.19
CA ASP PA 27 53.25 63.82 -23.60
C ASP PA 27 54.15 62.85 -24.35
N ILE PA 28 55.22 63.37 -24.94
CA ILE PA 28 56.13 62.56 -25.75
C ILE PA 28 57.57 62.87 -25.36
N ILE PA 29 58.35 61.83 -25.10
CA ILE PA 29 59.76 61.98 -24.74
C ILE PA 29 60.61 61.67 -25.97
N GLY PA 30 61.68 62.44 -26.15
CA GLY PA 30 62.56 62.20 -27.28
C GLY PA 30 63.77 63.10 -27.23
N ASN PA 31 64.69 62.86 -28.15
CA ASN PA 31 65.90 63.67 -28.27
C ASN PA 31 65.57 64.86 -29.17
N ILE PA 32 65.61 66.07 -28.61
CA ILE PA 32 65.13 67.25 -29.31
C ILE PA 32 66.30 68.18 -29.62
N SER PA 33 66.16 68.91 -30.71
CA SER PA 33 67.06 69.97 -31.11
C SER PA 33 66.25 71.22 -31.39
N GLU PA 34 66.66 72.33 -30.79
CA GLU PA 34 65.88 73.56 -30.78
C GLU PA 34 66.47 74.57 -31.74
N SER PA 35 65.62 75.12 -32.62
CA SER PA 35 65.97 76.17 -33.55
C SER PA 35 65.12 77.40 -33.25
N GLN PA 36 65.34 78.48 -34.01
CA GLN PA 36 64.71 79.76 -33.68
C GLN PA 36 63.19 79.68 -33.77
N GLY PA 37 62.66 78.95 -34.75
CA GLY PA 37 61.22 78.90 -34.92
C GLY PA 37 60.62 77.51 -34.82
N LEU PA 38 61.40 76.49 -35.13
CA LEU PA 38 60.94 75.12 -35.15
C LEU PA 38 61.91 74.23 -34.39
N ILE PA 39 61.44 73.05 -34.00
CA ILE PA 39 62.26 72.10 -33.28
C ILE PA 39 62.16 70.73 -33.95
N THR PA 40 63.25 69.98 -33.89
CA THR PA 40 63.30 68.62 -34.43
C THR PA 40 63.36 67.63 -33.28
N ILE PA 41 62.75 66.47 -33.49
CA ILE PA 41 62.67 65.43 -32.46
C ILE PA 41 63.01 64.09 -33.09
N LYS PA 42 63.74 63.27 -32.33
CA LYS PA 42 64.11 61.93 -32.74
C LYS PA 42 63.72 60.94 -31.66
N LYS PA 43 63.27 59.76 -32.10
CA LYS PA 43 62.86 58.66 -31.22
C LYS PA 43 61.81 59.13 -30.22
N ALA PA 44 60.77 59.78 -30.75
CA ALA PA 44 59.67 60.22 -29.90
C ALA PA 44 58.86 59.01 -29.42
N PHE PA 45 58.32 59.13 -28.21
CA PHE PA 45 57.52 58.06 -27.62
C PHE PA 45 56.43 58.66 -26.75
N VAL PA 46 55.17 58.34 -27.06
CA VAL PA 46 54.06 58.75 -26.23
C VAL PA 46 54.05 57.94 -24.95
N ILE PA 47 53.67 58.59 -23.85
CA ILE PA 47 53.65 57.99 -22.52
C ILE PA 47 52.21 57.76 -22.13
N ILE PA 48 51.87 56.51 -21.84
CA ILE PA 48 50.54 56.10 -21.40
C ILE PA 48 50.63 55.72 -19.93
N PRO PA 49 49.94 56.42 -19.03
CA PRO PA 49 49.95 56.12 -17.59
C PRO PA 49 49.28 54.79 -17.27
N LEU PA 60 54.23 52.89 -16.25
CA LEU PA 60 54.17 53.68 -17.47
C LEU PA 60 54.37 52.80 -18.70
N VAL PA 61 53.82 53.23 -19.83
CA VAL PA 61 53.93 52.51 -21.10
C VAL PA 61 54.46 53.47 -22.15
N LEU PA 62 55.45 53.03 -22.92
CA LEU PA 62 56.01 53.82 -24.00
C LEU PA 62 55.53 53.27 -25.33
N CYS PA 63 54.99 54.15 -26.17
CA CYS PA 63 54.48 53.74 -27.47
C CYS PA 63 55.10 54.59 -28.56
N PRO PA 64 55.40 54.03 -29.73
CA PRO PA 64 55.93 54.85 -30.82
C PRO PA 64 54.96 55.97 -31.19
N TRP PA 65 55.52 57.17 -31.38
CA TRP PA 65 54.67 58.33 -31.65
C TRP PA 65 54.07 58.28 -33.04
N GLN PA 66 54.88 57.94 -34.05
CA GLN PA 66 54.46 57.93 -35.44
C GLN PA 66 54.82 56.59 -36.06
N PRO PA 67 54.01 55.56 -35.80
CA PRO PA 67 54.31 54.24 -36.37
C PRO PA 67 53.81 54.11 -37.80
N TYR PA 68 54.03 55.15 -38.61
CA TYR PA 68 53.65 55.15 -40.00
C TYR PA 68 54.73 55.67 -40.93
N THR PA 69 55.80 56.26 -40.41
CA THR PA 69 56.87 56.83 -41.21
C THR PA 69 58.20 56.20 -40.85
N ASP PA 70 59.13 56.24 -41.80
CA ASP PA 70 60.48 55.74 -41.62
C ASP PA 70 61.49 56.86 -41.42
N ASP PA 71 61.03 58.10 -41.29
CA ASP PA 71 61.93 59.23 -41.14
C ASP PA 71 62.64 59.17 -39.79
N LYS PA 72 63.92 59.56 -39.80
CA LYS PA 72 64.69 59.52 -38.56
C LYS PA 72 64.27 60.62 -37.60
N GLU PA 73 63.95 61.80 -38.11
CA GLU PA 73 63.59 62.95 -37.28
C GLU PA 73 62.32 63.59 -37.81
N ILE PA 74 61.59 64.24 -36.90
CA ILE PA 74 60.34 64.90 -37.21
C ILE PA 74 60.46 66.37 -36.80
N VAL PA 75 60.12 67.26 -37.71
CA VAL PA 75 60.17 68.70 -37.47
C VAL PA 75 58.77 69.17 -37.05
N ILE PA 76 58.72 70.15 -36.15
CA ILE PA 76 57.46 70.65 -35.65
C ILE PA 76 57.64 72.10 -35.21
N ASP PA 77 56.64 72.93 -35.52
CA ASP PA 77 56.68 74.34 -35.17
C ASP PA 77 56.56 74.52 -33.67
N ASP PA 78 57.21 75.57 -33.16
CA ASP PA 78 57.20 75.85 -31.72
C ASP PA 78 55.89 76.45 -31.24
N SER PA 79 55.01 76.89 -32.15
CA SER PA 79 53.73 77.45 -31.74
C SER PA 79 52.80 76.39 -31.19
N LYS PA 80 53.05 75.12 -31.48
CA LYS PA 80 52.26 74.02 -30.95
C LYS PA 80 52.87 73.41 -29.70
N VAL PA 81 53.69 74.17 -28.98
CA VAL PA 81 54.40 73.72 -27.79
C VAL PA 81 53.69 74.24 -26.57
N ILE PA 82 53.47 73.36 -25.59
CA ILE PA 82 52.89 73.76 -24.31
C ILE PA 82 54.02 73.89 -23.31
N THR PA 83 54.72 72.78 -23.04
CA THR PA 83 55.85 72.77 -22.12
C THR PA 83 56.96 71.88 -22.66
N ILE PA 84 58.20 72.33 -22.44
CA ILE PA 84 59.40 71.52 -22.65
C ILE PA 84 60.03 71.31 -21.28
N THR PA 85 60.46 70.08 -21.00
CA THR PA 85 61.01 69.84 -19.67
C THR PA 85 62.03 68.71 -19.71
N SER PA 86 62.85 68.64 -18.66
CA SER PA 86 63.86 67.60 -18.52
C SER PA 86 63.31 66.48 -17.66
N PRO PA 87 63.30 65.25 -18.14
CA PRO PA 87 62.69 64.14 -17.39
C PRO PA 87 63.60 63.68 -16.24
N LYS PA 88 63.10 62.69 -15.50
CA LYS PA 88 63.85 62.10 -14.41
C LYS PA 88 64.84 61.06 -14.94
N ASP PA 89 65.75 60.63 -14.06
CA ASP PA 89 66.76 59.66 -14.46
C ASP PA 89 66.13 58.30 -14.78
N ASP PA 90 65.13 57.89 -14.00
CA ASP PA 90 64.48 56.60 -14.25
C ASP PA 90 63.82 56.58 -15.62
N ILE PA 91 63.16 57.68 -15.99
CA ILE PA 91 62.51 57.75 -17.30
C ILE PA 91 63.55 57.66 -18.41
N ILE PA 92 64.67 58.35 -18.25
CA ILE PA 92 65.73 58.31 -19.26
C ILE PA 92 66.28 56.90 -19.39
N LYS PA 93 66.49 56.22 -18.26
CA LYS PA 93 66.99 54.85 -18.29
C LYS PA 93 66.00 53.92 -19.00
N SER PA 94 64.71 54.06 -18.70
CA SER PA 94 63.70 53.24 -19.37
C SER PA 94 63.66 53.51 -20.86
N TYR PA 95 63.77 54.79 -21.25
CA TYR PA 95 63.79 55.15 -22.66
C TYR PA 95 64.98 54.54 -23.38
N GLU PA 96 66.16 54.60 -22.75
CA GLU PA 96 67.36 54.01 -23.33
C GLU PA 96 67.20 52.49 -23.48
N SER PA 97 66.68 51.83 -22.45
CA SER PA 97 66.48 50.39 -22.51
C SER PA 97 65.50 50.02 -23.62
N HIS PA 98 64.41 50.77 -23.73
CA HIS PA 98 63.42 50.51 -24.78
C HIS PA 98 64.04 50.64 -26.16
N THR PA 99 64.77 51.73 -26.40
CA THR PA 99 65.39 51.91 -27.71
C THR PA 99 66.39 50.81 -28.02
N ARG PA 100 67.22 50.44 -27.04
CA ARG PA 100 68.20 49.38 -27.25
C ARG PA 100 67.52 48.05 -27.58
N VAL PA 101 66.44 47.72 -26.85
CA VAL PA 101 65.72 46.48 -27.11
C VAL PA 101 65.14 46.49 -28.51
N LEU PA 102 64.55 47.62 -28.92
CA LEU PA 102 63.98 47.70 -30.26
C LEU PA 102 65.04 47.51 -31.33
N GLU PA 103 66.21 48.15 -31.16
CA GLU PA 103 67.26 48.01 -32.15
C GLU PA 103 67.79 46.57 -32.20
N ASN PA 104 67.92 45.93 -31.04
CA ASN PA 104 68.34 44.53 -31.03
C ASN PA 104 67.33 43.63 -31.74
N LYS PA 105 66.04 43.88 -31.51
CA LYS PA 105 65.02 43.10 -32.22
C LYS PA 105 65.12 43.32 -33.72
N GLN PA 106 65.36 44.56 -34.15
CA GLN PA 106 65.47 44.85 -35.58
C GLN PA 106 66.64 44.12 -36.20
N VAL PA 107 67.81 44.14 -35.54
CA VAL PA 107 68.97 43.49 -36.12
C VAL PA 107 68.81 41.98 -36.13
N GLU PA 108 68.17 41.43 -35.09
CA GLU PA 108 67.89 39.99 -35.08
C GLU PA 108 66.97 39.60 -36.22
N GLU PA 109 65.93 40.41 -36.47
CA GLU PA 109 65.03 40.12 -37.58
C GLU PA 109 65.76 40.20 -38.91
N ILE PA 110 66.67 41.18 -39.05
CA ILE PA 110 67.44 41.29 -40.29
C ILE PA 110 68.28 40.05 -40.51
N LEU PA 111 68.93 39.55 -39.45
CA LEU PA 111 69.74 38.34 -39.58
C LEU PA 111 68.87 37.13 -39.95
N ARG PA 112 67.70 37.02 -39.32
CA ARG PA 112 66.80 35.92 -39.62
C ARG PA 112 66.38 35.97 -41.10
N LEU PA 113 66.07 37.15 -41.59
CA LEU PA 113 65.68 37.28 -42.99
C LEU PA 113 66.84 36.95 -43.93
N GLU PA 114 68.06 37.36 -43.56
CA GLU PA 114 69.25 36.96 -44.31
C GLU PA 114 69.31 35.45 -44.46
N LYS PA 115 69.21 34.74 -43.34
CA LYS PA 115 69.30 33.28 -43.39
C LYS PA 115 68.18 32.68 -44.22
N GLU PA 116 66.96 33.18 -44.04
CA GLU PA 116 65.82 32.62 -44.77
C GLU PA 116 65.95 32.82 -46.27
N ILE PA 117 66.35 34.03 -46.69
CA ILE PA 117 66.46 34.29 -48.13
C ILE PA 117 67.60 33.48 -48.73
N GLU PA 118 68.70 33.32 -47.98
CA GLU PA 118 69.80 32.50 -48.50
C GLU PA 118 69.35 31.06 -48.70
N ASP PA 119 68.66 30.49 -47.70
CA ASP PA 119 68.20 29.11 -47.82
C ASP PA 119 67.23 28.97 -48.99
N LEU PA 120 66.29 29.90 -49.10
CA LEU PA 120 65.31 29.83 -50.18
C LEU PA 120 65.97 29.92 -51.54
N GLN PA 121 66.93 30.83 -51.70
CA GLN PA 121 67.62 30.97 -52.98
C GLN PA 121 68.39 29.71 -53.33
N ARG PA 122 69.08 29.12 -52.34
CA ARG PA 122 69.84 27.90 -52.60
C ARG PA 122 68.92 26.76 -53.04
N MET PA 123 67.81 26.57 -52.32
CA MET PA 123 66.91 25.48 -52.65
C MET PA 123 66.25 25.71 -54.00
N LYS PA 124 65.91 26.97 -54.31
CA LYS PA 124 65.33 27.28 -55.61
C LYS PA 124 66.31 27.01 -56.74
N GLU PA 125 67.58 27.36 -56.55
CA GLU PA 125 68.59 27.06 -57.55
C GLU PA 125 68.74 25.55 -57.75
N GLN PA 126 68.72 24.79 -56.64
CA GLN PA 126 68.77 23.34 -56.75
C GLN PA 126 67.60 22.80 -57.55
N GLN PA 127 66.40 23.32 -57.28
CA GLN PA 127 65.23 22.90 -58.05
C GLN PA 127 65.38 23.25 -59.52
N GLU PA 128 65.91 24.44 -59.83
CA GLU PA 128 66.08 24.85 -61.22
C GLU PA 128 67.10 23.98 -61.93
N LEU PA 129 68.10 23.47 -61.22
CA LEU PA 129 69.15 22.68 -61.87
C LEU PA 129 68.58 21.41 -62.50
N SER PA 130 67.68 20.72 -61.80
CA SER PA 130 67.14 19.45 -62.28
C SER PA 130 65.88 19.69 -63.11
N LEU PA 131 66.08 20.30 -64.27
CA LEU PA 131 64.99 20.62 -65.18
C LEU PA 131 65.26 20.03 -66.56
N THR PA 132 64.28 20.19 -67.44
CA THR PA 132 64.35 19.72 -68.82
C THR PA 132 64.42 20.94 -69.75
N GLU PA 133 65.16 20.79 -70.85
CA GLU PA 133 65.38 21.91 -71.76
C GLU PA 133 64.07 22.52 -72.23
N ALA PA 134 63.14 21.68 -72.68
CA ALA PA 134 61.83 22.18 -73.11
C ALA PA 134 61.10 22.86 -71.96
N SER PA 135 61.17 22.27 -70.77
CA SER PA 135 60.57 22.89 -69.60
C SER PA 135 61.22 24.23 -69.29
N LEU PA 136 62.54 24.31 -69.46
CA LEU PA 136 63.24 25.58 -69.24
C LEU PA 136 62.79 26.65 -70.21
N GLN PA 137 62.62 26.28 -71.49
CA GLN PA 137 62.12 27.23 -72.48
C GLN PA 137 60.70 27.68 -72.13
N LYS PA 138 59.85 26.74 -71.73
CA LYS PA 138 58.49 27.09 -71.34
C LYS PA 138 58.50 28.00 -70.12
N LEU PA 139 59.39 27.74 -69.16
CA LEU PA 139 59.53 28.63 -68.00
C LEU PA 139 59.93 30.02 -68.42
N GLN PA 140 60.90 30.13 -69.34
CA GLN PA 140 61.34 31.45 -69.80
C GLN PA 140 60.20 32.21 -70.47
N GLU PA 141 59.45 31.53 -71.34
CA GLU PA 141 58.32 32.19 -72.00
C GLU PA 141 57.25 32.59 -70.99
N ARG PA 142 56.97 31.72 -70.01
CA ARG PA 142 55.96 32.02 -69.01
C ARG PA 142 56.38 33.22 -68.15
N ARG PA 143 57.66 33.29 -67.77
CA ARG PA 143 58.14 34.44 -67.01
C ARG PA 143 58.05 35.72 -67.83
N ASP PA 144 58.38 35.64 -69.13
CA ASP PA 144 58.23 36.80 -69.98
C ASP PA 144 56.79 37.26 -70.07
N GLN PA 145 55.84 36.32 -70.13
CA GLN PA 145 54.43 36.69 -70.13
C GLN PA 145 54.03 37.29 -68.79
N GLU PA 146 54.58 36.74 -67.69
CA GLU PA 146 54.33 37.30 -66.37
C GLU PA 146 54.73 38.77 -66.30
N LEU PA 147 55.95 39.08 -66.73
CA LEU PA 147 56.42 40.45 -66.69
C LEU PA 147 55.71 41.35 -67.69
N ARG PA 148 54.98 40.77 -68.64
CA ARG PA 148 54.27 41.56 -69.64
C ARG PA 148 53.04 42.21 -69.03
N ASN QA 16 4.99 5.48 -98.84
CA ASN QA 16 4.75 6.90 -98.60
C ASN QA 16 4.24 7.12 -97.18
N ILE QA 17 5.03 6.70 -96.19
CA ILE QA 17 4.66 6.88 -94.79
C ILE QA 17 4.71 8.37 -94.46
N LYS QA 18 3.58 8.90 -93.98
CA LYS QA 18 3.49 10.32 -93.68
C LYS QA 18 2.60 10.54 -92.46
N ILE QA 19 2.76 11.71 -91.86
CA ILE QA 19 1.98 12.14 -90.70
C ILE QA 19 0.90 13.10 -91.17
N MET QA 20 -0.31 12.89 -90.65
CA MET QA 20 -1.52 13.60 -91.00
C MET QA 20 -2.02 14.34 -89.76
N ARG QA 21 -2.34 15.62 -89.91
CA ARG QA 21 -2.99 16.39 -88.85
C ARG QA 21 -4.44 16.60 -89.25
N LEU QA 22 -5.36 16.04 -88.46
CA LEU QA 22 -6.78 16.18 -88.72
C LEU QA 22 -7.34 17.42 -88.02
N VAL QA 23 -8.54 17.82 -88.45
CA VAL QA 23 -9.17 19.00 -87.88
C VAL QA 23 -9.48 18.79 -86.40
N THR QA 24 -9.70 17.55 -85.98
CA THR QA 24 -10.03 17.25 -84.59
C THR QA 24 -8.79 17.02 -83.75
N CYS QA 25 -7.82 17.95 -83.85
CA CYS QA 25 -6.57 17.94 -83.09
C CYS QA 25 -6.01 16.53 -82.92
N GLU QA 26 -5.83 15.86 -84.05
CA GLU QA 26 -5.37 14.48 -84.06
C GLU QA 26 -4.19 14.32 -85.00
N ASP QA 27 -3.19 13.55 -84.57
CA ASP QA 27 -2.01 13.24 -85.36
C ASP QA 27 -2.00 11.74 -85.63
N ILE QA 28 -2.01 11.38 -86.91
CA ILE QA 28 -2.07 9.97 -87.31
C ILE QA 28 -1.03 9.72 -88.40
N ILE QA 29 -0.23 8.67 -88.23
CA ILE QA 29 0.78 8.29 -89.19
C ILE QA 29 0.27 7.11 -90.01
N GLY QA 30 0.56 7.10 -91.31
CA GLY QA 30 0.12 6.01 -92.15
C GLY QA 30 0.65 6.16 -93.56
N ASN QA 31 0.41 5.12 -94.36
CA ASN QA 31 0.82 5.13 -95.76
C ASN QA 31 -0.30 5.79 -96.57
N ILE QA 32 -0.01 6.94 -97.16
CA ILE QA 32 -1.04 7.75 -97.80
C ILE QA 32 -0.84 7.77 -99.29
N SER QA 33 -1.94 7.92 -100.01
CA SER QA 33 -1.96 8.11 -101.45
C SER QA 33 -2.84 9.33 -101.75
N GLU QA 34 -2.31 10.25 -102.54
CA GLU QA 34 -2.91 11.56 -102.75
C GLU QA 34 -3.58 11.62 -104.11
N SER QA 35 -4.84 12.04 -104.14
CA SER QA 35 -5.60 12.25 -105.35
C SER QA 35 -6.01 13.73 -105.42
N GLN QA 36 -6.69 14.11 -106.50
CA GLN QA 36 -6.97 15.52 -106.74
C GLN QA 36 -7.83 16.13 -105.64
N GLY QA 37 -8.81 15.39 -105.12
CA GLY QA 37 -9.71 15.93 -104.14
C GLY QA 37 -9.71 15.21 -102.82
N LEU QA 38 -9.39 13.92 -102.83
CA LEU QA 38 -9.42 13.08 -101.65
C LEU QA 38 -8.14 12.29 -101.53
N ILE QA 39 -7.86 11.79 -100.33
CA ILE QA 39 -6.66 11.00 -100.09
C ILE QA 39 -7.05 9.70 -99.38
N THR QA 40 -6.30 8.65 -99.66
CA THR QA 40 -6.50 7.36 -99.03
C THR QA 40 -5.35 7.08 -98.06
N ILE QA 41 -5.66 6.39 -96.98
CA ILE QA 41 -4.67 6.11 -95.94
C ILE QA 41 -4.77 4.63 -95.54
N LYS QA 42 -3.63 4.01 -95.30
CA LYS QA 42 -3.55 2.63 -94.86
C LYS QA 42 -2.71 2.54 -93.61
N LYS QA 43 -3.12 1.66 -92.70
CA LYS QA 43 -2.41 1.41 -91.44
C LYS QA 43 -2.22 2.70 -90.65
N ALA QA 44 -3.31 3.44 -90.50
CA ALA QA 44 -3.26 4.67 -89.71
C ALA QA 44 -3.09 4.35 -88.22
N PHE QA 45 -2.39 5.23 -87.52
CA PHE QA 45 -2.15 5.05 -86.09
C PHE QA 45 -2.11 6.41 -85.42
N VAL QA 46 -2.97 6.61 -84.43
CA VAL QA 46 -2.93 7.81 -83.62
C VAL QA 46 -1.73 7.77 -82.69
N ILE QA 47 -1.14 8.94 -82.47
CA ILE QA 47 0.06 9.09 -81.65
C ILE QA 47 -0.34 9.77 -80.35
N ILE QA 48 -0.06 9.10 -79.24
CA ILE QA 48 -0.34 9.61 -77.90
C ILE QA 48 0.99 9.93 -77.24
N PRO QA 49 1.27 11.20 -76.90
CA PRO QA 49 2.52 11.60 -76.24
C PRO QA 49 2.65 11.04 -74.83
N LEU QA 60 6.43 7.75 -76.81
CA LEU QA 60 5.26 7.82 -77.67
C LEU QA 60 4.49 6.51 -77.66
N VAL QA 61 3.18 6.58 -77.91
CA VAL QA 61 2.31 5.42 -77.95
C VAL QA 61 1.55 5.43 -79.27
N LEU QA 62 1.51 4.29 -79.94
CA LEU QA 62 0.78 4.14 -81.20
C LEU QA 62 -0.50 3.35 -80.94
N CYS QA 63 -1.63 3.90 -81.38
CA CYS QA 63 -2.91 3.24 -81.18
C CYS QA 63 -3.63 3.12 -82.52
N PRO QA 64 -4.35 2.03 -82.76
CA PRO QA 64 -5.12 1.91 -84.00
C PRO QA 64 -6.13 3.05 -84.14
N TRP QA 65 -6.19 3.62 -85.35
CA TRP QA 65 -7.05 4.78 -85.56
C TRP QA 65 -8.52 4.40 -85.56
N GLN QA 66 -8.87 3.31 -86.26
CA GLN QA 66 -10.26 2.89 -86.40
C GLN QA 66 -10.35 1.42 -86.01
N PRO QA 67 -10.40 1.11 -84.71
CA PRO QA 67 -10.50 -0.28 -84.29
C PRO QA 67 -11.93 -0.79 -84.31
N TYR QA 68 -12.64 -0.47 -85.38
CA TYR QA 68 -14.02 -0.91 -85.58
C TYR QA 68 -14.30 -1.44 -86.97
N THR QA 69 -13.39 -1.25 -87.93
CA THR QA 69 -13.59 -1.67 -89.30
C THR QA 69 -12.48 -2.62 -89.73
N ASP QA 70 -12.80 -3.45 -90.72
CA ASP QA 70 -11.85 -4.38 -91.31
C ASP QA 70 -11.33 -3.90 -92.67
N ASP QA 71 -11.68 -2.69 -93.07
CA ASP QA 71 -11.25 -2.17 -94.36
C ASP QA 71 -9.74 -1.95 -94.39
N LYS QA 72 -9.13 -2.25 -95.54
CA LYS QA 72 -7.69 -2.09 -95.67
C LYS QA 72 -7.30 -0.62 -95.74
N GLU QA 73 -8.09 0.20 -96.42
CA GLU QA 73 -7.78 1.60 -96.61
C GLU QA 73 -8.99 2.46 -96.28
N ILE QA 74 -8.73 3.70 -95.87
CA ILE QA 74 -9.77 4.66 -95.51
C ILE QA 74 -9.60 5.89 -96.37
N VAL QA 75 -10.69 6.33 -96.99
CA VAL QA 75 -10.70 7.51 -97.84
C VAL QA 75 -11.17 8.71 -97.02
N ILE QA 76 -10.60 9.89 -97.30
CA ILE QA 76 -10.94 11.09 -96.55
C ILE QA 76 -10.72 12.30 -97.44
N ASP QA 77 -11.66 13.25 -97.36
CA ASP QA 77 -11.57 14.47 -98.15
C ASP QA 77 -10.40 15.34 -97.69
N ASP QA 78 -9.81 16.06 -98.63
CA ASP QA 78 -8.68 16.92 -98.34
C ASP QA 78 -9.07 18.21 -97.62
N SER QA 79 -10.36 18.54 -97.58
CA SER QA 79 -10.78 19.76 -96.90
C SER QA 79 -10.65 19.64 -95.38
N LYS QA 80 -10.54 18.41 -94.86
CA LYS QA 80 -10.34 18.18 -93.44
C LYS QA 80 -8.87 17.99 -93.09
N VAL QA 81 -7.97 18.51 -93.91
CA VAL QA 81 -6.53 18.36 -93.74
C VAL QA 81 -5.97 19.65 -93.15
N ILE QA 82 -5.12 19.51 -92.14
CA ILE QA 82 -4.45 20.66 -91.56
C ILE QA 82 -3.03 20.68 -92.11
N THR QA 83 -2.24 19.64 -91.82
CA THR QA 83 -0.89 19.51 -92.33
C THR QA 83 -0.59 18.08 -92.73
N ILE QA 84 0.16 17.94 -93.81
CA ILE QA 84 0.75 16.67 -94.22
C ILE QA 84 2.26 16.82 -94.10
N THR QA 85 2.93 15.81 -93.54
CA THR QA 85 4.37 15.97 -93.34
C THR QA 85 5.06 14.61 -93.38
N SER QA 86 6.38 14.65 -93.57
CA SER QA 86 7.20 13.44 -93.59
C SER QA 86 7.81 13.24 -92.21
N PRO QA 87 7.62 12.08 -91.59
CA PRO QA 87 8.11 11.86 -90.23
C PRO QA 87 9.60 11.60 -90.21
N LYS QA 88 10.13 11.41 -89.00
CA LYS QA 88 11.54 11.10 -88.80
C LYS QA 88 11.78 9.61 -89.02
N ASP QA 89 13.07 9.25 -89.10
CA ASP QA 89 13.44 7.86 -89.34
C ASP QA 89 13.07 6.97 -88.16
N ASP QA 90 13.24 7.48 -86.94
CA ASP QA 90 12.91 6.69 -85.76
C ASP QA 90 11.42 6.36 -85.72
N ILE QA 91 10.58 7.33 -86.06
CA ILE QA 91 9.14 7.12 -86.07
C ILE QA 91 8.77 6.06 -87.11
N ILE QA 92 9.39 6.14 -88.29
CA ILE QA 92 9.11 5.16 -89.34
C ILE QA 92 9.54 3.77 -88.88
N LYS QA 93 10.70 3.66 -88.24
CA LYS QA 93 11.15 2.37 -87.75
C LYS QA 93 10.21 1.81 -86.70
N SER QA 94 9.74 2.65 -85.78
CA SER QA 94 8.80 2.19 -84.77
C SER QA 94 7.48 1.75 -85.40
N TYR QA 95 7.01 2.49 -86.40
CA TYR QA 95 5.78 2.13 -87.10
C TYR QA 95 5.93 0.78 -87.80
N GLU QA 96 7.06 0.57 -88.48
CA GLU QA 96 7.30 -0.71 -89.14
C GLU QA 96 7.34 -1.86 -88.12
N SER QA 97 8.04 -1.65 -87.00
CA SER QA 97 8.12 -2.69 -85.99
C SER QA 97 6.75 -3.02 -85.42
N HIS QA 98 5.94 -1.98 -85.15
CA HIS QA 98 4.60 -2.19 -84.63
C HIS QA 98 3.74 -2.99 -85.60
N THR QA 99 3.76 -2.62 -86.88
CA THR QA 99 2.96 -3.35 -87.86
C THR QA 99 3.42 -4.80 -87.97
N ARG QA 100 4.73 -5.03 -88.01
CA ARG QA 100 5.25 -6.39 -88.12
C ARG QA 100 4.84 -7.22 -86.90
N VAL QA 101 4.93 -6.65 -85.70
CA VAL QA 101 4.53 -7.37 -84.50
C VAL QA 101 3.06 -7.72 -84.54
N LEU QA 102 2.22 -6.78 -84.97
CA LEU QA 102 0.79 -7.04 -85.06
C LEU QA 102 0.49 -8.16 -86.05
N GLU QA 103 1.15 -8.14 -87.20
CA GLU QA 103 0.91 -9.19 -88.19
C GLU QA 103 1.37 -10.55 -87.69
N ASN QA 104 2.51 -10.59 -86.98
CA ASN QA 104 2.99 -11.84 -86.42
C ASN QA 104 2.01 -12.37 -85.37
N LYS QA 105 1.47 -11.48 -84.53
CA LYS QA 105 0.47 -11.91 -83.56
C LYS QA 105 -0.77 -12.47 -84.25
N GLN QA 106 -1.20 -11.82 -85.34
CA GLN QA 106 -2.38 -12.30 -86.06
C GLN QA 106 -2.15 -13.69 -86.64
N VAL QA 107 -0.99 -13.90 -87.26
CA VAL QA 107 -0.75 -15.21 -87.88
C VAL QA 107 -0.60 -16.29 -86.81
N GLU QA 108 0.03 -15.94 -85.68
CA GLU QA 108 0.13 -16.91 -84.58
C GLU QA 108 -1.26 -17.29 -84.05
N GLU QA 109 -2.13 -16.30 -83.90
CA GLU QA 109 -3.50 -16.60 -83.45
C GLU QA 109 -4.24 -17.46 -84.46
N ILE QA 110 -4.02 -17.21 -85.75
CA ILE QA 110 -4.67 -18.04 -86.77
C ILE QA 110 -4.20 -19.48 -86.66
N LEU QA 111 -2.89 -19.69 -86.47
CA LEU QA 111 -2.38 -21.05 -86.32
C LEU QA 111 -2.94 -21.72 -85.08
N ARG QA 112 -3.01 -20.98 -83.97
CA ARG QA 112 -3.57 -21.54 -82.74
C ARG QA 112 -5.01 -21.97 -82.95
N LEU QA 113 -5.80 -21.13 -83.64
CA LEU QA 113 -7.18 -21.49 -83.91
C LEU QA 113 -7.29 -22.70 -84.83
N GLU QA 114 -6.40 -22.79 -85.81
CA GLU QA 114 -6.34 -23.99 -86.65
C GLU QA 114 -6.19 -25.24 -85.80
N LYS QA 115 -5.19 -25.23 -84.92
CA LYS QA 115 -4.94 -26.41 -84.09
C LYS QA 115 -6.12 -26.72 -83.19
N GLU QA 116 -6.70 -25.68 -82.58
CA GLU QA 116 -7.82 -25.90 -81.66
C GLU QA 116 -9.02 -26.49 -82.38
N ILE QA 117 -9.37 -25.94 -83.55
CA ILE QA 117 -10.54 -26.43 -84.25
C ILE QA 117 -10.31 -27.85 -84.75
N GLU QA 118 -9.09 -28.16 -85.19
CA GLU QA 118 -8.79 -29.52 -85.62
C GLU QA 118 -8.96 -30.51 -84.47
N ASP QA 119 -8.40 -30.17 -83.30
CA ASP QA 119 -8.51 -31.06 -82.15
C ASP QA 119 -9.98 -31.24 -81.75
N LEU QA 120 -10.74 -30.13 -81.70
CA LEU QA 120 -12.14 -30.22 -81.32
C LEU QA 120 -12.93 -31.07 -82.29
N GLN QA 121 -12.70 -30.89 -83.59
CA GLN QA 121 -13.42 -31.68 -84.58
C GLN QA 121 -13.10 -33.16 -84.45
N ARG QA 122 -11.82 -33.49 -84.25
CA ARG QA 122 -11.44 -34.89 -84.12
C ARG QA 122 -12.09 -35.53 -82.89
N MET QA 123 -12.05 -34.83 -81.75
CA MET QA 123 -12.62 -35.40 -80.54
C MET QA 123 -14.13 -35.51 -80.66
N LYS QA 124 -14.78 -34.53 -81.30
CA LYS QA 124 -16.22 -34.60 -81.52
C LYS QA 124 -16.58 -35.78 -82.41
N GLU QA 125 -15.81 -36.02 -83.46
CA GLU QA 125 -16.07 -37.18 -84.32
C GLU QA 125 -15.90 -38.48 -83.54
N GLN QA 126 -14.87 -38.55 -82.70
CA GLN QA 126 -14.69 -39.73 -81.86
C GLN QA 126 -15.88 -39.96 -80.95
N GLN QA 127 -16.39 -38.88 -80.34
CA GLN QA 127 -17.58 -39.00 -79.50
C GLN QA 127 -18.78 -39.47 -80.30
N GLU QA 128 -18.95 -38.93 -81.52
CA GLU QA 128 -20.08 -39.32 -82.36
C GLU QA 128 -20.00 -40.78 -82.76
N LEU QA 129 -18.79 -41.32 -82.93
CA LEU QA 129 -18.65 -42.70 -83.38
C LEU QA 129 -19.26 -43.68 -82.39
N SER QA 130 -19.04 -43.48 -81.09
CA SER QA 130 -19.51 -44.41 -80.07
C SER QA 130 -20.91 -44.01 -79.60
N LEU QA 131 -21.87 -44.17 -80.50
CA LEU QA 131 -23.26 -43.81 -80.23
C LEU QA 131 -24.17 -45.01 -80.50
N THR QA 132 -25.45 -44.83 -80.20
CA THR QA 132 -26.48 -45.83 -80.40
C THR QA 132 -27.42 -45.36 -81.51
N GLU QA 133 -27.92 -46.30 -82.31
CA GLU QA 133 -28.75 -45.97 -83.46
C GLU QA 133 -29.94 -45.10 -83.07
N ALA QA 134 -30.66 -45.50 -82.02
CA ALA QA 134 -31.80 -44.71 -81.56
C ALA QA 134 -31.34 -43.33 -81.09
N SER QA 135 -30.21 -43.28 -80.38
CA SER QA 135 -29.66 -42.00 -79.95
C SER QA 135 -29.26 -41.15 -81.15
N LEU QA 136 -28.73 -41.77 -82.21
CA LEU QA 136 -28.38 -41.04 -83.41
C LEU QA 136 -29.62 -40.45 -84.09
N GLN QA 137 -30.70 -41.23 -84.15
CA GLN QA 137 -31.94 -40.71 -84.72
C GLN QA 137 -32.48 -39.55 -83.88
N LYS QA 138 -32.43 -39.69 -82.55
CA LYS QA 138 -32.89 -38.61 -81.68
C LYS QA 138 -32.03 -37.36 -81.86
N LEU QA 139 -30.72 -37.55 -82.01
CA LEU QA 139 -29.83 -36.43 -82.29
C LEU QA 139 -30.18 -35.74 -83.59
N GLN QA 140 -30.46 -36.52 -84.64
CA GLN QA 140 -30.83 -35.93 -85.92
C GLN QA 140 -32.11 -35.11 -85.80
N GLU QA 141 -33.13 -35.67 -85.14
CA GLU QA 141 -34.38 -34.93 -84.96
C GLU QA 141 -34.17 -33.68 -84.12
N ARG QA 142 -33.35 -33.78 -83.07
CA ARG QA 142 -33.10 -32.62 -82.22
C ARG QA 142 -32.37 -31.53 -82.98
N ARG QA 143 -31.39 -31.89 -83.80
CA ARG QA 143 -30.69 -30.90 -84.62
C ARG QA 143 -31.63 -30.26 -85.63
N ASP QA 144 -32.52 -31.05 -86.22
CA ASP QA 144 -33.51 -30.48 -87.13
C ASP QA 144 -34.41 -29.49 -86.42
N GLN QA 145 -34.82 -29.80 -85.18
CA GLN QA 145 -35.62 -28.86 -84.41
C GLN QA 145 -34.82 -27.61 -84.06
N GLU QA 146 -33.53 -27.79 -83.75
CA GLU QA 146 -32.65 -26.65 -83.49
C GLU QA 146 -32.62 -25.70 -84.67
N LEU QA 147 -32.38 -26.22 -85.87
CA LEU QA 147 -32.32 -25.37 -87.06
C LEU QA 147 -33.69 -24.80 -87.43
N ARG QA 148 -34.77 -25.33 -86.87
CA ARG QA 148 -36.11 -24.85 -87.18
C ARG QA 148 -36.36 -23.49 -86.52
N ASN RA 16 -80.53 -42.46 -39.21
CA ASN RA 16 -80.67 -41.16 -39.86
C ASN RA 16 -79.81 -40.10 -39.17
N ILE RA 17 -78.50 -40.35 -39.14
CA ILE RA 17 -77.57 -39.41 -38.54
C ILE RA 17 -77.51 -38.16 -39.40
N LYS RA 18 -77.79 -37.01 -38.79
CA LYS RA 18 -77.82 -35.75 -39.50
C LYS RA 18 -77.31 -34.62 -38.61
N ILE RA 19 -76.92 -33.53 -39.26
CA ILE RA 19 -76.44 -32.32 -38.60
C ILE RA 19 -77.56 -31.28 -38.59
N MET RA 20 -77.73 -30.65 -37.43
CA MET RA 20 -78.79 -29.70 -37.13
C MET RA 20 -78.13 -28.36 -36.83
N ARG RA 21 -78.64 -27.30 -37.45
CA ARG RA 21 -78.23 -25.93 -37.13
C ARG RA 21 -79.37 -25.27 -36.36
N LEU RA 22 -79.11 -24.92 -35.12
CA LEU RA 22 -80.09 -24.26 -34.27
C LEU RA 22 -80.02 -22.75 -34.43
N VAL RA 23 -81.07 -22.07 -33.96
CA VAL RA 23 -81.12 -20.61 -34.06
C VAL RA 23 -80.04 -19.97 -33.22
N THR RA 24 -79.59 -20.63 -32.16
CA THR RA 24 -78.57 -20.07 -31.29
C THR RA 24 -77.16 -20.47 -31.76
N CYS RA 25 -76.90 -20.25 -33.05
CA CYS RA 25 -75.61 -20.49 -33.69
C CYS RA 25 -74.92 -21.76 -33.15
N GLU RA 26 -75.66 -22.86 -33.23
CA GLU RA 26 -75.21 -24.13 -32.68
C GLU RA 26 -75.32 -25.23 -33.74
N ASP RA 27 -74.31 -26.08 -33.81
CA ASP RA 27 -74.29 -27.23 -34.71
C ASP RA 27 -74.26 -28.50 -33.88
N ILE RA 28 -75.28 -29.35 -34.06
CA ILE RA 28 -75.42 -30.56 -33.27
C ILE RA 28 -75.72 -31.74 -34.19
N ILE RA 29 -74.98 -32.83 -34.05
CA ILE RA 29 -75.19 -34.03 -34.85
C ILE RA 29 -75.94 -35.05 -34.00
N GLY RA 30 -76.87 -35.77 -34.64
CA GLY RA 30 -77.61 -36.78 -33.91
C GLY RA 30 -78.53 -37.54 -34.84
N ASN RA 31 -79.16 -38.57 -34.30
CA ASN RA 31 -80.10 -39.39 -35.04
C ASN RA 31 -81.48 -38.73 -34.92
N ILE RA 32 -82.01 -38.25 -36.04
CA ILE RA 32 -83.21 -37.44 -36.02
C ILE RA 32 -84.36 -38.19 -36.67
N SER RA 33 -85.57 -37.89 -36.21
CA SER RA 33 -86.81 -38.37 -36.79
C SER RA 33 -87.72 -37.17 -37.03
N GLU RA 34 -88.25 -37.07 -38.24
CA GLU RA 34 -88.96 -35.88 -38.69
C GLU RA 34 -90.46 -36.14 -38.71
N SER RA 35 -91.21 -35.24 -38.09
CA SER RA 35 -92.67 -35.26 -38.08
C SER RA 35 -93.18 -33.98 -38.74
N GLN RA 36 -94.50 -33.85 -38.84
CA GLN RA 36 -95.08 -32.76 -39.61
C GLN RA 36 -94.73 -31.39 -39.02
N GLY RA 37 -94.69 -31.28 -37.69
CA GLY RA 37 -94.45 -30.00 -37.08
C GLY RA 37 -93.21 -29.95 -36.18
N LEU RA 38 -92.84 -31.09 -35.62
CA LEU RA 38 -91.75 -31.18 -34.68
C LEU RA 38 -90.84 -32.34 -35.06
N ILE RA 39 -89.61 -32.31 -34.55
CA ILE RA 39 -88.64 -33.37 -34.83
C ILE RA 39 -88.04 -33.85 -33.51
N THR RA 40 -87.70 -35.13 -33.47
CA THR RA 40 -87.07 -35.74 -32.32
C THR RA 40 -85.62 -36.06 -32.65
N ILE RA 41 -84.75 -35.95 -31.64
CA ILE RA 41 -83.33 -36.17 -31.82
C ILE RA 41 -82.81 -37.06 -30.70
N LYS RA 42 -81.90 -37.96 -31.04
CA LYS RA 42 -81.26 -38.85 -30.08
C LYS RA 42 -79.76 -38.76 -30.23
N LYS RA 43 -79.07 -38.83 -29.09
CA LYS RA 43 -77.61 -38.79 -29.02
C LYS RA 43 -77.05 -37.53 -29.70
N ALA RA 44 -77.63 -36.39 -29.34
CA ALA RA 44 -77.16 -35.12 -29.88
C ALA RA 44 -75.78 -34.79 -29.32
N PHE RA 45 -74.96 -34.13 -30.14
CA PHE RA 45 -73.62 -33.73 -29.73
C PHE RA 45 -73.27 -32.42 -30.40
N VAL RA 46 -72.93 -31.42 -29.58
CA VAL RA 46 -72.44 -30.15 -30.10
C VAL RA 46 -71.02 -30.33 -30.62
N ILE RA 47 -70.71 -29.62 -31.70
CA ILE RA 47 -69.42 -29.70 -32.38
C ILE RA 47 -68.67 -28.41 -32.09
N ILE RA 48 -67.48 -28.55 -31.50
CA ILE RA 48 -66.59 -27.42 -31.19
C ILE RA 48 -65.40 -27.52 -32.12
N PRO RA 49 -65.17 -26.52 -32.99
CA PRO RA 49 -64.03 -26.50 -33.92
C PRO RA 49 -62.70 -26.35 -33.20
N LEU RA 60 -61.80 -31.53 -34.47
CA LEU RA 60 -63.15 -31.31 -33.96
C LEU RA 60 -63.33 -31.94 -32.59
N VAL RA 61 -64.24 -31.38 -31.79
CA VAL RA 61 -64.54 -31.88 -30.46
C VAL RA 61 -66.05 -32.11 -30.37
N LEU RA 62 -66.44 -33.26 -29.84
CA LEU RA 62 -67.85 -33.60 -29.64
C LEU RA 62 -68.18 -33.49 -28.16
N CYS RA 63 -69.23 -32.74 -27.84
CA CYS RA 63 -69.65 -32.56 -26.46
C CYS RA 63 -71.12 -32.92 -26.31
N PRO RA 64 -71.51 -33.52 -25.19
CA PRO RA 64 -72.94 -33.81 -24.98
C PRO RA 64 -73.76 -32.53 -25.03
N TRP RA 65 -74.90 -32.60 -25.73
CA TRP RA 65 -75.73 -31.42 -25.92
C TRP RA 65 -76.44 -31.02 -24.63
N GLN RA 66 -77.02 -32.00 -23.93
CA GLN RA 66 -77.81 -31.75 -22.73
C GLN RA 66 -77.30 -32.64 -21.62
N PRO RA 67 -76.19 -32.27 -20.98
CA PRO RA 67 -75.65 -33.10 -19.89
C PRO RA 67 -76.35 -32.82 -18.57
N TYR RA 68 -77.68 -32.72 -18.61
CA TYR RA 68 -78.49 -32.51 -17.42
C TYR RA 68 -79.71 -33.40 -17.35
N THR RA 69 -80.05 -34.11 -18.42
CA THR RA 69 -81.24 -34.96 -18.46
C THR RA 69 -80.85 -36.40 -18.80
N ASP RA 70 -81.70 -37.32 -18.38
CA ASP RA 70 -81.54 -38.73 -18.67
C ASP RA 70 -82.47 -39.23 -19.77
N ASP RA 71 -83.19 -38.31 -20.42
CA ASP RA 71 -84.13 -38.70 -21.46
C ASP RA 71 -83.39 -39.25 -22.67
N LYS RA 72 -83.97 -40.28 -23.30
CA LYS RA 72 -83.34 -40.88 -24.46
C LYS RA 72 -83.44 -39.99 -25.68
N GLU RA 73 -84.56 -39.29 -25.85
CA GLU RA 73 -84.79 -38.45 -27.02
C GLU RA 73 -85.30 -37.08 -26.59
N ILE RA 74 -85.01 -36.07 -27.41
CA ILE RA 74 -85.42 -34.70 -27.16
C ILE RA 74 -86.26 -34.22 -28.33
N VAL RA 75 -87.43 -33.66 -28.04
CA VAL RA 75 -88.33 -33.13 -29.05
C VAL RA 75 -88.10 -31.64 -29.20
N ILE RA 76 -88.22 -31.12 -30.43
CA ILE RA 76 -87.98 -29.72 -30.69
C ILE RA 76 -88.81 -29.29 -31.89
N ASP RA 77 -89.38 -28.09 -31.81
CA ASP RA 77 -90.20 -27.56 -32.89
C ASP RA 77 -89.34 -27.24 -34.10
N ASP RA 78 -89.94 -27.39 -35.29
CA ASP RA 78 -89.23 -27.12 -36.53
C ASP RA 78 -89.05 -25.64 -36.82
N SER RA 79 -89.76 -24.76 -36.11
CA SER RA 79 -89.61 -23.33 -36.34
C SER RA 79 -88.26 -22.81 -35.87
N LYS RA 80 -87.57 -23.55 -35.01
CA LYS RA 80 -86.24 -23.19 -34.54
C LYS RA 80 -85.13 -23.86 -35.35
N VAL RA 81 -85.43 -24.26 -36.58
CA VAL RA 81 -84.50 -24.97 -37.45
C VAL RA 81 -83.94 -23.99 -38.46
N ILE RA 82 -82.62 -24.02 -38.64
CA ILE RA 82 -81.97 -23.21 -39.66
C ILE RA 82 -81.68 -24.10 -40.86
N THR RA 83 -80.85 -25.13 -40.66
CA THR RA 83 -80.52 -26.09 -41.71
C THR RA 83 -80.47 -27.50 -41.15
N ILE RA 84 -80.96 -28.45 -41.95
CA ILE RA 84 -80.77 -29.87 -41.71
C ILE RA 84 -79.89 -30.40 -42.84
N THR RA 85 -78.91 -31.23 -42.50
CA THR RA 85 -78.01 -31.71 -43.55
C THR RA 85 -77.45 -33.08 -43.20
N SER RA 86 -76.92 -33.74 -44.22
CA SER RA 86 -76.30 -35.05 -44.06
C SER RA 86 -74.80 -34.88 -43.90
N PRO RA 87 -74.19 -35.40 -42.84
CA PRO RA 87 -72.76 -35.18 -42.61
C PRO RA 87 -71.90 -36.08 -43.50
N LYS RA 88 -70.59 -35.92 -43.36
CA LYS RA 88 -69.63 -36.72 -44.10
C LYS RA 88 -69.44 -38.08 -43.42
N ASP RA 89 -68.77 -38.99 -44.12
CA ASP RA 89 -68.55 -40.33 -43.59
C ASP RA 89 -67.60 -40.30 -42.39
N ASP RA 90 -66.58 -39.44 -42.43
CA ASP RA 90 -65.65 -39.36 -41.32
C ASP RA 90 -66.34 -38.90 -40.05
N ILE RA 91 -67.23 -37.92 -40.17
CA ILE RA 91 -67.97 -37.42 -39.01
C ILE RA 91 -68.86 -38.52 -38.43
N ILE RA 92 -69.53 -39.27 -39.31
CA ILE RA 92 -70.38 -40.36 -38.84
C ILE RA 92 -69.55 -41.41 -38.11
N LYS RA 93 -68.38 -41.76 -38.67
CA LYS RA 93 -67.51 -42.73 -38.03
C LYS RA 93 -67.06 -42.25 -36.65
N SER RA 94 -66.67 -40.97 -36.56
CA SER RA 94 -66.25 -40.43 -35.26
C SER RA 94 -67.40 -40.44 -34.27
N TYR RA 95 -68.61 -40.09 -34.72
CA TYR RA 95 -69.78 -40.11 -33.86
C TYR RA 95 -70.07 -41.52 -33.34
N GLU RA 96 -69.99 -42.52 -34.23
CA GLU RA 96 -70.19 -43.91 -33.81
C GLU RA 96 -69.14 -44.34 -32.81
N SER RA 97 -67.87 -44.00 -33.06
CA SER RA 97 -66.81 -44.38 -32.13
C SER RA 97 -67.02 -43.72 -30.77
N HIS RA 98 -67.39 -42.44 -30.76
CA HIS RA 98 -67.63 -41.74 -29.51
C HIS RA 98 -68.77 -42.39 -28.71
N THR RA 99 -69.88 -42.68 -29.38
CA THR RA 99 -71.00 -43.31 -28.67
C THR RA 99 -70.61 -44.69 -28.13
N ARG RA 100 -69.91 -45.49 -28.94
CA ARG RA 100 -69.49 -46.81 -28.48
C ARG RA 100 -68.57 -46.72 -27.27
N VAL RA 101 -67.62 -45.79 -27.31
CA VAL RA 101 -66.71 -45.61 -26.17
C VAL RA 101 -67.47 -45.21 -24.93
N LEU RA 102 -68.42 -44.29 -25.06
CA LEU RA 102 -69.20 -43.86 -23.92
C LEU RA 102 -70.00 -45.02 -23.32
N GLU RA 103 -70.62 -45.83 -24.17
CA GLU RA 103 -71.40 -46.95 -23.67
C GLU RA 103 -70.50 -47.99 -22.98
N ASN RA 104 -69.31 -48.23 -23.54
CA ASN RA 104 -68.39 -49.15 -22.91
C ASN RA 104 -67.94 -48.63 -21.55
N LYS RA 105 -67.68 -47.34 -21.44
CA LYS RA 105 -67.32 -46.75 -20.16
C LYS RA 105 -68.46 -46.92 -19.15
N GLN RA 106 -69.70 -46.70 -19.60
CA GLN RA 106 -70.85 -46.83 -18.71
C GLN RA 106 -70.98 -48.26 -18.19
N VAL RA 107 -70.85 -49.25 -19.07
CA VAL RA 107 -71.02 -50.64 -18.64
C VAL RA 107 -69.87 -51.05 -17.72
N GLU RA 108 -68.65 -50.57 -18.00
CA GLU RA 108 -67.53 -50.87 -17.11
C GLU RA 108 -67.75 -50.27 -15.73
N GLU RA 109 -68.27 -49.03 -15.67
CA GLU RA 109 -68.55 -48.42 -14.38
C GLU RA 109 -69.64 -49.20 -13.64
N ILE RA 110 -70.65 -49.68 -14.36
CA ILE RA 110 -71.70 -50.47 -13.72
C ILE RA 110 -71.13 -51.74 -13.12
N LEU RA 111 -70.24 -52.42 -13.85
CA LEU RA 111 -69.61 -53.63 -13.32
C LEU RA 111 -68.77 -53.32 -12.09
N ARG RA 112 -68.00 -52.23 -12.14
CA ARG RA 112 -67.18 -51.84 -10.99
C ARG RA 112 -68.06 -51.59 -9.77
N LEU RA 113 -69.18 -50.90 -9.96
CA LEU RA 113 -70.08 -50.64 -8.85
C LEU RA 113 -70.69 -51.92 -8.32
N GLU RA 114 -71.04 -52.85 -9.21
CA GLU RA 114 -71.51 -54.16 -8.78
C GLU RA 114 -70.51 -54.82 -7.83
N LYS RA 115 -69.25 -54.88 -8.26
CA LYS RA 115 -68.23 -55.53 -7.43
C LYS RA 115 -68.06 -54.80 -6.10
N GLU RA 116 -68.02 -53.47 -6.13
CA GLU RA 116 -67.81 -52.70 -4.91
C GLU RA 116 -68.95 -52.90 -3.92
N ILE RA 117 -70.20 -52.85 -4.40
CA ILE RA 117 -71.33 -53.00 -3.49
C ILE RA 117 -71.39 -54.41 -2.93
N GLU RA 118 -71.05 -55.42 -3.75
CA GLU RA 118 -71.03 -56.79 -3.24
C GLU RA 118 -70.00 -56.94 -2.13
N ASP RA 119 -68.78 -56.42 -2.36
CA ASP RA 119 -67.74 -56.53 -1.35
C ASP RA 119 -68.15 -55.80 -0.07
N LEU RA 120 -68.69 -54.59 -0.21
CA LEU RA 120 -69.10 -53.82 0.96
C LEU RA 120 -70.19 -54.53 1.75
N GLN RA 121 -71.18 -55.09 1.05
CA GLN RA 121 -72.26 -55.80 1.73
C GLN RA 121 -71.73 -57.03 2.46
N ARG RA 122 -70.83 -57.79 1.83
CA ARG RA 122 -70.28 -58.97 2.48
C ARG RA 122 -69.51 -58.60 3.74
N MET RA 123 -68.65 -57.58 3.65
CA MET RA 123 -67.85 -57.20 4.81
C MET RA 123 -68.73 -56.63 5.90
N LYS RA 124 -69.77 -55.88 5.54
CA LYS RA 124 -70.70 -55.35 6.53
C LYS RA 124 -71.44 -56.47 7.25
N GLU RA 125 -71.87 -57.50 6.50
CA GLU RA 125 -72.53 -58.63 7.14
C GLU RA 125 -71.58 -59.36 8.07
N GLN RA 126 -70.32 -59.52 7.66
CA GLN RA 126 -69.33 -60.13 8.55
C GLN RA 126 -69.16 -59.33 9.84
N GLN RA 127 -69.11 -58.00 9.72
CA GLN RA 127 -69.01 -57.16 10.91
C GLN RA 127 -70.25 -57.31 11.79
N GLU RA 128 -71.43 -57.38 11.18
CA GLU RA 128 -72.66 -57.53 11.95
C GLU RA 128 -72.72 -58.86 12.68
N LEU RA 129 -72.12 -59.91 12.10
CA LEU RA 129 -72.21 -61.23 12.71
C LEU RA 129 -71.54 -61.25 14.09
N SER RA 130 -70.38 -60.61 14.22
CA SER RA 130 -69.62 -60.64 15.48
C SER RA 130 -70.04 -59.48 16.37
N LEU RA 131 -71.27 -59.54 16.85
CA LEU RA 131 -71.84 -58.51 17.71
C LEU RA 131 -72.35 -59.12 19.01
N THR RA 132 -72.80 -58.26 19.90
CA THR RA 132 -73.35 -58.63 21.20
C THR RA 132 -74.84 -58.33 21.20
N GLU RA 133 -75.61 -59.17 21.89
CA GLU RA 133 -77.07 -59.05 21.88
C GLU RA 133 -77.52 -57.65 22.32
N ALA RA 134 -76.97 -57.15 23.43
CA ALA RA 134 -77.31 -55.80 23.88
C ALA RA 134 -76.90 -54.76 22.85
N SER RA 135 -75.72 -54.93 22.25
CA SER RA 135 -75.29 -54.02 21.19
C SER RA 135 -76.22 -54.10 19.99
N LEU RA 136 -76.71 -55.29 19.67
CA LEU RA 136 -77.66 -55.43 18.56
C LEU RA 136 -78.96 -54.71 18.86
N GLN RA 137 -79.46 -54.83 20.08
CA GLN RA 137 -80.67 -54.10 20.46
C GLN RA 137 -80.45 -52.59 20.39
N LYS RA 138 -79.31 -52.12 20.88
CA LYS RA 138 -78.99 -50.70 20.80
C LYS RA 138 -78.90 -50.24 19.36
N LEU RA 139 -78.30 -51.06 18.50
CA LEU RA 139 -78.24 -50.74 17.07
C LEU RA 139 -79.63 -50.63 16.47
N GLN RA 140 -80.52 -51.56 16.81
CA GLN RA 140 -81.87 -51.52 16.28
C GLN RA 140 -82.59 -50.25 16.72
N GLU RA 141 -82.49 -49.90 18.00
CA GLU RA 141 -83.13 -48.68 18.50
C GLU RA 141 -82.52 -47.44 17.83
N ARG RA 142 -81.20 -47.42 17.66
CA ARG RA 142 -80.55 -46.28 17.03
C ARG RA 142 -80.97 -46.12 15.58
N ARG RA 143 -81.08 -47.23 14.85
CA ARG RA 143 -81.55 -47.16 13.47
C ARG RA 143 -82.99 -46.68 13.40
N ASP RA 144 -83.84 -47.14 14.33
CA ASP RA 144 -85.21 -46.65 14.38
C ASP RA 144 -85.26 -45.16 14.63
N GLN RA 145 -84.39 -44.66 15.51
CA GLN RA 145 -84.33 -43.21 15.75
C GLN RA 145 -83.82 -42.49 14.51
N GLU RA 146 -82.85 -43.08 13.81
CA GLU RA 146 -82.35 -42.50 12.56
C GLU RA 146 -83.48 -42.31 11.56
N LEU RA 147 -84.26 -43.37 11.33
CA LEU RA 147 -85.36 -43.28 10.37
C LEU RA 147 -86.50 -42.38 10.86
N ARG RA 148 -86.51 -42.03 12.14
CA ARG RA 148 -87.55 -41.18 12.69
C ARG RA 148 -87.37 -39.73 12.23
N ASN SA 16 -68.23 -12.37 70.82
CA ASN SA 16 -69.05 -11.59 69.91
C ASN SA 16 -68.21 -10.90 68.86
N ILE SA 17 -67.45 -11.68 68.09
CA ILE SA 17 -66.60 -11.14 67.04
C ILE SA 17 -67.50 -10.58 65.94
N LYS SA 18 -67.33 -9.30 65.62
CA LYS SA 18 -68.15 -8.64 64.62
C LYS SA 18 -67.32 -7.63 63.84
N ILE SA 19 -67.83 -7.27 62.67
CA ILE SA 19 -67.23 -6.28 61.79
C ILE SA 19 -67.99 -4.96 61.94
N MET SA 20 -67.21 -3.88 62.05
CA MET SA 20 -67.68 -2.53 62.30
C MET SA 20 -67.31 -1.67 61.09
N ARG SA 21 -68.27 -0.90 60.58
CA ARG SA 21 -68.01 0.09 59.55
C ARG SA 21 -68.09 1.47 60.18
N LEU SA 22 -66.97 2.18 60.19
CA LEU SA 22 -66.89 3.51 60.75
C LEU SA 22 -67.24 4.56 59.70
N VAL SA 23 -67.52 5.77 60.17
CA VAL SA 23 -67.87 6.86 59.27
C VAL SA 23 -66.71 7.23 58.36
N THR SA 24 -65.48 6.99 58.81
CA THR SA 24 -64.29 7.33 58.02
C THR SA 24 -63.88 6.17 57.11
N CYS SA 25 -64.84 5.63 56.38
CA CYS SA 25 -64.65 4.55 55.40
C CYS SA 25 -63.64 3.52 55.88
N GLU SA 26 -63.91 2.98 57.07
CA GLU SA 26 -63.01 2.04 57.72
C GLU SA 26 -63.77 0.79 58.15
N ASP SA 27 -63.15 -0.37 57.94
CA ASP SA 27 -63.70 -1.65 58.34
C ASP SA 27 -62.79 -2.26 59.40
N ILE SA 28 -63.33 -2.52 60.59
CA ILE SA 28 -62.54 -3.03 61.71
C ILE SA 28 -63.28 -4.20 62.35
N ILE SA 29 -62.59 -5.31 62.56
CA ILE SA 29 -63.16 -6.48 63.19
C ILE SA 29 -62.69 -6.54 64.63
N GLY SA 30 -63.58 -6.93 65.54
CA GLY SA 30 -63.21 -7.02 66.94
C GLY SA 30 -64.35 -7.59 67.76
N ASN SA 31 -64.05 -7.84 69.03
CA ASN SA 31 -65.04 -8.36 69.98
C ASN SA 31 -65.77 -7.17 70.57
N ILE SA 32 -67.07 -7.06 70.28
CA ILE SA 32 -67.83 -5.86 70.63
C ILE SA 32 -68.85 -6.19 71.70
N SER SA 33 -69.16 -5.18 72.52
CA SER SA 33 -70.21 -5.23 73.52
C SER SA 33 -71.09 -4.01 73.33
N GLU SA 34 -72.40 -4.22 73.24
CA GLU SA 34 -73.35 -3.19 72.86
C GLU SA 34 -74.11 -2.69 74.08
N SER SA 35 -74.14 -1.38 74.25
CA SER SA 35 -74.90 -0.72 75.30
C SER SA 35 -75.93 0.21 74.65
N GLN SA 36 -76.74 0.88 75.47
CA GLN SA 36 -77.87 1.64 74.95
C GLN SA 36 -77.42 2.77 74.03
N GLY SA 37 -76.31 3.44 74.37
CA GLY SA 37 -75.87 4.58 73.59
C GLY SA 37 -74.49 4.45 72.98
N LEU SA 38 -73.64 3.65 73.62
CA LEU SA 38 -72.25 3.49 73.20
C LEU SA 38 -71.90 2.02 73.16
N ILE SA 39 -70.83 1.69 72.44
CA ILE SA 39 -70.37 0.31 72.32
C ILE SA 39 -68.88 0.25 72.63
N THR SA 40 -68.46 -0.87 73.20
CA THR SA 40 -67.07 -1.11 73.51
C THR SA 40 -66.51 -2.18 72.57
N ILE SA 41 -65.24 -2.04 72.22
CA ILE SA 41 -64.60 -2.96 71.28
C ILE SA 41 -63.24 -3.37 71.85
N LYS SA 42 -62.90 -4.64 71.66
CA LYS SA 42 -61.61 -5.19 72.08
C LYS SA 42 -60.95 -5.88 70.89
N LYS SA 43 -59.63 -5.74 70.82
CA LYS SA 43 -58.81 -6.36 69.79
C LYS SA 43 -59.29 -5.98 68.39
N ALA SA 44 -59.49 -4.67 68.20
CA ALA SA 44 -59.90 -4.17 66.90
C ALA SA 44 -58.75 -4.30 65.89
N PHE SA 45 -59.11 -4.56 64.64
CA PHE SA 45 -58.13 -4.70 63.58
C PHE SA 45 -58.70 -4.16 62.27
N VAL SA 46 -58.01 -3.18 61.68
CA VAL SA 46 -58.40 -2.68 60.37
C VAL SA 46 -58.06 -3.71 59.31
N ILE SA 47 -58.91 -3.80 58.29
CA ILE SA 47 -58.77 -4.76 57.20
C ILE SA 47 -58.35 -4.02 55.96
N ILE SA 48 -57.21 -4.40 55.40
CA ILE SA 48 -56.66 -3.82 54.17
C ILE SA 48 -56.79 -4.86 53.07
N PRO SA 49 -57.56 -4.60 52.00
CA PRO SA 49 -57.74 -5.53 50.89
C PRO SA 49 -56.46 -5.73 50.08
N LEU SA 60 -56.18 -10.64 52.27
CA LEU SA 60 -56.51 -9.62 53.25
C LEU SA 60 -55.36 -9.41 54.23
N VAL SA 61 -55.27 -8.21 54.78
CA VAL SA 61 -54.24 -7.85 55.74
C VAL SA 61 -54.92 -7.27 56.98
N LEU SA 62 -54.50 -7.74 58.16
CA LEU SA 62 -55.02 -7.24 59.42
C LEU SA 62 -53.97 -6.35 60.07
N CYS SA 63 -54.40 -5.14 60.46
CA CYS SA 63 -53.50 -4.18 61.08
C CYS SA 63 -54.09 -3.70 62.40
N PRO SA 64 -53.27 -3.48 63.42
CA PRO SA 64 -53.80 -2.94 64.67
C PRO SA 64 -54.49 -1.61 64.46
N TRP SA 65 -55.66 -1.44 65.08
CA TRP SA 65 -56.45 -0.24 64.86
C TRP SA 65 -55.83 0.97 65.54
N GLN SA 66 -55.38 0.82 66.78
CA GLN SA 66 -54.84 1.91 67.58
C GLN SA 66 -53.50 1.49 68.14
N PRO SA 67 -52.44 1.54 67.33
CA PRO SA 67 -51.12 1.15 67.83
C PRO SA 67 -50.43 2.28 68.58
N TYR SA 68 -51.18 2.95 69.44
CA TYR SA 68 -50.66 4.03 70.27
C TYR SA 68 -51.10 3.95 71.72
N THR SA 69 -52.06 3.09 72.06
CA THR SA 69 -52.58 2.98 73.41
C THR SA 69 -52.41 1.55 73.92
N ASP SA 70 -52.37 1.43 75.25
CA ASP SA 70 -52.28 0.14 75.91
C ASP SA 70 -53.62 -0.28 76.52
N ASP SA 71 -54.69 0.46 76.25
CA ASP SA 71 -55.98 0.13 76.82
C ASP SA 71 -56.51 -1.18 76.24
N LYS SA 72 -57.17 -1.96 77.09
CA LYS SA 72 -57.71 -3.25 76.65
C LYS SA 72 -58.92 -3.07 75.76
N GLU SA 73 -59.76 -2.08 76.06
CA GLU SA 73 -60.99 -1.86 75.31
C GLU SA 73 -61.13 -0.39 74.96
N ILE SA 74 -61.84 -0.12 73.87
CA ILE SA 74 -62.07 1.23 73.37
C ILE SA 74 -63.57 1.45 73.29
N VAL SA 75 -64.03 2.57 73.85
CA VAL SA 75 -65.45 2.94 73.84
C VAL SA 75 -65.69 3.90 72.68
N ILE SA 76 -66.86 3.80 72.05
CA ILE SA 76 -67.18 4.64 70.91
C ILE SA 76 -68.70 4.81 70.84
N ASP SA 77 -69.13 6.02 70.53
CA ASP SA 77 -70.54 6.34 70.42
C ASP SA 77 -71.16 5.63 69.22
N ASP SA 78 -72.43 5.27 69.35
CA ASP SA 78 -73.14 4.58 68.27
C ASP SA 78 -73.53 5.51 67.13
N SER SA 79 -73.46 6.82 67.32
CA SER SA 79 -73.80 7.74 66.24
C SER SA 79 -72.78 7.71 65.11
N LYS SA 80 -71.58 7.20 65.36
CA LYS SA 80 -70.55 7.08 64.34
C LYS SA 80 -70.52 5.69 63.73
N VAL SA 81 -71.64 4.97 63.77
CA VAL SA 81 -71.76 3.60 63.28
C VAL SA 81 -72.46 3.64 61.94
N ILE SA 82 -71.91 2.92 60.96
CA ILE SA 82 -72.54 2.78 59.66
C ILE SA 82 -73.23 1.42 59.62
N THR SA 83 -72.46 0.34 59.75
CA THR SA 83 -73.01 -1.01 59.77
C THR SA 83 -72.28 -1.87 60.80
N ILE SA 84 -73.04 -2.72 61.47
CA ILE SA 84 -72.52 -3.79 62.31
C ILE SA 84 -72.90 -5.10 61.65
N THR SA 85 -71.96 -6.04 61.59
CA THR SA 85 -72.28 -7.29 60.90
C THR SA 85 -71.47 -8.44 61.48
N SER SA 86 -71.93 -9.66 61.18
CA SER SA 86 -71.25 -10.87 61.61
C SER SA 86 -70.36 -11.38 60.50
N PRO SA 87 -69.06 -11.57 60.73
CA PRO SA 87 -68.15 -11.97 59.66
C PRO SA 87 -68.29 -13.45 59.32
N LYS SA 88 -67.50 -13.88 58.34
CA LYS SA 88 -67.47 -15.27 57.93
C LYS SA 88 -66.58 -16.09 58.86
N ASP SA 89 -66.67 -17.42 58.72
CA ASP SA 89 -65.88 -18.29 59.57
C ASP SA 89 -64.39 -18.18 59.28
N ASP SA 90 -64.02 -18.03 58.01
CA ASP SA 90 -62.61 -17.90 57.65
C ASP SA 90 -62.01 -16.65 58.28
N ILE SA 91 -62.74 -15.54 58.25
CA ILE SA 91 -62.25 -14.30 58.83
C ILE SA 91 -62.05 -14.46 60.34
N ILE SA 92 -63.01 -15.12 61.01
CA ILE SA 92 -62.90 -15.35 62.45
C ILE SA 92 -61.68 -16.21 62.75
N LYS SA 93 -61.47 -17.26 61.95
CA LYS SA 93 -60.31 -18.12 62.16
C LYS SA 93 -59.01 -17.35 61.98
N SER SA 94 -58.92 -16.52 60.95
CA SER SA 94 -57.73 -15.72 60.73
C SER SA 94 -57.50 -14.73 61.87
N TYR SA 95 -58.57 -14.12 62.37
CA TYR SA 95 -58.47 -13.20 63.49
C TYR SA 95 -57.96 -13.91 64.74
N GLU SA 96 -58.50 -15.11 65.02
CA GLU SA 96 -58.03 -15.87 66.17
C GLU SA 96 -56.56 -16.25 66.03
N SER SA 97 -56.16 -16.70 64.84
CA SER SA 97 -54.76 -17.06 64.62
C SER SA 97 -53.84 -15.86 64.81
N HIS SA 98 -54.25 -14.71 64.28
CA HIS SA 98 -53.44 -13.49 64.41
C HIS SA 98 -53.28 -13.11 65.88
N THR SA 99 -54.38 -13.11 66.64
CA THR SA 99 -54.27 -12.75 68.05
C THR SA 99 -53.39 -13.73 68.81
N ARG SA 100 -53.55 -15.03 68.55
CA ARG SA 100 -52.74 -16.03 69.23
C ARG SA 100 -51.26 -15.86 68.91
N VAL SA 101 -50.93 -15.60 67.64
CA VAL SA 101 -49.54 -15.38 67.26
C VAL SA 101 -48.97 -14.16 67.96
N LEU SA 102 -49.75 -13.08 68.00
CA LEU SA 102 -49.27 -11.86 68.67
C LEU SA 102 -49.01 -12.11 70.15
N GLU SA 103 -49.92 -12.83 70.82
CA GLU SA 103 -49.73 -13.10 72.25
C GLU SA 103 -48.51 -13.99 72.47
N ASN SA 104 -48.30 -14.99 71.61
CA ASN SA 104 -47.12 -15.84 71.73
C ASN SA 104 -45.85 -15.03 71.54
N LYS SA 105 -45.83 -14.12 70.56
CA LYS SA 105 -44.67 -13.27 70.38
C LYS SA 105 -44.42 -12.41 71.61
N GLN SA 106 -45.48 -11.87 72.21
CA GLN SA 106 -45.32 -11.03 73.40
C GLN SA 106 -44.72 -11.83 74.55
N VAL SA 107 -45.22 -13.04 74.79
CA VAL SA 107 -44.72 -13.83 75.92
C VAL SA 107 -43.27 -14.27 75.66
N GLU SA 108 -42.95 -14.60 74.41
CA GLU SA 108 -41.56 -14.94 74.08
C GLU SA 108 -40.63 -13.77 74.32
N GLU SA 109 -41.06 -12.56 73.92
CA GLU SA 109 -40.24 -11.37 74.18
C GLU SA 109 -40.07 -11.13 75.67
N ILE SA 110 -41.12 -11.35 76.45
CA ILE SA 110 -41.03 -11.18 77.90
C ILE SA 110 -40.00 -12.14 78.49
N LEU SA 111 -40.03 -13.40 78.05
CA LEU SA 111 -39.05 -14.38 78.53
C LEU SA 111 -37.63 -13.99 78.14
N ARG SA 112 -37.46 -13.54 76.90
CA ARG SA 112 -36.13 -13.11 76.45
C ARG SA 112 -35.62 -11.96 77.31
N LEU SA 113 -36.48 -10.99 77.61
CA LEU SA 113 -36.07 -9.87 78.44
C LEU SA 113 -35.75 -10.33 79.86
N GLU SA 114 -36.52 -11.28 80.40
CA GLU SA 114 -36.19 -11.87 81.70
C GLU SA 114 -34.76 -12.40 81.70
N LYS SA 115 -34.44 -13.24 80.71
CA LYS SA 115 -33.11 -13.83 80.66
C LYS SA 115 -32.03 -12.76 80.52
N GLU SA 116 -32.26 -11.77 79.65
CA GLU SA 116 -31.26 -10.74 79.42
C GLU SA 116 -31.00 -9.92 80.68
N ILE SA 117 -32.07 -9.51 81.37
CA ILE SA 117 -31.88 -8.69 82.56
C ILE SA 117 -31.22 -9.49 83.67
N GLU SA 118 -31.56 -10.78 83.79
CA GLU SA 118 -30.90 -11.61 84.79
C GLU SA 118 -29.40 -11.71 84.52
N ASP SA 119 -29.04 -11.98 83.27
CA ASP SA 119 -27.62 -12.09 82.91
C ASP SA 119 -26.90 -10.78 83.17
N LEU SA 120 -27.50 -9.66 82.75
CA LEU SA 120 -26.87 -8.36 82.95
C LEU SA 120 -26.68 -8.05 84.42
N GLN SA 121 -27.69 -8.32 85.24
CA GLN SA 121 -27.57 -8.05 86.67
C GLN SA 121 -26.48 -8.91 87.31
N ARG SA 122 -26.41 -10.19 86.94
CA ARG SA 122 -25.38 -11.06 87.50
C ARG SA 122 -23.98 -10.57 87.14
N MET SA 123 -23.77 -10.24 85.86
CA MET SA 123 -22.45 -9.80 85.43
C MET SA 123 -22.09 -8.46 86.06
N LYS SA 124 -23.08 -7.56 86.20
CA LYS SA 124 -22.82 -6.29 86.86
C LYS SA 124 -22.44 -6.47 88.32
N GLU SA 125 -23.12 -7.39 89.02
CA GLU SA 125 -22.76 -7.67 90.40
C GLU SA 125 -21.35 -8.24 90.49
N GLN SA 126 -20.99 -9.13 89.56
CA GLN SA 126 -19.63 -9.67 89.54
C GLN SA 126 -18.61 -8.55 89.34
N GLN SA 127 -18.89 -7.62 88.43
CA GLN SA 127 -18.00 -6.48 88.22
C GLN SA 127 -17.88 -5.64 89.48
N GLU SA 128 -19.01 -5.40 90.15
CA GLU SA 128 -19.00 -4.60 91.37
C GLU SA 128 -18.20 -5.26 92.48
N LEU SA 129 -18.19 -6.59 92.53
CA LEU SA 129 -17.50 -7.30 93.61
C LEU SA 129 -16.01 -7.00 93.61
N SER SA 130 -15.38 -7.00 92.43
CA SER SA 130 -13.93 -6.82 92.32
C SER SA 130 -13.61 -5.33 92.18
N LEU SA 131 -13.84 -4.59 93.25
CA LEU SA 131 -13.61 -3.16 93.28
C LEU SA 131 -12.69 -2.80 94.45
N THR SA 132 -12.33 -1.52 94.52
CA THR SA 132 -11.49 -0.97 95.57
C THR SA 132 -12.32 -0.04 96.44
N GLU SA 133 -12.01 -0.02 97.74
CA GLU SA 133 -12.81 0.75 98.69
C GLU SA 133 -12.92 2.22 98.28
N ALA SA 134 -11.79 2.84 97.93
CA ALA SA 134 -11.81 4.22 97.48
C ALA SA 134 -12.63 4.37 96.20
N SER SA 135 -12.47 3.43 95.28
CA SER SA 135 -13.27 3.44 94.06
C SER SA 135 -14.75 3.28 94.37
N LEU SA 136 -15.08 2.46 95.37
CA LEU SA 136 -16.48 2.29 95.76
C LEU SA 136 -17.06 3.58 96.33
N GLN SA 137 -16.28 4.27 97.16
CA GLN SA 137 -16.73 5.56 97.69
C GLN SA 137 -16.91 6.57 96.57
N LYS SA 138 -15.97 6.61 95.61
CA LYS SA 138 -16.11 7.53 94.49
C LYS SA 138 -17.34 7.19 93.65
N LEU SA 139 -17.61 5.90 93.46
CA LEU SA 139 -18.81 5.47 92.75
C LEU SA 139 -20.07 5.93 93.47
N GLN SA 140 -20.09 5.79 94.80
CA GLN SA 140 -21.26 6.22 95.56
C GLN SA 140 -21.49 7.72 95.42
N GLU SA 141 -20.42 8.52 95.55
CA GLU SA 141 -20.55 9.96 95.39
C GLU SA 141 -21.00 10.32 93.97
N ARG SA 142 -20.43 9.64 92.97
CA ARG SA 142 -20.80 9.94 91.58
C ARG SA 142 -22.26 9.60 91.32
N ARG SA 143 -22.74 8.47 91.85
CA ARG SA 143 -24.15 8.13 91.69
C ARG SA 143 -25.05 9.14 92.39
N ASP SA 144 -24.64 9.61 93.57
CA ASP SA 144 -25.41 10.63 94.25
C ASP SA 144 -25.47 11.91 93.44
N GLN SA 145 -24.36 12.28 92.80
CA GLN SA 145 -24.37 13.46 91.93
C GLN SA 145 -25.25 13.23 90.71
N GLU SA 146 -25.22 12.00 90.17
CA GLU SA 146 -26.10 11.65 89.04
C GLU SA 146 -27.56 11.87 89.40
N LEU SA 147 -28.00 11.33 90.54
CA LEU SA 147 -29.39 11.48 90.94
C LEU SA 147 -29.73 12.91 91.34
N ARG SA 148 -28.73 13.76 91.56
CA ARG SA 148 -28.97 15.14 91.93
C ARG SA 148 -29.48 15.95 90.75
N ASN TA 16 -60.51 66.90 -41.06
CA ASN TA 16 -59.62 67.85 -40.39
C ASN TA 16 -58.78 67.15 -39.33
N ILE TA 17 -58.01 66.15 -39.75
CA ILE TA 17 -57.15 65.42 -38.84
C ILE TA 17 -56.03 66.35 -38.37
N LYS TA 18 -55.91 66.52 -37.05
CA LYS TA 18 -54.93 67.42 -36.47
C LYS TA 18 -54.40 66.85 -35.17
N ILE TA 19 -53.24 67.37 -34.77
CA ILE TA 19 -52.59 66.99 -33.52
C ILE TA 19 -52.84 68.09 -32.49
N MET TA 20 -53.17 67.65 -31.29
CA MET TA 20 -53.55 68.49 -30.15
C MET TA 20 -52.53 68.28 -29.05
N ARG TA 21 -52.03 69.38 -28.48
CA ARG TA 21 -51.18 69.33 -27.29
C ARG TA 21 -51.99 69.82 -26.11
N LEU TA 22 -52.22 68.94 -25.15
CA LEU TA 22 -52.96 69.28 -23.95
C LEU TA 22 -52.04 69.82 -22.87
N VAL TA 23 -52.64 70.44 -21.86
CA VAL TA 23 -51.86 71.03 -20.77
C VAL TA 23 -51.15 69.94 -19.98
N THR TA 24 -51.69 68.73 -19.95
CA THR TA 24 -51.08 67.64 -19.20
C THR TA 24 -50.08 66.86 -20.04
N CYS TA 25 -49.17 67.59 -20.68
CA CYS TA 25 -48.08 67.05 -21.50
C CYS TA 25 -48.54 65.83 -22.31
N GLU TA 26 -49.59 66.01 -23.08
CA GLU TA 26 -50.20 64.94 -23.85
C GLU TA 26 -50.36 65.35 -25.30
N ASP TA 27 -50.07 64.43 -26.21
CA ASP TA 27 -50.23 64.64 -27.64
C ASP TA 27 -51.28 63.66 -28.15
N ILE TA 28 -52.35 64.19 -28.73
CA ILE TA 28 -53.46 63.37 -29.21
C ILE TA 28 -53.86 63.81 -30.60
N ILE TA 29 -53.98 62.86 -31.52
CA ILE TA 29 -54.38 63.13 -32.90
C ILE TA 29 -55.85 62.76 -33.06
N GLY TA 30 -56.58 63.58 -33.81
CA GLY TA 30 -57.99 63.29 -34.04
C GLY TA 30 -58.59 64.27 -35.02
N ASN TA 31 -59.84 64.00 -35.38
CA ASN TA 31 -60.58 64.88 -36.27
C ASN TA 31 -61.26 65.95 -35.43
N ILE TA 32 -60.85 67.20 -35.61
CA ILE TA 32 -61.28 68.28 -34.73
C ILE TA 32 -62.17 69.25 -35.49
N SER TA 33 -63.08 69.87 -34.74
CA SER TA 33 -63.95 70.94 -35.23
C SER TA 33 -63.83 72.10 -34.25
N GLU TA 34 -63.57 73.29 -34.78
CA GLU TA 34 -63.23 74.46 -33.98
C GLU TA 34 -64.42 75.41 -33.91
N SER TA 35 -64.78 75.81 -32.70
CA SER TA 35 -65.82 76.79 -32.43
C SER TA 35 -65.18 77.98 -31.71
N GLN TA 36 -66.01 79.00 -31.41
CA GLN TA 36 -65.47 80.26 -30.90
C GLN TA 36 -64.79 80.07 -29.55
N GLY TA 37 -65.33 79.22 -28.68
CA GLY TA 37 -64.77 79.05 -27.36
C GLY TA 37 -64.30 77.65 -27.03
N LEU TA 38 -64.92 76.66 -27.67
CA LEU TA 38 -64.63 75.26 -27.39
C LEU TA 38 -64.42 74.52 -28.71
N ILE TA 39 -63.78 73.35 -28.62
CA ILE TA 39 -63.53 72.53 -29.79
C ILE TA 39 -63.98 71.10 -29.51
N THR TA 40 -64.43 70.42 -30.56
CA THR TA 40 -64.86 69.05 -30.49
C THR TA 40 -63.84 68.16 -31.20
N ILE TA 41 -63.65 66.95 -30.69
CA ILE TA 41 -62.68 66.02 -31.23
C ILE TA 41 -63.32 64.65 -31.37
N LYS TA 42 -63.00 63.95 -32.46
CA LYS TA 42 -63.47 62.60 -32.72
C LYS TA 42 -62.29 61.70 -33.01
N LYS TA 43 -62.38 60.45 -32.53
CA LYS TA 43 -61.36 59.42 -32.73
C LYS TA 43 -59.99 59.91 -32.26
N ALA TA 44 -59.96 60.44 -31.04
CA ALA TA 44 -58.70 60.87 -30.45
C ALA TA 44 -57.82 59.68 -30.12
N PHE TA 45 -56.51 59.87 -30.25
CA PHE TA 45 -55.55 58.81 -29.95
C PHE TA 45 -54.29 59.42 -29.38
N VAL TA 46 -53.91 58.98 -28.18
CA VAL TA 46 -52.65 59.40 -27.58
C VAL TA 46 -51.49 58.72 -28.30
N ILE TA 47 -50.39 59.45 -28.43
CA ILE TA 47 -49.21 58.98 -29.14
C ILE TA 47 -48.13 58.69 -28.11
N ILE TA 48 -47.65 57.45 -28.08
CA ILE TA 48 -46.59 57.01 -27.20
C ILE TA 48 -45.34 56.77 -28.04
N PRO TA 49 -44.24 57.51 -27.82
CA PRO TA 49 -42.99 57.35 -28.57
C PRO TA 49 -42.31 56.01 -28.28
N LEU TA 60 -43.81 54.55 -33.26
CA LEU TA 60 -44.89 55.21 -32.53
C LEU TA 60 -46.00 54.23 -32.18
N VAL TA 61 -46.73 54.52 -31.11
CA VAL TA 61 -47.83 53.69 -30.66
C VAL TA 61 -49.05 54.58 -30.50
N LEU TA 62 -50.19 54.13 -31.02
CA LEU TA 62 -51.45 54.86 -30.89
C LEU TA 62 -52.34 54.14 -29.87
N CYS TA 63 -52.83 54.90 -28.89
CA CYS TA 63 -53.68 54.33 -27.86
C CYS TA 63 -54.98 55.13 -27.76
N PRO TA 64 -56.10 54.47 -27.50
CA PRO TA 64 -57.36 55.22 -27.33
C PRO TA 64 -57.25 56.22 -26.21
N TRP TA 65 -57.76 57.44 -26.45
CA TRP TA 65 -57.63 58.51 -25.48
C TRP TA 65 -58.53 58.29 -24.28
N GLN TA 66 -59.78 57.91 -24.52
CA GLN TA 66 -60.79 57.74 -23.46
C GLN TA 66 -61.42 56.37 -23.61
N PRO TA 67 -60.74 55.31 -23.15
CA PRO TA 67 -61.32 53.97 -23.26
C PRO TA 67 -62.30 53.67 -22.14
N TYR TA 68 -63.15 54.63 -21.83
CA TYR TA 68 -64.17 54.48 -20.80
C TYR TA 68 -65.54 54.98 -21.23
N THR TA 69 -65.65 55.69 -22.36
CA THR TA 69 -66.91 56.25 -22.82
C THR TA 69 -67.23 55.74 -24.22
N ASP TA 70 -68.52 55.75 -24.54
CA ASP TA 70 -69.01 55.36 -25.85
C ASP TA 70 -69.41 56.56 -26.70
N ASP TA 71 -69.13 57.78 -26.23
CA ASP TA 71 -69.50 58.97 -26.97
C ASP TA 71 -68.69 59.08 -28.25
N LYS TA 72 -69.35 59.56 -29.32
CA LYS TA 72 -68.67 59.69 -30.60
C LYS TA 72 -67.68 60.84 -30.60
N GLU TA 73 -68.03 61.95 -29.93
CA GLU TA 73 -67.19 63.14 -29.92
C GLU TA 73 -67.03 63.65 -28.49
N ILE TA 74 -65.92 64.33 -28.25
CA ILE TA 74 -65.59 64.88 -26.94
C ILE TA 74 -65.37 66.38 -27.10
N VAL TA 75 -66.04 67.17 -26.25
CA VAL TA 75 -65.92 68.62 -26.26
C VAL TA 75 -64.89 69.03 -25.22
N ILE TA 76 -64.13 70.08 -25.52
CA ILE TA 76 -63.09 70.55 -24.62
C ILE TA 76 -62.88 72.05 -24.84
N ASP TA 77 -62.70 72.77 -23.73
CA ASP TA 77 -62.47 74.20 -23.79
C ASP TA 77 -61.12 74.52 -24.42
N ASP TA 78 -61.06 75.66 -25.11
CA ASP TA 78 -59.83 76.08 -25.78
C ASP TA 78 -58.79 76.63 -24.83
N SER TA 79 -59.16 76.92 -23.58
CA SER TA 79 -58.20 77.43 -22.62
C SER TA 79 -57.19 76.38 -22.19
N LYS TA 80 -57.50 75.10 -22.40
CA LYS TA 80 -56.59 73.99 -22.09
C LYS TA 80 -55.80 73.55 -23.30
N VAL TA 81 -55.63 74.44 -24.29
CA VAL TA 81 -54.93 74.14 -25.53
C VAL TA 81 -53.53 74.73 -25.46
N ILE TA 82 -52.54 73.93 -25.85
CA ILE TA 82 -51.17 74.42 -25.93
C ILE TA 82 -50.87 74.72 -27.40
N THR TA 83 -50.92 73.68 -28.24
CA THR TA 83 -50.70 73.84 -29.68
C THR TA 83 -51.67 72.98 -30.47
N ILE TA 84 -52.13 73.52 -31.60
CA ILE TA 84 -52.87 72.79 -32.61
C ILE TA 84 -51.98 72.75 -33.85
N THR TA 85 -51.90 71.59 -34.50
CA THR TA 85 -51.01 71.50 -35.66
C THR TA 85 -51.51 70.46 -36.63
N SER TA 86 -51.00 70.54 -37.87
CA SER TA 86 -51.33 69.58 -38.91
C SER TA 86 -50.26 68.51 -38.97
N PRO TA 87 -50.60 67.23 -38.86
CA PRO TA 87 -49.60 66.17 -38.83
C PRO TA 87 -49.04 65.89 -40.22
N LYS TA 88 -48.10 64.95 -40.26
CA LYS TA 88 -47.50 64.51 -41.52
C LYS TA 88 -48.40 63.49 -42.21
N ASP TA 89 -48.06 63.21 -43.47
CA ASP TA 89 -48.87 62.26 -44.25
C ASP TA 89 -48.77 60.85 -43.71
N ASP TA 90 -47.57 60.45 -43.26
CA ASP TA 90 -47.40 59.11 -42.71
C ASP TA 90 -48.25 58.90 -41.47
N ILE TA 91 -48.30 59.92 -40.60
CA ILE TA 91 -49.11 59.82 -39.38
C ILE TA 91 -50.58 59.70 -39.74
N ILE TA 92 -51.04 60.48 -40.72
CA ILE TA 92 -52.44 60.41 -41.13
C ILE TA 92 -52.75 59.02 -41.70
N LYS TA 93 -51.84 58.48 -42.51
CA LYS TA 93 -52.05 57.14 -43.07
C LYS TA 93 -52.13 56.09 -41.97
N SER TA 94 -51.23 56.17 -40.98
CA SER TA 94 -51.26 55.23 -39.87
C SER TA 94 -52.55 55.36 -39.06
N TYR TA 95 -53.00 56.59 -38.85
CA TYR TA 95 -54.25 56.81 -38.12
C TYR TA 95 -55.43 56.22 -38.86
N GLU TA 96 -55.49 56.42 -40.18
CA GLU TA 96 -56.56 55.84 -40.99
C GLU TA 96 -56.53 54.32 -40.94
N SER TA 97 -55.34 53.73 -41.07
CA SER TA 97 -55.23 52.28 -41.02
C SER TA 97 -55.68 51.74 -39.67
N HIS TA 98 -55.27 52.41 -38.58
CA HIS TA 98 -55.67 51.98 -37.25
C HIS TA 98 -57.17 52.02 -37.08
N THR TA 99 -57.80 53.12 -37.49
CA THR TA 99 -59.26 53.22 -37.35
C THR TA 99 -59.97 52.15 -38.18
N ARG TA 100 -59.51 51.94 -39.41
CA ARG TA 100 -60.13 50.93 -40.27
C ARG TA 100 -60.01 49.54 -39.67
N VAL TA 101 -58.83 49.21 -39.13
CA VAL TA 101 -58.63 47.90 -38.51
C VAL TA 101 -59.55 47.74 -37.30
N LEU TA 102 -59.67 48.79 -36.48
CA LEU TA 102 -60.54 48.71 -35.31
C LEU TA 102 -61.99 48.48 -35.72
N GLU TA 103 -62.45 49.20 -36.74
CA GLU TA 103 -63.83 49.04 -37.19
C GLU TA 103 -64.07 47.64 -37.77
N ASN TA 104 -63.10 47.12 -38.51
CA ASN TA 104 -63.23 45.77 -39.04
C ASN TA 104 -63.29 44.74 -37.92
N LYS TA 105 -62.47 44.92 -36.88
CA LYS TA 105 -62.52 44.02 -35.73
C LYS TA 105 -63.89 44.09 -35.06
N GLN TA 106 -64.43 45.30 -34.92
CA GLN TA 106 -65.74 45.45 -34.27
C GLN TA 106 -66.83 44.74 -35.06
N VAL TA 107 -66.84 44.92 -36.39
CA VAL TA 107 -67.90 44.29 -37.18
C VAL TA 107 -67.74 42.77 -37.19
N GLU TA 108 -66.50 42.28 -37.21
CA GLU TA 108 -66.28 40.84 -37.13
C GLU TA 108 -66.78 40.28 -35.80
N GLU TA 109 -66.51 40.98 -34.70
CA GLU TA 109 -67.02 40.55 -33.41
C GLU TA 109 -68.54 40.55 -33.37
N ILE TA 110 -69.16 41.56 -33.98
CA ILE TA 110 -70.62 41.60 -34.03
C ILE TA 110 -71.17 40.40 -34.78
N LEU TA 111 -70.57 40.05 -35.92
CA LEU TA 111 -71.01 38.89 -36.67
C LEU TA 111 -70.83 37.60 -35.87
N ARG TA 112 -69.69 37.47 -35.18
CA ARG TA 112 -69.46 36.29 -34.37
C ARG TA 112 -70.52 36.17 -33.28
N LEU TA 113 -70.86 37.28 -32.63
CA LEU TA 113 -71.88 37.25 -31.60
C LEU TA 113 -73.25 36.91 -32.18
N GLU TA 114 -73.56 37.42 -33.37
CA GLU TA 114 -74.79 37.04 -34.06
C GLU TA 114 -74.88 35.52 -34.20
N LYS TA 115 -73.81 34.92 -34.74
CA LYS TA 115 -73.83 33.46 -34.96
C LYS TA 115 -73.96 32.72 -33.63
N GLU TA 116 -73.22 33.15 -32.62
CA GLU TA 116 -73.24 32.45 -31.34
C GLU TA 116 -74.62 32.52 -30.69
N ILE TA 117 -75.25 33.70 -30.69
CA ILE TA 117 -76.55 33.83 -30.06
C ILE TA 117 -77.61 33.05 -30.83
N GLU TA 118 -77.51 33.03 -32.16
CA GLU TA 118 -78.45 32.24 -32.94
C GLU TA 118 -78.34 30.76 -32.61
N ASP TA 119 -77.10 30.24 -32.56
CA ASP TA 119 -76.90 28.83 -32.25
C ASP TA 119 -77.41 28.51 -30.84
N LEU TA 120 -77.09 29.37 -29.88
CA LEU TA 120 -77.53 29.13 -28.51
C LEU TA 120 -79.05 29.13 -28.40
N GLN TA 121 -79.71 30.08 -29.06
CA GLN TA 121 -81.16 30.14 -29.00
C GLN TA 121 -81.79 28.90 -29.64
N ARG TA 122 -81.25 28.46 -30.78
CA ARG TA 122 -81.80 27.27 -31.43
C ARG TA 122 -81.65 26.05 -30.54
N MET TA 123 -80.47 25.85 -29.96
CA MET TA 123 -80.25 24.67 -29.14
C MET TA 123 -81.10 24.74 -27.87
N LYS TA 124 -81.25 25.93 -27.29
CA LYS TA 124 -82.11 26.09 -26.12
C LYS TA 124 -83.56 25.76 -26.44
N GLU TA 125 -84.05 26.21 -27.60
CA GLU TA 125 -85.41 25.88 -27.99
C GLU TA 125 -85.58 24.38 -28.19
N GLN TA 126 -84.57 23.73 -28.80
CA GLN TA 126 -84.63 22.29 -28.95
C GLN TA 126 -84.70 21.59 -27.59
N GLN TA 127 -83.90 22.05 -26.63
CA GLN TA 127 -83.95 21.48 -25.29
C GLN TA 127 -85.32 21.70 -24.65
N GLU TA 128 -85.90 22.89 -24.83
CA GLU TA 128 -87.20 23.18 -24.26
C GLU TA 128 -88.30 22.30 -24.87
N LEU TA 129 -88.15 21.94 -26.15
CA LEU TA 129 -89.19 21.16 -26.81
C LEU TA 129 -89.40 19.81 -26.14
N SER TA 130 -88.31 19.13 -25.79
CA SER TA 130 -88.38 17.78 -25.22
C SER TA 130 -88.49 17.86 -23.69
N LEU TA 131 -89.62 18.36 -23.23
CA LEU TA 131 -89.88 18.53 -21.81
C LEU TA 131 -91.18 17.82 -21.42
N THR TA 132 -91.47 17.84 -20.13
CA THR TA 132 -92.66 17.24 -19.55
C THR TA 132 -93.56 18.36 -19.02
N GLU TA 133 -94.88 18.16 -19.14
CA GLU TA 133 -95.83 19.20 -18.76
C GLU TA 133 -95.62 19.68 -17.33
N ALA TA 134 -95.48 18.74 -16.39
CA ALA TA 134 -95.24 19.11 -15.00
C ALA TA 134 -93.91 19.84 -14.87
N SER TA 135 -92.89 19.37 -15.58
CA SER TA 135 -91.60 20.07 -15.57
C SER TA 135 -91.72 21.47 -16.15
N LEU TA 136 -92.55 21.63 -17.19
CA LEU TA 136 -92.76 22.95 -17.77
C LEU TA 136 -93.44 23.88 -16.78
N GLN TA 137 -94.43 23.38 -16.06
CA GLN TA 137 -95.09 24.20 -15.04
C GLN TA 137 -94.10 24.59 -13.94
N LYS TA 138 -93.27 23.63 -13.50
CA LYS TA 138 -92.28 23.93 -12.49
C LYS TA 138 -91.27 24.96 -12.98
N LEU TA 139 -90.88 24.85 -14.25
CA LEU TA 139 -89.99 25.84 -14.85
C LEU TA 139 -90.62 27.22 -14.86
N GLN TA 140 -91.91 27.31 -15.23
CA GLN TA 140 -92.59 28.59 -15.24
C GLN TA 140 -92.63 29.21 -13.84
N GLU TA 141 -92.99 28.40 -12.84
CA GLU TA 141 -93.02 28.92 -11.47
C GLU TA 141 -91.64 29.34 -11.00
N ARG TA 142 -90.60 28.56 -11.34
CA ARG TA 142 -89.25 28.89 -10.93
C ARG TA 142 -88.78 30.19 -11.59
N ARG TA 143 -89.09 30.38 -12.87
CA ARG TA 143 -88.73 31.62 -13.54
C ARG TA 143 -89.47 32.81 -12.92
N ASP TA 144 -90.74 32.62 -12.58
CA ASP TA 144 -91.47 33.70 -11.91
C ASP TA 144 -90.83 34.04 -10.57
N GLN TA 145 -90.38 33.03 -9.82
CA GLN TA 145 -89.69 33.31 -8.56
C GLN TA 145 -88.36 34.01 -8.81
N GLU TA 146 -87.66 33.61 -9.88
CA GLU TA 146 -86.40 34.28 -10.26
C GLU TA 146 -86.62 35.77 -10.49
N LEU TA 147 -87.63 36.11 -11.30
CA LEU TA 147 -87.89 37.51 -11.58
C LEU TA 147 -88.45 38.25 -10.38
N ARG TA 148 -88.88 37.55 -9.34
CA ARG TA 148 -89.42 38.18 -8.15
C ARG TA 148 -88.32 38.82 -7.31
N ASN UA 16 -88.23 -3.70 45.03
CA ASN UA 16 -87.96 -2.29 45.25
C ASN UA 16 -86.49 -1.96 45.02
N ILE UA 17 -86.01 -2.23 43.81
CA ILE UA 17 -84.63 -1.95 43.46
C ILE UA 17 -84.44 -0.43 43.41
N LYS UA 18 -83.49 0.08 44.19
CA LYS UA 18 -83.25 1.50 44.28
C LYS UA 18 -81.76 1.77 44.46
N ILE UA 19 -81.38 3.01 44.15
CA ILE UA 19 -80.01 3.49 44.30
C ILE UA 19 -79.93 4.34 45.56
N MET UA 20 -78.86 4.10 46.33
CA MET UA 20 -78.59 4.69 47.63
C MET UA 20 -77.31 5.50 47.53
N ARG UA 21 -77.34 6.74 48.00
CA ARG UA 21 -76.15 7.56 48.13
C ARG UA 21 -75.77 7.64 49.60
N LEU UA 22 -74.61 7.11 49.94
CA LEU UA 22 -74.13 7.11 51.31
C LEU UA 22 -73.31 8.38 51.58
N VAL UA 23 -73.10 8.66 52.87
CA VAL UA 23 -72.35 9.85 53.25
C VAL UA 23 -70.90 9.76 52.78
N THR UA 24 -70.37 8.54 52.63
CA THR UA 24 -68.98 8.37 52.20
C THR UA 24 -68.87 8.29 50.67
N CYS UA 25 -69.49 9.27 50.00
CA CYS UA 25 -69.46 9.42 48.55
C CYS UA 25 -69.52 8.08 47.83
N GLU UA 26 -70.56 7.32 48.15
CA GLU UA 26 -70.72 5.97 47.62
C GLU UA 26 -72.11 5.80 47.04
N ASP UA 27 -72.19 5.14 45.89
CA ASP UA 27 -73.46 4.84 45.23
C ASP UA 27 -73.63 3.32 45.20
N ILE UA 28 -74.71 2.83 45.79
CA ILE UA 28 -74.96 1.40 45.90
C ILE UA 28 -76.40 1.10 45.52
N ILE UA 29 -76.59 0.14 44.62
CA ILE UA 29 -77.93 -0.27 44.19
C ILE UA 29 -78.31 -1.55 44.90
N GLY UA 30 -79.57 -1.66 45.30
CA GLY UA 30 -80.03 -2.86 45.98
C GLY UA 30 -81.52 -2.80 46.22
N ASN UA 31 -82.04 -3.92 46.73
CA ASN UA 31 -83.45 -4.03 47.06
C ASN UA 31 -83.63 -3.53 48.49
N ILE UA 32 -84.34 -2.42 48.66
CA ILE UA 32 -84.42 -1.75 49.94
C ILE UA 32 -85.82 -1.85 50.51
N SER UA 33 -85.89 -1.85 51.84
CA SER UA 33 -87.13 -1.79 52.59
C SER UA 33 -87.02 -0.67 53.61
N GLU UA 34 -88.01 0.20 53.64
CA GLU UA 34 -87.95 1.44 54.41
C GLU UA 34 -88.81 1.32 55.67
N SER UA 35 -88.22 1.66 56.80
CA SER UA 35 -88.91 1.70 58.09
C SER UA 35 -88.83 3.14 58.62
N GLN UA 36 -89.44 3.36 59.79
CA GLN UA 36 -89.58 4.73 60.30
C GLN UA 36 -88.23 5.38 60.56
N GLY UA 37 -87.27 4.62 61.07
CA GLY UA 37 -85.98 5.21 61.42
C GLY UA 37 -84.79 4.61 60.69
N LEU UA 38 -84.91 3.35 60.29
CA LEU UA 38 -83.82 2.63 59.65
C LEU UA 38 -84.34 1.94 58.39
N ILE UA 39 -83.41 1.58 57.51
CA ILE UA 39 -83.76 0.89 56.28
C ILE UA 39 -82.88 -0.35 56.12
N THR UA 40 -83.45 -1.37 55.50
CA THR UA 40 -82.74 -2.61 55.23
C THR UA 40 -82.47 -2.72 53.73
N ILE UA 41 -81.33 -3.32 53.39
CA ILE UA 41 -80.92 -3.45 52.00
C ILE UA 41 -80.45 -4.87 51.74
N LYS UA 42 -80.78 -5.39 50.56
CA LYS UA 42 -80.36 -6.71 50.14
C LYS UA 42 -79.71 -6.62 48.77
N LYS UA 43 -78.67 -7.45 48.58
CA LYS UA 43 -77.92 -7.53 47.33
C LYS UA 43 -77.39 -6.15 46.91
N ALA UA 44 -76.76 -5.47 47.86
CA ALA UA 44 -76.16 -4.17 47.56
C ALA UA 44 -74.95 -4.35 46.64
N PHE UA 45 -74.74 -3.35 45.78
CA PHE UA 45 -73.61 -3.38 44.86
C PHE UA 45 -73.12 -1.96 44.62
N VAL UA 46 -71.84 -1.73 44.90
CA VAL UA 46 -71.23 -0.45 44.60
C VAL UA 46 -71.02 -0.32 43.10
N ILE UA 47 -71.19 0.90 42.60
CA ILE UA 47 -71.09 1.20 41.17
C ILE UA 47 -69.79 1.97 40.95
N ILE UA 48 -68.93 1.44 40.09
CA ILE UA 48 -67.66 2.05 39.73
C ILE UA 48 -67.77 2.52 38.28
N PRO UA 49 -67.67 3.83 38.00
CA PRO UA 49 -67.76 4.38 36.65
C PRO UA 49 -66.57 3.97 35.78
N LEU UA 60 -70.02 0.75 33.14
CA LEU UA 60 -70.17 0.67 34.59
C LEU UA 60 -69.71 -0.69 35.12
N VAL UA 61 -69.27 -0.71 36.38
CA VAL UA 61 -68.82 -1.94 37.03
C VAL UA 61 -69.59 -2.10 38.33
N LEU UA 62 -70.09 -3.30 38.58
CA LEU UA 62 -70.79 -3.62 39.81
C LEU UA 62 -69.89 -4.46 40.70
N CYS UA 63 -69.74 -4.04 41.96
CA CYS UA 63 -68.90 -4.75 42.90
C CYS UA 63 -69.69 -5.06 44.17
N PRO UA 64 -69.48 -6.20 44.79
CA PRO UA 64 -70.16 -6.49 46.06
C PRO UA 64 -69.84 -5.44 47.11
N TRP UA 65 -70.87 -4.99 47.83
CA TRP UA 65 -70.69 -3.92 48.79
C TRP UA 65 -69.94 -4.39 50.02
N GLN UA 66 -70.31 -5.56 50.56
CA GLN UA 66 -69.71 -6.10 51.78
C GLN UA 66 -69.26 -7.53 51.51
N PRO UA 67 -68.10 -7.69 50.88
CA PRO UA 67 -67.61 -9.05 50.61
C PRO UA 67 -66.89 -9.65 51.80
N TYR UA 68 -67.48 -9.48 52.99
CA TYR UA 68 -66.92 -10.03 54.22
C TYR UA 68 -67.98 -10.71 55.10
N THR UA 69 -69.26 -10.56 54.80
CA THR UA 69 -70.33 -11.11 55.61
C THR UA 69 -71.21 -12.02 54.76
N ASP UA 70 -71.87 -12.96 55.44
CA ASP UA 70 -72.81 -13.88 54.81
C ASP UA 70 -74.25 -13.51 55.08
N ASP UA 71 -74.49 -12.36 55.71
CA ASP UA 71 -75.85 -11.95 56.03
C ASP UA 71 -76.63 -11.63 54.77
N LYS UA 72 -77.92 -11.99 54.78
CA LYS UA 72 -78.77 -11.75 53.61
C LYS UA 72 -79.09 -10.27 53.46
N GLU UA 73 -79.32 -9.58 54.56
CA GLU UA 73 -79.72 -8.17 54.54
C GLU UA 73 -78.86 -7.38 55.51
N ILE UA 74 -78.71 -6.08 55.22
CA ILE UA 74 -77.93 -5.17 56.03
C ILE UA 74 -78.82 -4.01 56.45
N VAL UA 75 -78.83 -3.71 57.74
CA VAL UA 75 -79.62 -2.62 58.29
C VAL UA 75 -78.74 -1.38 58.41
N ILE UA 76 -79.31 -0.21 58.18
CA ILE UA 76 -78.56 1.03 58.23
C ILE UA 76 -79.50 2.17 58.61
N ASP UA 77 -79.01 3.07 59.48
CA ASP UA 77 -79.79 4.20 59.92
C ASP UA 77 -80.03 5.19 58.78
N ASP UA 78 -81.18 5.85 58.81
CA ASP UA 78 -81.53 6.82 57.78
C ASP UA 78 -80.78 8.13 57.90
N SER UA 79 -80.13 8.38 59.03
CA SER UA 79 -79.37 9.62 59.18
C SER UA 79 -78.13 9.66 58.30
N LYS UA 80 -77.67 8.51 57.82
CA LYS UA 80 -76.53 8.42 56.92
C LYS UA 80 -76.95 8.36 55.46
N VAL UA 81 -78.14 8.86 55.14
CA VAL UA 81 -78.71 8.82 53.80
C VAL UA 81 -78.54 10.19 53.17
N ILE UA 82 -78.07 10.21 51.92
CA ILE UA 82 -77.98 11.46 51.17
C ILE UA 82 -79.16 11.52 50.22
N THR UA 83 -79.25 10.55 49.29
CA THR UA 83 -80.35 10.47 48.35
C THR UA 83 -80.77 9.03 48.14
N ILE UA 84 -82.09 8.84 48.01
CA ILE UA 84 -82.68 7.57 47.57
C ILE UA 84 -83.32 7.84 46.22
N THR UA 85 -83.13 6.93 45.26
CA THR UA 85 -83.69 7.20 43.94
C THR UA 85 -84.00 5.89 43.22
N SER UA 86 -84.83 6.00 42.18
CA SER UA 86 -85.18 4.86 41.35
C SER UA 86 -84.30 4.82 40.13
N PRO UA 87 -83.60 3.72 39.87
CA PRO UA 87 -82.65 3.67 38.75
C PRO UA 87 -83.37 3.51 37.41
N LYS UA 88 -82.58 3.47 36.35
CA LYS UA 88 -83.09 3.27 35.00
C LYS UA 88 -83.34 1.79 34.74
N ASP UA 89 -84.03 1.51 33.64
CA ASP UA 89 -84.35 0.13 33.30
C ASP UA 89 -83.10 -0.66 32.94
N ASP UA 90 -82.16 -0.03 32.23
CA ASP UA 90 -80.93 -0.73 31.85
C ASP UA 90 -80.13 -1.14 33.08
N ILE UA 91 -80.06 -0.26 34.09
CA ILE UA 91 -79.33 -0.58 35.31
C ILE UA 91 -80.01 -1.75 36.03
N ILE UA 92 -81.33 -1.74 36.09
CA ILE UA 92 -82.05 -2.84 36.74
C ILE UA 92 -81.81 -4.15 36.01
N LYS UA 93 -81.82 -4.11 34.67
CA LYS UA 93 -81.56 -5.32 33.89
C LYS UA 93 -80.15 -5.85 34.14
N SER UA 94 -79.16 -4.95 34.18
CA SER UA 94 -77.79 -5.37 34.45
C SER UA 94 -77.66 -5.96 35.84
N TYR UA 95 -78.33 -5.34 36.83
CA TYR UA 95 -78.30 -5.85 38.20
C TYR UA 95 -78.91 -7.24 38.27
N GLU UA 96 -80.04 -7.45 37.60
CA GLU UA 96 -80.67 -8.76 37.59
C GLU UA 96 -79.77 -9.80 36.93
N SER UA 97 -79.15 -9.45 35.80
CA SER UA 97 -78.27 -10.38 35.12
C SER UA 97 -77.07 -10.73 36.00
N HIS UA 98 -76.49 -9.74 36.67
CA HIS UA 98 -75.36 -9.97 37.55
C HIS UA 98 -75.72 -10.93 38.68
N THR UA 99 -76.86 -10.67 39.34
CA THR UA 99 -77.28 -11.56 40.43
C THR UA 99 -77.53 -12.97 39.94
N ARG UA 100 -78.21 -13.11 38.79
CA ARG UA 100 -78.49 -14.44 38.26
C ARG UA 100 -77.19 -15.19 37.93
N VAL UA 101 -76.23 -14.49 37.32
CA VAL UA 101 -74.95 -15.12 36.99
C VAL UA 101 -74.23 -15.57 38.26
N LEU UA 102 -74.23 -14.72 39.28
CA LEU UA 102 -73.58 -15.09 40.53
C LEU UA 102 -74.22 -16.32 41.16
N GLU UA 103 -75.56 -16.37 41.17
CA GLU UA 103 -76.25 -17.52 41.76
C GLU UA 103 -75.96 -18.80 40.96
N ASN UA 104 -75.93 -18.68 39.63
CA ASN UA 104 -75.61 -19.84 38.80
C ASN UA 104 -74.19 -20.34 39.08
N LYS UA 105 -73.25 -19.41 39.22
CA LYS UA 105 -71.88 -19.81 39.56
C LYS UA 105 -71.83 -20.51 40.91
N GLN UA 106 -72.58 -20.00 41.89
CA GLN UA 106 -72.60 -20.62 43.21
C GLN UA 106 -73.15 -22.04 43.16
N VAL UA 107 -74.25 -22.24 42.44
CA VAL UA 107 -74.84 -23.58 42.39
C VAL UA 107 -73.94 -24.54 41.62
N GLU UA 108 -73.29 -24.05 40.56
CA GLU UA 108 -72.35 -24.89 39.84
C GLU UA 108 -71.17 -25.31 40.72
N GLU UA 109 -70.65 -24.37 41.53
CA GLU UA 109 -69.57 -24.71 42.44
C GLU UA 109 -70.02 -25.73 43.48
N ILE UA 110 -71.26 -25.58 43.97
CA ILE UA 110 -71.78 -26.54 44.93
C ILE UA 110 -71.85 -27.94 44.33
N LEU UA 111 -72.33 -28.03 43.08
CA LEU UA 111 -72.39 -29.33 42.41
C LEU UA 111 -71.00 -29.93 42.22
N ARG UA 112 -70.03 -29.09 41.81
CA ARG UA 112 -68.67 -29.56 41.64
C ARG UA 112 -68.11 -30.10 42.94
N LEU UA 113 -68.35 -29.39 44.03
CA LEU UA 113 -67.87 -29.86 45.33
C LEU UA 113 -68.55 -31.16 45.75
N GLU UA 114 -69.85 -31.29 45.46
CA GLU UA 114 -70.54 -32.55 45.70
C GLU UA 114 -69.83 -33.70 45.01
N LYS UA 115 -69.57 -33.54 43.72
CA LYS UA 115 -68.91 -34.61 42.97
C LYS UA 115 -67.52 -34.91 43.52
N GLU UA 116 -66.75 -33.87 43.82
CA GLU UA 116 -65.39 -34.07 44.31
C GLU UA 116 -65.37 -34.80 45.64
N ILE UA 117 -66.24 -34.39 46.57
CA ILE UA 117 -66.24 -35.03 47.89
C ILE UA 117 -66.72 -36.47 47.78
N GLU UA 118 -67.70 -36.73 46.91
CA GLU UA 118 -68.15 -38.11 46.72
C GLU UA 118 -67.02 -38.98 46.20
N ASP UA 119 -66.30 -38.51 45.18
CA ASP UA 119 -65.20 -39.28 44.61
C ASP UA 119 -64.12 -39.52 45.66
N LEU UA 120 -63.76 -38.47 46.41
CA LEU UA 120 -62.72 -38.60 47.42
C LEU UA 120 -63.12 -39.60 48.50
N GLN UA 121 -64.37 -39.53 48.96
CA GLN UA 121 -64.82 -40.46 49.99
C GLN UA 121 -64.80 -41.89 49.48
N ARG UA 122 -65.26 -42.12 48.25
CA ARG UA 122 -65.25 -43.47 47.70
C ARG UA 122 -63.84 -44.02 47.60
N MET UA 123 -62.91 -43.22 47.07
CA MET UA 123 -61.55 -43.71 46.91
C MET UA 123 -60.88 -43.94 48.26
N LYS UA 124 -61.16 -43.06 49.24
CA LYS UA 124 -60.63 -43.25 50.58
C LYS UA 124 -61.15 -44.52 51.22
N GLU UA 125 -62.44 -44.82 51.04
CA GLU UA 125 -62.99 -46.06 51.57
C GLU UA 125 -62.35 -47.27 50.90
N GLN UA 126 -62.12 -47.19 49.59
CA GLN UA 126 -61.44 -48.28 48.90
C GLN UA 126 -60.04 -48.48 49.45
N GLN UA 127 -59.31 -47.39 49.70
CA GLN UA 127 -57.98 -47.51 50.30
C GLN UA 127 -58.06 -48.13 51.69
N GLU UA 128 -59.05 -47.73 52.48
CA GLU UA 128 -59.19 -48.27 53.83
C GLU UA 128 -59.50 -49.76 53.82
N LEU UA 129 -60.23 -50.23 52.79
CA LEU UA 129 -60.62 -51.64 52.75
C LEU UA 129 -59.41 -52.56 52.69
N SER UA 130 -58.42 -52.22 51.89
CA SER UA 130 -57.24 -53.07 51.68
C SER UA 130 -56.16 -52.72 52.70
N LEU UA 131 -56.45 -53.02 53.96
CA LEU UA 131 -55.54 -52.74 55.06
C LEU UA 131 -55.26 -54.02 55.85
N THR UA 132 -54.37 -53.89 56.83
CA THR UA 132 -53.97 -54.98 57.71
C THR UA 132 -54.49 -54.67 59.12
N GLU UA 133 -54.87 -55.73 59.84
CA GLU UA 133 -55.48 -55.55 61.16
C GLU UA 133 -54.58 -54.73 62.09
N ALA UA 134 -53.30 -55.08 62.16
CA ALA UA 134 -52.38 -54.32 62.99
C ALA UA 134 -52.26 -52.88 62.51
N SER UA 135 -52.21 -52.68 61.19
CA SER UA 135 -52.19 -51.33 60.64
C SER UA 135 -53.46 -50.57 60.98
N LEU UA 136 -54.61 -51.27 60.98
CA LEU UA 136 -55.87 -50.62 61.34
C LEU UA 136 -55.85 -50.19 62.80
N GLN UA 137 -55.34 -51.03 63.70
CA GLN UA 137 -55.23 -50.66 65.10
C GLN UA 137 -54.29 -49.46 65.27
N LYS UA 138 -53.16 -49.47 64.57
CA LYS UA 138 -52.24 -48.35 64.64
C LYS UA 138 -52.89 -47.08 64.11
N LEU UA 139 -53.66 -47.18 63.04
CA LEU UA 139 -54.40 -46.03 62.51
C LEU UA 139 -55.39 -45.50 63.55
N GLN UA 140 -56.11 -46.39 64.21
CA GLN UA 140 -57.07 -45.95 65.23
C GLN UA 140 -56.36 -45.22 66.36
N GLU UA 141 -55.26 -45.78 66.85
CA GLU UA 141 -54.52 -45.11 67.92
C GLU UA 141 -53.96 -43.77 67.47
N ARG UA 142 -53.45 -43.71 66.23
CA ARG UA 142 -52.90 -42.47 65.72
C ARG UA 142 -53.97 -41.40 65.57
N ARG UA 143 -55.16 -41.78 65.09
CA ARG UA 143 -56.27 -40.83 65.00
C ARG UA 143 -56.69 -40.34 66.37
N ASP UA 144 -56.72 -41.25 67.36
CA ASP UA 144 -57.05 -40.84 68.72
C ASP UA 144 -56.03 -39.84 69.25
N GLN UA 145 -54.74 -40.06 68.95
CA GLN UA 145 -53.72 -39.11 69.37
C GLN UA 145 -53.89 -37.77 68.63
N GLU UA 146 -54.25 -37.84 67.34
CA GLU UA 146 -54.52 -36.63 66.58
C GLU UA 146 -55.61 -35.78 67.23
N LEU UA 147 -56.74 -36.41 67.57
CA LEU UA 147 -57.82 -35.67 68.19
C LEU UA 147 -57.51 -35.24 69.61
N ARG UA 148 -56.45 -35.79 70.22
CA ARG UA 148 -56.07 -35.41 71.57
C ARG UA 148 -55.44 -34.03 71.62
N ASN VA 16 8.49 -51.23 84.43
CA ASN VA 16 7.94 -50.01 85.01
C ASN VA 16 8.05 -48.85 84.03
N ILE VA 17 7.43 -49.01 82.86
CA ILE VA 17 7.44 -47.96 81.85
C ILE VA 17 6.60 -46.78 82.36
N LYS VA 18 7.21 -45.61 82.41
CA LYS VA 18 6.55 -44.42 82.94
C LYS VA 18 7.01 -43.18 82.17
N ILE VA 19 6.20 -42.14 82.27
CA ILE VA 19 6.47 -40.84 81.66
C ILE VA 19 6.99 -39.89 82.73
N MET VA 20 8.04 -39.16 82.37
CA MET VA 20 8.78 -38.26 83.23
C MET VA 20 8.65 -36.85 82.66
N ARG VA 21 8.30 -35.89 83.52
CA ARG VA 21 8.31 -34.47 83.15
C ARG VA 21 9.51 -33.82 83.82
N LEU VA 22 10.44 -33.34 83.02
CA LEU VA 22 11.63 -32.66 83.52
C LEU VA 22 11.38 -31.17 83.69
N VAL VA 23 12.28 -30.52 84.44
CA VAL VA 23 12.14 -29.09 84.69
C VAL VA 23 12.29 -28.30 83.41
N THR VA 24 13.02 -28.82 82.43
CA THR VA 24 13.24 -28.12 81.17
C THR VA 24 12.15 -28.46 80.15
N CYS VA 25 10.89 -28.35 80.57
CA CYS VA 25 9.69 -28.57 79.75
C CYS VA 25 9.89 -29.73 78.76
N GLU VA 26 10.24 -30.88 79.33
CA GLU VA 26 10.56 -32.06 78.53
C GLU VA 26 9.75 -33.26 79.04
N ASP VA 27 9.23 -34.05 78.11
CA ASP VA 27 8.50 -35.27 78.41
C ASP VA 27 9.26 -36.45 77.85
N ILE VA 28 9.66 -37.37 78.72
CA ILE VA 28 10.47 -38.52 78.32
C ILE VA 28 9.89 -39.79 78.93
N ILE VA 29 9.69 -40.82 78.10
CA ILE VA 29 9.16 -42.09 78.55
C ILE VA 29 10.32 -43.08 78.67
N GLY VA 30 10.28 -43.92 79.70
CA GLY VA 30 11.33 -44.90 79.89
C GLY VA 30 11.02 -45.80 81.06
N ASN VA 31 11.86 -46.83 81.22
CA ASN VA 31 11.74 -47.77 82.33
C ASN VA 31 12.48 -47.19 83.52
N ILE VA 32 11.76 -46.86 84.58
CA ILE VA 32 12.34 -46.12 85.70
C ILE VA 32 12.39 -47.01 86.94
N SER VA 33 13.37 -46.74 87.78
CA SER VA 33 13.53 -47.37 89.09
C SER VA 33 13.71 -46.25 90.11
N GLU VA 34 12.92 -46.30 91.18
CA GLU VA 34 12.82 -45.21 92.14
C GLU VA 34 13.58 -45.57 93.41
N SER VA 35 14.44 -44.67 93.85
CA SER VA 35 15.18 -44.79 95.11
C SER VA 35 14.80 -43.60 96.00
N GLN VA 36 15.37 -43.58 97.21
CA GLN VA 36 14.93 -42.61 98.21
C GLN VA 36 15.20 -41.17 97.75
N GLY VA 37 16.33 -40.92 97.08
CA GLY VA 37 16.67 -39.58 96.69
C GLY VA 37 16.83 -39.37 95.20
N LEU VA 38 17.18 -40.42 94.48
CA LEU VA 38 17.45 -40.35 93.05
C LEU VA 38 16.72 -41.47 92.34
N ILE VA 39 16.55 -41.31 91.02
CA ILE VA 39 15.88 -42.32 90.22
C ILE VA 39 16.75 -42.64 89.00
N THR VA 40 16.67 -43.89 88.56
CA THR VA 40 17.38 -44.34 87.38
C THR VA 40 16.38 -44.59 86.25
N ILE VA 41 16.82 -44.33 85.02
CA ILE VA 41 15.96 -44.47 83.85
C ILE VA 41 16.73 -45.21 82.76
N LYS VA 42 16.01 -46.08 82.05
CA LYS VA 42 16.57 -46.83 80.93
C LYS VA 42 15.69 -46.65 79.71
N LYS VA 43 16.33 -46.57 78.55
CA LYS VA 43 15.66 -46.42 77.26
C LYS VA 43 14.73 -45.21 77.25
N ALA VA 44 15.27 -44.08 77.69
CA ALA VA 44 14.50 -42.84 77.68
C ALA VA 44 14.28 -42.36 76.25
N PHE VA 45 13.12 -41.73 76.02
CA PHE VA 45 12.79 -41.21 74.70
C PHE VA 45 11.97 -39.94 74.86
N VAL VA 46 12.46 -38.85 74.27
CA VAL VA 46 11.70 -37.61 74.23
C VAL VA 46 10.55 -37.74 73.25
N ILE VA 47 9.42 -37.12 73.59
CA ILE VA 47 8.21 -37.18 72.80
C ILE VA 47 8.01 -35.82 72.14
N ILE VA 48 7.94 -35.83 70.82
CA ILE VA 48 7.71 -34.63 70.02
C ILE VA 48 6.31 -34.72 69.43
N PRO VA 49 5.39 -33.80 69.77
CA PRO VA 49 4.01 -33.80 69.24
C PRO VA 49 3.96 -33.49 67.75
N LEU VA 60 2.68 -38.69 67.06
CA LEU VA 60 3.78 -38.52 68.00
C LEU VA 60 5.09 -39.02 67.41
N VAL VA 61 6.20 -38.46 67.87
CA VAL VA 61 7.53 -38.84 67.42
C VAL VA 61 8.38 -39.16 68.64
N LEU VA 62 9.09 -40.28 68.60
CA LEU VA 62 9.98 -40.68 69.68
C LEU VA 62 11.42 -40.46 69.24
N CYS VA 63 12.19 -39.76 70.09
CA CYS VA 63 13.58 -39.47 69.77
C CYS VA 63 14.46 -39.90 70.93
N PRO VA 64 15.66 -40.42 70.66
CA PRO VA 64 16.56 -40.79 71.77
C PRO VA 64 16.87 -39.58 72.64
N TRP VA 65 16.84 -39.79 73.95
CA TRP VA 65 17.03 -38.68 74.88
C TRP VA 65 18.47 -38.22 74.90
N GLN VA 66 19.43 -39.15 74.96
CA GLN VA 66 20.84 -38.84 75.07
C GLN VA 66 21.59 -39.59 73.98
N PRO VA 67 21.57 -39.08 72.75
CA PRO VA 67 22.29 -39.77 71.67
C PRO VA 67 23.76 -39.42 71.64
N TYR VA 68 24.39 -39.41 72.82
CA TYR VA 68 25.81 -39.14 72.96
C TYR VA 68 26.52 -40.10 73.88
N THR VA 69 25.81 -40.93 74.64
CA THR VA 69 26.40 -41.85 75.58
C THR VA 69 25.99 -43.28 75.26
N ASP VA 70 26.83 -44.22 75.70
CA ASP VA 70 26.57 -45.64 75.55
C ASP VA 70 26.11 -46.29 76.85
N ASP VA 71 25.86 -45.50 77.89
CA ASP VA 71 25.45 -46.05 79.17
C ASP VA 71 24.06 -46.65 79.08
N LYS VA 72 23.86 -47.77 79.78
CA LYS VA 72 22.57 -48.45 79.74
C LYS VA 72 21.51 -47.68 80.53
N GLU VA 73 21.89 -47.08 81.64
CA GLU VA 73 20.96 -46.37 82.51
C GLU VA 73 21.52 -45.00 82.88
N ILE VA 74 20.62 -44.06 83.15
CA ILE VA 74 20.97 -42.70 83.52
C ILE VA 74 20.35 -42.40 84.87
N VAL VA 75 21.15 -41.88 85.79
CA VAL VA 75 20.71 -41.52 87.13
C VAL VA 75 20.39 -40.03 87.15
N ILE VA 76 19.36 -39.65 87.92
CA ILE VA 76 18.94 -38.26 87.98
C ILE VA 76 18.29 -38.01 89.34
N ASP VA 77 18.60 -36.85 89.93
CA ASP VA 77 18.05 -36.47 91.21
C ASP VA 77 16.55 -36.21 91.11
N ASP VA 78 15.83 -36.52 92.20
CA ASP VA 78 14.38 -36.33 92.23
C ASP VA 78 13.97 -34.87 92.37
N SER VA 79 14.90 -33.98 92.72
CA SER VA 79 14.56 -32.57 92.86
C SER VA 79 14.26 -31.92 91.51
N LYS VA 80 14.69 -32.53 90.41
CA LYS VA 80 14.42 -32.04 89.07
C LYS VA 80 13.20 -32.71 88.44
N VAL VA 81 12.31 -33.23 89.27
CA VAL VA 81 11.12 -33.96 88.83
C VAL VA 81 9.91 -33.05 88.93
N ILE VA 82 9.10 -33.02 87.88
CA ILE VA 82 7.86 -32.26 87.91
C ILE VA 82 6.72 -33.24 88.15
N THR VA 83 6.54 -34.19 87.24
CA THR VA 83 5.51 -35.22 87.37
C THR VA 83 6.03 -36.56 86.90
N ILE VA 84 5.63 -37.62 87.61
CA ILE VA 84 5.81 -39.00 87.19
C ILE VA 84 4.43 -39.57 86.93
N THR VA 85 4.28 -40.30 85.82
CA THR VA 85 2.94 -40.81 85.51
C THR VA 85 3.03 -42.10 84.72
N SER VA 86 1.91 -42.83 84.70
CA SER VA 86 1.81 -44.07 83.94
C SER VA 86 1.18 -43.79 82.58
N PRO VA 87 1.83 -44.16 81.49
CA PRO VA 87 1.30 -43.82 80.15
C PRO VA 87 0.15 -44.74 79.76
N LYS VA 88 -0.40 -44.48 78.57
CA LYS VA 88 -1.47 -45.29 78.03
C LYS VA 88 -0.91 -46.55 77.38
N ASP VA 89 -1.81 -47.48 77.06
CA ASP VA 89 -1.40 -48.75 76.46
C ASP VA 89 -0.83 -48.54 75.05
N ASP VA 90 -1.42 -47.63 74.28
CA ASP VA 90 -0.93 -47.38 72.93
C ASP VA 90 0.50 -46.85 72.96
N ILE VA 91 0.79 -45.95 73.89
CA ILE VA 91 2.13 -45.38 74.01
C ILE VA 91 3.12 -46.48 74.38
N ILE VA 92 2.75 -47.36 75.30
CA ILE VA 92 3.63 -48.46 75.70
C ILE VA 92 3.89 -49.38 74.52
N LYS VA 93 2.85 -49.68 73.74
CA LYS VA 93 3.02 -50.54 72.57
C LYS VA 93 3.96 -49.90 71.56
N SER VA 94 3.78 -48.59 71.30
CA SER VA 94 4.66 -47.91 70.36
C SER VA 94 6.10 -47.89 70.86
N TYR VA 95 6.29 -47.68 72.16
CA TYR VA 95 7.63 -47.69 72.75
C TYR VA 95 8.29 -49.06 72.59
N GLU VA 96 7.53 -50.13 72.86
CA GLU VA 96 8.06 -51.47 72.69
C GLU VA 96 8.43 -51.75 71.23
N SER VA 97 7.56 -51.35 70.30
CA SER VA 97 7.86 -51.57 68.89
C SER VA 97 9.10 -50.81 68.47
N HIS VA 98 9.23 -49.55 68.92
CA HIS VA 98 10.40 -48.75 68.57
C HIS VA 98 11.68 -49.39 69.09
N THR VA 99 11.68 -49.83 70.36
CA THR VA 99 12.88 -50.45 70.91
C THR VA 99 13.22 -51.74 70.17
N ARG VA 100 12.21 -52.56 69.87
CA ARG VA 100 12.47 -53.81 69.15
C ARG VA 100 13.04 -53.54 67.76
N VAL VA 101 12.51 -52.55 67.05
CA VAL VA 101 13.01 -52.21 65.73
C VAL VA 101 14.45 -51.74 65.81
N LEU VA 102 14.76 -50.90 66.80
CA LEU VA 102 16.13 -50.42 66.95
C LEU VA 102 17.09 -51.56 67.23
N GLU VA 103 16.70 -52.49 68.10
CA GLU VA 103 17.58 -53.62 68.40
C GLU VA 103 17.79 -54.51 67.18
N ASN VA 104 16.72 -54.74 66.41
CA ASN VA 104 16.85 -55.53 65.19
C ASN VA 104 17.78 -54.85 64.19
N LYS VA 105 17.67 -53.52 64.05
CA LYS VA 105 18.58 -52.81 63.17
C LYS VA 105 20.02 -52.94 63.64
N GLN VA 106 20.24 -52.86 64.96
CA GLN VA 106 21.59 -52.99 65.50
C GLN VA 106 22.18 -54.36 65.19
N VAL VA 107 21.40 -55.42 65.42
CA VAL VA 107 21.93 -56.76 65.21
C VAL VA 107 22.17 -57.02 63.72
N GLU VA 108 21.30 -56.48 62.85
CA GLU VA 108 21.52 -56.61 61.41
C GLU VA 108 22.80 -55.91 60.99
N GLU VA 109 23.04 -54.71 61.53
CA GLU VA 109 24.27 -54.00 61.21
C GLU VA 109 25.50 -54.76 61.70
N ILE VA 110 25.40 -55.38 62.88
CA ILE VA 110 26.52 -56.17 63.39
C ILE VA 110 26.82 -57.33 62.46
N LEU VA 111 25.77 -58.03 61.99
CA LEU VA 111 25.98 -59.13 61.05
C LEU VA 111 26.60 -58.66 59.75
N ARG VA 112 26.12 -57.52 59.23
CA ARG VA 112 26.68 -56.98 58.00
C ARG VA 112 28.16 -56.67 58.18
N LEU VA 113 28.52 -56.07 59.31
CA LEU VA 113 29.93 -55.77 59.56
C LEU VA 113 30.76 -57.03 59.70
N GLU VA 114 30.21 -58.06 60.34
CA GLU VA 114 30.89 -59.36 60.39
C GLU VA 114 31.23 -59.84 58.99
N LYS VA 115 30.24 -59.87 58.11
CA LYS VA 115 30.48 -60.36 56.75
C LYS VA 115 31.51 -59.50 56.03
N GLU VA 116 31.39 -58.18 56.15
CA GLU VA 116 32.30 -57.29 55.45
C GLU VA 116 33.74 -57.47 55.92
N ILE VA 117 33.95 -57.54 57.24
CA ILE VA 117 35.31 -57.67 57.75
C ILE VA 117 35.88 -59.03 57.38
N GLU VA 118 35.06 -60.08 57.39
CA GLU VA 118 35.55 -61.40 56.98
C GLU VA 118 36.01 -61.38 55.52
N ASP VA 119 35.19 -60.80 54.64
CA ASP VA 119 35.54 -60.74 53.23
C ASP VA 119 36.81 -59.92 53.02
N LEU VA 120 36.90 -58.77 53.70
CA LEU VA 120 38.08 -57.93 53.55
C LEU VA 120 39.34 -58.63 54.03
N GLN VA 121 39.26 -59.31 55.18
CA GLN VA 121 40.42 -60.03 55.68
C GLN VA 121 40.86 -61.13 54.74
N ARG VA 122 39.89 -61.89 54.20
CA ARG VA 122 40.25 -62.97 53.28
C ARG VA 122 40.92 -62.43 52.03
N MET VA 123 40.36 -61.36 51.44
CA MET VA 123 40.95 -60.83 50.22
C MET VA 123 42.31 -60.22 50.49
N LYS VA 124 42.47 -59.57 51.65
CA LYS VA 124 43.78 -59.02 52.02
C LYS VA 124 44.82 -60.11 52.20
N GLU VA 125 44.43 -61.22 52.83
CA GLU VA 125 45.37 -62.34 52.96
C GLU VA 125 45.75 -62.91 51.60
N GLN VA 126 44.77 -63.02 50.69
CA GLN VA 126 45.07 -63.48 49.34
C GLN VA 126 46.06 -62.55 48.65
N GLN VA 127 45.86 -61.24 48.80
CA GLN VA 127 46.80 -60.28 48.22
C GLN VA 127 48.19 -60.43 48.83
N GLU VA 128 48.26 -60.62 50.15
CA GLU VA 128 49.55 -60.78 50.81
C GLU VA 128 50.27 -62.04 50.36
N LEU VA 129 49.52 -63.10 50.03
CA LEU VA 129 50.16 -64.36 49.66
C LEU VA 129 51.03 -64.20 48.41
N SER VA 130 50.53 -63.49 47.40
CA SER VA 130 51.24 -63.35 46.12
C SER VA 130 52.15 -62.12 46.16
N LEU VA 131 53.19 -62.23 46.98
CA LEU VA 131 54.16 -61.16 47.15
C LEU VA 131 55.57 -61.67 46.89
N THR VA 132 56.53 -60.75 46.93
CA THR VA 132 57.94 -61.03 46.74
C THR VA 132 58.68 -60.84 48.05
N GLU VA 133 59.70 -61.66 48.29
CA GLU VA 133 60.41 -61.63 49.56
C GLU VA 133 60.95 -60.24 49.88
N ALA VA 134 61.60 -59.59 48.91
CA ALA VA 134 62.10 -58.24 49.12
C ALA VA 134 60.95 -57.27 49.39
N SER VA 135 59.86 -57.42 48.65
CA SER VA 135 58.68 -56.59 48.89
C SER VA 135 58.11 -56.84 50.28
N LEU VA 136 58.13 -58.09 50.74
CA LEU VA 136 57.66 -58.40 52.09
C LEU VA 136 58.52 -57.74 53.15
N GLN VA 137 59.85 -57.77 52.96
CA GLN VA 137 60.73 -57.10 53.90
C GLN VA 137 60.48 -55.59 53.90
N LYS VA 138 60.31 -55.01 52.72
CA LYS VA 138 60.02 -53.58 52.63
C LYS VA 138 58.70 -53.24 53.31
N LEU VA 139 57.70 -54.11 53.14
CA LEU VA 139 56.42 -53.92 53.82
C LEU VA 139 56.59 -53.97 55.33
N GLN VA 140 57.38 -54.92 55.83
CA GLN VA 140 57.59 -55.01 57.27
C GLN VA 140 58.27 -53.75 57.80
N GLU VA 141 59.31 -53.28 57.11
CA GLU VA 141 59.99 -52.06 57.55
C GLU VA 141 59.05 -50.85 57.49
N ARG VA 142 58.24 -50.77 56.44
CA ARG VA 142 57.32 -49.65 56.30
C ARG VA 142 56.27 -49.66 57.40
N ARG VA 143 55.74 -50.84 57.74
CA ARG VA 143 54.78 -50.93 58.83
C ARG VA 143 55.42 -50.56 60.16
N ASP VA 144 56.68 -50.98 60.38
CA ASP VA 144 57.38 -50.58 61.60
C ASP VA 144 57.54 -49.07 61.66
N GLN VA 145 57.85 -48.43 60.53
CA GLN VA 145 57.95 -46.98 60.52
C GLN VA 145 56.58 -46.34 60.77
N GLU VA 146 55.52 -46.93 60.21
CA GLU VA 146 54.17 -46.44 60.46
C GLU VA 146 53.86 -46.44 61.95
N LEU VA 147 54.10 -47.55 62.63
CA LEU VA 147 53.81 -47.62 64.06
C LEU VA 147 54.76 -46.76 64.88
N ARG VA 148 55.86 -46.28 64.31
CA ARG VA 148 56.80 -45.46 65.02
C ARG VA 148 56.25 -44.05 65.24
N ASN WA 16 95.97 -10.00 22.68
CA ASN WA 16 95.55 -9.38 23.93
C ASN WA 16 94.18 -8.72 23.79
N ILE WA 17 93.19 -9.52 23.43
CA ILE WA 17 91.83 -9.03 23.28
C ILE WA 17 91.29 -8.65 24.65
N LYS WA 18 90.86 -7.39 24.79
CA LYS WA 18 90.37 -6.89 26.06
C LYS WA 18 89.24 -5.90 25.84
N ILE WA 19 88.46 -5.69 26.90
CA ILE WA 19 87.35 -4.75 26.92
C ILE WA 19 87.79 -3.47 27.64
N MET WA 20 87.45 -2.34 27.03
CA MET WA 20 87.82 -1.00 27.45
C MET WA 20 86.55 -0.25 27.81
N ARG WA 21 86.56 0.40 28.99
CA ARG WA 21 85.48 1.31 29.37
C ARG WA 21 86.00 2.74 29.26
N LEU WA 22 85.41 3.51 28.37
CA LEU WA 22 85.79 4.90 28.16
C LEU WA 22 85.00 5.81 29.09
N VAL WA 23 85.49 7.05 29.23
CA VAL WA 23 84.84 8.02 30.10
C VAL WA 23 83.44 8.37 29.57
N THR WA 24 83.24 8.26 28.27
CA THR WA 24 81.94 8.60 27.68
C THR WA 24 81.01 7.38 27.63
N CYS WA 25 80.88 6.72 28.78
CA CYS WA 25 80.00 5.57 28.98
C CYS WA 25 79.96 4.65 27.76
N GLU WA 26 81.15 4.21 27.35
CA GLU WA 26 81.31 3.41 26.15
C GLU WA 26 82.12 2.15 26.47
N ASP WA 27 81.68 1.02 25.92
CA ASP WA 27 82.38 -0.26 26.06
C ASP WA 27 82.86 -0.70 24.68
N ILE WA 28 84.17 -0.87 24.54
CA ILE WA 28 84.77 -1.22 23.25
C ILE WA 28 85.76 -2.36 23.45
N ILE WA 29 85.64 -3.40 22.64
CA ILE WA 29 86.54 -4.55 22.69
C ILE WA 29 87.56 -4.43 21.57
N GLY WA 30 88.81 -4.79 21.85
CA GLY WA 30 89.84 -4.74 20.84
C GLY WA 30 91.13 -5.30 21.35
N ASN WA 31 92.10 -5.40 20.44
CA ASN WA 31 93.43 -5.89 20.77
C ASN WA 31 94.26 -4.69 21.24
N ILE WA 32 94.66 -4.70 22.51
CA ILE WA 32 95.28 -3.53 23.12
C ILE WA 32 96.74 -3.82 23.44
N SER WA 33 97.54 -2.77 23.41
CA SER WA 33 98.93 -2.78 23.82
C SER WA 33 99.15 -1.64 24.80
N GLU WA 34 99.74 -1.95 25.95
CA GLU WA 34 99.82 -1.03 27.06
C GLU WA 34 101.24 -0.47 27.17
N SER WA 35 101.33 0.85 27.25
CA SER WA 35 102.59 1.57 27.47
C SER WA 35 102.49 2.35 28.76
N GLN WA 36 103.57 3.04 29.13
CA GLN WA 36 103.65 3.67 30.45
C GLN WA 36 102.58 4.75 30.62
N GLY WA 37 102.28 5.51 29.57
CA GLY WA 37 101.33 6.59 29.70
C GLY WA 37 100.13 6.49 28.79
N LEU WA 38 100.28 5.83 27.66
CA LEU WA 38 99.24 5.71 26.65
C LEU WA 38 99.10 4.27 26.21
N ILE WA 39 97.96 3.95 25.61
CA ILE WA 39 97.70 2.60 25.13
C ILE WA 39 97.22 2.67 23.69
N THR WA 40 97.56 1.64 22.92
CA THR WA 40 97.14 1.52 21.53
C THR WA 40 96.11 0.40 21.41
N ILE WA 41 95.17 0.59 20.49
CA ILE WA 41 94.08 -0.37 20.30
C ILE WA 41 93.91 -0.64 18.82
N LYS WA 42 93.62 -1.89 18.48
CA LYS WA 42 93.39 -2.31 17.11
C LYS WA 42 92.07 -3.07 17.05
N LYS WA 43 91.34 -2.85 15.95
CA LYS WA 43 90.06 -3.52 15.68
C LYS WA 43 89.07 -3.29 16.83
N ALA WA 44 88.94 -2.03 17.24
CA ALA WA 44 87.99 -1.68 18.28
C ALA WA 44 86.56 -1.84 17.78
N PHE WA 45 85.67 -2.23 18.69
CA PHE WA 45 84.26 -2.40 18.35
C PHE WA 45 83.40 -2.03 19.55
N VAL WA 46 82.49 -1.08 19.34
CA VAL WA 46 81.53 -0.73 20.37
C VAL WA 46 80.49 -1.84 20.49
N ILE WA 47 80.04 -2.07 21.72
CA ILE WA 47 79.09 -3.13 22.03
C ILE WA 47 77.75 -2.47 22.37
N ILE WA 48 76.72 -2.83 21.62
CA ILE WA 48 75.36 -2.34 21.81
C ILE WA 48 74.53 -3.49 22.35
N PRO WA 49 73.97 -3.38 23.57
CA PRO WA 49 73.14 -4.42 24.18
C PRO WA 49 71.81 -4.60 23.45
N LEU WA 60 73.82 -9.27 21.61
CA LEU WA 60 74.77 -8.19 21.52
C LEU WA 60 75.03 -7.80 20.06
N VAL WA 61 75.41 -6.54 19.85
CA VAL WA 61 75.70 -6.03 18.51
C VAL WA 61 77.08 -5.39 18.55
N LEU WA 62 77.92 -5.70 17.57
CA LEU WA 62 79.25 -5.13 17.44
C LEU WA 62 79.24 -4.10 16.31
N CYS WA 63 79.73 -2.90 16.61
CA CYS WA 63 79.77 -1.83 15.62
C CYS WA 63 81.18 -1.27 15.54
N PRO WA 64 81.64 -0.89 14.35
CA PRO WA 64 82.97 -0.27 14.24
C PRO WA 64 83.06 0.99 15.10
N TRP WA 65 84.16 1.13 15.81
CA TRP WA 65 84.32 2.26 16.73
C TRP WA 65 84.53 3.57 15.99
N GLN WA 66 85.39 3.56 14.97
CA GLN WA 66 85.76 4.76 14.22
C GLN WA 66 85.59 4.48 12.74
N PRO WA 67 84.35 4.52 12.24
CA PRO WA 67 84.14 4.27 10.81
C PRO WA 67 84.39 5.50 9.96
N TYR WA 68 85.48 6.21 10.25
CA TYR WA 68 85.87 7.39 9.51
C TYR WA 68 87.36 7.42 9.16
N THR WA 69 88.17 6.54 9.73
CA THR WA 69 89.61 6.52 9.50
C THR WA 69 90.05 5.16 8.96
N ASP WA 70 91.17 5.17 8.25
CA ASP WA 70 91.77 3.97 7.71
C ASP WA 70 92.98 3.51 8.52
N ASP WA 71 93.25 4.15 9.66
CA ASP WA 71 94.40 3.80 10.46
C ASP WA 71 94.24 2.41 11.07
N LYS WA 72 95.34 1.66 11.13
CA LYS WA 72 95.29 0.32 11.68
C LYS WA 72 95.11 0.32 13.19
N GLU WA 73 95.74 1.27 13.88
CA GLU WA 73 95.70 1.34 15.33
C GLU WA 73 95.40 2.76 15.77
N ILE WA 74 94.79 2.88 16.96
CA ILE WA 74 94.41 4.16 17.54
C ILE WA 74 95.08 4.28 18.90
N VAL WA 75 95.74 5.40 19.14
CA VAL WA 75 96.42 5.68 20.40
C VAL WA 75 95.49 6.50 21.28
N ILE WA 76 95.54 6.27 22.59
CA ILE WA 76 94.67 6.97 23.53
C ILE WA 76 95.36 7.04 24.88
N ASP WA 77 95.24 8.19 25.54
CA ASP WA 77 95.84 8.39 26.85
C ASP WA 77 95.13 7.53 27.90
N ASP WA 78 95.91 7.10 28.90
CA ASP WA 78 95.37 6.27 29.96
C ASP WA 78 94.53 7.04 30.96
N SER WA 79 94.59 8.38 30.95
CA SER WA 79 93.78 9.16 31.87
C SER WA 79 92.30 9.10 31.54
N LYS WA 80 91.94 8.70 30.33
CA LYS WA 80 90.55 8.54 29.92
C LYS WA 80 90.07 7.10 30.06
N VAL WA 81 90.71 6.32 30.93
CA VAL WA 81 90.41 4.91 31.13
C VAL WA 81 89.59 4.77 32.40
N ILE WA 82 88.52 3.99 32.33
CA ILE WA 82 87.71 3.69 33.51
C ILE WA 82 88.10 2.29 33.98
N THR WA 83 87.87 1.28 33.14
CA THR WA 83 88.23 -0.09 33.46
C THR WA 83 88.80 -0.79 32.24
N ILE WA 84 89.81 -1.63 32.47
CA ILE WA 84 90.32 -2.57 31.49
C ILE WA 84 90.01 -3.97 32.01
N THR WA 85 89.53 -4.85 31.13
CA THR WA 85 89.16 -6.17 31.61
C THR WA 85 89.31 -7.21 30.51
N SER WA 86 89.34 -8.47 30.92
CA SER WA 86 89.44 -9.59 30.00
C SER WA 86 88.05 -10.14 29.71
N PRO WA 87 87.62 -10.23 28.46
CA PRO WA 87 86.25 -10.67 28.16
C PRO WA 87 86.12 -12.18 28.30
N LYS WA 88 84.89 -12.65 28.05
CA LYS WA 88 84.58 -14.07 28.09
C LYS WA 88 84.99 -14.73 26.77
N ASP WA 89 84.98 -16.07 26.78
CA ASP WA 89 85.36 -16.82 25.59
C ASP WA 89 84.36 -16.62 24.45
N ASP WA 90 83.07 -16.57 24.78
CA ASP WA 90 82.05 -16.39 23.75
C ASP WA 90 82.22 -15.05 23.05
N ILE WA 91 82.52 -13.99 23.81
CA ILE WA 91 82.72 -12.67 23.23
C ILE WA 91 83.93 -12.68 22.31
N ILE WA 92 85.01 -13.32 22.74
CA ILE WA 92 86.21 -13.40 21.90
C ILE WA 92 85.91 -14.16 20.62
N LYS WA 93 85.17 -15.26 20.71
CA LYS WA 93 84.80 -16.02 19.51
C LYS WA 93 83.96 -15.19 18.56
N SER WA 94 82.98 -14.45 19.09
CA SER WA 94 82.15 -13.60 18.24
C SER WA 94 82.99 -12.50 17.59
N TYR WA 95 83.92 -11.91 18.33
CA TYR WA 95 84.79 -10.88 17.79
C TYR WA 95 85.66 -11.44 16.66
N GLU WA 96 86.22 -12.63 16.85
CA GLU WA 96 87.02 -13.26 15.81
C GLU WA 96 86.18 -13.54 14.57
N SER WA 97 84.97 -14.08 14.76
CA SER WA 97 84.11 -14.37 13.62
C SER WA 97 83.75 -13.09 12.87
N HIS WA 98 83.43 -12.02 13.61
CA HIS WA 98 83.09 -10.76 12.97
C HIS WA 98 84.25 -10.22 12.14
N THR WA 99 85.46 -10.22 12.71
CA THR WA 99 86.61 -9.72 11.96
C THR WA 99 86.88 -10.57 10.73
N ARG WA 100 86.80 -11.89 10.85
CA ARG WA 100 87.03 -12.76 9.71
C ARG WA 100 86.01 -12.52 8.61
N VAL WA 101 84.74 -12.37 8.98
CA VAL WA 101 83.69 -12.10 7.99
C VAL WA 101 83.95 -10.78 7.29
N LEU WA 102 84.34 -9.75 8.04
CA LEU WA 102 84.60 -8.46 7.43
C LEU WA 102 85.77 -8.54 6.44
N GLU WA 103 86.83 -9.24 6.82
CA GLU WA 103 87.98 -9.36 5.93
C GLU WA 103 87.62 -10.15 4.66
N ASN WA 104 86.81 -11.21 4.81
CA ASN WA 104 86.38 -11.96 3.65
C ASN WA 104 85.53 -11.10 2.72
N LYS WA 105 84.65 -10.29 3.29
CA LYS WA 105 83.85 -9.38 2.47
C LYS WA 105 84.74 -8.40 1.73
N GLN WA 106 85.77 -7.87 2.41
CA GLN WA 106 86.67 -6.92 1.78
C GLN WA 106 87.41 -7.56 0.60
N VAL WA 107 87.93 -8.77 0.80
CA VAL WA 107 88.69 -9.41 -0.28
C VAL WA 107 87.77 -9.77 -1.44
N GLU WA 108 86.54 -10.20 -1.14
CA GLU WA 108 85.59 -10.49 -2.22
C GLU WA 108 85.27 -9.23 -3.02
N GLU WA 109 85.08 -8.10 -2.33
CA GLU WA 109 84.83 -6.85 -3.03
C GLU WA 109 86.02 -6.44 -3.90
N ILE WA 110 87.24 -6.66 -3.39
CA ILE WA 110 88.43 -6.34 -4.17
C ILE WA 110 88.47 -7.17 -5.45
N LEU WA 111 88.17 -8.47 -5.34
CA LEU WA 111 88.15 -9.34 -6.52
C LEU WA 111 87.08 -8.89 -7.51
N ARG WA 112 85.89 -8.55 -7.01
CA ARG WA 112 84.82 -8.08 -7.89
C ARG WA 112 85.25 -6.82 -8.63
N LEU WA 113 85.90 -5.89 -7.93
CA LEU WA 113 86.36 -4.67 -8.58
C LEU WA 113 87.44 -4.97 -9.61
N GLU WA 114 88.34 -5.91 -9.30
CA GLU WA 114 89.32 -6.34 -10.29
C GLU WA 114 88.64 -6.79 -11.58
N LYS WA 115 87.66 -7.68 -11.46
CA LYS WA 115 86.99 -8.19 -12.65
C LYS WA 115 86.27 -7.07 -13.39
N GLU WA 116 85.59 -6.19 -12.66
CA GLU WA 116 84.83 -5.12 -13.31
C GLU WA 116 85.75 -4.17 -14.06
N ILE WA 117 86.87 -3.76 -13.44
CA ILE WA 117 87.76 -2.82 -14.10
C ILE WA 117 88.42 -3.47 -15.30
N GLU WA 118 88.76 -4.76 -15.21
CA GLU WA 118 89.35 -5.44 -16.37
C GLU WA 118 88.37 -5.47 -17.54
N ASP WA 119 87.11 -5.83 -17.26
CA ASP WA 119 86.11 -5.89 -18.32
C ASP WA 119 85.90 -4.51 -18.93
N LEU WA 120 85.79 -3.48 -18.08
CA LEU WA 120 85.57 -2.13 -18.59
C LEU WA 120 86.73 -1.66 -19.45
N GLN WA 121 87.96 -1.92 -19.01
CA GLN WA 121 89.12 -1.51 -19.79
C GLN WA 121 89.17 -2.23 -21.14
N ARG WA 122 88.88 -3.53 -21.15
CA ARG WA 122 88.90 -4.27 -22.41
C ARG WA 122 87.86 -3.73 -23.38
N MET WA 123 86.64 -3.50 -22.89
CA MET WA 123 85.58 -3.03 -23.78
C MET WA 123 85.88 -1.62 -24.26
N LYS WA 124 86.44 -0.78 -23.39
CA LYS WA 124 86.83 0.58 -23.79
C LYS WA 124 87.90 0.56 -24.87
N GLU WA 125 88.89 -0.33 -24.72
CA GLU WA 125 89.93 -0.45 -25.74
C GLU WA 125 89.33 -0.92 -27.06
N GLN WA 126 88.39 -1.87 -27.01
CA GLN WA 126 87.72 -2.32 -28.22
C GLN WA 126 86.98 -1.16 -28.89
N GLN WA 127 86.28 -0.34 -28.10
CA GLN WA 127 85.60 0.82 -28.66
C GLN WA 127 86.59 1.80 -29.28
N GLU WA 128 87.73 2.01 -28.62
CA GLU WA 128 88.73 2.93 -29.15
C GLU WA 128 89.33 2.43 -30.46
N LEU WA 129 89.44 1.11 -30.62
CA LEU WA 129 90.05 0.57 -31.82
C LEU WA 129 89.29 0.96 -33.08
N SER WA 130 87.96 0.89 -33.04
CA SER WA 130 87.13 1.16 -34.22
C SER WA 130 86.76 2.64 -34.28
N LEU WA 131 87.78 3.46 -34.53
CA LEU WA 131 87.62 4.91 -34.59
C LEU WA 131 88.15 5.43 -35.93
N THR WA 132 87.96 6.73 -36.13
CA THR WA 132 88.41 7.43 -37.33
C THR WA 132 89.55 8.38 -36.94
N GLU WA 133 90.52 8.55 -37.84
CA GLU WA 133 91.70 9.36 -37.54
C GLU WA 133 91.32 10.77 -37.09
N ALA WA 134 90.43 11.43 -37.83
CA ALA WA 134 89.98 12.76 -37.44
C ALA WA 134 89.27 12.73 -36.10
N SER WA 135 88.45 11.71 -35.87
CA SER WA 135 87.79 11.55 -34.58
C SER WA 135 88.81 11.33 -33.47
N LEU WA 136 89.88 10.58 -33.75
CA LEU WA 136 90.92 10.37 -32.76
C LEU WA 136 91.64 11.67 -32.41
N GLN WA 137 91.93 12.48 -33.43
CA GLN WA 137 92.55 13.78 -33.16
C GLN WA 137 91.62 14.67 -32.33
N LYS WA 138 90.32 14.68 -32.67
CA LYS WA 138 89.36 15.47 -31.91
C LYS WA 138 89.27 14.96 -30.47
N LEU WA 139 89.31 13.65 -30.28
CA LEU WA 139 89.32 13.08 -28.93
C LEU WA 139 90.55 13.52 -28.16
N GLN WA 140 91.72 13.51 -28.80
CA GLN WA 140 92.94 13.93 -28.12
C GLN WA 140 92.86 15.40 -27.70
N GLU WA 141 92.39 16.26 -28.60
CA GLU WA 141 92.25 17.68 -28.25
C GLU WA 141 91.23 17.88 -27.14
N ARG WA 142 90.11 17.14 -27.20
CA ARG WA 142 89.09 17.27 -26.17
C ARG WA 142 89.60 16.82 -24.81
N ARG WA 143 90.36 15.72 -24.77
CA ARG WA 143 90.95 15.27 -23.51
C ARG WA 143 91.95 16.28 -22.98
N ASP WA 144 92.74 16.88 -23.87
CA ASP WA 144 93.67 17.92 -23.43
C ASP WA 144 92.92 19.10 -22.84
N GLN WA 145 91.80 19.49 -23.45
CA GLN WA 145 91.00 20.58 -22.89
C GLN WA 145 90.39 20.16 -21.54
N GLU WA 146 89.97 18.90 -21.43
CA GLU WA 146 89.46 18.38 -20.16
C GLU WA 146 90.48 18.54 -19.05
N LEU WA 147 91.71 18.08 -19.29
CA LEU WA 147 92.75 18.18 -18.27
C LEU WA 147 93.19 19.61 -18.03
N ARG WA 148 92.83 20.55 -18.91
CA ARG WA 148 93.21 21.94 -18.74
C ARG WA 148 92.41 22.60 -17.63
N ASN XA 16 53.32 63.01 -54.87
CA ASN XA 16 53.79 63.47 -53.56
C ASN XA 16 52.87 62.97 -52.45
N ILE XA 17 52.74 61.64 -52.35
CA ILE XA 17 51.92 61.04 -51.31
C ILE XA 17 52.57 61.28 -49.96
N LYS XA 18 51.83 61.90 -49.04
CA LYS XA 18 52.37 62.23 -47.73
C LYS XA 18 51.28 62.11 -46.68
N ILE XA 19 51.73 61.99 -45.42
CA ILE XA 19 50.85 61.90 -44.26
C ILE XA 19 50.83 63.26 -43.57
N MET XA 20 49.62 63.67 -43.21
CA MET XA 20 49.30 64.96 -42.62
C MET XA 20 48.75 64.73 -41.23
N ARG XA 21 49.27 65.46 -40.24
CA ARG XA 21 48.71 65.46 -38.89
C ARG XA 21 47.99 66.79 -38.68
N LEU XA 22 46.69 66.72 -38.48
CA LEU XA 22 45.87 67.90 -38.25
C LEU XA 22 45.81 68.23 -36.77
N VAL XA 23 45.37 69.45 -36.47
CA VAL XA 23 45.27 69.90 -35.09
C VAL XA 23 44.24 69.09 -34.32
N THR XA 24 43.24 68.55 -35.01
CA THR XA 24 42.19 67.78 -34.35
C THR XA 24 42.55 66.29 -34.28
N CYS XA 25 43.76 66.02 -33.80
CA CYS XA 25 44.28 64.66 -33.59
C CYS XA 25 43.85 63.71 -34.71
N GLU XA 26 44.17 64.10 -35.94
CA GLU XA 26 43.75 63.35 -37.12
C GLU XA 26 44.96 63.09 -38.01
N ASP XA 27 45.03 61.88 -38.56
CA ASP XA 27 46.09 61.49 -39.49
C ASP XA 27 45.44 61.18 -40.84
N ILE XA 28 45.85 61.90 -41.88
CA ILE XA 28 45.25 61.75 -43.20
C ILE XA 28 46.36 61.67 -44.24
N ILE XA 29 46.29 60.67 -45.11
CA ILE XA 29 47.27 60.49 -46.18
C ILE XA 29 46.67 60.98 -47.48
N GLY XA 30 47.48 61.63 -48.30
CA GLY XA 30 46.99 62.13 -49.58
C GLY XA 30 48.12 62.74 -50.39
N ASN XA 31 47.79 63.10 -51.63
CA ASN XA 31 48.74 63.73 -52.52
C ASN XA 31 48.68 65.23 -52.28
N ILE XA 32 49.78 65.80 -51.78
CA ILE XA 32 49.78 67.18 -51.32
C ILE XA 32 50.65 68.03 -52.22
N SER XA 33 50.28 69.31 -52.32
CA SER XA 33 51.05 70.33 -53.01
C SER XA 33 51.21 71.50 -52.06
N GLU XA 34 52.46 71.96 -51.90
CA GLU XA 34 52.81 72.93 -50.88
C GLU XA 34 53.03 74.31 -51.52
N SER XA 35 52.37 75.31 -50.96
CA SER XA 35 52.53 76.70 -51.36
C SER XA 35 53.05 77.50 -50.16
N GLN XA 36 53.28 78.80 -50.37
CA GLN XA 36 53.95 79.60 -49.35
C GLN XA 36 53.14 79.67 -48.05
N GLY XA 37 51.82 79.76 -48.16
CA GLY XA 37 51.00 79.91 -46.97
C GLY XA 37 49.98 78.81 -46.75
N LEU XA 38 49.55 78.18 -47.84
CA LEU XA 38 48.51 77.16 -47.79
C LEU XA 38 48.95 75.95 -48.59
N ILE XA 39 48.31 74.81 -48.33
CA ILE XA 39 48.62 73.58 -49.04
C ILE XA 39 47.33 72.96 -49.56
N THR XA 40 47.44 72.28 -50.70
CA THR XA 40 46.31 71.59 -51.30
C THR XA 40 46.53 70.08 -51.17
N ILE XA 41 45.42 69.36 -51.02
CA ILE XA 41 45.48 67.91 -50.82
C ILE XA 41 44.44 67.26 -51.71
N LYS XA 42 44.80 66.12 -52.29
CA LYS XA 42 43.92 65.32 -53.13
C LYS XA 42 43.88 63.89 -52.62
N LYS XA 43 42.69 63.29 -52.70
CA LYS XA 43 42.46 61.91 -52.29
C LYS XA 43 42.89 61.67 -50.85
N ALA XA 44 42.44 62.56 -49.96
CA ALA XA 44 42.74 62.41 -48.54
C ALA XA 44 42.00 61.22 -47.96
N PHE XA 45 42.63 60.56 -46.99
CA PHE XA 45 42.02 59.41 -46.33
C PHE XA 45 42.45 59.38 -44.88
N VAL XA 46 41.47 59.39 -43.97
CA VAL XA 46 41.75 59.23 -42.55
C VAL XA 46 42.14 57.79 -42.28
N ILE XA 47 43.07 57.61 -41.33
CA ILE XA 47 43.60 56.30 -40.97
C ILE XA 47 43.05 55.94 -39.59
N ILE XA 48 42.37 54.82 -39.51
CA ILE XA 48 41.80 54.29 -38.27
C ILE XA 48 42.61 53.06 -37.88
N PRO XA 49 43.30 53.05 -36.74
CA PRO XA 49 44.08 51.91 -36.27
C PRO XA 49 43.21 50.71 -35.90
N LEU XA 60 45.08 48.36 -40.38
CA LEU XA 60 44.70 49.74 -40.62
C LEU XA 60 43.46 49.84 -41.49
N VAL XA 61 42.70 50.91 -41.32
CA VAL XA 61 41.49 51.16 -42.10
C VAL XA 61 41.59 52.55 -42.72
N LEU XA 62 41.28 52.65 -44.00
CA LEU XA 62 41.28 53.92 -44.71
C LEU XA 62 39.84 54.36 -44.95
N CYS XA 63 39.54 55.60 -44.56
CA CYS XA 63 38.20 56.15 -44.71
C CYS XA 63 38.26 57.47 -45.46
N PRO XA 64 37.29 57.76 -46.32
CA PRO XA 64 37.28 59.06 -47.00
C PRO XA 64 37.24 60.20 -45.99
N TRP XA 65 38.06 61.22 -46.24
CA TRP XA 65 38.17 62.32 -45.30
C TRP XA 65 36.94 63.21 -45.32
N GLN XA 66 36.44 63.54 -46.51
CA GLN XA 66 35.31 64.45 -46.67
C GLN XA 66 34.28 63.79 -47.57
N PRO XA 67 33.48 62.87 -47.03
CA PRO XA 67 32.47 62.20 -47.86
C PRO XA 67 31.21 63.04 -48.00
N TYR XA 68 31.38 64.33 -48.24
CA TYR XA 68 30.26 65.25 -48.44
C TYR XA 68 30.45 66.19 -49.62
N THR XA 69 31.64 66.25 -50.21
CA THR XA 69 31.94 67.15 -51.31
C THR XA 69 32.42 66.36 -52.53
N ASP XA 70 32.23 66.95 -53.70
CA ASP XA 70 32.69 66.39 -54.96
C ASP XA 70 33.94 67.08 -55.47
N ASP XA 71 34.54 67.98 -54.69
CA ASP XA 71 35.72 68.70 -55.14
C ASP XA 71 36.91 67.76 -55.26
N LYS XA 72 37.73 68.00 -56.29
CA LYS XA 72 38.89 67.15 -56.52
C LYS XA 72 39.98 67.39 -55.48
N GLU XA 73 40.17 68.65 -55.08
CA GLU XA 73 41.23 69.02 -54.16
C GLU XA 73 40.67 69.91 -53.06
N ILE XA 74 41.32 69.87 -51.89
CA ILE XA 74 40.91 70.64 -50.73
C ILE XA 74 42.10 71.50 -50.29
N VAL XA 75 41.85 72.79 -50.11
CA VAL XA 75 42.87 73.74 -49.68
C VAL XA 75 42.78 73.90 -48.17
N ILE XA 76 43.93 74.08 -47.52
CA ILE XA 76 43.98 74.22 -46.07
C ILE XA 76 45.19 75.05 -45.68
N ASP XA 77 45.00 75.93 -44.71
CA ASP XA 77 46.07 76.79 -44.23
C ASP XA 77 47.13 75.97 -43.51
N ASP XA 78 48.38 76.43 -43.61
CA ASP XA 78 49.50 75.74 -42.97
C ASP XA 78 49.55 75.95 -41.47
N SER XA 79 48.80 76.91 -40.93
CA SER XA 79 48.81 77.15 -39.49
C SER XA 79 48.14 76.02 -38.72
N LYS XA 80 47.32 75.21 -39.40
CA LYS XA 80 46.66 74.07 -38.78
C LYS XA 80 47.42 72.77 -39.00
N VAL XA 81 48.73 72.87 -39.25
CA VAL XA 81 49.58 71.72 -39.55
C VAL XA 81 50.38 71.38 -38.30
N ILE XA 82 50.42 70.09 -37.96
CA ILE XA 82 51.23 69.62 -36.85
C ILE XA 82 52.50 69.02 -37.43
N THR XA 83 52.36 67.95 -38.23
CA THR XA 83 53.49 67.32 -38.89
C THR XA 83 53.13 66.91 -40.31
N ILE XA 84 54.10 67.06 -41.20
CA ILE XA 84 54.06 66.51 -42.55
C ILE XA 84 55.14 65.44 -42.64
N THR XA 85 54.81 64.31 -43.23
CA THR XA 85 55.81 63.24 -43.27
C THR XA 85 55.60 62.35 -44.49
N SER XA 86 56.64 61.59 -44.82
CA SER XA 86 56.60 60.65 -45.93
C SER XA 86 56.25 59.26 -45.41
N PRO XA 87 55.21 58.61 -45.91
CA PRO XA 87 54.80 57.32 -45.37
C PRO XA 87 55.71 56.19 -45.86
N LYS XA 88 55.40 54.99 -45.39
CA LYS XA 88 56.13 53.79 -45.79
C LYS XA 88 55.63 53.28 -47.14
N ASP XA 89 56.38 52.34 -47.71
CA ASP XA 89 56.02 51.80 -49.01
C ASP XA 89 54.73 50.99 -48.94
N ASP XA 90 54.54 50.23 -47.86
CA ASP XA 90 53.33 49.43 -47.72
C ASP XA 90 52.09 50.32 -47.66
N ILE XA 91 52.18 51.43 -46.94
CA ILE XA 91 51.05 52.35 -46.85
C ILE XA 91 50.73 52.94 -48.22
N ILE XA 92 51.77 53.32 -48.97
CA ILE XA 92 51.55 53.87 -50.31
C ILE XA 92 50.90 52.84 -51.21
N LYS XA 93 51.36 51.59 -51.14
CA LYS XA 93 50.77 50.53 -51.95
C LYS XA 93 49.30 50.32 -51.60
N SER XA 94 48.98 50.30 -50.30
CA SER XA 94 47.60 50.14 -49.89
C SER XA 94 46.74 51.31 -50.35
N TYR XA 95 47.27 52.53 -50.27
CA TYR XA 95 46.55 53.70 -50.73
C TYR XA 95 46.27 53.62 -52.23
N GLU XA 96 47.27 53.22 -53.01
CA GLU XA 96 47.08 53.07 -54.45
C GLU XA 96 46.03 52.01 -54.76
N SER XA 97 46.09 50.86 -54.07
CA SER XA 97 45.12 49.81 -54.31
C SER XA 97 43.71 50.28 -53.97
N HIS XA 98 43.57 50.98 -52.84
CA HIS XA 98 42.26 51.50 -52.43
C HIS XA 98 41.69 52.45 -53.48
N THR XA 99 42.51 53.40 -53.94
CA THR XA 99 42.03 54.35 -54.95
C THR XA 99 41.64 53.65 -56.24
N ARG XA 100 42.47 52.69 -56.68
CA ARG XA 100 42.16 51.96 -57.92
C ARG XA 100 40.86 51.18 -57.78
N VAL XA 101 40.65 50.52 -56.64
CA VAL XA 101 39.42 49.77 -56.43
C VAL XA 101 38.22 50.70 -56.44
N LEU XA 102 38.33 51.85 -55.79
CA LEU XA 102 37.22 52.81 -55.77
C LEU XA 102 36.89 53.29 -57.18
N GLU XA 103 37.91 53.61 -57.98
CA GLU XA 103 37.66 54.08 -59.33
C GLU XA 103 37.03 52.99 -60.19
N ASN XA 104 37.48 51.74 -60.03
CA ASN XA 104 36.88 50.63 -60.77
C ASN XA 104 35.42 50.45 -60.38
N LYS XA 105 35.11 50.55 -59.09
CA LYS XA 105 33.72 50.47 -58.66
C LYS XA 105 32.89 51.58 -59.27
N GLN XA 106 33.44 52.80 -59.31
CA GLN XA 106 32.70 53.92 -59.88
C GLN XA 106 32.40 53.69 -61.37
N VAL XA 107 33.39 53.24 -62.13
CA VAL XA 107 33.17 53.04 -63.56
C VAL XA 107 32.20 51.89 -63.80
N GLU XA 108 32.28 50.84 -62.99
CA GLU XA 108 31.32 49.75 -63.12
C GLU XA 108 29.90 50.21 -62.84
N GLU XA 109 29.73 51.04 -61.80
CA GLU XA 109 28.40 51.58 -61.51
C GLU XA 109 27.90 52.46 -62.65
N ILE XA 110 28.79 53.25 -63.25
CA ILE XA 110 28.39 54.08 -64.38
C ILE XA 110 27.90 53.23 -65.54
N LEU XA 111 28.62 52.14 -65.84
CA LEU XA 111 28.21 51.25 -66.91
C LEU XA 111 26.86 50.60 -66.61
N ARG XA 112 26.67 50.16 -65.36
CA ARG XA 112 25.41 49.56 -64.97
C ARG XA 112 24.26 50.55 -65.15
N LEU XA 113 24.47 51.81 -64.75
CA LEU XA 113 23.43 52.82 -64.92
C LEU XA 113 23.16 53.09 -66.39
N GLU XA 114 24.21 53.11 -67.23
CA GLU XA 114 24.02 53.22 -68.66
C GLU XA 114 23.06 52.16 -69.18
N LYS XA 115 23.35 50.89 -68.84
CA LYS XA 115 22.52 49.80 -69.33
C LYS XA 115 21.09 49.92 -68.81
N GLU XA 116 20.93 50.25 -67.52
CA GLU XA 116 19.60 50.34 -66.94
C GLU XA 116 18.78 51.45 -67.58
N ILE XA 117 19.38 52.62 -67.79
CA ILE XA 117 18.63 53.73 -68.36
C ILE XA 117 18.29 53.44 -69.82
N GLU XA 118 19.19 52.79 -70.55
CA GLU XA 118 18.89 52.43 -71.93
C GLU XA 118 17.70 51.46 -72.00
N ASP XA 119 17.71 50.44 -71.14
CA ASP XA 119 16.62 49.47 -71.14
C ASP XA 119 15.31 50.15 -70.77
N LEU XA 120 15.34 50.99 -69.74
CA LEU XA 120 14.12 51.67 -69.30
C LEU XA 120 13.57 52.58 -70.40
N GLN XA 121 14.44 53.33 -71.07
CA GLN XA 121 13.98 54.21 -72.13
C GLN XA 121 13.37 53.42 -73.28
N ARG XA 122 14.01 52.31 -73.67
CA ARG XA 122 13.47 51.50 -74.76
C ARG XA 122 12.10 50.94 -74.40
N MET XA 123 11.95 50.39 -73.21
CA MET XA 123 10.67 49.81 -72.82
C MET XA 123 9.60 50.89 -72.69
N LYS XA 124 9.97 52.06 -72.17
CA LYS XA 124 9.03 53.16 -72.08
C LYS XA 124 8.56 53.62 -73.46
N GLU XA 125 9.48 53.70 -74.42
CA GLU XA 125 9.10 54.07 -75.78
C GLU XA 125 8.16 53.02 -76.38
N GLN XA 126 8.44 51.74 -76.14
CA GLN XA 126 7.56 50.69 -76.61
C GLN XA 126 6.16 50.84 -76.02
N GLN XA 127 6.08 51.14 -74.72
CA GLN XA 127 4.79 51.36 -74.09
C GLN XA 127 4.07 52.55 -74.70
N GLU XA 128 4.81 53.64 -74.96
CA GLU XA 128 4.22 54.82 -75.55
C GLU XA 128 3.69 54.56 -76.95
N LEU XA 129 4.34 53.67 -77.70
CA LEU XA 129 3.93 53.42 -79.08
C LEU XA 129 2.50 52.88 -79.15
N SER XA 130 2.15 51.95 -78.27
CA SER XA 130 0.84 51.29 -78.31
C SER XA 130 -0.16 52.07 -77.44
N LEU XA 131 -0.49 53.27 -77.92
CA LEU XA 131 -1.40 54.15 -77.22
C LEU XA 131 -2.55 54.56 -78.15
N THR XA 132 -3.50 55.30 -77.58
CA THR XA 132 -4.66 55.81 -78.28
C THR XA 132 -4.55 57.33 -78.39
N GLU XA 133 -5.02 57.88 -79.51
CA GLU XA 133 -4.87 59.31 -79.77
C GLU XA 133 -5.45 60.16 -78.63
N ALA XA 134 -6.66 59.84 -78.19
CA ALA XA 134 -7.26 60.56 -77.07
C ALA XA 134 -6.44 60.39 -75.80
N SER XA 135 -5.96 59.17 -75.56
CA SER XA 135 -5.09 58.93 -74.41
C SER XA 135 -3.79 59.72 -74.53
N LEU XA 136 -3.25 59.85 -75.73
CA LEU XA 136 -2.04 60.64 -75.94
C LEU XA 136 -2.28 62.11 -75.63
N GLN XA 137 -3.43 62.64 -76.08
CA GLN XA 137 -3.75 64.03 -75.76
C GLN XA 137 -3.92 64.22 -74.26
N LYS XA 138 -4.60 63.27 -73.59
CA LYS XA 138 -4.77 63.37 -72.15
C LYS XA 138 -3.41 63.30 -71.44
N LEU XA 139 -2.51 62.45 -71.92
CA LEU XA 139 -1.16 62.38 -71.38
C LEU XA 139 -0.43 63.70 -71.54
N GLN XA 140 -0.54 64.32 -72.71
CA GLN XA 140 0.12 65.60 -72.94
C GLN XA 140 -0.41 66.67 -71.98
N GLU XA 141 -1.74 66.75 -71.84
CA GLU XA 141 -2.31 67.72 -70.92
C GLU XA 141 -1.90 67.44 -69.47
N ARG XA 142 -1.88 66.16 -69.09
CA ARG XA 142 -1.50 65.81 -67.72
C ARG XA 142 -0.05 66.16 -67.44
N ARG XA 143 0.85 65.91 -68.41
CA ARG XA 143 2.25 66.29 -68.24
C ARG XA 143 2.40 67.80 -68.14
N ASP XA 144 1.64 68.55 -68.95
CA ASP XA 144 1.68 70.00 -68.85
C ASP XA 144 1.23 70.47 -67.48
N GLN XA 145 0.18 69.83 -66.93
CA GLN XA 145 -0.25 70.19 -65.58
C GLN XA 145 0.81 69.81 -64.55
N GLU XA 146 1.48 68.67 -64.75
CA GLU XA 146 2.57 68.27 -63.87
C GLU XA 146 3.65 69.33 -63.82
N LEU XA 147 4.12 69.78 -64.99
CA LEU XA 147 5.17 70.79 -65.02
C LEU XA 147 4.69 72.15 -64.55
N ARG XA 148 3.38 72.36 -64.41
CA ARG XA 148 2.84 73.63 -63.97
C ARG XA 148 3.06 73.81 -62.47
N ASN YA 16 69.04 -62.28 34.35
CA ASN YA 16 69.06 -62.73 32.96
C ASN YA 16 67.83 -62.25 32.21
N ILE YA 17 67.65 -60.93 32.17
CA ILE YA 17 66.52 -60.34 31.45
C ILE YA 17 66.70 -60.56 29.96
N LYS YA 18 65.72 -61.20 29.32
CA LYS YA 18 65.79 -61.52 27.91
C LYS YA 18 64.42 -61.41 27.27
N ILE YA 19 64.43 -61.28 25.95
CA ILE YA 19 63.23 -61.22 25.13
C ILE YA 19 62.99 -62.58 24.49
N MET YA 20 61.73 -63.01 24.53
CA MET YA 20 61.26 -64.30 24.08
C MET YA 20 60.28 -64.07 22.93
N ARG YA 21 60.46 -64.81 21.83
CA ARG YA 21 59.50 -64.81 20.75
C ARG YA 21 58.76 -66.15 20.77
N LEU YA 22 57.46 -66.10 21.02
CA LEU YA 22 56.62 -67.28 21.06
C LEU YA 22 56.09 -67.62 19.67
N VAL YA 23 55.59 -68.85 19.54
CA VAL YA 23 55.05 -69.30 18.25
C VAL YA 23 53.82 -68.50 17.87
N THR YA 24 53.09 -67.98 18.85
CA THR YA 24 51.87 -67.21 18.57
C THR YA 24 52.17 -65.73 18.39
N CYS YA 25 53.16 -65.43 17.55
CA CYS YA 25 53.57 -64.07 17.18
C CYS YA 25 53.51 -63.12 18.38
N GLU YA 26 54.21 -63.51 19.44
CA GLU YA 26 54.21 -62.76 20.69
C GLU YA 26 55.63 -62.49 21.15
N ASP YA 27 55.87 -61.28 21.63
CA ASP YA 27 57.16 -60.88 22.18
C ASP YA 27 56.98 -60.57 23.66
N ILE YA 28 57.72 -61.28 24.51
CA ILE YA 28 57.59 -61.13 25.95
C ILE YA 28 58.97 -61.04 26.58
N ILE YA 29 59.18 -60.04 27.42
CA ILE YA 29 60.45 -59.84 28.11
C ILE YA 29 60.31 -60.34 29.54
N GLY YA 30 61.36 -60.99 30.05
CA GLY YA 30 61.32 -61.48 31.41
C GLY YA 30 62.65 -62.06 31.81
N ASN YA 31 62.74 -62.43 33.09
CA ASN YA 31 63.95 -63.05 33.63
C ASN YA 31 63.83 -64.56 33.40
N ILE YA 32 64.70 -65.11 32.57
CA ILE YA 32 64.57 -66.49 32.13
C ILE YA 32 65.70 -67.33 32.70
N SER YA 33 65.40 -68.61 32.91
CA SER YA 33 66.37 -69.63 33.32
C SER YA 33 66.23 -70.80 32.36
N GLU YA 34 67.36 -71.24 31.81
CA GLU YA 34 67.38 -72.21 30.72
C GLU YA 34 67.80 -73.57 31.25
N SER YA 35 67.01 -74.60 30.93
CA SER YA 35 67.30 -75.99 31.26
C SER YA 35 67.41 -76.77 29.95
N GLN YA 36 67.71 -78.08 30.08
CA GLN YA 36 68.02 -78.87 28.89
C GLN YA 36 66.83 -78.96 27.94
N GLY YA 37 65.62 -79.06 28.47
CA GLY YA 37 64.46 -79.22 27.61
C GLY YA 37 63.42 -78.13 27.74
N LEU YA 38 63.35 -77.50 28.91
CA LEU YA 38 62.34 -76.49 29.20
C LEU YA 38 63.01 -75.27 29.82
N ILE YA 39 62.30 -74.15 29.78
CA ILE YA 39 62.81 -72.91 30.36
C ILE YA 39 61.75 -72.31 31.26
N THR YA 40 62.22 -71.63 32.31
CA THR YA 40 61.35 -70.94 33.25
C THR YA 40 61.48 -69.44 33.06
N ILE YA 41 60.39 -68.72 33.27
CA ILE YA 41 60.35 -67.28 33.08
C ILE YA 41 59.66 -66.64 34.26
N LYS YA 42 60.17 -65.49 34.68
CA LYS YA 42 59.60 -64.70 35.77
C LYS YA 42 59.38 -63.27 35.30
N LYS YA 43 58.27 -62.68 35.76
CA LYS YA 43 57.90 -61.30 35.46
C LYS YA 43 57.85 -61.07 33.95
N ALA YA 44 57.15 -61.96 33.26
CA ALA YA 44 56.97 -61.82 31.82
C ALA YA 44 56.06 -60.64 31.52
N PHE YA 45 56.33 -59.97 30.39
CA PHE YA 45 55.53 -58.82 29.97
C PHE YA 45 55.45 -58.79 28.46
N VAL YA 46 54.24 -58.81 27.92
CA VAL YA 46 54.03 -58.66 26.48
C VAL YA 46 54.30 -57.20 26.10
N ILE YA 47 54.87 -57.02 24.91
CA ILE YA 47 55.23 -55.72 24.39
C ILE YA 47 54.26 -55.36 23.27
N ILE YA 48 53.57 -54.24 23.42
CA ILE YA 48 52.63 -53.73 22.43
C ILE YA 48 53.25 -52.48 21.81
N PRO YA 49 53.53 -52.47 20.50
CA PRO YA 49 54.11 -51.31 19.80
C PRO YA 49 53.15 -50.13 19.75
N LEU YA 60 56.35 -47.75 23.38
CA LEU YA 60 56.08 -49.14 23.71
C LEU YA 60 55.19 -49.25 24.94
N VAL YA 61 54.44 -50.34 25.03
CA VAL YA 61 53.55 -50.59 26.15
C VAL YA 61 53.86 -51.97 26.70
N LEU YA 62 53.99 -52.08 28.02
CA LEU YA 62 54.24 -53.34 28.70
C LEU YA 62 52.95 -53.81 29.38
N CYS YA 63 52.56 -55.05 29.12
CA CYS YA 63 51.35 -55.60 29.69
C CYS YA 63 51.66 -56.92 30.38
N PRO YA 64 51.03 -57.22 31.50
CA PRO YA 64 51.26 -58.53 32.14
C PRO YA 64 50.90 -59.67 31.21
N TRP YA 65 51.77 -60.68 31.18
CA TRP YA 65 51.58 -61.79 30.24
C TRP YA 65 50.43 -62.68 30.66
N GLN YA 66 50.35 -63.03 31.94
CA GLN YA 66 49.35 -63.95 32.48
C GLN YA 66 48.67 -63.29 33.66
N PRO YA 67 47.72 -62.38 33.42
CA PRO YA 67 47.02 -61.73 34.53
C PRO YA 67 45.89 -62.57 35.07
N TYR YA 68 46.15 -63.87 35.25
CA TYR YA 68 45.16 -64.80 35.78
C TYR YA 68 45.74 -65.73 36.84
N THR YA 69 47.07 -65.78 37.01
CA THR YA 69 47.70 -66.67 37.96
C THR YA 69 48.56 -65.87 38.94
N ASP YA 70 48.76 -66.47 40.11
CA ASP YA 70 49.60 -65.90 41.15
C ASP YA 70 50.96 -66.57 41.23
N ASP YA 71 51.28 -67.47 40.30
CA ASP YA 71 52.55 -68.17 40.33
C ASP YA 71 53.71 -67.22 40.07
N LYS YA 72 54.82 -67.44 40.76
CA LYS YA 72 55.98 -66.57 40.61
C LYS YA 72 56.68 -66.82 39.27
N GLU YA 73 56.74 -68.08 38.83
CA GLU YA 73 57.44 -68.43 37.60
C GLU YA 73 56.56 -69.33 36.74
N ILE YA 74 56.79 -69.28 35.44
CA ILE YA 74 56.05 -70.06 34.46
C ILE YA 74 57.03 -70.91 33.67
N VAL YA 75 56.75 -72.20 33.57
CA VAL YA 75 57.59 -73.13 32.83
C VAL YA 75 57.01 -73.31 31.43
N ILE YA 76 57.89 -73.47 30.45
CA ILE YA 76 57.46 -73.61 29.05
C ILE YA 76 58.49 -74.42 28.29
N ASP YA 77 58.00 -75.32 27.43
CA ASP YA 77 58.88 -76.16 26.63
C ASP YA 77 59.62 -75.33 25.59
N ASP YA 78 60.85 -75.76 25.29
CA ASP YA 78 61.69 -75.06 24.32
C ASP YA 78 61.26 -75.29 22.88
N SER YA 79 60.39 -76.26 22.62
CA SER YA 79 59.93 -76.50 21.26
C SER YA 79 59.02 -75.38 20.75
N LYS YA 80 58.45 -74.58 21.65
CA LYS YA 80 57.62 -73.44 21.29
C LYS YA 80 58.40 -72.14 21.26
N VAL YA 81 59.71 -72.22 21.06
CA VAL YA 81 60.60 -71.07 21.06
C VAL YA 81 60.95 -70.71 19.63
N ILE YA 82 60.86 -69.42 19.30
CA ILE YA 82 61.25 -68.95 17.98
C ILE YA 82 62.64 -68.33 18.12
N THR YA 83 62.76 -67.27 18.93
CA THR YA 83 64.03 -66.61 19.17
C THR YA 83 64.15 -66.21 20.63
N ILE YA 84 65.36 -66.34 21.17
CA ILE YA 84 65.75 -65.80 22.46
C ILE YA 84 66.79 -64.71 22.19
N THR YA 85 66.66 -63.58 22.86
CA THR YA 85 67.61 -62.50 22.57
C THR YA 85 67.80 -61.62 23.79
N SER YA 86 68.88 -60.83 23.77
CA SER YA 86 69.18 -59.89 24.83
C SER YA 86 68.67 -58.51 24.46
N PRO YA 87 67.85 -57.88 25.27
CA PRO YA 87 67.26 -56.58 24.91
C PRO YA 87 68.27 -55.45 25.07
N LYS YA 88 67.81 -54.24 24.72
CA LYS YA 88 68.62 -53.05 24.87
C LYS YA 88 68.58 -52.54 26.30
N ASP YA 89 69.48 -51.59 26.60
CA ASP YA 89 69.55 -51.05 27.96
C ASP YA 89 68.30 -50.25 28.31
N ASP YA 90 67.75 -49.50 27.35
CA ASP YA 90 66.55 -48.72 27.61
C ASP YA 90 65.38 -49.61 27.97
N ILE YA 91 65.23 -50.73 27.25
CA ILE YA 91 64.14 -51.66 27.53
C ILE YA 91 64.30 -52.25 28.93
N ILE YA 92 65.53 -52.62 29.30
CA ILE YA 92 65.77 -53.17 30.63
C ILE YA 92 65.43 -52.14 31.70
N LYS YA 93 65.84 -50.89 31.48
CA LYS YA 93 65.52 -49.83 32.44
C LYS YA 93 64.02 -49.64 32.60
N SER YA 94 63.29 -49.63 31.47
CA SER YA 94 61.85 -49.48 31.53
C SER YA 94 61.20 -50.66 32.25
N TYR YA 95 61.70 -51.87 31.99
CA TYR YA 95 61.17 -53.06 32.67
C TYR YA 95 61.40 -52.98 34.17
N GLU YA 96 62.59 -52.57 34.58
CA GLU YA 96 62.88 -52.41 36.00
C GLU YA 96 61.98 -51.36 36.64
N SER YA 97 61.80 -50.22 35.97
CA SER YA 97 60.95 -49.18 36.52
C SER YA 97 59.51 -49.66 36.65
N HIS YA 98 59.01 -50.37 35.64
CA HIS YA 98 57.65 -50.89 35.68
C HIS YA 98 57.47 -51.85 36.84
N THR YA 99 58.40 -52.79 37.01
CA THR YA 99 58.29 -53.75 38.12
C THR YA 99 58.33 -53.04 39.47
N ARG YA 100 59.24 -52.08 39.62
CA ARG YA 100 59.35 -51.36 40.89
C ARG YA 100 58.07 -50.59 41.19
N VAL YA 101 57.50 -49.94 40.18
CA VAL YA 101 56.25 -49.19 40.38
C VAL YA 101 55.12 -50.14 40.79
N LEU YA 102 55.04 -51.30 40.13
CA LEU YA 102 53.99 -52.26 40.48
C LEU YA 102 54.14 -52.75 41.91
N GLU YA 103 55.37 -53.05 42.33
CA GLU YA 103 55.58 -53.52 43.69
C GLU YA 103 55.25 -52.43 44.72
N ASN YA 104 55.61 -51.19 44.42
CA ASN YA 104 55.28 -50.09 45.31
C ASN YA 104 53.77 -49.91 45.42
N LYS YA 105 53.05 -50.03 44.30
CA LYS YA 105 51.59 -49.95 44.34
C LYS YA 105 51.02 -51.07 45.20
N GLN YA 106 51.57 -52.29 45.06
CA GLN YA 106 51.07 -53.42 45.84
C GLN YA 106 51.27 -53.19 47.34
N VAL YA 107 52.45 -52.72 47.72
CA VAL YA 107 52.70 -52.53 49.16
C VAL YA 107 51.85 -51.39 49.71
N GLU YA 108 51.65 -50.34 48.91
CA GLU YA 108 50.78 -49.25 49.34
C GLU YA 108 49.35 -49.75 49.54
N GLU YA 109 48.86 -50.57 48.63
CA GLU YA 109 47.52 -51.13 48.78
C GLU YA 109 47.42 -52.01 50.01
N ILE YA 110 48.47 -52.78 50.30
CA ILE YA 110 48.47 -53.63 51.49
C ILE YA 110 48.38 -52.77 52.74
N LEU YA 111 49.14 -51.68 52.80
CA LEU YA 111 49.08 -50.79 53.95
C LEU YA 111 47.71 -50.15 54.10
N ARG YA 112 47.12 -49.72 52.99
CA ARG YA 112 45.79 -49.14 53.03
C ARG YA 112 44.78 -50.14 53.57
N LEU YA 113 44.86 -51.39 53.13
CA LEU YA 113 43.94 -52.41 53.61
C LEU YA 113 44.17 -52.68 55.10
N GLU YA 114 45.43 -52.69 55.54
CA GLU YA 114 45.72 -52.80 56.97
C GLU YA 114 44.97 -51.75 57.76
N LYS YA 115 45.12 -50.49 57.35
CA LYS YA 115 44.48 -49.40 58.09
C LYS YA 115 42.96 -49.54 58.07
N GLU YA 116 42.40 -49.87 56.90
CA GLU YA 116 40.95 -49.98 56.78
C GLU YA 116 40.40 -51.09 57.67
N ILE YA 117 41.04 -52.26 57.65
CA ILE YA 117 40.54 -53.38 58.44
C ILE YA 117 40.68 -53.09 59.93
N GLU YA 118 41.77 -52.42 60.33
CA GLU YA 118 41.93 -52.06 61.74
C GLU YA 118 40.82 -51.12 62.18
N ASP YA 119 40.54 -50.09 61.38
CA ASP YA 119 39.49 -49.13 61.73
C ASP YA 119 38.14 -49.83 61.81
N LEU YA 120 37.84 -50.67 60.82
CA LEU YA 120 36.56 -51.36 60.80
C LEU YA 120 36.41 -52.28 62.02
N GLN YA 121 37.45 -53.02 62.36
CA GLN YA 121 37.38 -53.91 63.52
C GLN YA 121 37.17 -53.12 64.80
N ARG YA 122 37.88 -52.00 64.96
CA ARG YA 122 37.73 -51.20 66.18
C ARG YA 122 36.30 -50.66 66.29
N MET YA 123 35.77 -50.11 65.19
CA MET YA 123 34.42 -49.54 65.26
C MET YA 123 33.38 -50.63 65.48
N LYS YA 124 33.58 -51.80 64.87
CA LYS YA 124 32.67 -52.91 65.09
C LYS YA 124 32.68 -53.38 66.55
N GLU YA 125 33.87 -53.45 67.15
CA GLU YA 125 33.95 -53.81 68.56
C GLU YA 125 33.25 -52.78 69.44
N GLN YA 126 33.43 -51.49 69.11
CA GLN YA 126 32.73 -50.44 69.86
C GLN YA 126 31.21 -50.61 69.75
N GLN YA 127 30.72 -50.91 68.55
CA GLN YA 127 29.29 -51.15 68.37
C GLN YA 127 28.83 -52.36 69.18
N GLU YA 128 29.63 -53.43 69.19
CA GLU YA 128 29.27 -54.62 69.93
C GLU YA 128 29.22 -54.37 71.43
N LEU YA 129 30.07 -53.46 71.92
CA LEU YA 129 30.13 -53.22 73.36
C LEU YA 129 28.81 -52.70 73.90
N SER YA 130 28.18 -51.76 73.19
CA SER YA 130 26.94 -51.13 73.65
C SER YA 130 25.73 -51.92 73.16
N LEU YA 131 25.58 -53.11 73.70
CA LEU YA 131 24.49 -54.02 73.34
C LEU YA 131 23.72 -54.43 74.59
N THR YA 132 22.65 -55.18 74.37
CA THR YA 132 21.79 -55.71 75.42
C THR YA 132 21.95 -57.23 75.48
N GLU YA 133 21.87 -57.78 76.68
CA GLU YA 133 22.11 -59.21 76.88
C GLU YA 133 21.21 -60.06 75.98
N ALA YA 134 19.91 -59.76 75.97
CA ALA YA 134 18.99 -60.50 75.11
C ALA YA 134 19.35 -60.31 73.64
N SER YA 135 19.71 -59.09 73.26
CA SER YA 135 20.16 -58.84 71.88
C SER YA 135 21.43 -59.62 71.57
N LEU YA 136 22.33 -59.74 72.54
CA LEU YA 136 23.56 -60.51 72.33
C LEU YA 136 23.24 -61.99 72.12
N GLN YA 137 22.31 -62.53 72.90
CA GLN YA 137 21.91 -63.92 72.72
C GLN YA 137 21.27 -64.12 71.35
N LYS YA 138 20.40 -63.18 70.94
CA LYS YA 138 19.78 -63.28 69.63
C LYS YA 138 20.82 -63.20 68.53
N LEU YA 139 21.82 -62.34 68.68
CA LEU YA 139 22.91 -62.25 67.73
C LEU YA 139 23.67 -63.56 67.63
N GLN YA 140 23.96 -64.18 68.78
CA GLN YA 140 24.67 -65.45 68.78
C GLN YA 140 23.87 -66.52 68.04
N GLU YA 141 22.57 -66.62 68.34
CA GLU YA 141 21.74 -67.61 67.66
C GLU YA 141 21.65 -67.33 66.16
N ARG YA 142 21.53 -66.05 65.78
CA ARG YA 142 21.44 -65.69 64.37
C ARG YA 142 22.74 -66.03 63.64
N ARG YA 143 23.88 -65.77 64.26
CA ARG YA 143 25.16 -66.12 63.65
C ARG YA 143 25.29 -67.64 63.51
N ASP YA 144 24.84 -68.38 64.51
CA ASP YA 144 24.87 -69.84 64.40
C ASP YA 144 23.99 -70.32 63.25
N GLN YA 145 22.83 -69.70 63.07
CA GLN YA 145 21.97 -70.06 61.93
C GLN YA 145 22.64 -69.67 60.62
N GLU YA 146 23.32 -68.52 60.59
CA GLU YA 146 24.06 -68.11 59.39
C GLU YA 146 25.09 -69.15 58.99
N LEU YA 147 25.91 -69.61 59.95
CA LEU YA 147 26.93 -70.60 59.64
C LEU YA 147 26.33 -71.97 59.35
N ARG YA 148 25.05 -72.19 59.65
CA ARG YA 148 24.41 -73.47 59.40
C ARG YA 148 24.13 -73.65 57.91
N ASN ZA 16 -43.03 -67.53 58.43
CA ASN ZA 16 -42.39 -68.46 57.50
C ASN ZA 16 -41.95 -67.75 56.22
N ILE ZA 17 -41.09 -66.75 56.38
CA ILE ZA 17 -40.58 -66.01 55.24
C ILE ZA 17 -39.67 -66.92 54.42
N LYS ZA 18 -39.99 -67.09 53.14
CA LYS ZA 18 -39.24 -67.98 52.27
C LYS ZA 18 -39.17 -67.41 50.86
N ILE ZA 19 -38.20 -67.91 50.10
CA ILE ZA 19 -37.99 -67.54 48.71
C ILE ZA 19 -38.55 -68.64 47.82
N MET ZA 20 -39.27 -68.21 46.78
CA MET ZA 20 -39.99 -69.05 45.83
C MET ZA 20 -39.38 -68.83 44.47
N ARG ZA 21 -39.08 -69.93 43.76
CA ARG ZA 21 -38.66 -69.87 42.37
C ARG ZA 21 -39.81 -70.38 41.50
N LEU ZA 22 -40.34 -69.50 40.67
CA LEU ZA 22 -41.45 -69.84 39.79
C LEU ZA 22 -40.91 -70.37 38.46
N VAL ZA 23 -41.81 -71.02 37.70
CA VAL ZA 23 -41.42 -71.59 36.42
C VAL ZA 23 -41.02 -70.50 35.43
N THR ZA 24 -41.56 -69.29 35.59
CA THR ZA 24 -41.24 -68.19 34.68
C THR ZA 24 -40.02 -67.40 35.16
N CYS ZA 25 -38.95 -68.12 35.46
CA CYS ZA 25 -37.66 -67.56 35.88
C CYS ZA 25 -37.83 -66.34 36.79
N GLU ZA 26 -38.58 -66.54 37.87
CA GLU ZA 26 -38.91 -65.47 38.79
C GLU ZA 26 -38.59 -65.89 40.21
N ASP ZA 27 -38.02 -64.96 40.98
CA ASP ZA 27 -37.70 -65.17 42.39
C ASP ZA 27 -38.54 -64.21 43.22
N ILE ZA 28 -39.36 -64.74 44.12
CA ILE ZA 28 -40.27 -63.93 44.93
C ILE ZA 28 -40.18 -64.38 46.38
N ILE ZA 29 -40.00 -63.42 47.28
CA ILE ZA 29 -39.94 -63.70 48.71
C ILE ZA 29 -41.27 -63.35 49.35
N GLY ZA 30 -41.71 -64.17 50.30
CA GLY ZA 30 -42.97 -63.89 50.97
C GLY ZA 30 -43.20 -64.89 52.08
N ASN ZA 31 -44.28 -64.64 52.84
CA ASN ZA 31 -44.67 -65.51 53.93
C ASN ZA 31 -45.57 -66.59 53.35
N ILE ZA 32 -45.11 -67.84 53.38
CA ILE ZA 32 -45.79 -68.92 52.69
C ILE ZA 32 -46.38 -69.90 53.69
N SER ZA 33 -47.48 -70.53 53.29
CA SER ZA 33 -48.12 -71.60 54.02
C SER ZA 33 -48.32 -72.78 53.06
N GLU ZA 34 -47.89 -73.96 53.48
CA GLU ZA 34 -47.82 -75.12 52.61
C GLU ZA 34 -48.95 -76.09 52.93
N SER ZA 35 -49.68 -76.50 51.89
CA SER ZA 35 -50.74 -77.49 51.98
C SER ZA 35 -50.36 -78.68 51.09
N GLN ZA 36 -51.22 -79.70 51.08
CA GLN ZA 36 -50.87 -80.96 50.41
C GLN ZA 36 -50.66 -80.76 48.91
N GLY ZA 37 -51.47 -79.92 48.28
CA GLY ZA 37 -51.37 -79.75 46.84
C GLY ZA 37 -51.05 -78.34 46.38
N LEU ZA 38 -51.44 -77.35 47.19
CA LEU ZA 38 -51.27 -75.95 46.84
C LEU ZA 38 -50.66 -75.20 48.01
N ILE ZA 39 -50.09 -74.03 47.72
CA ILE ZA 39 -49.49 -73.20 48.74
C ILE ZA 39 -50.01 -71.78 48.63
N THR ZA 40 -50.11 -71.11 49.77
CA THR ZA 40 -50.56 -69.73 49.84
C THR ZA 40 -49.38 -68.84 50.19
N ILE ZA 41 -49.38 -67.63 49.65
CA ILE ZA 41 -48.29 -66.68 49.86
C ILE ZA 41 -48.87 -65.31 50.19
N LYS ZA 42 -48.21 -64.62 51.11
CA LYS ZA 42 -48.59 -63.27 51.51
C LYS ZA 42 -47.38 -62.35 51.40
N LYS ZA 43 -47.65 -61.11 50.99
CA LYS ZA 43 -46.64 -60.07 50.85
C LYS ZA 43 -45.48 -60.54 49.95
N ALA ZA 44 -45.85 -61.08 48.79
CA ALA ZA 44 -44.84 -61.50 47.82
C ALA ZA 44 -44.14 -60.28 47.22
N PHE ZA 45 -42.85 -60.46 46.91
CA PHE ZA 45 -42.05 -59.40 46.32
C PHE ZA 45 -41.04 -60.00 45.36
N VAL ZA 46 -41.08 -59.56 44.11
CA VAL ZA 46 -40.08 -59.96 43.13
C VAL ZA 46 -38.76 -59.26 43.43
N ILE ZA 47 -37.67 -59.98 43.20
CA ILE ZA 47 -36.32 -59.50 43.49
C ILE ZA 47 -35.64 -59.19 42.15
N ILE ZA 48 -35.20 -57.95 41.98
CA ILE ZA 48 -34.50 -57.50 40.80
C ILE ZA 48 -33.05 -57.24 41.19
N PRO ZA 49 -32.08 -57.97 40.62
CA PRO ZA 49 -30.65 -57.79 40.92
C PRO ZA 49 -30.11 -56.45 40.43
N LEU ZA 60 -29.92 -54.99 45.63
CA LEU ZA 60 -31.17 -55.66 45.29
C LEU ZA 60 -32.35 -54.71 45.33
N VAL ZA 61 -33.37 -55.00 44.54
CA VAL ZA 61 -34.59 -54.18 44.48
C VAL ZA 61 -35.79 -55.09 44.72
N LEU ZA 62 -36.70 -54.65 45.59
CA LEU ZA 62 -37.92 -55.38 45.87
C LEU ZA 62 -39.09 -54.69 45.20
N CYS ZA 63 -39.88 -55.46 44.44
CA CYS ZA 63 -41.02 -54.91 43.74
C CYS ZA 63 -42.27 -55.71 44.08
N PRO ZA 64 -43.43 -55.06 44.20
CA PRO ZA 64 -44.66 -55.83 44.45
C PRO ZA 64 -44.91 -56.84 43.34
N TRP ZA 65 -45.29 -58.05 43.74
CA TRP ZA 65 -45.48 -59.13 42.77
C TRP ZA 65 -46.72 -58.91 41.93
N GLN ZA 66 -47.84 -58.56 42.57
CA GLN ZA 66 -49.12 -58.40 41.90
C GLN ZA 66 -49.69 -57.03 42.25
N PRO ZA 67 -49.22 -55.98 41.59
CA PRO ZA 67 -49.74 -54.64 41.89
C PRO ZA 67 -51.04 -54.35 41.15
N TYR ZA 68 -51.94 -55.33 41.13
CA TYR ZA 68 -53.24 -55.18 40.50
C TYR ZA 68 -54.39 -55.70 41.35
N THR ZA 69 -54.12 -56.40 42.44
CA THR ZA 69 -55.15 -56.97 43.29
C THR ZA 69 -55.00 -56.47 44.72
N ASP ZA 70 -56.12 -56.49 45.44
CA ASP ZA 70 -56.16 -56.12 46.84
C ASP ZA 70 -56.24 -57.31 47.77
N ASP ZA 71 -56.11 -58.52 47.24
CA ASP ZA 71 -56.21 -59.72 48.05
C ASP ZA 71 -55.02 -59.83 49.00
N LYS ZA 72 -55.29 -60.31 50.22
CA LYS ZA 72 -54.24 -60.42 51.22
C LYS ZA 72 -53.28 -61.57 50.88
N GLU ZA 73 -53.81 -62.68 50.37
CA GLU ZA 73 -53.01 -63.85 50.08
C GLU ZA 73 -53.33 -64.36 48.68
N ILE ZA 74 -52.34 -65.03 48.08
CA ILE ZA 74 -52.46 -65.59 46.74
C ILE ZA 74 -52.18 -67.09 46.81
N VAL ZA 75 -53.07 -67.87 46.23
CA VAL ZA 75 -52.94 -69.33 46.20
C VAL ZA 75 -52.31 -69.74 44.88
N ILE ZA 76 -51.48 -70.78 44.91
CA ILE ZA 76 -50.78 -71.23 43.72
C ILE ZA 76 -50.49 -72.72 43.85
N ASP ZA 77 -50.67 -73.45 42.75
CA ASP ZA 77 -50.42 -74.88 42.73
C ASP ZA 77 -48.94 -75.18 42.87
N ASP ZA 78 -48.64 -76.31 43.52
CA ASP ZA 78 -47.26 -76.72 43.75
C ASP ZA 78 -46.58 -77.26 42.50
N SER ZA 79 -47.34 -77.56 41.44
CA SER ZA 79 -46.73 -78.06 40.22
C SER ZA 79 -45.93 -76.99 39.49
N LYS ZA 80 -46.17 -75.72 39.79
CA LYS ZA 80 -45.43 -74.61 39.21
C LYS ZA 80 -44.28 -74.15 40.09
N VAL ZA 81 -43.79 -75.04 40.96
CA VAL ZA 81 -42.73 -74.72 41.92
C VAL ZA 81 -41.42 -75.30 41.39
N ILE ZA 82 -40.36 -74.49 41.43
CA ILE ZA 82 -39.04 -74.96 41.07
C ILE ZA 82 -38.28 -75.25 42.35
N THR ZA 83 -38.06 -74.22 43.17
CA THR ZA 83 -37.38 -74.37 44.46
C THR ZA 83 -38.05 -73.52 45.51
N ILE ZA 84 -38.11 -74.06 46.73
CA ILE ZA 84 -38.48 -73.33 47.94
C ILE ZA 84 -37.25 -73.28 48.82
N THR ZA 85 -36.97 -72.11 49.40
CA THR ZA 85 -35.76 -72.02 50.21
C THR ZA 85 -35.92 -70.98 51.30
N SER ZA 86 -35.04 -71.05 52.29
CA SER ZA 86 -35.01 -70.10 53.39
C SER ZA 86 -33.99 -69.01 53.11
N PRO ZA 87 -34.37 -67.74 53.12
CA PRO ZA 87 -33.44 -66.67 52.76
C PRO ZA 87 -32.46 -66.38 53.89
N LYS ZA 88 -31.57 -65.42 53.63
CA LYS ZA 88 -30.60 -64.98 54.61
C LYS ZA 88 -31.23 -63.97 55.57
N ASP ZA 89 -30.51 -63.68 56.66
CA ASP ZA 89 -31.03 -62.74 57.66
C ASP ZA 89 -31.13 -61.32 57.10
N ASP ZA 90 -30.15 -60.92 56.29
CA ASP ZA 90 -30.18 -59.57 55.72
C ASP ZA 90 -31.39 -59.39 54.82
N ILE ZA 91 -31.71 -60.40 54.02
CA ILE ZA 91 -32.87 -60.31 53.13
C ILE ZA 91 -34.15 -60.21 53.95
N ILE ZA 92 -34.26 -60.99 55.02
CA ILE ZA 92 -35.44 -60.93 55.87
C ILE ZA 92 -35.58 -59.55 56.51
N LYS ZA 93 -34.46 -59.00 56.98
CA LYS ZA 93 -34.49 -57.66 57.58
C LYS ZA 93 -34.93 -56.61 56.57
N SER ZA 94 -34.40 -56.69 55.34
CA SER ZA 94 -34.80 -55.74 54.30
C SER ZA 94 -36.28 -55.88 53.97
N TYR ZA 95 -36.77 -57.13 53.89
CA TYR ZA 95 -38.18 -57.37 53.62
C TYR ZA 95 -39.07 -56.78 54.71
N GLU ZA 96 -38.68 -56.98 55.98
CA GLU ZA 96 -39.43 -56.41 57.10
C GLU ZA 96 -39.45 -54.90 57.03
N SER ZA 97 -38.29 -54.29 56.77
CA SER ZA 97 -38.22 -52.84 56.70
C SER ZA 97 -39.09 -52.31 55.56
N HIS ZA 98 -39.05 -52.97 54.41
CA HIS ZA 98 -39.86 -52.55 53.27
C HIS ZA 98 -41.34 -52.60 53.60
N THR ZA 99 -41.80 -53.71 54.19
CA THR ZA 99 -43.21 -53.84 54.54
C THR ZA 99 -43.62 -52.77 55.56
N ARG ZA 100 -42.79 -52.55 56.57
CA ARG ZA 100 -43.11 -51.55 57.59
C ARG ZA 100 -43.20 -50.16 56.97
N VAL ZA 101 -42.27 -49.82 56.08
CA VAL ZA 101 -42.30 -48.51 55.43
C VAL ZA 101 -43.56 -48.36 54.60
N LEU ZA 102 -43.92 -49.41 53.85
CA LEU ZA 102 -45.13 -49.33 53.04
C LEU ZA 102 -46.38 -49.13 53.90
N GLU ZA 103 -46.47 -49.86 55.02
CA GLU ZA 103 -47.64 -49.71 55.89
C GLU ZA 103 -47.69 -48.31 56.51
N ASN ZA 104 -46.53 -47.78 56.90
CA ASN ZA 104 -46.50 -46.42 57.44
C ASN ZA 104 -46.94 -45.40 56.40
N LYS ZA 105 -46.49 -45.57 55.15
CA LYS ZA 105 -46.93 -44.67 54.09
C LYS ZA 105 -48.44 -44.76 53.89
N GLN ZA 106 -48.98 -45.98 53.94
CA GLN ZA 106 -50.43 -46.15 53.76
C GLN ZA 106 -51.22 -45.45 54.86
N VAL ZA 107 -50.78 -45.62 56.12
CA VAL ZA 107 -51.53 -45.01 57.21
C VAL ZA 107 -51.40 -43.49 57.17
N GLU ZA 108 -50.22 -42.97 56.79
CA GLU ZA 108 -50.06 -41.53 56.65
C GLU ZA 108 -50.97 -40.99 55.55
N GLU ZA 109 -51.07 -41.70 54.43
CA GLU ZA 109 -51.98 -41.26 53.36
C GLU ZA 109 -53.42 -41.27 53.83
N ILE ZA 110 -53.80 -42.29 54.62
CA ILE ZA 110 -55.16 -42.36 55.13
C ILE ZA 110 -55.46 -41.16 56.02
N LEU ZA 111 -54.51 -40.81 56.89
CA LEU ZA 111 -54.70 -39.64 57.76
C LEU ZA 111 -54.82 -38.36 56.95
N ARG ZA 112 -53.96 -38.21 55.92
CA ARG ZA 112 -54.02 -37.02 55.08
C ARG ZA 112 -55.38 -36.92 54.40
N LEU ZA 113 -55.89 -38.04 53.89
CA LEU ZA 113 -57.20 -38.02 53.25
C LEU ZA 113 -58.31 -37.69 54.24
N GLU ZA 114 -58.21 -38.21 55.47
CA GLU ZA 114 -59.15 -37.84 56.52
C GLU ZA 114 -59.20 -36.33 56.69
N LYS ZA 115 -58.03 -35.70 56.86
CA LYS ZA 115 -57.99 -34.26 57.06
C LYS ZA 115 -58.55 -33.51 55.86
N GLU ZA 116 -58.18 -33.94 54.65
CA GLU ZA 116 -58.63 -33.25 53.45
C GLU ZA 116 -60.14 -33.32 53.29
N ILE ZA 117 -60.72 -34.52 53.50
CA ILE ZA 117 -62.16 -34.66 53.32
C ILE ZA 117 -62.91 -33.89 54.39
N GLU ZA 118 -62.38 -33.87 55.62
CA GLU ZA 118 -63.03 -33.08 56.67
C GLU ZA 118 -63.05 -31.61 56.32
N ASP ZA 119 -61.90 -31.07 55.88
CA ASP ZA 119 -61.83 -29.66 55.52
C ASP ZA 119 -62.78 -29.35 54.36
N LEU ZA 120 -62.78 -30.21 53.34
CA LEU ZA 120 -63.64 -29.98 52.19
C LEU ZA 120 -65.11 -29.99 52.58
N GLN ZA 121 -65.51 -30.96 53.41
CA GLN ZA 121 -66.90 -31.03 53.84
C GLN ZA 121 -67.30 -29.80 54.64
N ARG ZA 122 -66.43 -29.35 55.55
CA ARG ZA 122 -66.75 -28.16 56.35
C ARG ZA 122 -66.91 -26.93 55.46
N MET ZA 123 -65.98 -26.73 54.52
CA MET ZA 123 -66.07 -25.54 53.68
C MET ZA 123 -67.27 -25.62 52.76
N LYS ZA 124 -67.60 -26.82 52.26
CA LYS ZA 124 -68.79 -26.98 51.43
C LYS ZA 124 -70.06 -26.68 52.20
N GLU ZA 125 -70.14 -27.14 53.46
CA GLU ZA 125 -71.29 -26.81 54.28
C GLU ZA 125 -71.40 -25.32 54.52
N GLN ZA 126 -70.27 -24.66 54.77
CA GLN ZA 126 -70.29 -23.21 54.93
C GLN ZA 126 -70.80 -22.52 53.67
N GLN ZA 127 -70.35 -22.97 52.50
CA GLN ZA 127 -70.85 -22.42 51.25
C GLN ZA 127 -72.35 -22.64 51.10
N GLU ZA 128 -72.82 -23.84 51.46
CA GLU ZA 128 -74.25 -24.14 51.34
C GLU ZA 128 -75.08 -23.28 52.28
N LEU ZA 129 -74.54 -22.92 53.44
CA LEU ZA 129 -75.32 -22.15 54.41
C LEU ZA 129 -75.74 -20.80 53.84
N SER ZA 130 -74.84 -20.11 53.15
CA SER ZA 130 -75.11 -18.76 52.63
C SER ZA 130 -75.70 -18.84 51.23
N LEU ZA 131 -76.92 -19.36 51.17
CA LEU ZA 131 -77.62 -19.53 49.90
C LEU ZA 131 -78.99 -18.84 49.96
N THR ZA 132 -79.68 -18.87 48.83
CA THR ZA 132 -81.00 -18.28 48.68
C THR ZA 132 -82.02 -19.41 48.48
N GLU ZA 133 -83.23 -19.22 49.01
CA GLU ZA 133 -84.24 -20.28 48.96
C GLU ZA 133 -84.49 -20.76 47.54
N ALA ZA 134 -84.69 -19.82 46.62
CA ALA ZA 134 -84.91 -20.19 45.22
C ALA ZA 134 -83.68 -20.90 44.65
N SER ZA 135 -82.49 -20.42 44.99
CA SER ZA 135 -81.27 -21.10 44.56
C SER ZA 135 -81.18 -22.50 45.15
N LEU ZA 136 -81.62 -22.67 46.41
CA LEU ZA 136 -81.61 -23.99 47.02
C LEU ZA 136 -82.56 -24.94 46.31
N GLN ZA 137 -83.76 -24.45 45.94
CA GLN ZA 137 -84.69 -25.28 45.19
C GLN ZA 137 -84.11 -25.65 43.82
N LYS ZA 138 -83.50 -24.69 43.15
CA LYS ZA 138 -82.87 -24.98 41.86
C LYS ZA 138 -81.75 -25.99 42.01
N LEU ZA 139 -80.95 -25.88 43.08
CA LEU ZA 139 -79.91 -26.86 43.36
C LEU ZA 139 -80.50 -28.25 43.56
N GLN ZA 140 -81.59 -28.34 44.32
CA GLN ZA 140 -82.22 -29.64 44.55
C GLN ZA 140 -82.70 -30.26 43.25
N GLU ZA 141 -83.37 -29.46 42.42
CA GLU ZA 141 -83.84 -29.98 41.13
C GLU ZA 141 -82.68 -30.39 40.23
N ARG ZA 142 -81.61 -29.59 40.23
CA ARG ZA 142 -80.46 -29.91 39.39
C ARG ZA 142 -79.78 -31.19 39.85
N ARG ZA 143 -79.66 -31.39 41.17
CA ARG ZA 143 -79.09 -32.63 41.69
C ARG ZA 143 -79.96 -33.83 41.34
N ASP ZA 144 -81.29 -33.65 41.42
CA ASP ZA 144 -82.19 -34.73 41.03
C ASP ZA 144 -82.02 -35.08 39.56
N GLN ZA 145 -81.84 -34.06 38.70
CA GLN ZA 145 -81.60 -34.34 37.29
C GLN ZA 145 -80.24 -35.01 37.09
N GLU ZA 146 -79.24 -34.61 37.87
CA GLU ZA 146 -77.93 -35.26 37.82
C GLU ZA 146 -78.04 -36.75 38.11
N LEU ZA 147 -78.72 -37.10 39.20
CA LEU ZA 147 -78.86 -38.51 39.54
C LEU ZA 147 -79.78 -39.27 38.60
N ARG ZA 148 -80.53 -38.56 37.76
CA ARG ZA 148 -81.42 -39.20 36.81
C ARG ZA 148 -80.64 -39.83 35.66
N ASN AB 16 -98.12 2.59 -13.77
CA ASN AB 16 -97.94 1.18 -14.07
C ASN AB 16 -96.47 0.86 -14.33
N ILE AB 17 -95.62 1.14 -13.34
CA ILE AB 17 -94.19 0.87 -13.46
C ILE AB 17 -93.98 -0.64 -13.48
N LYS AB 18 -93.34 -1.14 -14.53
CA LYS AB 18 -93.12 -2.57 -14.70
C LYS AB 18 -91.78 -2.81 -15.36
N ILE AB 19 -91.30 -4.05 -15.19
CA ILE AB 19 -90.05 -4.52 -15.78
C ILE AB 19 -90.37 -5.36 -17.01
N MET AB 20 -89.62 -5.11 -18.08
CA MET AB 20 -89.78 -5.70 -19.39
C MET AB 20 -88.52 -6.49 -19.71
N ARG AB 21 -88.69 -7.74 -20.16
CA ARG AB 21 -87.59 -8.54 -20.66
C ARG AB 21 -87.71 -8.63 -22.18
N LEU AB 22 -86.74 -8.07 -22.88
CA LEU AB 22 -86.72 -8.09 -24.34
C LEU AB 22 -86.03 -9.34 -24.86
N VAL AB 23 -86.24 -9.61 -26.14
CA VAL AB 23 -85.64 -10.79 -26.76
C VAL AB 23 -84.12 -10.69 -26.78
N THR AB 24 -83.59 -9.47 -26.81
CA THR AB 24 -82.13 -9.28 -26.85
C THR AB 24 -81.54 -9.20 -25.45
N CYS AB 25 -81.88 -10.18 -24.61
CA CYS AB 25 -81.39 -10.34 -23.24
C CYS AB 25 -81.22 -8.98 -22.54
N GLU AB 26 -82.32 -8.23 -22.51
CA GLU AB 26 -82.31 -6.89 -21.96
C GLU AB 26 -83.45 -6.73 -20.95
N ASP AB 27 -83.16 -6.07 -19.84
CA ASP AB 27 -84.13 -5.78 -18.80
C ASP AB 27 -84.31 -4.27 -18.70
N ILE AB 28 -85.53 -3.79 -18.92
CA ILE AB 28 -85.81 -2.37 -18.93
C ILE AB 28 -87.05 -2.08 -18.10
N ILE AB 29 -86.96 -1.12 -17.19
CA ILE AB 29 -88.08 -0.73 -16.34
C ILE AB 29 -88.69 0.55 -16.90
N GLY AB 30 -90.01 0.64 -16.85
CA GLY AB 30 -90.68 1.83 -17.35
C GLY AB 30 -92.17 1.76 -17.10
N ASN AB 31 -92.84 2.87 -17.40
CA ASN AB 31 -94.29 2.96 -17.25
C ASN AB 31 -94.91 2.46 -18.55
N ILE AB 32 -95.63 1.34 -18.48
CA ILE AB 32 -96.11 0.66 -19.67
C ILE AB 32 -97.63 0.76 -19.74
N SER AB 33 -98.13 0.75 -20.98
CA SER AB 33 -99.54 0.68 -21.28
C SER AB 33 -99.75 -0.45 -22.29
N GLU AB 34 -100.69 -1.33 -21.99
CA GLU AB 34 -100.87 -2.57 -22.74
C GLU AB 34 -102.09 -2.46 -23.65
N SER AB 35 -101.90 -2.80 -24.92
CA SER AB 35 -102.96 -2.86 -25.91
C SER AB 35 -103.05 -4.29 -26.44
N GLN AB 36 -104.00 -4.53 -27.35
CA GLN AB 36 -104.29 -5.89 -27.78
C GLN AB 36 -103.09 -6.53 -28.48
N GLY AB 37 -102.35 -5.76 -29.27
CA GLY AB 37 -101.25 -6.33 -30.02
C GLY AB 37 -99.90 -5.72 -29.72
N LEU AB 38 -99.88 -4.47 -29.29
CA LEU AB 38 -98.66 -3.73 -29.04
C LEU AB 38 -98.75 -3.04 -27.69
N ILE AB 39 -97.58 -2.66 -27.16
CA ILE AB 39 -97.52 -1.97 -25.87
C ILE AB 39 -96.66 -0.73 -26.01
N THR AB 40 -97.00 0.29 -25.24
CA THR AB 40 -96.26 1.54 -25.21
C THR AB 40 -95.52 1.65 -23.88
N ILE AB 41 -94.34 2.26 -23.93
CA ILE AB 41 -93.49 2.40 -22.74
C ILE AB 41 -92.98 3.83 -22.65
N LYS AB 42 -92.92 4.34 -21.43
CA LYS AB 42 -92.41 5.68 -21.16
C LYS AB 42 -91.33 5.59 -20.09
N LYS AB 43 -90.30 6.43 -20.24
CA LYS AB 43 -89.19 6.52 -19.30
C LYS AB 43 -88.53 5.15 -19.08
N ALA AB 44 -88.23 4.48 -20.19
CA ALA AB 44 -87.55 3.19 -20.10
C ALA AB 44 -86.11 3.38 -19.62
N PHE AB 45 -85.62 2.39 -18.88
CA PHE AB 45 -84.25 2.43 -18.37
C PHE AB 45 -83.70 1.01 -18.32
N VAL AB 46 -82.58 0.81 -19.00
CA VAL AB 46 -81.88 -0.47 -18.92
C VAL AB 46 -81.20 -0.59 -17.57
N ILE AB 47 -81.17 -1.82 -17.04
CA ILE AB 47 -80.61 -2.12 -15.74
C ILE AB 47 -79.31 -2.87 -15.94
N ILE AB 48 -78.22 -2.32 -15.41
CA ILE AB 48 -76.90 -2.92 -15.48
C ILE AB 48 -76.52 -3.38 -14.08
N PRO AB 49 -76.33 -4.70 -13.86
CA PRO AB 49 -75.95 -5.25 -12.55
C PRO AB 49 -74.55 -4.82 -12.11
N LEU AB 60 -76.99 -1.63 -8.49
CA LEU AB 60 -77.61 -1.55 -9.81
C LEU AB 60 -77.36 -0.20 -10.45
N VAL AB 61 -77.36 -0.16 -11.78
CA VAL AB 61 -77.15 1.06 -12.54
C VAL AB 61 -78.30 1.21 -13.53
N LEU AB 62 -78.87 2.41 -13.60
CA LEU AB 62 -79.95 2.71 -14.53
C LEU AB 62 -79.40 3.57 -15.67
N CYS AB 63 -79.66 3.14 -16.90
CA CYS AB 63 -79.17 3.87 -18.07
C CYS AB 63 -80.34 4.15 -19.00
N PRO AB 64 -80.35 5.31 -19.66
CA PRO AB 64 -81.43 5.58 -20.63
C PRO AB 64 -81.45 4.52 -21.74
N TRP AB 65 -82.65 4.07 -22.08
CA TRP AB 65 -82.79 3.00 -23.05
C TRP AB 65 -82.48 3.48 -24.46
N GLN AB 66 -83.01 4.64 -24.84
CA GLN AB 66 -82.87 5.18 -26.19
C GLN AB 66 -82.36 6.62 -26.08
N PRO AB 67 -81.06 6.80 -25.86
CA PRO AB 67 -80.53 8.17 -25.76
C PRO AB 67 -80.24 8.77 -27.13
N TYR AB 68 -81.18 8.59 -28.05
CA TYR AB 68 -81.07 9.14 -29.40
C TYR AB 68 -82.35 9.80 -29.88
N THR AB 69 -83.47 9.64 -29.19
CA THR AB 69 -84.75 10.19 -29.60
C THR AB 69 -85.31 11.09 -28.51
N ASP AB 70 -86.16 12.02 -28.93
CA ASP AB 70 -86.86 12.92 -28.03
C ASP AB 70 -88.32 12.52 -27.82
N ASP AB 71 -88.74 11.37 -28.33
CA ASP AB 71 -90.11 10.95 -28.20
C ASP AB 71 -90.44 10.62 -26.75
N LYS AB 72 -91.66 10.97 -26.33
CA LYS AB 72 -92.07 10.72 -24.96
C LYS AB 72 -92.33 9.25 -24.70
N GLU AB 73 -92.89 8.54 -25.69
CA GLU AB 73 -93.24 7.14 -25.53
C GLU AB 73 -92.74 6.35 -26.73
N ILE AB 74 -92.48 5.07 -26.51
CA ILE AB 74 -91.99 4.15 -27.53
C ILE AB 74 -92.96 2.98 -27.64
N VAL AB 75 -93.39 2.67 -28.85
CA VAL AB 75 -94.31 1.57 -29.12
C VAL AB 75 -93.50 0.35 -29.53
N ILE AB 76 -93.96 -0.83 -29.12
CA ILE AB 76 -93.24 -2.07 -29.42
C ILE AB 76 -94.24 -3.22 -29.48
N ASP AB 77 -94.06 -4.11 -30.45
CA ASP AB 77 -94.92 -5.26 -30.62
C ASP AB 77 -94.76 -6.23 -29.46
N ASP AB 78 -95.85 -6.92 -29.11
CA ASP AB 78 -95.84 -7.88 -28.02
C ASP AB 78 -95.15 -9.19 -28.38
N SER AB 79 -94.90 -9.44 -29.67
CA SER AB 79 -94.22 -10.67 -30.07
C SER AB 79 -92.76 -10.69 -29.64
N LYS AB 80 -92.18 -9.52 -29.34
CA LYS AB 80 -90.81 -9.42 -28.86
C LYS AB 80 -90.73 -9.37 -27.34
N VAL AB 81 -91.74 -9.88 -26.66
CA VAL AB 81 -91.84 -9.85 -25.20
C VAL AB 81 -91.47 -11.22 -24.65
N ILE AB 82 -90.62 -11.22 -23.63
CA ILE AB 82 -90.27 -12.47 -22.95
C ILE AB 82 -91.07 -12.53 -21.67
N THR AB 83 -90.86 -11.58 -20.76
CA THR AB 83 -91.61 -11.50 -19.51
C THR AB 83 -91.96 -10.07 -19.17
N ILE AB 84 -93.16 -9.88 -18.62
CA ILE AB 84 -93.59 -8.63 -18.01
C ILE AB 84 -93.75 -8.91 -16.53
N THR AB 85 -93.26 -7.99 -15.68
CA THR AB 85 -93.36 -8.26 -14.25
C THR AB 85 -93.43 -6.97 -13.47
N SER AB 86 -93.88 -7.08 -12.21
CA SER AB 86 -93.96 -5.94 -11.31
C SER AB 86 -92.71 -5.88 -10.44
N PRO AB 87 -91.98 -4.78 -10.42
CA PRO AB 87 -90.72 -4.71 -9.67
C PRO AB 87 -90.97 -4.55 -8.18
N LYS AB 88 -89.87 -4.51 -7.42
CA LYS AB 88 -89.93 -4.31 -5.98
C LYS AB 88 -90.09 -2.82 -5.66
N ASP AB 89 -90.38 -2.55 -4.38
CA ASP AB 89 -90.59 -1.18 -3.95
C ASP AB 89 -89.30 -0.37 -4.02
N ASP AB 90 -88.17 -0.99 -3.67
CA ASP AB 90 -86.90 -0.28 -3.70
C ASP AB 90 -86.55 0.14 -5.13
N ILE AB 91 -86.80 -0.73 -6.10
CA ILE AB 91 -86.52 -0.41 -7.49
C ILE AB 91 -87.40 0.74 -7.95
N ILE AB 92 -88.67 0.73 -7.58
CA ILE AB 92 -89.58 1.81 -7.95
C ILE AB 92 -89.12 3.12 -7.33
N LYS AB 93 -88.70 3.10 -6.07
CA LYS AB 93 -88.22 4.30 -5.42
C LYS AB 93 -86.97 4.84 -6.11
N SER AB 94 -86.04 3.96 -6.47
CA SER AB 94 -84.84 4.40 -7.17
C SER AB 94 -85.18 4.98 -8.54
N TYR AB 95 -86.12 4.36 -9.25
CA TYR AB 95 -86.54 4.86 -10.55
C TYR AB 95 -87.16 6.25 -10.42
N GLU AB 96 -88.02 6.44 -9.42
CA GLU AB 96 -88.62 7.75 -9.19
C GLU AB 96 -87.56 8.80 -8.86
N SER AB 97 -86.61 8.46 -8.00
CA SER AB 97 -85.56 9.40 -7.65
C SER AB 97 -84.72 9.76 -8.86
N HIS AB 98 -84.37 8.77 -9.68
CA HIS AB 98 -83.59 9.03 -10.88
C HIS AB 98 -84.32 9.97 -11.83
N THR AB 99 -85.61 9.70 -12.08
CA THR AB 99 -86.36 10.57 -12.99
C THR AB 99 -86.47 11.99 -12.43
N ARG AB 100 -86.73 12.12 -11.13
CA ARG AB 100 -86.84 13.45 -10.53
C ARG AB 100 -85.51 14.21 -10.64
N VAL AB 101 -84.39 13.53 -10.38
CA VAL AB 101 -83.09 14.17 -10.48
C VAL AB 101 -82.83 14.63 -11.91
N LEU AB 102 -83.16 13.78 -12.89
CA LEU AB 102 -82.95 14.15 -14.28
C LEU AB 102 -83.78 15.37 -14.66
N GLU AB 103 -85.04 15.40 -14.23
CA GLU AB 103 -85.89 16.55 -14.56
C GLU AB 103 -85.39 17.82 -13.90
N ASN AB 104 -84.92 17.72 -12.65
CA ASN AB 104 -84.36 18.89 -11.97
C ASN AB 104 -83.11 19.39 -12.69
N LYS AB 105 -82.25 18.48 -13.14
CA LYS AB 105 -81.08 18.89 -13.90
C LYS AB 105 -81.49 19.60 -15.20
N GLN AB 106 -82.51 19.06 -15.88
CA GLN AB 106 -82.97 19.68 -17.12
C GLN AB 106 -83.47 21.10 -16.89
N VAL AB 107 -84.29 21.28 -15.85
CA VAL AB 107 -84.85 22.62 -15.61
C VAL AB 107 -83.76 23.59 -15.17
N GLU AB 108 -82.79 23.12 -14.39
CA GLU AB 108 -81.66 23.97 -14.01
C GLU AB 108 -80.86 24.39 -15.23
N GLU AB 109 -80.61 23.46 -16.15
CA GLU AB 109 -79.89 23.81 -17.37
C GLU AB 109 -80.67 24.81 -18.21
N ILE AB 110 -82.00 24.66 -18.26
CA ILE AB 110 -82.81 25.61 -19.01
C ILE AB 110 -82.70 27.01 -18.41
N LEU AB 111 -82.75 27.10 -17.07
CA LEU AB 111 -82.60 28.41 -16.42
C LEU AB 111 -81.23 29.02 -16.69
N ARG AB 112 -80.18 28.19 -16.62
CA ARG AB 112 -78.84 28.67 -16.89
C ARG AB 112 -78.74 29.22 -18.31
N LEU AB 113 -79.32 28.51 -19.27
CA LEU AB 113 -79.29 28.97 -20.65
C LEU AB 113 -80.09 30.26 -20.83
N GLU AB 114 -81.22 30.38 -20.13
CA GLU AB 114 -81.97 31.63 -20.12
C GLU AB 114 -81.08 32.80 -19.71
N LYS AB 115 -80.40 32.65 -18.56
CA LYS AB 115 -79.55 33.72 -18.07
C LYS AB 115 -78.43 34.04 -19.04
N GLU AB 116 -77.79 33.00 -19.58
CA GLU AB 116 -76.67 33.21 -20.48
C GLU AB 116 -77.09 33.94 -21.75
N ILE AB 117 -78.21 33.53 -22.35
CA ILE AB 117 -78.64 34.15 -23.59
C ILE AB 117 -79.08 35.59 -23.33
N GLU AB 118 -79.73 35.85 -22.18
CA GLU AB 118 -80.11 37.22 -21.86
C GLU AB 118 -78.88 38.11 -21.73
N ASP AB 119 -77.86 37.64 -21.00
CA ASP AB 119 -76.65 38.43 -20.82
C ASP AB 119 -75.96 38.67 -22.17
N LEU AB 120 -75.86 37.63 -22.99
CA LEU AB 120 -75.21 37.78 -24.28
C LEU AB 120 -75.95 38.77 -25.17
N GLN AB 121 -77.28 38.68 -25.20
CA GLN AB 121 -78.05 39.60 -26.02
C GLN AB 121 -77.88 41.04 -25.56
N ARG AB 122 -77.91 41.26 -24.23
CA ARG AB 122 -77.75 42.61 -23.72
C ARG AB 122 -76.39 43.18 -24.08
N MET AB 123 -75.32 42.40 -23.88
CA MET AB 123 -73.98 42.90 -24.18
C MET AB 123 -73.81 43.13 -25.67
N LYS AB 124 -74.39 42.25 -26.50
CA LYS AB 124 -74.32 42.44 -27.95
C LYS AB 124 -75.03 43.71 -28.37
N GLU AB 125 -76.20 43.99 -27.79
CA GLU AB 125 -76.90 45.22 -28.11
C GLU AB 125 -76.08 46.44 -27.68
N GLN AB 126 -75.45 46.37 -26.51
CA GLN AB 126 -74.59 47.47 -26.08
C GLN AB 126 -73.45 47.69 -27.06
N GLN AB 127 -72.83 46.60 -27.54
CA GLN AB 127 -71.78 46.73 -28.54
C GLN AB 127 -72.30 47.35 -29.83
N GLU AB 128 -73.49 46.93 -30.26
CA GLU AB 128 -74.07 47.47 -31.48
C GLU AB 128 -74.38 48.95 -31.36
N LEU AB 129 -74.74 49.41 -30.15
CA LEU AB 129 -75.12 50.81 -29.98
C LEU AB 129 -73.96 51.75 -30.32
N SER AB 130 -72.74 51.43 -29.88
CA SER AB 130 -71.58 52.30 -30.08
C SER AB 130 -70.88 51.95 -31.39
N LEU AB 131 -71.58 52.26 -32.49
CA LEU AB 131 -71.07 51.98 -33.83
C LEU AB 131 -71.08 53.25 -34.66
N THR AB 132 -70.55 53.14 -35.88
CA THR AB 132 -70.48 54.22 -36.84
C THR AB 132 -71.43 53.92 -38.00
N GLU AB 133 -72.05 54.97 -38.56
CA GLU AB 133 -73.05 54.77 -39.61
C GLU AB 133 -72.50 53.97 -40.78
N ALA AB 134 -71.30 54.33 -41.26
CA ALA AB 134 -70.69 53.58 -42.36
C ALA AB 134 -70.41 52.14 -41.94
N SER AB 135 -69.93 51.95 -40.71
CA SER AB 135 -69.71 50.60 -40.19
C SER AB 135 -71.02 49.83 -40.10
N LEU AB 136 -72.11 50.50 -39.73
CA LEU AB 136 -73.41 49.85 -39.66
C LEU AB 136 -73.87 49.41 -41.05
N GLN AB 137 -73.68 50.26 -42.06
CA GLN AB 137 -74.03 49.88 -43.42
C GLN AB 137 -73.19 48.70 -43.89
N LYS AB 138 -71.89 48.72 -43.58
CA LYS AB 138 -71.03 47.60 -43.96
C LYS AB 138 -71.45 46.32 -43.26
N LEU AB 139 -71.84 46.42 -41.98
CA LEU AB 139 -72.35 45.27 -41.26
C LEU AB 139 -73.62 44.72 -41.91
N GLN AB 140 -74.53 45.60 -42.31
CA GLN AB 140 -75.76 45.15 -42.95
C GLN AB 140 -75.46 44.42 -44.26
N GLU AB 141 -74.58 45.00 -45.08
CA GLU AB 141 -74.22 44.34 -46.34
C GLU AB 141 -73.53 43.01 -46.08
N ARG AB 142 -72.64 42.95 -45.08
CA ARG AB 142 -71.93 41.71 -44.78
C ARG AB 142 -72.89 40.64 -44.30
N ARG AB 143 -73.86 41.00 -43.45
CA ARG AB 143 -74.86 40.04 -43.01
C ARG AB 143 -75.72 39.55 -44.17
N ASP AB 144 -76.07 40.45 -45.08
CA ASP AB 144 -76.81 40.03 -46.27
C ASP AB 144 -76.01 39.05 -47.10
N GLN AB 145 -74.71 39.29 -47.24
CA GLN AB 145 -73.86 38.34 -47.97
C GLN AB 145 -73.77 37.01 -47.22
N GLU AB 146 -73.69 37.07 -45.89
CA GLU AB 146 -73.68 35.86 -45.08
C GLU AB 146 -74.91 35.00 -45.34
N LEU AB 147 -76.10 35.62 -45.29
CA LEU AB 147 -77.33 34.86 -45.52
C LEU AB 147 -77.48 34.44 -46.98
N ARG AB 148 -76.68 34.98 -47.89
CA ARG AB 148 -76.77 34.62 -49.29
C ARG AB 148 -76.17 33.24 -49.54
N ASN BB 16 -20.12 51.17 -82.47
CA ASN BB 16 -20.81 49.94 -82.85
C ASN BB 16 -20.38 48.77 -81.96
N ILE BB 17 -20.58 48.92 -80.65
CA ILE BB 17 -20.24 47.88 -79.71
C ILE BB 17 -21.17 46.70 -79.92
N LYS BB 18 -20.60 45.52 -80.18
CA LYS BB 18 -21.38 44.33 -80.45
C LYS BB 18 -20.68 43.11 -79.88
N ILE BB 19 -21.48 42.04 -79.70
CA ILE BB 19 -21.01 40.76 -79.22
C ILE BB 19 -20.86 39.81 -80.40
N MET BB 20 -19.73 39.09 -80.41
CA MET BB 20 -19.30 38.19 -81.47
C MET BB 20 -19.23 36.79 -80.89
N ARG BB 21 -19.82 35.82 -81.58
CA ARG BB 21 -19.67 34.40 -81.25
C ARG BB 21 -18.75 33.76 -82.28
N LEU BB 22 -17.60 33.29 -81.82
CA LEU BB 22 -16.63 32.64 -82.68
C LEU BB 22 -16.91 31.14 -82.76
N VAL BB 23 -16.30 30.51 -83.77
CA VAL BB 23 -16.49 29.07 -83.96
C VAL BB 23 -15.93 28.27 -82.79
N THR BB 24 -14.92 28.81 -82.11
CA THR BB 24 -14.31 28.11 -80.99
C THR BB 24 -15.00 28.44 -79.67
N CYS BB 25 -16.32 28.31 -79.67
CA CYS BB 25 -17.18 28.53 -78.50
C CYS BB 25 -16.69 29.69 -77.63
N GLU BB 26 -16.55 30.84 -78.27
CA GLU BB 26 -16.02 32.04 -77.61
C GLU BB 26 -16.95 33.21 -77.83
N ASP BB 27 -17.16 34.00 -76.78
CA ASP BB 27 -17.97 35.21 -76.83
C ASP BB 27 -17.06 36.40 -76.54
N ILE BB 28 -16.99 37.33 -77.50
CA ILE BB 28 -16.10 38.49 -77.38
C ILE BB 28 -16.87 39.75 -77.75
N ILE BB 29 -16.79 40.77 -76.91
CA ILE BB 29 -17.45 42.05 -77.16
C ILE BB 29 -16.41 43.04 -77.65
N GLY BB 30 -16.80 43.87 -78.62
CA GLY BB 30 -15.87 44.87 -79.13
C GLY BB 30 -16.57 45.77 -80.13
N ASN BB 31 -15.83 46.80 -80.56
CA ASN BB 31 -16.32 47.74 -81.55
C ASN BB 31 -15.99 47.17 -82.93
N ILE BB 32 -17.03 46.83 -83.70
CA ILE BB 32 -16.83 46.10 -84.94
C ILE BB 32 -17.19 46.98 -86.13
N SER BB 33 -16.54 46.72 -87.25
CA SER BB 33 -16.83 47.35 -88.53
C SER BB 33 -16.98 46.24 -89.57
N GLU BB 34 -18.07 46.27 -90.31
CA GLU BB 34 -18.47 45.18 -91.19
C GLU BB 34 -18.17 45.55 -92.64
N SER BB 35 -17.49 44.65 -93.34
CA SER BB 35 -17.20 44.77 -94.77
C SER BB 35 -17.84 43.59 -95.49
N GLN BB 36 -17.69 43.56 -96.82
CA GLN BB 36 -18.41 42.58 -97.62
C GLN BB 36 -18.00 41.16 -97.29
N GLY BB 37 -16.72 40.93 -97.01
CA GLY BB 37 -16.26 39.58 -96.76
C GLY BB 37 -15.61 39.37 -95.40
N LEU BB 38 -15.05 40.44 -94.84
CA LEU BB 38 -14.34 40.36 -93.58
C LEU BB 38 -14.79 41.48 -92.66
N ILE BB 39 -14.53 41.33 -91.37
CA ILE BB 39 -14.91 42.33 -90.39
C ILE BB 39 -13.71 42.66 -89.51
N THR BB 40 -13.64 43.91 -89.06
CA THR BB 40 -12.59 44.37 -88.18
C THR BB 40 -13.17 44.61 -86.79
N ILE BB 41 -12.35 44.36 -85.77
CA ILE BB 41 -12.78 44.49 -84.39
C ILE BB 41 -11.72 45.24 -83.60
N LYS BB 42 -12.17 46.11 -82.69
CA LYS BB 42 -11.29 46.87 -81.82
C LYS BB 42 -11.72 46.68 -80.38
N LYS BB 43 -10.73 46.60 -79.49
CA LYS BB 43 -10.94 46.45 -78.05
C LYS BB 43 -11.80 45.23 -77.74
N ALA BB 44 -11.43 44.10 -78.34
CA ALA BB 44 -12.13 42.86 -78.08
C ALA BB 44 -11.87 42.38 -76.66
N PHE BB 45 -12.87 41.73 -76.06
CA PHE BB 45 -12.76 41.22 -74.70
C PHE BB 45 -13.57 39.93 -74.59
N VAL BB 46 -12.90 38.85 -74.20
CA VAL BB 46 -13.59 37.60 -73.92
C VAL BB 46 -14.36 37.72 -72.61
N ILE BB 47 -15.53 37.08 -72.57
CA ILE BB 47 -16.43 37.13 -71.43
C ILE BB 47 -16.39 35.77 -70.74
N ILE BB 48 -16.02 35.77 -69.46
CA ILE BB 48 -15.96 34.58 -68.63
C ILE BB 48 -17.10 34.66 -67.62
N PRO BB 49 -18.06 33.73 -67.64
CA PRO BB 49 -19.19 33.71 -66.70
C PRO BB 49 -18.75 33.41 -65.27
N LEU BB 60 -19.80 38.59 -64.20
CA LEU BB 60 -19.06 38.42 -65.44
C LEU BB 60 -17.63 38.96 -65.31
N VAL BB 61 -16.72 38.40 -66.10
CA VAL BB 61 -15.33 38.80 -66.11
C VAL BB 61 -14.93 39.12 -67.54
N LEU BB 62 -14.26 40.26 -67.73
CA LEU BB 62 -13.77 40.66 -69.05
C LEU BB 62 -12.26 40.45 -69.11
N CYS BB 63 -11.81 39.76 -70.15
CA CYS BB 63 -10.39 39.48 -70.31
C CYS BB 63 -9.94 39.93 -71.69
N PRO BB 64 -8.72 40.46 -71.83
CA PRO BB 64 -8.23 40.83 -73.16
C PRO BB 64 -8.21 39.63 -74.08
N TRP BB 65 -8.67 39.84 -75.32
CA TRP BB 65 -8.78 38.73 -76.27
C TRP BB 65 -7.41 38.29 -76.76
N GLN BB 66 -6.55 39.23 -77.12
CA GLN BB 66 -5.24 38.94 -77.69
C GLN BB 66 -4.19 39.70 -76.91
N PRO BB 67 -3.80 39.19 -75.73
CA PRO BB 67 -2.78 39.88 -74.94
C PRO BB 67 -1.37 39.55 -75.40
N TYR BB 68 -1.16 39.56 -76.72
CA TYR BB 68 0.14 39.29 -77.30
C TYR BB 68 0.50 40.26 -78.42
N THR BB 69 -0.43 41.08 -78.89
CA THR BB 69 -0.19 42.01 -79.99
C THR BB 69 -0.49 43.44 -79.54
N ASP BB 70 0.15 44.38 -80.22
CA ASP BB 70 -0.07 45.80 -80.00
C ASP BB 70 -0.94 46.44 -81.06
N ASP BB 71 -1.49 45.64 -81.97
CA ASP BB 71 -2.31 46.18 -83.05
C ASP BB 71 -3.60 46.77 -82.50
N LYS BB 72 -4.03 47.89 -83.11
CA LYS BB 72 -5.25 48.56 -82.65
C LYS BB 72 -6.49 47.77 -83.04
N GLU BB 73 -6.49 47.16 -84.23
CA GLU BB 73 -7.65 46.45 -84.74
C GLU BB 73 -7.22 45.09 -85.28
N ILE BB 74 -8.16 44.14 -85.24
CA ILE BB 74 -7.93 42.78 -85.70
C ILE BB 74 -8.95 42.46 -86.78
N VAL BB 75 -8.49 41.96 -87.92
CA VAL BB 75 -9.33 41.59 -89.04
C VAL BB 75 -9.64 40.09 -88.96
N ILE BB 76 -10.85 39.71 -89.35
CA ILE BB 76 -11.26 38.30 -89.28
C ILE BB 76 -12.29 38.04 -90.35
N ASP BB 77 -12.19 36.88 -91.00
CA ASP BB 77 -13.13 36.50 -92.04
C ASP BB 77 -14.51 36.22 -91.44
N ASP BB 78 -15.54 36.51 -92.24
CA ASP BB 78 -16.91 36.31 -91.80
C ASP BB 78 -17.33 34.85 -91.81
N SER BB 79 -16.56 33.97 -92.44
CA SER BB 79 -16.91 32.55 -92.46
C SER BB 79 -16.75 31.90 -91.10
N LYS BB 80 -15.99 32.53 -90.20
CA LYS BB 80 -15.81 32.02 -88.84
C LYS BB 80 -16.76 32.68 -87.85
N VAL BB 81 -17.88 33.20 -88.34
CA VAL BB 81 -18.86 33.92 -87.53
C VAL BB 81 -20.03 32.99 -87.24
N ILE BB 82 -20.45 32.94 -85.98
CA ILE BB 82 -21.63 32.17 -85.60
C ILE BB 82 -22.79 33.15 -85.46
N THR BB 83 -22.68 34.09 -84.52
CA THR BB 83 -23.71 35.11 -84.32
C THR BB 83 -23.07 36.46 -84.04
N ILE BB 84 -23.69 37.51 -84.59
CA ILE BB 84 -23.40 38.90 -84.24
C ILE BB 84 -24.63 39.45 -83.54
N THR BB 85 -24.43 40.19 -82.45
CA THR BB 85 -25.59 40.67 -81.72
C THR BB 85 -25.26 41.97 -80.99
N SER BB 86 -26.32 42.69 -80.60
CA SER BB 86 -26.19 43.93 -79.85
C SER BB 86 -26.33 43.65 -78.36
N PRO BB 87 -25.37 44.02 -77.54
CA PRO BB 87 -25.43 43.68 -76.11
C PRO BB 87 -26.40 44.59 -75.36
N LYS BB 88 -26.52 44.33 -74.06
CA LYS BB 88 -27.37 45.12 -73.19
C LYS BB 88 -26.65 46.39 -72.76
N ASP BB 89 -27.40 47.31 -72.16
CA ASP BB 89 -26.83 48.58 -71.72
C ASP BB 89 -25.83 48.39 -70.59
N ASP BB 90 -26.13 47.47 -69.66
CA ASP BB 90 -25.23 47.23 -68.55
C ASP BB 90 -23.88 46.71 -69.04
N ILE BB 91 -23.90 45.80 -70.02
CA ILE BB 91 -22.66 45.27 -70.57
C ILE BB 91 -21.85 46.36 -71.23
N ILE BB 92 -22.52 47.24 -71.99
CA ILE BB 92 -21.83 48.34 -72.64
C ILE BB 92 -21.21 49.28 -71.61
N LYS BB 93 -21.94 49.57 -70.54
CA LYS BB 93 -21.41 50.43 -69.49
C LYS BB 93 -20.19 49.80 -68.83
N SER BB 94 -20.25 48.50 -68.54
CA SER BB 94 -19.10 47.81 -67.94
C SER BB 94 -17.91 47.82 -68.88
N TYR BB 95 -18.15 47.60 -70.18
CA TYR BB 95 -17.08 47.63 -71.17
C TYR BB 95 -16.42 49.01 -71.23
N GLU BB 96 -17.23 50.07 -71.24
CA GLU BB 96 -16.70 51.42 -71.23
C GLU BB 96 -15.87 51.70 -69.98
N SER BB 97 -16.39 51.30 -68.82
CA SER BB 97 -15.65 51.52 -67.58
C SER BB 97 -14.32 50.77 -67.59
N HIS BB 98 -14.34 49.52 -68.06
CA HIS BB 98 -13.12 48.73 -68.12
C HIS BB 98 -12.08 49.39 -69.02
N THR BB 99 -12.50 49.82 -70.22
CA THR BB 99 -11.55 50.46 -71.13
C THR BB 99 -10.99 51.75 -70.53
N ARG BB 100 -11.86 52.57 -69.93
CA ARG BB 100 -11.40 53.82 -69.32
C ARG BB 100 -10.40 53.56 -68.20
N VAL BB 101 -10.68 52.56 -67.36
CA VAL BB 101 -9.76 52.24 -66.27
C VAL BB 101 -8.41 51.77 -66.82
N LEU BB 102 -8.43 50.94 -67.86
CA LEU BB 102 -7.19 50.47 -68.45
C LEU BB 102 -6.37 51.63 -69.02
N GLU BB 103 -7.04 52.56 -69.72
CA GLU BB 103 -6.32 53.69 -70.29
C GLU BB 103 -5.74 54.59 -69.20
N ASN BB 104 -6.50 54.80 -68.12
CA ASN BB 104 -5.99 55.60 -67.01
C ASN BB 104 -4.78 54.93 -66.38
N LYS BB 105 -4.81 53.61 -66.21
CA LYS BB 105 -3.66 52.90 -65.68
C LYS BB 105 -2.45 53.05 -66.59
N GLN BB 106 -2.67 52.97 -67.90
CA GLN BB 106 -1.58 53.11 -68.85
C GLN BB 106 -0.94 54.49 -68.76
N VAL BB 107 -1.76 55.54 -68.71
CA VAL BB 107 -1.21 56.89 -68.68
C VAL BB 107 -0.49 57.15 -67.35
N GLU BB 108 -1.03 56.61 -66.25
CA GLU BB 108 -0.36 56.74 -64.96
C GLU BB 108 1.00 56.05 -64.98
N GLU BB 109 1.07 54.85 -65.57
CA GLU BB 109 2.34 54.15 -65.68
C GLU BB 109 3.33 54.93 -66.53
N ILE BB 110 2.85 55.55 -67.61
CA ILE BB 110 3.73 56.35 -68.46
C ILE BB 110 4.30 57.53 -67.68
N LEU BB 111 3.47 58.20 -66.89
CA LEU BB 111 3.95 59.32 -66.08
C LEU BB 111 4.97 58.85 -65.05
N ARG BB 112 4.70 57.71 -64.40
CA ARG BB 112 5.64 57.18 -63.42
C ARG BB 112 6.99 56.88 -64.07
N LEU BB 113 6.96 56.29 -65.26
CA LEU BB 113 8.20 55.99 -65.96
C LEU BB 113 8.93 57.27 -66.36
N GLU BB 114 8.19 58.29 -66.79
CA GLU BB 114 8.79 59.60 -67.05
C GLU BB 114 9.58 60.09 -65.84
N LYS BB 115 8.93 60.10 -64.68
CA LYS BB 115 9.59 60.60 -63.47
C LYS BB 115 10.80 59.76 -63.12
N GLU BB 116 10.68 58.43 -63.20
CA GLU BB 116 11.77 57.55 -62.84
C GLU BB 116 12.98 57.75 -63.76
N ILE BB 117 12.74 57.83 -65.07
CA ILE BB 117 13.86 57.97 -66.00
C ILE BB 117 14.51 59.33 -65.83
N GLU BB 118 13.72 60.38 -65.57
CA GLU BB 118 14.31 61.70 -65.34
C GLU BB 118 15.21 61.69 -64.11
N ASP BB 119 14.72 61.10 -63.01
CA ASP BB 119 15.52 61.05 -61.79
C ASP BB 119 16.80 60.24 -62.02
N LEU BB 120 16.68 59.09 -62.68
CA LEU BB 120 17.85 58.26 -62.93
C LEU BB 120 18.87 58.98 -63.79
N GLN BB 121 18.42 59.66 -64.84
CA GLN BB 121 19.34 60.38 -65.71
C GLN BB 121 20.05 61.50 -64.95
N ARG BB 122 19.31 62.24 -64.13
CA ARG BB 122 19.93 63.33 -63.37
C ARG BB 122 20.99 62.80 -62.41
N MET BB 123 20.66 61.74 -61.67
CA MET BB 123 21.62 61.20 -60.71
C MET BB 123 22.82 60.61 -61.42
N LYS BB 124 22.60 59.95 -62.56
CA LYS BB 124 23.72 59.42 -63.34
C LYS BB 124 24.64 60.52 -63.84
N GLU BB 125 24.06 61.63 -64.31
CA GLU BB 125 24.88 62.76 -64.74
C GLU BB 125 25.67 63.33 -63.57
N GLN BB 126 25.04 63.43 -62.41
CA GLN BB 126 25.77 63.90 -61.22
C GLN BB 126 26.94 62.98 -60.89
N GLN BB 127 26.72 61.67 -60.97
CA GLN BB 127 27.81 60.72 -60.73
C GLN BB 127 28.91 60.89 -61.76
N GLU BB 128 28.54 61.09 -63.03
CA GLU BB 128 29.55 61.26 -64.08
C GLU BB 128 30.37 62.53 -63.89
N LEU BB 129 29.76 63.57 -63.32
CA LEU BB 129 30.46 64.84 -63.18
C LEU BB 129 31.69 64.70 -62.28
N SER BB 130 31.56 63.98 -61.17
CA SER BB 130 32.64 63.85 -60.19
C SER BB 130 33.51 62.63 -60.53
N LEU BB 131 34.22 62.76 -61.64
CA LEU BB 131 35.10 61.69 -62.13
C LEU BB 131 36.51 62.22 -62.34
N THR BB 132 37.41 61.31 -62.69
CA THR BB 132 38.81 61.61 -62.95
C THR BB 132 39.07 61.42 -64.45
N GLU BB 133 39.96 62.26 -65.00
CA GLU BB 133 40.22 62.24 -66.44
C GLU BB 133 40.63 60.84 -66.92
N ALA BB 134 41.58 60.21 -66.22
CA ALA BB 134 41.99 58.86 -66.59
C ALA BB 134 40.84 57.88 -66.46
N SER BB 135 40.04 58.02 -65.40
CA SER BB 135 38.85 57.18 -65.25
C SER BB 135 37.86 57.42 -66.38
N LEU BB 136 37.72 58.67 -66.82
CA LEU BB 136 36.82 58.97 -67.93
C LEU BB 136 37.31 58.31 -69.22
N GLN BB 137 38.62 58.36 -69.47
CA GLN BB 137 39.16 57.69 -70.65
C GLN BB 137 38.94 56.19 -70.57
N LYS BB 138 39.17 55.59 -69.40
CA LYS BB 138 38.94 54.17 -69.23
C LYS BB 138 37.47 53.82 -69.44
N LEU BB 139 36.57 54.66 -68.94
CA LEU BB 139 35.14 54.47 -69.17
C LEU BB 139 34.81 54.51 -70.66
N GLN BB 140 35.38 55.48 -71.39
CA GLN BB 140 35.12 55.57 -72.81
C GLN BB 140 35.60 54.31 -73.55
N GLU BB 141 36.81 53.85 -73.24
CA GLU BB 141 37.32 52.64 -73.87
C GLU BB 141 36.47 51.42 -73.51
N ARG BB 142 36.05 51.33 -72.25
CA ARG BB 142 35.23 50.20 -71.82
C ARG BB 142 33.88 50.20 -72.51
N ARG BB 143 33.26 51.37 -72.67
CA ARG BB 143 32.00 51.45 -73.39
C ARG BB 143 32.17 51.08 -74.85
N ASP BB 144 33.28 51.51 -75.47
CA ASP BB 144 33.55 51.12 -76.84
C ASP BB 144 33.70 49.61 -76.96
N GLN BB 145 34.37 48.99 -76.00
CA GLN BB 145 34.49 47.54 -76.02
C GLN BB 145 33.12 46.87 -75.81
N GLU BB 146 32.29 47.45 -74.94
CA GLU BB 146 30.94 46.95 -74.73
C GLU BB 146 30.15 46.94 -76.03
N LEU BB 147 30.15 48.06 -76.75
CA LEU BB 147 29.42 48.12 -78.01
C LEU BB 147 30.04 47.27 -79.11
N ARG BB 148 31.27 46.80 -78.92
CA ARG BB 148 31.95 45.99 -79.91
C ARG BB 148 31.37 44.58 -79.94
N ASN CB 16 83.19 11.07 -52.74
CA ASN CB 16 82.40 10.44 -53.78
C ASN CB 16 81.15 9.77 -53.20
N ILE CB 17 80.32 10.57 -52.53
CA ILE CB 17 79.10 10.05 -51.94
C ILE CB 17 78.14 9.66 -53.06
N LYS CB 18 77.70 8.41 -53.06
CA LYS CB 18 76.83 7.88 -54.11
C LYS CB 18 75.85 6.89 -53.53
N ILE CB 19 74.77 6.67 -54.28
CA ILE CB 19 73.72 5.71 -53.93
C ILE CB 19 73.92 4.44 -54.76
N MET CB 20 73.81 3.31 -54.07
CA MET CB 20 74.04 1.97 -54.59
C MET CB 20 72.74 1.20 -54.53
N ARG CB 21 72.36 0.55 -55.63
CA ARG CB 21 71.23 -0.37 -55.65
C ARG CB 21 71.77 -1.79 -55.73
N LEU CB 22 71.52 -2.57 -54.69
CA LEU CB 22 71.96 -3.95 -54.62
C LEU CB 22 70.92 -4.88 -55.25
N VAL CB 23 71.35 -6.11 -55.53
CA VAL CB 23 70.46 -7.09 -56.14
C VAL CB 23 69.32 -7.46 -55.20
N THR CB 24 69.55 -7.34 -53.89
CA THR CB 24 68.52 -7.70 -52.90
C THR CB 24 67.64 -6.49 -52.57
N CYS CB 25 67.14 -5.83 -53.60
CA CYS CB 25 66.22 -4.69 -53.50
C CYS CB 25 66.57 -3.77 -52.34
N GLU CB 26 67.83 -3.32 -52.34
CA GLU CB 26 68.35 -2.51 -51.25
C GLU CB 26 69.00 -1.25 -51.81
N ASP CB 27 68.76 -0.12 -51.14
CA ASP CB 27 69.36 1.16 -51.51
C ASP CB 27 70.26 1.61 -50.36
N ILE CB 28 71.55 1.81 -50.66
CA ILE CB 28 72.52 2.16 -49.63
C ILE CB 28 73.38 3.32 -50.14
N ILE CB 29 73.52 4.36 -49.33
CA ILE CB 29 74.35 5.51 -49.68
C ILE CB 29 75.67 5.41 -48.95
N GLY CB 30 76.75 5.79 -49.62
CA GLY CB 30 78.06 5.74 -48.99
C GLY CB 30 79.12 6.32 -49.90
N ASN CB 31 80.33 6.43 -49.36
CA ASN CB 31 81.48 6.93 -50.11
C ASN CB 31 82.11 5.75 -50.82
N ILE CB 32 82.07 5.76 -52.15
CA ILE CB 32 82.47 4.60 -52.93
C ILE CB 32 83.74 4.91 -53.71
N SER CB 33 84.53 3.85 -53.94
CA SER CB 33 85.71 3.89 -54.79
C SER CB 33 85.60 2.75 -55.78
N GLU CB 34 85.78 3.06 -57.07
CA GLU CB 34 85.50 2.14 -58.15
C GLU CB 34 86.82 1.60 -58.71
N SER CB 35 86.90 0.27 -58.82
CA SER CB 35 88.03 -0.42 -59.43
C SER CB 35 87.51 -1.22 -60.63
N GLN CB 36 88.43 -1.89 -61.34
CA GLN CB 36 88.08 -2.52 -62.60
C GLN CB 36 87.01 -3.61 -62.42
N GLY CB 37 87.10 -4.38 -61.33
CA GLY CB 37 86.16 -5.47 -61.15
C GLY CB 37 85.32 -5.38 -59.90
N LEU CB 38 85.84 -4.70 -58.87
CA LEU CB 38 85.17 -4.61 -57.58
C LEU CB 38 85.16 -3.16 -57.12
N ILE CB 39 84.27 -2.86 -56.18
CA ILE CB 39 84.18 -1.51 -55.63
C ILE CB 39 84.20 -1.58 -54.11
N THR CB 40 84.76 -0.54 -53.50
CA THR CB 40 84.81 -0.43 -52.05
C THR CB 40 83.86 0.68 -51.59
N ILE CB 41 83.27 0.48 -50.43
CA ILE CB 41 82.29 1.43 -49.89
C ILE CB 41 82.62 1.69 -48.42
N LYS CB 42 82.45 2.95 -48.01
CA LYS CB 42 82.66 3.37 -46.64
C LYS CB 42 81.42 4.11 -46.15
N LYS CB 43 81.09 3.89 -44.87
CA LYS CB 43 79.96 4.54 -44.21
C LYS CB 43 78.66 4.30 -44.97
N ALA CB 44 78.42 3.04 -45.31
CA ALA CB 44 77.18 2.67 -45.99
C ALA CB 44 75.99 2.82 -45.04
N PHE CB 45 74.85 3.20 -45.61
CA PHE CB 45 73.63 3.35 -44.82
C PHE CB 45 72.43 2.97 -45.68
N VAL CB 46 71.65 2.01 -45.19
CA VAL CB 46 70.40 1.64 -45.85
C VAL CB 46 69.37 2.74 -45.62
N ILE CB 47 68.55 2.96 -46.64
CA ILE CB 47 67.52 4.00 -46.63
C ILE CB 47 66.16 3.33 -46.50
N ILE CB 48 65.44 3.68 -45.46
CA ILE CB 48 64.09 3.17 -45.20
C ILE CB 48 63.10 4.32 -45.43
N PRO CB 49 62.19 4.20 -46.41
CA PRO CB 49 61.19 5.23 -46.71
C PRO CB 49 60.17 5.40 -45.58
N LEU CB 60 62.61 10.09 -44.49
CA LEU CB 60 63.57 9.01 -44.72
C LEU CB 60 64.29 8.63 -43.44
N VAL CB 61 64.72 7.39 -43.35
CA VAL CB 61 65.45 6.87 -42.19
C VAL CB 61 66.74 6.25 -42.68
N LEU CB 62 67.85 6.58 -42.01
CA LEU CB 62 69.15 6.02 -42.33
C LEU CB 62 69.53 5.00 -41.27
N CYS CB 63 69.91 3.80 -41.71
CA CYS CB 63 70.28 2.74 -40.79
C CYS CB 63 71.65 2.18 -41.17
N PRO CB 64 72.48 1.81 -40.20
CA PRO CB 64 73.77 1.21 -40.54
C PRO CB 64 73.58 -0.05 -41.36
N TRP CB 65 74.41 -0.18 -42.40
CA TRP CB 65 74.26 -1.31 -43.32
C TRP CB 65 74.72 -2.61 -42.70
N GLN CB 66 75.87 -2.59 -42.02
CA GLN CB 66 76.47 -3.79 -41.43
C GLN CB 66 76.79 -3.51 -39.97
N PRO CB 67 75.79 -3.57 -39.10
CA PRO CB 67 76.06 -3.31 -37.67
C PRO CB 67 76.58 -4.53 -36.96
N TYR CB 68 77.52 -5.23 -37.60
CA TYR CB 68 78.16 -6.41 -37.02
C TYR CB 68 79.67 -6.42 -37.18
N THR CB 69 80.24 -5.53 -37.98
CA THR CB 69 81.67 -5.49 -38.23
C THR CB 69 82.24 -4.13 -37.86
N ASP CB 70 83.53 -4.13 -37.55
CA ASP CB 70 84.27 -2.91 -37.24
C ASP CB 70 85.14 -2.44 -38.39
N ASP CB 71 85.04 -3.09 -39.56
CA ASP CB 71 85.86 -2.71 -40.70
C ASP CB 71 85.48 -1.33 -41.21
N LYS CB 72 86.50 -0.58 -41.63
CA LYS CB 72 86.26 0.77 -42.13
C LYS CB 72 85.60 0.76 -43.49
N GLU CB 73 85.99 -0.19 -44.35
CA GLU CB 73 85.47 -0.26 -45.71
C GLU CB 73 85.05 -1.68 -46.04
N ILE CB 74 84.10 -1.80 -46.96
CA ILE CB 74 83.56 -3.09 -47.39
C ILE CB 74 83.74 -3.21 -48.89
N VAL CB 75 84.32 -4.32 -49.34
CA VAL CB 75 84.54 -4.59 -50.75
C VAL CB 75 83.38 -5.43 -51.28
N ILE CB 76 83.00 -5.19 -52.54
CA ILE CB 76 81.89 -5.91 -53.14
C ILE CB 76 82.09 -5.97 -54.65
N ASP CB 77 81.79 -7.12 -55.23
CA ASP CB 77 81.93 -7.32 -56.66
C ASP CB 77 80.91 -6.48 -57.42
N ASP CB 78 81.31 -6.04 -58.62
CA ASP CB 78 80.44 -5.22 -59.45
C ASP CB 78 79.33 -6.00 -60.12
N SER CB 79 79.40 -7.34 -60.12
CA SER CB 79 78.35 -8.14 -60.74
C SER CB 79 77.05 -8.08 -59.95
N LYS CB 80 77.11 -7.68 -58.68
CA LYS CB 80 75.92 -7.54 -57.85
C LYS CB 80 75.41 -6.12 -57.81
N VAL CB 81 75.72 -5.33 -58.84
CA VAL CB 81 75.35 -3.92 -58.93
C VAL CB 81 74.17 -3.78 -59.87
N ILE CB 82 73.16 -3.02 -59.45
CA ILE CB 82 72.01 -2.73 -60.30
C ILE CB 82 72.21 -1.34 -60.87
N THR CB 83 72.26 -0.32 -59.99
CA THR CB 83 72.48 1.05 -60.42
C THR CB 83 73.41 1.77 -59.44
N ILE CB 84 74.27 2.61 -59.99
CA ILE CB 84 75.07 3.57 -59.23
C ILE CB 84 74.58 4.96 -59.61
N THR CB 85 74.41 5.84 -58.63
CA THR CB 85 73.89 7.15 -58.96
C THR CB 85 74.38 8.19 -57.96
N SER CB 86 74.26 9.46 -58.36
CA SER CB 86 74.64 10.58 -57.52
C SER CB 86 73.41 11.11 -56.80
N PRO CB 87 73.41 11.19 -55.48
CA PRO CB 87 72.22 11.61 -54.75
C PRO CB 87 72.02 13.13 -54.82
N LYS CB 88 70.94 13.58 -54.20
CA LYS CB 88 70.62 15.00 -54.12
C LYS CB 88 71.42 15.67 -53.00
N ASP CB 89 71.39 17.01 -53.00
CA ASP CB 89 72.14 17.76 -52.00
C ASP CB 89 71.56 17.56 -50.61
N ASP CB 90 70.24 17.49 -50.49
CA ASP CB 90 69.62 17.30 -49.19
C ASP CB 90 70.01 15.96 -48.58
N ILE CB 91 70.06 14.90 -49.41
CA ILE CB 91 70.45 13.59 -48.92
C ILE CB 91 71.90 13.61 -48.44
N ILE CB 92 72.78 14.28 -49.20
CA ILE CB 92 74.18 14.37 -48.80
C ILE CB 92 74.31 15.12 -47.48
N LYS CB 93 73.56 16.21 -47.33
CA LYS CB 93 73.60 16.97 -46.09
C LYS CB 93 73.13 16.13 -44.91
N SER CB 94 72.04 15.38 -45.09
CA SER CB 94 71.55 14.52 -44.03
C SER CB 94 72.55 13.43 -43.68
N TYR CB 95 73.20 12.86 -44.68
CA TYR CB 95 74.22 11.83 -44.45
C TYR CB 95 75.39 12.40 -43.67
N GLU CB 96 75.85 13.60 -44.04
CA GLU CB 96 76.93 14.23 -43.31
C GLU CB 96 76.55 14.51 -41.86
N SER CB 97 75.34 15.03 -41.64
CA SER CB 97 74.89 15.33 -40.29
C SER CB 97 74.81 14.04 -39.46
N HIS CB 98 74.28 12.97 -40.05
CA HIS CB 98 74.18 11.70 -39.34
C HIS CB 98 75.55 11.19 -38.94
N THR CB 99 76.51 11.19 -39.87
CA THR CB 99 77.85 10.72 -39.55
C THR CB 99 78.50 11.56 -38.46
N ARG CB 100 78.36 12.88 -38.55
CA ARG CB 100 78.95 13.76 -37.55
C ARG CB 100 78.34 13.51 -36.18
N VAL CB 101 77.02 13.34 -36.11
CA VAL CB 101 76.36 13.07 -34.83
C VAL CB 101 76.84 11.74 -34.25
N LEU CB 102 76.97 10.72 -35.10
CA LEU CB 102 77.44 9.42 -34.61
C LEU CB 102 78.86 9.53 -34.06
N GLU CB 103 79.74 10.24 -34.76
CA GLU CB 103 81.11 10.38 -34.29
C GLU CB 103 81.17 11.16 -32.98
N ASN CB 104 80.35 12.21 -32.85
CA ASN CB 104 80.31 12.97 -31.61
C ASN CB 104 79.82 12.10 -30.46
N LYS CB 105 78.80 11.27 -30.70
CA LYS CB 105 78.34 10.35 -29.67
C LYS CB 105 79.44 9.38 -29.27
N GLN CB 106 80.19 8.87 -30.24
CA GLN CB 106 81.26 7.93 -29.93
C GLN CB 106 82.34 8.57 -29.08
N VAL CB 107 82.75 9.79 -29.42
CA VAL CB 107 83.81 10.44 -28.65
C VAL CB 107 83.32 10.80 -27.24
N GLU CB 108 82.05 11.21 -27.13
CA GLU CB 108 81.49 11.49 -25.80
C GLU CB 108 81.47 10.23 -24.95
N GLU CB 109 81.08 9.09 -25.54
CA GLU CB 109 81.09 7.84 -24.79
C GLU CB 109 82.50 7.46 -24.37
N ILE CB 110 83.48 7.69 -25.23
CA ILE CB 110 84.86 7.38 -24.89
C ILE CB 110 85.31 8.22 -23.70
N LEU CB 111 84.97 9.51 -23.70
CA LEU CB 111 85.34 10.37 -22.58
C LEU CB 111 84.66 9.92 -21.29
N ARG CB 112 83.37 9.56 -21.38
CA ARG CB 112 82.66 9.09 -20.20
C ARG CB 112 83.31 7.84 -19.64
N LEU CB 113 83.71 6.91 -20.51
CA LEU CB 113 84.37 5.70 -20.05
C LEU CB 113 85.72 6.00 -19.44
N GLU CB 114 86.47 6.96 -20.01
CA GLU CB 114 87.71 7.41 -19.40
C GLU CB 114 87.49 7.84 -17.96
N LYS CB 115 86.51 8.73 -17.75
CA LYS CB 115 86.25 9.23 -16.41
C LYS CB 115 85.83 8.10 -15.47
N GLU CB 116 84.96 7.22 -15.94
CA GLU CB 116 84.46 6.14 -15.08
C GLU CB 116 85.59 5.19 -14.67
N ILE CB 117 86.45 4.80 -15.63
CA ILE CB 117 87.52 3.87 -15.29
C ILE CB 117 88.54 4.53 -14.37
N GLU CB 118 88.80 5.82 -14.57
CA GLU CB 118 89.72 6.52 -13.68
C GLU CB 118 89.18 6.54 -12.25
N ASP CB 119 87.90 6.88 -12.09
CA ASP CB 119 87.29 6.93 -10.77
C ASP CB 119 87.32 5.55 -10.12
N LEU CB 120 86.95 4.52 -10.89
CA LEU CB 120 86.92 3.17 -10.34
C LEU CB 120 88.31 2.71 -9.91
N GLN CB 121 89.32 2.99 -10.73
CA GLN CB 121 90.68 2.59 -10.37
C GLN CB 121 91.15 3.31 -9.11
N ARG CB 122 90.87 4.61 -9.00
CA ARG CB 122 91.28 5.35 -7.81
C ARG CB 122 90.62 4.80 -6.55
N MET CB 123 89.32 4.56 -6.62
CA MET CB 123 88.61 4.07 -5.43
C MET CB 123 89.07 2.66 -5.08
N LYS CB 124 89.32 1.83 -6.09
CA LYS CB 124 89.84 0.49 -5.83
C LYS CB 124 91.21 0.52 -5.17
N GLU CB 125 92.08 1.42 -5.63
CA GLU CB 125 93.39 1.55 -5.00
C GLU CB 125 93.25 2.01 -3.56
N GLN CB 126 92.33 2.95 -3.30
CA GLN CB 126 92.09 3.39 -1.93
C GLN CB 126 91.62 2.23 -1.06
N GLN CB 127 90.72 1.41 -1.58
CA GLN CB 127 90.27 0.24 -0.84
C GLN CB 127 91.42 -0.73 -0.57
N GLU CB 128 92.28 -0.93 -1.57
CA GLU CB 128 93.41 -1.84 -1.41
C GLU CB 128 94.39 -1.34 -0.36
N LEU CB 129 94.53 -0.01 -0.23
CA LEU CB 129 95.51 0.54 0.71
C LEU CB 129 95.20 0.14 2.14
N SER CB 130 93.93 0.20 2.54
CA SER CB 130 93.54 -0.07 3.92
C SER CB 130 93.22 -1.56 4.09
N LEU CB 131 94.27 -2.37 3.99
CA LEU CB 131 94.16 -3.81 4.10
C LEU CB 131 95.11 -4.33 5.19
N THR CB 132 95.01 -5.63 5.45
CA THR CB 132 95.83 -6.33 6.42
C THR CB 132 96.78 -7.26 5.69
N GLU CB 133 98.00 -7.42 6.23
CA GLU CB 133 99.03 -8.21 5.55
C GLU CB 133 98.54 -9.63 5.25
N ALA CB 134 97.95 -10.29 6.23
CA ALA CB 134 97.41 -11.63 6.01
C ALA CB 134 96.31 -11.62 4.96
N SER CB 135 95.43 -10.60 5.03
CA SER CB 135 94.39 -10.47 4.01
C SER CB 135 94.99 -10.23 2.64
N LEU CB 136 96.09 -9.47 2.57
CA LEU CB 136 96.75 -9.24 1.28
C LEU CB 136 97.32 -10.53 0.72
N GLN CB 137 97.94 -11.35 1.58
CA GLN CB 137 98.45 -12.63 1.13
C GLN CB 137 97.32 -13.53 0.65
N LYS CB 138 96.20 -13.56 1.39
CA LYS CB 138 95.05 -14.36 0.98
C LYS CB 138 94.49 -13.86 -0.35
N LEU CB 139 94.45 -12.55 -0.54
CA LEU CB 139 94.02 -11.98 -1.82
C LEU CB 139 94.94 -12.41 -2.96
N GLN CB 140 96.25 -12.38 -2.73
CA GLN CB 140 97.19 -12.79 -3.77
C GLN CB 140 96.98 -14.26 -4.14
N GLU CB 141 96.85 -15.13 -3.13
CA GLU CB 141 96.62 -16.54 -3.42
C GLU CB 141 95.29 -16.76 -4.15
N ARG CB 142 94.25 -16.03 -3.72
CA ARG CB 142 92.94 -16.18 -4.36
C ARG CB 142 92.98 -15.73 -5.81
N ARG CB 143 93.68 -14.62 -6.09
CA ARG CB 143 93.81 -14.15 -7.46
C ARG CB 143 94.60 -15.16 -8.30
N ASP CB 144 95.64 -15.74 -7.73
CA ASP CB 144 96.39 -16.78 -8.44
C ASP CB 144 95.51 -17.97 -8.76
N GLN CB 145 94.64 -18.37 -7.82
CA GLN CB 145 93.72 -19.46 -8.09
C GLN CB 145 92.70 -19.06 -9.16
N GLU CB 146 92.25 -17.80 -9.13
CA GLU CB 146 91.34 -17.30 -10.16
C GLU CB 146 91.95 -17.45 -11.54
N LEU CB 147 93.19 -16.97 -11.72
CA LEU CB 147 93.83 -17.06 -13.02
C LEU CB 147 94.20 -18.49 -13.40
N ARG CB 148 94.15 -19.42 -12.45
CA ARG CB 148 94.47 -20.81 -12.74
C ARG CB 148 93.36 -21.48 -13.53
N ASN DB 16 -33.40 -58.78 -72.48
CA ASN DB 16 -32.97 -59.83 -71.57
C ASN DB 16 -32.04 -59.29 -70.49
N ILE DB 17 -32.55 -58.32 -69.72
CA ILE DB 17 -31.77 -57.73 -68.65
C ILE DB 17 -31.58 -58.77 -67.56
N LYS DB 18 -30.32 -59.05 -67.21
CA LYS DB 18 -30.00 -60.07 -66.22
C LYS DB 18 -28.79 -59.65 -65.42
N ILE DB 19 -28.65 -60.27 -64.25
CA ILE DB 19 -27.53 -60.06 -63.34
C ILE DB 19 -26.56 -61.22 -63.49
N MET DB 20 -25.27 -60.86 -63.56
CA MET DB 20 -24.15 -61.76 -63.79
C MET DB 20 -23.25 -61.72 -62.57
N ARG DB 21 -22.87 -62.90 -62.07
CA ARG DB 21 -21.86 -63.00 -61.01
C ARG DB 21 -20.58 -63.54 -61.63
N LEU DB 22 -19.53 -62.73 -61.61
CA LEU DB 22 -18.24 -63.11 -62.14
C LEU DB 22 -17.40 -63.81 -61.08
N VAL DB 23 -16.34 -64.48 -61.54
CA VAL DB 23 -15.46 -65.20 -60.63
C VAL DB 23 -14.74 -64.24 -59.70
N THR DB 24 -14.53 -63.00 -60.12
CA THR DB 24 -13.83 -62.02 -59.29
C THR DB 24 -14.79 -61.24 -58.40
N CYS DB 25 -15.64 -61.98 -57.69
CA CYS DB 25 -16.62 -61.45 -56.73
C CYS DB 25 -17.24 -60.13 -57.21
N GLU DB 26 -17.80 -60.18 -58.41
CA GLU DB 26 -18.37 -59.00 -59.05
C GLU DB 26 -19.78 -59.28 -59.52
N ASP DB 27 -20.67 -58.31 -59.31
CA ASP DB 27 -22.06 -58.38 -59.75
C ASP DB 27 -22.29 -57.30 -60.78
N ILE DB 28 -22.69 -57.70 -61.99
CA ILE DB 28 -22.88 -56.76 -63.10
C ILE DB 28 -24.20 -57.06 -63.79
N ILE DB 29 -25.01 -56.02 -63.99
CA ILE DB 29 -26.30 -56.15 -64.66
C ILE DB 29 -26.16 -55.66 -66.10
N GLY DB 30 -26.81 -56.36 -67.02
CA GLY DB 30 -26.75 -55.96 -68.41
C GLY DB 30 -27.66 -56.81 -69.26
N ASN DB 31 -27.76 -56.43 -70.53
CA ASN DB 31 -28.55 -57.16 -71.50
C ASN DB 31 -27.68 -58.26 -72.10
N ILE DB 32 -28.02 -59.51 -71.84
CA ILE DB 32 -27.15 -60.62 -72.19
C ILE DB 32 -27.79 -61.46 -73.28
N SER DB 33 -26.93 -62.07 -74.09
CA SER DB 33 -27.31 -63.04 -75.12
C SER DB 33 -26.47 -64.29 -74.92
N GLU DB 34 -27.12 -65.44 -74.87
CA GLU DB 34 -26.48 -66.69 -74.48
C GLU DB 34 -26.25 -67.56 -75.71
N SER DB 35 -25.02 -68.04 -75.88
CA SER DB 35 -24.64 -68.97 -76.93
C SER DB 35 -24.13 -70.25 -76.28
N GLN DB 36 -23.76 -71.23 -77.11
CA GLN DB 36 -23.44 -72.56 -76.60
C GLN DB 36 -22.24 -72.53 -75.67
N GLY DB 37 -21.23 -71.72 -75.96
CA GLY DB 37 -20.03 -71.71 -75.16
C GLY DB 37 -19.69 -70.38 -74.53
N LEU DB 38 -20.14 -69.29 -75.15
CA LEU DB 38 -19.82 -67.94 -74.70
C LEU DB 38 -21.09 -67.11 -74.68
N ILE DB 39 -21.04 -66.01 -73.94
CA ILE DB 39 -22.19 -65.10 -73.84
C ILE DB 39 -21.72 -63.68 -74.11
N THR DB 40 -22.62 -62.89 -74.69
CA THR DB 40 -22.37 -61.49 -74.98
C THR DB 40 -23.19 -60.62 -74.04
N ILE DB 41 -22.64 -59.48 -73.66
CA ILE DB 41 -23.31 -58.57 -72.72
C ILE DB 41 -23.22 -57.16 -73.26
N LYS DB 42 -24.30 -56.40 -73.08
CA LYS DB 42 -24.37 -55.00 -73.48
C LYS DB 42 -24.82 -54.15 -72.30
N LYS DB 43 -24.24 -52.96 -72.20
CA LYS DB 43 -24.55 -51.99 -71.15
C LYS DB 43 -24.38 -52.60 -69.76
N ALA DB 44 -23.24 -53.24 -69.55
CA ALA DB 44 -22.92 -53.80 -68.25
C ALA DB 44 -22.69 -52.71 -67.22
N PHE DB 45 -23.08 -52.98 -65.98
CA PHE DB 45 -22.90 -52.02 -64.89
C PHE DB 45 -22.62 -52.77 -63.60
N VAL DB 46 -21.48 -52.46 -62.98
CA VAL DB 46 -21.16 -53.02 -61.67
C VAL DB 46 -22.04 -52.36 -60.61
N ILE DB 47 -22.43 -53.14 -59.62
CA ILE DB 47 -23.31 -52.70 -58.55
C ILE DB 47 -22.49 -52.58 -57.27
N ILE DB 48 -22.48 -51.39 -56.70
CA ILE DB 48 -21.78 -51.09 -55.46
C ILE DB 48 -22.82 -50.87 -54.37
N PRO DB 49 -22.86 -51.70 -53.32
CA PRO DB 49 -23.82 -51.56 -52.22
C PRO DB 49 -23.58 -50.30 -51.39
N LEU DB 60 -28.06 -48.33 -53.65
CA LEU DB 60 -27.19 -48.98 -54.62
C LEU DB 60 -26.58 -47.95 -55.57
N VAL DB 61 -25.41 -48.28 -56.11
CA VAL DB 61 -24.70 -47.42 -57.03
C VAL DB 61 -24.36 -48.22 -58.28
N LEU DB 62 -24.63 -47.66 -59.45
CA LEU DB 62 -24.31 -48.29 -60.71
C LEU DB 62 -23.09 -47.61 -61.34
N CYS DB 63 -22.10 -48.41 -61.71
CA CYS DB 63 -20.88 -47.88 -62.30
C CYS DB 63 -20.60 -48.58 -63.62
N PRO DB 64 -20.09 -47.87 -64.62
CA PRO DB 64 -19.73 -48.55 -65.88
C PRO DB 64 -18.73 -49.65 -65.65
N TRP DB 65 -18.96 -50.79 -66.30
CA TRP DB 65 -18.09 -51.96 -66.08
C TRP DB 65 -16.74 -51.77 -66.72
N GLN DB 66 -16.70 -51.29 -67.96
CA GLN DB 66 -15.48 -51.14 -68.73
C GLN DB 66 -15.40 -49.72 -69.27
N PRO DB 67 -15.00 -48.76 -68.44
CA PRO DB 67 -14.92 -47.38 -68.90
C PRO DB 67 -13.60 -47.10 -69.63
N TYR DB 68 -13.20 -48.02 -70.49
CA TYR DB 68 -11.99 -47.89 -71.29
C TYR DB 68 -12.19 -48.25 -72.75
N THR DB 69 -13.32 -48.85 -73.12
CA THR DB 69 -13.58 -49.28 -74.49
C THR DB 69 -14.85 -48.63 -75.02
N ASP DB 70 -14.91 -48.52 -76.34
CA ASP DB 70 -16.07 -48.00 -77.03
C ASP DB 70 -16.92 -49.09 -77.68
N ASP DB 71 -16.59 -50.36 -77.42
CA ASP DB 71 -17.34 -51.46 -78.02
C ASP DB 71 -18.76 -51.51 -77.47
N LYS DB 72 -19.70 -51.85 -78.35
CA LYS DB 72 -21.10 -51.91 -77.94
C LYS DB 72 -21.37 -53.14 -77.07
N GLU DB 73 -20.73 -54.27 -77.37
CA GLU DB 73 -20.96 -55.51 -76.65
C GLU DB 73 -19.62 -56.15 -76.28
N ILE DB 74 -19.64 -56.92 -75.20
CA ILE DB 74 -18.47 -57.61 -74.69
C ILE DB 74 -18.76 -59.09 -74.63
N VAL DB 75 -17.87 -59.90 -75.19
CA VAL DB 75 -18.00 -61.35 -75.20
C VAL DB 75 -17.20 -61.93 -74.04
N ILE DB 76 -17.72 -63.00 -73.43
CA ILE DB 76 -17.06 -63.61 -72.29
C ILE DB 76 -17.42 -65.09 -72.25
N ASP DB 77 -16.43 -65.92 -71.93
CA ASP DB 77 -16.62 -67.36 -71.85
C ASP DB 77 -17.52 -67.71 -70.66
N ASP DB 78 -18.29 -68.78 -70.82
CA ASP DB 78 -19.21 -69.23 -69.78
C ASP DB 78 -18.51 -69.94 -68.64
N SER DB 79 -17.24 -70.31 -68.79
CA SER DB 79 -16.52 -70.97 -67.72
C SER DB 79 -16.22 -70.01 -66.56
N LYS DB 80 -16.27 -68.70 -66.80
CA LYS DB 80 -16.06 -67.71 -65.76
C LYS DB 80 -17.38 -67.22 -65.16
N VAL DB 81 -18.43 -68.03 -65.26
CA VAL DB 81 -19.76 -67.68 -64.78
C VAL DB 81 -20.00 -68.36 -63.44
N ILE DB 82 -20.51 -67.61 -62.47
CA ILE DB 82 -20.89 -68.18 -61.19
C ILE DB 82 -22.40 -68.37 -61.19
N THR DB 83 -23.14 -67.27 -61.31
CA THR DB 83 -24.60 -67.32 -61.37
C THR DB 83 -25.13 -66.33 -62.39
N ILE DB 84 -26.18 -66.74 -63.10
CA ILE DB 84 -26.99 -65.88 -63.94
C ILE DB 84 -28.37 -65.79 -63.30
N THR DB 85 -28.93 -64.59 -63.24
CA THR DB 85 -30.23 -64.47 -62.58
C THR DB 85 -31.02 -63.31 -63.15
N SER DB 86 -32.33 -63.33 -62.89
CA SER DB 86 -33.22 -62.26 -63.33
C SER DB 86 -33.42 -61.26 -62.20
N PRO DB 87 -33.15 -59.99 -62.40
CA PRO DB 87 -33.24 -59.00 -61.32
C PRO DB 87 -34.69 -58.64 -61.01
N LYS DB 88 -34.84 -57.76 -60.01
CA LYS DB 88 -36.15 -57.27 -59.62
C LYS DB 88 -36.59 -56.14 -60.55
N ASP DB 89 -37.87 -55.77 -60.42
CA ASP DB 89 -38.41 -54.71 -61.27
C ASP DB 89 -37.80 -53.36 -60.96
N ASP DB 90 -37.55 -53.08 -59.67
CA ASP DB 90 -36.96 -51.81 -59.29
C ASP DB 90 -35.57 -51.65 -59.87
N ILE DB 91 -34.77 -52.73 -59.85
CA ILE DB 91 -33.43 -52.68 -60.40
C ILE DB 91 -33.48 -52.42 -61.90
N ILE DB 92 -34.41 -53.08 -62.61
CA ILE DB 92 -34.55 -52.87 -64.04
C ILE DB 92 -34.94 -51.43 -64.34
N LYS DB 93 -35.87 -50.89 -63.54
CA LYS DB 93 -36.28 -49.50 -63.74
C LYS DB 93 -35.12 -48.54 -63.53
N SER DB 94 -34.33 -48.77 -62.47
CA SER DB 94 -33.17 -47.92 -62.21
C SER DB 94 -32.15 -48.02 -63.34
N TYR DB 95 -31.93 -49.24 -63.85
CA TYR DB 95 -31.01 -49.43 -64.96
C TYR DB 95 -31.46 -48.70 -66.20
N GLU DB 96 -32.76 -48.79 -66.51
CA GLU DB 96 -33.30 -48.06 -67.66
C GLU DB 96 -33.16 -46.56 -67.49
N SER DB 97 -33.47 -46.04 -66.30
CA SER DB 97 -33.34 -44.61 -66.06
C SER DB 97 -31.89 -44.16 -66.21
N HIS DB 98 -30.96 -44.94 -65.66
CA HIS DB 98 -29.54 -44.60 -65.77
C HIS DB 98 -29.09 -44.54 -67.22
N THR DB 99 -29.45 -45.56 -68.01
CA THR DB 99 -29.04 -45.58 -69.41
C THR DB 99 -29.66 -44.40 -70.17
N ARG DB 100 -30.93 -44.11 -69.93
CA ARG DB 100 -31.57 -42.99 -70.62
C ARG DB 100 -30.91 -41.67 -70.26
N VAL DB 101 -30.58 -41.47 -68.98
CA VAL DB 101 -29.92 -40.24 -68.56
C VAL DB 101 -28.56 -40.12 -69.22
N LEU DB 102 -27.80 -41.22 -69.28
CA LEU DB 102 -26.48 -41.17 -69.91
C LEU DB 102 -26.60 -40.82 -71.39
N GLU DB 103 -27.57 -41.42 -72.09
CA GLU DB 103 -27.72 -41.11 -73.51
C GLU DB 103 -28.14 -39.66 -73.73
N ASN DB 104 -29.02 -39.15 -72.88
CA ASN DB 104 -29.42 -37.75 -72.98
C ASN DB 104 -28.23 -36.82 -72.75
N LYS DB 105 -27.39 -37.14 -71.77
CA LYS DB 105 -26.19 -36.34 -71.54
C LYS DB 105 -25.28 -36.37 -72.75
N GLN DB 106 -25.12 -37.55 -73.36
CA GLN DB 106 -24.26 -37.67 -74.53
C GLN DB 106 -24.76 -36.81 -75.69
N VAL DB 107 -26.08 -36.87 -75.96
CA VAL DB 107 -26.61 -36.11 -77.09
C VAL DB 107 -26.54 -34.61 -76.80
N GLU DB 108 -26.76 -34.21 -75.55
CA GLU DB 108 -26.63 -32.80 -75.20
C GLU DB 108 -25.19 -32.32 -75.40
N GLU DB 109 -24.21 -33.13 -75.00
CA GLU DB 109 -22.82 -32.77 -75.21
C GLU DB 109 -22.49 -32.67 -76.70
N ILE DB 110 -23.05 -33.57 -77.50
CA ILE DB 110 -22.82 -33.51 -78.94
C ILE DB 110 -23.36 -32.22 -79.52
N LEU DB 111 -24.57 -31.82 -79.10
CA LEU DB 111 -25.14 -30.56 -79.58
C LEU DB 111 -24.30 -29.36 -79.15
N ARG DB 112 -23.83 -29.37 -77.90
CA ARG DB 112 -23.00 -28.28 -77.42
C ARG DB 112 -21.72 -28.18 -78.25
N LEU DB 113 -21.11 -29.32 -78.55
CA LEU DB 113 -19.89 -29.31 -79.36
C LEU DB 113 -20.18 -28.81 -80.78
N GLU DB 114 -21.32 -29.21 -81.34
CA GLU DB 114 -21.73 -28.67 -82.64
C GLU DB 114 -21.74 -27.16 -82.63
N LYS DB 115 -22.44 -26.58 -81.64
CA LYS DB 115 -22.54 -25.12 -81.57
C LYS DB 115 -21.17 -24.48 -81.39
N GLU DB 116 -20.35 -25.05 -80.51
CA GLU DB 116 -19.04 -24.47 -80.24
C GLU DB 116 -18.15 -24.49 -81.48
N ILE DB 117 -18.11 -25.62 -82.19
CA ILE DB 117 -17.25 -25.71 -83.36
C ILE DB 117 -17.75 -24.79 -84.47
N GLU DB 118 -19.08 -24.67 -84.61
CA GLU DB 118 -19.61 -23.75 -85.62
C GLU DB 118 -19.20 -22.32 -85.32
N ASP DB 119 -19.35 -21.90 -84.06
CA ASP DB 119 -18.98 -20.54 -83.68
C ASP DB 119 -17.50 -20.30 -83.90
N LEU DB 120 -16.66 -21.26 -83.48
CA LEU DB 120 -15.22 -21.10 -83.64
C LEU DB 120 -14.82 -21.01 -85.10
N GLN DB 121 -15.41 -21.85 -85.95
CA GLN DB 121 -15.09 -21.81 -87.37
C GLN DB 121 -15.51 -20.48 -88.00
N ARG DB 122 -16.69 -19.98 -87.64
CA ARG DB 122 -17.14 -18.71 -88.20
C ARG DB 122 -16.21 -17.58 -87.79
N MET DB 123 -15.86 -17.52 -86.51
CA MET DB 123 -15.01 -16.42 -86.04
C MET DB 123 -13.61 -16.53 -86.64
N LYS DB 124 -13.10 -17.76 -86.79
CA LYS DB 124 -11.80 -17.95 -87.42
C LYS DB 124 -11.82 -17.51 -88.87
N GLU DB 125 -12.89 -17.82 -89.61
CA GLU DB 125 -12.99 -17.36 -90.98
C GLU DB 125 -13.06 -15.85 -91.06
N GLN DB 126 -13.79 -15.22 -90.13
CA GLN DB 126 -13.83 -13.76 -90.09
C GLN DB 126 -12.44 -13.18 -89.84
N GLN DB 127 -11.68 -13.78 -88.93
CA GLN DB 127 -10.32 -13.33 -88.69
C GLN DB 127 -9.44 -13.49 -89.93
N GLU DB 128 -9.60 -14.63 -90.62
CA GLU DB 128 -8.81 -14.87 -91.82
C GLU DB 128 -9.13 -13.87 -92.94
N LEU DB 129 -10.39 -13.41 -93.00
CA LEU DB 129 -10.79 -12.51 -94.07
C LEU DB 129 -9.99 -11.21 -94.04
N SER DB 130 -9.81 -10.63 -92.85
CA SER DB 130 -9.14 -9.34 -92.70
C SER DB 130 -7.63 -9.54 -92.53
N LEU DB 131 -7.00 -10.00 -93.59
CA LEU DB 131 -5.57 -10.27 -93.60
C LEU DB 131 -4.90 -9.51 -94.74
N THR DB 132 -3.58 -9.61 -94.78
CA THR DB 132 -2.74 -8.98 -95.80
C THR DB 132 -2.14 -10.08 -96.67
N GLU DB 133 -1.98 -9.78 -97.97
CA GLU DB 133 -1.50 -10.77 -98.92
C GLU DB 133 -0.18 -11.39 -98.49
N ALA DB 134 0.79 -10.54 -98.11
CA ALA DB 134 2.07 -11.05 -97.65
C ALA DB 134 1.90 -11.88 -96.39
N SER DB 135 1.04 -11.43 -95.47
CA SER DB 135 0.76 -12.20 -94.27
C SER DB 135 0.12 -13.54 -94.61
N LEU DB 136 -0.76 -13.55 -95.63
CA LEU DB 136 -1.38 -14.80 -96.05
C LEU DB 136 -0.35 -15.77 -96.61
N GLN DB 137 0.59 -15.26 -97.41
CA GLN DB 137 1.65 -16.11 -97.94
C GLN DB 137 2.51 -16.66 -96.80
N LYS DB 138 2.85 -15.80 -95.83
CA LYS DB 138 3.64 -16.26 -94.69
C LYS DB 138 2.89 -17.31 -93.89
N LEU DB 139 1.58 -17.12 -93.72
CA LEU DB 139 0.75 -18.11 -93.05
C LEU DB 139 0.76 -19.44 -93.79
N GLN DB 140 0.65 -19.41 -95.12
CA GLN DB 140 0.67 -20.64 -95.90
C GLN DB 140 2.00 -21.36 -95.73
N GLU DB 141 3.11 -20.62 -95.83
CA GLU DB 141 4.42 -21.25 -95.66
C GLU DB 141 4.58 -21.81 -94.24
N ARG DB 142 4.12 -21.07 -93.23
CA ARG DB 142 4.23 -21.54 -91.86
C ARG DB 142 3.41 -22.80 -91.63
N ARG DB 143 2.20 -22.86 -92.18
CA ARG DB 143 1.39 -24.06 -92.06
C ARG DB 143 2.04 -25.25 -92.77
N ASP DB 144 2.65 -25.00 -93.94
CA ASP DB 144 3.36 -26.06 -94.62
C ASP DB 144 4.53 -26.57 -93.78
N GLN DB 145 5.25 -25.66 -93.11
CA GLN DB 145 6.33 -26.09 -92.23
C GLN DB 145 5.78 -26.85 -91.03
N GLU DB 146 4.63 -26.42 -90.51
CA GLU DB 146 3.98 -27.14 -89.41
C GLU DB 146 3.68 -28.58 -89.79
N LEU DB 147 3.06 -28.79 -90.95
CA LEU DB 147 2.74 -30.14 -91.38
C LEU DB 147 3.96 -30.94 -91.78
N ARG DB 148 5.12 -30.30 -91.94
CA ARG DB 148 6.34 -30.99 -92.30
C ARG DB 148 6.90 -31.77 -91.12
N ASN EB 16 61.12 6.05 -77.80
CA ASN EB 16 61.19 4.61 -77.62
C ASN EB 16 60.66 4.20 -76.25
N ILE EB 17 59.41 4.54 -75.98
CA ILE EB 17 58.78 4.18 -74.71
C ILE EB 17 58.59 2.67 -74.67
N LYS EB 18 59.14 2.03 -73.64
CA LYS EB 18 59.09 0.59 -73.50
C LYS EB 18 58.96 0.20 -72.03
N ILE EB 19 58.49 -1.03 -71.83
CA ILE EB 19 58.35 -1.62 -70.50
C ILE EB 19 59.50 -2.58 -70.25
N MET EB 20 60.07 -2.47 -69.05
CA MET EB 20 61.25 -3.18 -68.60
C MET EB 20 60.84 -4.07 -67.43
N ARG EB 21 61.24 -5.35 -67.48
CA ARG EB 21 61.07 -6.26 -66.36
C ARG EB 21 62.44 -6.50 -65.72
N LEU EB 22 62.59 -6.07 -64.48
CA LEU EB 22 63.83 -6.23 -63.75
C LEU EB 22 63.86 -7.56 -63.01
N VAL EB 23 65.05 -7.97 -62.58
CA VAL EB 23 65.21 -9.23 -61.88
C VAL EB 23 64.48 -9.20 -60.55
N THR EB 24 64.31 -8.02 -59.95
CA THR EB 24 63.65 -7.91 -58.66
C THR EB 24 62.13 -7.71 -58.83
N CYS EB 25 61.53 -8.58 -59.63
CA CYS EB 25 60.08 -8.62 -59.88
C CYS EB 25 59.48 -7.21 -59.96
N GLU EB 26 60.05 -6.40 -60.85
CA GLU EB 26 59.66 -5.01 -61.00
C GLU EB 26 59.37 -4.70 -62.46
N ASP EB 27 58.30 -3.94 -62.69
CA ASP EB 27 57.92 -3.49 -64.03
C ASP EB 27 58.03 -1.97 -64.07
N ILE EB 28 58.85 -1.46 -64.98
CA ILE EB 28 59.10 -0.02 -65.08
C ILE EB 28 59.02 0.40 -66.53
N ILE EB 29 58.25 1.45 -66.81
CA ILE EB 29 58.10 1.98 -68.16
C ILE EB 29 58.97 3.23 -68.29
N GLY EB 30 59.60 3.38 -69.45
CA GLY EB 30 60.44 4.56 -69.67
C GLY EB 30 60.96 4.58 -71.08
N ASN EB 31 61.63 5.69 -71.40
CA ASN EB 31 62.23 5.87 -72.72
C ASN EB 31 63.63 5.26 -72.67
N ILE EB 32 63.86 4.19 -73.43
CA ILE EB 32 65.08 3.42 -73.33
C ILE EB 32 65.91 3.57 -74.59
N SER EB 33 67.23 3.47 -74.41
CA SER EB 33 68.19 3.44 -75.50
C SER EB 33 69.09 2.23 -75.29
N GLU EB 34 69.25 1.42 -76.33
CA GLU EB 34 69.90 0.13 -76.24
C GLU EB 34 71.29 0.19 -76.83
N SER EB 35 72.28 -0.28 -76.08
CA SER EB 35 73.66 -0.39 -76.51
C SER EB 35 74.07 -1.86 -76.47
N GLN EB 36 75.32 -2.14 -76.87
CA GLN EB 36 75.74 -3.53 -77.03
C GLN EB 36 75.70 -4.30 -75.72
N GLY EB 37 76.07 -3.65 -74.61
CA GLY EB 37 76.13 -4.36 -73.34
C GLY EB 37 75.23 -3.78 -72.26
N LEU EB 38 74.94 -2.49 -72.34
CA LEU EB 38 74.16 -1.80 -71.33
C LEU EB 38 73.07 -0.97 -72.00
N ILE EB 39 72.06 -0.60 -71.23
CA ILE EB 39 70.96 0.22 -71.73
C ILE EB 39 70.74 1.40 -70.81
N THR EB 40 70.31 2.51 -71.39
CA THR EB 40 69.99 3.71 -70.64
C THR EB 40 68.49 3.93 -70.64
N ILE EB 41 67.97 4.47 -69.54
CA ILE EB 41 66.54 4.68 -69.38
C ILE EB 41 66.30 6.09 -68.85
N LYS EB 42 65.24 6.73 -69.34
CA LYS EB 42 64.84 8.06 -68.91
C LYS EB 42 63.37 8.04 -68.52
N LYS EB 43 63.05 8.80 -67.47
CA LYS EB 43 61.68 8.93 -66.96
C LYS EB 43 61.09 7.56 -66.64
N ALA EB 44 61.84 6.76 -65.90
CA ALA EB 44 61.35 5.46 -65.47
C ALA EB 44 60.23 5.62 -64.44
N PHE EB 45 59.27 4.70 -64.49
CA PHE EB 45 58.15 4.71 -63.54
C PHE EB 45 57.73 3.29 -63.23
N VAL EB 46 57.74 2.94 -61.94
CA VAL EB 46 57.24 1.66 -61.50
C VAL EB 46 55.73 1.64 -61.59
N ILE EB 47 55.18 0.48 -61.95
CA ILE EB 47 53.74 0.29 -62.14
C ILE EB 47 53.23 -0.54 -60.98
N ILE EB 48 52.26 0.00 -60.25
CA ILE EB 48 51.61 -0.66 -59.12
C ILE EB 48 50.19 -1.00 -59.54
N PRO EB 49 49.81 -2.28 -59.60
CA PRO EB 49 48.46 -2.71 -59.99
C PRO EB 49 47.41 -2.31 -58.95
N LEU EB 60 45.71 1.35 -62.53
CA LEU EB 60 47.17 1.33 -62.41
C LEU EB 60 47.69 2.59 -61.75
N VAL EB 61 48.84 2.48 -61.09
CA VAL EB 61 49.48 3.61 -60.41
C VAL EB 61 50.91 3.71 -60.91
N LEU EB 62 51.34 4.93 -61.26
CA LEU EB 62 52.70 5.18 -61.69
C LEU EB 62 53.46 5.88 -60.58
N CYS EB 63 54.63 5.35 -60.24
CA CYS EB 63 55.44 5.92 -59.18
C CYS EB 63 56.85 6.16 -59.69
N PRO EB 64 57.50 7.25 -59.27
CA PRO EB 64 58.90 7.46 -59.69
C PRO EB 64 59.79 6.31 -59.26
N TRP EB 65 60.65 5.88 -60.18
CA TRP EB 65 61.49 4.72 -59.91
C TRP EB 65 62.58 5.04 -58.91
N GLN EB 66 63.25 6.17 -59.07
CA GLN EB 66 64.39 6.56 -58.22
C GLN EB 66 64.14 7.97 -57.71
N PRO EB 67 63.31 8.11 -56.68
CA PRO EB 67 63.05 9.45 -56.13
C PRO EB 67 64.12 9.89 -55.16
N TYR EB 68 65.38 9.66 -55.52
CA TYR EB 68 66.52 10.07 -54.71
C TYR EB 68 67.62 10.73 -55.52
N THR EB 69 67.57 10.70 -56.84
CA THR EB 69 68.60 11.27 -57.69
C THR EB 69 68.00 12.31 -58.63
N ASP EB 70 68.86 13.23 -59.08
CA ASP EB 70 68.48 14.25 -60.03
C ASP EB 70 69.00 13.96 -61.43
N ASP EB 71 69.58 12.78 -61.64
CA ASP EB 71 70.13 12.44 -62.96
C ASP EB 71 69.02 12.29 -63.98
N LYS EB 72 69.30 12.73 -65.21
CA LYS EB 72 68.29 12.66 -66.26
C LYS EB 72 68.11 11.22 -66.75
N GLU EB 73 69.18 10.45 -66.82
CA GLU EB 73 69.13 9.10 -67.33
C GLU EB 73 69.87 8.16 -66.39
N ILE EB 74 69.46 6.89 -66.40
CA ILE EB 74 70.04 5.85 -65.56
C ILE EB 74 70.54 4.72 -66.46
N VAL EB 75 71.78 4.32 -66.26
CA VAL EB 75 72.40 3.24 -67.03
C VAL EB 75 72.26 1.94 -66.24
N ILE EB 76 72.07 0.83 -66.95
CA ILE EB 76 71.89 -0.46 -66.31
C ILE EB 76 72.36 -1.56 -67.26
N ASP EB 77 73.04 -2.55 -66.68
CA ASP EB 77 73.55 -3.66 -67.47
C ASP EB 77 72.41 -4.53 -67.99
N ASP EB 78 72.61 -5.11 -69.17
CA ASP EB 78 71.60 -5.96 -69.79
C ASP EB 78 71.48 -7.33 -69.14
N SER EB 79 72.44 -7.72 -68.31
CA SER EB 79 72.36 -9.02 -67.65
C SER EB 79 71.26 -9.07 -66.60
N LYS EB 80 70.79 -7.91 -66.14
CA LYS EB 80 69.70 -7.83 -65.18
C LYS EB 80 68.35 -7.62 -65.86
N VAL EB 81 68.23 -8.01 -67.12
CA VAL EB 81 67.02 -7.81 -67.92
C VAL EB 81 66.28 -9.13 -68.00
N ILE EB 82 64.97 -9.08 -67.76
CA ILE EB 82 64.12 -10.25 -67.91
C ILE EB 82 63.41 -10.15 -69.26
N THR EB 83 62.59 -9.11 -69.43
CA THR EB 83 61.89 -8.88 -70.67
C THR EB 83 61.87 -7.39 -71.01
N ILE EB 84 62.00 -7.09 -72.30
CA ILE EB 84 61.77 -5.76 -72.85
C ILE EB 84 60.55 -5.87 -73.76
N THR EB 85 59.64 -4.90 -73.67
CA THR EB 85 58.43 -5.01 -74.48
C THR EB 85 57.87 -3.64 -74.80
N SER EB 86 57.00 -3.60 -75.81
CA SER EB 86 56.35 -2.37 -76.22
C SER EB 86 54.98 -2.28 -75.57
N PRO EB 87 54.67 -1.21 -74.84
CA PRO EB 87 53.40 -1.13 -74.12
C PRO EB 87 52.24 -0.82 -75.06
N LYS EB 88 51.04 -0.74 -74.47
CA LYS EB 88 49.84 -0.39 -75.21
C LYS EB 88 49.74 1.12 -75.38
N ASP EB 89 48.81 1.54 -76.23
CA ASP EB 89 48.63 2.97 -76.49
C ASP EB 89 48.09 3.70 -75.26
N ASP EB 90 47.18 3.06 -74.53
CA ASP EB 90 46.63 3.70 -73.33
C ASP EB 90 47.71 3.95 -72.29
N ILE EB 91 48.62 2.98 -72.11
CA ILE EB 91 49.70 3.15 -71.14
C ILE EB 91 50.61 4.29 -71.57
N ILE EB 92 50.92 4.38 -72.86
CA ILE EB 92 51.77 5.46 -73.36
C ILE EB 92 51.10 6.81 -73.13
N LYS EB 93 49.80 6.88 -73.40
CA LYS EB 93 49.07 8.14 -73.19
C LYS EB 93 49.08 8.54 -71.72
N SER EB 94 48.86 7.57 -70.81
CA SER EB 94 48.90 7.87 -69.39
C SER EB 94 50.28 8.32 -68.95
N TYR EB 95 51.33 7.68 -69.48
CA TYR EB 95 52.70 8.07 -69.15
C TYR EB 95 52.99 9.49 -69.61
N GLU EB 96 52.56 9.83 -70.84
CA GLU EB 96 52.75 11.19 -71.34
C GLU EB 96 52.02 12.21 -70.49
N SER EB 97 50.76 11.91 -70.12
CA SER EB 97 49.99 12.82 -69.30
C SER EB 97 50.65 13.02 -67.94
N HIS EB 98 51.13 11.93 -67.33
CA HIS EB 98 51.79 12.02 -66.04
C HIS EB 98 53.03 12.90 -66.11
N THR EB 99 53.88 12.67 -67.12
CA THR EB 99 55.08 13.47 -67.25
C THR EB 99 54.76 14.95 -67.48
N ARG EB 100 53.78 15.23 -68.34
CA ARG EB 100 53.40 16.61 -68.60
C ARG EB 100 52.88 17.29 -67.33
N VAL EB 101 52.05 16.58 -66.55
CA VAL EB 101 51.53 17.15 -65.31
C VAL EB 101 52.67 17.44 -64.34
N LEU EB 102 53.61 16.51 -64.22
CA LEU EB 102 54.73 16.72 -63.31
C LEU EB 102 55.56 17.94 -63.73
N GLU EB 103 55.83 18.08 -65.03
CA GLU EB 103 56.60 19.22 -65.49
C GLU EB 103 55.87 20.53 -65.26
N ASN EB 104 54.56 20.53 -65.48
CA ASN EB 104 53.76 21.74 -65.22
C ASN EB 104 53.79 22.10 -63.74
N LYS EB 105 53.69 21.10 -62.87
CA LYS EB 105 53.79 21.37 -61.43
C LYS EB 105 55.15 21.96 -61.08
N GLN EB 106 56.22 21.41 -61.67
CA GLN EB 106 57.56 21.92 -61.40
C GLN EB 106 57.70 23.38 -61.81
N VAL EB 107 57.24 23.72 -63.01
CA VAL EB 107 57.39 25.09 -63.49
C VAL EB 107 56.54 26.05 -62.67
N GLU EB 108 55.33 25.61 -62.27
CA GLU EB 108 54.50 26.44 -61.40
C GLU EB 108 55.18 26.69 -60.06
N GLU EB 109 55.80 25.65 -59.48
CA GLU EB 109 56.51 25.84 -58.22
C GLU EB 109 57.69 26.79 -58.39
N ILE EB 110 58.39 26.70 -59.52
CA ILE EB 110 59.51 27.60 -59.78
C ILE EB 110 59.03 29.04 -59.83
N LEU EB 111 57.90 29.28 -60.52
CA LEU EB 111 57.35 30.63 -60.60
C LEU EB 111 56.93 31.14 -59.22
N ARG EB 112 56.30 30.28 -58.42
CA ARG EB 112 55.89 30.67 -57.07
C ARG EB 112 57.11 31.05 -56.25
N LEU EB 113 58.18 30.27 -56.34
CA LEU EB 113 59.39 30.59 -55.59
C LEU EB 113 60.02 31.90 -56.07
N GLU EB 114 59.99 32.14 -57.39
CA GLU EB 114 60.45 33.42 -57.92
C GLU EB 114 59.72 34.57 -57.24
N LYS EB 115 58.38 34.52 -57.23
CA LYS EB 115 57.60 35.59 -56.64
C LYS EB 115 57.90 35.74 -55.16
N GLU EB 116 57.98 34.63 -54.44
CA GLU EB 116 58.21 34.69 -53.00
C GLU EB 116 59.56 35.30 -52.67
N ILE EB 117 60.61 34.87 -53.39
CA ILE EB 117 61.95 35.40 -53.09
C ILE EB 117 62.03 36.87 -53.46
N GLU EB 118 61.38 37.28 -54.55
CA GLU EB 118 61.38 38.69 -54.91
C GLU EB 118 60.71 39.53 -53.83
N ASP EB 119 59.55 39.09 -53.35
CA ASP EB 119 58.84 39.83 -52.32
C ASP EB 119 59.67 39.90 -51.04
N LEU EB 120 60.26 38.77 -50.64
CA LEU EB 120 61.06 38.75 -49.43
C LEU EB 120 62.27 39.68 -49.52
N GLN EB 121 62.95 39.65 -50.68
CA GLN EB 121 64.12 40.52 -50.85
C GLN EB 121 63.71 41.99 -50.80
N ARG EB 122 62.60 42.35 -51.46
CA ARG EB 122 62.16 43.74 -51.44
C ARG EB 122 61.83 44.20 -50.02
N MET EB 123 61.08 43.38 -49.28
CA MET EB 123 60.70 43.79 -47.93
C MET EB 123 61.92 43.85 -47.01
N LYS EB 124 62.86 42.92 -47.19
CA LYS EB 124 64.09 42.95 -46.40
C LYS EB 124 64.90 44.21 -46.68
N GLU EB 125 65.00 44.59 -47.96
CA GLU EB 125 65.70 45.83 -48.29
C GLU EB 125 65.01 47.04 -47.68
N GLN EB 126 63.68 47.06 -47.71
CA GLN EB 126 62.94 48.15 -47.07
C GLN EB 126 63.24 48.21 -45.58
N GLN EB 127 63.27 47.06 -44.91
CA GLN EB 127 63.61 47.02 -43.50
C GLN EB 127 65.02 47.53 -43.26
N GLU EB 128 65.97 47.13 -44.12
CA GLU EB 128 67.35 47.57 -43.96
C GLU EB 128 67.50 49.07 -44.15
N LEU EB 129 66.66 49.66 -45.01
CA LEU EB 129 66.80 51.10 -45.28
C LEU EB 129 66.58 51.93 -44.03
N SER EB 130 65.57 51.59 -43.23
CA SER EB 130 65.21 52.38 -42.05
C SER EB 130 65.98 51.87 -40.83
N LEU EB 131 67.28 52.08 -40.85
CA LEU EB 131 68.17 51.64 -39.79
C LEU EB 131 68.98 52.83 -39.26
N THR EB 132 69.76 52.55 -38.21
CA THR EB 132 70.63 53.53 -37.58
C THR EB 132 72.08 53.15 -37.84
N GLU EB 133 72.94 54.16 -38.00
CA GLU EB 133 74.34 53.92 -38.37
C GLU EB 133 75.02 52.96 -37.39
N ALA EB 134 74.87 53.21 -36.09
CA ALA EB 134 75.44 52.32 -35.10
C ALA EB 134 74.85 50.92 -35.19
N SER EB 135 73.54 50.84 -35.41
CA SER EB 135 72.90 49.54 -35.60
C SER EB 135 73.43 48.85 -36.85
N LEU EB 136 73.69 49.61 -37.91
CA LEU EB 136 74.24 49.03 -39.13
C LEU EB 136 75.64 48.47 -38.89
N GLN EB 137 76.46 49.21 -38.14
CA GLN EB 137 77.80 48.70 -37.81
C GLN EB 137 77.70 47.44 -36.96
N LYS EB 138 76.79 47.43 -35.98
CA LYS EB 138 76.62 46.24 -35.16
C LYS EB 138 76.13 45.06 -36.00
N LEU EB 139 75.24 45.32 -36.95
CA LEU EB 139 74.79 44.27 -37.87
C LEU EB 139 75.94 43.72 -38.68
N GLN EB 140 76.80 44.60 -39.20
CA GLN EB 140 77.95 44.14 -39.99
C GLN EB 140 78.87 43.27 -39.15
N GLU EB 141 79.18 43.71 -37.93
CA GLU EB 141 80.04 42.90 -37.07
C GLU EB 141 79.39 41.57 -36.72
N ARG EB 142 78.08 41.57 -36.45
CA ARG EB 142 77.38 40.34 -36.10
C ARG EB 142 77.37 39.37 -37.28
N ARG EB 143 77.16 39.88 -38.50
CA ARG EB 143 77.20 39.01 -39.67
C ARG EB 143 78.60 38.44 -39.89
N ASP EB 144 79.64 39.26 -39.66
CA ASP EB 144 81.00 38.76 -39.75
C ASP EB 144 81.26 37.66 -38.75
N GLN EB 145 80.74 37.82 -37.52
CA GLN EB 145 80.88 36.75 -36.53
C GLN EB 145 80.10 35.51 -36.94
N GLU EB 146 78.91 35.70 -37.53
CA GLU EB 146 78.13 34.58 -38.03
C GLU EB 146 78.92 33.77 -39.05
N LEU EB 147 79.50 34.44 -40.04
CA LEU EB 147 80.27 33.73 -41.06
C LEU EB 147 81.57 33.16 -40.52
N ARG EB 148 82.00 33.57 -39.32
CA ARG EB 148 83.23 33.07 -38.74
C ARG EB 148 83.06 31.64 -38.23
N ASN FB 16 84.66 43.17 28.19
CA ASN FB 16 85.24 41.95 27.66
C ASN FB 16 84.18 40.87 27.48
N ILE FB 17 83.17 41.16 26.68
CA ILE FB 17 82.11 40.20 26.41
C ILE FB 17 82.68 39.05 25.58
N LYS FB 18 82.53 37.83 26.10
CA LYS FB 18 83.09 36.66 25.44
C LYS FB 18 82.16 35.47 25.65
N ILE FB 19 82.34 34.47 24.78
CA ILE FB 19 81.60 33.22 24.82
C ILE FB 19 82.48 32.15 25.44
N MET FB 20 81.88 31.38 26.35
CA MET FB 20 82.52 30.35 27.16
C MET FB 20 81.89 29.02 26.80
N ARG FB 21 82.73 28.01 26.54
CA ARG FB 21 82.26 26.64 26.36
C ARG FB 21 82.65 25.84 27.60
N LEU FB 22 81.64 25.36 28.33
CA LEU FB 22 81.87 24.57 29.53
C LEU FB 22 81.98 23.09 29.19
N VAL FB 23 82.50 22.33 30.15
CA VAL FB 23 82.67 20.89 29.94
C VAL FB 23 81.33 20.19 29.78
N THR FB 24 80.26 20.75 30.36
CA THR FB 24 78.94 20.14 30.28
C THR FB 24 78.16 20.64 29.06
N CYS FB 25 78.82 20.58 27.89
CA CYS FB 25 78.25 20.95 26.59
C CYS FB 25 77.34 22.18 26.70
N GLU FB 26 77.89 23.26 27.25
CA GLU FB 26 77.14 24.47 27.50
C GLU FB 26 77.87 25.67 26.92
N ASP FB 27 77.12 26.58 26.29
CA ASP FB 27 77.65 27.81 25.74
C ASP FB 27 77.03 28.98 26.49
N ILE FB 28 77.87 29.81 27.11
CA ILE FB 28 77.40 30.91 27.93
C ILE FB 28 78.20 32.17 27.58
N ILE FB 29 77.50 33.27 27.32
CA ILE FB 29 78.12 34.54 27.00
C ILE FB 29 78.10 35.43 28.24
N GLY FB 30 79.18 36.17 28.45
CA GLY FB 30 79.23 37.06 29.60
C GLY FB 30 80.50 37.88 29.58
N ASN FB 31 80.56 38.82 30.54
CA ASN FB 31 81.74 39.67 30.69
C ASN FB 31 82.72 38.95 31.59
N ILE FB 32 83.88 38.58 31.05
CA ILE FB 32 84.81 37.71 31.76
C ILE FB 32 86.07 38.49 32.12
N SER FB 33 86.70 38.08 33.21
CA SER FB 33 87.99 38.58 33.65
C SER FB 33 88.88 37.37 33.92
N GLU FB 34 90.08 37.39 33.35
CA GLU FB 34 90.96 36.23 33.34
C GLU FB 34 92.09 36.43 34.35
N SER FB 35 92.29 35.42 35.20
CA SER FB 35 93.39 35.39 36.16
C SER FB 35 94.26 34.16 35.85
N GLN FB 36 95.33 34.00 36.63
CA GLN FB 36 96.32 32.97 36.31
C GLN FB 36 95.72 31.57 36.36
N GLY FB 37 94.83 31.31 37.33
CA GLY FB 37 94.29 29.97 37.47
C GLY FB 37 92.79 29.88 37.33
N LEU FB 38 92.09 30.96 37.64
CA LEU FB 38 90.64 30.99 37.63
C LEU FB 38 90.15 32.22 36.89
N ILE FB 39 88.89 32.18 36.46
CA ILE FB 39 88.29 33.31 35.74
C ILE FB 39 86.96 33.66 36.39
N THR FB 40 86.63 34.94 36.34
CA THR FB 40 85.37 35.45 36.86
C THR FB 40 84.47 35.86 35.70
N ILE FB 41 83.17 35.67 35.87
CA ILE FB 41 82.20 35.98 34.83
C ILE FB 41 81.04 36.75 35.44
N LYS FB 42 80.53 37.72 34.68
CA LYS FB 42 79.39 38.53 35.09
C LYS FB 42 78.34 38.51 33.99
N LYS FB 43 77.08 38.48 34.40
CA LYS FB 43 75.93 38.50 33.48
C LYS FB 43 76.02 37.35 32.47
N ALA FB 44 76.27 36.15 32.98
CA ALA FB 44 76.31 34.98 32.12
C ALA FB 44 74.93 34.64 31.61
N PHE FB 45 74.87 34.11 30.38
CA PHE FB 45 73.61 33.74 29.77
C PHE FB 45 73.83 32.51 28.88
N VAL FB 46 73.08 31.45 29.16
CA VAL FB 46 73.11 30.27 28.31
C VAL FB 46 72.37 30.57 27.01
N ILE FB 47 72.87 29.99 25.92
CA ILE FB 47 72.34 30.20 24.58
C ILE FB 47 71.63 28.94 24.15
N ILE FB 48 70.36 29.05 23.84
CA ILE FB 48 69.53 27.94 23.36
C ILE FB 48 69.22 28.19 21.89
N PRO FB 49 69.67 27.30 20.98
CA PRO FB 49 69.42 27.44 19.54
C PRO FB 49 67.94 27.27 19.18
N LEU FB 60 67.87 32.59 18.24
CA LEU FB 60 68.58 32.25 19.48
C LEU FB 60 67.78 32.71 20.69
N VAL FB 61 67.98 32.03 21.82
CA VAL FB 61 67.31 32.37 23.07
C VAL FB 61 68.38 32.52 24.15
N LEU FB 62 68.28 33.58 24.93
CA LEU FB 62 69.19 33.83 26.04
C LEU FB 62 68.48 33.54 27.35
N CYS FB 63 69.11 32.72 28.20
CA CYS FB 63 68.51 32.36 29.49
C CYS FB 63 69.51 32.64 30.59
N PRO FB 64 69.06 33.09 31.76
CA PRO FB 64 69.98 33.29 32.89
C PRO FB 64 70.69 31.99 33.24
N TRP FB 65 72.00 32.10 33.47
CA TRP FB 65 72.80 30.91 33.74
C TRP FB 65 72.52 30.34 35.11
N GLN FB 66 72.46 31.20 36.13
CA GLN FB 66 72.28 30.78 37.51
C GLN FB 66 71.12 31.57 38.11
N PRO FB 67 69.88 31.17 37.82
CA PRO FB 67 68.73 31.90 38.38
C PRO FB 67 68.40 31.44 39.79
N TYR FB 68 69.44 31.29 40.62
CA TYR FB 68 69.28 30.90 42.01
C TYR FB 68 70.12 31.73 42.97
N THR FB 69 71.05 32.55 42.48
CA THR FB 69 71.93 33.34 43.31
C THR FB 69 71.80 34.82 42.97
N ASP FB 70 72.13 35.65 43.95
CA ASP FB 70 72.14 37.10 43.79
C ASP FB 70 73.54 37.66 43.63
N ASP FB 71 74.55 36.80 43.52
CA ASP FB 71 75.92 37.27 43.39
C ASP FB 71 76.14 37.98 42.06
N LYS FB 72 76.94 39.04 42.10
CA LYS FB 72 77.20 39.81 40.88
C LYS FB 72 78.11 39.06 39.93
N GLU FB 73 79.09 38.33 40.45
CA GLU FB 73 80.06 37.62 39.64
C GLU FB 73 80.23 36.20 40.14
N ILE FB 74 80.60 35.31 39.22
CA ILE FB 74 80.79 33.89 39.52
C ILE FB 74 82.22 33.52 39.13
N VAL FB 75 82.93 32.87 40.05
CA VAL FB 75 84.30 32.43 39.83
C VAL FB 75 84.28 30.97 39.39
N ILE FB 76 85.20 30.61 38.50
CA ILE FB 76 85.24 29.24 37.97
C ILE FB 76 86.68 28.92 37.57
N ASP FB 77 87.11 27.69 37.88
CA ASP FB 77 88.45 27.25 37.55
C ASP FB 77 88.61 27.11 36.04
N ASP FB 78 89.83 27.36 35.57
CA ASP FB 78 90.12 27.28 34.14
C ASP FB 78 90.24 25.85 33.64
N SER FB 79 90.35 24.87 34.53
CA SER FB 79 90.45 23.48 34.10
C SER FB 79 89.14 22.96 33.51
N LYS FB 80 88.02 23.64 33.78
CA LYS FB 80 86.73 23.28 33.23
C LYS FB 80 86.40 24.09 31.97
N VAL FB 81 87.41 24.60 31.29
CA VAL FB 81 87.25 25.45 30.11
C VAL FB 81 87.52 24.61 28.87
N ILE FB 82 86.64 24.73 27.88
CA ILE FB 82 86.85 24.06 26.61
C ILE FB 82 87.37 25.10 25.62
N THR FB 83 86.59 26.13 25.35
CA THR FB 83 86.98 27.21 24.46
C THR FB 83 86.51 28.55 25.00
N ILE FB 84 87.36 29.57 24.82
CA ILE FB 84 87.00 30.97 25.05
C ILE FB 84 87.06 31.65 23.69
N THR FB 85 86.06 32.48 23.40
CA THR FB 85 86.04 33.10 22.07
C THR FB 85 85.34 34.45 22.12
N SER FB 86 85.57 35.25 21.09
CA SER FB 86 84.94 36.56 20.96
C SER FB 86 83.71 36.45 20.07
N PRO FB 87 82.55 36.85 20.53
CA PRO FB 87 81.32 36.67 19.74
C PRO FB 87 81.22 37.69 18.62
N LYS FB 88 80.14 37.58 17.84
CA LYS FB 88 79.86 38.51 16.76
C LYS FB 88 79.21 39.78 17.30
N ASP FB 89 79.13 40.79 16.43
CA ASP FB 89 78.56 42.07 16.83
C ASP FB 89 77.06 41.94 17.11
N ASP FB 90 76.35 41.15 16.31
CA ASP FB 90 74.92 40.98 16.53
C ASP FB 90 74.64 40.34 17.88
N ILE FB 91 75.43 39.35 18.26
CA ILE FB 91 75.26 38.69 19.55
C ILE FB 91 75.49 39.67 20.69
N ILE FB 92 76.54 40.49 20.56
CA ILE FB 92 76.84 41.49 21.59
C ILE FB 92 75.70 42.49 21.71
N LYS FB 93 75.15 42.94 20.57
CA LYS FB 93 74.03 43.86 20.60
C LYS FB 93 72.82 43.25 21.27
N SER FB 94 72.51 42.00 20.94
CA SER FB 94 71.38 41.32 21.57
C SER FB 94 71.59 41.17 23.07
N TYR FB 95 72.82 40.83 23.48
CA TYR FB 95 73.13 40.70 24.90
C TYR FB 95 72.95 42.02 25.63
N GLU FB 96 73.43 43.12 25.03
CA GLU FB 96 73.26 44.43 25.63
C GLU FB 96 71.78 44.80 25.75
N SER FB 97 71.01 44.55 24.70
CA SER FB 97 69.58 44.86 24.74
C SER FB 97 68.88 44.05 25.82
N HIS FB 98 69.21 42.76 25.92
CA HIS FB 98 68.60 41.91 26.93
C HIS FB 98 68.90 42.42 28.34
N THR FB 99 70.17 42.74 28.61
CA THR FB 99 70.53 43.23 29.94
C THR FB 99 69.82 44.55 30.25
N ARG FB 100 69.78 45.46 29.27
CA ARG FB 100 69.12 46.74 29.50
C ARG FB 100 67.63 46.55 29.78
N VAL FB 101 66.97 45.67 29.04
CA VAL FB 101 65.55 45.41 29.26
C VAL FB 101 65.33 44.83 30.65
N LEU FB 102 66.18 43.89 31.06
CA LEU FB 102 66.03 43.30 32.38
C LEU FB 102 66.20 44.36 33.48
N GLU FB 103 67.19 45.23 33.33
CA GLU FB 103 67.40 46.27 34.35
C GLU FB 103 66.24 47.24 34.40
N ASN FB 104 65.69 47.60 33.24
CA ASN FB 104 64.53 48.49 33.20
C ASN FB 104 63.32 47.83 33.87
N LYS FB 105 63.11 46.54 33.63
CA LYS FB 105 62.03 45.84 34.29
C LYS FB 105 62.23 45.83 35.81
N GLN FB 106 63.47 45.61 36.25
CA GLN FB 106 63.74 45.60 37.69
C GLN FB 106 63.44 46.95 38.33
N VAL FB 107 63.88 48.03 37.69
CA VAL FB 107 63.66 49.36 38.29
C VAL FB 107 62.17 49.71 38.27
N GLU FB 108 61.46 49.32 37.21
CA GLU FB 108 60.02 49.55 37.17
C GLU FB 108 59.31 48.80 38.29
N GLU FB 109 59.71 47.55 38.52
CA GLU FB 109 59.11 46.77 39.61
C GLU FB 109 59.41 47.41 40.96
N ILE FB 110 60.63 47.93 41.13
CA ILE FB 110 60.98 48.59 42.39
C ILE FB 110 60.09 49.82 42.62
N LEU FB 111 59.88 50.61 41.56
CA LEU FB 111 58.99 51.78 41.69
C LEU FB 111 57.57 51.38 42.02
N ARG FB 112 57.07 50.33 41.35
CA ARG FB 112 55.72 49.85 41.63
C ARG FB 112 55.59 49.42 43.09
N LEU FB 113 56.59 48.71 43.60
CA LEU FB 113 56.55 48.28 44.99
C LEU FB 113 56.62 49.47 45.94
N GLU FB 114 57.42 50.48 45.61
CA GLU FB 114 57.44 51.72 46.39
C GLU FB 114 56.03 52.30 46.52
N LYS FB 115 55.35 52.46 45.38
CA LYS FB 115 54.01 53.04 45.40
C LYS FB 115 53.05 52.19 46.21
N GLU FB 116 53.10 50.87 46.00
CA GLU FB 116 52.17 49.97 46.69
C GLU FB 116 52.38 50.02 48.20
N ILE FB 117 53.64 49.97 48.65
CA ILE FB 117 53.89 49.95 50.09
C ILE FB 117 53.50 51.30 50.70
N GLU FB 118 53.74 52.40 49.99
CA GLU FB 118 53.34 53.70 50.50
C GLU FB 118 51.83 53.77 50.68
N ASP FB 119 51.08 53.33 49.67
CA ASP FB 119 49.63 53.37 49.74
C ASP FB 119 49.13 52.48 50.88
N LEU FB 120 49.68 51.28 51.00
CA LEU FB 120 49.25 50.36 52.06
C LEU FB 120 49.54 50.94 53.43
N GLN FB 121 50.73 51.52 53.62
CA GLN FB 121 51.06 52.11 54.92
C GLN FB 121 50.13 53.26 55.26
N ARG FB 122 49.83 54.12 54.28
CA ARG FB 122 48.94 55.25 54.55
C ARG FB 122 47.55 54.77 54.94
N MET FB 123 47.00 53.81 54.19
CA MET FB 123 45.66 53.33 54.49
C MET FB 123 45.63 52.60 55.83
N LYS FB 124 46.68 51.84 56.15
CA LYS FB 124 46.76 51.18 57.44
C LYS FB 124 46.81 52.18 58.59
N GLU FB 125 47.58 53.26 58.42
CA GLU FB 125 47.61 54.29 59.46
C GLU FB 125 46.25 54.94 59.63
N GLN FB 126 45.55 55.20 58.51
CA GLN FB 126 44.20 55.76 58.60
C GLN FB 126 43.28 54.82 59.36
N GLN FB 127 43.36 53.52 59.08
CA GLN FB 127 42.55 52.54 59.82
C GLN FB 127 42.89 52.55 61.30
N GLU FB 128 44.19 52.62 61.62
CA GLU FB 128 44.61 52.63 63.02
C GLU FB 128 44.11 53.87 63.75
N LEU FB 129 44.00 55.00 63.05
CA LEU FB 129 43.60 56.24 63.72
C LEU FB 129 42.21 56.13 64.32
N SER FB 130 41.26 55.54 63.59
CA SER FB 130 39.87 55.46 64.03
C SER FB 130 39.65 54.17 64.83
N LEU FB 131 40.26 54.14 66.01
CA LEU FB 131 40.17 52.99 66.89
C LEU FB 131 39.68 53.42 68.27
N THR FB 132 39.48 52.44 69.14
CA THR FB 132 39.03 52.64 70.51
C THR FB 132 40.17 52.28 71.46
N GLU FB 133 40.26 53.01 72.58
CA GLU FB 133 41.37 52.82 73.51
C GLU FB 133 41.49 51.37 73.97
N ALA FB 134 40.37 50.77 74.37
CA ALA FB 134 40.39 49.37 74.79
C ALA FB 134 40.79 48.47 73.63
N SER FB 135 40.29 48.75 72.43
CA SER FB 135 40.69 47.99 71.25
C SER FB 135 42.18 48.16 70.97
N LEU FB 136 42.71 49.36 71.19
CA LEU FB 136 44.14 49.59 71.00
C LEU FB 136 44.97 48.78 71.98
N GLN FB 137 44.54 48.74 73.25
CA GLN FB 137 45.24 47.92 74.23
C GLN FB 137 45.19 46.45 73.86
N LYS FB 138 44.02 45.98 73.43
CA LYS FB 138 43.89 44.58 73.00
C LYS FB 138 44.78 44.28 71.80
N LEU FB 139 44.86 45.22 70.87
CA LEU FB 139 45.76 45.07 69.73
C LEU FB 139 47.21 44.98 70.17
N GLN FB 140 47.62 45.83 71.11
CA GLN FB 140 48.99 45.78 71.60
C GLN FB 140 49.30 44.44 72.25
N GLU FB 141 48.39 43.96 73.11
CA GLU FB 141 48.60 42.66 73.75
C GLU FB 141 48.64 41.54 72.72
N ARG FB 142 47.76 41.59 71.72
CA ARG FB 142 47.72 40.55 70.70
C ARG FB 142 48.99 40.55 69.87
N ARG FB 143 49.51 41.72 69.53
CA ARG FB 143 50.77 41.80 68.79
C ARG FB 143 51.93 41.27 69.63
N ASP FB 144 51.93 41.58 70.93
CA ASP FB 144 52.96 41.03 71.81
C ASP FB 144 52.89 39.51 71.85
N GLN FB 145 51.67 38.96 71.89
CA GLN FB 145 51.55 37.50 71.87
C GLN FB 145 51.99 36.93 70.52
N GLU FB 146 51.70 37.65 69.43
CA GLU FB 146 52.16 37.24 68.10
C GLU FB 146 53.68 37.12 68.07
N LEU FB 147 54.38 38.17 68.53
CA LEU FB 147 55.84 38.13 68.52
C LEU FB 147 56.41 37.14 69.52
N ARG FB 148 55.60 36.64 70.45
CA ARG FB 148 56.07 35.69 71.44
C ARG FB 148 56.28 34.31 70.82
N ASN GB 16 4.67 1.29 99.00
CA ASN GB 16 5.93 0.59 98.76
C ASN GB 16 6.01 0.05 97.34
N ILE GB 17 5.90 0.95 96.37
CA ILE GB 17 5.98 0.56 94.97
C ILE GB 17 7.39 0.10 94.66
N LYS GB 18 7.53 -1.13 94.16
CA LYS GB 18 8.83 -1.70 93.88
C LYS GB 18 8.76 -2.58 92.64
N ILE GB 19 9.92 -2.83 92.06
CA ILE GB 19 10.10 -3.69 90.90
C ILE GB 19 10.62 -5.04 91.35
N MET GB 20 10.02 -6.10 90.80
CA MET GB 20 10.26 -7.49 91.14
C MET GB 20 10.81 -8.18 89.90
N ARG GB 21 11.90 -8.93 90.07
CA ARG GB 21 12.42 -9.79 89.00
C ARG GB 21 12.12 -11.24 89.37
N LEU GB 22 11.30 -11.88 88.56
CA LEU GB 22 10.93 -13.27 88.78
C LEU GB 22 11.92 -14.20 88.10
N VAL GB 23 11.88 -15.47 88.50
CA VAL GB 23 12.79 -16.47 87.94
C VAL GB 23 12.51 -16.68 86.45
N THR GB 24 11.28 -16.44 86.01
CA THR GB 24 10.92 -16.63 84.61
C THR GB 24 11.14 -15.36 83.79
N CYS GB 25 12.34 -14.79 83.93
CA CYS GB 25 12.79 -13.59 83.20
C CYS GB 25 11.66 -12.58 83.01
N GLU GB 26 11.07 -12.20 84.14
CA GLU GB 26 9.91 -11.29 84.15
C GLU GB 26 10.16 -10.14 85.10
N ASP GB 27 9.78 -8.94 84.67
CA ASP GB 27 9.87 -7.73 85.49
C ASP GB 27 8.47 -7.21 85.74
N ILE GB 28 8.09 -7.11 87.02
CA ILE GB 28 6.74 -6.70 87.40
C ILE GB 28 6.82 -5.66 88.50
N ILE GB 29 6.12 -4.55 88.32
CA ILE GB 29 6.09 -3.47 89.31
C ILE GB 29 4.79 -3.57 90.09
N GLY GB 30 4.86 -3.31 91.39
CA GLY GB 30 3.65 -3.36 92.20
C GLY GB 30 3.95 -2.94 93.63
N ASN GB 31 2.89 -2.82 94.41
CA ASN GB 31 3.00 -2.46 95.82
C ASN GB 31 3.21 -3.74 96.61
N ILE GB 32 4.38 -3.88 97.23
CA ILE GB 32 4.78 -5.13 97.85
C ILE GB 32 4.83 -4.97 99.37
N SER GB 33 4.58 -6.07 100.06
CA SER GB 33 4.72 -6.18 101.50
C SER GB 33 5.55 -7.42 101.79
N GLU GB 34 6.59 -7.25 102.61
CA GLU GB 34 7.60 -8.27 102.82
C GLU GB 34 7.40 -8.94 104.18
N SER GB 35 7.37 -10.26 104.17
CA SER GB 35 7.29 -11.08 105.39
C SER GB 35 8.53 -11.96 105.46
N GLN GB 36 8.62 -12.76 106.53
CA GLN GB 36 9.86 -13.50 106.79
C GLN GB 36 10.15 -14.50 105.68
N GLY GB 37 9.13 -15.15 105.13
CA GLY GB 37 9.36 -16.18 104.14
C GLY GB 37 8.71 -15.91 102.80
N LEU GB 38 7.61 -15.16 102.80
CA LEU GB 38 6.83 -14.90 101.60
C LEU GB 38 6.53 -13.41 101.50
N ILE GB 39 6.18 -12.96 100.30
CA ILE GB 39 5.86 -11.56 100.08
C ILE GB 39 4.53 -11.47 99.34
N THR GB 40 3.79 -10.40 99.62
CA THR GB 40 2.52 -10.15 98.96
C THR GB 40 2.67 -8.96 98.02
N ILE GB 41 1.94 -9.00 96.91
CA ILE GB 41 2.03 -7.95 95.90
C ILE GB 41 0.63 -7.55 95.47
N LYS GB 42 0.43 -6.25 95.25
CA LYS GB 42 -0.83 -5.70 94.79
C LYS GB 42 -0.59 -4.85 93.55
N LYS GB 43 -1.54 -4.92 92.62
CA LYS GB 43 -1.51 -4.15 91.38
C LYS GB 43 -0.22 -4.40 90.60
N ALA GB 44 0.12 -5.67 90.44
CA ALA GB 44 1.29 -6.05 89.68
C ALA GB 44 1.08 -5.75 88.19
N PHE GB 45 2.18 -5.38 87.52
CA PHE GB 45 2.12 -5.07 86.10
C PHE GB 45 3.43 -5.49 85.44
N VAL GB 46 3.33 -6.35 84.43
CA VAL GB 46 4.50 -6.72 83.65
C VAL GB 46 4.89 -5.56 82.74
N ILE GB 47 6.20 -5.39 82.55
CA ILE GB 47 6.76 -4.31 81.77
C ILE GB 47 7.29 -4.90 80.47
N ILE GB 48 6.79 -4.40 79.35
CA ILE GB 48 7.20 -4.80 78.01
C ILE GB 48 7.97 -3.65 77.39
N PRO GB 49 9.26 -3.82 77.06
CA PRO GB 49 10.09 -2.77 76.45
C PRO GB 49 9.63 -2.44 75.03
N LEU GB 60 7.79 2.21 77.05
CA LEU GB 60 7.43 1.07 77.88
C LEU GB 60 5.93 0.80 77.83
N VAL GB 61 5.56 -0.46 78.06
CA VAL GB 61 4.17 -0.88 78.05
C VAL GB 61 3.89 -1.63 79.35
N LEU GB 62 2.79 -1.28 80.02
CA LEU GB 62 2.38 -1.94 81.25
C LEU GB 62 1.20 -2.87 80.95
N CYS GB 63 1.32 -4.12 81.37
CA CYS GB 63 0.27 -5.10 81.14
C CYS GB 63 -0.13 -5.75 82.46
N PRO GB 64 -1.40 -6.06 82.66
CA PRO GB 64 -1.80 -6.76 83.89
C PRO GB 64 -1.07 -8.09 84.02
N TRP GB 65 -0.59 -8.37 85.23
CA TRP GB 65 0.20 -9.58 85.45
C TRP GB 65 -0.66 -10.82 85.42
N GLN GB 66 -1.82 -10.79 86.08
CA GLN GB 66 -2.71 -11.95 86.19
C GLN GB 66 -4.10 -11.53 85.78
N PRO GB 67 -4.37 -11.45 84.47
CA PRO GB 67 -5.70 -11.06 84.02
C PRO GB 67 -6.67 -12.23 84.01
N TYR GB 68 -6.64 -13.03 85.07
CA TYR GB 68 -7.54 -14.18 85.22
C TYR GB 68 -8.15 -14.28 86.60
N THR GB 69 -7.69 -13.51 87.58
CA THR GB 69 -8.18 -13.57 88.94
C THR GB 69 -8.70 -12.21 89.39
N ASP GB 70 -9.61 -12.24 90.36
CA ASP GB 70 -10.17 -11.03 90.95
C ASP GB 70 -9.58 -10.73 92.33
N ASP GB 71 -8.55 -11.49 92.74
CA ASP GB 71 -7.96 -11.28 94.05
C ASP GB 71 -7.24 -9.94 94.11
N LYS GB 72 -7.34 -9.28 95.27
CA LYS GB 72 -6.70 -7.98 95.43
C LYS GB 72 -5.19 -8.11 95.54
N GLU GB 73 -4.70 -9.16 96.20
CA GLU GB 73 -3.28 -9.34 96.43
C GLU GB 73 -2.88 -10.77 96.09
N ILE GB 74 -1.61 -10.94 95.70
CA ILE GB 74 -1.07 -12.23 95.33
C ILE GB 74 0.14 -12.52 96.22
N VAL GB 75 0.16 -13.70 96.82
CA VAL GB 75 1.26 -14.13 97.69
C VAL GB 75 2.23 -14.96 96.88
N ILE GB 76 3.52 -14.83 97.18
CA ILE GB 76 4.56 -15.56 96.45
C ILE GB 76 5.75 -15.79 97.37
N ASP GB 77 6.33 -16.98 97.27
CA ASP GB 77 7.49 -17.34 98.08
C ASP GB 77 8.71 -16.53 97.66
N ASP GB 78 9.57 -16.23 98.64
CA ASP GB 78 10.77 -15.46 98.37
C ASP GB 78 11.86 -16.26 97.67
N SER GB 79 11.74 -17.58 97.61
CA SER GB 79 12.74 -18.38 96.92
C SER GB 79 12.71 -18.19 95.41
N LYS GB 80 11.61 -17.66 94.88
CA LYS GB 80 11.49 -17.38 93.46
C LYS GB 80 11.82 -15.92 93.13
N VAL GB 81 12.60 -15.27 93.98
CA VAL GB 81 12.96 -13.86 93.84
C VAL GB 81 14.37 -13.77 93.29
N ILE GB 82 14.56 -12.92 92.29
CA ILE GB 82 15.88 -12.66 91.74
C ILE GB 82 16.37 -11.34 92.33
N THR GB 83 15.66 -10.25 92.03
CA THR GB 83 16.00 -8.93 92.56
C THR GB 83 14.75 -8.17 92.95
N ILE GB 84 14.84 -7.43 94.06
CA ILE GB 84 13.84 -6.44 94.46
C ILE GB 84 14.51 -5.08 94.37
N THR GB 85 13.81 -4.09 93.82
CA THR GB 85 14.44 -2.80 93.65
C THR GB 85 13.41 -1.68 93.68
N SER GB 86 13.89 -0.46 93.91
CA SER GB 86 13.04 0.73 93.92
C SER GB 86 13.07 1.39 92.55
N PRO GB 87 11.94 1.61 91.91
CA PRO GB 87 11.93 2.17 90.55
C PRO GB 87 12.20 3.67 90.57
N LYS GB 88 12.23 4.24 89.36
CA LYS GB 88 12.42 5.67 89.19
C LYS GB 88 11.10 6.41 89.40
N ASP GB 89 11.20 7.74 89.50
CA ASP GB 89 10.00 8.56 89.73
C ASP GB 89 9.08 8.54 88.52
N ASP GB 90 9.64 8.55 87.31
CA ASP GB 90 8.81 8.52 86.11
C ASP GB 90 8.00 7.24 86.03
N ILE GB 91 8.62 6.10 86.37
CA ILE GB 91 7.92 4.82 86.35
C ILE GB 91 6.78 4.82 87.37
N ILE GB 92 7.04 5.36 88.56
CA ILE GB 92 6.01 5.42 89.59
C ILE GB 92 4.85 6.30 89.13
N LYS GB 93 5.16 7.44 88.51
CA LYS GB 93 4.11 8.33 88.00
C LYS GB 93 3.27 7.63 86.93
N SER GB 94 3.94 6.93 86.00
CA SER GB 94 3.20 6.21 84.96
C SER GB 94 2.33 5.12 85.56
N TYR GB 95 2.84 4.40 86.56
CA TYR GB 95 2.07 3.36 87.23
C TYR GB 95 0.83 3.95 87.91
N GLU GB 96 1.00 5.07 88.61
CA GLU GB 96 -0.13 5.73 89.25
C GLU GB 96 -1.16 6.18 88.22
N SER GB 97 -0.71 6.78 87.12
CA SER GB 97 -1.64 7.23 86.09
C SER GB 97 -2.40 6.05 85.49
N HIS GB 98 -1.69 4.94 85.22
CA HIS GB 98 -2.34 3.77 84.66
C HIS GB 98 -3.42 3.23 85.61
N THR GB 99 -3.08 3.09 86.89
CA THR GB 99 -4.07 2.58 87.84
C THR GB 99 -5.27 3.50 87.95
N ARG GB 100 -5.03 4.82 88.00
CA ARG GB 100 -6.14 5.77 88.09
C ARG GB 100 -7.04 5.69 86.87
N VAL GB 101 -6.44 5.59 85.68
CA VAL GB 101 -7.24 5.49 84.46
C VAL GB 101 -8.06 4.21 84.46
N LEU GB 102 -7.47 3.10 84.89
CA LEU GB 102 -8.21 1.84 84.93
C LEU GB 102 -9.39 1.93 85.89
N GLU GB 103 -9.18 2.53 87.07
CA GLU GB 103 -10.26 2.64 88.04
C GLU GB 103 -11.37 3.55 87.52
N ASN GB 104 -11.00 4.64 86.85
CA ASN GB 104 -12.01 5.53 86.27
C ASN GB 104 -12.81 4.81 85.19
N LYS GB 105 -12.14 4.01 84.37
CA LYS GB 105 -12.86 3.23 83.36
C LYS GB 105 -13.83 2.25 84.02
N GLN GB 106 -13.39 1.61 85.10
CA GLN GB 106 -14.25 0.65 85.79
C GLN GB 106 -15.49 1.33 86.35
N VAL GB 107 -15.32 2.49 87.00
CA VAL GB 107 -16.48 3.15 87.60
C VAL GB 107 -17.41 3.69 86.52
N GLU GB 108 -16.85 4.17 85.40
CA GLU GB 108 -17.70 4.61 84.29
C GLU GB 108 -18.52 3.45 83.72
N GLU GB 109 -17.89 2.28 83.57
CA GLU GB 109 -18.61 1.12 83.09
C GLU GB 109 -19.71 0.70 84.06
N ILE GB 110 -19.43 0.79 85.37
CA ILE GB 110 -20.45 0.46 86.36
C ILE GB 110 -21.65 1.40 86.24
N LEU GB 111 -21.39 2.69 86.07
CA LEU GB 111 -22.48 3.65 85.91
C LEU GB 111 -23.28 3.37 84.64
N ARG GB 112 -22.59 3.07 83.54
CA ARG GB 112 -23.28 2.76 82.30
C ARG GB 112 -24.18 1.53 82.47
N LEU GB 113 -23.68 0.51 83.16
CA LEU GB 113 -24.49 -0.69 83.39
C LEU GB 113 -25.68 -0.38 84.28
N GLU GB 114 -25.49 0.47 85.30
CA GLU GB 114 -26.61 0.92 86.12
C GLU GB 114 -27.71 1.51 85.25
N LYS GB 115 -27.34 2.46 84.39
CA LYS GB 115 -28.34 3.11 83.55
C LYS GB 115 -29.02 2.12 82.62
N GLU GB 116 -28.23 1.23 82.01
CA GLU GB 116 -28.80 0.27 81.06
C GLU GB 116 -29.77 -0.68 81.74
N ILE GB 117 -29.41 -1.20 82.91
CA ILE GB 117 -30.29 -2.15 83.58
C ILE GB 117 -31.56 -1.46 84.07
N GLU GB 118 -31.43 -0.20 84.53
CA GLU GB 118 -32.63 0.53 84.94
C GLU GB 118 -33.58 0.73 83.77
N ASP GB 119 -33.05 1.15 82.62
CA ASP GB 119 -33.89 1.37 81.45
C ASP GB 119 -34.55 0.06 81.02
N LEU GB 120 -33.77 -1.03 80.98
CA LEU GB 120 -34.32 -2.31 80.55
C LEU GB 120 -35.43 -2.78 81.50
N GLN GB 121 -35.20 -2.64 82.80
CA GLN GB 121 -36.22 -3.07 83.77
C GLN GB 121 -37.49 -2.25 83.62
N ARG GB 122 -37.36 -0.93 83.45
CA ARG GB 122 -38.54 -0.09 83.29
C ARG GB 122 -39.33 -0.47 82.05
N MET GB 123 -38.64 -0.65 80.93
CA MET GB 123 -39.34 -0.98 79.69
C MET GB 123 -39.96 -2.36 79.77
N LYS GB 124 -39.29 -3.31 80.41
CA LYS GB 124 -39.84 -4.64 80.60
C LYS GB 124 -41.10 -4.61 81.45
N GLU GB 125 -41.08 -3.81 82.53
CA GLU GB 125 -42.27 -3.67 83.37
C GLU GB 125 -43.41 -3.05 82.57
N GLN GB 126 -43.11 -2.05 81.75
CA GLN GB 126 -44.14 -1.45 80.90
C GLN GB 126 -44.74 -2.50 79.95
N GLN GB 127 -43.89 -3.33 79.35
CA GLN GB 127 -44.39 -4.39 78.48
C GLN GB 127 -45.26 -5.37 79.26
N GLU GB 128 -44.85 -5.73 80.47
CA GLU GB 128 -45.62 -6.67 81.28
C GLU GB 128 -46.98 -6.10 81.66
N LEU GB 129 -47.06 -4.78 81.85
CA LEU GB 129 -48.32 -4.19 82.29
C LEU GB 129 -49.43 -4.41 81.27
N SER GB 130 -49.14 -4.25 79.98
CA SER GB 130 -50.16 -4.36 78.93
C SER GB 130 -50.25 -5.81 78.44
N LEU GB 131 -50.74 -6.66 79.31
CA LEU GB 131 -50.88 -8.09 79.01
C LEU GB 131 -52.32 -8.53 79.25
N THR GB 132 -52.58 -9.79 78.92
CA THR GB 132 -53.88 -10.42 79.09
C THR GB 132 -53.78 -11.48 80.18
N GLU GB 133 -54.86 -11.64 80.95
CA GLU GB 133 -54.85 -12.55 82.09
C GLU GB 133 -54.43 -13.97 81.69
N ALA GB 134 -55.04 -14.49 80.62
CA ALA GB 134 -54.66 -15.82 80.15
C ALA GB 134 -53.21 -15.85 79.70
N SER GB 135 -52.75 -14.80 79.02
CA SER GB 135 -51.36 -14.71 78.62
C SER GB 135 -50.45 -14.65 79.85
N LEU GB 136 -50.88 -13.96 80.91
CA LEU GB 136 -50.09 -13.89 82.13
C LEU GB 136 -49.97 -15.27 82.78
N GLN GB 137 -51.08 -16.02 82.81
CA GLN GB 137 -51.02 -17.37 83.36
C GLN GB 137 -50.11 -18.26 82.52
N LYS GB 138 -50.19 -18.16 81.20
CA LYS GB 138 -49.31 -18.93 80.32
C LYS GB 138 -47.86 -18.55 80.55
N LEU GB 139 -47.59 -17.27 80.73
CA LEU GB 139 -46.23 -16.81 81.04
C LEU GB 139 -45.74 -17.41 82.35
N GLN GB 140 -46.59 -17.41 83.38
CA GLN GB 140 -46.18 -17.98 84.66
C GLN GB 140 -45.85 -19.47 84.53
N GLU GB 141 -46.71 -20.22 83.83
CA GLU GB 141 -46.45 -21.64 83.65
C GLU GB 141 -45.17 -21.87 82.82
N ARG GB 142 -44.96 -21.05 81.79
CA ARG GB 142 -43.78 -21.20 80.96
C ARG GB 142 -42.50 -20.89 81.75
N ARG GB 143 -42.54 -19.86 82.59
CA ARG GB 143 -41.38 -19.56 83.44
C ARG GB 143 -41.12 -20.68 84.43
N ASP GB 144 -42.18 -21.26 85.00
CA ASP GB 144 -42.01 -22.39 85.90
C ASP GB 144 -41.37 -23.57 85.17
N GLN GB 145 -41.77 -23.82 83.93
CA GLN GB 145 -41.15 -24.88 83.16
C GLN GB 145 -39.70 -24.55 82.85
N GLU GB 146 -39.41 -23.28 82.56
CA GLU GB 146 -38.03 -22.83 82.33
C GLU GB 146 -37.15 -23.15 83.53
N LEU GB 147 -37.59 -22.76 84.73
CA LEU GB 147 -36.80 -23.02 85.92
C LEU GB 147 -36.75 -24.50 86.29
N ARG GB 148 -37.60 -25.33 85.69
CA ARG GB 148 -37.62 -26.75 85.97
C ARG GB 148 -36.41 -27.45 85.33
N ASN HB 16 -68.28 -61.72 36.78
CA ASN HB 16 -67.12 -62.31 37.44
C ASN HB 16 -65.83 -61.85 36.79
N ILE HB 17 -65.61 -60.53 36.78
CA ILE HB 17 -64.40 -59.96 36.22
C ILE HB 17 -63.22 -60.36 37.09
N LYS HB 18 -62.22 -61.00 36.49
CA LYS HB 18 -61.06 -61.49 37.23
C LYS HB 18 -59.81 -61.37 36.36
N ILE HB 19 -58.66 -61.39 37.04
CA ILE HB 19 -57.36 -61.34 36.41
C ILE HB 19 -56.76 -62.75 36.39
N MET HB 20 -56.20 -63.10 35.24
CA MET HB 20 -55.66 -64.41 34.93
C MET HB 20 -54.17 -64.26 34.66
N ARG HB 21 -53.36 -65.11 35.29
CA ARG HB 21 -51.93 -65.19 35.00
C ARG HB 21 -51.68 -66.47 34.22
N LEU HB 22 -51.24 -66.33 32.98
CA LEU HB 22 -50.94 -67.46 32.12
C LEU HB 22 -49.49 -67.91 32.31
N VAL HB 23 -49.21 -69.13 31.83
CA VAL HB 23 -47.86 -69.67 31.95
C VAL HB 23 -46.86 -68.86 31.15
N THR HB 24 -47.31 -68.20 30.09
CA THR HB 24 -46.41 -67.41 29.25
C THR HB 24 -46.31 -65.97 29.73
N CYS HB 25 -46.04 -65.81 31.04
CA CYS HB 25 -45.84 -64.52 31.70
C CYS HB 25 -46.79 -63.44 31.16
N GLU HB 26 -48.08 -63.76 31.20
CA GLU HB 26 -49.11 -62.89 30.65
C GLU HB 26 -50.20 -62.64 31.69
N ASP HB 27 -50.66 -61.40 31.76
CA ASP HB 27 -51.74 -61.00 32.65
C ASP HB 27 -52.92 -60.54 31.80
N ILE HB 28 -54.06 -61.19 31.94
CA ILE HB 28 -55.24 -60.89 31.13
C ILE HB 28 -56.46 -60.80 32.03
N ILE HB 29 -57.23 -59.72 31.89
CA ILE HB 29 -58.45 -59.52 32.66
C ILE HB 29 -59.64 -59.86 31.79
N GLY HB 30 -60.65 -60.49 32.38
CA GLY HB 30 -61.84 -60.84 31.63
C GLY HB 30 -62.89 -61.45 32.53
N ASN HB 31 -64.06 -61.69 31.95
CA ASN HB 31 -65.17 -62.31 32.66
C ASN HB 31 -65.02 -63.82 32.52
N ILE HB 32 -64.78 -64.50 33.64
CA ILE HB 32 -64.42 -65.91 33.61
C ILE HB 32 -65.54 -66.74 34.22
N SER HB 33 -65.65 -67.98 33.73
CA SER HB 33 -66.54 -68.99 34.27
C SER HB 33 -65.74 -70.25 34.52
N GLU HB 34 -65.84 -70.81 35.72
CA GLU HB 34 -64.98 -71.88 36.18
C GLU HB 34 -65.74 -73.20 36.15
N SER HB 35 -65.13 -74.21 35.53
CA SER HB 35 -65.66 -75.57 35.49
C SER HB 35 -64.64 -76.50 36.15
N GLN HB 36 -64.97 -77.79 36.23
CA GLN HB 36 -64.16 -78.72 37.00
C GLN HB 36 -62.75 -78.85 36.45
N GLY HB 37 -62.60 -78.83 35.12
CA GLY HB 37 -61.29 -79.02 34.52
C GLY HB 37 -60.81 -77.88 33.66
N LEU HB 38 -61.75 -77.12 33.09
CA LEU HB 38 -61.42 -76.04 32.17
C LEU HB 38 -62.22 -74.79 32.55
N ILE HB 39 -61.76 -73.65 32.08
CA ILE HB 39 -62.42 -72.39 32.35
C ILE HB 39 -62.65 -71.64 31.04
N THR HB 40 -63.73 -70.87 30.99
CA THR HB 40 -64.07 -70.06 29.85
C THR HB 40 -63.87 -68.58 30.20
N ILE HB 41 -63.45 -67.80 29.21
CA ILE HB 41 -63.17 -66.38 29.42
C ILE HB 41 -63.80 -65.58 28.30
N LYS HB 42 -64.36 -64.41 28.64
CA LYS HB 42 -64.95 -63.50 27.69
C LYS HB 42 -64.35 -62.12 27.87
N LYS HB 43 -64.15 -61.43 26.74
CA LYS HB 43 -63.62 -60.07 26.71
C LYS HB 43 -62.27 -59.99 27.42
N ALA HB 44 -61.38 -60.92 27.07
CA ALA HB 44 -60.04 -60.92 27.64
C ALA HB 44 -59.24 -59.72 27.11
N PHE HB 45 -58.37 -59.20 27.96
CA PHE HB 45 -57.52 -58.08 27.59
C PHE HB 45 -56.18 -58.19 28.28
N VAL HB 46 -55.11 -58.20 27.48
CA VAL HB 46 -53.76 -58.19 28.04
C VAL HB 46 -53.46 -56.80 28.59
N ILE HB 47 -52.70 -56.78 29.69
CA ILE HB 47 -52.35 -55.55 30.38
C ILE HB 47 -50.88 -55.27 30.14
N ILE HB 48 -50.59 -54.11 29.57
CA ILE HB 48 -49.23 -53.65 29.29
C ILE HB 48 -48.91 -52.50 30.26
N PRO HB 49 -47.92 -52.65 31.14
CA PRO HB 49 -47.55 -51.60 32.10
C PRO HB 49 -46.93 -50.39 31.42
N LEU HB 60 -51.50 -47.79 32.62
CA LEU HB 60 -51.75 -49.13 32.08
C LEU HB 60 -52.38 -49.07 30.69
N VAL HB 61 -52.15 -50.10 29.89
CA VAL HB 61 -52.69 -50.19 28.54
C VAL HB 61 -53.42 -51.52 28.41
N LEU HB 62 -54.63 -51.49 27.86
CA LEU HB 62 -55.41 -52.69 27.62
C LEU HB 62 -55.40 -53.02 26.13
N CYS HB 63 -55.05 -54.26 25.81
CA CYS HB 63 -54.98 -54.68 24.42
C CYS HB 63 -55.82 -55.95 24.23
N PRO HB 64 -56.50 -56.09 23.09
CA PRO HB 64 -57.25 -57.33 22.86
C PRO HB 64 -56.34 -58.55 22.90
N TRP HB 65 -56.81 -59.59 23.57
CA TRP HB 65 -55.99 -60.78 23.76
C TRP HB 65 -55.83 -61.57 22.47
N GLN HB 66 -56.92 -61.77 21.74
CA GLN HB 66 -56.93 -62.58 20.53
C GLN HB 66 -57.57 -61.78 19.42
N PRO HB 67 -56.83 -60.85 18.80
CA PRO HB 67 -57.40 -60.05 17.72
C PRO HB 67 -57.36 -60.77 16.38
N TYR HB 68 -57.72 -62.05 16.39
CA TYR HB 68 -57.76 -62.87 15.19
C TYR HB 68 -59.02 -63.71 15.08
N THR HB 69 -59.83 -63.81 16.13
CA THR HB 69 -61.03 -64.63 16.14
C THR HB 69 -62.25 -63.78 16.46
N ASP HB 70 -63.41 -64.26 16.01
CA ASP HB 70 -64.68 -63.62 16.27
C ASP HB 70 -65.49 -64.35 17.35
N ASP HB 71 -64.89 -65.35 18.00
CA ASP HB 71 -65.60 -66.11 19.01
C ASP HB 71 -65.88 -65.25 20.23
N LYS HB 72 -67.06 -65.46 20.82
CA LYS HB 72 -67.45 -64.68 21.99
C LYS HB 72 -66.66 -65.09 23.24
N GLU HB 73 -66.38 -66.38 23.38
CA GLU HB 73 -65.71 -66.90 24.55
C GLU HB 73 -64.59 -67.84 24.13
N ILE HB 74 -63.57 -67.94 24.99
CA ILE HB 74 -62.40 -68.78 24.74
C ILE HB 74 -62.27 -69.76 25.91
N VAL HB 75 -62.13 -71.04 25.59
CA VAL HB 75 -61.98 -72.08 26.59
C VAL HB 75 -60.49 -72.38 26.77
N ILE HB 76 -60.07 -72.68 27.99
CA ILE HB 76 -58.67 -72.94 28.30
C ILE HB 76 -58.59 -73.89 29.49
N ASP HB 77 -57.66 -74.84 29.40
CA ASP HB 77 -57.46 -75.81 30.47
C ASP HB 77 -56.89 -75.13 31.71
N ASP HB 78 -57.26 -75.66 32.87
CA ASP HB 78 -56.80 -75.10 34.14
C ASP HB 78 -55.35 -75.44 34.46
N SER HB 79 -54.76 -76.40 33.74
CA SER HB 79 -53.36 -76.76 33.99
C SER HB 79 -52.39 -75.65 33.57
N LYS HB 80 -52.85 -74.73 32.71
CA LYS HB 80 -52.04 -73.61 32.27
C LYS HB 80 -52.30 -72.35 33.09
N VAL HB 81 -52.80 -72.51 34.32
CA VAL HB 81 -53.18 -71.41 35.20
C VAL HB 81 -52.09 -71.23 36.23
N ILE HB 82 -51.67 -69.98 36.45
CA ILE HB 82 -50.70 -69.66 37.49
C ILE HB 82 -51.47 -69.11 38.67
N THR HB 83 -52.15 -67.97 38.48
CA THR HB 83 -52.96 -67.36 39.52
C THR HB 83 -54.26 -66.81 38.94
N ILE HB 84 -55.33 -66.95 39.71
CA ILE HB 84 -56.61 -66.29 39.46
C ILE HB 84 -56.82 -65.30 40.60
N THR HB 85 -57.27 -64.08 40.27
CA THR HB 85 -57.42 -63.10 41.33
C THR HB 85 -58.51 -62.10 40.97
N SER HB 86 -58.98 -61.39 42.00
CA SER HB 86 -59.99 -60.36 41.83
C SER HB 86 -59.32 -59.00 41.71
N PRO HB 87 -59.56 -58.24 40.65
CA PRO HB 87 -58.87 -56.97 40.45
C PRO HB 87 -59.43 -55.87 41.35
N LYS HB 88 -58.83 -54.69 41.24
CA LYS HB 88 -59.28 -53.52 41.98
C LYS HB 88 -60.48 -52.87 41.29
N ASP HB 89 -61.12 -51.93 42.00
CA ASP HB 89 -62.28 -51.25 41.45
C ASP HB 89 -61.90 -50.37 40.27
N ASP HB 90 -60.76 -49.69 40.34
CA ASP HB 90 -60.33 -48.82 39.25
C ASP HB 90 -60.11 -49.62 37.98
N ILE HB 91 -59.49 -50.80 38.10
CA ILE HB 91 -59.25 -51.64 36.93
C ILE HB 91 -60.57 -52.09 36.31
N ILE HB 92 -61.54 -52.47 37.16
CA ILE HB 92 -62.84 -52.90 36.67
C ILE HB 92 -63.53 -51.75 35.94
N LYS HB 93 -63.46 -50.54 36.51
CA LYS HB 93 -64.06 -49.38 35.87
C LYS HB 93 -63.43 -49.09 34.52
N SER HB 94 -62.10 -49.16 34.44
CA SER HB 94 -61.41 -48.95 33.18
C SER HB 94 -61.79 -50.01 32.15
N TYR HB 95 -61.89 -51.26 32.59
CA TYR HB 95 -62.29 -52.34 31.70
C TYR HB 95 -63.70 -52.12 31.15
N GLU HB 96 -64.63 -51.72 32.03
CA GLU HB 96 -65.99 -51.44 31.59
C GLU HB 96 -66.02 -50.28 30.59
N SER HB 97 -65.28 -49.21 30.88
CA SER HB 97 -65.25 -48.06 29.97
C SER HB 97 -64.68 -48.47 28.61
N HIS HB 98 -63.60 -49.26 28.62
CA HIS HB 98 -62.99 -49.70 27.37
C HIS HB 98 -63.98 -50.52 26.54
N THR HB 99 -64.65 -51.48 27.18
CA THR HB 99 -65.61 -52.30 26.44
C THR HB 99 -66.75 -51.46 25.88
N ARG HB 100 -67.27 -50.55 26.70
CA ARG HB 100 -68.37 -49.70 26.22
C ARG HB 100 -67.94 -48.84 25.04
N VAL HB 101 -66.74 -48.26 25.10
CA VAL HB 101 -66.24 -47.44 24.00
C VAL HB 101 -66.09 -48.29 22.75
N LEU HB 102 -65.55 -49.50 22.88
CA LEU HB 102 -65.39 -50.37 21.71
C LEU HB 102 -66.74 -50.70 21.08
N GLU HB 103 -67.74 -51.03 21.91
CA GLU HB 103 -69.05 -51.37 21.38
C GLU HB 103 -69.69 -50.16 20.69
N ASN HB 104 -69.54 -48.97 21.27
CA ASN HB 104 -70.07 -47.76 20.64
C ASN HB 104 -69.40 -47.50 19.30
N LYS HB 105 -68.08 -47.70 19.22
CA LYS HB 105 -67.39 -47.55 17.95
C LYS HB 105 -67.91 -48.55 16.93
N GLN HB 106 -68.14 -49.79 17.35
CA GLN HB 106 -68.63 -50.80 16.43
C GLN HB 106 -70.01 -50.44 15.88
N VAL HB 107 -70.92 -49.99 16.75
CA VAL HB 107 -72.27 -49.66 16.29
C VAL HB 107 -72.24 -48.42 15.40
N GLU HB 108 -71.38 -47.45 15.71
CA GLU HB 108 -71.25 -46.28 14.84
C GLU HB 108 -70.74 -46.68 13.46
N GLU HB 109 -69.75 -47.58 13.41
CA GLU HB 109 -69.25 -48.05 12.12
C GLU HB 109 -70.33 -48.79 11.35
N ILE HB 110 -71.14 -49.57 12.04
CA ILE HB 110 -72.23 -50.29 11.37
C ILE HB 110 -73.22 -49.30 10.75
N LEU HB 111 -73.58 -48.25 11.50
CA LEU HB 111 -74.48 -47.24 10.96
C LEU HB 111 -73.88 -46.53 9.75
N ARG HB 112 -72.59 -46.19 9.84
CA ARG HB 112 -71.92 -45.53 8.73
C ARG HB 112 -71.96 -46.42 7.49
N LEU HB 113 -71.69 -47.71 7.66
CA LEU HB 113 -71.73 -48.63 6.53
C LEU HB 113 -73.13 -48.77 5.96
N GLU HB 114 -74.16 -48.78 6.83
CA GLU HB 114 -75.54 -48.76 6.38
C GLU HB 114 -75.78 -47.59 5.43
N LYS HB 115 -75.42 -46.39 5.89
CA LYS HB 115 -75.66 -45.20 5.07
C LYS HB 115 -74.89 -45.27 3.75
N GLU HB 116 -73.63 -45.69 3.81
CA GLU HB 116 -72.81 -45.73 2.61
C GLU HB 116 -73.36 -46.73 1.59
N ILE HB 117 -73.75 -47.92 2.04
CA ILE HB 117 -74.25 -48.92 1.11
C ILE HB 117 -75.59 -48.48 0.53
N GLU HB 118 -76.44 -47.84 1.34
CA GLU HB 118 -77.71 -47.34 0.81
C GLU HB 118 -77.47 -46.29 -0.28
N ASP HB 119 -76.58 -45.34 -0.01
CA ASP HB 119 -76.29 -44.30 -1.01
C ASP HB 119 -75.73 -44.92 -2.28
N LEU HB 120 -74.78 -45.85 -2.14
CA LEU HB 120 -74.17 -46.47 -3.31
C LEU HB 120 -75.20 -47.24 -4.12
N GLN HB 121 -76.08 -47.99 -3.45
CA GLN HB 121 -77.09 -48.75 -4.18
C GLN HB 121 -78.05 -47.82 -4.91
N ARG HB 122 -78.47 -46.73 -4.27
CA ARG HB 122 -79.38 -45.80 -4.93
C ARG HB 122 -78.74 -45.18 -6.16
N MET HB 123 -77.49 -44.72 -6.04
CA MET HB 123 -76.84 -44.08 -7.17
C MET HB 123 -76.58 -45.09 -8.29
N LYS HB 124 -76.23 -46.32 -7.93
CA LYS HB 124 -76.03 -47.36 -8.93
C LYS HB 124 -77.32 -47.67 -9.68
N GLU HB 125 -78.45 -47.73 -8.96
CA GLU HB 125 -79.73 -47.95 -9.62
C GLU HB 125 -80.07 -46.80 -10.56
N GLN HB 126 -79.79 -45.57 -10.13
CA GLN HB 126 -80.01 -44.42 -10.99
C GLN HB 126 -79.17 -44.52 -12.26
N GLN HB 127 -77.91 -44.91 -12.12
CA GLN HB 127 -77.06 -45.10 -13.30
C GLN HB 127 -77.61 -46.19 -14.21
N GLU HB 128 -78.08 -47.29 -13.62
CA GLU HB 128 -78.63 -48.38 -14.42
C GLU HB 128 -79.88 -47.97 -15.18
N LEU HB 129 -80.67 -47.06 -14.60
CA LEU HB 129 -81.93 -46.67 -15.23
C LEU HB 129 -81.69 -46.03 -16.60
N SER HB 130 -80.70 -45.15 -16.70
CA SER HB 130 -80.44 -44.40 -17.94
C SER HB 130 -79.47 -45.18 -18.81
N LEU HB 131 -79.94 -46.31 -19.33
CA LEU HB 131 -79.15 -47.18 -20.17
C LEU HB 131 -79.87 -47.43 -21.50
N THR HB 132 -79.19 -48.14 -22.39
CA THR HB 132 -79.70 -48.51 -23.70
C THR HB 132 -79.92 -50.01 -23.73
N GLU HB 133 -80.96 -50.44 -24.45
CA GLU HB 133 -81.35 -51.85 -24.48
C GLU HB 133 -80.18 -52.75 -24.90
N ALA HB 134 -79.50 -52.38 -25.98
CA ALA HB 134 -78.34 -53.15 -26.42
C ALA HB 134 -77.24 -53.15 -25.37
N SER HB 135 -77.01 -51.98 -24.75
CA SER HB 135 -76.03 -51.91 -23.67
C SER HB 135 -76.45 -52.78 -22.49
N LEU HB 136 -77.74 -52.84 -22.19
CA LEU HB 136 -78.22 -53.69 -21.11
C LEU HB 136 -77.98 -55.16 -21.42
N GLN HB 137 -78.24 -55.57 -22.66
CA GLN HB 137 -77.96 -56.95 -23.04
C GLN HB 137 -76.47 -57.26 -22.95
N LYS HB 138 -75.63 -56.33 -23.41
CA LYS HB 138 -74.19 -56.53 -23.31
C LYS HB 138 -73.75 -56.62 -21.85
N LEU HB 139 -74.34 -55.80 -20.98
CA LEU HB 139 -74.05 -55.87 -19.56
C LEU HB 139 -74.44 -57.22 -18.99
N GLN HB 140 -75.61 -57.73 -19.37
CA GLN HB 140 -76.05 -59.03 -18.86
C GLN HB 140 -75.08 -60.13 -19.30
N GLU HB 141 -74.70 -60.13 -20.58
CA GLU HB 141 -73.75 -61.14 -21.06
C GLU HB 141 -72.40 -61.01 -20.36
N ARG HB 142 -71.93 -59.77 -20.16
CA ARG HB 142 -70.64 -59.57 -19.51
C ARG HB 142 -70.68 -60.04 -18.06
N ARG HB 143 -71.77 -59.77 -17.34
CA ARG HB 143 -71.90 -60.25 -15.97
C ARG HB 143 -71.94 -61.78 -15.93
N ASP HB 144 -72.64 -62.39 -16.89
CA ASP HB 144 -72.65 -63.85 -16.96
C ASP HB 144 -71.26 -64.41 -17.19
N GLN HB 145 -70.48 -63.75 -18.05
CA GLN HB 145 -69.09 -64.18 -18.26
C GLN HB 145 -68.26 -63.98 -17.01
N GLU HB 146 -68.50 -62.87 -16.28
CA GLU HB 146 -67.82 -62.62 -15.02
C GLU HB 146 -68.05 -63.76 -14.04
N LEU HB 147 -69.31 -64.14 -13.84
CA LEU HB 147 -69.62 -65.21 -12.90
C LEU HB 147 -69.16 -66.57 -13.40
N ARG HB 148 -68.80 -66.69 -14.67
CA ARG HB 148 -68.34 -67.96 -15.23
C ARG HB 148 -66.93 -68.28 -14.76
#